data_2O01
#
_entry.id   2O01
#
_cell.length_a   120.054
_cell.length_b   188.784
_cell.length_c   127.518
_cell.angle_alpha   90.00
_cell.angle_beta   95.19
_cell.angle_gamma   90.00
#
_symmetry.space_group_name_H-M   'P 1 21 1'
#
loop_
_entity.id
_entity.type
_entity.pdbx_description
1 polymer 'Photosystem I P700 chlorophyll a apoprotein A1'
2 polymer 'Photosystem I P700 chlorophyll a apoprotein A2'
3 polymer 'Photosystem I iron-sulfur center'
4 polymer 'Photosystem I reaction center subunit II, chloroplast'
5 polymer 'Photosystem I reaction center subunit IV A, chloroplast'
6 polymer 'Photosystem I reaction center subunit III, chloroplast'
7 polymer 'Photosystem I reaction center subunit V, chloroplast'
8 polymer 'Photosystem I reaction center subunit VI, chloroplast'
9 polymer 'Photosystem I reaction center subunit VIII'
10 polymer 'Photosystem I reaction center subunit IX'
11 polymer 'Photosystem I reaction center subunit psaK, chloroplast'
12 polymer 'Photosystem I reaction center subunit XI, chloroplast'
13 polymer 'Photosystem I-N subunit'
14 polymer AT3g54890
15 polymer 'Type II chlorophyll a/b binding protein from photosystem I'
16 polymer 'PSI type III chlorophyll a/b-binding protein'
17 polymer 'PSI light-harvesting antenna chlorophyll a/b-binding protein'
18 non-polymer 'CHLOROPHYLL A'
19 non-polymer PHYLLOQUINONE
20 non-polymer BETA-CAROTENE
21 non-polymer 'IRON/SULFUR CLUSTER'
#
loop_
_entity_poly.entity_id
_entity_poly.type
_entity_poly.pdbx_seq_one_letter_code
_entity_poly.pdbx_strand_id
1 'polypeptide(L)'
;SPEPKVQILADPEVKILVDRDPIKTSFEQWAKPGHFSRTIAKGPDTTTWIWNLHADAHDFDSHTSDLEEISRKVFSAHFG
QLSIIFLWLSGMYFHGARFSNYEAWLNDPTHIGPSAQVVWPIVGQEILNGDVGGGFRGIQITSGFFQIWRASGITSELQL
YCTAIGALVFAGLMLFAGWFHYHKAAPKLAWFQDVESMLNHHLAGLLGLGSLSWAGHQVHVSLPINQFLNAGVDPKEIPL
PHEFILNRDLLAQLYPSFAEGATPFFTLNWSKYADFLTFRGGLDPLTGGLWLTDIAHHHLAIAILFLIAGHMYRTNWGIG
HGIKDILEAHKGPFTGQGHKGLYEILTTSWHAQLSINLAMLGSLTIVVAQHMYSMPPYPYLATDYATQLSLFTHHMWIGG
FLIVGAAAHAAIFMVRDYDPTTRYNDLLDRVLRHRDAIISHLNWVCIFLGFHSFGLYIHNDTMSALGRPQDMFSDTAIQL
QPVFAQWIQNTHALAPGTTAPGATASTSLTWGGGDLVAVGNKVALLPIPLGTADFLVHHIHAFTIHVTVLILLKGVLFAR
SSRLIPDKANLGFRFPCDGPGRGGTCQVSAWDHVFLGLFWMYNSISVVIFHFSWKMQSDVWGTINDQGVVTHITAGNFAQ
SSITINGWLRDFLWAQASQVIQSYGSSLSAYGLFFLGAHFVWAFSLMFLFSGRGYWQELIESIVWAHNKLKVAPATQPRA
LSIVQGRAVGVTHYLLGGIATTWAFFLARIIAVG
;
A
2 'polypeptide(L)'
;ALRIPRFSQGIAQDPTTRRIWFGIATAHDFESHDDITEGRLYQNIFASHFGQLAIIFLWTSGNLFHVAWQGNFEAWVQDP
FHVRPIAHAIWDPHFGQPAVEAFTRGGALGPVNNAYSGVYQWWYTIGLRTNEDLYTGAIFLLFLSAISLLAGWLHLQPKW
KPSVSWFKNAESRLNHHLSGLFGVSSLAWAGHLVHVAIPGSRGEYVRWNNFLDVLPYPQGLGPLLTGQWNLYAQNPSSSN
HLFGTTQGAGTAILTILGGFHPQTQSLWLTDVAHHHLAIAFLFLIGGLMYRTNFGIGHSIKYILEAHIPPGGRLGRGHKG
LYDTINNSIHFQLGLALASLGVITSLVAQHMYSLPAYAFIAQDFTTQAALYTHHQYIAGFIMTGAFAHGPIFFIRDYNPE
QNADNVLARMLEHKEAIISHLSWASLFLGFHTLGLYVHNDVMLAFGTPEKQILIEPIFAQWIQSAHGKTTYGFDIPLSST
NGPALNAGRNIWLPGWLNAINENSNSLFLTIGPGDFLVHHAIALGLHTTTLILVKGALDARGSKLMPDKKDFGYSFPCDG
PGRGGTCDISAWDDFYLAVFWMLNTIGWVTFYWHWKHITLWRGNVSQFNESSTYLMGWLRDYLWLNSSQLINGITPLVCN
SLSVWAWMFLFGHLVWATGFMFLISWRGYWQELIETLAWAHERTPLANLIRWRDKPVALSIVQARLVGLVHFSVGYIFTY
AAFLIASTSGKF
;
B
3 'polypeptide(L)' SHSVKIYDTCIGCTQCVRACPTDVLEMIPWGGCKAKQIASAPRTEDCVGCKRCESACPTDFLSVRVYLWHETTRSMGLAY C
4 'polypeptide(L)'
;ELDPNTPSPIFAGSTGGLLRKAQVEEFYVITWESPKEQIFEMPTGGAAIMREGPNLLKLARKEQCLALGTRLRSKYKIKY
QFYRVFPSGEVQYLHPKDGVYPEKVNPGRQGVGLNMRSIGKNVSPIEVKFTGKQPYDL
;
D
5 'polypeptide(L)' PKRGSKVKILRRESYWFKNVGSVVAVDQDPKTRYPVVVRFAKVNYANISTNNYALDEVEEVA E
6 'polypeptide(L)'
;DIAGLTPCKESKQFAKREKQALKKLQASLKLYADDSAPALAIKATMEKTKKRFDNYGKYGLLCGSDGLPHLIVSGDQRHW
GEFITPGILFLYIAGWIGWVGRSYLIAIRDEKKPTQKEIIIDVPLASSLLFRGFSWPVAAYRELLNGELVDNNF
;
F
7 'polypeptide(L)'
;PSLVISLSTGLSLFLGRFVFFNFQRENMAKQVPEQNGMSHFEAGDTRAKEYVSLLKSNDPVGFNIVDVLAWGSIGHIVAY
YILATASNGYDPSFF
;
G
8 'polypeptide(L)' WDVYGSDAPSPYNSLQSKFFETFAAPFTKRGLLLKFLILGGGSLLTYVSANAPQDVLPITRGPQQPPKLGPRGKI H
9 'polypeptide(L)' MINLPSLFVPLVGLLFPAVAMASLFLHVEK I
10 'polypeptide(L)' MRDFKTYLSVAPVLSTLWFGSLAGLLIEINRFFPDALTFPFF J
11 'polypeptide(L)'
;(UNK)(UNK)(UNK)(UNK)(UNK)(UNK)(UNK)(UNK)(UNK)(UNK)(UNK)(UNK)(UNK)(UNK)(UNK)(UNK)
(UNK)(UNK)(UNK)(UNK)(UNK)(UNK)(UNK)(UNK)(UNK)(UNK)(UNK)(UNK)(UNK)(UNK)(UNK)(UNK)
(UNK)(UNK)(UNK)(UNK)(UNK)(UNK)
;
K
12 'polypeptide(L)'
;KPTYQVIQPLNGDPFIGGLETPVTSSPLIAWYLSNLPAYRTAVNPLLRGVEVGLAHGFLLVGPFVKAGPLRNTEYAGAAG
SLAAAGLVVILSMCLTMYGIASFKEGEPSIAPALTLTGRKKQPDQLQSADGWAKFTGGFFFGGVSGVTWACFLMYVLDLP
YYFK
;
L
13 'polypeptide(L)'
;GVIEEYLEKSKTNKELNDKKRLATTGANFARAYTVEFGSCKFPENFTGCQDLAKQKKVPFLSDDLDLECEGKDKYKCGSN
VFWKW
;
N
14 'polypeptide(L)'
;MPGEPRPAYLDGSAPGDFGFDPLGLGEVPANLERYKESELIHCRWAMLAVPGILVPEALGYGNWVKAQEWAALPGGQATY
LGNPVPWGTLPTILAIEFLAIAFVEHQRSMEKDPEKKKYPGGAFDPLGYSKDPKKLEELKVKEIKNGRLALLAFVGFCVQ
QSAYPGTGPLENLATHLADPWHNNIGD
;
1
15 'polypeptide(L)'
;PEWLDGSLPGDFGFDPLGLSSDPESLRWNVQAELVHSRWAMLGAAGIFIPEFLTKLGILNTPSWYTAGEQEYFTDTTTLF
IVELVFIGWAEGRRWADILNPGCVNTDPIFPNNKLTGTDVGYPGGLWFDPLGWGSASPQKLKELRTKEIKNGRLAMLAVM
GAWFQHIYTGTGPIDNLFAHLADPGH
;
2
16 'polypeptide(L)'
;WLAYGEIINGRFAMLGAAGAIAPEILGKAGLIPAETALPWFQTGVIPPAGTYTYWADNYTLFVLEMALMGFAEHRRLQDW
YNPGSMGKQYFLGLEKGLAGSGNPAYPGGPFFNPLGFGKDEKSLKELKLKEVKNGRLAMLAILGYFIQGLVTGVGPYQNL
LDHLA
;
3
17 'polypeptide(L)'
;PENLRWFVQAELVNGRWAMLGVAGMLLPEVFTSIGIINVPKWYAAGKEEYFASSSTLFVIEFILSHYVEIRRWQDIKNPG
SVNQDPIFKQYSLPAGEVGYPGGIFNPLNFAPTLEAKEKEIANGRLAMLAFLGFIIQHNVTGKGPFDNLLQHISDPWHNT
IVQTL
;
4
#
loop_
_chem_comp.id
_chem_comp.type
_chem_comp.name
_chem_comp.formula
BCR non-polymer BETA-CAROTENE 'C40 H56'
CLA non-polymer 'CHLOROPHYLL A' 'C55 H72 Mg N4 O5'
PQN non-polymer PHYLLOQUINONE 'C31 H46 O2'
SF4 non-polymer 'IRON/SULFUR CLUSTER' 'Fe4 S4'
#
# COMPACT_ATOMS: atom_id res chain seq x y z
N PHE A 27 29.30 31.25 5.76
CA PHE A 27 28.04 31.32 6.52
C PHE A 27 26.81 30.67 5.89
N GLU A 28 25.88 30.17 6.72
CA GLU A 28 26.01 30.23 8.18
C GLU A 28 26.70 28.95 8.76
N GLN A 29 26.02 27.83 9.02
CA GLN A 29 24.59 27.60 8.85
C GLN A 29 24.26 26.37 9.69
N TRP A 30 23.37 25.54 9.14
CA TRP A 30 23.45 24.06 9.26
C TRP A 30 22.80 23.34 10.43
N ALA A 31 22.23 22.18 10.13
CA ALA A 31 21.39 21.40 11.06
C ALA A 31 21.56 19.84 10.98
N LYS A 32 21.64 19.14 12.12
CA LYS A 32 21.40 19.66 13.48
C LYS A 32 19.88 19.77 13.77
N PRO A 33 19.48 20.00 15.04
CA PRO A 33 18.03 20.01 15.28
C PRO A 33 17.47 21.39 15.10
N GLY A 34 16.14 21.50 14.98
CA GLY A 34 15.47 22.80 14.87
C GLY A 34 15.71 23.47 13.54
N HIS A 35 14.66 24.03 12.94
CA HIS A 35 14.82 24.71 11.66
C HIS A 35 13.84 25.88 11.45
N PHE A 36 12.54 25.61 11.45
CA PHE A 36 11.54 26.62 11.07
C PHE A 36 10.18 26.34 11.67
N SER A 37 9.95 25.09 12.08
CA SER A 37 8.70 24.69 12.72
C SER A 37 8.84 24.90 14.23
N ARG A 38 9.26 26.12 14.57
CA ARG A 38 9.47 26.63 15.94
C ARG A 38 9.87 25.59 16.96
N THR A 39 8.94 24.66 17.23
CA THR A 39 9.23 23.47 18.03
C THR A 39 9.63 22.33 17.07
N ILE A 40 10.94 22.28 16.76
CA ILE A 40 11.54 21.26 15.93
C ILE A 40 12.55 20.50 16.78
N ALA A 41 13.40 21.25 17.49
CA ALA A 41 14.45 20.64 18.31
C ALA A 41 13.79 19.87 19.44
N LYS A 42 13.03 20.58 20.28
CA LYS A 42 12.16 19.97 21.30
C LYS A 42 12.87 19.00 22.27
N GLY A 43 14.20 19.11 22.35
CA GLY A 43 15.03 18.11 23.04
C GLY A 43 14.51 16.73 22.66
N PRO A 44 14.57 16.39 21.35
CA PRO A 44 13.63 15.64 20.56
C PRO A 44 12.51 14.97 21.37
N ASP A 45 12.50 13.63 21.35
CA ASP A 45 11.62 12.70 22.11
C ASP A 45 11.05 11.57 21.23
N THR A 46 10.86 11.82 19.93
CA THR A 46 10.10 10.91 19.04
C THR A 46 10.63 10.84 17.60
N THR A 47 10.61 9.67 16.96
CA THR A 47 10.78 9.66 15.50
C THR A 47 10.10 10.88 14.94
N THR A 48 8.80 10.72 14.67
CA THR A 48 8.04 11.50 13.69
C THR A 48 8.17 13.04 13.76
N TRP A 49 9.42 13.50 13.69
CA TRP A 49 9.78 14.85 13.31
C TRP A 49 10.31 14.87 11.87
N ILE A 50 10.86 13.74 11.45
CA ILE A 50 11.59 13.60 10.19
C ILE A 50 10.63 13.64 8.98
N TRP A 51 9.43 14.16 9.25
CA TRP A 51 8.47 14.42 8.18
C TRP A 51 7.49 15.45 8.61
N ASN A 52 7.82 16.08 9.73
CA ASN A 52 7.35 17.42 9.99
C ASN A 52 8.34 18.39 9.30
N LEU A 53 9.65 18.14 9.42
CA LEU A 53 10.65 18.95 8.72
C LEU A 53 10.59 18.72 7.22
N HIS A 54 10.67 17.47 6.78
CA HIS A 54 10.52 17.14 5.37
C HIS A 54 9.17 17.64 4.86
N ALA A 55 8.33 18.06 5.81
CA ALA A 55 6.96 18.53 5.55
C ALA A 55 6.65 19.90 6.18
N ASP A 56 7.61 20.81 5.98
CA ASP A 56 7.53 22.22 6.30
C ASP A 56 8.63 22.80 5.40
N ALA A 57 9.86 22.81 5.89
CA ALA A 57 11.07 23.05 5.09
C ALA A 57 11.13 24.11 3.96
N HIS A 58 10.31 23.97 2.92
CA HIS A 58 10.28 24.97 1.85
C HIS A 58 9.34 26.06 2.36
N ASP A 59 8.03 25.78 2.24
CA ASP A 59 6.92 26.59 2.78
C ASP A 59 7.24 27.85 3.56
N PHE A 60 6.23 28.70 3.75
CA PHE A 60 6.42 29.88 4.58
C PHE A 60 5.48 29.99 5.78
N ASP A 61 5.12 31.21 6.17
CA ASP A 61 4.41 31.52 7.46
C ASP A 61 4.71 30.65 8.68
N SER A 62 4.69 29.33 8.51
CA SER A 62 5.55 28.45 9.29
C SER A 62 6.96 28.78 8.77
N HIS A 63 7.01 29.91 8.06
CA HIS A 63 8.15 30.80 7.91
C HIS A 63 7.69 32.25 8.25
N THR A 64 7.81 33.18 7.27
CA THR A 64 7.44 34.62 7.35
C THR A 64 7.17 35.26 5.96
N SER A 65 6.16 36.13 5.89
CA SER A 65 5.86 37.00 4.72
C SER A 65 6.69 38.32 4.70
N ASP A 66 7.51 38.49 5.74
CA ASP A 66 8.53 39.52 5.85
C ASP A 66 9.44 39.47 4.60
N LEU A 67 8.89 39.97 3.50
CA LEU A 67 9.45 39.82 2.15
C LEU A 67 10.94 40.02 1.99
N GLU A 68 11.52 40.90 2.80
CA GLU A 68 12.95 41.15 2.72
C GLU A 68 13.73 39.91 3.18
N GLU A 69 12.96 38.86 3.49
CA GLU A 69 13.50 37.51 3.46
C GLU A 69 12.42 36.48 3.14
N ILE A 70 11.90 36.59 1.92
CA ILE A 70 11.02 35.57 1.30
C ILE A 70 10.91 35.78 -0.24
N SER A 71 10.81 37.04 -0.67
CA SER A 71 11.09 37.43 -2.06
C SER A 71 12.48 36.94 -2.45
N ARG A 72 13.41 37.13 -1.51
CA ARG A 72 14.74 36.60 -1.61
C ARG A 72 14.76 35.22 -1.02
N LYS A 73 13.86 34.40 -1.57
CA LYS A 73 13.96 32.94 -1.59
C LYS A 73 13.33 32.45 -2.88
N VAL A 74 12.22 33.06 -3.27
CA VAL A 74 11.43 32.57 -4.39
C VAL A 74 12.16 32.54 -5.73
N PHE A 75 12.90 33.59 -6.09
CA PHE A 75 13.92 33.49 -7.17
C PHE A 75 15.28 33.22 -6.51
N SER A 76 15.28 32.15 -5.72
CA SER A 76 16.50 31.55 -5.21
C SER A 76 16.58 29.97 -5.28
N ALA A 77 15.51 29.24 -5.61
CA ALA A 77 14.34 29.72 -6.33
C ALA A 77 13.37 28.58 -6.64
N HIS A 78 12.89 28.37 -7.89
CA HIS A 78 13.01 29.21 -9.14
C HIS A 78 14.37 29.24 -9.87
N PHE A 79 15.42 29.05 -9.08
CA PHE A 79 16.78 28.94 -9.53
C PHE A 79 16.93 27.53 -10.06
N GLY A 80 17.74 26.75 -9.33
CA GLY A 80 17.94 25.33 -9.60
C GLY A 80 16.91 24.67 -10.51
N GLN A 81 15.63 24.81 -10.17
CA GLN A 81 14.55 24.25 -10.98
C GLN A 81 14.96 24.33 -12.41
N LEU A 82 15.51 25.48 -12.77
CA LEU A 82 16.19 25.65 -14.03
C LEU A 82 17.52 24.91 -13.97
N SER A 83 18.39 25.29 -13.03
CA SER A 83 19.68 24.62 -12.93
C SER A 83 19.47 23.10 -12.94
N ILE A 84 18.25 22.68 -12.54
CA ILE A 84 17.77 21.32 -12.65
C ILE A 84 17.24 21.03 -14.03
N ILE A 85 16.29 21.83 -14.52
CA ILE A 85 15.91 21.78 -15.94
C ILE A 85 17.17 21.75 -16.83
N PHE A 86 18.13 22.68 -16.63
CA PHE A 86 19.39 22.55 -17.34
C PHE A 86 19.89 21.20 -16.97
N LEU A 87 20.32 21.03 -15.71
CA LEU A 87 20.77 19.69 -15.23
C LEU A 87 20.02 18.57 -15.93
N TRP A 88 18.75 18.86 -16.25
CA TRP A 88 17.97 18.07 -17.16
C TRP A 88 18.59 18.28 -18.51
N LEU A 89 17.81 18.86 -19.41
CA LEU A 89 18.10 18.85 -20.85
C LEU A 89 19.52 18.39 -21.22
N SER A 90 20.53 19.01 -20.59
CA SER A 90 21.86 18.43 -20.58
C SER A 90 21.71 17.08 -19.91
N GLY A 91 21.23 16.14 -20.73
CA GLY A 91 21.25 14.70 -20.52
C GLY A 91 20.68 14.22 -21.85
N MET A 92 19.54 14.82 -22.19
CA MET A 92 18.62 14.32 -23.19
C MET A 92 19.13 14.56 -24.62
N TYR A 93 20.35 15.12 -24.67
CA TYR A 93 21.20 15.13 -25.89
C TYR A 93 22.51 14.32 -25.72
N PHE A 94 23.04 14.22 -24.49
CA PHE A 94 24.26 13.43 -24.27
C PHE A 94 23.84 12.01 -24.39
N HIS A 95 22.67 11.74 -23.82
CA HIS A 95 22.00 10.45 -23.95
C HIS A 95 21.07 10.49 -25.17
N GLY A 96 21.32 11.43 -26.06
CA GLY A 96 20.89 11.29 -27.44
C GLY A 96 22.18 11.04 -28.20
N ALA A 97 23.04 12.05 -28.21
CA ALA A 97 24.20 12.08 -29.09
C ALA A 97 25.47 11.34 -28.60
N ARG A 98 25.36 10.56 -27.53
CA ARG A 98 26.44 9.61 -27.23
C ARG A 98 26.10 8.22 -27.82
N PHE A 99 24.82 8.01 -28.14
CA PHE A 99 24.36 6.73 -28.70
C PHE A 99 23.06 6.94 -29.49
N SER A 100 23.23 7.40 -30.72
CA SER A 100 22.13 7.72 -31.63
C SER A 100 21.17 6.58 -31.95
N ASN A 101 19.96 6.96 -32.29
CA ASN A 101 19.14 6.24 -33.24
C ASN A 101 18.89 7.37 -34.21
N TYR A 102 19.17 8.59 -33.74
CA TYR A 102 19.06 9.86 -34.46
C TYR A 102 19.60 9.78 -35.89
N GLU A 103 20.91 9.63 -36.05
CA GLU A 103 21.49 9.33 -37.36
C GLU A 103 20.95 7.98 -37.83
N ALA A 104 21.40 6.90 -37.20
CA ALA A 104 20.92 5.56 -37.56
C ALA A 104 19.40 5.47 -37.49
N TRP A 105 18.75 6.31 -38.30
CA TRP A 105 17.30 6.37 -38.54
C TRP A 105 17.01 7.62 -39.36
N LEU A 106 17.36 8.81 -38.80
CA LEU A 106 16.95 10.15 -39.24
C LEU A 106 16.70 10.14 -40.71
N ASN A 107 17.80 10.03 -41.45
CA ASN A 107 17.80 9.69 -42.85
C ASN A 107 16.50 9.01 -43.25
N ASP A 108 16.09 7.99 -42.48
CA ASP A 108 14.86 7.23 -42.78
C ASP A 108 13.80 7.20 -41.66
N PRO A 109 13.05 8.32 -41.50
CA PRO A 109 11.86 8.30 -40.65
C PRO A 109 11.12 6.94 -40.62
N THR A 110 9.81 7.02 -40.89
CA THR A 110 8.95 5.89 -41.40
C THR A 110 8.92 4.51 -40.70
N HIS A 111 9.99 3.75 -40.91
CA HIS A 111 10.14 2.41 -40.42
C HIS A 111 11.57 2.28 -39.92
N ILE A 112 11.73 1.95 -38.63
CA ILE A 112 12.96 2.16 -37.87
C ILE A 112 12.75 3.48 -37.12
N GLY A 113 12.69 3.40 -35.78
CA GLY A 113 12.21 4.50 -34.93
C GLY A 113 12.73 4.49 -33.50
N PRO A 114 12.57 5.65 -32.80
CA PRO A 114 13.36 6.34 -31.73
C PRO A 114 14.36 5.50 -30.88
N SER A 115 15.35 6.16 -30.24
CA SER A 115 16.18 5.51 -29.19
C SER A 115 17.37 6.27 -28.55
N ALA A 116 17.28 6.46 -27.23
CA ALA A 116 18.15 7.40 -26.46
C ALA A 116 18.85 6.78 -25.22
N GLN A 117 18.50 5.54 -24.90
CA GLN A 117 19.23 4.84 -23.84
C GLN A 117 19.52 3.40 -24.23
N VAL A 118 20.77 3.00 -24.00
CA VAL A 118 21.20 1.60 -23.99
C VAL A 118 21.97 1.37 -22.68
N VAL A 119 21.78 0.19 -22.08
CA VAL A 119 22.08 -0.08 -20.65
C VAL A 119 23.07 -1.22 -20.38
N TRP A 120 24.01 -0.99 -19.44
CA TRP A 120 24.98 -2.01 -18.97
C TRP A 120 24.45 -3.45 -18.72
N PRO A 121 25.32 -4.47 -18.89
CA PRO A 121 25.08 -5.90 -19.07
C PRO A 121 24.99 -6.70 -17.76
N ILE A 122 24.52 -6.00 -16.73
CA ILE A 122 24.28 -6.55 -15.40
C ILE A 122 23.08 -7.50 -15.37
N VAL A 123 23.21 -8.60 -14.63
CA VAL A 123 22.12 -9.58 -14.27
C VAL A 123 20.96 -9.82 -15.25
N GLY A 124 21.14 -9.50 -16.52
CA GLY A 124 19.99 -9.46 -17.40
C GLY A 124 19.35 -8.07 -17.29
N GLN A 125 20.12 -7.04 -17.59
CA GLN A 125 19.55 -5.76 -17.93
C GLN A 125 19.23 -5.81 -19.42
N GLU A 126 20.31 -5.84 -20.22
CA GLU A 126 20.35 -6.10 -21.68
C GLU A 126 19.07 -5.96 -22.45
N ILE A 127 18.32 -7.04 -22.43
CA ILE A 127 17.17 -7.12 -23.28
C ILE A 127 16.34 -5.86 -23.13
N LEU A 128 16.57 -5.14 -22.02
CA LEU A 128 15.93 -3.84 -21.75
C LEU A 128 16.35 -2.78 -22.76
N ASN A 129 17.64 -2.78 -23.13
CA ASN A 129 18.11 -2.17 -24.40
C ASN A 129 17.83 -3.19 -25.46
N GLY A 130 16.80 -2.89 -26.26
CA GLY A 130 16.27 -3.81 -27.23
C GLY A 130 17.41 -4.29 -28.12
N ASP A 131 17.10 -4.32 -29.42
CA ASP A 131 18.09 -4.29 -30.49
C ASP A 131 17.22 -4.31 -31.72
N VAL A 132 16.77 -3.09 -32.05
CA VAL A 132 15.67 -2.79 -32.97
C VAL A 132 15.62 -1.28 -33.21
N GLY A 133 16.57 -0.76 -33.99
CA GLY A 133 16.62 0.67 -34.28
C GLY A 133 17.53 1.12 -35.42
N GLY A 134 18.05 0.19 -36.19
CA GLY A 134 18.94 0.51 -37.31
C GLY A 134 20.38 0.42 -36.89
N GLY A 135 20.85 -0.79 -36.63
CA GLY A 135 22.19 -1.00 -36.17
C GLY A 135 22.33 -0.53 -34.74
N PHE A 136 21.28 -0.67 -33.92
CA PHE A 136 21.38 -0.22 -32.52
C PHE A 136 20.69 -1.09 -31.43
N ARG A 137 21.48 -1.58 -30.48
CA ARG A 137 20.90 -2.21 -29.29
C ARG A 137 20.38 -1.11 -28.34
N GLY A 138 19.18 -1.30 -27.78
CA GLY A 138 18.62 -0.22 -27.00
C GLY A 138 17.13 -0.15 -26.80
N ILE A 139 16.76 0.39 -25.63
CA ILE A 139 15.36 0.59 -25.26
C ILE A 139 14.76 1.68 -26.13
N GLN A 140 13.63 1.37 -26.81
CA GLN A 140 12.94 2.33 -27.71
C GLN A 140 12.30 3.51 -26.99
N ILE A 141 12.13 4.60 -27.70
CA ILE A 141 11.86 5.86 -27.01
C ILE A 141 10.59 6.65 -27.37
N THR A 142 9.73 6.91 -26.38
CA THR A 142 8.49 7.64 -26.63
C THR A 142 8.47 9.07 -26.06
N SER A 143 8.07 9.99 -26.93
CA SER A 143 8.20 11.45 -26.79
C SER A 143 9.22 12.01 -27.77
N GLY A 144 8.70 12.64 -28.83
CA GLY A 144 9.47 13.26 -29.94
C GLY A 144 10.97 13.28 -29.79
N PHE A 145 11.53 14.48 -29.59
CA PHE A 145 12.98 14.69 -29.46
C PHE A 145 13.74 14.43 -30.79
N PHE A 146 13.83 13.18 -31.22
CA PHE A 146 14.20 12.89 -32.61
C PHE A 146 13.40 13.85 -33.49
N GLN A 147 12.12 13.95 -33.16
CA GLN A 147 11.21 14.74 -33.93
C GLN A 147 11.32 16.22 -33.53
N ILE A 148 11.74 16.47 -32.29
CA ILE A 148 12.09 17.83 -31.82
C ILE A 148 13.39 18.40 -32.42
N TRP A 149 14.40 17.54 -32.62
CA TRP A 149 15.67 17.95 -33.22
C TRP A 149 15.82 17.65 -34.72
N ARG A 150 14.94 16.82 -35.29
CA ARG A 150 14.66 16.91 -36.72
C ARG A 150 13.41 17.76 -36.73
N ALA A 151 13.63 19.06 -36.82
CA ALA A 151 12.64 20.13 -36.62
C ALA A 151 13.35 21.46 -36.84
N SER A 152 14.47 21.60 -36.13
CA SER A 152 15.47 22.59 -36.40
C SER A 152 16.30 21.98 -37.52
N GLY A 153 17.31 21.22 -37.12
CA GLY A 153 18.16 20.55 -38.09
C GLY A 153 19.32 19.90 -37.40
N ILE A 154 20.13 20.72 -36.74
CA ILE A 154 21.39 20.30 -36.09
C ILE A 154 22.20 19.23 -36.87
N THR A 155 21.82 17.96 -36.78
CA THR A 155 22.47 16.81 -37.47
C THR A 155 23.99 16.59 -37.26
N SER A 156 24.32 15.42 -36.71
CA SER A 156 25.67 15.05 -36.24
C SER A 156 25.63 14.91 -34.74
N GLU A 157 26.00 13.73 -34.23
CA GLU A 157 25.99 13.48 -32.77
C GLU A 157 26.99 14.37 -32.03
N LEU A 158 28.25 14.35 -32.46
CA LEU A 158 29.29 15.30 -32.06
C LEU A 158 28.87 16.77 -32.14
N GLN A 159 27.60 17.05 -31.84
CA GLN A 159 26.96 18.28 -32.33
C GLN A 159 25.93 18.92 -31.38
N LEU A 160 24.90 18.16 -31.04
CA LEU A 160 24.07 18.52 -29.93
C LEU A 160 24.69 17.79 -28.74
N TYR A 161 25.81 17.14 -29.01
CA TYR A 161 26.81 16.81 -28.01
C TYR A 161 27.71 18.03 -27.88
N CYS A 162 27.76 18.80 -28.96
CA CYS A 162 28.39 20.12 -28.92
C CYS A 162 27.33 21.09 -28.40
N THR A 163 26.17 20.55 -28.04
CA THR A 163 25.20 21.31 -27.23
C THR A 163 24.83 20.66 -25.89
N ALA A 164 25.45 19.51 -25.60
CA ALA A 164 25.36 18.95 -24.26
C ALA A 164 26.25 19.78 -23.33
N ILE A 165 27.33 20.32 -23.87
CA ILE A 165 28.25 21.07 -23.05
C ILE A 165 27.85 22.54 -23.02
N GLY A 166 27.13 22.93 -24.07
CA GLY A 166 26.60 24.27 -24.18
C GLY A 166 25.75 24.63 -22.98
N ALA A 167 25.05 23.63 -22.43
CA ALA A 167 23.99 23.82 -21.42
C ALA A 167 24.27 23.31 -20.01
N LEU A 168 25.39 22.61 -19.80
CA LEU A 168 25.67 22.01 -18.48
C LEU A 168 26.43 22.94 -17.50
N VAL A 169 27.56 23.52 -17.91
CA VAL A 169 28.06 24.62 -17.10
C VAL A 169 26.94 25.67 -17.11
N PHE A 170 26.54 26.04 -18.33
CA PHE A 170 25.39 26.90 -18.60
C PHE A 170 24.23 26.70 -17.63
N ALA A 171 24.18 25.55 -16.97
CA ALA A 171 23.45 25.46 -15.74
C ALA A 171 24.30 26.24 -14.74
N GLY A 172 25.52 25.75 -14.53
CA GLY A 172 26.46 26.28 -13.53
C GLY A 172 26.25 27.74 -13.15
N LEU A 173 26.42 28.64 -14.13
CA LEU A 173 26.34 30.08 -13.87
C LEU A 173 24.98 30.47 -13.34
N MET A 174 23.91 29.93 -13.95
CA MET A 174 22.56 30.14 -13.43
C MET A 174 22.39 29.56 -12.00
N LEU A 175 23.06 28.45 -11.69
CA LEU A 175 23.13 28.02 -10.30
C LEU A 175 24.22 28.79 -9.55
N PHE A 176 24.98 29.60 -10.29
CA PHE A 176 25.97 30.49 -9.68
C PHE A 176 25.36 31.84 -9.48
N ALA A 177 24.06 31.81 -9.24
CA ALA A 177 23.30 33.01 -8.98
C ALA A 177 22.74 32.91 -7.57
N GLY A 178 22.70 31.68 -7.06
CA GLY A 178 22.35 31.43 -5.67
C GLY A 178 23.34 32.24 -4.89
N TRP A 179 24.61 31.92 -5.15
CA TRP A 179 25.73 32.62 -4.56
C TRP A 179 25.90 34.07 -5.06
N PHE A 180 25.41 34.36 -6.28
CA PHE A 180 25.48 35.72 -6.84
C PHE A 180 24.90 36.74 -5.88
N HIS A 181 23.59 36.70 -5.71
CA HIS A 181 22.86 37.61 -4.83
C HIS A 181 22.91 37.15 -3.36
N TYR A 182 21.73 36.98 -2.77
CA TYR A 182 21.45 36.48 -1.39
C TYR A 182 22.54 36.42 -0.31
N HIS A 183 23.68 35.84 -0.67
CA HIS A 183 24.60 35.18 0.24
C HIS A 183 25.74 36.12 0.61
N LYS A 184 26.56 36.45 -0.37
CA LYS A 184 27.17 37.76 -0.47
C LYS A 184 26.21 38.50 -1.40
N ALA A 185 25.07 38.85 -0.80
CA ALA A 185 24.13 39.90 -1.27
C ALA A 185 22.68 39.62 -0.84
N ALA A 186 22.38 39.90 0.42
CA ALA A 186 20.98 39.96 0.86
C ALA A 186 20.27 40.94 -0.09
N PRO A 187 19.42 40.42 -1.00
CA PRO A 187 18.87 41.19 -2.11
C PRO A 187 17.38 41.61 -2.09
N LYS A 188 17.17 42.91 -1.95
CA LYS A 188 16.07 43.72 -2.56
C LYS A 188 14.60 43.21 -2.80
N LEU A 189 13.64 43.74 -2.01
CA LEU A 189 12.18 43.63 -2.24
C LEU A 189 11.60 44.95 -2.74
N ALA A 190 12.24 46.06 -2.37
CA ALA A 190 11.93 47.44 -2.80
C ALA A 190 11.62 47.59 -4.27
N TRP A 191 12.51 47.05 -5.10
CA TRP A 191 12.33 47.04 -6.57
C TRP A 191 11.99 45.63 -7.11
N PHE A 192 11.81 44.67 -6.22
CA PHE A 192 10.98 43.53 -6.57
C PHE A 192 9.53 43.96 -6.53
N GLN A 193 9.12 44.50 -5.37
CA GLN A 193 7.78 45.07 -5.27
C GLN A 193 7.73 46.36 -6.09
N ASP A 194 6.66 46.44 -6.87
CA ASP A 194 6.49 47.38 -7.96
C ASP A 194 5.69 46.60 -9.01
N VAL A 195 6.39 45.77 -9.78
CA VAL A 195 5.85 44.95 -10.87
C VAL A 195 5.45 45.68 -12.15
N GLU A 196 6.39 46.36 -12.81
CA GLU A 196 6.13 46.87 -14.16
C GLU A 196 7.24 46.61 -15.20
N SER A 197 8.51 46.84 -14.85
CA SER A 197 9.57 46.54 -15.81
C SER A 197 9.42 45.10 -16.30
N MET A 198 9.44 44.15 -15.35
CA MET A 198 9.43 42.72 -15.67
C MET A 198 8.22 42.28 -16.51
N LEU A 199 7.03 42.78 -16.19
CA LEU A 199 5.80 42.36 -16.88
C LEU A 199 5.73 42.93 -18.31
N ASN A 200 6.55 43.95 -18.53
CA ASN A 200 6.76 44.53 -19.87
C ASN A 200 7.87 43.79 -20.65
N HIS A 201 8.95 43.48 -19.95
CA HIS A 201 10.12 42.90 -20.54
C HIS A 201 9.97 41.44 -20.93
N HIS A 202 9.24 40.66 -20.14
CA HIS A 202 9.01 39.24 -20.45
C HIS A 202 8.44 39.11 -21.85
N LEU A 203 7.32 39.79 -22.06
CA LEU A 203 6.85 40.15 -23.38
C LEU A 203 8.04 40.47 -24.34
N ALA A 204 8.51 41.72 -24.32
CA ALA A 204 9.72 42.12 -25.05
C ALA A 204 10.89 41.31 -24.49
N GLY A 205 11.72 41.93 -23.66
CA GLY A 205 12.84 41.26 -23.02
C GLY A 205 12.98 39.80 -23.37
N LEU A 206 12.69 38.92 -22.42
CA LEU A 206 12.99 37.49 -22.63
C LEU A 206 11.85 36.56 -23.01
N LEU A 207 10.91 37.07 -23.80
CA LEU A 207 10.38 36.25 -24.84
C LEU A 207 11.16 36.80 -26.03
N GLY A 208 10.98 38.10 -26.28
CA GLY A 208 11.45 38.82 -27.47
C GLY A 208 12.90 38.66 -27.85
N LEU A 209 13.79 38.27 -26.93
CA LEU A 209 15.11 37.84 -27.40
C LEU A 209 14.76 36.65 -28.23
N GLY A 210 13.60 36.07 -27.92
CA GLY A 210 13.17 34.86 -28.54
C GLY A 210 12.27 35.10 -29.73
N SER A 211 11.03 34.62 -29.62
CA SER A 211 10.18 34.42 -30.76
C SER A 211 10.97 34.66 -32.04
N LEU A 212 11.01 35.90 -32.50
CA LEU A 212 11.71 36.25 -33.74
C LEU A 212 13.20 35.86 -33.79
N SER A 213 13.90 35.90 -32.65
CA SER A 213 15.31 35.47 -32.62
C SER A 213 15.29 33.99 -32.36
N TRP A 214 14.28 33.37 -32.94
CA TRP A 214 14.27 31.97 -33.29
C TRP A 214 13.94 31.96 -34.78
N ALA A 215 13.37 33.06 -35.28
CA ALA A 215 13.05 33.18 -36.71
C ALA A 215 14.31 33.24 -37.53
N GLY A 216 15.25 34.10 -37.13
CA GLY A 216 16.60 34.19 -37.73
C GLY A 216 17.19 32.80 -37.78
N HIS A 217 16.96 32.06 -36.71
CA HIS A 217 17.17 30.61 -36.67
C HIS A 217 16.16 29.83 -37.52
N GLN A 218 14.86 30.07 -37.37
CA GLN A 218 13.85 29.26 -38.06
C GLN A 218 13.81 29.47 -39.57
N VAL A 219 14.29 30.62 -40.04
CA VAL A 219 14.45 30.87 -41.50
C VAL A 219 15.79 30.32 -42.02
N HIS A 220 16.89 30.88 -41.54
CA HIS A 220 18.25 30.58 -42.04
C HIS A 220 18.77 29.21 -41.63
N VAL A 221 18.81 28.94 -40.33
CA VAL A 221 19.14 27.58 -39.84
C VAL A 221 18.07 26.61 -40.32
N SER A 222 16.84 26.84 -39.90
CA SER A 222 15.87 25.78 -39.97
C SER A 222 15.27 25.51 -41.35
N LEU A 223 14.56 26.50 -41.92
CA LEU A 223 13.69 26.29 -43.11
C LEU A 223 14.11 25.29 -44.22
N PRO A 224 15.35 25.39 -44.74
CA PRO A 224 15.72 24.69 -45.96
C PRO A 224 16.50 23.40 -45.77
N ILE A 225 17.33 23.35 -44.71
CA ILE A 225 18.00 22.13 -44.23
C ILE A 225 16.88 21.16 -43.82
N ASN A 226 15.73 21.43 -44.43
CA ASN A 226 14.50 20.73 -44.24
C ASN A 226 13.86 20.70 -45.61
N GLN A 227 13.63 21.88 -46.22
CA GLN A 227 13.13 21.96 -47.61
C GLN A 227 14.02 21.13 -48.54
N PHE A 228 15.35 21.25 -48.40
CA PHE A 228 16.24 20.33 -49.13
C PHE A 228 16.49 19.01 -48.43
N LEU A 229 15.88 18.79 -47.25
CA LEU A 229 15.89 17.46 -46.65
C LEU A 229 14.78 16.68 -47.31
N ASN A 230 13.76 17.45 -47.72
CA ASN A 230 12.46 16.95 -48.17
C ASN A 230 12.51 16.12 -49.43
N ALA A 231 13.72 15.73 -49.83
CA ALA A 231 13.97 14.69 -50.82
C ALA A 231 15.41 14.20 -50.70
N GLY A 232 16.24 14.60 -51.64
CA GLY A 232 17.65 14.21 -51.67
C GLY A 232 18.34 14.15 -50.32
N VAL A 233 19.40 14.94 -50.20
CA VAL A 233 20.23 15.07 -48.98
C VAL A 233 20.00 13.92 -48.01
N ASP A 234 20.67 12.82 -48.31
CA ASP A 234 20.56 11.66 -47.48
C ASP A 234 21.51 11.91 -46.30
N PRO A 235 22.76 11.43 -46.39
CA PRO A 235 23.54 11.57 -45.20
C PRO A 235 24.58 12.69 -45.19
N LYS A 236 25.79 12.23 -44.87
CA LYS A 236 26.90 12.95 -44.24
C LYS A 236 27.22 14.41 -44.65
N GLU A 237 27.24 14.70 -45.96
CA GLU A 237 27.41 16.10 -46.42
C GLU A 237 26.20 16.95 -46.00
N ILE A 238 26.24 17.43 -44.75
CA ILE A 238 25.09 18.10 -44.13
C ILE A 238 25.35 19.58 -43.69
N PRO A 239 24.89 20.53 -44.54
CA PRO A 239 25.37 21.91 -44.66
C PRO A 239 25.57 22.63 -43.34
N LEU A 240 26.49 22.11 -42.52
CA LEU A 240 26.80 22.70 -41.22
C LEU A 240 26.49 24.18 -41.27
N PRO A 241 25.39 24.60 -40.57
CA PRO A 241 24.81 25.97 -40.41
C PRO A 241 25.79 27.18 -40.45
N HIS A 242 27.03 26.93 -40.03
CA HIS A 242 28.24 27.58 -40.52
C HIS A 242 28.06 28.45 -41.77
N GLU A 243 27.37 27.95 -42.78
CA GLU A 243 27.05 28.69 -44.02
C GLU A 243 25.89 29.67 -43.82
N PHE A 244 25.42 30.28 -44.92
CA PHE A 244 24.19 31.08 -44.94
C PHE A 244 24.10 32.39 -44.10
N ILE A 245 25.23 32.82 -43.54
CA ILE A 245 25.29 34.16 -42.94
C ILE A 245 25.68 35.16 -44.05
N LEU A 246 26.76 35.93 -43.77
CA LEU A 246 27.37 36.95 -44.66
C LEU A 246 27.05 36.85 -46.16
N ASN A 247 27.37 35.70 -46.77
CA ASN A 247 26.95 35.39 -48.16
C ASN A 247 25.68 34.54 -48.23
N ARG A 248 24.80 34.88 -49.19
CA ARG A 248 23.57 34.14 -49.39
C ARG A 248 23.74 33.10 -50.49
N ASP A 249 23.49 33.54 -51.72
CA ASP A 249 23.45 32.72 -52.95
C ASP A 249 22.69 31.37 -52.95
N LEU A 250 22.85 30.56 -51.91
CA LEU A 250 22.34 29.17 -51.83
C LEU A 250 20.86 29.09 -51.43
N LEU A 251 20.55 29.64 -50.25
CA LEU A 251 19.18 29.84 -49.85
C LEU A 251 18.61 30.70 -50.97
N ALA A 252 19.43 31.63 -51.43
CA ALA A 252 19.07 32.46 -52.57
C ALA A 252 18.80 31.56 -53.77
N GLN A 253 19.70 30.60 -54.02
CA GLN A 253 19.51 29.62 -55.10
C GLN A 253 18.24 28.84 -54.81
N LEU A 254 17.89 28.76 -53.52
CA LEU A 254 16.59 28.24 -53.06
C LEU A 254 15.53 29.39 -52.99
N TYR A 255 14.46 29.25 -52.19
CA TYR A 255 13.38 30.27 -52.16
C TYR A 255 14.04 31.62 -52.32
N PRO A 256 13.71 32.35 -53.40
CA PRO A 256 14.42 33.58 -53.70
C PRO A 256 13.97 34.69 -52.76
N SER A 257 14.28 35.93 -53.12
CA SER A 257 13.96 37.07 -52.27
C SER A 257 14.70 38.30 -52.74
N PHE A 258 15.41 38.13 -53.85
CA PHE A 258 16.54 38.97 -54.22
C PHE A 258 17.35 39.49 -53.03
N ALA A 259 18.51 38.87 -52.88
CA ALA A 259 19.40 39.11 -51.78
C ALA A 259 20.59 39.93 -52.23
N GLU A 260 20.33 41.19 -52.57
CA GLU A 260 21.36 42.23 -52.56
C GLU A 260 21.46 42.77 -51.11
N GLY A 261 22.11 43.92 -50.97
CA GLY A 261 22.28 44.55 -49.66
C GLY A 261 21.26 45.64 -49.38
N ALA A 262 19.98 45.32 -49.59
CA ALA A 262 18.87 46.28 -49.48
C ALA A 262 17.53 45.58 -49.39
N THR A 263 17.05 45.39 -48.16
CA THR A 263 15.82 44.60 -47.87
C THR A 263 14.47 45.32 -48.06
N PRO A 264 13.73 44.97 -49.13
CA PRO A 264 12.46 45.58 -49.51
C PRO A 264 11.34 45.10 -48.62
N PHE A 265 10.61 46.06 -48.05
CA PHE A 265 9.80 45.89 -46.81
C PHE A 265 10.47 46.70 -45.68
N PHE A 266 11.67 47.21 -45.97
CA PHE A 266 12.13 48.47 -45.38
C PHE A 266 11.02 49.43 -45.77
N THR A 267 10.56 49.34 -47.01
CA THR A 267 9.34 50.04 -47.42
C THR A 267 8.50 49.23 -48.45
N LEU A 268 7.85 48.20 -47.93
CA LEU A 268 6.73 47.51 -48.60
C LEU A 268 6.99 46.65 -49.87
N ASN A 269 8.24 46.27 -50.13
CA ASN A 269 8.44 45.17 -51.07
C ASN A 269 8.26 43.84 -50.35
N TRP A 270 7.81 43.96 -49.09
CA TRP A 270 7.30 42.88 -48.25
C TRP A 270 6.89 41.72 -49.14
N SER A 271 5.93 42.02 -50.00
CA SER A 271 5.28 41.11 -50.93
C SER A 271 6.24 40.06 -51.53
N LYS A 272 7.50 40.50 -51.74
CA LYS A 272 8.56 39.69 -52.37
C LYS A 272 9.31 38.81 -51.37
N TYR A 273 9.89 39.42 -50.32
CA TYR A 273 10.70 38.69 -49.35
C TYR A 273 9.85 37.65 -48.65
N ALA A 274 8.53 37.78 -48.85
CA ALA A 274 7.59 36.67 -48.69
C ALA A 274 8.11 35.41 -49.44
N ASP A 275 7.56 35.15 -50.62
CA ASP A 275 7.75 33.87 -51.36
C ASP A 275 7.31 32.68 -50.50
N PHE A 276 8.04 32.51 -49.39
CA PHE A 276 8.09 31.29 -48.62
C PHE A 276 7.47 31.50 -47.24
N LEU A 277 6.29 32.14 -47.20
CA LEU A 277 5.57 32.24 -45.91
C LEU A 277 4.12 32.68 -45.94
N THR A 278 3.42 32.47 -47.04
CA THR A 278 1.97 32.70 -47.03
C THR A 278 1.26 31.58 -46.29
N PHE A 279 0.55 31.98 -45.22
CA PHE A 279 -0.42 31.14 -44.47
C PHE A 279 -0.76 29.76 -45.05
N ARG A 280 0.16 28.83 -44.93
CA ARG A 280 -0.02 27.58 -45.63
C ARG A 280 -0.88 26.56 -44.90
N GLY A 281 -1.01 26.75 -43.60
CA GLY A 281 -1.90 25.92 -42.80
C GLY A 281 -1.61 24.44 -42.88
N GLY A 282 -2.45 23.73 -43.65
CA GLY A 282 -2.54 22.26 -43.63
C GLY A 282 -1.43 21.48 -42.97
N LEU A 283 -0.65 20.80 -43.81
CA LEU A 283 0.61 20.20 -43.39
C LEU A 283 1.38 19.48 -44.55
N ASP A 284 2.71 19.37 -44.37
CA ASP A 284 3.63 18.81 -45.36
C ASP A 284 3.26 17.39 -45.77
N PRO A 285 2.56 17.23 -46.90
CA PRO A 285 2.19 15.86 -47.21
C PRO A 285 3.36 14.96 -47.56
N LEU A 286 4.52 15.53 -47.86
CA LEU A 286 5.74 14.70 -47.96
C LEU A 286 6.35 14.39 -46.56
N THR A 287 5.49 13.86 -45.67
CA THR A 287 5.70 13.65 -44.21
C THR A 287 5.04 14.75 -43.43
N GLY A 288 4.05 14.34 -42.62
CA GLY A 288 3.09 15.21 -41.93
C GLY A 288 3.57 16.55 -41.40
N GLY A 289 3.94 16.53 -40.12
CA GLY A 289 4.26 17.74 -39.38
C GLY A 289 3.30 18.89 -39.73
N LEU A 290 3.72 19.67 -40.73
CA LEU A 290 3.10 20.93 -41.20
C LEU A 290 4.20 21.97 -41.39
N TRP A 291 3.94 22.93 -42.25
CA TRP A 291 5.01 23.71 -42.86
C TRP A 291 5.86 24.60 -41.95
N LEU A 292 7.18 24.42 -42.05
CA LEU A 292 8.12 25.46 -41.65
C LEU A 292 8.07 26.66 -42.60
N THR A 293 7.56 26.48 -43.84
CA THR A 293 7.29 27.62 -44.74
C THR A 293 6.14 28.41 -44.12
N ASP A 294 5.60 27.80 -43.06
CA ASP A 294 4.49 28.30 -42.29
C ASP A 294 4.86 28.46 -40.83
N ILE A 295 5.99 29.11 -40.51
CA ILE A 295 6.39 29.41 -39.10
C ILE A 295 7.30 30.61 -38.78
N ALA A 296 7.65 31.47 -39.74
CA ALA A 296 8.22 32.82 -39.38
C ALA A 296 7.12 33.90 -39.26
N HIS A 297 6.18 33.85 -40.20
CA HIS A 297 4.98 34.65 -40.15
C HIS A 297 4.21 34.42 -38.81
N HIS A 298 4.26 33.17 -38.31
CA HIS A 298 3.74 32.87 -36.97
C HIS A 298 4.62 33.34 -35.82
N HIS A 299 5.91 33.55 -36.05
CA HIS A 299 6.81 33.84 -34.92
C HIS A 299 7.66 35.13 -34.97
N LEU A 300 7.14 36.11 -35.73
CA LEU A 300 7.64 37.49 -35.80
C LEU A 300 6.45 38.48 -35.65
N ALA A 301 5.26 37.93 -35.44
CA ALA A 301 4.02 38.72 -35.32
C ALA A 301 3.47 38.51 -33.92
N ILE A 302 3.13 37.25 -33.64
CA ILE A 302 3.22 36.75 -32.29
C ILE A 302 4.71 36.61 -32.13
N ALA A 303 5.32 37.71 -31.68
CA ALA A 303 6.75 37.84 -31.48
C ALA A 303 7.06 39.20 -30.92
N ILE A 304 6.31 40.19 -31.44
CA ILE A 304 6.64 41.62 -31.37
C ILE A 304 5.52 42.39 -30.69
N LEU A 305 4.29 41.88 -30.87
CA LEU A 305 3.26 41.98 -29.85
C LEU A 305 3.88 41.04 -28.83
N PHE A 306 4.19 41.55 -27.65
CA PHE A 306 5.10 40.90 -26.72
C PHE A 306 6.43 41.64 -26.80
N LEU A 307 6.68 42.39 -27.87
CA LEU A 307 7.85 43.28 -27.90
C LEU A 307 7.37 44.73 -27.72
N ILE A 308 6.33 45.09 -28.46
CA ILE A 308 5.68 46.36 -28.28
C ILE A 308 4.74 46.28 -27.10
N ALA A 309 3.72 45.41 -27.19
CA ALA A 309 2.69 45.22 -26.11
C ALA A 309 3.28 44.91 -24.73
N GLY A 310 4.62 44.75 -24.73
CA GLY A 310 5.44 44.66 -23.56
C GLY A 310 6.12 45.98 -23.28
N HIS A 311 5.50 47.05 -23.79
CA HIS A 311 5.49 48.38 -23.13
C HIS A 311 4.08 48.93 -23.11
N MET A 312 3.44 48.84 -21.96
CA MET A 312 2.18 49.53 -21.77
C MET A 312 2.04 50.13 -20.38
N TYR A 313 2.98 49.79 -19.48
CA TYR A 313 2.93 50.12 -18.04
C TYR A 313 3.94 51.24 -17.70
N ARG A 314 3.78 51.88 -16.53
CA ARG A 314 4.64 52.98 -16.01
C ARG A 314 6.16 52.99 -16.31
N THR A 315 6.94 52.16 -15.59
CA THR A 315 8.40 52.31 -15.50
C THR A 315 8.76 53.77 -15.22
N ASN A 316 9.92 54.20 -15.72
CA ASN A 316 10.38 55.56 -15.46
C ASN A 316 9.91 56.64 -16.47
N TRP A 317 10.10 56.35 -17.76
CA TRP A 317 9.91 57.35 -18.84
C TRP A 317 8.46 57.64 -19.26
N GLY A 318 7.58 57.91 -18.29
CA GLY A 318 6.23 58.48 -18.52
C GLY A 318 5.27 57.83 -19.52
N ILE A 319 5.69 56.71 -20.11
CA ILE A 319 4.81 55.92 -20.98
C ILE A 319 4.41 54.61 -20.31
N GLY A 320 3.10 54.42 -20.19
CA GLY A 320 2.57 53.24 -19.57
C GLY A 320 1.21 53.34 -18.90
N HIS A 321 0.87 52.29 -18.17
CA HIS A 321 -0.46 52.14 -17.56
C HIS A 321 -0.50 51.74 -16.09
N GLY A 322 -1.70 51.42 -15.62
CA GLY A 322 -2.07 51.59 -14.21
C GLY A 322 -1.40 50.73 -13.15
N ILE A 323 -0.65 49.70 -13.57
CA ILE A 323 -0.18 48.69 -12.66
C ILE A 323 -1.50 48.11 -12.16
N LYS A 324 -2.11 48.79 -11.20
CA LYS A 324 -3.47 48.49 -10.77
C LYS A 324 -4.42 49.65 -11.08
N ASP A 325 -3.90 50.90 -11.02
CA ASP A 325 -4.61 52.13 -11.41
C ASP A 325 -5.54 52.03 -12.62
N ILE A 326 -5.34 51.01 -13.44
CA ILE A 326 -6.28 50.65 -14.52
C ILE A 326 -7.51 49.97 -13.93
N LEU A 327 -7.31 48.97 -13.07
CA LEU A 327 -8.40 48.08 -12.64
C LEU A 327 -9.53 48.79 -11.89
N GLU A 328 -9.17 49.58 -10.88
CA GLU A 328 -10.17 50.38 -10.19
C GLU A 328 -10.70 51.47 -11.14
N ALA A 329 -10.25 51.40 -12.40
CA ALA A 329 -10.69 52.33 -13.42
C ALA A 329 -12.17 52.22 -13.55
N HIS A 330 -12.67 51.00 -13.39
CA HIS A 330 -14.06 50.67 -13.69
C HIS A 330 -14.77 49.86 -12.59
N LYS A 331 -16.10 49.95 -12.62
CA LYS A 331 -16.90 49.72 -11.44
C LYS A 331 -18.04 48.74 -11.63
N GLY A 332 -19.11 49.18 -12.30
CA GLY A 332 -20.37 48.41 -12.30
C GLY A 332 -21.13 48.43 -10.97
N PRO A 333 -22.46 48.56 -11.04
CA PRO A 333 -23.29 48.86 -9.85
C PRO A 333 -23.25 47.71 -8.82
N PHE A 334 -23.96 46.61 -9.13
CA PHE A 334 -23.63 45.30 -8.57
C PHE A 334 -22.34 44.86 -9.29
N THR A 335 -21.64 43.86 -8.76
CA THR A 335 -20.20 43.71 -9.07
C THR A 335 -19.43 44.98 -8.62
N GLY A 336 -20.02 45.66 -7.63
CA GLY A 336 -19.65 47.01 -7.17
C GLY A 336 -18.19 47.33 -6.89
N GLN A 337 -17.88 48.64 -6.85
CA GLN A 337 -16.52 49.19 -7.02
C GLN A 337 -16.01 48.72 -8.37
N GLY A 338 -16.68 47.69 -8.90
CA GLY A 338 -16.11 46.79 -9.87
C GLY A 338 -15.17 45.77 -9.27
N HIS A 339 -14.02 45.65 -9.93
CA HIS A 339 -13.01 44.63 -9.79
C HIS A 339 -11.81 45.48 -9.39
N LYS A 340 -11.95 46.11 -8.22
CA LYS A 340 -11.34 47.39 -7.90
C LYS A 340 -10.13 47.36 -6.95
N GLY A 341 -9.08 48.08 -7.34
CA GLY A 341 -7.95 48.39 -6.45
C GLY A 341 -7.15 47.13 -6.21
N LEU A 342 -6.97 46.40 -7.31
CA LEU A 342 -6.59 44.99 -7.34
C LEU A 342 -5.26 44.67 -6.67
N TYR A 343 -5.35 43.69 -5.79
CA TYR A 343 -4.50 43.63 -4.61
C TYR A 343 -3.10 44.32 -4.60
N GLU A 344 -2.59 44.36 -3.36
CA GLU A 344 -1.35 45.02 -2.98
C GLU A 344 -0.35 44.01 -2.37
N ILE A 345 -0.76 42.76 -2.22
CA ILE A 345 0.16 41.63 -2.06
C ILE A 345 0.30 40.92 -3.41
N LEU A 346 -0.73 41.06 -4.25
CA LEU A 346 -0.65 40.66 -5.66
C LEU A 346 0.63 41.25 -6.25
N THR A 347 0.97 42.44 -5.76
CA THR A 347 2.27 43.04 -5.95
C THR A 347 3.29 42.26 -5.11
N THR A 348 3.08 42.32 -3.79
CA THR A 348 4.02 41.86 -2.76
C THR A 348 4.68 40.49 -3.00
N SER A 349 3.87 39.43 -2.94
CA SER A 349 4.40 38.07 -2.81
C SER A 349 3.44 36.92 -3.16
N TRP A 350 3.89 36.13 -4.11
CA TRP A 350 3.50 34.72 -4.29
C TRP A 350 2.12 34.24 -3.83
N HIS A 351 2.06 33.65 -2.63
CA HIS A 351 0.85 32.98 -2.11
C HIS A 351 -0.46 33.65 -2.54
N ALA A 352 -0.61 34.94 -2.25
CA ALA A 352 -1.78 35.70 -2.66
C ALA A 352 -1.97 35.47 -4.15
N GLN A 353 -0.98 35.89 -4.92
CA GLN A 353 -0.95 35.72 -6.35
C GLN A 353 -1.27 34.29 -6.72
N LEU A 354 -0.57 33.38 -6.03
CA LEU A 354 -0.10 32.07 -6.53
C LEU A 354 -1.07 31.04 -7.13
N SER A 355 -2.36 31.32 -7.13
CA SER A 355 -3.29 30.45 -7.83
C SER A 355 -3.20 30.67 -9.35
N ILE A 356 -3.38 31.93 -9.72
CA ILE A 356 -3.47 32.39 -11.12
C ILE A 356 -2.33 31.94 -12.08
N ASN A 357 -1.07 32.10 -11.67
CA ASN A 357 0.05 31.62 -12.49
C ASN A 357 0.04 30.11 -12.66
N LEU A 358 -0.98 29.45 -12.08
CA LEU A 358 -1.09 28.00 -12.13
C LEU A 358 -2.32 27.53 -12.88
N ALA A 359 -3.50 28.02 -12.53
CA ALA A 359 -4.70 27.64 -13.29
C ALA A 359 -4.42 27.95 -14.77
N MET A 360 -3.82 29.13 -14.96
CA MET A 360 -3.38 29.69 -16.23
C MET A 360 -2.37 28.80 -16.93
N LEU A 361 -1.15 28.81 -16.39
CA LEU A 361 -0.17 27.82 -16.68
C LEU A 361 -0.90 26.49 -16.68
N GLY A 362 -1.99 26.42 -15.90
CA GLY A 362 -2.78 25.22 -15.78
C GLY A 362 -3.12 24.77 -17.16
N SER A 363 -4.27 25.20 -17.66
CA SER A 363 -4.65 24.77 -18.99
C SER A 363 -3.46 24.95 -19.92
N LEU A 364 -2.61 25.94 -19.65
CA LEU A 364 -1.34 26.04 -20.38
C LEU A 364 -0.45 24.81 -20.06
N THR A 365 -1.14 23.77 -19.61
CA THR A 365 -0.78 22.46 -20.12
C THR A 365 -1.88 21.39 -20.17
N ILE A 366 -2.83 21.74 -21.06
CA ILE A 366 -4.01 21.01 -21.50
C ILE A 366 -4.36 21.73 -22.81
N VAL A 367 -3.86 22.96 -22.95
CA VAL A 367 -4.11 23.82 -24.13
C VAL A 367 -3.19 23.42 -25.29
N VAL A 368 -1.90 23.43 -24.97
CA VAL A 368 -0.83 22.98 -25.83
C VAL A 368 -1.04 21.49 -26.12
N ALA A 369 -1.57 20.77 -25.14
CA ALA A 369 -1.97 19.39 -25.32
C ALA A 369 -3.05 19.21 -26.39
N GLN A 370 -4.31 19.33 -25.97
CA GLN A 370 -5.43 19.31 -26.90
C GLN A 370 -5.05 20.08 -28.17
N HIS A 371 -3.89 20.72 -28.16
CA HIS A 371 -3.36 21.43 -29.34
C HIS A 371 -2.34 20.61 -30.19
N MET A 372 -1.32 20.06 -29.53
CA MET A 372 -0.17 19.45 -30.22
C MET A 372 -0.59 18.33 -31.16
N TYR A 373 -0.91 17.15 -30.59
CA TYR A 373 -1.54 16.06 -31.35
C TYR A 373 -2.57 16.71 -32.26
N SER A 374 -3.31 17.64 -31.68
CA SER A 374 -4.50 18.16 -32.29
C SER A 374 -4.18 18.72 -33.66
N MET A 375 -3.00 19.32 -33.81
CA MET A 375 -2.58 19.77 -35.14
C MET A 375 -1.07 19.98 -35.46
N PRO A 376 -0.30 18.88 -35.43
CA PRO A 376 1.13 18.66 -35.42
C PRO A 376 2.11 19.81 -35.72
N PRO A 377 3.00 20.14 -34.76
CA PRO A 377 4.34 20.74 -34.97
C PRO A 377 5.42 19.76 -35.53
N TYR A 378 6.66 19.82 -35.02
CA TYR A 378 7.86 19.19 -35.64
C TYR A 378 7.65 17.95 -36.55
N PRO A 379 8.49 17.82 -37.61
CA PRO A 379 8.13 16.75 -38.54
C PRO A 379 8.27 15.33 -37.95
N TYR A 380 7.14 14.63 -38.00
CA TYR A 380 6.99 13.17 -37.83
C TYR A 380 6.18 12.73 -36.59
N LEU A 381 4.88 12.91 -36.74
CA LEU A 381 3.94 12.85 -35.67
C LEU A 381 2.77 12.12 -36.21
N ALA A 382 1.95 12.85 -36.95
CA ALA A 382 0.59 12.44 -37.37
C ALA A 382 0.42 10.94 -37.58
N THR A 383 1.17 10.40 -38.53
CA THR A 383 1.42 8.95 -38.67
C THR A 383 2.02 8.19 -37.45
N ASP A 384 2.91 8.83 -36.71
CA ASP A 384 3.75 8.15 -35.73
C ASP A 384 3.05 7.10 -34.84
N TYR A 385 2.39 7.63 -33.81
CA TYR A 385 1.96 6.95 -32.56
C TYR A 385 3.10 6.39 -31.71
N ALA A 386 2.75 6.06 -30.47
CA ALA A 386 3.69 6.02 -29.35
C ALA A 386 4.29 7.40 -29.07
N THR A 387 3.85 8.44 -29.82
CA THR A 387 3.79 9.90 -29.39
C THR A 387 2.83 10.87 -30.14
N GLN A 388 1.95 10.39 -31.03
CA GLN A 388 0.80 11.28 -31.24
C GLN A 388 -0.30 10.95 -30.18
N LEU A 389 -0.10 9.80 -29.56
CA LEU A 389 -0.50 9.58 -28.19
C LEU A 389 0.70 10.00 -27.30
N SER A 390 1.34 9.02 -26.65
CA SER A 390 2.21 9.20 -25.47
C SER A 390 2.25 10.57 -24.81
N LEU A 391 3.24 11.34 -25.26
CA LEU A 391 3.35 12.78 -25.05
C LEU A 391 2.01 13.36 -24.64
N PHE A 392 1.09 13.43 -25.61
CA PHE A 392 -0.29 13.83 -25.38
C PHE A 392 -0.77 13.77 -23.92
N THR A 393 -0.24 12.81 -23.18
CA THR A 393 -0.73 12.60 -21.84
C THR A 393 0.01 13.46 -20.80
N HIS A 394 0.89 12.89 -20.00
CA HIS A 394 1.87 13.70 -19.31
C HIS A 394 1.73 15.20 -19.60
N HIS A 395 1.94 15.57 -20.85
CA HIS A 395 1.49 16.86 -21.37
C HIS A 395 0.00 17.08 -21.18
N MET A 396 -0.63 16.35 -20.26
CA MET A 396 -1.97 16.64 -19.82
C MET A 396 -2.06 16.29 -18.35
N TRP A 397 -1.12 15.46 -17.87
CA TRP A 397 -0.97 15.28 -16.42
C TRP A 397 -0.57 16.59 -15.87
N ILE A 398 0.67 16.97 -16.17
CA ILE A 398 1.16 18.34 -15.95
C ILE A 398 0.30 19.36 -16.69
N GLY A 399 -0.66 19.92 -15.96
CA GLY A 399 -1.73 20.68 -16.52
C GLY A 399 -2.85 20.39 -15.55
N GLY A 400 -3.35 19.16 -15.63
CA GLY A 400 -4.27 18.62 -14.62
C GLY A 400 -3.64 18.70 -13.24
N PHE A 401 -2.70 17.82 -12.98
CA PHE A 401 -1.87 18.04 -11.83
C PHE A 401 -1.90 19.54 -11.57
N LEU A 402 -1.33 20.35 -12.47
CA LEU A 402 -0.99 21.74 -12.11
C LEU A 402 -2.17 22.64 -11.67
N ILE A 403 -3.19 22.78 -12.52
CA ILE A 403 -4.44 23.45 -12.12
C ILE A 403 -5.18 22.79 -10.93
N VAL A 404 -5.42 21.46 -10.98
CA VAL A 404 -6.14 20.70 -9.92
C VAL A 404 -5.34 20.61 -8.60
N GLY A 405 -4.54 21.65 -8.36
CA GLY A 405 -3.79 21.83 -7.15
C GLY A 405 -3.19 23.21 -7.23
N ALA A 406 -3.80 24.05 -8.07
CA ALA A 406 -3.34 25.44 -8.25
C ALA A 406 -3.93 26.32 -7.15
N ALA A 407 -5.26 26.25 -7.02
CA ALA A 407 -6.02 26.94 -5.97
C ALA A 407 -6.18 26.11 -4.69
N ALA A 408 -5.05 25.62 -4.20
CA ALA A 408 -4.88 25.33 -2.81
C ALA A 408 -4.03 26.51 -2.37
N HIS A 409 -3.86 27.47 -3.29
CA HIS A 409 -3.17 28.73 -3.03
C HIS A 409 -4.15 29.88 -2.74
N ALA A 410 -5.43 29.65 -3.06
CA ALA A 410 -6.50 30.58 -2.65
C ALA A 410 -6.63 30.48 -1.13
N ALA A 411 -6.58 29.24 -0.66
CA ALA A 411 -6.38 28.95 0.74
C ALA A 411 -4.94 29.27 1.00
N ILE A 412 -4.40 28.76 2.11
CA ILE A 412 -3.17 29.30 2.69
C ILE A 412 -3.41 30.84 2.86
N PHE A 413 -2.72 31.70 2.12
CA PHE A 413 -3.29 33.02 1.77
C PHE A 413 -4.35 33.65 2.72
N MET A 414 -5.60 33.18 2.66
CA MET A 414 -6.65 33.68 3.56
C MET A 414 -6.29 33.24 4.99
N VAL A 415 -6.04 31.96 5.13
CA VAL A 415 -5.54 31.40 6.37
C VAL A 415 -4.06 31.81 6.57
N ARG A 416 -3.57 32.65 5.66
CA ARG A 416 -2.13 33.02 5.62
C ARG A 416 -1.79 34.44 5.03
N ASP A 417 -1.04 34.48 3.93
CA ASP A 417 -0.40 35.72 3.43
C ASP A 417 -1.29 36.99 3.42
N TYR A 418 -2.61 36.79 3.35
CA TYR A 418 -3.54 37.90 3.49
C TYR A 418 -3.26 38.58 4.84
N ASP A 419 -3.02 39.89 4.85
CA ASP A 419 -2.78 40.63 6.10
C ASP A 419 -4.07 41.09 6.85
N PRO A 420 -3.99 42.15 7.68
CA PRO A 420 -5.21 42.87 8.12
C PRO A 420 -6.30 43.15 7.06
N THR A 421 -6.29 44.32 6.42
CA THR A 421 -7.38 44.64 5.49
C THR A 421 -6.94 45.33 4.18
N THR A 422 -7.82 45.32 3.19
CA THR A 422 -7.56 45.85 1.84
C THR A 422 -8.82 45.73 0.99
N ARG A 423 -9.83 45.08 1.56
CA ARG A 423 -10.82 44.42 0.73
C ARG A 423 -12.24 44.96 0.83
N TYR A 424 -12.90 44.83 1.98
CA TYR A 424 -14.37 44.87 2.04
C TYR A 424 -14.99 45.90 1.11
N ASN A 425 -15.91 45.41 0.27
CA ASN A 425 -16.42 46.09 -0.92
C ASN A 425 -15.52 45.82 -2.15
N ASP A 426 -14.35 45.27 -1.86
CA ASP A 426 -13.51 44.65 -2.87
C ASP A 426 -14.43 43.76 -3.67
N LEU A 427 -14.01 43.40 -4.89
CA LEU A 427 -14.79 42.39 -5.54
C LEU A 427 -14.65 41.12 -4.69
N LEU A 428 -13.42 40.78 -4.26
CA LEU A 428 -13.21 39.62 -3.37
C LEU A 428 -14.48 39.38 -2.53
N ASP A 429 -14.58 40.11 -1.42
CA ASP A 429 -15.63 39.90 -0.43
C ASP A 429 -16.98 39.68 -1.05
N ARG A 430 -17.27 40.39 -2.13
CA ARG A 430 -18.55 40.19 -2.77
C ARG A 430 -18.87 38.69 -2.92
N VAL A 431 -17.83 37.85 -3.08
CA VAL A 431 -17.97 36.37 -3.04
C VAL A 431 -18.19 35.83 -1.63
N LEU A 432 -17.23 36.08 -0.75
CA LEU A 432 -17.23 35.47 0.58
C LEU A 432 -18.55 35.69 1.30
N ARG A 433 -19.17 36.82 1.04
CA ARG A 433 -20.55 36.98 1.42
C ARG A 433 -21.27 35.90 0.60
N HIS A 434 -21.32 36.07 -0.72
CA HIS A 434 -22.19 35.28 -1.56
C HIS A 434 -21.83 33.81 -1.81
N ARG A 435 -20.94 33.25 -0.97
CA ARG A 435 -20.81 31.78 -0.65
C ARG A 435 -22.17 31.08 -0.43
N ASP A 436 -22.18 29.79 -0.11
CA ASP A 436 -23.41 29.03 0.26
C ASP A 436 -24.46 29.02 -0.84
N ALA A 437 -24.48 30.14 -1.55
CA ALA A 437 -25.35 30.38 -2.66
C ALA A 437 -24.49 31.06 -3.69
N ILE A 438 -23.27 30.54 -3.86
CA ILE A 438 -22.64 30.42 -5.17
C ILE A 438 -22.26 28.96 -5.32
N ILE A 439 -21.44 28.46 -4.40
CA ILE A 439 -21.09 27.06 -4.42
C ILE A 439 -22.33 26.29 -4.80
N SER A 440 -23.23 26.19 -3.82
CA SER A 440 -24.51 25.47 -3.93
C SER A 440 -25.03 25.25 -5.35
N HIS A 441 -25.29 26.30 -6.12
CA HIS A 441 -25.90 26.07 -7.43
C HIS A 441 -24.98 25.40 -8.45
N LEU A 442 -23.80 24.98 -8.00
CA LEU A 442 -23.00 24.09 -8.83
C LEU A 442 -23.38 22.67 -8.44
N ASN A 443 -23.55 22.50 -7.14
CA ASN A 443 -23.70 21.23 -6.48
C ASN A 443 -24.70 20.30 -7.14
N TRP A 444 -25.57 20.93 -7.95
CA TRP A 444 -26.73 20.28 -8.55
C TRP A 444 -26.43 19.86 -9.96
N VAL A 445 -25.90 20.80 -10.74
CA VAL A 445 -25.25 20.48 -12.03
C VAL A 445 -24.45 19.19 -11.76
N CYS A 446 -23.52 19.30 -10.82
CA CYS A 446 -22.79 18.17 -10.29
C CYS A 446 -23.63 17.01 -9.72
N ILE A 447 -24.95 17.07 -9.90
CA ILE A 447 -25.68 15.83 -9.98
C ILE A 447 -26.11 15.64 -11.45
N PHE A 448 -27.21 16.25 -11.89
CA PHE A 448 -27.59 16.23 -13.32
C PHE A 448 -26.41 15.99 -14.32
N LEU A 449 -25.49 16.96 -14.39
CA LEU A 449 -24.30 16.93 -15.23
C LEU A 449 -23.41 15.93 -14.53
N GLY A 450 -23.31 14.75 -15.16
CA GLY A 450 -22.98 13.51 -14.45
C GLY A 450 -24.22 12.91 -13.77
N PHE A 451 -24.02 12.29 -12.60
CA PHE A 451 -25.04 11.48 -11.89
C PHE A 451 -25.97 10.69 -12.79
N HIS A 452 -26.32 11.30 -13.93
CA HIS A 452 -27.38 10.87 -14.81
C HIS A 452 -26.95 10.96 -16.23
N SER A 453 -25.85 11.70 -16.49
CA SER A 453 -25.27 11.79 -17.85
C SER A 453 -24.07 10.83 -18.04
N PHE A 454 -23.37 10.52 -16.94
CA PHE A 454 -22.74 9.19 -16.81
C PHE A 454 -23.85 8.12 -16.53
N GLY A 455 -24.84 8.47 -15.69
CA GLY A 455 -25.88 7.52 -15.31
C GLY A 455 -26.59 7.32 -16.61
N LEU A 456 -25.93 6.62 -17.52
CA LEU A 456 -26.24 6.79 -18.90
C LEU A 456 -25.44 5.84 -19.80
N TYR A 457 -24.18 5.54 -19.47
CA TYR A 457 -23.68 4.31 -20.01
C TYR A 457 -24.50 3.25 -19.29
N ILE A 458 -24.36 3.16 -17.96
CA ILE A 458 -25.20 2.27 -17.09
C ILE A 458 -26.47 1.76 -17.75
N HIS A 459 -27.38 2.68 -18.13
CA HIS A 459 -28.64 2.30 -18.81
C HIS A 459 -28.41 1.35 -19.98
N ASN A 460 -27.53 1.76 -20.86
CA ASN A 460 -27.26 0.98 -22.06
C ASN A 460 -26.43 -0.27 -21.78
N ASP A 461 -25.97 -0.44 -20.55
CA ASP A 461 -25.50 -1.76 -20.11
C ASP A 461 -26.75 -2.55 -19.69
N THR A 462 -27.44 -2.07 -18.66
CA THR A 462 -28.77 -2.59 -18.36
C THR A 462 -29.55 -2.66 -19.65
N MET A 463 -29.05 -1.96 -20.67
CA MET A 463 -29.63 -2.09 -21.99
C MET A 463 -28.59 -2.47 -23.04
N SER A 464 -27.98 -3.63 -22.81
CA SER A 464 -27.32 -4.42 -23.86
C SER A 464 -27.25 -5.86 -23.37
N ALA A 465 -26.76 -6.02 -22.12
CA ALA A 465 -26.98 -7.23 -21.30
C ALA A 465 -28.47 -7.55 -21.21
N LEU A 466 -29.16 -6.87 -20.30
CA LEU A 466 -30.62 -6.88 -20.29
C LEU A 466 -31.12 -6.27 -21.58
N GLY A 467 -30.49 -5.19 -22.05
CA GLY A 467 -31.10 -4.34 -23.08
C GLY A 467 -30.89 -4.49 -24.59
N ARG A 468 -31.23 -5.68 -25.12
CA ARG A 468 -31.66 -5.89 -26.53
C ARG A 468 -31.55 -4.68 -27.45
N PRO A 469 -30.55 -4.68 -28.36
CA PRO A 469 -30.44 -3.55 -29.28
C PRO A 469 -31.81 -2.95 -29.60
N GLN A 470 -32.86 -3.74 -29.43
CA GLN A 470 -34.21 -3.30 -29.77
C GLN A 470 -34.25 -1.78 -29.82
N ASP A 471 -33.90 -1.14 -28.70
CA ASP A 471 -34.04 0.31 -28.52
C ASP A 471 -33.32 0.90 -27.28
N MET A 472 -32.25 1.67 -27.52
CA MET A 472 -31.42 2.28 -26.44
C MET A 472 -30.45 3.41 -26.92
N PHE A 473 -29.39 3.74 -26.17
CA PHE A 473 -28.70 5.05 -26.35
C PHE A 473 -27.54 5.25 -27.39
N SER A 474 -27.14 4.20 -28.11
CA SER A 474 -26.01 4.27 -29.11
C SER A 474 -26.37 4.96 -30.44
N ASP A 475 -25.47 4.86 -31.42
CA ASP A 475 -25.61 5.61 -32.66
C ASP A 475 -26.80 5.14 -33.51
N THR A 476 -26.78 3.95 -34.11
CA THR A 476 -28.03 3.46 -34.76
C THR A 476 -29.12 3.19 -33.69
N ALA A 477 -29.06 3.96 -32.60
CA ALA A 477 -29.90 3.74 -31.46
C ALA A 477 -30.52 5.05 -31.09
N ILE A 478 -30.14 5.59 -29.93
CA ILE A 478 -30.81 6.80 -29.42
C ILE A 478 -30.47 8.01 -30.32
N GLN A 479 -29.82 7.68 -31.43
CA GLN A 479 -29.86 8.39 -32.70
C GLN A 479 -31.13 9.25 -32.98
N LEU A 480 -30.94 10.46 -33.51
CA LEU A 480 -29.62 11.01 -33.83
C LEU A 480 -29.08 10.40 -35.14
N GLN A 481 -29.61 10.90 -36.27
CA GLN A 481 -29.40 10.33 -37.61
C GLN A 481 -28.16 10.84 -38.37
N PRO A 482 -28.14 12.14 -38.73
CA PRO A 482 -27.03 12.62 -39.55
C PRO A 482 -25.53 12.57 -39.09
N VAL A 483 -25.00 13.29 -38.08
CA VAL A 483 -25.54 13.63 -36.74
C VAL A 483 -24.90 12.62 -35.69
N PHE A 484 -24.24 13.11 -34.63
CA PHE A 484 -24.15 14.53 -34.30
C PHE A 484 -23.12 15.26 -35.16
N ALA A 485 -23.57 16.36 -35.75
CA ALA A 485 -22.72 17.40 -36.39
C ALA A 485 -21.47 17.90 -35.54
N GLN A 486 -20.46 18.58 -36.09
CA GLN A 486 -20.44 19.22 -37.41
C GLN A 486 -21.44 20.39 -37.41
N TRP A 487 -21.25 21.42 -36.59
CA TRP A 487 -20.18 21.60 -35.56
C TRP A 487 -18.77 21.14 -35.88
N ILE A 488 -17.81 22.01 -36.25
CA ILE A 488 -17.80 23.44 -36.65
C ILE A 488 -16.50 24.11 -36.16
N GLN A 489 -15.32 23.57 -36.46
CA GLN A 489 -15.06 22.42 -37.33
C GLN A 489 -15.73 22.71 -38.69
N ASN A 490 -15.90 21.71 -39.56
CA ASN A 490 -16.84 21.76 -40.70
C ASN A 490 -17.49 23.14 -40.90
N THR A 491 -16.93 23.93 -41.80
CA THR A 491 -16.98 25.40 -41.76
C THR A 491 -15.51 25.74 -41.56
N HIS A 492 -14.91 25.19 -40.50
CA HIS A 492 -13.47 25.08 -40.42
C HIS A 492 -13.03 24.58 -41.80
N ALA A 493 -14.03 24.26 -42.63
CA ALA A 493 -13.90 23.69 -43.98
C ALA A 493 -14.90 24.33 -44.93
N LEU A 494 -14.76 25.64 -45.03
CA LEU A 494 -15.21 26.54 -46.12
C LEU A 494 -14.47 27.82 -45.69
N ALA A 495 -13.81 27.65 -44.54
CA ALA A 495 -13.02 28.64 -43.85
C ALA A 495 -11.79 29.08 -44.61
N PRO A 496 -11.19 28.20 -45.41
CA PRO A 496 -10.01 28.69 -46.10
C PRO A 496 -10.24 28.97 -47.58
N GLY A 497 -11.30 28.38 -48.14
CA GLY A 497 -11.65 28.54 -49.57
C GLY A 497 -12.34 29.87 -49.86
N THR A 498 -12.83 30.48 -48.78
CA THR A 498 -13.30 31.86 -48.73
C THR A 498 -13.04 32.32 -47.26
N THR A 499 -13.93 33.15 -46.71
CA THR A 499 -14.12 33.25 -45.26
C THR A 499 -12.84 33.09 -44.44
N ALA A 500 -12.13 34.19 -44.16
CA ALA A 500 -10.68 34.17 -43.86
C ALA A 500 -9.92 33.84 -45.14
N PRO A 501 -10.08 34.68 -46.14
CA PRO A 501 -9.81 34.31 -47.53
C PRO A 501 -9.19 32.92 -47.62
N GLY A 502 -7.86 32.87 -47.58
CA GLY A 502 -7.17 31.63 -47.86
C GLY A 502 -6.70 30.85 -46.64
N ALA A 503 -5.46 31.13 -46.24
CA ALA A 503 -4.55 30.13 -45.67
C ALA A 503 -4.55 28.92 -46.63
N THR A 504 -3.90 27.83 -46.25
CA THR A 504 -4.05 26.62 -47.08
C THR A 504 -4.59 25.39 -46.35
N ALA A 505 -5.37 24.63 -47.11
CA ALA A 505 -5.93 23.36 -46.66
C ALA A 505 -6.40 23.43 -45.23
N SER A 506 -7.64 23.88 -45.11
CA SER A 506 -8.55 23.53 -44.02
C SER A 506 -8.03 23.54 -42.59
N THR A 507 -7.12 24.48 -42.28
CA THR A 507 -6.67 24.82 -40.88
C THR A 507 -6.24 23.68 -39.91
N SER A 508 -6.84 22.50 -40.05
CA SER A 508 -6.33 21.25 -39.45
C SER A 508 -7.19 20.05 -39.84
N LEU A 509 -6.68 19.24 -40.78
CA LEU A 509 -7.39 18.08 -41.34
C LEU A 509 -8.37 17.38 -40.41
N THR A 510 -8.00 17.32 -39.12
CA THR A 510 -8.83 16.76 -38.03
C THR A 510 -10.28 17.24 -38.12
N TRP A 511 -10.46 18.53 -38.37
CA TRP A 511 -11.76 19.08 -38.68
C TRP A 511 -11.93 19.25 -40.18
N GLY A 512 -13.17 19.55 -40.58
CA GLY A 512 -13.48 19.79 -42.00
C GLY A 512 -14.56 18.89 -42.61
N GLY A 513 -14.35 18.49 -43.85
CA GLY A 513 -15.25 17.56 -44.55
C GLY A 513 -14.61 16.20 -44.83
N GLY A 514 -14.30 15.93 -46.11
CA GLY A 514 -13.65 14.67 -46.52
C GLY A 514 -12.34 14.87 -47.29
N ASP A 515 -12.00 16.14 -47.46
CA ASP A 515 -10.71 16.58 -48.01
C ASP A 515 -9.57 15.90 -47.19
N LEU A 516 -9.17 14.70 -47.61
CA LEU A 516 -8.42 13.76 -46.72
C LEU A 516 -7.00 13.27 -47.12
N VAL A 517 -6.06 13.38 -46.18
CA VAL A 517 -4.67 13.00 -46.43
C VAL A 517 -4.15 11.93 -45.48
N ALA A 518 -2.82 11.97 -45.27
CA ALA A 518 -2.03 11.12 -44.35
C ALA A 518 -0.54 11.22 -44.74
N VAL A 519 0.11 10.05 -44.85
CA VAL A 519 1.29 9.72 -45.69
C VAL A 519 1.76 8.35 -45.26
N GLY A 520 3.06 8.26 -45.00
CA GLY A 520 3.75 7.05 -44.48
C GLY A 520 2.96 5.76 -44.31
N ASN A 521 2.52 5.19 -45.43
CA ASN A 521 1.57 4.09 -45.42
C ASN A 521 0.39 4.26 -44.43
N LYS A 522 0.67 3.98 -43.15
CA LYS A 522 -0.22 4.28 -42.03
C LYS A 522 -0.84 5.68 -42.11
N VAL A 523 -1.85 5.97 -41.29
CA VAL A 523 -2.53 7.26 -41.47
C VAL A 523 -1.85 8.43 -40.74
N ALA A 524 -2.41 9.64 -40.86
CA ALA A 524 -1.87 10.83 -40.18
C ALA A 524 -2.88 11.64 -39.33
N LEU A 525 -3.75 12.39 -39.99
CA LEU A 525 -4.93 12.96 -39.35
C LEU A 525 -5.95 12.95 -40.46
N LEU A 526 -7.22 12.84 -40.10
CA LEU A 526 -8.29 12.78 -41.08
C LEU A 526 -9.53 13.42 -40.48
N PRO A 527 -10.61 13.57 -41.25
CA PRO A 527 -11.91 13.99 -40.66
C PRO A 527 -12.39 13.03 -39.58
N ILE A 528 -12.06 13.31 -38.30
CA ILE A 528 -12.38 12.42 -37.17
C ILE A 528 -13.78 12.61 -36.65
N PRO A 529 -14.75 11.86 -37.20
CA PRO A 529 -16.13 12.32 -37.10
C PRO A 529 -16.76 11.86 -35.77
N LEU A 530 -17.58 12.74 -35.18
CA LEU A 530 -18.01 12.51 -33.81
C LEU A 530 -19.31 11.71 -33.56
N GLY A 531 -20.44 12.40 -33.34
CA GLY A 531 -21.75 11.77 -33.04
C GLY A 531 -21.95 11.24 -31.61
N THR A 532 -22.99 10.42 -31.45
CA THR A 532 -23.16 9.54 -30.28
C THR A 532 -21.87 8.70 -30.07
N ALA A 533 -21.43 8.70 -28.81
CA ALA A 533 -20.10 8.30 -28.44
C ALA A 533 -19.34 9.60 -28.24
N ASP A 534 -20.00 10.73 -28.55
CA ASP A 534 -19.30 12.03 -28.59
C ASP A 534 -19.93 13.16 -27.79
N PHE A 535 -21.27 13.24 -27.78
CA PHE A 535 -22.00 14.05 -26.80
C PHE A 535 -22.33 13.17 -25.60
N LEU A 536 -21.80 11.94 -25.64
CA LEU A 536 -21.69 11.04 -24.50
C LEU A 536 -20.31 11.35 -23.92
N VAL A 537 -19.66 10.37 -23.29
CA VAL A 537 -18.28 10.55 -22.80
C VAL A 537 -18.08 12.01 -22.35
N HIS A 538 -17.45 12.83 -23.21
CA HIS A 538 -17.41 14.29 -23.12
C HIS A 538 -18.14 15.00 -21.96
N HIS A 539 -19.47 14.91 -21.98
CA HIS A 539 -20.29 15.41 -20.90
C HIS A 539 -19.84 14.79 -19.56
N ILE A 540 -18.79 13.98 -19.58
CA ILE A 540 -18.14 13.43 -18.37
C ILE A 540 -16.94 14.27 -17.98
N HIS A 541 -16.11 14.63 -18.97
CA HIS A 541 -15.08 15.64 -18.78
C HIS A 541 -15.92 16.86 -18.58
N ALA A 542 -16.98 16.95 -19.37
CA ALA A 542 -17.96 17.97 -19.17
C ALA A 542 -18.51 17.87 -17.74
N PHE A 543 -18.71 16.66 -17.24
CA PHE A 543 -19.05 16.50 -15.83
C PHE A 543 -17.77 16.75 -15.01
N THR A 544 -17.27 15.70 -14.34
CA THR A 544 -15.99 15.71 -13.64
C THR A 544 -15.41 17.08 -13.33
N ILE A 545 -14.96 17.80 -14.36
CA ILE A 545 -14.38 19.16 -14.23
C ILE A 545 -15.44 20.13 -13.76
N HIS A 546 -16.45 19.57 -13.08
CA HIS A 546 -17.47 20.28 -12.30
C HIS A 546 -17.21 19.82 -10.90
N VAL A 547 -17.79 18.69 -10.50
CA VAL A 547 -17.45 18.04 -9.21
C VAL A 547 -15.94 17.67 -9.09
N THR A 548 -15.08 18.35 -9.83
CA THR A 548 -13.67 18.22 -9.50
C THR A 548 -13.09 19.61 -9.10
N VAL A 549 -13.67 20.64 -9.72
CA VAL A 549 -13.68 21.97 -9.12
C VAL A 549 -14.71 21.90 -7.93
N LEU A 550 -15.14 23.04 -7.39
CA LEU A 550 -16.07 23.01 -6.28
C LEU A 550 -15.59 22.08 -5.14
N ILE A 551 -14.29 21.83 -5.09
CA ILE A 551 -13.80 20.87 -4.12
C ILE A 551 -12.49 21.21 -3.32
N LEU A 552 -11.68 22.19 -3.70
CA LEU A 552 -12.00 23.27 -4.62
C LEU A 552 -13.03 24.28 -4.01
N LEU A 553 -13.83 24.93 -4.87
CA LEU A 553 -14.69 26.06 -4.46
C LEU A 553 -15.42 25.95 -3.10
N LYS A 554 -16.24 24.91 -2.88
CA LYS A 554 -16.71 24.58 -1.53
C LYS A 554 -15.59 24.89 -0.54
N GLY A 555 -14.49 24.14 -0.68
CA GLY A 555 -13.38 24.17 0.27
C GLY A 555 -12.37 25.25 0.01
N VAL A 556 -12.61 26.06 -1.03
CA VAL A 556 -11.76 27.24 -1.29
C VAL A 556 -12.33 28.53 -0.65
N LEU A 557 -13.64 28.71 -0.77
CA LEU A 557 -14.38 29.73 -0.06
C LEU A 557 -14.37 29.48 1.46
N PHE A 558 -15.26 28.61 1.98
CA PHE A 558 -15.13 28.19 3.39
C PHE A 558 -13.75 27.61 3.40
N ALA A 559 -12.94 27.97 4.39
CA ALA A 559 -11.53 27.56 4.40
C ALA A 559 -10.79 28.19 5.53
N ARG A 560 -11.47 29.17 6.13
CA ARG A 560 -10.89 30.15 7.05
C ARG A 560 -12.00 30.61 7.93
N SER A 561 -13.23 30.40 7.44
CA SER A 561 -14.47 30.93 8.06
C SER A 561 -15.55 29.88 8.06
N SER A 562 -15.26 28.73 7.46
CA SER A 562 -16.27 27.68 7.27
C SER A 562 -17.51 27.77 8.18
N ARG A 563 -18.67 27.90 7.51
CA ARG A 563 -19.97 27.92 8.18
C ARG A 563 -20.19 26.78 9.18
N LEU A 564 -19.13 26.13 9.65
CA LEU A 564 -19.30 25.01 10.57
C LEU A 564 -18.05 24.59 11.33
N ILE A 565 -17.30 25.60 11.78
CA ILE A 565 -16.17 25.55 12.77
C ILE A 565 -15.62 26.99 12.71
N PRO A 566 -16.53 27.99 12.86
CA PRO A 566 -16.43 29.26 12.12
C PRO A 566 -15.39 30.18 12.71
N ASP A 567 -14.17 30.14 12.15
CA ASP A 567 -13.00 30.67 12.87
C ASP A 567 -11.66 30.03 12.49
N LYS A 568 -11.58 29.40 11.32
CA LYS A 568 -10.57 28.35 11.15
C LYS A 568 -9.18 28.75 11.60
N ALA A 569 -8.66 29.85 11.03
CA ALA A 569 -7.29 30.38 11.29
C ALA A 569 -6.89 30.27 12.76
N ASN A 570 -6.75 29.04 13.19
CA ASN A 570 -6.82 28.68 14.57
C ASN A 570 -6.38 27.26 14.61
N LEU A 571 -6.16 26.70 13.41
CA LEU A 571 -5.49 25.41 13.25
C LEU A 571 -4.27 25.32 12.29
N GLY A 572 -4.11 26.27 11.35
CA GLY A 572 -3.00 26.26 10.35
C GLY A 572 -3.42 26.01 8.89
N PHE A 573 -2.49 25.69 7.96
CA PHE A 573 -2.97 25.31 6.61
C PHE A 573 -3.45 23.87 6.56
N ARG A 574 -2.53 22.93 6.69
CA ARG A 574 -2.91 21.52 6.80
C ARG A 574 -4.01 21.37 7.85
N PHE A 575 -3.64 21.30 9.12
CA PHE A 575 -4.60 21.01 10.22
C PHE A 575 -5.48 19.80 9.86
N PRO A 576 -5.35 18.72 10.65
CA PRO A 576 -6.13 17.52 10.40
C PRO A 576 -7.59 17.89 10.28
N CYS A 577 -8.43 17.28 11.10
CA CYS A 577 -9.84 17.66 11.18
C CYS A 577 -10.11 18.53 12.40
N ASP A 578 -11.09 18.12 13.20
CA ASP A 578 -11.22 18.60 14.56
C ASP A 578 -12.16 17.64 15.26
N GLY A 579 -13.39 18.08 15.52
CA GLY A 579 -14.24 17.47 16.52
C GLY A 579 -14.62 16.06 16.17
N PRO A 580 -14.44 15.15 17.12
CA PRO A 580 -15.29 13.98 17.19
C PRO A 580 -16.69 14.47 17.52
N GLY A 581 -16.74 15.69 18.07
CA GLY A 581 -17.96 16.43 18.36
C GLY A 581 -18.64 17.04 17.15
N ARG A 582 -19.66 17.84 17.41
CA ARG A 582 -20.57 18.28 16.36
C ARG A 582 -20.88 17.05 15.54
N GLY A 583 -20.63 15.91 16.16
CA GLY A 583 -20.86 14.59 15.60
C GLY A 583 -20.21 14.35 14.25
N GLY A 584 -18.91 14.56 14.16
CA GLY A 584 -18.15 14.10 12.99
C GLY A 584 -17.55 15.18 12.14
N THR A 585 -16.67 15.96 12.73
CA THR A 585 -15.98 16.98 11.97
C THR A 585 -14.63 16.41 11.59
N CYS A 586 -14.44 16.10 10.31
CA CYS A 586 -13.11 15.80 9.77
C CYS A 586 -12.88 16.50 8.42
N GLN A 587 -11.81 16.10 7.73
CA GLN A 587 -11.57 16.59 6.36
C GLN A 587 -12.30 17.91 6.26
N VAL A 588 -11.77 18.91 6.97
CA VAL A 588 -12.30 20.25 6.87
C VAL A 588 -11.30 21.10 6.08
N SER A 589 -10.04 21.18 6.52
CA SER A 589 -8.93 21.88 5.77
C SER A 589 -9.10 21.78 4.29
N ALA A 590 -8.78 22.88 3.63
CA ALA A 590 -8.50 22.86 2.20
C ALA A 590 -7.27 21.97 1.96
N TRP A 591 -6.28 22.03 2.85
CA TRP A 591 -5.12 21.17 2.74
C TRP A 591 -5.68 19.80 2.51
N ASP A 592 -6.72 19.45 3.27
CA ASP A 592 -7.39 18.17 3.00
C ASP A 592 -8.60 18.24 2.04
N HIS A 593 -9.09 19.46 1.77
CA HIS A 593 -9.99 19.68 0.64
C HIS A 593 -9.14 19.42 -0.60
N VAL A 594 -7.84 19.68 -0.48
CA VAL A 594 -6.88 19.33 -1.55
C VAL A 594 -6.48 17.85 -1.51
N PHE A 595 -6.39 17.27 -0.32
CA PHE A 595 -6.08 15.85 -0.20
C PHE A 595 -7.04 14.93 -0.98
N LEU A 596 -8.10 15.50 -1.50
CA LEU A 596 -8.95 14.76 -2.41
C LEU A 596 -9.31 15.65 -3.55
N GLY A 597 -9.08 16.96 -3.40
CA GLY A 597 -8.97 17.82 -4.55
C GLY A 597 -8.34 17.00 -5.67
N LEU A 598 -7.15 16.44 -5.42
CA LEU A 598 -6.49 15.57 -6.40
C LEU A 598 -7.43 14.41 -6.69
N PHE A 599 -7.49 13.38 -5.82
CA PHE A 599 -7.82 11.97 -6.26
C PHE A 599 -8.57 11.96 -7.56
N TRP A 600 -9.69 12.70 -7.57
CA TRP A 600 -10.52 12.82 -8.74
C TRP A 600 -9.77 13.22 -10.02
N MET A 601 -8.96 14.29 -9.97
CA MET A 601 -8.13 14.71 -11.15
C MET A 601 -7.59 13.49 -11.84
N TYR A 602 -6.75 12.77 -11.09
CA TYR A 602 -6.38 11.43 -11.41
C TYR A 602 -7.59 10.70 -11.99
N ASN A 603 -8.71 10.65 -11.24
CA ASN A 603 -9.93 10.09 -11.84
C ASN A 603 -10.37 10.84 -13.16
N SER A 604 -10.01 12.14 -13.27
CA SER A 604 -10.40 12.99 -14.42
C SER A 604 -9.35 13.22 -15.49
N ILE A 605 -8.11 13.53 -15.12
CA ILE A 605 -6.97 13.50 -16.07
C ILE A 605 -6.71 12.04 -16.45
N SER A 606 -6.57 11.19 -15.43
CA SER A 606 -6.44 9.75 -15.62
C SER A 606 -7.77 9.15 -16.06
N VAL A 607 -8.78 10.01 -16.19
CA VAL A 607 -9.69 9.87 -17.34
C VAL A 607 -9.38 10.95 -18.41
N VAL A 608 -10.01 10.81 -19.58
CA VAL A 608 -9.83 11.81 -20.64
C VAL A 608 -8.61 11.42 -21.50
N ILE A 609 -7.44 11.32 -20.90
CA ILE A 609 -6.43 10.59 -21.60
C ILE A 609 -7.19 9.47 -22.24
N PHE A 610 -7.70 8.54 -21.44
CA PHE A 610 -8.40 7.37 -22.00
C PHE A 610 -9.20 7.65 -23.26
N HIS A 611 -10.22 8.52 -23.17
CA HIS A 611 -11.11 8.73 -24.34
C HIS A 611 -10.28 8.94 -25.56
N PHE A 612 -9.34 9.87 -25.45
CA PHE A 612 -8.33 10.07 -26.46
C PHE A 612 -7.79 8.78 -27.12
N SER A 613 -7.01 8.00 -26.36
CA SER A 613 -6.44 6.72 -26.87
C SER A 613 -7.46 5.57 -27.03
N TRP A 614 -8.37 5.77 -28.00
CA TRP A 614 -9.34 4.82 -28.53
C TRP A 614 -10.11 5.64 -29.53
N LYS A 615 -9.70 6.89 -29.67
CA LYS A 615 -10.08 7.65 -30.84
C LYS A 615 -8.88 7.59 -31.83
N MET A 616 -7.82 8.34 -31.55
CA MET A 616 -6.47 8.11 -32.14
C MET A 616 -6.17 6.62 -32.06
N GLN A 617 -6.41 5.93 -33.16
CA GLN A 617 -6.47 4.48 -33.07
C GLN A 617 -7.91 4.09 -33.34
N SER A 618 -8.17 2.78 -33.44
CA SER A 618 -9.51 2.29 -33.60
C SER A 618 -10.31 3.19 -34.55
N ASP A 619 -10.26 4.51 -34.33
CA ASP A 619 -10.96 5.42 -35.21
C ASP A 619 -10.20 6.68 -35.65
N VAL A 620 -8.87 6.57 -35.82
CA VAL A 620 -8.07 7.61 -36.51
C VAL A 620 -6.81 7.05 -37.12
N TRP A 621 -6.07 6.22 -36.39
CA TRP A 621 -4.82 5.74 -36.93
C TRP A 621 -5.11 4.77 -38.02
N GLY A 622 -4.10 4.58 -38.83
CA GLY A 622 -4.23 3.77 -40.02
C GLY A 622 -2.90 3.18 -40.40
N THR A 623 -2.83 2.77 -41.65
CA THR A 623 -1.97 1.71 -42.07
C THR A 623 -1.79 1.82 -43.57
N ILE A 624 -2.92 1.68 -44.28
CA ILE A 624 -2.97 1.55 -45.74
C ILE A 624 -2.97 0.07 -46.26
N ASN A 625 -3.56 -0.07 -47.44
CA ASN A 625 -3.58 -1.27 -48.23
C ASN A 625 -3.78 -0.67 -49.62
N ASP A 626 -4.92 -1.00 -50.24
CA ASP A 626 -5.71 -0.16 -51.17
C ASP A 626 -6.91 -0.87 -51.83
N GLN A 627 -8.05 -0.15 -51.79
CA GLN A 627 -9.17 -0.14 -52.76
C GLN A 627 -10.15 0.96 -52.30
N GLY A 628 -9.68 1.78 -51.36
CA GLY A 628 -10.43 2.92 -50.76
C GLY A 628 -10.57 2.80 -49.26
N VAL A 629 -9.50 2.35 -48.61
CA VAL A 629 -9.65 1.56 -47.40
C VAL A 629 -8.47 1.66 -46.38
N VAL A 630 -8.64 2.53 -45.39
CA VAL A 630 -7.51 2.92 -44.50
C VAL A 630 -7.02 1.94 -43.40
N THR A 631 -7.95 1.15 -42.83
CA THR A 631 -7.57 0.06 -41.91
C THR A 631 -6.95 0.54 -40.59
N HIS A 632 -7.76 0.59 -39.51
CA HIS A 632 -7.26 1.09 -38.21
C HIS A 632 -6.73 0.04 -37.20
N ILE A 633 -5.85 0.52 -36.30
CA ILE A 633 -5.12 -0.29 -35.31
C ILE A 633 -6.10 -1.28 -34.79
N THR A 634 -7.27 -0.77 -34.38
CA THR A 634 -8.47 -1.57 -34.06
C THR A 634 -9.66 -1.15 -34.94
N ALA A 635 -10.83 -1.68 -34.61
CA ALA A 635 -12.02 -1.56 -35.46
C ALA A 635 -12.66 -0.19 -35.35
N GLY A 636 -13.48 0.17 -36.32
CA GLY A 636 -14.47 1.20 -36.10
C GLY A 636 -15.43 0.62 -35.08
N ASN A 637 -14.85 -0.04 -34.08
CA ASN A 637 -15.55 -0.66 -32.94
C ASN A 637 -16.33 0.42 -32.20
N PHE A 638 -15.80 0.75 -31.02
CA PHE A 638 -15.93 2.08 -30.43
C PHE A 638 -17.31 2.76 -30.58
N ALA A 639 -17.51 3.39 -31.72
CA ALA A 639 -18.77 3.91 -32.08
C ALA A 639 -19.94 3.28 -31.28
N GLN A 640 -20.08 1.94 -31.32
CA GLN A 640 -21.16 1.23 -30.60
C GLN A 640 -20.73 0.10 -29.66
N SER A 641 -19.43 0.06 -29.36
CA SER A 641 -18.90 -0.84 -28.31
C SER A 641 -17.96 -0.08 -27.33
N SER A 642 -18.10 1.26 -27.33
CA SER A 642 -17.78 2.14 -26.15
C SER A 642 -18.92 3.14 -25.67
N ILE A 643 -20.16 2.88 -26.11
CA ILE A 643 -21.36 3.44 -25.49
C ILE A 643 -21.53 2.89 -24.03
N THR A 644 -22.24 1.76 -23.87
CA THR A 644 -22.18 0.93 -22.65
C THR A 644 -20.85 1.12 -21.90
N ILE A 645 -20.97 1.32 -20.58
CA ILE A 645 -19.86 1.51 -19.64
C ILE A 645 -18.78 0.48 -19.86
N ASN A 646 -19.17 -0.77 -19.63
CA ASN A 646 -18.34 -1.93 -19.90
C ASN A 646 -17.34 -1.81 -21.09
N GLY A 647 -17.86 -1.67 -22.31
CA GLY A 647 -17.07 -1.69 -23.56
C GLY A 647 -15.60 -1.34 -23.47
N TRP A 648 -15.15 -1.09 -22.25
CA TRP A 648 -13.87 -0.49 -21.95
C TRP A 648 -13.09 -1.46 -21.08
N LEU A 649 -13.42 -2.74 -21.22
CA LEU A 649 -12.81 -3.84 -20.48
C LEU A 649 -13.02 -5.10 -21.34
N ARG A 650 -14.25 -5.28 -21.82
CA ARG A 650 -14.42 -6.06 -23.08
C ARG A 650 -13.31 -5.55 -24.00
N ASP A 651 -13.56 -4.42 -24.67
CA ASP A 651 -12.60 -3.80 -25.58
C ASP A 651 -11.98 -2.46 -25.10
N PHE A 652 -11.25 -2.51 -23.98
CA PHE A 652 -10.22 -1.52 -23.67
C PHE A 652 -9.21 -2.14 -22.72
N LEU A 653 -9.59 -3.29 -22.22
CA LEU A 653 -8.74 -4.14 -21.41
C LEU A 653 -9.07 -5.59 -21.90
N TRP A 654 -8.39 -6.62 -21.38
CA TRP A 654 -8.29 -7.90 -22.07
C TRP A 654 -8.45 -7.91 -23.62
N ALA A 655 -8.86 -6.81 -24.25
CA ALA A 655 -8.76 -6.79 -25.71
C ALA A 655 -7.38 -6.19 -26.02
N GLN A 656 -6.94 -5.33 -25.09
CA GLN A 656 -5.58 -4.83 -25.05
C GLN A 656 -4.89 -5.55 -23.88
N ALA A 657 -3.77 -4.98 -23.43
CA ALA A 657 -2.98 -5.49 -22.28
C ALA A 657 -2.16 -6.70 -22.65
N SER A 658 -2.76 -7.51 -23.51
CA SER A 658 -2.09 -8.55 -24.26
C SER A 658 -0.64 -8.14 -24.51
N GLN A 659 -0.51 -6.94 -25.04
CA GLN A 659 0.72 -6.18 -25.07
C GLN A 659 1.60 -6.42 -23.88
N VAL A 660 1.05 -6.20 -22.69
CA VAL A 660 1.80 -6.18 -21.46
C VAL A 660 1.59 -7.48 -20.68
N ILE A 661 0.38 -8.01 -20.71
CA ILE A 661 0.05 -9.30 -20.08
C ILE A 661 1.08 -10.42 -20.30
N GLN A 662 1.31 -10.74 -21.58
CA GLN A 662 2.35 -11.69 -22.05
C GLN A 662 3.75 -11.03 -21.98
N SER A 663 4.13 -10.32 -23.05
CA SER A 663 5.11 -9.22 -22.95
C SER A 663 6.35 -9.37 -22.02
N TYR A 664 6.63 -10.56 -21.51
CA TYR A 664 7.92 -10.75 -20.85
C TYR A 664 9.03 -11.03 -21.87
N GLY A 665 10.16 -11.56 -21.38
CA GLY A 665 11.26 -12.05 -22.21
C GLY A 665 11.35 -11.35 -23.55
N SER A 666 11.71 -10.06 -23.49
CA SER A 666 11.47 -9.12 -24.57
C SER A 666 12.00 -7.75 -24.19
N SER A 667 11.18 -6.72 -24.45
CA SER A 667 11.54 -5.33 -24.25
C SER A 667 10.30 -4.50 -23.84
N LEU A 668 9.12 -5.11 -24.08
CA LEU A 668 7.88 -4.83 -23.35
C LEU A 668 8.14 -5.26 -21.91
N SER A 669 9.33 -5.84 -21.71
CA SER A 669 9.90 -6.26 -20.44
C SER A 669 10.33 -5.09 -19.50
N ALA A 670 9.34 -4.25 -19.19
CA ALA A 670 9.44 -3.24 -18.16
C ALA A 670 7.99 -2.90 -17.86
N TYR A 671 7.20 -2.83 -18.91
CA TYR A 671 5.80 -2.61 -18.76
C TYR A 671 5.08 -3.93 -18.35
N GLY A 672 5.76 -5.06 -18.53
CA GLY A 672 5.37 -6.26 -17.82
C GLY A 672 6.01 -6.25 -16.44
N LEU A 673 6.96 -5.31 -16.22
CA LEU A 673 7.61 -5.17 -14.90
C LEU A 673 7.25 -3.94 -14.01
N PHE A 674 6.67 -2.90 -14.58
CA PHE A 674 6.20 -1.73 -13.79
C PHE A 674 4.87 -1.85 -13.05
N PHE A 675 3.75 -1.73 -13.77
CA PHE A 675 2.40 -1.80 -13.15
C PHE A 675 2.17 -3.02 -12.26
N LEU A 676 3.10 -3.96 -12.30
CA LEU A 676 3.16 -4.96 -11.27
C LEU A 676 3.34 -4.20 -9.96
N GLY A 677 4.59 -3.98 -9.59
CA GLY A 677 4.92 -3.07 -8.54
C GLY A 677 4.45 -1.65 -8.84
N ALA A 678 3.52 -1.51 -9.78
CA ALA A 678 2.68 -0.29 -9.82
C ALA A 678 1.23 -0.52 -9.29
N HIS A 679 0.75 -1.77 -9.39
CA HIS A 679 -0.55 -2.17 -8.84
C HIS A 679 -0.44 -2.26 -7.33
N PHE A 680 0.50 -3.06 -6.85
CA PHE A 680 1.02 -2.82 -5.50
C PHE A 680 1.77 -1.48 -5.61
N VAL A 681 1.43 -0.51 -4.75
CA VAL A 681 1.82 0.91 -4.93
C VAL A 681 0.85 1.59 -5.90
N TRP A 682 -0.30 0.95 -6.10
CA TRP A 682 -1.59 1.65 -6.12
C TRP A 682 -2.19 1.16 -4.84
N ALA A 683 -1.73 -0.03 -4.47
CA ALA A 683 -2.32 -0.86 -3.43
C ALA A 683 -1.92 -0.41 -2.01
N PHE A 684 -0.70 -0.76 -1.61
CA PHE A 684 0.01 -0.13 -0.51
C PHE A 684 -0.18 1.42 -0.45
N SER A 685 -1.39 1.85 -0.82
CA SER A 685 -1.93 3.16 -0.44
C SER A 685 -2.90 2.97 0.75
N LEU A 686 -4.02 2.28 0.42
CA LEU A 686 -5.18 2.05 1.25
C LEU A 686 -4.82 1.58 2.62
N MET A 687 -3.66 0.94 2.75
CA MET A 687 -3.22 0.41 4.04
C MET A 687 -2.94 1.54 5.03
N PHE A 688 -2.47 2.67 4.47
CA PHE A 688 -2.16 3.90 5.16
C PHE A 688 -3.34 4.82 5.00
N LEU A 689 -4.17 4.61 3.97
CA LEU A 689 -5.29 5.54 3.69
C LEU A 689 -6.72 5.17 4.16
N PHE A 690 -7.03 3.86 4.16
CA PHE A 690 -8.24 3.28 4.80
C PHE A 690 -8.03 3.12 6.31
N SER A 691 -6.76 3.01 6.72
CA SER A 691 -6.36 2.62 8.10
C SER A 691 -6.66 3.67 9.11
N GLY A 692 -6.47 3.29 10.37
CA GLY A 692 -6.49 4.22 11.47
C GLY A 692 -5.11 4.80 11.72
N ARG A 693 -5.02 5.70 12.69
CA ARG A 693 -3.79 6.40 12.97
C ARG A 693 -3.37 6.17 14.41
N GLY A 694 -4.31 6.35 15.33
CA GLY A 694 -4.06 5.97 16.73
C GLY A 694 -3.69 4.50 16.71
N TYR A 695 -4.48 3.73 15.95
CA TYR A 695 -4.15 2.34 15.56
C TYR A 695 -3.00 2.33 14.60
N TRP A 696 -1.89 1.86 15.14
CA TRP A 696 -0.53 2.03 14.64
C TRP A 696 0.34 2.58 15.80
N GLN A 697 0.05 3.79 16.31
CA GLN A 697 0.78 4.27 17.50
C GLN A 697 0.63 3.28 18.64
N GLU A 698 -0.58 3.20 19.19
CA GLU A 698 -1.07 2.00 19.92
C GLU A 698 -0.23 0.71 19.70
N LEU A 699 0.24 0.56 18.46
CA LEU A 699 1.05 -0.60 18.13
C LEU A 699 2.52 -0.48 18.57
N ILE A 700 3.21 0.56 18.07
CA ILE A 700 4.69 0.64 18.10
C ILE A 700 5.33 0.64 19.48
N GLU A 701 4.54 0.41 20.51
CA GLU A 701 5.02 -0.31 21.70
C GLU A 701 5.10 -1.79 21.28
N SER A 702 4.54 -2.67 22.10
CA SER A 702 4.45 -4.08 21.75
C SER A 702 5.80 -4.53 21.25
N ILE A 703 6.07 -4.22 19.99
CA ILE A 703 7.37 -4.43 19.41
C ILE A 703 8.33 -3.82 20.40
N VAL A 704 8.19 -2.51 20.66
CA VAL A 704 9.06 -1.76 21.60
C VAL A 704 9.69 -2.60 22.72
N TRP A 705 8.87 -3.46 23.33
CA TRP A 705 9.28 -4.36 24.43
C TRP A 705 10.50 -5.19 24.03
N ALA A 706 10.47 -5.71 22.80
CA ALA A 706 11.60 -6.45 22.23
C ALA A 706 12.94 -5.71 22.35
N HIS A 707 13.06 -4.53 21.73
CA HIS A 707 14.29 -3.69 21.86
C HIS A 707 14.62 -3.41 23.32
N ASN A 708 13.92 -2.41 23.87
CA ASN A 708 13.96 -1.98 25.28
C ASN A 708 14.31 -3.13 26.22
N LYS A 709 13.34 -3.97 26.55
CA LYS A 709 13.63 -5.11 27.42
C LYS A 709 14.41 -5.99 26.48
N LEU A 710 15.73 -5.90 26.64
CA LEU A 710 16.79 -6.33 25.68
C LEU A 710 17.54 -5.12 25.20
N LYS A 711 17.29 -4.02 25.92
CA LYS A 711 17.97 -2.71 25.78
C LYS A 711 18.67 -2.50 24.43
N VAL A 712 17.93 -1.81 23.56
CA VAL A 712 18.36 -1.40 22.23
C VAL A 712 17.73 -0.04 22.08
N ALA A 713 16.43 -0.08 21.74
CA ALA A 713 15.45 1.04 21.73
C ALA A 713 15.97 2.50 21.51
N PRO A 714 15.14 3.35 20.91
CA PRO A 714 15.59 4.64 20.47
C PRO A 714 15.72 5.65 21.61
N ALA A 715 14.81 6.64 21.65
CA ALA A 715 14.95 7.89 22.41
C ALA A 715 14.46 9.02 21.51
N THR A 716 14.60 8.81 20.20
CA THR A 716 13.65 9.37 19.24
C THR A 716 12.45 8.40 19.26
N GLN A 717 11.69 8.45 20.37
CA GLN A 717 10.60 7.52 20.68
C GLN A 717 9.75 7.23 19.45
N PRO A 718 9.85 5.97 18.94
CA PRO A 718 9.48 5.68 17.57
C PRO A 718 7.97 5.73 17.35
N ARG A 719 7.39 6.92 17.40
CA ARG A 719 5.92 7.07 17.29
C ARG A 719 5.42 6.77 15.84
N ALA A 720 4.12 6.57 15.66
CA ALA A 720 3.60 6.09 14.36
C ALA A 720 2.85 7.10 13.50
N LEU A 721 3.58 7.66 12.53
CA LEU A 721 3.09 8.54 11.44
C LEU A 721 1.77 9.32 11.64
N SER A 722 1.94 10.64 11.71
CA SER A 722 0.93 11.72 11.92
C SER A 722 -0.22 11.97 10.90
N ILE A 723 -1.37 11.32 11.13
CA ILE A 723 -2.66 11.58 10.44
C ILE A 723 -2.50 12.23 9.07
N VAL A 724 -2.38 13.56 9.06
CA VAL A 724 -2.18 14.30 7.83
C VAL A 724 -1.10 13.58 6.99
N GLN A 725 -0.01 13.21 7.66
CA GLN A 725 1.13 12.58 7.02
C GLN A 725 0.76 11.31 6.23
N GLY A 726 -0.41 10.76 6.53
CA GLY A 726 -0.89 9.49 5.96
C GLY A 726 -2.25 9.72 5.34
N ARG A 727 -2.60 11.01 5.29
CA ARG A 727 -3.41 11.56 4.20
C ARG A 727 -2.37 12.36 3.43
N ALA A 728 -1.14 11.89 3.54
CA ALA A 728 -0.02 12.37 2.75
C ALA A 728 0.82 11.17 2.29
N VAL A 729 0.14 10.08 1.96
CA VAL A 729 0.80 8.93 1.37
C VAL A 729 -0.17 8.11 0.53
N GLY A 730 -1.29 7.69 1.12
CA GLY A 730 -2.31 7.01 0.32
C GLY A 730 -2.84 8.00 -0.71
N VAL A 731 -2.13 9.13 -0.85
CA VAL A 731 -2.45 10.22 -1.79
C VAL A 731 -1.39 10.30 -2.86
N THR A 732 -0.18 10.41 -2.38
CA THR A 732 0.93 10.15 -3.21
C THR A 732 0.81 8.71 -3.74
N HIS A 733 0.71 7.70 -2.88
CA HIS A 733 0.80 6.26 -3.29
C HIS A 733 -0.28 5.69 -4.18
N TYR A 734 -1.53 5.85 -3.75
CA TYR A 734 -2.64 5.71 -4.69
C TYR A 734 -2.09 6.34 -5.93
N LEU A 735 -1.78 7.64 -5.77
CA LEU A 735 -1.52 8.61 -6.83
C LEU A 735 -0.13 8.55 -7.45
N LEU A 736 0.70 7.60 -7.06
CA LEU A 736 1.77 7.15 -7.93
C LEU A 736 1.20 5.99 -8.69
N GLY A 737 0.62 5.06 -7.90
CA GLY A 737 0.08 3.76 -8.32
C GLY A 737 -0.65 3.56 -9.64
N GLY A 738 -1.85 4.13 -9.76
CA GLY A 738 -2.63 4.02 -10.98
C GLY A 738 -2.21 5.02 -12.04
N ILE A 739 -0.91 5.25 -12.17
CA ILE A 739 -0.40 6.13 -13.25
C ILE A 739 0.58 5.31 -14.09
N ALA A 740 1.81 5.15 -13.59
CA ALA A 740 2.83 4.26 -14.17
C ALA A 740 2.09 3.12 -14.77
N THR A 741 1.35 2.47 -13.88
CA THR A 741 0.47 1.39 -14.23
C THR A 741 -0.05 1.54 -15.65
N THR A 742 -0.57 2.75 -15.91
CA THR A 742 -1.34 2.99 -17.12
C THR A 742 -0.38 3.53 -18.16
N TRP A 743 0.89 3.47 -17.81
CA TRP A 743 1.98 4.00 -18.58
C TRP A 743 2.98 2.86 -18.63
N ALA A 744 2.83 1.97 -17.65
CA ALA A 744 3.35 0.64 -17.82
C ALA A 744 2.50 0.06 -18.94
N PHE A 745 1.19 0.30 -18.87
CA PHE A 745 0.21 -0.22 -19.84
C PHE A 745 0.24 0.51 -21.18
N PHE A 746 -0.41 1.66 -21.19
CA PHE A 746 -0.57 2.41 -22.42
C PHE A 746 0.83 2.85 -22.72
N LEU A 747 1.29 2.29 -23.82
CA LEU A 747 2.69 2.18 -24.10
C LEU A 747 2.66 0.97 -25.00
N ALA A 748 3.45 -0.04 -24.64
CA ALA A 748 3.40 -1.42 -25.14
C ALA A 748 2.13 -1.86 -25.91
N ARG A 749 0.99 -1.21 -25.70
CA ARG A 749 -0.12 -1.41 -26.61
C ARG A 749 0.44 -0.92 -27.91
N ILE A 750 0.72 0.38 -27.91
CA ILE A 750 1.32 1.14 -29.02
C ILE A 750 2.80 0.74 -29.33
N ILE A 751 3.08 0.38 -30.59
CA ILE A 751 4.24 -0.46 -30.97
C ILE A 751 3.78 -1.94 -30.97
N ALA A 752 3.89 -2.59 -32.13
CA ALA A 752 3.28 -3.91 -32.39
C ALA A 752 1.81 -3.92 -31.90
N VAL A 753 0.90 -3.78 -32.87
CA VAL A 753 -0.40 -3.11 -32.70
C VAL A 753 -0.12 -1.78 -32.03
N GLY A 754 0.93 -1.09 -32.52
CA GLY A 754 1.24 0.29 -32.17
C GLY A 754 1.42 1.25 -33.35
N ALA B 1 -38.49 16.90 22.56
CA ALA B 1 -38.29 17.29 21.14
C ALA B 1 -38.00 16.05 20.26
N LEU B 2 -39.04 15.53 19.61
CA LEU B 2 -39.04 14.17 19.04
C LEU B 2 -38.95 13.14 20.19
N ARG B 3 -40.08 12.46 20.45
CA ARG B 3 -40.20 11.43 21.51
C ARG B 3 -39.81 10.03 20.99
N ILE B 4 -40.46 9.60 19.90
CA ILE B 4 -40.17 8.34 19.17
C ILE B 4 -38.70 8.30 18.71
N PRO B 5 -38.20 7.10 18.32
CA PRO B 5 -38.78 5.75 18.46
C PRO B 5 -38.77 5.19 19.88
N ARG B 6 -37.85 4.28 20.17
CA ARG B 6 -37.83 3.58 21.46
C ARG B 6 -36.46 3.33 22.08
N PHE B 7 -36.29 2.13 22.63
CA PHE B 7 -35.11 1.75 23.40
C PHE B 7 -34.17 2.92 23.73
N SER B 8 -34.45 3.50 24.90
CA SER B 8 -33.73 4.64 25.46
C SER B 8 -34.28 5.96 25.00
N GLN B 9 -33.99 6.97 25.81
CA GLN B 9 -34.26 8.36 25.51
C GLN B 9 -33.29 8.64 24.39
N GLY B 10 -32.03 8.40 24.74
CA GLY B 10 -30.87 8.96 24.09
C GLY B 10 -31.10 9.40 22.67
N ILE B 11 -30.99 8.43 21.79
CA ILE B 11 -31.03 8.66 20.37
C ILE B 11 -32.47 8.71 19.82
N ALA B 12 -33.45 8.28 20.62
CA ALA B 12 -34.86 8.35 20.21
C ALA B 12 -35.46 9.75 20.32
N GLN B 13 -34.88 10.60 21.15
CA GLN B 13 -35.29 12.02 21.17
C GLN B 13 -34.47 12.83 20.15
N ASP B 14 -33.21 12.45 20.00
CA ASP B 14 -32.28 12.94 18.99
C ASP B 14 -32.93 13.23 17.60
N PRO B 15 -32.52 14.34 16.94
CA PRO B 15 -33.27 14.91 15.83
C PRO B 15 -32.54 14.92 14.46
N THR B 16 -31.78 13.88 14.14
CA THR B 16 -31.23 13.80 12.79
C THR B 16 -31.14 12.37 12.34
N THR B 17 -31.51 12.16 11.09
CA THR B 17 -31.23 10.95 10.31
C THR B 17 -30.56 9.81 11.11
N ARG B 18 -29.75 10.17 12.10
CA ARG B 18 -29.08 9.22 13.01
C ARG B 18 -29.98 8.09 13.52
N ARG B 19 -30.80 8.40 14.54
CA ARG B 19 -32.01 7.64 14.82
C ARG B 19 -32.13 6.51 13.80
N ILE B 20 -32.49 6.84 12.56
CA ILE B 20 -32.76 5.81 11.56
C ILE B 20 -31.52 4.93 11.25
N TRP B 21 -30.34 5.53 11.13
CA TRP B 21 -29.10 4.74 11.19
C TRP B 21 -29.13 4.13 12.58
N PHE B 22 -28.85 4.97 13.59
CA PHE B 22 -28.92 4.60 15.03
C PHE B 22 -30.36 4.43 15.53
N GLY B 23 -31.08 3.60 14.78
CA GLY B 23 -32.13 2.74 15.23
C GLY B 23 -31.57 1.52 14.56
N ILE B 24 -31.96 1.34 13.29
CA ILE B 24 -31.62 0.17 12.46
C ILE B 24 -30.24 -0.44 12.72
N ALA B 25 -29.15 0.30 12.54
CA ALA B 25 -27.84 -0.23 12.94
C ALA B 25 -27.89 -0.95 14.30
N THR B 26 -27.47 -0.27 15.36
CA THR B 26 -27.57 -0.76 16.75
C THR B 26 -28.98 -1.24 17.13
N ALA B 27 -29.46 -2.29 16.47
CA ALA B 27 -30.83 -2.75 16.75
C ALA B 27 -30.95 -4.20 17.29
N HIS B 28 -29.85 -4.94 17.29
CA HIS B 28 -29.73 -6.10 18.14
C HIS B 28 -28.58 -5.83 19.15
N ASP B 29 -28.56 -4.62 19.73
CA ASP B 29 -27.51 -4.31 20.72
C ASP B 29 -27.96 -4.44 22.19
N PHE B 30 -29.15 -5.01 22.39
CA PHE B 30 -29.88 -4.91 23.64
C PHE B 30 -29.09 -5.09 24.96
N GLU B 31 -28.01 -5.87 24.92
CA GLU B 31 -27.21 -6.21 26.12
C GLU B 31 -26.46 -5.00 26.72
N SER B 32 -26.88 -3.79 26.32
CA SER B 32 -26.43 -2.51 26.90
C SER B 32 -27.39 -1.47 26.34
N HIS B 33 -28.63 -1.56 26.81
CA HIS B 33 -29.79 -0.89 26.21
C HIS B 33 -30.97 -0.49 27.11
N ASP B 34 -30.66 -0.11 28.37
CA ASP B 34 -31.57 0.60 29.34
C ASP B 34 -33.07 0.25 29.40
N ASP B 35 -33.37 -1.02 29.60
CA ASP B 35 -34.67 -1.58 29.19
C ASP B 35 -34.61 -3.09 29.38
N ILE B 36 -33.54 -3.54 30.03
CA ILE B 36 -33.19 -4.94 30.06
C ILE B 36 -32.76 -5.36 31.47
N THR B 37 -33.60 -6.15 32.13
CA THR B 37 -33.23 -6.85 33.38
C THR B 37 -32.35 -8.06 33.03
N GLU B 38 -31.78 -8.69 34.06
CA GLU B 38 -30.96 -9.91 33.93
C GLU B 38 -31.60 -11.00 33.09
N GLY B 39 -32.92 -10.91 32.92
CA GLY B 39 -33.63 -11.75 31.99
C GLY B 39 -33.61 -10.95 30.71
N ARG B 40 -34.67 -10.18 30.50
CA ARG B 40 -34.90 -9.39 29.29
C ARG B 40 -34.10 -9.75 28.04
N LEU B 41 -32.78 -9.74 28.10
CA LEU B 41 -31.96 -10.15 26.95
C LEU B 41 -31.81 -11.68 26.88
N TYR B 42 -31.44 -12.31 28.00
CA TYR B 42 -31.43 -13.78 28.08
C TYR B 42 -32.78 -14.28 27.65
N GLN B 43 -33.84 -13.67 28.21
CA GLN B 43 -35.25 -13.81 27.79
C GLN B 43 -35.39 -13.65 26.29
N ASN B 44 -34.87 -12.53 25.80
CA ASN B 44 -34.89 -12.12 24.38
C ASN B 44 -34.35 -13.16 23.44
N ILE B 45 -33.05 -13.37 23.50
CA ILE B 45 -32.43 -14.23 22.54
C ILE B 45 -33.33 -15.44 22.27
N PHE B 46 -33.79 -16.13 23.32
CA PHE B 46 -34.56 -17.37 23.16
C PHE B 46 -35.50 -17.28 21.97
N ALA B 47 -36.61 -16.56 22.17
CA ALA B 47 -37.60 -16.46 21.11
C ALA B 47 -36.80 -16.08 19.89
N SER B 48 -35.98 -15.04 20.05
CA SER B 48 -35.20 -14.51 18.95
C SER B 48 -34.66 -15.70 18.24
N HIS B 49 -33.76 -16.43 18.91
CA HIS B 49 -33.01 -17.48 18.24
C HIS B 49 -33.68 -18.86 18.20
N PHE B 50 -34.97 -18.88 18.45
CA PHE B 50 -35.83 -19.64 17.57
C PHE B 50 -35.97 -18.61 16.44
N GLY B 51 -37.14 -17.95 16.41
CA GLY B 51 -37.48 -16.97 15.41
C GLY B 51 -36.91 -17.36 14.06
N GLN B 52 -35.61 -17.17 13.86
CA GLN B 52 -35.07 -17.38 12.50
C GLN B 52 -35.11 -18.87 12.13
N LEU B 53 -34.82 -19.75 13.11
CA LEU B 53 -35.03 -21.17 12.95
C LEU B 53 -36.27 -21.34 12.09
N ALA B 54 -37.15 -20.33 12.17
CA ALA B 54 -38.40 -20.31 11.41
C ALA B 54 -38.08 -20.26 9.96
N ILE B 55 -37.37 -19.20 9.58
CA ILE B 55 -37.19 -18.87 8.16
C ILE B 55 -36.20 -19.84 7.59
N ILE B 56 -35.15 -20.17 8.35
CA ILE B 56 -34.22 -21.19 7.86
C ILE B 56 -35.09 -22.35 7.37
N PHE B 57 -36.10 -22.66 8.16
CA PHE B 57 -37.09 -23.67 7.84
C PHE B 57 -38.08 -23.29 6.72
N LEU B 58 -38.40 -22.00 6.58
CA LEU B 58 -39.07 -21.49 5.38
C LEU B 58 -38.00 -21.04 4.42
N TRP B 59 -36.76 -21.49 4.63
CA TRP B 59 -35.67 -21.22 3.69
C TRP B 59 -35.72 -22.21 2.55
N THR B 60 -36.53 -23.24 2.71
CA THR B 60 -36.29 -24.52 2.07
C THR B 60 -37.55 -25.33 1.85
N SER B 61 -38.46 -25.29 2.81
CA SER B 61 -39.80 -25.75 2.57
C SER B 61 -40.20 -25.16 1.24
N GLY B 62 -39.65 -23.99 0.92
CA GLY B 62 -39.86 -23.37 -0.39
C GLY B 62 -38.99 -24.06 -1.45
N ASN B 63 -37.95 -23.37 -1.92
CA ASN B 63 -36.86 -23.97 -2.70
C ASN B 63 -36.80 -25.52 -2.80
N LEU B 64 -37.18 -26.26 -1.76
CA LEU B 64 -37.80 -27.56 -2.01
C LEU B 64 -39.09 -27.30 -2.81
N PHE B 65 -40.21 -27.04 -2.15
CA PHE B 65 -41.46 -26.69 -2.88
C PHE B 65 -41.19 -26.07 -4.26
N HIS B 66 -40.18 -25.21 -4.29
CA HIS B 66 -39.76 -24.44 -5.45
C HIS B 66 -39.54 -25.35 -6.62
N VAL B 67 -38.75 -26.40 -6.40
CA VAL B 67 -38.43 -27.35 -7.45
C VAL B 67 -39.49 -28.45 -7.53
N ALA B 68 -39.50 -29.18 -8.66
CA ALA B 68 -40.61 -30.05 -9.07
C ALA B 68 -41.72 -29.25 -9.75
N TRP B 69 -41.61 -27.93 -9.67
CA TRP B 69 -42.50 -27.00 -10.39
C TRP B 69 -42.16 -26.80 -11.91
N GLN B 70 -40.94 -26.47 -12.37
CA GLN B 70 -39.67 -26.07 -11.67
C GLN B 70 -39.02 -26.92 -10.60
N GLY B 71 -37.94 -27.65 -10.90
CA GLY B 71 -37.27 -27.68 -12.20
C GLY B 71 -37.65 -28.94 -12.94
N ASN B 72 -36.67 -29.80 -13.22
CA ASN B 72 -36.95 -31.02 -14.02
C ASN B 72 -36.31 -32.31 -13.49
N PHE B 73 -36.59 -32.63 -12.23
CA PHE B 73 -36.01 -33.78 -11.52
C PHE B 73 -36.81 -35.00 -11.90
N GLU B 74 -38.12 -34.95 -11.62
CA GLU B 74 -39.07 -35.95 -12.08
C GLU B 74 -38.85 -36.23 -13.57
N ALA B 75 -38.32 -35.21 -14.26
CA ALA B 75 -37.80 -35.37 -15.61
C ALA B 75 -36.37 -35.93 -15.55
N TRP B 76 -35.47 -35.21 -14.90
CA TRP B 76 -34.05 -35.49 -14.97
C TRP B 76 -33.67 -36.91 -14.53
N VAL B 77 -34.64 -37.62 -13.96
CA VAL B 77 -34.52 -39.05 -13.56
C VAL B 77 -34.12 -40.04 -14.68
N GLN B 78 -34.69 -39.80 -15.86
CA GLN B 78 -34.34 -40.51 -17.10
C GLN B 78 -32.86 -40.50 -17.54
N ASP B 79 -32.07 -39.54 -17.05
CA ASP B 79 -30.63 -39.35 -17.39
C ASP B 79 -29.95 -38.19 -16.61
N PRO B 80 -28.92 -38.51 -15.78
CA PRO B 80 -28.42 -37.73 -14.64
C PRO B 80 -27.04 -37.00 -14.62
N PHE B 81 -26.63 -36.24 -15.65
CA PHE B 81 -25.21 -35.77 -15.67
C PHE B 81 -24.66 -34.53 -16.47
N HIS B 82 -25.46 -33.86 -17.31
CA HIS B 82 -24.88 -32.84 -18.28
C HIS B 82 -24.03 -31.67 -17.71
N VAL B 83 -24.61 -30.57 -17.22
CA VAL B 83 -26.03 -30.18 -17.18
C VAL B 83 -26.01 -28.63 -17.00
N ARG B 84 -27.14 -28.05 -16.59
CA ARG B 84 -27.18 -26.64 -16.25
C ARG B 84 -27.98 -26.49 -14.96
N PRO B 85 -27.59 -27.30 -13.92
CA PRO B 85 -28.32 -27.52 -12.65
C PRO B 85 -29.25 -26.35 -12.34
N ILE B 86 -30.52 -26.64 -12.07
CA ILE B 86 -31.61 -25.70 -12.37
C ILE B 86 -32.22 -25.07 -11.13
N ALA B 87 -32.08 -23.74 -11.02
CA ALA B 87 -32.54 -22.99 -9.86
C ALA B 87 -34.05 -22.61 -9.80
N HIS B 88 -34.47 -21.45 -10.32
CA HIS B 88 -35.80 -20.94 -9.90
C HIS B 88 -36.99 -20.57 -10.88
N ALA B 89 -36.73 -19.80 -11.94
CA ALA B 89 -37.79 -19.24 -12.79
C ALA B 89 -37.79 -17.73 -12.55
N ILE B 90 -37.52 -16.95 -13.59
CA ILE B 90 -37.12 -15.54 -13.41
C ILE B 90 -38.05 -14.51 -14.04
N TRP B 91 -39.02 -14.05 -13.24
CA TRP B 91 -40.10 -13.15 -13.69
C TRP B 91 -39.58 -11.73 -13.79
N ASP B 92 -38.72 -11.50 -14.79
CA ASP B 92 -38.06 -10.21 -14.89
C ASP B 92 -38.55 -9.43 -16.08
N PRO B 93 -39.61 -8.63 -15.86
CA PRO B 93 -40.32 -7.94 -16.96
C PRO B 93 -39.54 -6.89 -17.80
N HIS B 94 -38.21 -6.84 -17.58
CA HIS B 94 -37.28 -6.05 -18.40
C HIS B 94 -36.52 -6.81 -19.52
N PHE B 95 -36.60 -8.14 -19.52
CA PHE B 95 -35.75 -8.96 -20.40
C PHE B 95 -36.27 -9.05 -21.83
N GLY B 96 -35.40 -8.66 -22.79
CA GLY B 96 -35.70 -8.51 -24.23
C GLY B 96 -35.95 -9.85 -24.87
N GLN B 97 -36.98 -9.91 -25.73
CA GLN B 97 -37.53 -11.14 -26.34
C GLN B 97 -36.61 -12.33 -26.50
N PRO B 98 -35.39 -12.09 -26.98
CA PRO B 98 -34.28 -12.99 -26.70
C PRO B 98 -34.20 -13.56 -25.26
N ALA B 99 -35.32 -13.60 -24.50
CA ALA B 99 -35.53 -14.54 -23.37
C ALA B 99 -35.33 -16.01 -23.79
N VAL B 100 -35.83 -16.37 -24.98
CA VAL B 100 -35.27 -17.49 -25.73
C VAL B 100 -33.74 -17.37 -25.70
N GLU B 101 -33.21 -16.50 -26.56
CA GLU B 101 -31.76 -16.21 -26.64
C GLU B 101 -31.18 -15.87 -25.24
N ALA B 102 -32.09 -15.53 -24.33
CA ALA B 102 -31.77 -15.45 -22.91
C ALA B 102 -31.55 -16.85 -22.31
N PHE B 103 -32.50 -17.33 -21.51
CA PHE B 103 -32.19 -18.48 -20.66
C PHE B 103 -33.10 -19.74 -20.89
N THR B 104 -33.78 -19.79 -22.04
CA THR B 104 -34.48 -21.00 -22.52
C THR B 104 -33.50 -22.15 -22.35
N ARG B 105 -33.14 -22.44 -21.12
CA ARG B 105 -32.03 -23.36 -20.86
C ARG B 105 -32.52 -24.77 -20.45
N GLY B 106 -31.68 -25.52 -19.73
CA GLY B 106 -32.01 -26.89 -19.30
C GLY B 106 -33.37 -27.46 -19.70
N GLY B 107 -34.24 -27.66 -18.71
CA GLY B 107 -35.62 -28.10 -18.99
C GLY B 107 -36.58 -26.93 -19.26
N ALA B 108 -36.15 -25.75 -18.81
CA ALA B 108 -36.88 -24.48 -18.92
C ALA B 108 -38.23 -24.46 -19.64
N LEU B 109 -38.33 -23.54 -20.60
CA LEU B 109 -39.59 -23.03 -21.11
C LEU B 109 -39.69 -21.62 -20.56
N GLY B 110 -38.69 -21.23 -19.74
CA GLY B 110 -38.56 -19.89 -19.13
C GLY B 110 -37.10 -19.63 -18.67
N PRO B 111 -36.66 -18.35 -18.66
CA PRO B 111 -35.27 -17.92 -18.62
C PRO B 111 -34.51 -18.35 -17.36
N VAL B 112 -34.83 -19.54 -16.84
CA VAL B 112 -34.38 -20.05 -15.53
C VAL B 112 -32.87 -19.89 -15.13
N ASN B 113 -32.64 -19.77 -13.83
CA ASN B 113 -31.31 -19.69 -13.23
C ASN B 113 -30.59 -21.02 -13.20
N ASN B 114 -29.28 -20.95 -13.37
CA ASN B 114 -28.47 -22.15 -13.36
C ASN B 114 -28.06 -22.52 -11.94
N ALA B 115 -28.86 -23.35 -11.28
CA ALA B 115 -28.58 -23.84 -9.91
C ALA B 115 -27.20 -24.49 -9.69
N TYR B 116 -26.61 -24.12 -8.54
CA TYR B 116 -25.24 -24.45 -8.16
C TYR B 116 -25.18 -24.79 -6.67
N SER B 117 -26.34 -24.84 -6.02
CA SER B 117 -26.43 -25.00 -4.55
C SER B 117 -26.05 -26.41 -4.06
N GLY B 118 -25.58 -27.26 -4.98
CA GLY B 118 -25.18 -28.65 -4.70
C GLY B 118 -26.35 -29.56 -4.34
N VAL B 119 -26.79 -29.45 -3.07
CA VAL B 119 -28.11 -29.84 -2.59
C VAL B 119 -28.91 -30.83 -3.47
N TYR B 120 -29.26 -30.42 -4.68
CA TYR B 120 -29.85 -31.30 -5.71
C TYR B 120 -29.22 -32.72 -5.70
N GLN B 121 -28.10 -32.87 -5.00
CA GLN B 121 -27.49 -34.19 -4.76
C GLN B 121 -27.74 -34.68 -3.31
N TRP B 122 -27.33 -33.87 -2.32
CA TRP B 122 -27.82 -33.96 -0.92
C TRP B 122 -29.32 -34.27 -0.87
N TRP B 123 -30.04 -33.82 -1.90
CA TRP B 123 -31.29 -34.50 -2.26
C TRP B 123 -31.30 -35.26 -3.59
N TYR B 124 -31.00 -36.52 -3.41
CA TYR B 124 -30.95 -37.57 -4.40
C TYR B 124 -30.39 -38.67 -3.53
N THR B 125 -29.49 -38.22 -2.63
CA THR B 125 -28.78 -39.07 -1.68
C THR B 125 -29.78 -39.57 -0.64
N ILE B 126 -30.16 -38.74 0.34
CA ILE B 126 -31.10 -39.18 1.39
C ILE B 126 -32.12 -40.20 0.86
N GLY B 127 -32.72 -39.92 -0.31
CA GLY B 127 -33.65 -40.85 -0.91
C GLY B 127 -34.14 -40.48 -2.29
N LEU B 128 -35.12 -39.57 -2.32
CA LEU B 128 -36.02 -39.30 -3.47
C LEU B 128 -35.45 -38.85 -4.85
N ARG B 129 -36.12 -39.34 -5.90
CA ARG B 129 -36.05 -38.80 -7.25
C ARG B 129 -37.50 -38.50 -7.73
N THR B 130 -38.48 -38.92 -6.92
CA THR B 130 -39.91 -38.64 -7.22
C THR B 130 -40.42 -37.35 -6.53
N ASN B 131 -40.65 -36.32 -7.33
CA ASN B 131 -41.03 -35.02 -6.82
C ASN B 131 -42.48 -35.01 -6.38
N GLU B 132 -43.22 -36.08 -6.73
CA GLU B 132 -44.56 -36.29 -6.20
C GLU B 132 -44.36 -36.88 -4.81
N ASP B 133 -43.11 -37.34 -4.56
CA ASP B 133 -42.63 -37.67 -3.21
C ASP B 133 -41.68 -36.61 -2.62
N LEU B 134 -41.43 -35.55 -3.40
CA LEU B 134 -41.25 -34.23 -2.80
C LEU B 134 -42.67 -33.74 -2.59
N TYR B 135 -42.93 -32.49 -2.94
CA TYR B 135 -44.09 -31.71 -2.44
C TYR B 135 -44.14 -31.70 -0.88
N THR B 136 -43.36 -32.60 -0.26
CA THR B 136 -43.53 -32.96 1.15
C THR B 136 -42.45 -32.37 2.07
N GLY B 137 -41.18 -32.51 1.71
CA GLY B 137 -40.12 -31.87 2.51
C GLY B 137 -40.47 -30.41 2.70
N ALA B 138 -41.13 -29.83 1.69
CA ALA B 138 -41.79 -28.54 1.75
C ALA B 138 -42.69 -28.55 2.96
N ILE B 139 -43.89 -29.09 2.77
CA ILE B 139 -44.86 -29.37 3.86
C ILE B 139 -44.20 -29.84 5.19
N PHE B 140 -43.01 -30.45 5.13
CA PHE B 140 -42.31 -30.80 6.36
C PHE B 140 -41.56 -29.63 6.95
N LEU B 141 -40.74 -28.95 6.18
CA LEU B 141 -40.08 -27.80 6.77
C LEU B 141 -41.07 -26.67 6.94
N LEU B 142 -42.35 -27.04 6.87
CA LEU B 142 -43.47 -26.24 7.33
C LEU B 142 -43.98 -26.87 8.65
N PHE B 143 -44.12 -28.21 8.65
CA PHE B 143 -44.35 -29.07 9.81
C PHE B 143 -43.29 -28.65 10.82
N LEU B 144 -42.37 -27.83 10.32
CA LEU B 144 -41.43 -27.11 11.16
C LEU B 144 -41.31 -25.73 10.55
N SER B 145 -42.01 -24.77 11.15
CA SER B 145 -42.05 -23.36 10.69
C SER B 145 -43.06 -22.58 11.52
N ALA B 146 -44.18 -23.27 11.79
CA ALA B 146 -45.35 -22.78 12.49
C ALA B 146 -45.29 -23.34 13.90
N ILE B 147 -45.36 -24.66 13.94
CA ILE B 147 -44.84 -25.51 15.00
C ILE B 147 -43.79 -24.83 15.92
N SER B 148 -42.65 -24.41 15.36
CA SER B 148 -41.55 -23.86 16.20
C SER B 148 -41.67 -22.39 16.56
N LEU B 149 -42.60 -21.66 15.93
CA LEU B 149 -42.87 -20.27 16.33
C LEU B 149 -43.88 -20.21 17.47
N LEU B 150 -44.30 -21.40 17.92
CA LEU B 150 -44.94 -21.60 19.22
C LEU B 150 -43.85 -21.64 20.32
N ALA B 151 -42.73 -22.28 20.02
CA ALA B 151 -41.48 -22.00 20.74
C ALA B 151 -41.25 -20.49 20.70
N GLY B 152 -41.65 -19.86 19.59
CA GLY B 152 -41.78 -18.41 19.54
C GLY B 152 -42.94 -17.95 20.42
N TRP B 153 -44.10 -17.69 19.80
CA TRP B 153 -45.34 -17.26 20.49
C TRP B 153 -45.16 -17.67 21.92
N LEU B 154 -45.31 -18.97 22.14
CA LEU B 154 -45.56 -19.51 23.47
C LEU B 154 -44.40 -19.39 24.48
N HIS B 155 -43.32 -20.15 24.32
CA HIS B 155 -42.27 -20.14 25.37
C HIS B 155 -41.60 -18.78 25.49
N LEU B 156 -42.14 -17.82 24.74
CA LEU B 156 -42.03 -16.42 25.08
C LEU B 156 -43.34 -16.04 25.76
N GLN B 157 -43.63 -16.73 26.86
CA GLN B 157 -44.70 -16.31 27.76
C GLN B 157 -44.37 -16.66 29.23
N PRO B 158 -44.25 -15.63 30.09
CA PRO B 158 -44.17 -15.88 31.51
C PRO B 158 -45.41 -16.65 31.96
N LYS B 159 -45.19 -17.93 32.30
CA LYS B 159 -46.19 -18.98 32.52
C LYS B 159 -45.39 -20.24 32.20
N TRP B 160 -45.44 -20.67 30.94
CA TRP B 160 -44.37 -21.51 30.37
C TRP B 160 -43.13 -20.67 30.07
N LYS B 161 -42.79 -19.81 31.03
CA LYS B 161 -41.58 -19.01 31.05
C LYS B 161 -40.29 -19.83 30.97
N PRO B 162 -39.18 -19.15 30.60
CA PRO B 162 -37.79 -19.53 30.90
C PRO B 162 -37.40 -19.01 32.32
N SER B 163 -36.12 -19.09 32.68
CA SER B 163 -35.59 -18.51 33.95
C SER B 163 -34.48 -17.49 33.71
N VAL B 164 -33.29 -17.79 34.21
CA VAL B 164 -31.99 -17.21 33.85
C VAL B 164 -31.07 -18.33 34.31
N SER B 165 -31.44 -18.88 35.47
CA SER B 165 -30.63 -19.87 36.15
C SER B 165 -30.48 -21.00 35.18
N TRP B 166 -31.55 -21.75 35.02
CA TRP B 166 -31.83 -22.60 33.88
C TRP B 166 -30.94 -22.38 32.70
N PHE B 167 -30.51 -21.12 32.50
CA PHE B 167 -29.59 -20.73 31.40
C PHE B 167 -28.12 -20.83 31.79
N LYS B 168 -27.78 -20.43 33.02
CA LYS B 168 -26.39 -20.53 33.50
C LYS B 168 -25.95 -21.91 33.99
N ASN B 169 -26.76 -22.95 33.79
CA ASN B 169 -26.55 -24.16 34.59
C ASN B 169 -25.43 -25.07 34.21
N ALA B 170 -24.71 -24.78 33.11
CA ALA B 170 -23.62 -25.65 32.69
C ALA B 170 -24.08 -27.09 32.45
N GLU B 171 -23.84 -27.97 33.42
CA GLU B 171 -24.01 -29.44 33.29
C GLU B 171 -25.41 -30.00 33.02
N SER B 172 -26.04 -29.54 31.94
CA SER B 172 -27.36 -29.97 31.57
C SER B 172 -27.58 -29.41 30.20
N ARG B 173 -27.49 -28.08 30.11
CA ARG B 173 -27.26 -27.39 28.84
C ARG B 173 -25.79 -27.68 28.52
N LEU B 174 -25.54 -28.81 27.86
CA LEU B 174 -24.21 -29.31 27.53
C LEU B 174 -24.19 -30.83 27.60
N ASN B 175 -24.08 -31.34 28.83
CA ASN B 175 -23.77 -32.77 29.10
C ASN B 175 -24.86 -33.67 28.55
N HIS B 176 -25.98 -33.66 29.26
CA HIS B 176 -27.24 -34.03 28.70
C HIS B 176 -27.30 -33.52 27.25
N HIS B 177 -26.90 -32.24 27.04
CA HIS B 177 -27.10 -31.60 25.72
C HIS B 177 -26.06 -31.81 24.63
N LEU B 178 -25.23 -32.83 24.76
CA LEU B 178 -24.60 -33.38 23.59
C LEU B 178 -25.53 -34.50 23.23
N SER B 179 -25.75 -35.39 24.20
CA SER B 179 -26.47 -36.68 24.01
C SER B 179 -27.68 -36.57 23.08
N GLY B 180 -28.57 -35.61 23.39
CA GLY B 180 -29.71 -35.30 22.51
C GLY B 180 -29.25 -34.60 21.24
N LEU B 181 -28.75 -33.37 21.41
CA LEU B 181 -28.51 -32.46 20.30
C LEU B 181 -28.06 -33.16 19.03
N PHE B 182 -26.89 -33.82 19.11
CA PHE B 182 -26.36 -34.65 18.01
C PHE B 182 -26.92 -36.05 18.18
N GLY B 183 -26.15 -36.95 18.79
CA GLY B 183 -26.57 -38.32 19.22
C GLY B 183 -27.74 -39.00 18.51
N VAL B 184 -28.85 -39.21 19.23
CA VAL B 184 -30.11 -39.70 18.63
C VAL B 184 -30.35 -39.16 17.21
N SER B 185 -30.09 -37.87 17.03
CA SER B 185 -30.35 -37.15 15.78
C SER B 185 -29.90 -37.99 14.60
N SER B 186 -28.61 -38.30 14.58
CA SER B 186 -28.09 -39.31 13.66
C SER B 186 -28.99 -40.57 13.74
N LEU B 187 -28.70 -41.51 14.66
CA LEU B 187 -29.38 -42.82 14.64
C LEU B 187 -30.36 -42.98 13.48
N ALA B 188 -31.48 -42.29 13.58
CA ALA B 188 -32.59 -42.43 12.65
C ALA B 188 -32.08 -41.90 11.35
N TRP B 189 -31.47 -40.72 11.41
CA TRP B 189 -30.71 -40.26 10.27
C TRP B 189 -29.72 -41.36 9.84
N ALA B 190 -28.87 -41.75 10.80
CA ALA B 190 -27.75 -42.68 10.62
C ALA B 190 -28.29 -43.94 10.05
N GLY B 191 -29.56 -44.18 10.39
CA GLY B 191 -30.36 -45.29 9.92
C GLY B 191 -31.13 -45.00 8.65
N HIS B 192 -31.58 -43.75 8.45
CA HIS B 192 -32.27 -43.41 7.17
C HIS B 192 -31.27 -43.46 6.04
N LEU B 193 -30.09 -42.89 6.32
CA LEU B 193 -28.86 -43.24 5.63
C LEU B 193 -28.59 -44.66 6.07
N VAL B 194 -29.55 -45.55 5.79
CA VAL B 194 -29.49 -47.01 6.01
C VAL B 194 -30.75 -47.70 5.49
N HIS B 195 -31.94 -47.37 6.06
CA HIS B 195 -33.20 -48.09 5.76
C HIS B 195 -34.22 -47.40 4.87
N VAL B 196 -34.08 -46.10 4.63
CA VAL B 196 -34.76 -45.48 3.48
C VAL B 196 -33.74 -44.70 2.62
N ALA B 197 -33.07 -45.46 1.75
CA ALA B 197 -32.16 -45.00 0.66
C ALA B 197 -31.63 -46.25 -0.01
N ILE B 198 -31.20 -47.18 0.85
CA ILE B 198 -30.78 -48.50 0.40
C ILE B 198 -31.71 -49.03 -0.68
N PRO B 199 -33.01 -49.24 -0.35
CA PRO B 199 -34.00 -49.91 -1.21
C PRO B 199 -34.26 -49.30 -2.58
N GLY B 200 -33.76 -48.09 -2.85
CA GLY B 200 -33.71 -47.51 -4.23
C GLY B 200 -32.33 -47.73 -4.85
N SER B 201 -31.29 -47.60 -4.01
CA SER B 201 -29.93 -48.00 -4.38
C SER B 201 -29.90 -49.49 -4.66
N ARG B 202 -30.95 -50.18 -4.18
CA ARG B 202 -31.30 -51.56 -4.57
C ARG B 202 -32.35 -51.42 -5.68
N GLY B 203 -33.31 -50.51 -5.47
CA GLY B 203 -34.18 -49.98 -6.56
C GLY B 203 -35.67 -49.91 -6.37
N GLU B 204 -36.10 -49.78 -5.13
CA GLU B 204 -37.40 -50.28 -4.70
C GLU B 204 -38.32 -49.23 -4.02
N TYR B 205 -39.48 -48.97 -4.64
CA TYR B 205 -40.45 -47.98 -4.14
C TYR B 205 -40.77 -48.23 -2.68
N VAL B 206 -39.75 -48.08 -1.84
CA VAL B 206 -39.83 -48.35 -0.40
C VAL B 206 -40.68 -47.28 0.34
N ARG B 207 -40.57 -46.04 -0.12
CA ARG B 207 -41.46 -44.96 0.29
C ARG B 207 -41.33 -44.64 1.80
N TRP B 208 -42.37 -44.07 2.38
CA TRP B 208 -42.74 -44.42 3.73
C TRP B 208 -43.63 -45.64 3.55
N ASN B 209 -44.95 -45.43 3.40
CA ASN B 209 -45.96 -46.49 3.30
C ASN B 209 -45.47 -47.89 3.68
N ASN B 210 -44.94 -48.63 2.71
CA ASN B 210 -44.38 -49.96 2.98
C ASN B 210 -43.14 -49.90 3.93
N PHE B 211 -43.42 -49.71 5.21
CA PHE B 211 -42.40 -49.21 6.15
C PHE B 211 -41.87 -50.23 7.13
N LEU B 212 -42.49 -51.42 7.13
CA LEU B 212 -42.02 -52.59 7.88
C LEU B 212 -41.97 -53.77 6.93
N ASP B 213 -42.97 -53.88 6.04
CA ASP B 213 -43.04 -55.03 5.11
C ASP B 213 -41.96 -54.98 4.05
N VAL B 214 -41.00 -54.08 4.22
CA VAL B 214 -39.72 -54.26 3.56
C VAL B 214 -38.96 -55.26 4.43
N LEU B 215 -38.01 -54.79 5.22
CA LEU B 215 -36.99 -55.64 5.85
C LEU B 215 -35.75 -55.81 4.92
N PRO B 216 -35.28 -54.70 4.30
CA PRO B 216 -34.11 -54.63 3.43
C PRO B 216 -32.91 -55.49 3.81
N TYR B 217 -32.70 -55.77 5.09
CA TYR B 217 -31.81 -56.87 5.45
C TYR B 217 -32.61 -58.09 5.79
N PRO B 218 -32.34 -59.21 5.10
CA PRO B 218 -32.97 -60.54 5.27
C PRO B 218 -33.09 -61.09 6.70
N GLN B 219 -32.01 -61.05 7.49
CA GLN B 219 -32.00 -61.53 8.89
C GLN B 219 -32.44 -60.48 9.87
N GLY B 220 -33.70 -60.06 9.66
CA GLY B 220 -34.50 -59.25 10.59
C GLY B 220 -33.80 -58.18 11.38
N LEU B 221 -33.85 -58.31 12.72
CA LEU B 221 -33.15 -57.40 13.61
C LEU B 221 -32.26 -58.07 14.67
N GLY B 222 -32.03 -59.36 14.46
CA GLY B 222 -31.17 -60.18 15.34
C GLY B 222 -29.81 -59.57 15.65
N PRO B 223 -28.77 -59.95 14.87
CA PRO B 223 -27.36 -59.94 15.28
C PRO B 223 -26.89 -58.59 15.85
N LEU B 224 -27.54 -57.50 15.42
CA LEU B 224 -27.48 -56.22 16.14
C LEU B 224 -27.45 -56.50 17.63
N LEU B 225 -28.54 -57.09 18.13
CA LEU B 225 -28.63 -57.53 19.53
C LEU B 225 -27.46 -58.48 19.77
N THR B 226 -27.76 -59.76 20.00
CA THR B 226 -26.77 -60.82 20.10
C THR B 226 -25.31 -60.35 20.35
N GLY B 227 -24.43 -60.52 19.37
CA GLY B 227 -23.03 -60.10 19.50
C GLY B 227 -22.23 -60.41 18.25
N GLN B 228 -22.95 -60.52 17.14
CA GLN B 228 -22.42 -60.94 15.86
C GLN B 228 -23.02 -60.06 14.77
N TRP B 229 -22.17 -59.51 13.90
CA TRP B 229 -22.59 -58.48 12.94
C TRP B 229 -22.26 -58.69 11.46
N ASN B 230 -21.00 -59.06 11.19
CA ASN B 230 -20.43 -59.18 9.83
C ASN B 230 -21.27 -59.87 8.73
N LEU B 231 -22.42 -60.42 9.13
CA LEU B 231 -23.51 -60.72 8.20
C LEU B 231 -24.22 -59.36 8.02
N TYR B 232 -23.51 -58.42 7.42
CA TYR B 232 -23.99 -57.04 7.21
C TYR B 232 -23.00 -56.38 6.25
N ALA B 233 -21.74 -56.34 6.68
CA ALA B 233 -20.63 -55.93 5.85
C ALA B 233 -20.58 -56.92 4.71
N GLN B 234 -21.24 -58.06 4.96
CA GLN B 234 -21.49 -59.15 4.02
C GLN B 234 -21.88 -58.64 2.63
N ASN B 235 -21.15 -59.07 1.59
CA ASN B 235 -21.33 -58.58 0.20
C ASN B 235 -21.72 -57.11 -0.05
N PRO B 236 -20.74 -56.19 -0.03
CA PRO B 236 -20.99 -54.81 -0.40
C PRO B 236 -21.68 -54.71 -1.75
N SER B 237 -22.50 -53.67 -1.93
CA SER B 237 -23.06 -53.37 -3.23
C SER B 237 -21.88 -53.10 -4.17
N SER B 238 -21.92 -53.76 -5.34
CA SER B 238 -20.74 -54.41 -5.97
C SER B 238 -20.18 -54.03 -7.35
N SER B 239 -19.01 -53.38 -7.34
CA SER B 239 -18.06 -53.28 -8.48
C SER B 239 -18.47 -52.57 -9.78
N ASN B 240 -19.51 -53.04 -10.48
CA ASN B 240 -20.05 -52.24 -11.56
C ASN B 240 -21.43 -51.73 -11.22
N HIS B 241 -22.34 -52.60 -10.77
CA HIS B 241 -23.70 -52.19 -10.36
C HIS B 241 -24.00 -50.71 -10.63
N LEU B 242 -24.45 -50.46 -11.86
CA LEU B 242 -24.94 -49.17 -12.26
C LEU B 242 -25.69 -48.63 -11.03
N PHE B 243 -25.33 -47.42 -10.57
CA PHE B 243 -25.77 -46.93 -9.25
C PHE B 243 -27.24 -46.66 -9.03
N GLY B 244 -27.71 -47.16 -7.89
CA GLY B 244 -29.14 -47.17 -7.58
C GLY B 244 -29.88 -47.84 -8.72
N THR B 245 -29.63 -49.13 -8.88
CA THR B 245 -30.16 -49.81 -10.05
C THR B 245 -30.27 -51.34 -9.86
N THR B 246 -29.93 -52.03 -10.93
CA THR B 246 -30.15 -53.45 -11.13
C THR B 246 -28.75 -53.98 -11.23
N GLN B 247 -28.57 -55.29 -11.34
CA GLN B 247 -27.23 -55.90 -11.40
C GLN B 247 -26.26 -55.37 -10.32
N GLY B 248 -25.28 -56.19 -9.94
CA GLY B 248 -24.32 -55.80 -8.92
C GLY B 248 -24.84 -55.23 -7.61
N ALA B 249 -26.17 -55.08 -7.49
CA ALA B 249 -26.81 -54.52 -6.30
C ALA B 249 -26.69 -55.44 -5.08
N GLY B 250 -25.52 -55.43 -4.48
CA GLY B 250 -25.22 -56.44 -3.51
C GLY B 250 -25.70 -56.10 -2.13
N THR B 251 -26.97 -56.41 -1.85
CA THR B 251 -27.55 -56.29 -0.49
C THR B 251 -26.50 -56.46 0.62
N ALA B 252 -26.79 -55.91 1.81
CA ALA B 252 -25.80 -55.85 2.90
C ALA B 252 -26.30 -54.99 4.03
N ILE B 253 -26.50 -53.69 3.74
CA ILE B 253 -26.67 -52.64 4.76
C ILE B 253 -25.33 -52.28 5.50
N LEU B 254 -25.42 -51.59 6.64
CA LEU B 254 -24.23 -51.07 7.33
C LEU B 254 -22.84 -51.56 6.83
N THR B 255 -22.38 -51.00 5.70
CA THR B 255 -21.00 -51.26 5.21
C THR B 255 -19.95 -50.23 5.73
N ILE B 256 -18.68 -50.62 5.60
CA ILE B 256 -17.54 -49.76 5.94
C ILE B 256 -16.13 -50.29 5.51
N LEU B 257 -15.98 -50.54 4.20
CA LEU B 257 -14.64 -50.72 3.61
C LEU B 257 -14.46 -50.17 2.20
N GLY B 258 -15.35 -50.52 1.27
CA GLY B 258 -15.31 -49.95 -0.09
C GLY B 258 -15.54 -48.44 -0.10
N GLY B 259 -15.43 -47.79 -1.27
CA GLY B 259 -15.52 -46.31 -1.35
C GLY B 259 -15.32 -45.58 -2.70
N PHE B 260 -16.44 -45.14 -3.27
CA PHE B 260 -16.56 -44.48 -4.59
C PHE B 260 -17.18 -45.41 -5.63
N HIS B 261 -16.33 -46.27 -6.18
CA HIS B 261 -16.53 -46.90 -7.48
C HIS B 261 -16.78 -45.77 -8.46
N PRO B 262 -15.90 -45.63 -9.47
CA PRO B 262 -15.79 -44.50 -10.39
C PRO B 262 -17.11 -43.84 -10.64
N GLN B 263 -18.14 -44.66 -10.90
CA GLN B 263 -19.48 -44.27 -11.38
C GLN B 263 -20.21 -43.18 -10.61
N THR B 264 -20.55 -43.45 -9.35
CA THR B 264 -21.10 -42.37 -8.52
C THR B 264 -20.04 -41.32 -8.42
N GLN B 265 -18.78 -41.74 -8.44
CA GLN B 265 -17.62 -40.85 -8.28
C GLN B 265 -17.65 -40.27 -6.85
N SER B 266 -18.48 -40.87 -5.98
CA SER B 266 -18.89 -40.24 -4.73
C SER B 266 -19.26 -41.21 -3.58
N LEU B 267 -18.50 -41.12 -2.48
CA LEU B 267 -18.64 -41.97 -1.26
C LEU B 267 -19.90 -42.84 -1.21
N TRP B 268 -19.77 -44.13 -1.53
CA TRP B 268 -20.98 -45.03 -1.73
C TRP B 268 -21.92 -45.39 -0.57
N LEU B 269 -23.20 -45.42 -0.92
CA LEU B 269 -24.29 -45.29 0.02
C LEU B 269 -24.44 -46.40 1.06
N THR B 270 -24.82 -45.94 2.25
CA THR B 270 -24.89 -46.74 3.49
C THR B 270 -23.54 -47.35 3.95
N ASP B 271 -22.44 -46.79 3.44
CA ASP B 271 -21.11 -47.02 4.00
C ASP B 271 -20.64 -45.77 4.72
N VAL B 272 -21.59 -44.87 4.94
CA VAL B 272 -21.45 -43.82 5.94
C VAL B 272 -22.70 -43.92 6.82
N ALA B 273 -23.39 -45.06 6.66
CA ALA B 273 -24.54 -45.47 7.47
C ALA B 273 -24.13 -46.19 8.74
N HIS B 274 -22.90 -46.70 8.70
CA HIS B 274 -22.15 -47.16 9.87
C HIS B 274 -21.46 -45.96 10.52
N HIS B 275 -20.98 -45.01 9.71
CA HIS B 275 -20.37 -43.76 10.23
C HIS B 275 -21.28 -43.00 11.14
N HIS B 276 -22.42 -42.57 10.58
CA HIS B 276 -23.50 -42.10 11.38
C HIS B 276 -24.13 -43.40 11.92
N LEU B 277 -23.61 -43.78 13.11
CA LEU B 277 -24.10 -44.85 13.99
C LEU B 277 -22.90 -45.31 14.78
N ALA B 278 -21.91 -44.43 14.85
CA ALA B 278 -20.71 -44.69 15.63
C ALA B 278 -20.35 -43.42 16.41
N ILE B 279 -20.23 -42.31 15.68
CA ILE B 279 -19.88 -41.02 16.29
C ILE B 279 -20.54 -40.92 17.65
N ALA B 280 -21.85 -41.08 17.64
CA ALA B 280 -22.75 -41.27 18.81
C ALA B 280 -22.10 -41.52 20.17
N PHE B 281 -21.69 -42.77 20.35
CA PHE B 281 -21.08 -43.29 21.55
C PHE B 281 -19.91 -42.42 21.96
N LEU B 282 -19.23 -41.85 20.96
CA LEU B 282 -18.34 -40.72 21.21
C LEU B 282 -19.11 -39.38 21.35
N PHE B 283 -20.09 -39.40 22.25
CA PHE B 283 -20.42 -38.32 23.18
C PHE B 283 -21.20 -39.06 24.24
N LEU B 284 -22.04 -40.01 23.81
CA LEU B 284 -22.67 -40.99 24.72
C LEU B 284 -21.59 -41.83 25.48
N ILE B 285 -20.45 -41.17 25.68
CA ILE B 285 -19.52 -41.29 26.82
C ILE B 285 -18.80 -39.94 26.69
N GLY B 286 -18.84 -39.16 27.77
CA GLY B 286 -18.58 -37.74 27.69
C GLY B 286 -19.88 -37.05 27.38
N GLY B 287 -20.96 -37.86 27.42
CA GLY B 287 -22.34 -37.43 27.12
C GLY B 287 -23.33 -37.82 28.20
N LEU B 288 -22.90 -38.65 29.12
CA LEU B 288 -23.63 -38.77 30.34
C LEU B 288 -22.55 -38.46 31.37
N MET B 289 -21.66 -37.53 30.95
CA MET B 289 -20.40 -37.19 31.67
C MET B 289 -20.63 -36.46 32.98
N TYR B 290 -21.81 -35.86 33.04
CA TYR B 290 -22.12 -34.91 34.05
C TYR B 290 -23.46 -35.29 34.68
N ARG B 291 -24.56 -34.72 34.20
CA ARG B 291 -25.72 -34.59 35.07
C ARG B 291 -27.08 -34.38 34.46
N THR B 292 -28.07 -34.86 35.19
CA THR B 292 -29.31 -34.16 35.53
C THR B 292 -29.75 -34.79 36.85
N ASN B 293 -29.47 -34.12 37.97
CA ASN B 293 -29.98 -34.47 39.31
C ASN B 293 -29.08 -35.50 40.03
N PHE B 294 -29.62 -36.72 40.19
CA PHE B 294 -28.91 -38.05 40.23
C PHE B 294 -27.57 -38.29 40.92
N GLY B 295 -26.86 -37.24 41.30
CA GLY B 295 -25.64 -37.39 42.11
C GLY B 295 -24.46 -38.17 41.56
N ILE B 296 -24.46 -38.42 40.25
CA ILE B 296 -23.38 -39.15 39.60
C ILE B 296 -22.97 -38.45 38.29
N GLY B 297 -21.68 -38.13 38.18
CA GLY B 297 -21.20 -37.43 37.01
C GLY B 297 -21.05 -35.93 37.16
N HIS B 298 -20.41 -35.32 36.16
CA HIS B 298 -19.51 -34.19 36.40
C HIS B 298 -19.93 -32.74 36.74
N SER B 299 -18.99 -32.15 37.47
CA SER B 299 -19.05 -30.82 38.05
C SER B 299 -18.35 -29.80 37.18
N ILE B 300 -17.24 -30.23 36.58
CA ILE B 300 -16.22 -29.31 36.06
C ILE B 300 -15.34 -28.81 37.26
N LYS B 301 -15.42 -27.53 37.62
CA LYS B 301 -14.76 -26.95 38.83
C LYS B 301 -13.30 -27.33 39.28
N TYR B 302 -13.10 -28.50 39.89
CA TYR B 302 -11.74 -29.01 40.19
C TYR B 302 -11.16 -29.65 38.91
N ILE B 303 -12.04 -29.90 37.94
CA ILE B 303 -11.64 -30.04 36.57
C ILE B 303 -10.56 -28.96 36.46
N LEU B 304 -10.89 -27.74 36.86
CA LEU B 304 -9.90 -26.72 37.13
C LEU B 304 -9.38 -26.82 38.59
N GLU B 305 -9.49 -25.76 39.40
CA GLU B 305 -8.78 -25.58 40.71
C GLU B 305 -7.97 -26.76 41.31
N ALA B 306 -8.16 -27.94 40.73
CA ALA B 306 -7.20 -29.03 40.81
C ALA B 306 -6.53 -29.09 39.45
N HIS B 307 -7.34 -29.42 38.42
CA HIS B 307 -6.85 -29.76 37.07
C HIS B 307 -6.25 -28.63 36.19
N ILE B 308 -5.92 -27.49 36.80
CA ILE B 308 -5.11 -26.44 36.17
C ILE B 308 -3.77 -26.98 35.63
N PRO B 309 -3.29 -28.12 36.19
CA PRO B 309 -2.44 -28.99 35.38
C PRO B 309 -3.16 -29.53 34.13
N PRO B 310 -2.47 -29.58 32.97
CA PRO B 310 -1.04 -29.33 32.78
C PRO B 310 -0.59 -27.92 33.22
N GLY B 311 -0.02 -27.87 34.43
CA GLY B 311 0.51 -26.63 35.03
C GLY B 311 0.68 -26.74 36.54
N GLY B 312 1.63 -25.99 37.10
CA GLY B 312 1.66 -25.75 38.55
C GLY B 312 2.41 -26.64 39.53
N ARG B 313 3.74 -26.44 39.59
CA ARG B 313 4.47 -26.34 40.87
C ARG B 313 5.05 -24.93 40.77
N LEU B 314 4.33 -24.14 39.97
CA LEU B 314 4.49 -22.71 39.81
C LEU B 314 3.31 -22.30 38.91
N GLY B 315 3.59 -21.56 37.84
CA GLY B 315 2.63 -21.37 36.78
C GLY B 315 1.49 -20.43 37.12
N ARG B 316 0.25 -20.92 36.92
CA ARG B 316 -0.89 -20.06 36.62
C ARG B 316 -2.11 -20.13 37.54
N GLY B 317 -2.31 -21.29 38.17
CA GLY B 317 -3.39 -21.51 39.16
C GLY B 317 -4.77 -21.04 38.78
N HIS B 318 -5.54 -21.95 38.15
CA HIS B 318 -6.89 -21.62 37.62
C HIS B 318 -7.96 -21.20 38.60
N LYS B 319 -7.87 -21.63 39.86
CA LYS B 319 -8.95 -21.36 40.81
C LYS B 319 -10.11 -20.80 39.97
N GLY B 320 -10.65 -21.66 39.11
CA GLY B 320 -11.86 -21.38 38.36
C GLY B 320 -11.81 -20.21 37.40
N LEU B 321 -12.08 -20.51 36.14
CA LEU B 321 -12.38 -19.49 35.13
C LEU B 321 -13.91 -19.30 35.09
N TYR B 322 -14.58 -20.15 34.34
CA TYR B 322 -15.97 -20.47 34.59
C TYR B 322 -16.95 -19.33 34.77
N ASP B 323 -16.92 -18.71 35.96
CA ASP B 323 -17.89 -17.68 36.38
C ASP B 323 -17.62 -16.44 35.54
N THR B 324 -17.57 -16.68 34.23
CA THR B 324 -16.89 -15.93 33.17
C THR B 324 -17.48 -16.48 31.84
N ILE B 325 -17.09 -17.69 31.46
CA ILE B 325 -17.69 -18.44 30.32
C ILE B 325 -19.18 -18.80 30.50
N ASN B 326 -19.58 -19.02 31.76
CA ASN B 326 -20.99 -19.16 32.14
C ASN B 326 -21.68 -17.87 32.56
N ASN B 327 -20.93 -16.91 33.10
CA ASN B 327 -21.55 -15.62 33.37
C ASN B 327 -21.49 -14.75 32.12
N SER B 328 -20.29 -14.66 31.55
CA SER B 328 -20.05 -13.99 30.25
C SER B 328 -20.52 -14.83 29.06
N ILE B 329 -21.76 -14.52 28.62
CA ILE B 329 -22.38 -15.09 27.41
C ILE B 329 -21.34 -15.08 26.32
N HIS B 330 -21.04 -13.91 25.76
CA HIS B 330 -19.90 -13.79 24.89
C HIS B 330 -18.94 -14.86 25.44
N PHE B 331 -18.43 -15.72 24.55
CA PHE B 331 -17.91 -17.06 24.87
C PHE B 331 -18.94 -18.04 24.27
N GLN B 332 -20.21 -17.84 24.64
CA GLN B 332 -21.38 -18.33 23.91
C GLN B 332 -21.68 -17.34 22.76
N LEU B 333 -20.66 -17.17 21.94
CA LEU B 333 -20.56 -16.21 20.86
C LEU B 333 -19.18 -15.64 21.08
N GLY B 334 -18.45 -16.26 21.98
CA GLY B 334 -17.01 -16.20 21.98
C GLY B 334 -16.57 -17.38 21.13
N LEU B 335 -17.04 -18.60 21.49
CA LEU B 335 -16.65 -19.88 20.84
C LEU B 335 -17.74 -20.67 20.07
N ALA B 336 -18.92 -20.07 19.92
CA ALA B 336 -19.94 -20.62 19.00
C ALA B 336 -20.23 -19.65 17.82
N LEU B 337 -19.15 -18.96 17.45
CA LEU B 337 -18.70 -18.99 16.07
C LEU B 337 -17.25 -19.48 16.09
N ALA B 338 -16.52 -19.09 17.14
CA ALA B 338 -15.11 -19.42 17.31
C ALA B 338 -14.64 -20.81 16.82
N SER B 339 -15.51 -21.82 16.92
CA SER B 339 -15.06 -23.19 16.77
C SER B 339 -15.93 -23.87 15.76
N LEU B 340 -17.17 -23.40 15.64
CA LEU B 340 -17.92 -23.55 14.41
C LEU B 340 -17.22 -22.56 13.50
N GLY B 341 -16.11 -22.00 14.00
CA GLY B 341 -15.08 -21.43 13.14
C GLY B 341 -14.52 -22.61 12.34
N VAL B 342 -13.35 -23.08 12.76
CA VAL B 342 -12.75 -24.27 12.13
C VAL B 342 -13.70 -25.13 11.28
N ILE B 343 -14.71 -25.74 11.89
CA ILE B 343 -15.54 -26.71 11.19
C ILE B 343 -15.77 -26.28 9.75
N THR B 344 -16.27 -25.06 9.57
CA THR B 344 -16.38 -24.42 8.24
C THR B 344 -15.22 -24.71 7.19
N SER B 345 -13.99 -24.86 7.69
CA SER B 345 -12.81 -24.95 6.85
C SER B 345 -12.42 -26.42 6.67
N LEU B 346 -12.62 -27.18 7.74
CA LEU B 346 -12.57 -28.66 7.74
C LEU B 346 -13.89 -29.25 7.21
N VAL B 347 -14.82 -28.39 6.79
CA VAL B 347 -15.86 -28.85 5.91
C VAL B 347 -15.55 -28.36 4.51
N ALA B 348 -14.65 -27.37 4.46
CA ALA B 348 -14.24 -26.72 3.20
C ALA B 348 -13.29 -27.60 2.33
N GLN B 349 -13.16 -28.88 2.67
CA GLN B 349 -12.53 -29.85 1.78
C GLN B 349 -13.11 -31.26 1.93
N HIS B 350 -13.15 -31.79 3.15
CA HIS B 350 -14.09 -32.88 3.40
C HIS B 350 -15.39 -32.19 2.97
N MET B 351 -16.18 -32.87 2.14
CA MET B 351 -17.27 -32.23 1.38
C MET B 351 -16.83 -32.15 -0.09
N TYR B 352 -15.55 -31.85 -0.33
CA TYR B 352 -15.00 -31.94 -1.67
C TYR B 352 -14.05 -33.15 -1.72
N SER B 353 -12.97 -33.08 -0.91
CA SER B 353 -11.78 -33.93 -1.11
C SER B 353 -12.23 -35.35 -1.40
N LEU B 354 -13.26 -35.75 -0.66
CA LEU B 354 -14.14 -36.84 -1.06
C LEU B 354 -15.59 -36.33 -0.87
N PRO B 355 -16.34 -36.27 -1.98
CA PRO B 355 -17.67 -35.68 -2.12
C PRO B 355 -18.65 -36.17 -1.08
N ALA B 356 -19.87 -36.47 -1.56
CA ALA B 356 -20.86 -37.26 -0.82
C ALA B 356 -22.13 -37.60 -1.60
N TYR B 357 -22.17 -37.38 -2.90
CA TYR B 357 -23.39 -37.74 -3.64
C TYR B 357 -23.37 -37.67 -5.14
N ALA B 358 -24.50 -38.08 -5.72
CA ALA B 358 -24.90 -37.94 -7.14
C ALA B 358 -23.99 -37.05 -7.97
N PHE B 359 -22.68 -37.27 -7.85
CA PHE B 359 -21.68 -36.72 -8.73
C PHE B 359 -21.48 -35.23 -8.49
N ILE B 360 -20.35 -34.90 -7.87
CA ILE B 360 -19.81 -33.53 -7.86
C ILE B 360 -18.29 -33.42 -8.16
N ALA B 361 -17.48 -34.35 -7.66
CA ALA B 361 -16.03 -34.30 -7.89
C ALA B 361 -15.69 -33.99 -9.35
N GLN B 362 -16.50 -34.50 -10.27
CA GLN B 362 -16.42 -34.06 -11.68
C GLN B 362 -17.63 -33.25 -12.20
N ASP B 363 -17.99 -32.22 -11.42
CA ASP B 363 -18.92 -31.14 -11.85
C ASP B 363 -18.19 -29.84 -12.11
N PHE B 364 -17.16 -29.59 -11.32
CA PHE B 364 -16.47 -28.36 -11.51
C PHE B 364 -17.51 -27.27 -11.70
N THR B 365 -18.50 -27.26 -10.82
CA THR B 365 -19.44 -26.12 -10.65
C THR B 365 -20.00 -26.05 -9.20
N THR B 366 -19.81 -27.14 -8.44
CA THR B 366 -19.92 -27.09 -6.99
C THR B 366 -18.58 -27.66 -6.55
N GLN B 367 -17.78 -26.83 -5.89
CA GLN B 367 -16.39 -26.63 -6.26
C GLN B 367 -16.57 -25.74 -7.51
N ALA B 368 -16.15 -24.49 -7.34
CA ALA B 368 -16.89 -23.37 -7.87
C ALA B 368 -17.90 -23.07 -6.74
N ALA B 369 -19.20 -23.03 -7.09
CA ALA B 369 -20.31 -22.78 -6.15
C ALA B 369 -20.06 -23.19 -4.67
N LEU B 370 -20.59 -24.36 -4.30
CA LEU B 370 -20.64 -24.85 -2.92
C LEU B 370 -19.33 -25.00 -2.13
N TYR B 371 -18.29 -24.27 -2.52
CA TYR B 371 -17.04 -24.31 -1.78
C TYR B 371 -16.90 -22.95 -1.21
N THR B 372 -16.25 -22.03 -1.96
CA THR B 372 -15.80 -20.68 -1.47
C THR B 372 -16.74 -20.12 -0.40
N HIS B 373 -17.98 -19.90 -0.80
CA HIS B 373 -19.10 -19.93 0.12
C HIS B 373 -18.71 -20.61 1.44
N HIS B 374 -18.82 -21.93 1.49
CA HIS B 374 -18.53 -22.62 2.71
C HIS B 374 -17.18 -22.20 3.22
N GLN B 375 -16.48 -21.38 2.44
CA GLN B 375 -15.22 -20.86 2.93
C GLN B 375 -15.45 -19.46 3.57
N TYR B 376 -16.19 -18.59 2.86
CA TYR B 376 -16.39 -17.19 3.29
C TYR B 376 -17.07 -17.01 4.63
N ILE B 377 -17.51 -18.12 5.21
CA ILE B 377 -18.08 -18.04 6.53
C ILE B 377 -17.00 -18.51 7.49
N ALA B 378 -16.18 -19.45 7.02
CA ALA B 378 -14.93 -19.75 7.71
C ALA B 378 -14.12 -18.43 7.74
N GLY B 379 -14.57 -17.50 6.90
CA GLY B 379 -14.24 -16.11 7.07
C GLY B 379 -15.22 -15.54 8.07
N PHE B 380 -16.34 -15.01 7.55
CA PHE B 380 -17.38 -14.29 8.32
C PHE B 380 -18.06 -15.00 9.56
N ILE B 381 -17.47 -16.14 9.95
CA ILE B 381 -17.69 -16.72 11.24
C ILE B 381 -16.33 -16.75 11.89
N MET B 382 -15.37 -17.47 11.31
CA MET B 382 -13.99 -17.40 11.87
C MET B 382 -13.57 -15.95 12.24
N THR B 383 -13.62 -15.00 11.32
CA THR B 383 -13.43 -13.61 11.74
C THR B 383 -14.60 -13.26 12.65
N GLY B 384 -14.68 -11.96 13.03
CA GLY B 384 -15.71 -11.42 13.95
C GLY B 384 -16.09 -12.50 14.96
N ALA B 385 -15.07 -13.11 15.54
CA ALA B 385 -15.24 -14.31 16.32
C ALA B 385 -14.29 -14.15 17.47
N PHE B 386 -13.33 -13.27 17.23
CA PHE B 386 -12.58 -12.79 18.31
C PHE B 386 -13.24 -11.48 18.77
N ALA B 387 -14.00 -10.83 17.89
CA ALA B 387 -14.68 -9.58 18.29
C ALA B 387 -15.38 -9.86 19.59
N HIS B 388 -16.39 -10.72 19.58
CA HIS B 388 -16.90 -11.18 20.85
C HIS B 388 -15.80 -11.90 21.58
N GLY B 389 -14.67 -11.19 21.76
CA GLY B 389 -13.42 -11.66 22.35
C GLY B 389 -12.61 -10.49 22.87
N PRO B 390 -12.55 -9.38 22.14
CA PRO B 390 -12.45 -8.28 23.12
C PRO B 390 -13.65 -8.32 24.11
N ILE B 391 -14.85 -8.04 23.60
CA ILE B 391 -16.01 -7.73 24.44
C ILE B 391 -15.95 -8.06 25.97
N PHE B 392 -16.14 -9.32 26.32
CA PHE B 392 -16.09 -9.67 27.73
C PHE B 392 -15.09 -8.77 28.41
N PHE B 393 -13.90 -8.58 27.84
CA PHE B 393 -12.87 -7.69 28.47
C PHE B 393 -13.45 -6.33 28.99
N ILE B 394 -13.72 -5.41 28.07
CA ILE B 394 -14.30 -4.10 28.35
C ILE B 394 -15.83 -4.17 28.56
N ARG B 395 -16.35 -5.35 28.85
CA ARG B 395 -17.80 -5.56 28.74
C ARG B 395 -18.20 -7.05 28.96
N ASP B 396 -17.49 -7.66 29.91
CA ASP B 396 -17.94 -8.71 30.82
C ASP B 396 -16.88 -8.97 31.95
N TYR B 397 -15.59 -8.84 31.62
CA TYR B 397 -14.49 -9.34 32.47
C TYR B 397 -14.26 -8.49 33.69
N ASN B 398 -14.14 -9.11 34.86
CA ASN B 398 -13.59 -8.37 36.03
C ASN B 398 -12.19 -8.87 36.50
N PRO B 399 -11.16 -8.00 36.35
CA PRO B 399 -9.72 -8.32 36.55
C PRO B 399 -9.42 -8.94 37.91
N GLU B 400 -10.48 -9.29 38.63
CA GLU B 400 -10.42 -9.50 40.07
C GLU B 400 -11.24 -10.72 40.48
N GLN B 401 -12.22 -11.04 39.63
CA GLN B 401 -12.92 -12.31 39.69
C GLN B 401 -11.97 -13.34 39.07
N ASN B 402 -10.83 -12.88 38.52
CA ASN B 402 -9.97 -13.73 37.67
C ASN B 402 -8.43 -13.66 37.85
N ALA B 403 -7.93 -12.54 38.38
CA ALA B 403 -6.49 -12.22 38.25
C ALA B 403 -5.52 -13.20 38.93
N ASP B 404 -6.05 -14.30 39.41
CA ASP B 404 -5.25 -15.48 39.66
C ASP B 404 -4.81 -16.16 38.31
N ASN B 405 -5.75 -16.29 37.36
CA ASN B 405 -5.78 -17.42 36.37
C ASN B 405 -5.75 -17.20 34.86
N VAL B 406 -4.67 -17.74 34.25
CA VAL B 406 -4.29 -17.69 32.80
C VAL B 406 -4.69 -16.46 31.98
N LEU B 407 -5.99 -16.16 31.94
CA LEU B 407 -6.50 -15.06 31.13
C LEU B 407 -5.84 -13.78 31.57
N ALA B 408 -6.10 -13.37 32.81
CA ALA B 408 -5.54 -12.14 33.37
C ALA B 408 -4.04 -12.16 33.19
N ARG B 409 -3.49 -13.38 33.23
CA ARG B 409 -2.05 -13.64 33.09
C ARG B 409 -1.66 -13.49 31.63
N MET B 410 -2.28 -14.32 30.78
CA MET B 410 -2.28 -14.15 29.31
C MET B 410 -2.05 -12.70 29.03
N LEU B 411 -2.97 -11.91 29.59
CA LEU B 411 -2.95 -10.46 29.69
C LEU B 411 -1.68 -9.88 30.25
N GLU B 412 -1.32 -10.30 31.47
CA GLU B 412 -0.23 -9.62 32.14
C GLU B 412 0.95 -9.70 31.19
N HIS B 413 1.08 -10.86 30.54
CA HIS B 413 2.13 -11.05 29.56
C HIS B 413 1.60 -11.02 28.10
N LYS B 414 0.62 -10.16 27.84
CA LYS B 414 -0.01 -10.09 26.51
C LYS B 414 0.80 -9.39 25.42
N GLU B 415 1.37 -8.22 25.70
CA GLU B 415 2.19 -7.52 24.67
C GLU B 415 3.40 -8.36 24.18
N ALA B 416 3.05 -9.56 23.69
CA ALA B 416 3.98 -10.64 23.39
C ALA B 416 3.37 -11.54 22.31
N ILE B 417 2.17 -12.03 22.59
CA ILE B 417 1.37 -12.74 21.60
C ILE B 417 1.29 -11.85 20.39
N ILE B 418 1.13 -10.55 20.68
CA ILE B 418 1.09 -9.46 19.69
C ILE B 418 2.35 -9.41 18.86
N SER B 419 3.49 -9.45 19.55
CA SER B 419 4.81 -9.32 18.93
C SER B 419 5.63 -10.63 18.84
N HIS B 420 5.00 -11.63 18.20
CA HIS B 420 5.54 -12.95 17.80
C HIS B 420 4.51 -13.51 16.84
N LEU B 421 3.51 -12.66 16.64
CA LEU B 421 2.41 -12.79 15.72
C LEU B 421 2.49 -11.42 15.08
N SER B 422 3.44 -11.29 14.16
CA SER B 422 4.09 -10.03 13.88
C SER B 422 5.46 -10.39 13.31
N TRP B 423 6.37 -10.83 14.18
CA TRP B 423 7.58 -11.46 13.68
C TRP B 423 7.14 -12.73 12.93
N ALA B 424 5.98 -13.24 13.34
CA ALA B 424 5.20 -14.24 12.59
C ALA B 424 4.88 -13.84 11.13
N SER B 425 5.06 -12.56 10.81
CA SER B 425 4.65 -12.03 9.50
C SER B 425 5.68 -11.18 8.72
N LEU B 426 6.45 -10.33 9.42
CA LEU B 426 7.49 -9.52 8.77
C LEU B 426 8.66 -10.44 8.50
N PHE B 427 8.45 -11.29 7.49
CA PHE B 427 8.91 -12.70 7.43
C PHE B 427 7.63 -13.55 7.32
N LEU B 428 7.34 -14.03 6.10
CA LEU B 428 5.97 -14.16 5.59
C LEU B 428 5.55 -12.73 5.21
N GLY B 429 6.58 -11.87 5.23
CA GLY B 429 6.55 -10.49 4.78
C GLY B 429 7.50 -10.26 3.62
N PHE B 430 8.81 -10.35 3.89
CA PHE B 430 9.82 -10.17 2.82
C PHE B 430 10.01 -11.45 2.01
N HIS B 431 10.30 -12.57 2.70
CA HIS B 431 10.29 -13.91 2.10
C HIS B 431 8.86 -14.39 1.82
N THR B 432 8.76 -15.61 1.28
CA THR B 432 7.55 -16.08 0.61
C THR B 432 7.12 -15.01 -0.36
N LEU B 433 7.94 -13.98 -0.47
CA LEU B 433 7.55 -12.77 -1.18
C LEU B 433 8.73 -11.95 -1.70
N GLY B 434 9.95 -12.26 -1.23
CA GLY B 434 11.18 -11.68 -1.75
C GLY B 434 11.70 -12.49 -2.92
N LEU B 435 12.15 -13.72 -2.61
CA LEU B 435 12.25 -14.83 -3.56
C LEU B 435 11.20 -14.58 -4.63
N TYR B 436 9.96 -14.66 -4.18
CA TYR B 436 8.79 -14.63 -5.02
C TYR B 436 8.87 -13.68 -6.21
N VAL B 437 9.69 -12.62 -6.11
CA VAL B 437 9.73 -11.49 -7.09
C VAL B 437 10.76 -11.59 -8.28
N HIS B 438 11.93 -12.24 -8.11
CA HIS B 438 12.68 -12.58 -9.32
C HIS B 438 11.96 -13.69 -10.00
N ASN B 439 11.26 -14.48 -9.20
CA ASN B 439 10.15 -15.20 -9.73
C ASN B 439 9.12 -14.11 -10.18
N ASP B 440 9.54 -13.28 -11.13
CA ASP B 440 8.79 -12.14 -11.71
C ASP B 440 9.75 -11.07 -12.22
N VAL B 441 10.98 -11.05 -11.70
CA VAL B 441 12.07 -10.35 -12.35
C VAL B 441 12.43 -11.23 -13.55
N MET B 442 13.38 -12.16 -13.38
CA MET B 442 13.82 -13.07 -14.46
C MET B 442 12.68 -13.28 -15.41
N LEU B 443 11.60 -13.81 -14.87
CA LEU B 443 10.51 -14.16 -15.69
C LEU B 443 9.96 -12.82 -16.12
N ALA B 444 10.55 -12.39 -17.25
CA ALA B 444 10.44 -11.04 -17.83
C ALA B 444 11.73 -10.73 -18.59
N PHE B 445 12.83 -10.89 -17.88
CA PHE B 445 14.16 -10.63 -18.39
C PHE B 445 14.88 -11.82 -19.00
N GLY B 446 14.19 -12.50 -19.92
CA GLY B 446 14.64 -13.78 -20.42
C GLY B 446 15.63 -14.33 -19.42
N THR B 447 15.13 -14.99 -18.38
CA THR B 447 16.05 -15.78 -17.53
C THR B 447 15.44 -16.88 -16.64
N PRO B 448 14.30 -17.47 -17.03
CA PRO B 448 13.65 -18.50 -16.21
C PRO B 448 14.59 -19.67 -15.78
N GLU B 449 15.54 -20.05 -16.65
CA GLU B 449 16.70 -20.91 -16.31
C GLU B 449 17.06 -20.75 -14.83
N LYS B 450 17.73 -19.65 -14.50
CA LYS B 450 17.96 -19.23 -13.12
C LYS B 450 16.62 -18.82 -12.54
N GLN B 451 16.34 -19.24 -11.32
CA GLN B 451 15.04 -18.98 -10.68
C GLN B 451 14.92 -19.62 -9.28
N ILE B 452 14.24 -18.88 -8.38
CA ILE B 452 14.32 -19.14 -6.96
C ILE B 452 13.22 -20.07 -6.42
N LEU B 453 12.33 -20.47 -7.32
CA LEU B 453 11.27 -21.44 -7.00
C LEU B 453 11.83 -22.62 -6.19
N ILE B 454 11.80 -22.48 -4.86
CA ILE B 454 12.19 -23.62 -4.00
C ILE B 454 10.97 -24.53 -3.70
N GLU B 455 11.05 -25.73 -4.26
CA GLU B 455 9.94 -26.67 -4.23
C GLU B 455 9.76 -27.29 -2.84
N PRO B 456 8.57 -27.14 -2.27
CA PRO B 456 8.12 -27.72 -1.02
C PRO B 456 8.71 -29.09 -0.86
N ILE B 457 9.39 -29.31 0.27
CA ILE B 457 9.90 -30.64 0.61
C ILE B 457 9.09 -31.42 1.70
N PHE B 458 8.14 -30.74 2.37
CA PHE B 458 7.55 -31.25 3.64
C PHE B 458 6.14 -31.83 3.63
N ALA B 459 5.17 -31.11 3.06
CA ALA B 459 3.77 -31.55 3.21
C ALA B 459 3.83 -32.97 2.75
N GLN B 460 4.16 -33.11 1.46
CA GLN B 460 5.15 -34.08 0.95
C GLN B 460 5.30 -35.49 1.56
N TRP B 461 5.55 -35.57 2.86
CA TRP B 461 5.57 -36.82 3.66
C TRP B 461 4.21 -37.52 3.80
N ILE B 462 3.27 -36.80 4.38
CA ILE B 462 1.84 -37.03 4.28
C ILE B 462 1.47 -37.49 2.85
N GLN B 463 0.16 -37.71 2.62
CA GLN B 463 -0.41 -37.76 1.25
C GLN B 463 0.21 -38.90 0.48
N SER B 464 1.22 -39.54 1.09
CA SER B 464 1.82 -40.78 0.61
C SER B 464 1.54 -41.85 1.66
N ALA B 465 2.05 -41.65 2.87
CA ALA B 465 1.72 -42.52 3.99
C ALA B 465 0.21 -42.64 4.10
N HIS B 466 -0.49 -41.52 3.95
CA HIS B 466 -1.95 -41.56 3.98
C HIS B 466 -2.42 -42.15 2.68
N GLY B 467 -1.50 -42.86 2.01
CA GLY B 467 -1.80 -43.70 0.86
C GLY B 467 -0.95 -43.52 -0.38
N LYS B 468 -0.74 -42.25 -0.78
CA LYS B 468 -0.52 -41.87 -2.20
C LYS B 468 0.81 -42.26 -2.86
N THR B 469 0.67 -43.09 -3.88
CA THR B 469 1.79 -43.78 -4.49
C THR B 469 2.08 -43.16 -5.85
N THR B 470 2.69 -41.99 -5.84
CA THR B 470 2.98 -41.34 -7.12
C THR B 470 4.41 -40.78 -7.21
N TYR B 471 5.27 -41.71 -7.59
CA TYR B 471 6.65 -41.57 -8.08
C TYR B 471 7.77 -41.18 -7.13
N GLY B 472 8.83 -41.99 -7.17
CA GLY B 472 10.11 -41.75 -6.49
C GLY B 472 10.11 -42.23 -5.06
N PHE B 473 11.27 -42.16 -4.41
CA PHE B 473 11.37 -42.03 -2.93
C PHE B 473 11.09 -43.34 -2.15
N ASP B 474 12.10 -44.22 -2.12
CA ASP B 474 11.96 -45.61 -1.60
C ASP B 474 11.82 -45.77 -0.06
N ILE B 475 10.68 -45.33 0.49
CA ILE B 475 10.40 -45.41 1.96
C ILE B 475 9.34 -46.50 2.34
N PRO B 476 8.89 -46.55 3.62
CA PRO B 476 7.86 -47.56 3.96
C PRO B 476 6.36 -47.18 3.75
N LEU B 477 5.50 -47.87 4.50
CA LEU B 477 4.03 -47.81 4.38
C LEU B 477 3.45 -47.92 2.95
N SER B 478 3.15 -46.76 2.35
CA SER B 478 2.49 -46.74 1.03
C SER B 478 3.29 -47.56 0.05
N SER B 479 4.34 -48.20 0.56
CA SER B 479 5.21 -49.05 -0.22
C SER B 479 4.33 -49.81 -1.16
N THR B 480 3.04 -49.76 -0.83
CA THR B 480 2.02 -50.67 -1.36
C THR B 480 2.35 -52.09 -0.82
N ASN B 481 3.12 -52.05 0.28
CA ASN B 481 3.35 -53.14 1.24
C ASN B 481 4.20 -52.60 2.40
N GLY B 482 3.57 -51.88 3.34
CA GLY B 482 4.32 -51.18 4.40
C GLY B 482 3.77 -51.18 5.82
N PRO B 483 4.65 -51.10 6.82
CA PRO B 483 4.40 -51.44 8.22
C PRO B 483 3.97 -50.25 9.07
N ALA B 484 3.08 -49.45 8.47
CA ALA B 484 2.09 -48.71 9.18
C ALA B 484 0.82 -49.07 8.42
N LEU B 485 0.99 -49.26 7.11
CA LEU B 485 -0.04 -49.80 6.21
C LEU B 485 -0.22 -51.33 6.39
N ASN B 486 0.55 -51.91 7.33
CA ASN B 486 0.29 -53.28 7.84
C ASN B 486 -0.07 -53.29 9.33
N ALA B 487 -0.46 -54.47 9.82
CA ALA B 487 -1.22 -54.63 11.06
C ALA B 487 -2.67 -54.20 10.82
N GLY B 488 -2.85 -53.38 9.76
CA GLY B 488 -4.15 -52.86 9.34
C GLY B 488 -4.44 -52.99 7.86
N ARG B 489 -3.64 -53.82 7.16
CA ARG B 489 -3.59 -53.97 5.67
C ARG B 489 -4.85 -54.38 4.91
N ASN B 490 -6.01 -53.95 5.38
CA ASN B 490 -7.27 -54.38 4.76
C ASN B 490 -8.41 -53.57 5.30
N ILE B 491 -8.43 -53.48 6.61
CA ILE B 491 -9.22 -52.52 7.30
C ILE B 491 -8.80 -51.14 6.82
N TRP B 492 -9.79 -50.41 6.29
CA TRP B 492 -9.67 -49.03 5.85
C TRP B 492 -8.72 -48.83 4.66
N LEU B 493 -7.84 -49.80 4.41
CA LEU B 493 -6.68 -49.51 3.54
C LEU B 493 -6.36 -50.34 2.25
N PRO B 494 -7.39 -50.81 1.55
CA PRO B 494 -7.26 -50.95 0.12
C PRO B 494 -7.97 -49.84 -0.67
N GLY B 495 -9.23 -49.55 -0.32
CA GLY B 495 -10.09 -48.64 -1.10
C GLY B 495 -9.60 -47.21 -1.15
N TRP B 496 -9.50 -46.59 0.02
CA TRP B 496 -8.90 -45.27 0.14
C TRP B 496 -7.49 -45.22 -0.47
N LEU B 497 -7.06 -46.36 -1.01
CA LEU B 497 -5.91 -46.40 -1.93
C LEU B 497 -6.38 -46.64 -3.37
N ASN B 498 -7.40 -47.48 -3.55
CA ASN B 498 -7.88 -47.86 -4.89
C ASN B 498 -8.14 -46.67 -5.81
N ALA B 499 -8.48 -45.52 -5.20
CA ALA B 499 -8.66 -44.21 -5.89
C ALA B 499 -7.59 -43.09 -5.66
N ILE B 500 -6.67 -43.30 -4.70
CA ILE B 500 -5.61 -42.34 -4.25
C ILE B 500 -4.89 -41.31 -5.15
N ASN B 501 -4.79 -41.60 -6.45
CA ASN B 501 -4.15 -40.67 -7.40
C ASN B 501 -4.26 -40.97 -8.90
N GLU B 502 -5.26 -40.34 -9.53
CA GLU B 502 -5.20 -39.95 -10.95
C GLU B 502 -6.15 -38.77 -11.24
N ASN B 503 -6.62 -38.15 -10.16
CA ASN B 503 -7.22 -36.80 -10.19
C ASN B 503 -8.75 -36.67 -10.35
N SER B 504 -9.40 -37.47 -11.21
CA SER B 504 -10.87 -37.55 -11.16
C SER B 504 -11.17 -38.28 -9.88
N ASN B 505 -10.43 -37.85 -8.87
CA ASN B 505 -10.34 -38.43 -7.59
C ASN B 505 -10.10 -37.24 -6.67
N SER B 506 -9.42 -36.21 -7.24
CA SER B 506 -8.87 -34.97 -6.56
C SER B 506 -8.27 -35.18 -5.15
N LEU B 507 -8.75 -36.25 -4.49
CA LEU B 507 -8.15 -36.86 -3.32
C LEU B 507 -6.66 -36.53 -3.23
N PHE B 508 -6.35 -35.76 -2.18
CA PHE B 508 -5.01 -35.39 -1.76
C PHE B 508 -4.16 -34.72 -2.82
N LEU B 509 -4.81 -33.95 -3.69
CA LEU B 509 -4.19 -33.25 -4.86
C LEU B 509 -2.69 -33.30 -5.12
N THR B 510 -2.38 -33.19 -6.40
CA THR B 510 -1.13 -33.60 -7.06
C THR B 510 0.23 -32.85 -6.77
N ILE B 511 0.45 -32.38 -5.53
CA ILE B 511 1.39 -31.26 -5.17
C ILE B 511 2.44 -30.80 -6.18
N GLY B 512 2.22 -29.58 -6.67
CA GLY B 512 3.12 -28.84 -7.56
C GLY B 512 4.17 -28.06 -6.80
N PRO B 513 5.03 -27.33 -7.54
CA PRO B 513 6.04 -26.39 -6.99
C PRO B 513 5.54 -24.94 -6.94
N GLY B 514 5.67 -24.30 -5.78
CA GLY B 514 5.07 -22.98 -5.58
C GLY B 514 3.66 -23.11 -5.07
N ASP B 515 3.15 -24.33 -5.18
CA ASP B 515 2.21 -24.87 -4.22
C ASP B 515 2.33 -24.29 -2.81
N PHE B 516 3.55 -24.10 -2.33
CA PHE B 516 3.69 -23.39 -1.09
C PHE B 516 3.84 -21.88 -1.26
N LEU B 517 4.25 -21.45 -2.45
CA LEU B 517 4.26 -20.05 -2.78
C LEU B 517 2.90 -19.40 -2.53
N VAL B 518 1.80 -20.14 -2.68
CA VAL B 518 0.57 -19.68 -2.03
C VAL B 518 0.46 -20.24 -0.61
N HIS B 519 0.81 -21.52 -0.44
CA HIS B 519 0.62 -22.15 0.85
C HIS B 519 1.32 -21.31 1.91
N HIS B 520 2.63 -21.13 1.78
CA HIS B 520 3.28 -20.09 2.56
C HIS B 520 2.35 -18.86 2.58
N ALA B 521 2.36 -18.00 1.57
CA ALA B 521 1.42 -16.84 1.53
C ALA B 521 0.14 -16.97 2.41
N ILE B 522 -0.48 -18.16 2.41
CA ILE B 522 -1.65 -18.41 3.30
C ILE B 522 -1.28 -18.72 4.77
N ALA B 523 -0.08 -19.18 5.03
CA ALA B 523 0.48 -19.01 6.38
C ALA B 523 1.25 -17.65 6.58
N LEU B 524 1.08 -16.70 5.65
CA LEU B 524 1.30 -15.31 5.98
C LEU B 524 -0.05 -14.84 6.47
N GLY B 525 -1.00 -14.71 5.53
CA GLY B 525 -2.32 -14.06 5.72
C GLY B 525 -2.85 -13.91 7.14
N LEU B 526 -3.53 -14.93 7.58
CA LEU B 526 -3.74 -15.25 8.97
C LEU B 526 -2.94 -14.51 10.09
N HIS B 527 -1.64 -14.85 10.25
CA HIS B 527 -0.72 -14.25 11.27
C HIS B 527 -0.70 -12.73 11.25
N THR B 528 -1.69 -12.11 10.60
CA THR B 528 -1.60 -10.73 10.16
C THR B 528 -3.01 -10.44 9.73
N THR B 529 -3.88 -11.38 10.07
CA THR B 529 -5.32 -11.15 10.19
C THR B 529 -5.81 -11.77 11.50
N THR B 530 -4.85 -12.30 12.27
CA THR B 530 -4.88 -12.13 13.72
C THR B 530 -4.17 -10.79 13.98
N LEU B 531 -3.22 -10.77 14.91
CA LEU B 531 -2.78 -9.53 15.60
C LEU B 531 -3.75 -8.32 15.61
N ILE B 532 -4.22 -7.86 14.42
CA ILE B 532 -5.37 -6.95 14.35
C ILE B 532 -6.33 -7.35 15.44
N LEU B 533 -7.03 -8.44 15.14
CA LEU B 533 -7.93 -9.13 16.07
C LEU B 533 -7.38 -9.13 17.49
N VAL B 534 -6.23 -9.79 17.70
CA VAL B 534 -5.62 -9.86 19.02
C VAL B 534 -4.83 -8.61 19.32
N LYS B 535 -5.47 -7.52 18.95
CA LYS B 535 -5.31 -6.24 19.59
C LYS B 535 -6.72 -5.69 19.62
N GLY B 536 -7.26 -5.48 18.42
CA GLY B 536 -8.63 -5.01 18.29
C GLY B 536 -9.42 -5.73 19.34
N ALA B 537 -8.81 -6.76 19.88
CA ALA B 537 -9.38 -7.54 20.93
C ALA B 537 -8.57 -7.38 22.21
N LEU B 538 -7.29 -7.75 22.12
CA LEU B 538 -6.52 -8.02 23.34
C LEU B 538 -6.31 -6.76 24.15
N ASP B 539 -5.16 -6.11 23.96
CA ASP B 539 -4.85 -4.88 24.62
C ASP B 539 -5.94 -3.88 24.40
N ALA B 540 -6.77 -4.08 23.37
CA ALA B 540 -7.93 -3.22 23.19
C ALA B 540 -8.85 -3.31 24.40
N ARG B 541 -8.39 -4.06 25.41
CA ARG B 541 -8.92 -4.03 26.77
C ARG B 541 -8.82 -2.63 27.38
N GLY B 542 -7.71 -1.96 27.12
CA GLY B 542 -7.50 -0.60 27.60
C GLY B 542 -6.53 0.16 26.75
N SER B 543 -5.33 -0.40 26.56
CA SER B 543 -4.20 0.30 25.96
C SER B 543 -3.42 1.12 26.98
N LYS B 544 -3.07 2.35 26.60
CA LYS B 544 -2.28 3.29 27.41
C LYS B 544 -2.31 4.65 26.72
N LEU B 545 -2.53 4.61 25.39
CA LEU B 545 -2.99 5.76 24.65
C LEU B 545 -4.15 6.35 25.46
N MET B 546 -5.24 5.61 25.49
CA MET B 546 -6.39 6.01 26.26
C MET B 546 -6.80 4.90 27.27
N PRO B 547 -5.97 4.73 28.33
CA PRO B 547 -5.96 3.55 29.22
C PRO B 547 -7.29 3.35 29.96
N ASP B 548 -8.37 3.46 29.19
CA ASP B 548 -9.72 3.55 29.77
C ASP B 548 -10.83 3.35 28.72
N LYS B 549 -10.45 2.98 27.49
CA LYS B 549 -11.42 2.51 26.50
C LYS B 549 -12.25 1.42 27.17
N LYS B 550 -11.69 0.89 28.25
CA LYS B 550 -12.43 0.06 29.18
C LYS B 550 -13.84 0.62 29.52
N ASP B 551 -13.87 1.86 30.02
CA ASP B 551 -15.10 2.64 30.07
C ASP B 551 -15.60 2.76 28.64
N PHE B 552 -14.91 3.62 27.90
CA PHE B 552 -15.29 3.99 26.53
C PHE B 552 -16.08 2.95 25.74
N GLY B 553 -15.61 1.70 25.76
CA GLY B 553 -16.33 0.61 25.14
C GLY B 553 -15.61 -0.01 23.96
N TYR B 554 -16.41 -0.51 23.02
CA TYR B 554 -15.88 -1.28 21.92
C TYR B 554 -16.12 -0.49 20.65
N SER B 555 -17.20 0.29 20.64
CA SER B 555 -17.63 0.88 19.40
C SER B 555 -17.71 2.39 19.47
N PHE B 556 -16.60 3.02 19.81
CA PHE B 556 -16.46 4.48 19.69
C PHE B 556 -15.75 4.91 18.38
N PRO B 557 -16.54 5.47 17.45
CA PRO B 557 -16.11 6.30 16.34
C PRO B 557 -14.89 7.19 16.60
N CYS B 558 -13.71 6.78 16.15
CA CYS B 558 -12.53 7.65 16.13
C CYS B 558 -12.44 8.63 17.30
N ASP B 559 -11.67 9.70 17.14
CA ASP B 559 -11.26 10.48 18.30
C ASP B 559 -11.19 12.00 18.16
N GLY B 560 -10.78 12.47 17.00
CA GLY B 560 -10.47 13.88 16.85
C GLY B 560 -9.03 14.15 17.27
N PRO B 561 -8.46 15.25 16.77
CA PRO B 561 -7.12 15.83 16.99
C PRO B 561 -6.49 15.59 18.36
N GLY B 562 -7.26 15.17 19.34
CA GLY B 562 -6.74 14.89 20.68
C GLY B 562 -5.24 14.65 20.69
N ARG B 563 -4.50 15.63 21.22
CA ARG B 563 -3.02 15.63 21.26
C ARG B 563 -2.38 14.86 20.11
N GLY B 564 -2.53 15.41 18.90
CA GLY B 564 -2.06 14.75 17.67
C GLY B 564 -1.39 13.41 17.93
N GLY B 565 -2.19 12.38 18.07
CA GLY B 565 -1.67 11.09 18.52
C GLY B 565 -2.76 10.12 18.88
N THR B 566 -3.89 10.26 18.16
CA THR B 566 -5.12 9.48 18.37
C THR B 566 -5.88 9.36 17.05
N CYS B 567 -6.41 8.16 16.78
CA CYS B 567 -7.45 7.97 15.75
C CYS B 567 -7.68 6.55 15.28
N ASP B 568 -8.85 6.40 14.68
CA ASP B 568 -9.68 5.18 14.66
C ASP B 568 -9.31 3.95 15.52
N ILE B 569 -10.16 3.78 16.53
CA ILE B 569 -9.68 3.43 17.85
C ILE B 569 -10.66 2.48 18.56
N SER B 570 -11.86 2.39 18.00
CA SER B 570 -12.75 1.28 18.34
C SER B 570 -11.88 0.00 18.26
N ALA B 571 -12.04 -0.86 19.27
CA ALA B 571 -11.67 -2.27 19.19
C ALA B 571 -12.55 -2.88 18.09
N TRP B 572 -13.69 -2.23 17.85
CA TRP B 572 -14.52 -2.50 16.70
C TRP B 572 -13.75 -2.18 15.42
N ASP B 573 -13.24 -0.95 15.32
CA ASP B 573 -12.53 -0.60 14.11
C ASP B 573 -11.07 -1.14 14.03
N ASP B 574 -10.90 -2.25 14.72
CA ASP B 574 -9.73 -3.06 14.59
C ASP B 574 -10.28 -4.38 14.03
N PHE B 575 -11.55 -4.66 14.34
CA PHE B 575 -12.26 -5.73 13.64
C PHE B 575 -12.41 -5.18 12.24
N TYR B 576 -12.64 -3.88 12.21
CA TYR B 576 -12.45 -3.13 11.01
C TYR B 576 -10.92 -3.04 10.90
N LEU B 577 -10.42 -3.36 9.71
CA LEU B 577 -9.00 -3.68 9.40
C LEU B 577 -8.79 -5.19 9.44
N ALA B 578 -9.16 -5.81 10.55
CA ALA B 578 -9.26 -7.28 10.62
C ALA B 578 -10.12 -7.87 9.49
N VAL B 579 -11.32 -7.35 9.26
CA VAL B 579 -12.10 -7.88 8.13
C VAL B 579 -11.53 -7.44 6.77
N PHE B 580 -10.55 -6.54 6.74
CA PHE B 580 -9.86 -6.27 5.46
C PHE B 580 -8.88 -7.36 5.12
N TRP B 581 -7.90 -7.58 6.01
CA TRP B 581 -6.77 -8.49 5.77
C TRP B 581 -7.19 -9.97 5.64
N MET B 582 -8.34 -10.31 6.22
CA MET B 582 -8.93 -11.64 6.14
C MET B 582 -9.53 -11.85 4.76
N LEU B 583 -10.36 -10.92 4.27
CA LEU B 583 -10.83 -11.04 2.87
C LEU B 583 -9.65 -10.98 1.86
N ASN B 584 -8.56 -10.36 2.28
CA ASN B 584 -7.23 -10.49 1.63
C ASN B 584 -6.73 -11.94 1.72
N THR B 585 -6.71 -12.47 2.94
CA THR B 585 -6.30 -13.83 3.15
C THR B 585 -7.30 -14.84 2.59
N ILE B 586 -8.49 -14.40 2.22
CA ILE B 586 -9.33 -15.20 1.32
C ILE B 586 -9.03 -14.62 -0.03
N GLY B 587 -8.71 -13.32 -0.01
CA GLY B 587 -8.27 -12.62 -1.20
C GLY B 587 -7.51 -13.69 -1.94
N TRP B 588 -6.66 -14.39 -1.22
CA TRP B 588 -5.82 -15.31 -1.95
C TRP B 588 -6.38 -16.71 -2.15
N VAL B 589 -6.43 -17.51 -1.11
CA VAL B 589 -6.73 -18.93 -1.25
C VAL B 589 -8.09 -19.29 -1.89
N THR B 590 -8.44 -18.54 -2.93
CA THR B 590 -9.52 -18.89 -3.83
C THR B 590 -9.02 -18.66 -5.27
N PHE B 591 -7.91 -17.94 -5.40
CA PHE B 591 -7.12 -17.93 -6.64
C PHE B 591 -6.62 -19.33 -6.88
N TYR B 592 -5.58 -19.74 -6.14
CA TYR B 592 -5.32 -21.15 -5.93
C TYR B 592 -6.68 -21.83 -5.78
N TRP B 593 -6.73 -23.13 -6.05
CA TRP B 593 -8.01 -23.74 -6.30
C TRP B 593 -8.43 -23.35 -7.71
N HIS B 594 -9.13 -22.23 -7.89
CA HIS B 594 -9.53 -21.91 -9.27
C HIS B 594 -8.31 -22.17 -10.18
N TRP B 595 -7.23 -21.40 -10.05
CA TRP B 595 -5.95 -21.91 -10.50
C TRP B 595 -5.65 -23.12 -9.62
N LYS B 596 -5.07 -24.17 -10.20
CA LYS B 596 -5.27 -25.55 -9.71
C LYS B 596 -6.69 -25.92 -10.19
N HIS B 597 -7.16 -27.13 -9.94
CA HIS B 597 -8.57 -27.51 -10.24
C HIS B 597 -9.07 -27.16 -11.65
N ILE B 598 -9.34 -25.88 -11.89
CA ILE B 598 -9.60 -25.41 -13.25
C ILE B 598 -8.66 -26.16 -14.20
N THR B 599 -7.35 -26.05 -13.90
CA THR B 599 -6.27 -26.76 -14.59
C THR B 599 -6.77 -28.05 -15.22
N LEU B 600 -6.98 -29.02 -14.32
CA LEU B 600 -7.54 -30.35 -14.57
C LEU B 600 -8.74 -30.42 -15.51
N TRP B 601 -9.87 -29.83 -15.14
CA TRP B 601 -11.13 -30.12 -15.86
C TRP B 601 -11.07 -29.88 -17.38
N ARG B 602 -9.95 -29.33 -17.86
CA ARG B 602 -9.68 -29.35 -19.30
C ARG B 602 -8.30 -29.95 -19.63
N GLY B 603 -7.88 -30.91 -18.81
CA GLY B 603 -6.58 -31.59 -18.93
C GLY B 603 -5.35 -30.74 -18.65
N ASN B 604 -5.34 -29.54 -19.21
CA ASN B 604 -4.19 -28.66 -19.12
C ASN B 604 -3.87 -28.35 -17.66
N VAL B 605 -2.87 -29.03 -17.12
CA VAL B 605 -2.41 -28.70 -15.77
C VAL B 605 -1.00 -28.07 -15.81
N SER B 606 -0.80 -27.24 -16.84
CA SER B 606 0.29 -26.26 -16.91
C SER B 606 -0.38 -24.91 -16.67
N GLN B 607 -1.70 -24.94 -16.51
CA GLN B 607 -2.44 -23.78 -16.03
C GLN B 607 -1.97 -23.43 -14.59
N PHE B 608 -1.25 -24.36 -13.95
CA PHE B 608 -0.26 -24.04 -12.90
C PHE B 608 0.99 -24.80 -13.33
N ASN B 609 1.77 -25.28 -12.37
CA ASN B 609 2.95 -26.09 -12.67
C ASN B 609 3.93 -25.36 -13.59
N GLU B 610 3.54 -25.14 -14.84
CA GLU B 610 4.27 -24.24 -15.71
C GLU B 610 4.37 -22.90 -14.98
N SER B 611 3.23 -22.25 -14.83
CA SER B 611 3.17 -20.86 -14.39
C SER B 611 3.50 -20.62 -12.90
N SER B 612 2.49 -20.17 -12.14
CA SER B 612 2.59 -19.57 -10.79
C SER B 612 3.84 -19.87 -10.01
N THR B 613 4.71 -18.88 -9.99
CA THR B 613 5.95 -18.90 -9.24
C THR B 613 6.57 -17.62 -9.74
N TYR B 614 5.67 -16.67 -9.96
CA TYR B 614 5.88 -15.46 -10.68
C TYR B 614 4.51 -15.05 -11.20
N LEU B 615 3.99 -13.96 -10.65
CA LEU B 615 2.54 -13.73 -10.60
C LEU B 615 1.75 -13.28 -11.86
N MET B 616 2.38 -12.66 -12.85
CA MET B 616 1.62 -12.35 -14.08
C MET B 616 1.01 -13.65 -14.51
N GLY B 617 1.68 -14.76 -14.16
CA GLY B 617 1.11 -16.10 -14.34
C GLY B 617 -0.30 -16.11 -13.82
N TRP B 618 -0.42 -15.77 -12.54
CA TRP B 618 -1.70 -15.42 -11.94
C TRP B 618 -2.44 -14.41 -12.80
N LEU B 619 -1.84 -13.24 -12.99
CA LEU B 619 -2.53 -12.18 -13.69
C LEU B 619 -2.90 -12.64 -15.12
N ARG B 620 -1.88 -13.04 -15.90
CA ARG B 620 -2.05 -13.42 -17.30
C ARG B 620 -3.11 -14.47 -17.44
N ASP B 621 -2.83 -15.61 -16.83
CA ASP B 621 -3.56 -16.82 -17.17
C ASP B 621 -4.09 -17.56 -15.97
N TYR B 622 -4.06 -16.90 -14.83
CA TYR B 622 -5.17 -17.11 -13.97
C TYR B 622 -6.17 -16.02 -14.26
N LEU B 623 -5.75 -14.76 -14.20
CA LEU B 623 -6.71 -13.65 -14.23
C LEU B 623 -7.11 -13.25 -15.65
N TRP B 624 -6.16 -12.87 -16.48
CA TRP B 624 -6.49 -12.35 -17.83
C TRP B 624 -7.26 -13.26 -18.75
N LEU B 625 -6.85 -14.53 -18.83
CA LEU B 625 -7.44 -15.53 -19.76
C LEU B 625 -8.70 -16.24 -19.24
N ASN B 626 -9.36 -16.95 -20.14
CA ASN B 626 -10.57 -17.73 -19.84
C ASN B 626 -11.77 -16.82 -20.03
N SER B 627 -11.74 -15.70 -19.31
CA SER B 627 -12.81 -14.69 -19.25
C SER B 627 -13.67 -14.55 -20.51
N SER B 628 -13.40 -13.45 -21.23
CA SER B 628 -14.37 -12.79 -22.13
C SER B 628 -15.28 -13.70 -22.94
N GLN B 629 -15.59 -14.87 -22.39
CA GLN B 629 -16.86 -15.49 -22.69
C GLN B 629 -17.89 -14.68 -21.89
N LEU B 630 -17.67 -14.64 -20.57
CA LEU B 630 -18.54 -13.91 -19.67
C LEU B 630 -18.67 -12.50 -20.20
N ILE B 631 -17.53 -11.82 -20.22
CA ILE B 631 -17.51 -10.42 -20.55
C ILE B 631 -17.53 -10.22 -22.05
N ASN B 632 -17.80 -11.34 -22.75
CA ASN B 632 -18.31 -11.34 -24.13
C ASN B 632 -19.56 -12.22 -24.29
N GLY B 633 -20.49 -12.08 -23.35
CA GLY B 633 -21.87 -12.55 -23.50
C GLY B 633 -22.74 -11.33 -23.24
N ILE B 634 -22.41 -10.25 -23.95
CA ILE B 634 -22.78 -8.87 -23.67
C ILE B 634 -22.38 -8.15 -24.95
N THR B 635 -21.13 -8.03 -25.20
CA THR B 635 -20.37 -7.97 -26.44
C THR B 635 -21.28 -7.63 -27.62
N PRO B 636 -21.34 -6.33 -27.98
CA PRO B 636 -22.19 -5.64 -28.96
C PRO B 636 -22.93 -6.45 -30.04
N LEU B 637 -23.39 -7.62 -29.67
CA LEU B 637 -24.34 -8.41 -30.44
C LEU B 637 -25.54 -8.80 -29.59
N VAL B 638 -25.26 -9.61 -28.53
CA VAL B 638 -26.34 -10.15 -27.72
C VAL B 638 -25.86 -10.46 -26.30
N CYS B 639 -26.37 -11.55 -25.73
CA CYS B 639 -26.40 -11.72 -24.28
C CYS B 639 -26.01 -13.13 -23.88
N ASN B 640 -26.16 -14.06 -24.82
CA ASN B 640 -26.41 -15.47 -24.48
C ASN B 640 -25.92 -16.01 -23.11
N SER B 641 -26.89 -16.25 -22.21
CA SER B 641 -26.80 -17.23 -21.10
C SER B 641 -25.54 -17.12 -20.22
N LEU B 642 -24.75 -16.08 -20.47
CA LEU B 642 -23.65 -15.76 -19.60
C LEU B 642 -23.61 -14.24 -19.50
N SER B 643 -24.62 -13.64 -20.14
CA SER B 643 -25.15 -12.25 -19.95
C SER B 643 -25.02 -11.53 -18.59
N VAL B 644 -25.42 -12.22 -17.52
CA VAL B 644 -25.56 -11.66 -16.16
C VAL B 644 -24.31 -11.00 -15.57
N TRP B 645 -23.32 -11.80 -15.15
CA TRP B 645 -22.10 -11.30 -14.48
C TRP B 645 -21.37 -10.31 -15.36
N ALA B 646 -21.45 -10.54 -16.66
CA ALA B 646 -21.23 -9.51 -17.63
C ALA B 646 -21.92 -8.23 -17.18
N TRP B 647 -22.99 -8.36 -16.36
CA TRP B 647 -23.60 -7.26 -15.56
C TRP B 647 -23.23 -7.29 -14.09
N MET B 648 -23.55 -8.40 -13.42
CA MET B 648 -23.25 -8.56 -12.00
C MET B 648 -21.82 -8.19 -11.75
N PHE B 649 -20.93 -8.63 -12.64
CA PHE B 649 -19.49 -8.54 -12.41
C PHE B 649 -19.05 -7.08 -12.28
N LEU B 650 -19.35 -6.28 -13.32
CA LEU B 650 -19.21 -4.83 -13.33
C LEU B 650 -19.99 -4.15 -12.19
N PHE B 651 -21.05 -4.83 -11.75
CA PHE B 651 -21.70 -4.52 -10.50
C PHE B 651 -20.63 -4.67 -9.42
N GLY B 652 -20.27 -5.89 -9.09
CA GLY B 652 -19.19 -6.10 -8.14
C GLY B 652 -18.11 -5.10 -8.47
N HIS B 653 -17.92 -4.84 -9.77
CA HIS B 653 -16.90 -3.90 -10.21
C HIS B 653 -17.36 -2.44 -10.10
N LEU B 654 -18.66 -2.16 -9.85
CA LEU B 654 -19.12 -0.84 -9.26
C LEU B 654 -19.29 -0.88 -7.74
N VAL B 655 -20.43 -1.43 -7.32
CA VAL B 655 -20.73 -1.78 -5.91
C VAL B 655 -19.49 -2.13 -5.03
N TRP B 656 -18.40 -2.60 -5.63
CA TRP B 656 -17.11 -2.52 -4.95
C TRP B 656 -16.79 -1.03 -4.89
N ALA B 657 -15.70 -0.60 -5.56
CA ALA B 657 -15.45 0.82 -5.99
C ALA B 657 -15.91 2.02 -5.10
N THR B 658 -17.23 2.13 -4.93
CA THR B 658 -17.86 3.21 -4.20
C THR B 658 -18.04 2.91 -2.73
N GLY B 659 -17.70 1.72 -2.29
CA GLY B 659 -17.35 1.52 -0.87
C GLY B 659 -16.01 2.23 -0.66
N PHE B 660 -15.86 3.38 -1.32
CA PHE B 660 -14.59 4.08 -1.39
C PHE B 660 -14.73 5.52 -0.90
N MET B 661 -15.69 6.23 -1.45
CA MET B 661 -16.01 7.55 -0.99
C MET B 661 -16.10 7.43 0.56
N PHE B 662 -17.15 6.80 1.05
CA PHE B 662 -17.20 6.36 2.42
C PHE B 662 -15.99 5.46 2.43
N LEU B 663 -15.02 5.80 3.27
CA LEU B 663 -13.66 5.20 3.25
C LEU B 663 -12.55 6.23 3.14
N ILE B 664 -12.21 6.63 1.91
CA ILE B 664 -11.17 7.63 1.71
C ILE B 664 -11.75 8.97 2.09
N SER B 665 -13.03 9.18 1.78
CA SER B 665 -13.64 10.49 2.01
C SER B 665 -14.30 10.57 3.39
N TRP B 666 -13.51 10.98 4.40
CA TRP B 666 -13.96 11.05 5.81
C TRP B 666 -15.17 11.99 6.08
N ARG B 667 -15.26 12.53 7.31
CA ARG B 667 -16.59 12.97 7.85
C ARG B 667 -17.07 14.42 7.74
N GLY B 668 -16.30 15.37 8.28
CA GLY B 668 -16.66 16.80 8.29
C GLY B 668 -16.38 17.52 6.97
N TYR B 669 -16.48 16.77 5.89
CA TYR B 669 -16.59 17.36 4.58
C TYR B 669 -18.05 17.16 4.11
N TRP B 670 -18.78 16.31 4.79
CA TRP B 670 -20.12 16.05 4.30
C TRP B 670 -21.19 16.98 4.84
N GLN B 671 -21.31 17.06 6.16
CA GLN B 671 -22.15 18.07 6.80
C GLN B 671 -21.99 19.48 6.20
N GLU B 672 -20.79 20.06 6.37
CA GLU B 672 -20.38 21.35 5.85
C GLU B 672 -20.96 21.61 4.51
N LEU B 673 -20.73 20.67 3.60
CA LEU B 673 -21.28 20.73 2.24
C LEU B 673 -22.80 20.55 2.27
N ILE B 674 -23.24 19.46 2.91
CA ILE B 674 -24.66 19.11 2.92
C ILE B 674 -25.47 20.10 3.73
N GLU B 675 -24.77 21.08 4.31
CA GLU B 675 -25.38 22.30 4.81
C GLU B 675 -25.56 23.25 3.65
N THR B 676 -24.46 23.56 2.95
CA THR B 676 -24.44 24.66 1.96
C THR B 676 -25.47 24.51 0.85
N LEU B 677 -26.41 23.59 1.06
CA LEU B 677 -27.49 23.33 0.13
C LEU B 677 -28.68 22.70 0.86
N ALA B 678 -28.39 22.06 1.99
CA ALA B 678 -29.40 21.95 3.07
C ALA B 678 -29.59 23.36 3.64
N TRP B 679 -30.39 24.14 2.94
CA TRP B 679 -30.18 25.57 2.90
C TRP B 679 -30.61 26.13 1.53
N ALA B 680 -29.91 25.73 0.47
CA ALA B 680 -30.33 26.11 -0.88
C ALA B 680 -31.76 25.66 -1.06
N HIS B 681 -32.07 24.39 -0.78
CA HIS B 681 -33.48 24.03 -0.88
C HIS B 681 -34.38 24.50 0.30
N GLU B 682 -33.98 25.64 0.85
CA GLU B 682 -34.61 26.34 1.97
C GLU B 682 -34.36 27.80 1.68
N ARG B 683 -35.22 28.35 0.82
CA ARG B 683 -35.08 29.66 0.17
C ARG B 683 -35.97 29.55 -1.09
N THR B 684 -35.51 28.75 -2.06
CA THR B 684 -36.14 28.58 -3.39
C THR B 684 -37.65 28.32 -3.40
N PRO B 685 -38.44 29.33 -3.79
CA PRO B 685 -39.89 29.21 -3.71
C PRO B 685 -40.47 28.02 -4.46
N LEU B 686 -41.79 28.03 -4.60
CA LEU B 686 -42.59 26.91 -5.08
C LEU B 686 -42.34 25.59 -4.32
N ALA B 687 -41.09 25.17 -4.27
CA ALA B 687 -40.72 24.10 -3.39
C ALA B 687 -40.13 24.78 -2.18
N ASN B 688 -40.89 25.74 -1.65
CA ASN B 688 -40.62 26.31 -0.32
C ASN B 688 -41.43 25.72 0.85
N LEU B 689 -42.73 25.56 0.63
CA LEU B 689 -43.64 25.01 1.63
C LEU B 689 -43.34 23.51 1.82
N ILE B 690 -42.14 23.20 2.30
CA ILE B 690 -41.64 21.80 2.46
C ILE B 690 -40.53 21.68 3.55
N ARG B 691 -40.88 21.61 4.82
CA ARG B 691 -39.88 21.84 5.91
C ARG B 691 -39.17 20.59 6.48
N TRP B 692 -39.62 19.41 6.05
CA TRP B 692 -38.95 18.11 6.28
C TRP B 692 -38.91 17.63 7.71
N ARG B 693 -39.24 16.36 7.95
CA ARG B 693 -39.67 15.93 9.32
C ARG B 693 -38.56 15.93 10.36
N ASP B 694 -37.42 15.33 10.01
CA ASP B 694 -36.16 15.67 10.69
C ASP B 694 -35.08 16.26 9.74
N LYS B 695 -33.85 16.37 10.20
CA LYS B 695 -32.98 17.38 9.65
C LYS B 695 -31.63 16.82 9.24
N PRO B 696 -31.44 16.68 7.92
CA PRO B 696 -30.35 16.08 7.16
C PRO B 696 -28.97 16.36 7.73
N VAL B 697 -28.34 15.34 8.31
CA VAL B 697 -26.90 15.45 8.58
C VAL B 697 -26.01 14.34 7.94
N ALA B 698 -24.70 14.60 7.88
CA ALA B 698 -23.71 13.63 7.41
C ALA B 698 -23.57 12.52 8.44
N LEU B 699 -22.55 11.69 8.30
CA LEU B 699 -22.62 10.37 8.94
C LEU B 699 -21.57 10.04 10.00
N SER B 700 -22.00 9.82 11.23
CA SER B 700 -21.08 9.27 12.19
C SER B 700 -19.90 8.65 11.45
N ILE B 701 -18.68 9.00 11.87
CA ILE B 701 -17.47 8.41 11.22
C ILE B 701 -17.47 6.86 11.16
N VAL B 702 -17.76 6.18 12.26
CA VAL B 702 -18.25 4.82 12.16
C VAL B 702 -19.62 4.74 11.40
N GLN B 703 -19.66 3.92 10.36
CA GLN B 703 -20.69 4.01 9.32
C GLN B 703 -19.90 4.32 8.08
N ALA B 704 -19.60 5.61 7.98
CA ALA B 704 -18.53 6.17 7.20
C ALA B 704 -17.25 5.35 7.47
N ARG B 705 -17.45 4.06 7.73
CA ARG B 705 -16.42 3.07 7.62
C ARG B 705 -17.11 1.73 7.51
N LEU B 706 -18.26 1.59 8.22
CA LEU B 706 -19.22 0.46 8.04
C LEU B 706 -19.68 0.34 6.57
N VAL B 707 -20.63 1.16 6.09
CA VAL B 707 -21.04 1.04 4.68
C VAL B 707 -19.94 1.18 3.58
N GLY B 708 -18.73 1.60 4.01
CA GLY B 708 -17.50 1.32 3.29
C GLY B 708 -17.47 -0.20 3.22
N LEU B 709 -17.83 -0.82 4.34
CA LEU B 709 -18.04 -2.26 4.43
C LEU B 709 -19.52 -2.80 4.36
N VAL B 710 -20.06 -2.86 3.14
CA VAL B 710 -21.26 -3.62 2.77
C VAL B 710 -21.74 -2.91 1.55
N HIS B 711 -20.75 -2.40 0.85
CA HIS B 711 -20.85 -1.99 -0.52
C HIS B 711 -19.66 -2.74 -1.12
N PHE B 712 -18.47 -2.44 -0.55
CA PHE B 712 -17.21 -3.22 -0.60
C PHE B 712 -17.59 -4.70 -0.60
N SER B 713 -16.99 -5.48 0.29
CA SER B 713 -17.31 -6.88 0.47
C SER B 713 -18.54 -7.30 -0.33
N VAL B 714 -19.70 -6.67 -0.12
CA VAL B 714 -20.86 -6.97 -0.98
C VAL B 714 -20.42 -6.99 -2.47
N GLY B 715 -19.76 -5.90 -2.92
CA GLY B 715 -19.09 -5.86 -4.22
C GLY B 715 -18.14 -7.04 -4.33
N TYR B 716 -17.39 -7.26 -3.26
CA TYR B 716 -16.25 -8.18 -3.25
C TYR B 716 -16.74 -9.58 -3.03
N ILE B 717 -17.84 -9.72 -2.32
CA ILE B 717 -18.39 -11.03 -2.25
C ILE B 717 -18.84 -11.18 -3.70
N PHE B 718 -19.34 -10.11 -4.29
CA PHE B 718 -19.71 -10.18 -5.70
C PHE B 718 -18.55 -10.29 -6.67
N THR B 719 -18.88 -10.58 -7.93
CA THR B 719 -17.91 -10.76 -9.04
C THR B 719 -17.18 -12.09 -9.05
N TYR B 720 -16.09 -12.23 -8.28
CA TYR B 720 -15.39 -13.54 -8.13
C TYR B 720 -16.50 -14.54 -8.07
N ALA B 721 -17.40 -14.25 -7.14
CA ALA B 721 -18.77 -14.74 -7.09
C ALA B 721 -19.39 -15.07 -8.45
N ALA B 722 -19.43 -14.10 -9.34
CA ALA B 722 -20.16 -14.31 -10.59
C ALA B 722 -19.23 -14.88 -11.69
N PHE B 723 -17.94 -14.59 -11.47
CA PHE B 723 -16.83 -15.00 -12.32
C PHE B 723 -16.67 -16.51 -12.16
N LEU B 724 -16.17 -16.95 -10.99
CA LEU B 724 -16.10 -18.40 -10.64
C LEU B 724 -17.24 -19.26 -11.21
N ILE B 725 -18.33 -18.62 -11.63
CA ILE B 725 -19.46 -19.33 -12.16
C ILE B 725 -19.50 -19.15 -13.68
N ALA B 726 -19.14 -17.93 -14.08
CA ALA B 726 -19.32 -17.44 -15.46
C ALA B 726 -18.50 -18.27 -16.49
N SER B 727 -17.23 -17.91 -16.60
CA SER B 727 -16.11 -18.83 -16.68
C SER B 727 -16.49 -20.24 -17.07
N THR B 728 -17.03 -20.96 -16.07
CA THR B 728 -17.37 -22.36 -16.14
C THR B 728 -18.83 -22.54 -16.47
N SER B 729 -19.08 -22.59 -17.76
CA SER B 729 -20.37 -22.82 -18.42
C SER B 729 -20.00 -22.37 -19.85
N GLY B 730 -18.88 -21.66 -19.90
CA GLY B 730 -18.00 -21.71 -21.05
C GLY B 730 -17.09 -22.90 -20.78
N LYS B 731 -15.83 -22.57 -20.44
CA LYS B 731 -14.74 -23.52 -20.18
C LYS B 731 -15.03 -24.27 -18.91
N PHE B 732 -14.48 -25.47 -18.75
CA PHE B 732 -14.59 -26.22 -17.48
C PHE B 732 -13.21 -26.55 -16.87
N SER C 1 -25.49 16.18 27.81
CA SER C 1 -25.22 14.99 26.96
C SER C 1 -23.79 14.91 26.44
N HIS C 2 -22.81 14.91 27.35
CA HIS C 2 -21.38 14.88 26.98
C HIS C 2 -20.51 13.96 27.81
N SER C 3 -19.56 13.34 27.12
CA SER C 3 -19.04 12.06 27.57
C SER C 3 -17.60 11.68 27.13
N VAL C 4 -17.08 10.62 27.73
CA VAL C 4 -17.75 9.99 28.86
C VAL C 4 -17.32 10.70 30.16
N LYS C 5 -16.11 10.39 30.62
CA LYS C 5 -15.58 10.93 31.85
C LYS C 5 -14.07 11.20 31.66
N ILE C 6 -13.51 12.25 32.34
CA ILE C 6 -12.45 13.17 31.77
C ILE C 6 -11.20 13.67 32.65
N TYR C 7 -11.41 14.04 33.94
CA TYR C 7 -10.37 13.93 35.06
C TYR C 7 -9.38 15.08 35.53
N ASP C 8 -8.84 14.97 36.78
CA ASP C 8 -8.27 16.08 37.69
C ASP C 8 -6.90 16.80 37.36
N THR C 9 -6.51 17.72 38.26
CA THR C 9 -5.13 18.30 38.49
C THR C 9 -4.73 19.67 37.90
N CYS C 10 -4.82 19.80 36.58
CA CYS C 10 -4.41 21.02 35.90
C CYS C 10 -5.18 22.19 36.47
N ILE C 11 -5.63 23.08 35.60
CA ILE C 11 -5.83 24.47 36.00
C ILE C 11 -4.85 24.72 37.19
N GLY C 12 -4.33 25.95 37.29
CA GLY C 12 -4.64 27.03 36.35
C GLY C 12 -4.57 26.63 34.90
N CYS C 13 -4.64 27.63 34.04
CA CYS C 13 -4.26 27.43 32.65
C CYS C 13 -3.01 28.26 32.47
N THR C 14 -3.12 29.33 31.66
CA THR C 14 -1.98 30.05 31.07
C THR C 14 -1.09 29.11 30.20
N GLN C 15 -1.47 27.82 30.13
CA GLN C 15 -0.81 26.77 29.36
C GLN C 15 -1.62 25.46 29.30
N CYS C 16 -2.93 25.56 29.56
CA CYS C 16 -3.89 24.47 29.34
C CYS C 16 -5.35 24.97 29.23
N VAL C 17 -6.31 24.14 29.62
CA VAL C 17 -7.72 24.21 29.08
C VAL C 17 -8.44 25.60 29.07
N ARG C 18 -8.20 26.31 27.97
CA ARG C 18 -8.61 27.71 27.81
C ARG C 18 -9.47 27.86 26.57
N ALA C 19 -9.81 26.75 25.95
CA ALA C 19 -10.40 26.87 24.63
C ALA C 19 -11.50 25.90 24.26
N CYS C 20 -12.53 25.73 25.12
CA CYS C 20 -13.80 25.31 24.53
C CYS C 20 -14.54 26.47 23.88
N PRO C 21 -14.66 26.37 22.55
CA PRO C 21 -15.75 26.83 21.70
C PRO C 21 -17.05 27.05 22.47
N THR C 22 -17.81 25.99 22.76
CA THR C 22 -19.09 26.20 23.40
C THR C 22 -18.97 26.15 24.93
N ASP C 23 -18.28 27.17 25.48
CA ASP C 23 -18.22 27.43 26.92
C ASP C 23 -17.91 26.13 27.67
N VAL C 24 -18.72 25.78 28.67
CA VAL C 24 -18.62 24.51 29.38
C VAL C 24 -17.47 24.61 30.35
N LEU C 25 -17.32 25.82 30.89
CA LEU C 25 -16.15 26.14 31.68
C LEU C 25 -16.37 27.17 32.81
N GLU C 26 -16.29 26.71 34.04
CA GLU C 26 -16.15 27.59 35.17
C GLU C 26 -14.73 27.34 35.62
N MET C 27 -14.49 27.68 36.87
CA MET C 27 -13.39 27.16 37.63
C MET C 27 -13.84 27.39 39.07
N ILE C 28 -14.15 26.32 39.76
CA ILE C 28 -14.46 26.42 41.17
C ILE C 28 -13.19 26.83 41.92
N PRO C 29 -13.23 26.91 43.27
CA PRO C 29 -11.96 27.27 43.90
C PRO C 29 -11.26 26.06 44.50
N TRP C 30 -11.98 25.28 45.31
CA TRP C 30 -11.58 23.94 45.81
C TRP C 30 -10.09 23.64 46.16
N GLY C 31 -9.86 22.84 47.20
CA GLY C 31 -8.52 22.65 47.76
C GLY C 31 -7.77 21.34 47.52
N GLY C 32 -6.64 21.45 46.82
CA GLY C 32 -5.76 20.30 46.59
C GLY C 32 -4.46 20.62 45.86
N CYS C 33 -4.59 21.03 44.60
CA CYS C 33 -3.42 21.40 43.80
C CYS C 33 -2.75 22.68 44.32
N LYS C 34 -1.71 23.11 43.61
CA LYS C 34 -0.73 24.06 44.15
C LYS C 34 -1.23 25.51 44.33
N ALA C 35 -2.54 25.67 44.47
CA ALA C 35 -3.12 26.96 44.84
C ALA C 35 -4.62 26.87 45.03
N LYS C 36 -5.27 26.05 44.18
CA LYS C 36 -6.69 25.73 44.31
C LYS C 36 -7.40 25.73 42.97
N GLN C 37 -7.79 24.53 42.48
CA GLN C 37 -8.52 24.37 41.20
C GLN C 37 -8.88 22.89 40.77
N ILE C 38 -10.19 22.58 40.71
CA ILE C 38 -10.72 21.28 40.21
C ILE C 38 -11.82 21.50 39.14
N ALA C 39 -11.79 20.70 38.07
CA ALA C 39 -12.69 20.97 36.93
C ALA C 39 -12.96 19.90 35.84
N SER C 40 -14.18 19.98 35.29
CA SER C 40 -14.59 19.47 34.00
C SER C 40 -15.62 20.48 33.48
N ALA C 41 -16.80 20.46 34.11
CA ALA C 41 -17.98 21.19 33.56
C ALA C 41 -19.12 21.63 34.51
N PRO C 42 -18.95 22.81 35.10
CA PRO C 42 -19.97 23.74 35.52
C PRO C 42 -21.13 23.67 34.56
N ARG C 43 -20.90 22.87 33.52
CA ARG C 43 -21.84 22.74 32.45
C ARG C 43 -21.60 21.38 31.74
N THR C 44 -21.52 21.45 30.41
CA THR C 44 -21.64 20.34 29.47
C THR C 44 -23.08 20.22 29.00
N GLU C 45 -23.45 21.12 28.12
CA GLU C 45 -24.80 21.19 27.58
C GLU C 45 -24.84 22.19 26.44
N ASP C 46 -23.69 22.84 26.25
CA ASP C 46 -23.50 23.88 25.27
C ASP C 46 -22.52 23.27 24.30
N CYS C 47 -21.43 22.76 24.88
CA CYS C 47 -20.60 21.75 24.24
C CYS C 47 -21.53 20.58 23.94
N VAL C 48 -21.26 19.68 22.98
CA VAL C 48 -20.25 19.71 21.88
C VAL C 48 -18.89 19.11 22.18
N GLY C 49 -18.68 17.86 21.72
CA GLY C 49 -17.36 17.23 21.70
C GLY C 49 -16.45 18.21 20.98
N CYS C 50 -16.32 19.42 21.53
CA CYS C 50 -15.37 20.41 21.03
C CYS C 50 -13.98 19.95 21.41
N LYS C 51 -13.96 18.70 21.85
CA LYS C 51 -12.77 17.98 22.36
C LYS C 51 -11.39 18.64 22.35
N ARG C 52 -11.29 19.87 21.84
CA ARG C 52 -10.10 20.66 22.12
C ARG C 52 -10.34 21.16 23.54
N CYS C 53 -9.87 20.37 24.51
CA CYS C 53 -10.11 20.63 25.93
C CYS C 53 -9.09 19.88 26.81
N GLU C 54 -7.99 19.47 26.18
CA GLU C 54 -6.92 18.74 26.82
C GLU C 54 -5.67 19.06 26.02
N SER C 55 -5.83 19.16 24.70
CA SER C 55 -4.93 19.95 23.90
C SER C 55 -5.15 21.32 24.54
N ALA C 56 -4.27 21.67 25.48
CA ALA C 56 -4.61 22.55 26.58
C ALA C 56 -5.46 21.70 27.55
N CYS C 57 -4.74 21.11 28.53
CA CYS C 57 -5.18 20.06 29.50
C CYS C 57 -4.26 18.83 29.44
N PRO C 58 -3.08 18.90 30.09
CA PRO C 58 -2.42 17.64 30.42
C PRO C 58 -3.05 16.95 31.64
N THR C 59 -2.23 16.13 32.29
CA THR C 59 -2.60 15.17 33.39
C THR C 59 -3.19 13.78 33.01
N ASP C 60 -2.37 13.06 32.24
CA ASP C 60 -2.09 11.61 32.40
C ASP C 60 -3.21 10.54 32.43
N PHE C 61 -3.26 9.75 31.33
CA PHE C 61 -4.34 8.78 30.92
C PHE C 61 -5.42 9.54 30.16
N LEU C 62 -6.37 8.86 29.52
CA LEU C 62 -7.38 9.59 28.72
C LEU C 62 -8.06 10.73 29.49
N SER C 63 -8.26 11.81 28.75
CA SER C 63 -8.31 13.17 29.25
C SER C 63 -9.35 14.07 28.54
N VAL C 64 -10.18 13.48 27.65
CA VAL C 64 -11.16 14.13 26.74
C VAL C 64 -11.40 13.22 25.53
N ARG C 65 -12.65 13.16 25.04
CA ARG C 65 -13.03 12.25 23.91
C ARG C 65 -14.29 12.62 23.11
N VAL C 66 -15.50 12.35 23.67
CA VAL C 66 -16.86 12.76 23.14
C VAL C 66 -18.12 12.13 23.83
N TYR C 67 -18.23 10.81 23.73
CA TYR C 67 -19.49 10.01 23.69
C TYR C 67 -20.94 10.58 23.70
N LEU C 68 -21.41 11.05 22.55
CA LEU C 68 -22.66 11.81 22.52
C LEU C 68 -23.94 10.96 22.50
N TRP C 69 -23.78 9.64 22.36
CA TRP C 69 -24.90 8.74 21.97
C TRP C 69 -26.13 9.51 21.49
N HIS C 70 -26.88 10.05 22.45
CA HIS C 70 -28.10 10.76 22.14
C HIS C 70 -27.70 11.59 20.96
N GLU C 71 -26.72 12.45 21.20
CA GLU C 71 -26.14 13.27 20.15
C GLU C 71 -27.22 14.30 19.72
N THR C 72 -26.94 15.58 19.96
CA THR C 72 -28.00 16.55 20.10
C THR C 72 -27.86 17.77 19.18
N THR C 73 -28.97 18.22 18.58
CA THR C 73 -29.01 19.44 17.72
C THR C 73 -28.49 20.70 18.46
N ARG C 74 -28.03 20.46 19.68
CA ARG C 74 -27.42 21.49 20.49
C ARG C 74 -25.93 21.43 20.23
N SER C 75 -25.46 20.24 19.92
CA SER C 75 -24.03 20.01 19.82
C SER C 75 -23.62 18.98 18.76
N MET C 76 -24.60 18.34 18.11
CA MET C 76 -24.43 17.77 16.79
C MET C 76 -24.30 18.94 15.87
N GLY C 77 -24.44 20.13 16.45
CA GLY C 77 -24.08 21.40 15.79
C GLY C 77 -25.09 21.91 14.80
N LEU C 78 -25.66 21.00 14.03
CA LEU C 78 -26.54 21.39 12.94
C LEU C 78 -27.73 22.21 13.44
N ALA C 79 -27.53 23.51 13.42
CA ALA C 79 -28.58 24.48 13.39
C ALA C 79 -29.49 24.26 12.17
N TYR C 80 -29.24 25.09 11.17
CA TYR C 80 -30.00 25.06 9.94
C TYR C 80 -29.54 23.88 9.10
N GLU D 1 -38.58 48.22 6.19
CA GLU D 1 -38.93 48.96 4.91
C GLU D 1 -38.74 50.52 4.90
N LEU D 2 -37.73 51.06 5.59
CA LEU D 2 -36.80 50.34 6.47
C LEU D 2 -36.98 50.80 7.93
N ASP D 3 -36.58 49.93 8.86
CA ASP D 3 -36.55 50.18 10.33
C ASP D 3 -37.76 49.58 11.10
N PRO D 4 -37.59 49.22 12.38
CA PRO D 4 -36.56 49.23 13.43
C PRO D 4 -35.08 49.20 13.05
N ASN D 5 -34.49 47.99 13.04
CA ASN D 5 -33.03 47.70 13.13
C ASN D 5 -31.90 48.78 13.13
N THR D 6 -31.09 48.71 14.19
CA THR D 6 -29.92 49.56 14.38
C THR D 6 -28.72 48.68 14.82
N PRO D 7 -28.10 47.98 13.85
CA PRO D 7 -27.05 46.99 14.10
C PRO D 7 -25.64 47.57 14.36
N SER D 8 -24.66 46.90 13.74
CA SER D 8 -23.27 47.37 13.44
C SER D 8 -22.19 46.74 14.30
N PRO D 9 -21.81 45.52 13.91
CA PRO D 9 -22.45 44.85 12.76
C PRO D 9 -22.85 45.76 11.59
N ILE D 10 -22.38 45.43 10.39
CA ILE D 10 -23.08 45.70 9.09
C ILE D 10 -22.23 45.28 7.87
N PHE D 11 -22.89 44.79 6.82
CA PHE D 11 -22.21 44.37 5.58
C PHE D 11 -23.18 43.99 4.46
N ALA D 12 -24.44 43.81 4.84
CA ALA D 12 -25.53 43.49 3.91
C ALA D 12 -25.75 41.97 3.67
N GLY D 13 -26.17 41.64 2.44
CA GLY D 13 -26.92 40.44 2.18
C GLY D 13 -26.29 39.23 1.57
N SER D 14 -26.08 38.22 2.42
CA SER D 14 -25.53 36.94 2.03
C SER D 14 -25.64 35.82 3.06
N THR D 15 -26.65 34.99 2.86
CA THR D 15 -26.59 33.55 3.11
C THR D 15 -25.78 33.03 4.30
N GLY D 16 -24.46 33.20 4.25
CA GLY D 16 -23.49 32.34 4.96
C GLY D 16 -23.37 32.38 6.47
N GLY D 17 -24.52 32.59 7.13
CA GLY D 17 -24.66 32.66 8.60
C GLY D 17 -26.02 33.20 8.98
N LEU D 18 -26.78 32.42 9.77
CA LEU D 18 -28.09 32.83 10.33
C LEU D 18 -29.25 32.87 9.30
N LEU D 19 -30.15 31.90 9.42
CA LEU D 19 -31.12 31.68 8.35
C LEU D 19 -32.54 31.39 8.78
N ARG D 20 -33.46 31.76 7.89
CA ARG D 20 -34.83 31.25 7.87
C ARG D 20 -35.30 30.53 9.15
N LYS D 21 -34.90 29.27 9.33
CA LYS D 21 -35.60 28.35 10.24
C LYS D 21 -34.86 28.00 11.52
N ALA D 22 -34.76 28.99 12.41
CA ALA D 22 -34.21 28.88 13.77
C ALA D 22 -34.46 30.20 14.44
N GLN D 23 -35.66 30.70 14.19
CA GLN D 23 -36.25 31.71 15.04
C GLN D 23 -36.97 30.92 16.14
N VAL D 24 -37.24 29.62 15.85
CA VAL D 24 -37.74 28.60 16.80
C VAL D 24 -36.62 27.99 17.67
N GLU D 25 -36.35 26.70 17.42
CA GLU D 25 -35.52 25.83 18.26
C GLU D 25 -34.15 26.45 18.61
N GLU D 26 -34.20 27.61 19.30
CA GLU D 26 -33.02 28.46 19.54
C GLU D 26 -32.74 29.58 18.49
N PHE D 27 -31.81 30.48 18.82
CA PHE D 27 -31.52 31.70 18.04
C PHE D 27 -30.22 32.38 18.49
N TYR D 28 -30.14 32.86 19.74
CA TYR D 28 -28.91 33.50 20.29
C TYR D 28 -28.58 34.91 19.76
N VAL D 29 -28.23 35.82 20.67
CA VAL D 29 -27.86 37.22 20.31
C VAL D 29 -26.44 37.57 20.88
N ILE D 30 -25.87 38.73 20.52
CA ILE D 30 -24.60 39.24 21.13
C ILE D 30 -24.50 40.76 21.35
N THR D 31 -24.25 41.21 22.59
CA THR D 31 -23.99 42.67 22.90
C THR D 31 -22.52 43.10 23.20
N TRP D 32 -22.15 44.31 22.76
CA TRP D 32 -20.93 44.99 23.25
C TRP D 32 -20.98 46.46 22.92
N GLU D 33 -19.97 47.22 23.34
CA GLU D 33 -19.77 48.57 22.82
C GLU D 33 -18.68 48.51 21.76
N SER D 34 -18.83 49.30 20.70
CA SER D 34 -17.89 49.23 19.60
C SER D 34 -17.01 50.46 19.52
N PRO D 35 -15.80 50.38 20.09
CA PRO D 35 -14.69 51.11 19.56
C PRO D 35 -14.80 51.31 18.05
N LYS D 36 -15.00 52.57 17.64
CA LYS D 36 -15.10 52.99 16.22
C LYS D 36 -16.09 52.16 15.38
N GLU D 37 -16.35 52.62 14.15
CA GLU D 37 -16.95 51.75 13.13
C GLU D 37 -15.94 50.63 12.74
N GLN D 38 -14.71 50.80 13.27
CA GLN D 38 -13.49 49.97 13.14
C GLN D 38 -13.63 48.58 12.56
N ILE D 39 -13.64 48.50 11.24
CA ILE D 39 -14.14 47.32 10.58
C ILE D 39 -13.32 46.03 10.89
N PHE D 40 -14.05 44.93 11.13
CA PHE D 40 -13.48 43.56 11.34
C PHE D 40 -14.20 42.40 10.62
N GLU D 41 -13.58 41.21 10.73
CA GLU D 41 -14.05 39.94 10.14
C GLU D 41 -15.22 39.34 10.89
N MET D 42 -16.26 39.00 10.12
CA MET D 42 -17.61 38.75 10.63
C MET D 42 -18.34 37.70 9.75
N PRO D 43 -18.73 36.55 10.34
CA PRO D 43 -18.85 35.21 9.72
C PRO D 43 -19.14 35.04 8.21
N THR D 44 -20.40 35.19 7.79
CA THR D 44 -20.77 34.95 6.40
C THR D 44 -19.69 35.54 5.49
N GLY D 45 -18.99 36.55 5.99
CA GLY D 45 -17.73 37.00 5.38
C GLY D 45 -17.47 38.46 5.59
N GLY D 46 -18.19 39.24 4.81
CA GLY D 46 -18.23 40.71 4.90
C GLY D 46 -17.05 41.54 5.40
N ALA D 47 -16.78 41.45 6.69
CA ALA D 47 -16.27 42.60 7.40
C ALA D 47 -17.52 43.32 7.86
N ALA D 48 -17.56 43.61 9.16
CA ALA D 48 -18.65 44.37 9.68
C ALA D 48 -18.00 45.67 10.05
N ILE D 49 -18.72 46.74 9.72
CA ILE D 49 -18.62 48.03 10.39
C ILE D 49 -19.12 47.91 11.83
N MET D 50 -18.21 47.89 12.81
CA MET D 50 -18.64 48.06 14.20
C MET D 50 -19.18 49.51 14.31
N ARG D 51 -19.87 49.89 15.40
CA ARG D 51 -20.44 51.26 15.41
C ARG D 51 -20.25 52.07 16.69
N GLU D 52 -21.28 52.82 17.06
CA GLU D 52 -21.24 53.68 18.23
C GLU D 52 -22.19 53.25 19.37
N GLY D 53 -23.29 52.56 19.07
CA GLY D 53 -23.84 51.57 20.00
C GLY D 53 -22.80 50.45 19.88
N PRO D 54 -23.16 49.31 19.24
CA PRO D 54 -24.43 48.62 19.47
C PRO D 54 -24.44 48.04 20.92
N ASN D 55 -24.04 46.79 21.14
CA ASN D 55 -23.71 45.85 20.08
C ASN D 55 -24.58 44.60 20.12
N LEU D 56 -25.68 44.69 19.39
CA LEU D 56 -26.65 43.62 19.33
C LEU D 56 -26.82 43.17 17.88
N LEU D 57 -26.42 41.94 17.59
CA LEU D 57 -26.79 41.34 16.30
C LEU D 57 -27.04 39.84 16.35
N LYS D 58 -27.93 39.40 15.45
CA LYS D 58 -28.45 38.05 15.40
C LYS D 58 -27.44 37.04 14.84
N LEU D 59 -27.55 35.79 15.29
CA LEU D 59 -26.63 34.68 15.00
C LEU D 59 -26.91 33.47 15.92
N ALA D 60 -27.16 32.32 15.27
CA ALA D 60 -27.80 31.08 15.84
C ALA D 60 -26.89 30.07 16.51
N ARG D 61 -25.75 29.81 15.89
CA ARG D 61 -24.75 28.97 16.49
C ARG D 61 -24.00 29.86 17.51
N LYS D 62 -24.37 29.76 18.79
CA LYS D 62 -23.71 30.58 19.83
C LYS D 62 -22.22 30.22 19.86
N GLU D 63 -21.95 29.06 19.27
CA GLU D 63 -20.67 28.78 18.65
C GLU D 63 -20.04 30.07 18.20
N GLN D 64 -20.73 30.75 17.28
CA GLN D 64 -20.20 31.87 16.49
C GLN D 64 -19.66 33.00 17.38
N CYS D 65 -20.42 33.28 18.45
CA CYS D 65 -20.07 34.24 19.53
C CYS D 65 -18.65 34.12 20.14
N LEU D 66 -18.43 33.68 21.39
CA LEU D 66 -17.07 33.84 21.98
C LEU D 66 -15.99 34.03 20.94
N ALA D 67 -15.91 33.09 20.01
CA ALA D 67 -15.16 33.23 18.76
C ALA D 67 -15.00 34.70 18.39
N LEU D 68 -16.13 35.31 18.03
CA LEU D 68 -16.32 36.74 17.83
C LEU D 68 -16.05 37.69 19.00
N GLY D 69 -16.34 37.25 20.23
CA GLY D 69 -15.91 38.03 21.39
C GLY D 69 -14.41 38.22 21.34
N THR D 70 -13.72 37.13 21.01
CA THR D 70 -12.27 37.07 20.92
C THR D 70 -11.82 37.51 19.53
N ARG D 71 -12.64 37.24 18.51
CA ARG D 71 -12.44 37.85 17.20
C ARG D 71 -11.99 39.24 17.50
N LEU D 72 -12.78 39.89 18.35
CA LEU D 72 -12.38 41.11 19.05
C LEU D 72 -11.19 40.84 20.01
N ARG D 73 -10.09 40.30 19.46
CA ARG D 73 -8.75 40.16 20.11
C ARG D 73 -7.56 40.48 19.16
N SER D 74 -7.85 40.82 17.91
CA SER D 74 -6.77 41.09 16.96
C SER D 74 -6.84 42.47 16.31
N LYS D 75 -7.44 43.40 17.04
CA LYS D 75 -7.48 44.81 16.67
C LYS D 75 -7.24 45.59 17.96
N TYR D 76 -7.22 44.84 19.09
CA TYR D 76 -7.07 45.31 20.49
C TYR D 76 -8.31 45.04 21.34
N LYS D 77 -9.47 45.05 20.70
CA LYS D 77 -10.75 45.34 21.36
C LYS D 77 -11.25 44.39 22.46
N ILE D 78 -12.31 44.80 23.17
CA ILE D 78 -12.65 44.21 24.47
C ILE D 78 -14.18 44.00 24.72
N LYS D 79 -14.54 43.72 25.99
CA LYS D 79 -15.90 43.38 26.51
C LYS D 79 -17.09 42.92 25.62
N TYR D 80 -16.94 41.69 25.10
CA TYR D 80 -18.02 40.97 24.44
C TYR D 80 -19.10 40.58 25.47
N GLN D 81 -20.35 40.57 25.01
CA GLN D 81 -21.49 40.16 25.81
C GLN D 81 -22.45 39.38 24.90
N PHE D 82 -22.98 38.25 25.38
CA PHE D 82 -24.17 37.68 24.69
C PHE D 82 -25.32 37.13 25.55
N TYR D 83 -26.37 36.63 24.89
CA TYR D 83 -27.73 36.55 25.43
C TYR D 83 -28.61 35.53 24.65
N ARG D 84 -29.83 35.30 25.17
CA ARG D 84 -30.92 34.52 24.52
C ARG D 84 -32.28 34.77 25.19
N VAL D 85 -33.36 34.97 24.43
CA VAL D 85 -33.37 35.23 22.98
C VAL D 85 -33.80 33.99 22.22
N PHE D 86 -35.07 34.01 21.79
CA PHE D 86 -35.82 32.86 21.22
C PHE D 86 -37.30 33.12 21.38
N PRO D 87 -38.17 32.14 21.01
CA PRO D 87 -39.57 32.26 21.37
C PRO D 87 -39.89 31.46 22.64
N SER D 88 -40.15 32.13 23.77
CA SER D 88 -40.23 33.59 23.93
C SER D 88 -39.11 34.07 24.87
N GLY D 89 -38.17 34.86 24.32
CA GLY D 89 -36.89 35.28 24.97
C GLY D 89 -36.50 34.70 26.34
N GLU D 90 -35.23 34.83 26.74
CA GLU D 90 -34.86 34.38 28.09
C GLU D 90 -33.39 34.28 28.57
N VAL D 91 -32.68 33.22 28.17
CA VAL D 91 -31.39 32.87 28.81
C VAL D 91 -30.15 33.67 28.21
N GLN D 92 -29.18 33.09 27.46
CA GLN D 92 -28.65 31.70 27.48
C GLN D 92 -27.09 31.78 27.32
N TYR D 93 -26.44 32.29 28.36
CA TYR D 93 -25.39 33.25 28.17
C TYR D 93 -24.42 33.20 29.31
N LEU D 94 -23.13 33.41 29.04
CA LEU D 94 -22.14 33.40 30.13
C LEU D 94 -21.35 34.68 30.27
N HIS D 95 -21.90 35.76 29.73
CA HIS D 95 -21.14 36.98 29.62
C HIS D 95 -21.98 38.11 29.03
N PRO D 96 -22.41 39.04 29.91
CA PRO D 96 -22.63 38.61 31.28
C PRO D 96 -24.04 38.07 31.54
N LYS D 97 -24.06 36.90 32.17
CA LYS D 97 -25.08 36.58 33.15
C LYS D 97 -24.40 37.17 34.38
N ASP D 98 -23.05 37.14 34.30
CA ASP D 98 -22.14 37.71 35.29
C ASP D 98 -20.75 37.91 34.65
N GLY D 99 -20.62 37.46 33.39
CA GLY D 99 -19.37 37.59 32.60
C GLY D 99 -18.21 36.94 33.31
N VAL D 100 -18.48 35.75 33.84
CA VAL D 100 -17.51 35.07 34.71
C VAL D 100 -16.34 34.47 33.92
N TYR D 101 -16.22 34.94 32.67
CA TYR D 101 -14.97 34.95 31.91
C TYR D 101 -14.39 33.55 31.66
N PRO D 102 -15.29 32.58 31.54
CA PRO D 102 -15.06 31.20 31.99
C PRO D 102 -13.85 31.09 32.89
N GLU D 103 -12.69 31.49 32.38
CA GLU D 103 -11.53 31.81 33.25
C GLU D 103 -11.85 32.82 34.41
N LYS D 104 -11.38 32.47 35.61
CA LYS D 104 -11.95 32.95 36.88
C LYS D 104 -13.37 32.33 37.05
N VAL D 105 -13.62 31.47 38.03
CA VAL D 105 -13.00 31.39 39.37
C VAL D 105 -13.36 32.67 40.11
N ASN D 106 -14.10 32.52 41.20
CA ASN D 106 -14.45 33.64 42.11
C ASN D 106 -15.46 33.23 43.19
N PRO D 107 -16.73 33.07 42.81
CA PRO D 107 -17.78 33.22 43.78
C PRO D 107 -18.14 31.88 44.36
N GLY D 108 -19.38 31.48 44.16
CA GLY D 108 -19.79 30.12 44.34
C GLY D 108 -20.01 29.57 42.93
N ARG D 109 -19.13 28.66 42.54
CA ARG D 109 -19.36 27.85 41.33
C ARG D 109 -19.38 26.36 41.72
N GLN D 110 -20.36 25.62 41.20
CA GLN D 110 -20.82 24.36 41.76
C GLN D 110 -19.88 23.13 41.68
N GLY D 111 -20.37 21.98 42.19
CA GLY D 111 -19.73 20.64 41.99
C GLY D 111 -19.78 20.10 40.55
N VAL D 112 -20.17 18.83 40.39
CA VAL D 112 -20.12 18.07 39.09
C VAL D 112 -18.66 17.79 38.58
N GLY D 113 -17.72 17.75 39.52
CA GLY D 113 -16.29 17.60 39.25
C GLY D 113 -15.61 16.28 39.61
N LEU D 114 -16.04 15.21 38.94
CA LEU D 114 -15.18 14.04 38.57
C LEU D 114 -15.27 12.69 39.27
N ASN D 115 -15.22 11.65 38.45
CA ASN D 115 -15.20 10.24 38.89
C ASN D 115 -14.49 9.96 40.21
N MET D 116 -15.13 9.12 41.04
CA MET D 116 -14.46 8.58 42.24
C MET D 116 -13.22 7.90 41.74
N ARG D 117 -13.19 7.71 40.41
CA ARG D 117 -11.94 7.38 39.72
C ARG D 117 -11.11 8.59 39.25
N SER D 118 -10.23 8.99 40.16
CA SER D 118 -9.01 9.66 39.81
C SER D 118 -8.14 8.75 38.92
N ILE D 119 -8.34 9.02 37.63
CA ILE D 119 -8.56 8.04 36.57
C ILE D 119 -7.86 6.67 36.61
N GLY D 120 -6.52 6.65 36.55
CA GLY D 120 -5.72 5.41 36.51
C GLY D 120 -6.46 4.08 36.65
N LYS D 121 -7.19 3.94 37.78
CA LYS D 121 -8.11 2.82 38.00
C LYS D 121 -9.20 2.88 36.95
N ASN D 122 -8.92 2.14 35.89
CA ASN D 122 -9.76 2.10 34.72
C ASN D 122 -9.59 0.68 34.28
N VAL D 123 -10.69 0.06 33.91
CA VAL D 123 -10.62 -1.32 33.56
C VAL D 123 -11.95 -1.73 32.94
N SER D 124 -12.14 -3.03 32.90
CA SER D 124 -13.42 -3.61 32.70
C SER D 124 -14.28 -3.08 33.85
N PRO D 125 -15.36 -2.38 33.48
CA PRO D 125 -16.24 -1.74 34.46
C PRO D 125 -17.59 -2.47 34.56
N ILE D 126 -17.59 -3.58 35.28
CA ILE D 126 -18.81 -4.38 35.47
C ILE D 126 -19.37 -4.22 36.88
N GLU D 127 -19.84 -3.01 37.09
CA GLU D 127 -20.76 -2.71 38.11
C GLU D 127 -21.91 -2.18 37.26
N VAL D 128 -22.69 -3.09 36.68
CA VAL D 128 -23.74 -2.68 35.74
C VAL D 128 -25.01 -3.56 35.64
N LYS D 129 -24.85 -4.89 35.51
CA LYS D 129 -25.98 -5.76 35.07
C LYS D 129 -27.41 -5.25 35.40
N PHE D 130 -27.86 -4.30 34.57
CA PHE D 130 -29.26 -3.83 34.55
C PHE D 130 -29.62 -2.94 35.79
N THR D 131 -28.81 -1.88 35.90
CA THR D 131 -28.80 -0.93 37.01
C THR D 131 -30.06 -0.05 37.07
N GLY D 132 -30.85 -0.23 38.13
CA GLY D 132 -32.18 0.40 38.26
C GLY D 132 -32.96 0.08 39.54
N LYS D 133 -33.11 1.06 40.45
CA LYS D 133 -32.57 2.41 40.32
C LYS D 133 -31.14 2.45 39.69
N GLN D 134 -30.17 1.83 40.38
CA GLN D 134 -28.72 1.74 40.06
C GLN D 134 -28.21 2.35 38.73
N PRO D 135 -26.94 2.91 38.73
CA PRO D 135 -26.46 4.05 37.91
C PRO D 135 -26.99 4.32 36.51
N TYR D 136 -27.70 5.44 36.38
CA TYR D 136 -27.97 6.09 35.09
C TYR D 136 -28.02 7.63 35.15
N ASP D 137 -27.02 8.29 35.74
CA ASP D 137 -25.79 7.70 36.27
C ASP D 137 -25.48 8.28 37.65
N LEU D 138 -24.23 8.40 38.12
CA LEU D 138 -22.96 8.38 37.34
C LEU D 138 -22.47 7.00 36.84
N PRO E 1 14.54 11.59 52.33
CA PRO E 1 15.89 11.14 51.99
C PRO E 1 16.08 11.02 50.47
N LYS E 2 15.18 10.30 49.81
CA LYS E 2 15.20 10.26 48.36
C LYS E 2 14.44 11.48 47.85
N ARG E 3 15.19 12.48 47.38
CA ARG E 3 14.66 13.79 46.96
C ARG E 3 14.22 13.81 45.50
N GLY E 4 15.06 13.22 44.67
CA GLY E 4 14.83 13.16 43.24
C GLY E 4 15.59 12.03 42.60
N SER E 5 15.82 10.96 43.37
CA SER E 5 16.64 9.84 42.95
C SER E 5 16.02 8.95 41.89
N LYS E 6 16.89 8.12 41.36
CA LYS E 6 16.54 6.86 40.73
C LYS E 6 15.38 6.17 41.51
N VAL E 7 14.20 6.80 41.49
CA VAL E 7 13.01 6.21 42.12
C VAL E 7 11.90 5.92 41.10
N LYS E 8 11.07 4.92 41.44
CA LYS E 8 10.16 4.32 40.47
C LYS E 8 8.84 5.06 40.39
N ILE E 9 8.03 4.63 39.43
CA ILE E 9 6.62 5.01 39.34
C ILE E 9 5.83 3.69 39.38
N LEU E 10 4.76 3.66 40.18
CA LEU E 10 3.91 2.46 40.30
C LEU E 10 2.43 2.64 40.67
N ARG E 11 1.61 3.02 39.70
CA ARG E 11 0.17 3.00 39.89
C ARG E 11 -0.48 2.82 38.54
N ARG E 12 -1.67 2.22 38.53
CA ARG E 12 -2.43 2.02 37.30
C ARG E 12 -2.76 3.34 36.60
N GLU E 13 -2.09 4.40 37.05
CA GLU E 13 -1.97 5.64 36.30
C GLU E 13 -0.50 5.85 35.84
N SER E 14 -0.32 6.31 34.60
CA SER E 14 0.96 6.86 34.11
C SER E 14 1.11 6.85 32.58
N TYR E 15 2.37 6.93 32.16
CA TYR E 15 2.79 6.72 30.79
C TYR E 15 4.18 6.16 30.80
N TRP E 16 4.97 6.50 31.82
CA TRP E 16 6.37 6.12 31.81
C TRP E 16 7.11 6.33 33.13
N PHE E 17 6.73 5.76 34.27
CA PHE E 17 5.96 4.54 34.56
C PHE E 17 6.92 3.56 35.27
N LYS E 18 6.98 2.30 34.82
CA LYS E 18 8.01 1.44 35.31
C LYS E 18 9.30 2.25 35.13
N ASN E 19 9.55 2.68 33.90
CA ASN E 19 10.66 3.56 33.53
C ASN E 19 11.23 4.45 34.66
N VAL E 20 12.52 4.25 34.92
CA VAL E 20 13.14 4.39 36.24
C VAL E 20 14.12 5.57 36.44
N GLY E 21 14.15 6.04 37.69
CA GLY E 21 14.98 7.16 38.17
C GLY E 21 14.11 8.35 38.52
N SER E 22 14.73 9.42 39.04
CA SER E 22 14.28 10.80 38.72
C SER E 22 13.34 11.68 39.56
N VAL E 23 12.93 11.33 40.78
CA VAL E 23 11.87 12.15 41.37
C VAL E 23 12.20 13.63 41.52
N VAL E 24 13.26 14.10 40.88
CA VAL E 24 13.61 15.53 40.84
C VAL E 24 13.25 16.30 42.14
N ALA E 25 12.06 16.90 42.22
CA ALA E 25 11.64 17.55 43.47
C ALA E 25 10.45 16.92 44.26
N VAL E 26 10.36 17.25 45.55
CA VAL E 26 9.18 16.92 46.38
C VAL E 26 8.77 17.97 47.42
N ASP E 27 7.49 18.32 47.39
CA ASP E 27 6.93 19.47 48.08
C ASP E 27 6.61 19.12 49.53
N GLN E 28 6.22 20.14 50.30
CA GLN E 28 5.70 20.03 51.68
C GLN E 28 4.60 21.09 51.86
N ASP E 29 3.39 20.75 51.42
CA ASP E 29 2.27 21.72 51.24
C ASP E 29 0.83 21.18 51.50
N PRO E 30 0.70 20.04 52.19
CA PRO E 30 -0.47 19.17 52.17
C PRO E 30 -1.90 19.67 51.82
N LYS E 31 -2.30 19.25 50.64
CA LYS E 31 -3.64 18.78 50.29
C LYS E 31 -3.34 17.98 49.01
N THR E 32 -4.34 17.69 48.19
CA THR E 32 -4.10 17.17 46.83
C THR E 32 -3.94 15.64 46.74
N ARG E 33 -2.89 15.22 46.04
CA ARG E 33 -2.53 13.83 45.76
C ARG E 33 -1.21 13.88 44.96
N TYR E 34 -0.75 15.11 44.71
CA TYR E 34 0.32 15.39 43.73
C TYR E 34 1.72 15.86 44.23
N PRO E 35 2.10 15.48 45.48
CA PRO E 35 3.43 15.82 46.01
C PRO E 35 4.65 15.46 45.14
N VAL E 36 4.56 14.38 44.36
CA VAL E 36 5.77 13.79 43.77
C VAL E 36 6.10 14.27 42.32
N VAL E 37 6.93 15.32 42.25
CA VAL E 37 7.32 16.01 41.01
C VAL E 37 8.39 15.23 40.23
N VAL E 38 7.98 14.65 39.10
CA VAL E 38 8.90 13.86 38.25
C VAL E 38 9.21 14.47 36.86
N ARG E 39 10.47 14.34 36.49
CA ARG E 39 11.03 14.80 35.23
C ARG E 39 12.05 13.75 34.81
N PHE E 40 11.85 13.07 33.69
CA PHE E 40 12.98 12.29 33.19
C PHE E 40 13.56 12.93 31.94
N ALA E 41 13.92 12.09 30.95
CA ALA E 41 14.40 12.49 29.64
C ALA E 41 13.84 11.51 28.61
N LYS E 42 12.52 11.42 28.58
CA LYS E 42 11.76 10.46 27.76
C LYS E 42 10.31 10.95 27.89
N VAL E 43 9.49 10.81 26.85
CA VAL E 43 8.30 11.65 26.77
C VAL E 43 6.99 11.04 26.21
N ASN E 44 5.87 11.51 26.77
CA ASN E 44 4.53 11.25 26.24
C ASN E 44 4.12 12.23 25.11
N TYR E 45 2.84 12.16 24.74
CA TYR E 45 2.30 12.92 23.61
C TYR E 45 1.98 14.35 24.09
N ALA E 46 3.02 15.00 24.59
CA ALA E 46 3.03 16.42 24.88
C ALA E 46 4.30 17.01 24.26
N ASN E 47 5.31 17.19 25.12
CA ASN E 47 6.68 17.56 24.78
C ASN E 47 7.38 18.15 25.99
N ILE E 48 6.66 19.03 26.70
CA ILE E 48 7.09 19.57 28.01
C ILE E 48 7.23 18.45 29.06
N SER E 49 6.27 17.51 29.02
CA SER E 49 6.24 16.24 29.79
C SER E 49 5.95 16.41 31.28
N THR E 50 6.66 15.64 32.10
CA THR E 50 6.87 15.90 33.53
C THR E 50 5.66 15.86 34.47
N ASN E 51 4.45 15.85 33.92
CA ASN E 51 3.20 15.81 34.72
C ASN E 51 3.36 15.26 36.16
N ASN E 52 2.46 15.58 37.07
CA ASN E 52 2.72 15.13 38.45
C ASN E 52 1.95 13.88 39.02
N TYR E 53 2.23 13.55 40.28
CA TYR E 53 2.10 12.16 40.77
C TYR E 53 1.87 12.01 42.31
N ALA E 54 1.70 10.76 42.77
CA ALA E 54 1.91 10.33 44.19
C ALA E 54 0.92 9.28 44.75
N LEU E 55 1.31 8.63 45.85
CA LEU E 55 0.45 7.84 46.77
C LEU E 55 0.56 6.32 46.75
N ASP E 56 -0.22 5.69 45.88
CA ASP E 56 -0.15 4.24 45.69
C ASP E 56 0.82 3.94 44.53
N GLU E 57 2.11 4.17 44.81
CA GLU E 57 3.15 4.06 43.79
C GLU E 57 4.47 3.45 44.25
N VAL E 58 5.42 4.33 44.57
CA VAL E 58 6.82 3.98 44.52
C VAL E 58 7.18 2.68 45.26
N GLU E 59 7.11 1.62 44.45
CA GLU E 59 7.31 0.22 44.79
C GLU E 59 8.56 -0.15 43.98
N GLU E 60 9.72 0.19 44.53
CA GLU E 60 10.99 0.20 43.75
C GLU E 60 12.25 -0.28 44.46
N VAL E 61 13.33 -0.34 43.70
CA VAL E 61 14.65 -0.75 44.17
C VAL E 61 15.43 0.55 44.35
N ALA E 62 16.76 0.46 44.50
CA ALA E 62 17.64 1.64 44.58
C ALA E 62 17.61 2.54 43.31
N ASP F 1 18.23 -36.38 -6.77
CA ASP F 1 17.45 -37.56 -7.25
C ASP F 1 16.10 -37.89 -6.51
N ILE F 2 15.67 -37.02 -5.56
CA ILE F 2 14.58 -37.34 -4.60
C ILE F 2 13.25 -36.57 -4.75
N ALA F 3 12.16 -37.32 -4.91
CA ALA F 3 10.80 -36.78 -5.13
C ALA F 3 10.45 -36.72 -6.63
N GLY F 4 11.46 -36.57 -7.47
CA GLY F 4 11.23 -36.41 -8.88
C GLY F 4 12.41 -36.82 -9.75
N LEU F 5 13.00 -35.86 -10.47
CA LEU F 5 12.78 -34.42 -10.38
C LEU F 5 14.03 -34.17 -11.16
N THR F 6 14.29 -35.12 -12.06
CA THR F 6 15.62 -35.65 -12.43
C THR F 6 16.85 -34.68 -12.65
N PRO F 7 18.05 -35.14 -12.23
CA PRO F 7 19.29 -34.36 -11.91
C PRO F 7 19.77 -33.44 -13.02
N CYS F 8 19.00 -33.45 -14.12
CA CYS F 8 19.19 -32.62 -15.32
C CYS F 8 19.80 -33.42 -16.46
N LYS F 9 20.73 -34.32 -16.11
CA LYS F 9 21.54 -35.02 -17.10
C LYS F 9 20.77 -35.87 -18.17
N GLU F 10 19.57 -36.36 -17.86
CA GLU F 10 18.72 -36.95 -18.93
C GLU F 10 18.02 -35.87 -19.78
N SER F 11 18.29 -34.60 -19.46
CA SER F 11 18.16 -33.46 -20.41
C SER F 11 16.74 -33.10 -20.91
N LYS F 12 15.87 -34.11 -20.94
CA LYS F 12 14.54 -34.11 -21.57
C LYS F 12 13.85 -32.77 -21.77
N GLN F 13 13.82 -31.97 -20.71
CA GLN F 13 13.37 -30.58 -20.75
C GLN F 13 14.19 -29.80 -19.69
N PHE F 14 14.43 -28.52 -19.96
CA PHE F 14 15.51 -27.82 -19.30
C PHE F 14 16.50 -27.68 -20.41
N ALA F 15 17.51 -28.55 -20.38
CA ALA F 15 18.55 -28.64 -21.40
C ALA F 15 18.05 -28.33 -22.84
N LYS F 16 17.03 -29.04 -23.33
CA LYS F 16 16.40 -28.59 -24.57
C LYS F 16 15.56 -27.33 -24.47
N ARG F 17 14.51 -27.28 -23.65
CA ARG F 17 13.66 -26.07 -23.76
C ARG F 17 14.61 -24.89 -23.61
N GLU F 18 15.68 -25.13 -22.84
CA GLU F 18 16.85 -24.25 -22.82
C GLU F 18 17.41 -24.00 -24.23
N LYS F 19 18.14 -24.98 -24.80
CA LYS F 19 18.64 -24.86 -26.18
C LYS F 19 17.49 -24.61 -27.15
N GLN F 20 16.44 -24.00 -26.62
CA GLN F 20 15.39 -23.40 -27.44
C GLN F 20 15.18 -22.00 -26.97
N ALA F 21 14.84 -21.89 -25.68
CA ALA F 21 14.56 -20.61 -25.02
C ALA F 21 15.63 -19.60 -25.40
N LEU F 22 16.80 -19.78 -24.81
CA LEU F 22 17.98 -19.24 -25.39
C LEU F 22 18.28 -20.07 -26.63
N LYS F 23 17.76 -19.61 -27.76
CA LYS F 23 18.37 -19.80 -29.07
C LYS F 23 17.40 -19.45 -30.18
N LYS F 24 16.85 -18.26 -30.05
CA LYS F 24 16.11 -17.60 -31.09
C LYS F 24 16.32 -16.10 -30.83
N LEU F 25 16.95 -15.81 -29.67
CA LEU F 25 17.69 -14.57 -29.47
C LEU F 25 18.87 -14.79 -30.40
N GLN F 26 19.25 -16.06 -30.52
CA GLN F 26 20.37 -16.45 -31.38
C GLN F 26 20.02 -16.37 -32.85
N ALA F 27 18.80 -16.73 -33.25
CA ALA F 27 18.39 -16.49 -34.63
C ALA F 27 18.50 -15.00 -34.99
N SER F 28 19.08 -14.21 -34.07
CA SER F 28 19.32 -12.78 -34.31
C SER F 28 20.33 -12.55 -35.46
N LEU F 29 20.38 -13.51 -36.38
CA LEU F 29 20.95 -13.27 -37.71
C LEU F 29 20.17 -12.11 -38.29
N LYS F 30 18.95 -11.95 -37.76
CA LYS F 30 18.01 -10.94 -38.22
C LYS F 30 18.63 -9.53 -38.22
N LEU F 31 19.84 -9.46 -37.65
CA LEU F 31 20.75 -8.32 -37.81
C LEU F 31 22.05 -8.76 -38.54
N TYR F 32 23.20 -8.19 -38.15
CA TYR F 32 24.48 -8.43 -38.84
C TYR F 32 25.65 -8.61 -37.85
N ALA F 33 26.06 -9.87 -37.72
CA ALA F 33 26.63 -10.46 -36.49
C ALA F 33 28.12 -10.27 -36.16
N ASP F 34 28.88 -9.63 -37.06
CA ASP F 34 30.37 -9.56 -37.00
C ASP F 34 30.95 -8.97 -35.68
N ASP F 35 31.47 -7.74 -35.75
CA ASP F 35 31.58 -6.99 -34.52
C ASP F 35 30.40 -6.03 -34.44
N SER F 36 29.86 -5.86 -33.23
CA SER F 36 28.74 -4.96 -32.96
C SER F 36 28.70 -4.40 -31.52
N ALA F 37 27.50 -4.31 -30.95
CA ALA F 37 27.20 -3.20 -30.07
C ALA F 37 27.56 -2.08 -31.02
N PRO F 38 26.70 -1.85 -32.05
CA PRO F 38 25.25 -2.06 -32.09
C PRO F 38 24.65 -3.40 -32.61
N ALA F 39 24.65 -4.45 -31.78
CA ALA F 39 23.84 -5.68 -32.03
C ALA F 39 24.10 -6.93 -31.13
N LEU F 40 25.34 -7.47 -31.16
CA LEU F 40 25.80 -8.61 -30.26
C LEU F 40 24.65 -9.32 -29.47
N ALA F 41 23.47 -9.28 -30.08
CA ALA F 41 22.30 -9.96 -29.58
C ALA F 41 22.51 -11.44 -29.80
N ILE F 42 23.31 -11.74 -30.81
CA ILE F 42 23.69 -13.09 -31.17
C ILE F 42 24.95 -13.60 -30.42
N LYS F 43 26.08 -13.65 -31.13
CA LYS F 43 27.36 -14.25 -30.66
C LYS F 43 27.60 -14.50 -29.18
N ALA F 44 27.93 -13.43 -28.43
CA ALA F 44 28.19 -13.57 -26.99
C ALA F 44 26.91 -13.72 -26.13
N THR F 45 26.99 -13.23 -24.90
CA THR F 45 26.09 -13.65 -23.84
C THR F 45 26.09 -15.17 -23.73
N MET F 46 25.55 -15.88 -24.72
CA MET F 46 25.45 -17.36 -24.58
C MET F 46 26.72 -17.93 -23.92
N GLU F 47 27.79 -17.15 -23.90
CA GLU F 47 29.00 -17.57 -23.20
C GLU F 47 28.69 -17.81 -21.72
N LYS F 48 28.19 -16.79 -21.02
CA LYS F 48 27.61 -17.02 -19.69
C LYS F 48 26.64 -18.20 -19.72
N THR F 49 25.87 -18.29 -20.81
CA THR F 49 24.81 -19.29 -20.94
C THR F 49 25.25 -20.65 -21.57
N LYS F 50 25.09 -20.79 -22.90
CA LYS F 50 25.48 -21.98 -23.70
C LYS F 50 26.96 -22.34 -23.50
N LYS F 51 27.83 -21.35 -23.41
CA LYS F 51 29.19 -21.69 -23.06
C LYS F 51 29.21 -21.74 -21.51
N ARG F 52 28.01 -21.92 -20.98
CA ARG F 52 27.82 -22.46 -19.64
C ARG F 52 26.64 -23.46 -19.54
N PHE F 53 25.98 -23.73 -20.69
CA PHE F 53 25.19 -24.95 -21.03
C PHE F 53 25.35 -26.16 -20.07
N ASP F 54 25.86 -27.22 -20.69
CA ASP F 54 26.24 -28.46 -20.05
C ASP F 54 27.10 -28.21 -18.81
N ASN F 55 27.51 -26.94 -18.67
CA ASN F 55 28.19 -26.42 -17.48
C ASN F 55 27.29 -26.35 -16.25
N TYR F 56 26.32 -25.43 -16.28
CA TYR F 56 25.45 -25.28 -15.14
C TYR F 56 25.33 -26.66 -14.59
N GLY F 57 24.94 -27.60 -15.46
CA GLY F 57 24.87 -29.03 -15.17
C GLY F 57 24.13 -29.39 -13.90
N LYS F 58 24.86 -29.75 -12.85
CA LYS F 58 26.31 -30.02 -12.81
C LYS F 58 26.46 -30.37 -11.37
N TYR F 59 25.38 -30.07 -10.66
CA TYR F 59 25.21 -30.42 -9.28
C TYR F 59 23.72 -30.73 -9.09
N GLY F 60 22.97 -30.60 -10.16
CA GLY F 60 21.64 -31.20 -10.29
C GLY F 60 20.47 -30.32 -9.90
N LEU F 61 20.47 -29.91 -8.64
CA LEU F 61 19.29 -29.27 -8.02
C LEU F 61 18.06 -30.12 -8.24
N LEU F 62 18.31 -31.31 -8.80
CA LEU F 62 17.28 -32.11 -9.44
C LEU F 62 16.28 -31.13 -10.03
N CYS F 63 16.77 -30.24 -10.89
CA CYS F 63 15.89 -29.44 -11.72
C CYS F 63 14.87 -30.36 -12.30
N GLY F 64 13.64 -29.89 -12.49
CA GLY F 64 12.56 -30.84 -12.74
C GLY F 64 11.63 -30.41 -13.82
N SER F 65 10.69 -31.31 -14.15
CA SER F 65 9.66 -31.07 -15.19
C SER F 65 9.24 -29.59 -15.34
N ASP F 66 9.04 -29.19 -16.59
CA ASP F 66 9.28 -27.83 -17.02
C ASP F 66 10.74 -27.87 -17.45
N GLY F 67 11.57 -28.55 -16.65
CA GLY F 67 13.00 -28.59 -16.87
C GLY F 67 13.56 -27.28 -16.36
N LEU F 68 13.64 -27.19 -15.02
CA LEU F 68 14.14 -26.02 -14.30
C LEU F 68 14.32 -26.39 -12.81
N PRO F 69 15.31 -25.75 -12.14
CA PRO F 69 15.67 -25.88 -10.73
C PRO F 69 14.55 -25.82 -9.70
N HIS F 70 14.18 -26.96 -9.13
CA HIS F 70 13.24 -27.02 -8.02
C HIS F 70 13.97 -26.95 -6.67
N LEU F 71 15.00 -26.09 -6.62
CA LEU F 71 15.99 -25.88 -5.51
C LEU F 71 15.70 -26.38 -4.08
N ILE F 72 16.18 -27.58 -3.72
CA ILE F 72 15.93 -28.08 -2.33
C ILE F 72 16.95 -28.70 -1.35
N VAL F 73 17.02 -28.01 -0.22
CA VAL F 73 17.63 -28.48 1.00
C VAL F 73 16.50 -28.62 2.00
N SER F 74 16.65 -29.60 2.88
CA SER F 74 15.67 -29.91 3.92
C SER F 74 16.40 -30.80 4.90
N GLY F 75 17.63 -31.14 4.52
CA GLY F 75 18.50 -32.02 5.30
C GLY F 75 18.50 -33.48 4.84
N ASP F 76 18.50 -33.72 3.52
CA ASP F 76 18.85 -35.03 2.97
C ASP F 76 20.00 -34.87 2.01
N GLN F 77 20.62 -36.01 1.68
CA GLN F 77 21.70 -36.12 0.67
C GLN F 77 22.45 -34.80 0.41
N ARG F 78 23.47 -34.85 -0.46
CA ARG F 78 24.39 -33.73 -0.78
C ARG F 78 23.80 -32.35 -0.53
N HIS F 79 22.55 -32.19 -0.98
CA HIS F 79 21.77 -30.98 -0.83
C HIS F 79 21.83 -30.35 0.54
N TRP F 80 21.84 -31.13 1.63
CA TRP F 80 21.77 -30.55 3.00
C TRP F 80 22.61 -29.29 3.03
N GLY F 81 22.31 -28.35 2.14
CA GLY F 81 23.18 -27.22 1.89
C GLY F 81 22.97 -26.39 0.64
N GLU F 82 22.24 -26.90 -0.36
CA GLU F 82 21.94 -26.08 -1.57
C GLU F 82 21.34 -24.74 -1.17
N PHE F 83 20.82 -24.66 0.06
CA PHE F 83 20.50 -23.40 0.70
C PHE F 83 21.07 -23.28 2.14
N ILE F 84 21.60 -24.38 2.71
CA ILE F 84 22.14 -24.38 4.09
C ILE F 84 23.68 -24.15 4.17
N THR F 85 24.45 -24.90 3.38
CA THR F 85 25.83 -24.53 3.07
C THR F 85 25.93 -23.04 2.61
N PRO F 86 24.97 -22.54 1.81
CA PRO F 86 24.63 -21.11 1.83
C PRO F 86 23.28 -20.83 2.49
N GLY F 87 23.14 -21.21 3.77
CA GLY F 87 21.91 -20.98 4.55
C GLY F 87 22.20 -20.40 5.91
N ILE F 88 23.30 -20.84 6.51
CA ILE F 88 23.74 -20.26 7.75
C ILE F 88 24.17 -18.80 7.50
N LEU F 89 25.23 -18.54 6.72
CA LEU F 89 25.81 -17.17 6.56
C LEU F 89 24.79 -16.07 6.81
N PHE F 90 23.67 -16.09 6.08
CA PHE F 90 22.65 -15.09 6.28
C PHE F 90 22.41 -14.85 7.76
N LEU F 91 22.00 -15.87 8.53
CA LEU F 91 21.85 -15.72 9.98
C LEU F 91 23.02 -14.87 10.48
N TYR F 92 24.20 -15.46 10.26
CA TYR F 92 25.48 -14.85 10.53
C TYR F 92 25.49 -13.44 9.94
N ILE F 93 25.33 -13.27 8.63
CA ILE F 93 25.39 -11.92 8.02
C ILE F 93 24.48 -10.86 8.63
N ALA F 94 23.37 -11.27 9.23
CA ALA F 94 22.46 -10.31 9.80
C ALA F 94 22.87 -9.94 11.25
N GLY F 95 22.19 -10.51 12.25
CA GLY F 95 22.23 -10.13 13.69
C GLY F 95 23.50 -9.74 14.46
N TRP F 96 24.64 -9.73 13.78
CA TRP F 96 25.87 -9.11 14.27
C TRP F 96 25.91 -7.65 13.76
N ILE F 97 25.08 -7.35 12.77
CA ILE F 97 24.66 -6.01 12.51
C ILE F 97 23.97 -5.59 13.80
N GLY F 98 23.27 -6.56 14.39
CA GLY F 98 22.64 -6.40 15.71
C GLY F 98 23.61 -5.97 16.81
N TRP F 99 24.84 -6.48 16.75
CA TRP F 99 25.92 -6.08 17.65
C TRP F 99 26.33 -4.64 17.47
N VAL F 100 26.74 -4.31 16.26
CA VAL F 100 26.85 -2.92 15.92
C VAL F 100 25.52 -2.26 16.35
N GLY F 101 24.41 -2.81 15.87
CA GLY F 101 23.06 -2.35 16.22
C GLY F 101 22.85 -2.12 17.71
N ARG F 102 23.21 -3.12 18.52
CA ARG F 102 23.29 -2.97 19.97
C ARG F 102 24.38 -1.96 20.39
N SER F 103 25.64 -2.31 20.22
CA SER F 103 26.71 -1.56 20.85
C SER F 103 26.81 -0.17 20.32
N TYR F 104 26.30 0.04 19.11
CA TYR F 104 26.12 1.41 18.64
C TYR F 104 25.17 2.14 19.61
N LEU F 105 23.93 1.68 19.67
CA LEU F 105 22.99 2.13 20.69
C LEU F 105 23.56 2.08 22.12
N ILE F 106 23.75 0.88 22.68
CA ILE F 106 24.38 0.72 24.01
C ILE F 106 25.66 1.57 24.22
N ALA F 107 25.95 2.43 23.26
CA ALA F 107 26.86 3.54 23.49
C ALA F 107 26.04 4.83 23.64
N ILE F 108 24.87 4.85 22.99
CA ILE F 108 24.01 6.03 22.91
C ILE F 108 23.23 6.27 24.23
N ARG F 109 23.85 5.88 25.34
CA ARG F 109 23.51 6.35 26.68
C ARG F 109 24.83 6.65 27.38
N ASP F 110 25.94 6.09 26.84
CA ASP F 110 27.37 6.31 27.26
C ASP F 110 28.06 7.40 26.43
N GLU F 111 29.09 8.00 27.05
CA GLU F 111 29.46 9.42 26.85
C GLU F 111 28.25 10.35 27.22
N LYS F 112 27.16 9.70 27.68
CA LYS F 112 26.01 10.35 28.31
C LYS F 112 24.74 10.56 27.43
N LYS F 113 24.59 11.75 26.82
CA LYS F 113 23.29 12.28 26.34
C LYS F 113 22.97 12.10 24.83
N PRO F 114 21.81 11.47 24.54
CA PRO F 114 21.56 10.62 23.38
C PRO F 114 20.58 11.08 22.28
N THR F 115 20.29 10.11 21.39
CA THR F 115 19.36 10.17 20.24
C THR F 115 20.10 10.65 18.98
N GLN F 116 19.58 11.63 18.22
CA GLN F 116 20.34 12.25 17.11
C GLN F 116 21.88 12.09 17.29
N LYS F 117 22.31 12.04 18.55
CA LYS F 117 23.46 11.24 18.95
C LYS F 117 23.18 9.85 18.38
N GLU F 118 22.54 9.84 17.21
CA GLU F 118 22.08 8.65 16.50
C GLU F 118 21.97 8.99 15.05
N ILE F 119 21.90 10.29 14.80
CA ILE F 119 21.72 10.87 13.46
C ILE F 119 23.09 11.33 12.98
N ILE F 120 23.81 11.99 13.88
CA ILE F 120 25.26 12.11 13.79
C ILE F 120 25.79 10.80 14.39
N ILE F 121 26.35 9.96 13.53
CA ILE F 121 26.58 8.57 13.87
C ILE F 121 27.88 8.36 14.62
N ASP F 122 28.69 9.40 14.71
CA ASP F 122 30.02 9.29 15.31
C ASP F 122 30.73 8.15 14.61
N VAL F 123 31.02 8.33 13.30
CA VAL F 123 31.17 7.18 12.37
C VAL F 123 31.35 5.91 13.17
N PRO F 124 30.25 5.17 13.32
CA PRO F 124 30.06 4.33 14.49
C PRO F 124 30.86 3.05 14.39
N LEU F 125 31.43 2.84 13.21
CA LEU F 125 31.70 1.49 12.73
C LEU F 125 32.97 1.36 11.89
N ALA F 126 33.54 0.14 11.90
CA ALA F 126 34.75 -0.29 11.11
C ALA F 126 35.51 -1.48 11.74
N SER F 127 35.34 -1.66 13.05
CA SER F 127 36.07 -2.65 13.85
C SER F 127 35.18 -3.00 15.04
N SER F 128 35.75 -3.67 16.05
CA SER F 128 35.02 -4.25 17.23
C SER F 128 33.53 -3.92 17.42
N LEU F 129 33.13 -2.67 17.18
CA LEU F 129 31.70 -2.30 17.14
C LEU F 129 30.99 -3.08 16.02
N LEU F 130 31.71 -3.29 14.91
CA LEU F 130 31.35 -4.28 13.87
C LEU F 130 32.30 -5.45 14.03
N PHE F 131 33.60 -5.21 13.83
CA PHE F 131 34.65 -6.25 13.84
C PHE F 131 34.76 -7.11 15.10
N ARG F 132 33.63 -7.19 15.82
CA ARG F 132 33.36 -8.24 16.79
C ARG F 132 32.32 -9.12 16.12
N GLY F 133 31.56 -8.50 15.20
CA GLY F 133 30.53 -9.15 14.37
C GLY F 133 31.03 -10.48 13.85
N PHE F 134 32.21 -10.44 13.25
CA PHE F 134 33.05 -11.62 13.02
C PHE F 134 32.76 -12.68 14.10
N SER F 135 33.25 -12.44 15.33
CA SER F 135 33.18 -13.41 16.45
C SER F 135 32.20 -13.07 17.59
N TRP F 136 30.97 -13.58 17.44
CA TRP F 136 29.92 -13.49 18.44
C TRP F 136 29.58 -14.89 19.03
N PRO F 137 28.71 -15.69 18.37
CA PRO F 137 28.15 -16.90 19.01
C PRO F 137 29.16 -17.93 19.56
N VAL F 138 28.62 -19.06 20.02
CA VAL F 138 29.34 -20.27 20.57
C VAL F 138 30.77 -20.13 21.18
N ALA F 139 31.39 -19.00 20.88
CA ALA F 139 32.51 -18.48 21.64
C ALA F 139 32.05 -17.39 22.64
N ALA F 140 31.15 -16.48 22.22
CA ALA F 140 30.64 -15.46 23.14
C ALA F 140 29.16 -15.00 22.92
N TYR F 141 28.43 -15.68 22.02
CA TYR F 141 27.01 -15.34 21.71
C TYR F 141 26.17 -15.23 22.95
N ARG F 142 26.45 -16.14 23.89
CA ARG F 142 26.05 -16.01 25.26
C ARG F 142 26.83 -14.83 25.87
N GLU F 143 26.87 -13.75 25.08
CA GLU F 143 26.89 -12.36 25.57
C GLU F 143 25.44 -12.08 26.00
N LEU F 144 24.53 -12.77 25.32
CA LEU F 144 23.16 -13.02 25.76
C LEU F 144 23.09 -13.43 27.22
N LEU F 145 23.30 -14.72 27.44
CA LEU F 145 22.76 -15.43 28.61
C LEU F 145 23.59 -15.33 29.92
N ASN F 146 24.08 -14.12 30.24
CA ASN F 146 24.55 -13.78 31.59
C ASN F 146 24.27 -12.33 32.08
N GLY F 147 25.33 -11.52 32.22
CA GLY F 147 25.25 -10.18 32.80
C GLY F 147 24.67 -9.08 31.92
N GLU F 148 24.72 -9.27 30.60
CA GLU F 148 24.10 -8.34 29.68
C GLU F 148 22.61 -8.64 29.51
N LEU F 149 22.24 -9.88 29.83
CA LEU F 149 20.84 -10.33 29.77
C LEU F 149 20.54 -11.59 30.65
N VAL F 150 20.11 -11.41 31.91
CA VAL F 150 19.77 -10.11 32.51
C VAL F 150 20.99 -9.18 32.50
N ASP F 151 20.84 -7.89 32.21
CA ASP F 151 19.63 -7.06 32.34
C ASP F 151 19.17 -6.97 33.81
N ASN F 152 20.02 -6.82 34.85
CA ASN F 152 21.50 -6.56 34.96
C ASN F 152 22.31 -5.71 33.96
N ASN F 153 22.27 -4.40 34.16
CA ASN F 153 23.10 -3.47 33.41
C ASN F 153 23.26 -2.14 34.14
N PHE F 154 22.16 -1.39 34.17
CA PHE F 154 22.13 0.03 34.54
C PHE F 154 23.29 0.82 33.91
N PRO G 1 -12.82 -60.66 10.29
CA PRO G 1 -12.57 -61.70 11.27
C PRO G 1 -12.32 -61.08 12.67
N SER G 2 -13.40 -60.56 13.26
CA SER G 2 -13.34 -59.63 14.40
C SER G 2 -14.27 -59.92 15.58
N LEU G 3 -13.69 -60.25 16.73
CA LEU G 3 -14.42 -60.13 17.99
C LEU G 3 -14.78 -58.67 18.30
N VAL G 4 -16.01 -58.32 17.95
CA VAL G 4 -16.66 -57.12 18.44
C VAL G 4 -16.81 -57.20 19.98
N ILE G 5 -15.72 -56.93 20.71
CA ILE G 5 -15.74 -56.91 22.19
C ILE G 5 -15.24 -55.57 22.72
N SER G 6 -14.13 -55.57 23.47
CA SER G 6 -13.44 -54.36 23.93
C SER G 6 -14.37 -53.17 24.01
N LEU G 7 -14.73 -52.63 22.86
CA LEU G 7 -15.90 -51.76 22.73
C LEU G 7 -17.12 -52.43 23.40
N SER G 8 -17.90 -53.16 22.62
CA SER G 8 -19.20 -53.70 23.02
C SER G 8 -19.25 -54.38 24.39
N THR G 9 -18.09 -54.56 25.00
CA THR G 9 -17.99 -54.90 26.43
C THR G 9 -18.18 -53.61 27.26
N GLY G 10 -17.48 -52.55 26.83
CA GLY G 10 -17.47 -51.20 27.43
C GLY G 10 -18.66 -50.29 27.11
N LEU G 11 -19.42 -50.65 26.08
CA LEU G 11 -20.74 -50.03 25.82
C LEU G 11 -21.76 -50.52 26.84
N SER G 12 -21.57 -51.76 27.29
CA SER G 12 -22.30 -52.25 28.43
C SER G 12 -21.60 -51.88 29.75
N LEU G 13 -20.29 -52.11 29.82
CA LEU G 13 -19.46 -51.92 31.04
C LEU G 13 -19.89 -50.88 32.08
N PHE G 14 -20.46 -49.77 31.63
CA PHE G 14 -20.81 -48.74 32.57
C PHE G 14 -22.22 -48.28 32.34
N LEU G 15 -22.86 -48.90 31.34
CA LEU G 15 -24.29 -48.90 31.29
C LEU G 15 -24.63 -49.47 32.64
N GLY G 16 -24.40 -50.79 32.79
CA GLY G 16 -24.65 -51.55 34.02
C GLY G 16 -24.26 -50.88 35.33
N ARG G 17 -23.60 -49.73 35.22
CA ARG G 17 -23.18 -48.94 36.38
C ARG G 17 -24.21 -47.96 36.96
N PHE G 18 -25.19 -47.55 36.14
CA PHE G 18 -26.29 -46.77 36.70
C PHE G 18 -27.72 -47.38 36.47
N VAL G 19 -27.76 -48.72 36.43
CA VAL G 19 -28.91 -49.53 36.94
C VAL G 19 -28.43 -50.18 38.25
N PHE G 20 -27.11 -50.22 38.36
CA PHE G 20 -26.43 -49.50 39.43
C PHE G 20 -27.02 -49.47 40.82
N PHE G 21 -26.15 -49.11 41.75
CA PHE G 21 -26.47 -48.21 42.86
C PHE G 21 -27.92 -48.09 43.31
N ASN G 22 -28.07 -48.24 44.63
CA ASN G 22 -28.94 -47.37 45.45
C ASN G 22 -30.42 -47.74 45.71
N PHE G 23 -30.79 -49.02 45.57
CA PHE G 23 -32.12 -49.44 46.04
C PHE G 23 -32.22 -49.39 47.56
N GLN G 24 -33.23 -48.66 48.04
CA GLN G 24 -33.23 -48.14 49.40
C GLN G 24 -32.11 -47.13 49.60
N ARG G 25 -31.92 -46.72 50.85
CA ARG G 25 -31.35 -45.41 51.20
C ARG G 25 -32.32 -44.43 50.54
N GLU G 26 -33.47 -44.28 51.20
CA GLU G 26 -34.64 -43.47 50.74
C GLU G 26 -35.05 -43.60 49.25
N ASN G 27 -34.68 -42.59 48.46
CA ASN G 27 -34.90 -42.64 47.01
C ASN G 27 -33.67 -42.32 46.16
N MET G 28 -32.60 -43.09 46.34
CA MET G 28 -31.52 -43.15 45.34
C MET G 28 -30.71 -41.85 45.10
N ALA G 29 -30.23 -41.21 46.18
CA ALA G 29 -29.40 -39.95 46.13
C ALA G 29 -30.05 -38.59 45.73
N LYS G 30 -30.00 -37.55 46.57
CA LYS G 30 -29.38 -37.56 47.91
C LYS G 30 -30.10 -38.40 49.03
N GLN G 31 -31.38 -38.16 49.37
CA GLN G 31 -32.35 -37.18 48.80
C GLN G 31 -32.87 -37.52 47.37
N VAL G 32 -32.86 -36.54 46.47
CA VAL G 32 -33.53 -36.69 45.19
C VAL G 32 -32.88 -35.82 44.12
N PRO G 33 -32.63 -34.56 44.46
CA PRO G 33 -33.38 -33.44 43.88
C PRO G 33 -32.49 -32.54 43.04
N GLU G 34 -32.92 -31.31 42.80
CA GLU G 34 -32.30 -30.45 41.81
C GLU G 34 -33.28 -30.08 40.70
N GLN G 35 -33.82 -31.10 40.04
CA GLN G 35 -34.97 -30.91 39.12
C GLN G 35 -35.10 -29.53 38.39
N ASN G 36 -36.34 -29.04 38.24
CA ASN G 36 -36.61 -27.69 37.76
C ASN G 36 -36.65 -26.71 38.93
N GLY G 37 -36.96 -25.43 38.67
CA GLY G 37 -36.92 -24.40 39.73
C GLY G 37 -35.56 -23.78 39.99
N MET G 38 -34.53 -24.62 40.05
CA MET G 38 -33.11 -24.22 40.14
C MET G 38 -32.64 -23.75 41.51
N SER G 39 -31.67 -24.49 42.04
CA SER G 39 -31.20 -24.29 43.40
C SER G 39 -29.68 -24.08 43.41
N HIS G 40 -29.02 -24.47 42.32
CA HIS G 40 -27.58 -24.76 42.33
C HIS G 40 -26.65 -23.61 41.94
N PHE G 41 -26.09 -23.67 40.73
CA PHE G 41 -24.80 -23.02 40.40
C PHE G 41 -24.64 -21.47 40.47
N GLU G 42 -25.02 -20.75 39.41
CA GLU G 42 -24.78 -19.32 39.41
C GLU G 42 -26.05 -18.45 39.64
N ALA G 43 -27.11 -19.11 40.13
CA ALA G 43 -28.13 -18.44 40.91
C ALA G 43 -27.38 -17.72 42.04
N GLY G 44 -26.41 -18.40 42.64
CA GLY G 44 -25.47 -17.77 43.58
C GLY G 44 -24.11 -18.47 43.68
N ASP G 45 -23.94 -19.22 44.76
CA ASP G 45 -22.91 -20.25 44.94
C ASP G 45 -21.91 -20.51 43.79
N THR G 46 -21.93 -21.72 43.23
CA THR G 46 -21.03 -22.17 42.18
C THR G 46 -19.65 -22.59 42.76
N ARG G 47 -19.63 -23.74 43.47
CA ARG G 47 -18.45 -24.29 44.20
C ARG G 47 -19.02 -25.46 45.06
N ALA G 48 -18.25 -26.38 45.68
CA ALA G 48 -16.78 -26.57 45.68
C ALA G 48 -16.41 -28.05 45.91
N LYS G 49 -16.39 -28.83 44.82
CA LYS G 49 -16.50 -30.29 44.89
C LYS G 49 -15.28 -31.14 45.35
N GLU G 50 -15.62 -32.26 45.98
CA GLU G 50 -14.69 -33.33 46.33
C GLU G 50 -14.87 -34.46 45.30
N TYR G 51 -14.55 -35.69 45.72
CA TYR G 51 -14.98 -36.93 45.05
C TYR G 51 -14.45 -38.15 45.79
N VAL G 52 -15.26 -38.69 46.68
CA VAL G 52 -15.00 -40.00 47.29
C VAL G 52 -16.26 -40.82 47.08
N SER G 53 -17.10 -40.29 46.21
CA SER G 53 -18.33 -40.94 45.78
C SER G 53 -18.07 -42.20 44.99
N LEU G 54 -16.79 -42.48 44.70
CA LEU G 54 -16.35 -43.72 44.02
C LEU G 54 -16.57 -44.87 45.05
N LEU G 55 -16.02 -44.83 46.27
CA LEU G 55 -14.97 -45.84 46.60
C LEU G 55 -15.99 -46.92 47.02
N LYS G 56 -17.14 -46.48 47.53
CA LYS G 56 -18.16 -47.38 48.01
C LYS G 56 -18.39 -48.51 47.00
N SER G 57 -19.13 -48.20 45.93
CA SER G 57 -19.81 -49.27 45.20
C SER G 57 -18.92 -50.02 44.20
N ASN G 58 -17.63 -49.72 44.23
CA ASN G 58 -16.69 -50.36 43.31
C ASN G 58 -16.49 -51.87 43.48
N ASP G 59 -16.03 -52.28 44.66
CA ASP G 59 -15.83 -53.71 45.01
C ASP G 59 -17.05 -54.55 44.60
N PRO G 60 -18.26 -54.04 44.90
CA PRO G 60 -19.52 -54.46 44.31
C PRO G 60 -19.49 -54.44 42.77
N VAL G 61 -19.17 -53.26 42.22
CA VAL G 61 -19.42 -52.97 40.81
C VAL G 61 -18.86 -54.01 39.83
N GLY G 62 -17.65 -54.50 40.14
CA GLY G 62 -16.94 -55.42 39.28
C GLY G 62 -17.70 -56.70 38.95
N PHE G 63 -18.22 -57.35 39.99
CA PHE G 63 -18.90 -58.62 39.82
C PHE G 63 -19.83 -58.50 38.62
N ASN G 64 -20.92 -57.75 38.83
CA ASN G 64 -22.04 -57.60 37.90
C ASN G 64 -21.68 -57.24 36.47
N ILE G 65 -20.78 -56.27 36.29
CA ILE G 65 -20.32 -56.02 34.92
C ILE G 65 -19.82 -57.34 34.33
N VAL G 66 -18.71 -57.84 34.86
CA VAL G 66 -17.89 -58.74 34.06
C VAL G 66 -18.17 -60.26 34.17
N ASP G 67 -19.44 -60.57 34.50
CA ASP G 67 -20.03 -61.88 34.17
C ASP G 67 -21.49 -61.91 33.68
N VAL G 68 -22.40 -61.11 34.22
CA VAL G 68 -23.78 -61.17 33.68
C VAL G 68 -23.76 -61.01 32.17
N LEU G 69 -22.80 -60.22 31.66
CA LEU G 69 -22.55 -60.11 30.22
C LEU G 69 -22.40 -61.50 29.60
N ALA G 70 -22.11 -62.49 30.45
CA ALA G 70 -22.09 -63.90 30.06
C ALA G 70 -23.32 -64.71 30.54
N TRP G 71 -24.24 -64.06 31.27
CA TRP G 71 -25.56 -64.66 31.60
C TRP G 71 -26.74 -63.85 31.06
N GLY G 72 -26.60 -62.52 31.09
CA GLY G 72 -27.37 -61.65 30.21
C GLY G 72 -26.40 -61.38 29.08
N SER G 73 -26.82 -60.71 28.00
CA SER G 73 -25.88 -60.42 26.93
C SER G 73 -25.32 -61.70 26.24
N ILE G 74 -24.04 -62.03 26.44
CA ILE G 74 -23.50 -63.34 26.00
C ILE G 74 -23.79 -64.41 27.05
N GLY G 75 -25.05 -64.45 27.47
CA GLY G 75 -25.56 -65.54 28.26
C GLY G 75 -26.95 -65.85 27.74
N HIS G 76 -27.02 -66.73 26.74
CA HIS G 76 -28.27 -67.09 26.08
C HIS G 76 -29.02 -65.76 25.86
N ILE G 77 -30.23 -65.83 25.33
CA ILE G 77 -31.15 -64.72 25.59
C ILE G 77 -32.12 -65.28 26.62
N VAL G 78 -31.88 -66.55 26.96
CA VAL G 78 -32.37 -67.23 28.16
C VAL G 78 -33.74 -67.91 27.93
N ALA G 79 -34.06 -68.92 28.73
CA ALA G 79 -35.00 -70.02 28.34
C ALA G 79 -36.39 -69.77 27.71
N TYR G 80 -37.41 -69.22 28.38
CA TYR G 80 -37.38 -68.25 29.47
C TYR G 80 -36.73 -66.97 29.02
N TYR G 81 -37.42 -66.11 28.24
CA TYR G 81 -38.88 -66.09 27.88
C TYR G 81 -40.04 -66.88 28.55
N ILE G 82 -39.87 -68.14 28.91
CA ILE G 82 -40.84 -68.77 29.80
C ILE G 82 -40.85 -67.92 31.08
N LEU G 83 -42.00 -67.44 31.57
CA LEU G 83 -43.34 -67.47 30.95
C LEU G 83 -43.60 -68.64 30.00
N ALA G 84 -44.10 -68.33 28.80
CA ALA G 84 -44.39 -69.34 27.75
C ALA G 84 -45.46 -68.91 26.71
N THR G 85 -45.54 -69.69 25.63
CA THR G 85 -46.60 -69.60 24.61
C THR G 85 -46.84 -70.97 23.92
N ALA G 86 -45.80 -71.78 23.76
CA ALA G 86 -44.45 -71.46 24.20
C ALA G 86 -43.67 -70.79 23.09
N SER G 87 -42.88 -69.77 23.41
CA SER G 87 -42.78 -69.16 24.75
C SER G 87 -42.90 -67.65 24.61
N ASN G 88 -42.06 -67.06 23.76
CA ASN G 88 -42.34 -65.78 23.14
C ASN G 88 -42.78 -66.14 21.72
N GLY G 89 -41.97 -67.00 21.15
CA GLY G 89 -42.39 -67.97 20.15
C GLY G 89 -41.48 -69.09 20.60
N TYR G 90 -40.91 -68.87 21.80
CA TYR G 90 -39.68 -69.48 22.28
C TYR G 90 -38.65 -69.14 21.24
N ASP G 91 -37.42 -68.90 21.64
CA ASP G 91 -36.48 -68.43 20.63
C ASP G 91 -35.21 -69.32 20.41
N PRO G 92 -34.68 -69.31 19.18
CA PRO G 92 -33.33 -69.84 18.99
C PRO G 92 -32.46 -68.83 19.69
N SER G 93 -31.35 -69.26 20.28
CA SER G 93 -30.66 -68.37 21.21
C SER G 93 -30.33 -67.04 20.51
N PHE G 94 -31.04 -66.81 19.40
CA PHE G 94 -30.97 -65.64 18.48
C PHE G 94 -29.60 -65.19 17.89
N PHE G 95 -28.71 -66.09 17.46
CA PHE G 95 -28.83 -67.56 17.44
C PHE G 95 -28.40 -68.19 18.77
N TRP H 1 -50.33 58.80 -7.88
CA TRP H 1 -49.48 59.04 -6.68
C TRP H 1 -48.89 57.75 -6.16
N ASP H 2 -49.75 56.76 -5.97
CA ASP H 2 -49.27 55.44 -5.64
C ASP H 2 -48.42 54.91 -6.79
N VAL H 3 -47.13 54.83 -6.53
CA VAL H 3 -46.23 54.03 -7.33
C VAL H 3 -46.69 52.55 -7.30
N TYR H 4 -48.02 52.36 -7.33
CA TYR H 4 -48.69 51.07 -7.55
C TYR H 4 -48.68 50.16 -6.30
N GLY H 5 -48.29 48.87 -6.30
CA GLY H 5 -47.75 48.06 -7.40
C GLY H 5 -48.74 47.17 -8.16
N SER H 6 -48.54 45.84 -8.25
CA SER H 6 -47.76 44.90 -7.39
C SER H 6 -46.30 45.12 -6.93
N ASP H 7 -46.02 44.95 -5.64
CA ASP H 7 -46.94 44.45 -4.57
C ASP H 7 -48.22 43.61 -4.90
N ALA H 8 -49.40 44.22 -5.02
CA ALA H 8 -50.70 43.50 -5.20
C ALA H 8 -51.02 42.96 -6.62
N PRO H 9 -50.37 41.85 -7.04
CA PRO H 9 -50.19 41.47 -8.45
C PRO H 9 -51.34 40.69 -9.09
N SER H 10 -52.17 41.42 -9.84
CA SER H 10 -53.20 40.85 -10.72
C SER H 10 -54.39 40.13 -10.04
N PRO H 11 -55.61 40.44 -10.49
CA PRO H 11 -56.91 39.88 -10.09
C PRO H 11 -56.91 38.54 -9.32
N TYR H 12 -57.57 38.54 -8.15
CA TYR H 12 -57.65 37.35 -7.28
C TYR H 12 -58.48 36.24 -7.92
N ASN H 13 -57.75 35.18 -8.31
CA ASN H 13 -58.13 34.24 -9.37
C ASN H 13 -59.60 33.82 -9.60
N SER H 14 -59.88 33.51 -10.86
CA SER H 14 -61.22 33.33 -11.45
C SER H 14 -62.32 32.75 -10.59
N LEU H 15 -63.55 33.23 -10.85
CA LEU H 15 -64.77 32.64 -10.33
C LEU H 15 -64.60 31.19 -10.72
N GLN H 16 -63.95 30.46 -9.81
CA GLN H 16 -63.63 29.04 -9.96
C GLN H 16 -63.56 28.29 -8.64
N SER H 17 -64.46 28.61 -7.72
CA SER H 17 -64.49 27.93 -6.43
C SER H 17 -65.39 26.70 -6.49
N LYS H 18 -65.77 26.32 -7.71
CA LYS H 18 -66.89 25.38 -7.93
C LYS H 18 -66.74 24.36 -9.08
N PHE H 19 -67.06 23.11 -8.76
CA PHE H 19 -66.93 21.89 -9.60
C PHE H 19 -65.69 21.03 -9.34
N PHE H 20 -64.61 21.63 -8.88
CA PHE H 20 -63.38 20.86 -8.82
C PHE H 20 -62.76 20.44 -7.50
N GLU H 21 -63.40 20.53 -6.32
CA GLU H 21 -64.45 21.47 -5.81
C GLU H 21 -65.97 21.42 -6.12
N THR H 22 -66.73 20.45 -5.60
CA THR H 22 -66.31 19.46 -4.60
C THR H 22 -67.30 18.28 -4.48
N PHE H 23 -67.36 17.33 -5.44
CA PHE H 23 -66.85 17.39 -6.83
C PHE H 23 -65.32 17.24 -7.08
N ALA H 24 -64.83 16.01 -7.23
CA ALA H 24 -65.62 14.78 -7.26
C ALA H 24 -66.08 14.28 -5.85
N ALA H 25 -65.17 13.88 -4.96
CA ALA H 25 -63.72 13.88 -5.15
C ALA H 25 -63.04 12.92 -4.17
N PRO H 26 -62.17 12.02 -4.68
CA PRO H 26 -61.05 11.53 -3.85
C PRO H 26 -60.30 12.72 -3.18
N PHE H 27 -60.33 12.73 -1.86
CA PHE H 27 -60.52 13.98 -1.18
C PHE H 27 -60.82 13.62 0.27
N THR H 28 -61.04 14.64 1.12
CA THR H 28 -61.19 14.43 2.56
C THR H 28 -59.80 14.00 2.99
N LYS H 29 -59.45 12.76 2.64
CA LYS H 29 -58.08 12.34 2.39
C LYS H 29 -57.28 12.07 3.66
N ARG H 30 -56.08 11.53 3.44
CA ARG H 30 -55.13 10.97 4.44
C ARG H 30 -55.66 10.01 5.50
N GLY H 31 -54.70 9.51 6.29
CA GLY H 31 -54.92 8.83 7.59
C GLY H 31 -55.78 7.59 7.53
N LEU H 32 -57.09 7.82 7.50
CA LEU H 32 -58.03 6.86 6.93
C LEU H 32 -57.82 6.98 5.41
N LEU H 33 -58.94 7.03 4.67
CA LEU H 33 -59.03 7.29 3.25
C LEU H 33 -57.76 7.96 2.65
N LEU H 34 -56.80 7.14 2.24
CA LEU H 34 -55.70 7.54 1.35
C LEU H 34 -55.44 6.25 0.61
N LYS H 35 -54.94 5.25 1.35
CA LYS H 35 -54.97 3.87 0.94
C LYS H 35 -56.16 3.63 0.03
N PHE H 36 -57.31 4.21 0.40
CA PHE H 36 -58.57 4.09 -0.35
C PHE H 36 -58.42 4.31 -1.89
N LEU H 37 -57.35 4.96 -2.30
CA LEU H 37 -57.00 5.03 -3.73
C LEU H 37 -55.46 5.10 -3.99
N ILE H 38 -54.80 4.08 -3.46
CA ILE H 38 -53.37 3.84 -3.50
C ILE H 38 -53.28 2.42 -3.01
N LEU H 39 -54.44 1.81 -2.78
CA LEU H 39 -54.55 0.35 -2.51
C LEU H 39 -54.94 -0.34 -3.82
N GLY H 40 -56.02 0.14 -4.44
CA GLY H 40 -56.26 -0.08 -5.85
C GLY H 40 -55.03 0.47 -6.55
N GLY H 41 -54.76 1.75 -6.29
CA GLY H 41 -53.54 2.41 -6.79
C GLY H 41 -52.37 1.49 -7.14
N GLY H 42 -52.05 0.57 -6.24
CA GLY H 42 -50.91 -0.31 -6.38
C GLY H 42 -51.21 -1.79 -6.55
N SER H 43 -52.48 -2.16 -6.62
CA SER H 43 -52.79 -3.53 -6.88
C SER H 43 -53.53 -3.53 -8.19
N LEU H 44 -53.77 -2.33 -8.73
CA LEU H 44 -54.45 -2.16 -10.04
C LEU H 44 -53.58 -2.68 -11.17
N LEU H 45 -52.88 -1.77 -11.86
CA LEU H 45 -52.09 -2.12 -13.03
C LEU H 45 -51.43 -3.44 -12.69
N THR H 46 -50.56 -3.38 -11.70
CA THR H 46 -50.01 -4.55 -11.05
C THR H 46 -50.86 -5.82 -11.33
N TYR H 47 -51.50 -6.40 -10.31
CA TYR H 47 -52.62 -7.37 -10.45
C TYR H 47 -52.99 -7.65 -11.94
N VAL H 48 -53.73 -6.76 -12.59
CA VAL H 48 -54.16 -6.90 -14.01
C VAL H 48 -53.03 -6.73 -15.08
N SER H 49 -51.88 -6.17 -14.69
CA SER H 49 -50.67 -6.22 -15.53
C SER H 49 -49.67 -7.13 -14.85
N ALA H 50 -50.23 -8.19 -14.27
CA ALA H 50 -49.49 -9.38 -13.84
C ALA H 50 -50.24 -10.54 -14.46
N ASN H 51 -50.90 -10.18 -15.58
CA ASN H 51 -51.43 -11.08 -16.62
C ASN H 51 -51.85 -10.36 -17.93
N ALA H 52 -53.09 -10.61 -18.35
CA ALA H 52 -53.55 -10.35 -19.70
C ALA H 52 -52.58 -10.90 -20.76
N PRO H 53 -52.84 -12.15 -21.20
CA PRO H 53 -52.50 -12.71 -22.50
C PRO H 53 -53.77 -12.61 -23.40
N GLN H 54 -54.06 -13.54 -24.31
CA GLN H 54 -53.17 -14.59 -24.82
C GLN H 54 -53.00 -14.44 -26.36
N ASP H 55 -52.13 -13.51 -26.83
CA ASP H 55 -51.24 -12.68 -25.97
C ASP H 55 -50.78 -11.27 -26.44
N VAL H 56 -49.52 -10.93 -26.15
CA VAL H 56 -49.03 -9.53 -26.22
C VAL H 56 -47.49 -9.39 -26.11
N LEU H 57 -46.82 -10.46 -25.65
CA LEU H 57 -45.39 -10.54 -25.34
C LEU H 57 -44.44 -9.72 -26.27
N PRO H 58 -43.11 -9.85 -26.07
CA PRO H 58 -42.10 -9.81 -27.13
C PRO H 58 -42.16 -10.86 -28.31
N ILE H 59 -42.74 -12.05 -28.10
CA ILE H 59 -43.13 -12.99 -29.23
C ILE H 59 -42.08 -13.99 -29.75
N THR H 60 -42.44 -15.28 -29.75
CA THR H 60 -41.63 -16.45 -30.21
C THR H 60 -42.34 -17.78 -29.89
N ARG H 61 -42.36 -18.73 -30.83
CA ARG H 61 -43.13 -19.99 -30.61
C ARG H 61 -42.72 -21.22 -31.45
N GLY H 62 -42.99 -22.40 -30.89
CA GLY H 62 -42.90 -23.70 -31.57
C GLY H 62 -41.52 -24.29 -31.78
N PRO H 63 -40.64 -24.22 -30.76
CA PRO H 63 -39.19 -24.41 -30.90
C PRO H 63 -38.67 -25.26 -32.10
N GLN H 64 -38.44 -24.56 -33.23
CA GLN H 64 -37.69 -25.08 -34.39
C GLN H 64 -36.98 -23.98 -35.22
N GLN H 65 -36.46 -24.40 -36.39
CA GLN H 65 -35.05 -24.17 -36.82
C GLN H 65 -34.51 -25.51 -36.31
N PRO H 66 -33.50 -26.11 -36.99
CA PRO H 66 -33.26 -27.54 -36.82
C PRO H 66 -33.83 -28.11 -35.50
N PRO H 67 -34.93 -28.86 -35.58
CA PRO H 67 -35.87 -28.96 -34.45
C PRO H 67 -35.34 -28.29 -33.17
N LYS H 68 -35.30 -29.05 -32.08
CA LYS H 68 -35.27 -28.49 -30.70
C LYS H 68 -36.13 -29.30 -29.70
N LEU H 69 -35.85 -29.10 -28.40
CA LEU H 69 -36.27 -29.95 -27.28
C LEU H 69 -35.99 -31.40 -27.64
N GLY H 70 -35.08 -31.58 -28.60
CA GLY H 70 -34.68 -32.89 -29.05
C GLY H 70 -33.17 -33.05 -28.98
N PRO H 71 -32.55 -33.45 -30.12
CA PRO H 71 -33.25 -33.95 -31.31
C PRO H 71 -33.53 -35.46 -31.20
N ARG H 72 -34.56 -35.99 -31.87
CA ARG H 72 -35.45 -35.28 -32.83
C ARG H 72 -36.99 -35.63 -32.86
N GLY H 73 -37.58 -36.28 -31.85
CA GLY H 73 -36.89 -36.81 -30.67
C GLY H 73 -37.36 -36.28 -29.33
N LYS H 74 -38.63 -36.49 -28.95
CA LYS H 74 -39.72 -36.86 -29.88
C LYS H 74 -40.86 -35.81 -29.89
N ILE H 75 -42.07 -36.13 -29.42
CA ILE H 75 -43.09 -35.06 -29.28
C ILE H 75 -43.93 -35.13 -27.99
N MET I 1 -59.46 -18.29 -13.92
CA MET I 1 -58.62 -19.08 -14.88
C MET I 1 -57.09 -18.78 -14.82
N ILE I 2 -56.38 -18.98 -15.94
CA ILE I 2 -54.93 -19.31 -15.88
C ILE I 2 -53.93 -18.47 -16.71
N ASN I 3 -52.68 -18.46 -16.24
CA ASN I 3 -51.55 -17.57 -16.64
C ASN I 3 -51.16 -16.57 -15.52
N LEU I 4 -49.89 -16.67 -15.11
CA LEU I 4 -49.32 -16.16 -13.85
C LEU I 4 -48.37 -17.25 -13.32
N PRO I 5 -47.72 -17.06 -12.18
CA PRO I 5 -47.92 -16.37 -10.91
C PRO I 5 -47.41 -14.94 -10.70
N SER I 6 -47.02 -14.25 -11.78
CA SER I 6 -46.62 -12.84 -11.65
C SER I 6 -47.29 -12.19 -10.44
N LEU I 7 -48.55 -12.52 -10.17
CA LEU I 7 -49.24 -11.98 -8.99
C LEU I 7 -48.20 -11.51 -7.95
N PHE I 8 -47.22 -12.35 -7.65
CA PHE I 8 -46.23 -12.07 -6.58
C PHE I 8 -45.24 -10.94 -6.88
N VAL I 9 -44.44 -11.07 -7.94
CA VAL I 9 -43.33 -10.11 -8.28
C VAL I 9 -43.68 -8.58 -8.32
N PRO I 10 -44.85 -8.19 -8.90
CA PRO I 10 -45.26 -6.80 -8.86
C PRO I 10 -45.62 -6.34 -7.42
N LEU I 11 -45.40 -7.26 -6.47
CA LEU I 11 -45.67 -7.06 -5.06
C LEU I 11 -44.28 -6.95 -4.48
N VAL I 12 -43.74 -8.11 -4.13
CA VAL I 12 -42.35 -8.28 -3.69
C VAL I 12 -41.34 -7.26 -4.17
N GLY I 13 -41.63 -6.58 -5.28
CA GLY I 13 -40.81 -5.46 -5.72
C GLY I 13 -41.56 -4.13 -5.86
N LEU I 14 -42.86 -4.20 -6.16
CA LEU I 14 -43.53 -3.05 -6.73
C LEU I 14 -44.43 -2.35 -5.75
N LEU I 15 -45.28 -3.12 -5.07
CA LEU I 15 -46.13 -2.51 -4.06
C LEU I 15 -45.59 -2.83 -2.67
N PHE I 16 -45.32 -4.10 -2.38
CA PHE I 16 -44.74 -4.46 -1.07
C PHE I 16 -43.77 -3.42 -0.51
N PRO I 17 -42.62 -3.21 -1.18
CA PRO I 17 -41.71 -2.21 -0.62
C PRO I 17 -42.30 -0.81 -0.78
N ALA I 18 -42.99 -0.56 -1.88
CA ALA I 18 -43.83 0.63 -1.96
C ALA I 18 -44.59 0.84 -0.63
N VAL I 19 -44.91 -0.28 0.03
CA VAL I 19 -45.51 -0.28 1.38
C VAL I 19 -44.49 -0.39 2.51
N ALA I 20 -43.26 -0.84 2.22
CA ALA I 20 -42.22 -0.79 3.25
C ALA I 20 -41.81 0.67 3.48
N MET I 21 -41.31 1.31 2.41
CA MET I 21 -40.92 2.71 2.46
C MET I 21 -42.16 3.54 2.69
N ALA I 22 -43.32 2.88 2.76
CA ALA I 22 -44.58 3.53 3.10
C ALA I 22 -44.85 3.56 4.59
N SER I 23 -45.02 2.40 5.21
CA SER I 23 -45.43 2.38 6.62
C SER I 23 -44.33 2.56 7.68
N LEU I 24 -43.09 2.11 7.45
CA LEU I 24 -42.01 2.55 8.34
C LEU I 24 -41.39 3.80 7.72
N PHE I 25 -42.19 4.79 7.32
CA PHE I 25 -41.68 6.01 6.63
C PHE I 25 -41.11 7.18 7.48
N LEU I 26 -41.49 7.32 8.74
CA LEU I 26 -42.07 6.27 9.56
C LEU I 26 -40.88 5.37 10.06
N HIS I 27 -41.16 4.19 10.63
CA HIS I 27 -40.42 3.74 11.85
C HIS I 27 -40.44 4.96 12.76
N VAL I 28 -39.75 6.01 12.32
CA VAL I 28 -40.08 7.37 12.71
C VAL I 28 -41.58 7.37 12.89
N GLU I 29 -42.27 7.98 11.95
CA GLU I 29 -43.69 8.11 12.05
C GLU I 29 -44.43 6.80 11.74
N LYS I 30 -43.85 5.68 12.18
CA LYS I 30 -44.37 4.32 11.98
C LYS I 30 -45.90 4.20 11.83
N MET J 1 43.08 11.82 13.16
CA MET J 1 42.42 10.52 13.49
C MET J 1 42.84 10.01 14.89
N ARG J 2 42.24 8.90 15.33
CA ARG J 2 42.27 8.46 16.75
C ARG J 2 42.63 6.93 16.90
N ASP J 3 42.19 6.08 17.86
CA ASP J 3 40.96 6.02 18.70
C ASP J 3 39.67 5.65 17.98
N PHE J 4 39.00 4.58 18.45
CA PHE J 4 37.76 4.03 17.85
C PHE J 4 37.09 4.92 16.78
N LYS J 5 36.77 6.19 17.08
CA LYS J 5 36.67 6.72 18.46
C LYS J 5 35.36 6.25 19.12
N THR J 6 34.14 6.64 18.69
CA THR J 6 33.72 7.79 17.86
C THR J 6 34.42 8.15 16.53
N TYR J 7 34.89 9.41 16.49
CA TYR J 7 35.62 10.03 15.37
C TYR J 7 35.05 11.31 14.75
N LEU J 8 33.71 11.37 14.61
CA LEU J 8 32.99 12.38 13.81
C LEU J 8 32.04 11.70 12.80
N SER J 9 30.78 12.13 12.79
CA SER J 9 29.82 11.62 11.78
C SER J 9 29.60 12.59 10.64
N VAL J 10 28.48 12.41 9.93
CA VAL J 10 27.89 13.50 9.18
C VAL J 10 26.33 13.34 9.20
N ALA J 11 25.62 14.03 8.29
CA ALA J 11 24.17 14.20 8.40
C ALA J 11 23.23 13.09 7.83
N PRO J 12 22.34 13.44 6.85
CA PRO J 12 21.20 12.56 6.47
C PRO J 12 21.46 11.45 5.44
N VAL J 13 22.60 11.53 4.74
CA VAL J 13 22.90 10.66 3.61
C VAL J 13 23.98 9.62 3.87
N LEU J 14 24.04 9.12 5.10
CA LEU J 14 25.06 8.15 5.51
C LEU J 14 24.52 6.73 5.48
N SER J 15 23.36 6.51 6.07
CA SER J 15 22.68 5.22 5.98
C SER J 15 22.43 5.01 4.50
N THR J 16 22.17 6.11 3.80
CA THR J 16 21.88 6.13 2.37
C THR J 16 23.17 5.81 1.58
N LEU J 17 24.09 6.77 1.50
CA LEU J 17 25.45 6.61 0.96
C LEU J 17 25.98 5.17 1.04
N TRP J 18 25.59 4.48 2.10
CA TRP J 18 26.00 3.11 2.33
C TRP J 18 25.44 2.23 1.21
N PHE J 19 24.18 2.45 0.86
CA PHE J 19 23.60 1.78 -0.32
C PHE J 19 24.53 1.79 -1.55
N GLY J 20 25.02 2.99 -1.90
CA GLY J 20 25.68 3.16 -3.17
C GLY J 20 27.11 2.70 -3.21
N SER J 21 27.97 3.64 -2.85
CA SER J 21 29.42 3.60 -3.07
C SER J 21 30.12 2.36 -2.52
N LEU J 22 29.49 1.71 -1.52
CA LEU J 22 29.96 0.42 -1.06
C LEU J 22 29.04 -0.71 -1.52
N ALA J 23 27.75 -0.67 -1.14
CA ALA J 23 26.80 -1.80 -1.34
C ALA J 23 26.73 -2.34 -2.74
N GLY J 24 26.71 -1.47 -3.74
CA GLY J 24 26.94 -1.93 -5.10
C GLY J 24 27.73 -3.23 -5.17
N LEU J 25 28.98 -3.21 -4.70
CA LEU J 25 29.92 -4.36 -4.69
C LEU J 25 29.26 -5.70 -4.97
N LEU J 26 28.26 -6.00 -4.15
CA LEU J 26 27.20 -6.92 -4.50
C LEU J 26 27.28 -7.18 -6.04
N ILE J 27 26.71 -6.28 -6.87
CA ILE J 27 26.67 -6.49 -8.33
C ILE J 27 28.01 -6.84 -8.96
N GLU J 28 29.12 -6.37 -8.37
CA GLU J 28 30.43 -6.88 -8.77
C GLU J 28 30.44 -8.35 -8.40
N ILE J 29 30.25 -8.70 -7.13
CA ILE J 29 30.31 -10.12 -6.73
C ILE J 29 29.36 -10.97 -7.55
N ASN J 30 28.12 -10.50 -7.62
CA ASN J 30 27.09 -11.16 -8.40
C ASN J 30 27.50 -11.22 -9.86
N ARG J 31 28.33 -10.29 -10.32
CA ARG J 31 28.94 -10.48 -11.65
C ARG J 31 30.06 -11.57 -11.52
N PHE J 32 30.83 -11.49 -10.45
CA PHE J 32 32.14 -12.13 -10.36
C PHE J 32 31.93 -13.62 -10.40
N PHE J 33 30.95 -14.03 -9.62
CA PHE J 33 30.41 -15.36 -9.71
C PHE J 33 29.06 -15.11 -10.40
N PRO J 34 29.04 -15.16 -11.76
CA PRO J 34 27.87 -14.70 -12.50
C PRO J 34 26.69 -15.40 -11.90
N ASP J 35 25.64 -14.65 -11.59
CA ASP J 35 24.51 -15.17 -10.80
C ASP J 35 24.95 -15.88 -9.51
N ALA J 36 24.08 -16.71 -8.94
CA ALA J 36 24.49 -17.52 -7.82
C ALA J 36 23.96 -18.91 -7.99
N LEU J 37 22.66 -18.97 -8.28
CA LEU J 37 21.88 -20.20 -8.36
C LEU J 37 21.90 -21.00 -7.05
N THR J 38 23.11 -21.30 -6.52
CA THR J 38 23.37 -21.84 -5.14
C THR J 38 24.86 -22.24 -4.81
N PHE J 39 25.12 -22.71 -3.58
CA PHE J 39 26.43 -22.60 -2.87
C PHE J 39 27.82 -22.97 -3.47
N PRO J 40 28.62 -21.93 -3.71
CA PRO J 40 30.04 -22.04 -4.03
C PRO J 40 30.96 -21.68 -2.85
N PHE J 41 31.32 -22.72 -2.10
CA PHE J 41 32.32 -22.73 -1.01
C PHE J 41 33.79 -22.94 -1.41
N PHE J 42 34.68 -22.17 -0.77
CA PHE J 42 36.14 -22.35 -0.92
C PHE J 42 36.89 -22.03 0.39
N UNK K 2 0.45 68.05 -29.03
CA UNK K 2 -0.91 68.66 -28.83
C UNK K 2 -2.06 67.70 -29.15
N UNK K 3 -2.33 66.80 -28.20
CA UNK K 3 -3.32 65.70 -28.34
C UNK K 3 -4.63 66.01 -29.10
N UNK K 4 -4.82 67.30 -29.46
CA UNK K 4 -6.04 67.81 -30.14
C UNK K 4 -6.43 67.12 -31.48
N UNK K 5 -6.17 67.78 -32.61
CA UNK K 5 -6.57 67.27 -33.93
C UNK K 5 -5.77 66.03 -34.41
N UNK K 6 -4.77 65.63 -33.64
CA UNK K 6 -4.17 64.31 -33.79
C UNK K 6 -5.07 63.29 -33.08
N UNK K 7 -5.44 63.61 -31.83
CA UNK K 7 -6.26 62.71 -31.03
C UNK K 7 -7.70 63.21 -30.81
N UNK K 8 -8.20 64.03 -31.74
CA UNK K 8 -9.62 64.43 -31.79
C UNK K 8 -10.37 63.48 -32.71
N UNK K 9 -9.71 63.10 -33.81
CA UNK K 9 -10.15 61.98 -34.66
C UNK K 9 -10.17 60.74 -33.78
N UNK K 10 -9.29 60.71 -32.78
CA UNK K 10 -9.26 59.65 -31.77
C UNK K 10 -10.60 59.55 -30.99
N UNK K 11 -11.54 60.40 -31.38
CA UNK K 11 -12.91 60.33 -30.88
C UNK K 11 -13.88 60.27 -32.06
N UNK K 12 -13.45 60.76 -33.23
CA UNK K 12 -14.21 60.55 -34.46
C UNK K 12 -14.05 59.10 -34.95
N UNK K 13 -12.91 58.48 -34.65
CA UNK K 13 -12.62 57.12 -35.11
C UNK K 13 -13.69 56.13 -34.65
N UNK K 14 -13.47 55.52 -33.49
CA UNK K 14 -14.32 54.42 -33.00
C UNK K 14 -15.82 54.70 -33.07
N UNK K 15 -16.21 55.96 -32.85
CA UNK K 15 -17.60 56.42 -33.05
C UNK K 15 -18.20 55.91 -34.35
N UNK K 16 -17.43 56.04 -35.44
CA UNK K 16 -17.84 55.55 -36.76
C UNK K 16 -17.77 54.03 -36.87
N UNK K 17 -16.96 53.41 -36.01
CA UNK K 17 -16.58 51.98 -36.07
C UNK K 17 -17.55 50.94 -35.45
N UNK K 18 -18.70 51.43 -35.00
CA UNK K 18 -19.79 50.59 -34.56
C UNK K 18 -20.77 50.52 -35.72
N UNK K 19 -21.49 51.63 -35.94
CA UNK K 19 -22.55 51.72 -36.95
C UNK K 19 -22.13 51.22 -38.33
N UNK K 20 -20.82 51.20 -38.58
CA UNK K 20 -20.29 50.66 -39.84
C UNK K 20 -20.63 49.16 -39.97
N UNK K 21 -21.04 48.56 -38.85
CA UNK K 21 -21.53 47.19 -38.82
C UNK K 21 -23.05 47.19 -39.02
N UNK K 22 -23.47 47.81 -40.13
CA UNK K 22 -24.86 47.99 -40.52
C UNK K 22 -24.85 48.76 -41.83
N UNK K 23 -24.03 49.83 -41.85
CA UNK K 23 -23.60 50.50 -43.07
C UNK K 23 -22.75 49.50 -43.83
N UNK K 24 -22.41 48.42 -43.12
CA UNK K 24 -21.95 47.19 -43.73
C UNK K 24 -22.86 46.79 -44.88
N UNK K 25 -23.90 47.61 -45.12
CA UNK K 25 -24.80 47.48 -46.26
C UNK K 25 -23.96 47.19 -47.49
N UNK K 26 -22.76 47.78 -47.48
CA UNK K 26 -21.70 47.40 -48.37
C UNK K 26 -20.69 46.65 -47.53
N UNK K 27 -19.89 47.38 -46.75
CA UNK K 27 -18.62 46.87 -46.25
C UNK K 27 -17.74 46.55 -47.47
N UNK K 28 -18.30 46.86 -48.64
CA UNK K 28 -17.58 47.05 -49.89
C UNK K 28 -17.05 48.47 -49.78
N UNK K 29 -17.47 49.13 -48.69
CA UNK K 29 -16.78 50.28 -48.09
C UNK K 29 -15.62 49.73 -47.23
N UNK K 30 -15.94 48.84 -46.29
CA UNK K 30 -14.91 48.10 -45.56
C UNK K 30 -13.95 47.32 -46.49
N UNK K 31 -14.47 46.77 -47.60
CA UNK K 31 -13.62 46.09 -48.59
C UNK K 31 -12.81 47.10 -49.40
N UNK K 32 -13.38 48.30 -49.62
CA UNK K 32 -12.60 49.41 -50.17
C UNK K 32 -11.35 49.53 -49.30
N UNK K 33 -11.58 49.74 -48.00
CA UNK K 33 -10.51 49.70 -47.03
C UNK K 33 -10.26 48.28 -46.50
N UNK K 34 -10.37 47.27 -47.36
CA UNK K 34 -9.88 45.94 -47.01
C UNK K 34 -8.35 46.01 -47.02
N UNK K 35 -7.75 45.90 -48.20
CA UNK K 35 -6.31 46.13 -48.36
C UNK K 35 -5.88 47.54 -47.93
N UNK K 36 -6.83 48.48 -47.94
CA UNK K 36 -6.57 49.87 -47.54
C UNK K 36 -6.71 50.09 -46.02
N UNK K 37 -7.48 49.24 -45.35
CA UNK K 37 -7.35 49.08 -43.91
C UNK K 37 -6.24 48.04 -43.66
N UNK K 38 -5.24 48.10 -44.55
CA UNK K 38 -4.00 47.33 -44.46
C UNK K 38 -2.89 48.10 -45.16
N LYS L 1 -38.80 53.60 -9.00
CA LYS L 1 -38.23 54.54 -10.02
C LYS L 1 -36.85 55.13 -9.66
N PRO L 2 -36.67 55.64 -8.42
CA PRO L 2 -35.33 56.13 -8.09
C PRO L 2 -34.49 54.95 -7.65
N THR L 3 -33.41 54.70 -8.40
CA THR L 3 -32.65 53.43 -8.32
C THR L 3 -33.50 52.31 -7.69
N TYR L 4 -33.04 51.73 -6.58
CA TYR L 4 -33.85 50.73 -5.84
C TYR L 4 -33.14 50.09 -4.61
N GLN L 5 -33.74 49.02 -4.09
CA GLN L 5 -33.27 48.40 -2.84
C GLN L 5 -31.94 47.63 -2.96
N VAL L 6 -31.11 47.96 -3.95
CA VAL L 6 -29.83 47.25 -4.14
C VAL L 6 -28.87 47.48 -2.96
N ILE L 7 -27.94 46.52 -2.81
CA ILE L 7 -26.94 46.45 -1.72
C ILE L 7 -27.39 47.05 -0.38
N GLN L 8 -27.40 46.19 0.63
CA GLN L 8 -28.35 46.16 1.75
C GLN L 8 -29.28 45.01 1.30
N PRO L 9 -29.24 43.88 2.03
CA PRO L 9 -29.73 42.63 1.44
C PRO L 9 -31.23 42.50 1.29
N LEU L 10 -31.68 41.25 1.26
CA LEU L 10 -32.91 40.84 1.94
C LEU L 10 -33.44 41.96 2.81
N ASN L 11 -34.67 42.37 2.55
CA ASN L 11 -35.33 43.38 3.38
C ASN L 11 -35.11 43.22 4.87
N GLY L 12 -35.01 44.34 5.56
CA GLY L 12 -34.67 44.33 6.98
C GLY L 12 -33.21 44.01 7.30
N ASP L 13 -32.87 44.31 8.56
CA ASP L 13 -31.61 43.95 9.20
C ASP L 13 -30.65 43.17 8.29
N PRO L 14 -29.69 43.88 7.68
CA PRO L 14 -28.63 43.44 6.76
C PRO L 14 -27.90 42.15 7.11
N PHE L 15 -28.62 41.19 7.68
CA PHE L 15 -28.06 39.98 8.28
C PHE L 15 -29.09 38.84 8.35
N ILE L 16 -30.15 38.91 7.54
CA ILE L 16 -31.09 37.77 7.51
C ILE L 16 -31.00 37.00 6.17
N GLY L 17 -29.98 36.15 6.09
CA GLY L 17 -29.49 35.51 4.85
C GLY L 17 -30.36 34.57 4.03
N GLY L 18 -31.53 35.07 3.62
CA GLY L 18 -32.25 34.50 2.49
C GLY L 18 -31.71 35.04 1.18
N LEU L 19 -32.04 36.31 0.91
CA LEU L 19 -31.33 37.12 -0.06
C LEU L 19 -32.29 37.94 -0.92
N GLU L 20 -31.82 39.12 -1.34
CA GLU L 20 -32.53 39.96 -2.31
C GLU L 20 -31.66 40.33 -3.53
N THR L 21 -32.28 40.23 -4.69
CA THR L 21 -31.73 40.53 -6.03
C THR L 21 -32.97 40.46 -6.91
N PRO L 22 -32.80 40.64 -8.24
CA PRO L 22 -33.90 40.12 -9.04
C PRO L 22 -33.84 38.58 -8.97
N VAL L 23 -34.96 37.94 -9.31
CA VAL L 23 -35.18 36.51 -9.02
C VAL L 23 -35.25 36.33 -7.50
N THR L 24 -35.94 37.29 -6.89
CA THR L 24 -36.47 37.25 -5.51
C THR L 24 -37.84 37.93 -5.53
N SER L 25 -37.87 39.08 -6.24
CA SER L 25 -38.79 40.19 -6.00
C SER L 25 -38.52 41.33 -6.99
N SER L 26 -39.27 41.42 -8.09
CA SER L 26 -38.88 42.32 -9.20
C SER L 26 -39.91 42.62 -10.29
N PRO L 27 -39.87 43.87 -10.86
CA PRO L 27 -40.64 44.40 -11.99
C PRO L 27 -40.85 43.45 -13.18
N LEU L 28 -39.75 42.89 -13.71
CA LEU L 28 -39.77 41.93 -14.83
C LEU L 28 -40.71 40.72 -14.61
N ILE L 29 -41.40 40.72 -13.48
CA ILE L 29 -42.65 39.97 -13.29
C ILE L 29 -42.57 38.83 -12.23
N ALA L 30 -41.76 39.07 -11.19
CA ALA L 30 -41.83 38.24 -9.99
C ALA L 30 -43.27 37.80 -9.90
N TRP L 31 -44.17 38.74 -10.18
CA TRP L 31 -45.59 38.48 -10.49
C TRP L 31 -46.02 36.99 -10.64
N TYR L 32 -45.15 36.21 -11.28
CA TYR L 32 -45.27 34.75 -11.31
C TYR L 32 -45.54 34.29 -9.89
N LEU L 33 -44.44 34.03 -9.18
CA LEU L 33 -44.37 33.50 -7.84
C LEU L 33 -45.48 34.02 -6.94
N SER L 34 -46.65 34.31 -7.52
CA SER L 34 -47.72 34.99 -6.82
C SER L 34 -49.11 34.81 -7.46
N ASN L 35 -49.30 33.85 -8.39
CA ASN L 35 -50.67 33.45 -8.78
C ASN L 35 -50.95 31.95 -9.00
N LEU L 36 -49.88 31.20 -9.22
CA LEU L 36 -49.83 29.82 -8.83
C LEU L 36 -49.49 29.89 -7.34
N PRO L 37 -49.98 28.92 -6.53
CA PRO L 37 -49.73 28.86 -5.09
C PRO L 37 -48.49 29.61 -4.51
N ALA L 38 -47.52 29.95 -5.26
CA ALA L 38 -46.25 30.59 -4.96
C ALA L 38 -46.31 31.34 -3.63
N TYR L 39 -46.39 32.68 -3.75
CA TYR L 39 -46.28 33.59 -2.60
C TYR L 39 -47.65 34.03 -2.06
N ARG L 40 -47.91 35.34 -2.14
CA ARG L 40 -49.14 35.97 -1.66
C ARG L 40 -49.40 35.79 -0.16
N THR L 41 -49.52 34.54 0.29
CA THR L 41 -50.30 34.11 1.49
C THR L 41 -51.62 33.45 0.99
N ALA L 42 -52.17 34.02 -0.10
CA ALA L 42 -53.11 33.36 -1.02
C ALA L 42 -54.51 32.95 -0.49
N VAL L 43 -54.95 31.74 -0.82
CA VAL L 43 -56.22 31.18 -0.33
C VAL L 43 -56.40 29.74 -0.73
N ASN L 44 -56.91 28.95 0.23
CA ASN L 44 -57.70 27.73 -0.02
C ASN L 44 -57.29 26.80 -1.15
N PRO L 45 -56.68 25.65 -0.76
CA PRO L 45 -56.15 24.56 -1.56
C PRO L 45 -56.81 24.33 -2.92
N LEU L 46 -57.42 23.16 -3.12
CA LEU L 46 -58.03 22.81 -4.40
C LEU L 46 -57.75 23.82 -5.51
N LEU L 47 -58.56 24.87 -5.60
CA LEU L 47 -58.33 25.93 -6.58
C LEU L 47 -56.98 26.69 -6.43
N ARG L 48 -56.02 26.13 -5.68
CA ARG L 48 -54.64 26.54 -5.89
C ARG L 48 -53.88 25.50 -6.71
N GLY L 49 -53.97 24.22 -6.30
CA GLY L 49 -53.18 23.16 -6.92
C GLY L 49 -53.87 22.10 -7.72
N VAL L 50 -55.20 22.06 -7.68
CA VAL L 50 -55.91 21.37 -8.73
C VAL L 50 -55.37 22.01 -10.01
N GLU L 51 -54.79 23.20 -9.86
CA GLU L 51 -54.04 23.79 -10.97
C GLU L 51 -52.73 23.04 -11.20
N VAL L 52 -52.00 22.70 -10.11
CA VAL L 52 -50.75 21.94 -10.28
C VAL L 52 -51.13 20.67 -10.98
N GLY L 53 -52.07 19.92 -10.39
CA GLY L 53 -52.46 18.64 -10.93
C GLY L 53 -52.82 18.75 -12.39
N LEU L 54 -53.81 19.59 -12.63
CA LEU L 54 -54.25 19.92 -13.96
C LEU L 54 -53.05 20.08 -14.93
N ALA L 55 -52.09 20.94 -14.52
CA ALA L 55 -50.88 21.25 -15.29
C ALA L 55 -49.84 20.15 -15.23
N HIS L 56 -49.66 19.60 -14.02
CA HIS L 56 -48.54 18.70 -13.71
C HIS L 56 -48.56 17.34 -14.39
N GLY L 57 -49.77 16.87 -14.72
CA GLY L 57 -50.00 15.55 -15.32
C GLY L 57 -49.46 15.37 -16.71
N PHE L 58 -50.03 16.13 -17.67
CA PHE L 58 -49.61 16.15 -19.11
C PHE L 58 -48.16 16.58 -19.37
N LEU L 59 -47.63 17.36 -18.42
CA LEU L 59 -46.21 17.70 -18.37
C LEU L 59 -45.26 16.52 -18.56
N LEU L 60 -45.79 15.31 -18.51
CA LEU L 60 -44.97 14.09 -18.61
C LEU L 60 -45.16 13.26 -19.90
N VAL L 61 -46.23 13.55 -20.64
CA VAL L 61 -46.42 13.07 -22.04
C VAL L 61 -45.09 12.93 -22.78
N GLY L 62 -44.08 13.55 -22.20
CA GLY L 62 -42.77 13.51 -22.75
C GLY L 62 -42.02 12.22 -22.48
N PRO L 63 -41.14 12.23 -21.44
CA PRO L 63 -40.33 11.06 -21.13
C PRO L 63 -41.16 9.76 -20.88
N PHE L 64 -42.40 9.76 -21.37
CA PHE L 64 -43.24 8.55 -21.36
C PHE L 64 -43.47 7.93 -22.77
N VAL L 65 -42.52 8.10 -23.71
CA VAL L 65 -42.67 7.58 -25.14
C VAL L 65 -41.34 7.29 -25.92
N LYS L 66 -40.73 8.33 -26.52
CA LYS L 66 -39.39 8.18 -27.15
C LYS L 66 -38.36 7.81 -26.09
N ALA L 67 -38.57 8.34 -24.89
CA ALA L 67 -37.76 7.92 -23.76
C ALA L 67 -38.34 6.63 -23.20
N GLY L 68 -37.46 5.76 -22.73
CA GLY L 68 -37.86 4.61 -21.91
C GLY L 68 -37.90 3.19 -22.47
N PRO L 69 -38.87 2.92 -23.33
CA PRO L 69 -39.24 1.53 -23.65
C PRO L 69 -39.46 1.28 -25.14
N LEU L 70 -40.41 2.01 -25.72
CA LEU L 70 -41.06 1.62 -26.97
C LEU L 70 -41.08 2.74 -28.02
N ARG L 71 -40.40 3.87 -27.72
CA ARG L 71 -40.45 5.10 -28.52
C ARG L 71 -41.80 5.27 -29.18
N ASN L 72 -41.88 4.90 -30.46
CA ASN L 72 -43.15 4.82 -31.18
C ASN L 72 -43.40 3.30 -31.49
N THR L 73 -44.65 2.83 -31.34
CA THR L 73 -44.92 1.37 -31.33
C THR L 73 -46.41 0.96 -31.19
N GLU L 74 -46.65 -0.36 -31.14
CA GLU L 74 -47.97 -0.90 -30.80
C GLU L 74 -48.48 -0.51 -29.41
N TYR L 75 -49.80 -0.56 -29.27
CA TYR L 75 -50.51 -0.53 -27.98
C TYR L 75 -50.69 0.79 -27.20
N ALA L 76 -50.16 1.97 -27.61
CA ALA L 76 -49.23 2.26 -28.71
C ALA L 76 -48.85 3.73 -28.57
N GLY L 77 -49.37 4.51 -29.53
CA GLY L 77 -49.56 5.94 -29.38
C GLY L 77 -50.74 6.20 -28.46
N ALA L 78 -50.86 5.37 -27.42
CA ALA L 78 -51.57 5.71 -26.20
C ALA L 78 -50.62 6.63 -25.37
N ALA L 79 -49.48 6.93 -25.99
CA ALA L 79 -48.52 7.88 -25.49
C ALA L 79 -49.20 9.22 -25.27
N GLY L 80 -48.64 10.00 -24.34
CA GLY L 80 -49.29 11.18 -23.80
C GLY L 80 -49.52 10.99 -22.31
N SER L 81 -50.21 9.89 -21.96
CA SER L 81 -50.55 9.64 -20.57
C SER L 81 -50.87 8.18 -20.36
N LEU L 82 -49.85 7.34 -20.37
CA LEU L 82 -50.04 5.88 -20.28
C LEU L 82 -50.43 5.50 -18.87
N ALA L 83 -49.75 4.51 -18.31
CA ALA L 83 -49.70 4.37 -16.87
C ALA L 83 -49.22 5.71 -16.32
N ALA L 84 -48.97 6.68 -17.20
CA ALA L 84 -48.50 8.03 -16.83
C ALA L 84 -49.43 8.67 -15.78
N ALA L 85 -50.68 8.21 -15.80
CA ALA L 85 -51.53 8.17 -14.63
C ALA L 85 -50.85 7.14 -13.72
N GLY L 86 -50.88 5.87 -14.13
CA GLY L 86 -50.29 4.78 -13.34
C GLY L 86 -49.08 5.16 -12.48
N LEU L 87 -48.08 5.73 -13.13
CA LEU L 87 -46.86 6.13 -12.42
C LEU L 87 -46.95 7.61 -11.96
N VAL L 88 -48.18 8.09 -11.73
CA VAL L 88 -48.44 9.14 -10.75
C VAL L 88 -48.80 8.36 -9.48
N VAL L 89 -50.09 8.32 -9.15
CA VAL L 89 -50.72 7.55 -8.05
C VAL L 89 -49.85 7.19 -6.81
N ILE L 90 -48.55 7.50 -6.88
CA ILE L 90 -47.64 7.47 -5.74
C ILE L 90 -47.16 8.88 -5.52
N LEU L 91 -47.13 9.63 -6.60
CA LEU L 91 -46.84 11.05 -6.56
C LEU L 91 -48.11 11.60 -5.97
N SER L 92 -49.05 10.70 -5.85
CA SER L 92 -50.41 11.02 -5.55
C SER L 92 -50.70 10.35 -4.23
N MET L 93 -49.81 9.41 -3.88
CA MET L 93 -49.57 9.08 -2.51
C MET L 93 -48.48 10.06 -2.02
N CYS L 94 -47.18 9.77 -2.20
CA CYS L 94 -46.07 10.49 -1.53
C CYS L 94 -46.49 11.62 -0.62
N LEU L 95 -47.01 12.69 -1.22
CA LEU L 95 -47.46 13.86 -0.44
C LEU L 95 -48.79 13.67 0.33
N THR L 96 -49.34 12.46 0.26
CA THR L 96 -50.43 12.04 1.16
C THR L 96 -49.88 11.04 2.17
N MET L 97 -48.56 10.92 2.19
CA MET L 97 -47.86 10.37 3.33
C MET L 97 -47.02 11.47 3.95
N TYR L 98 -47.01 12.64 3.29
CA TYR L 98 -46.35 13.85 3.82
C TYR L 98 -47.01 14.27 5.14
N GLY L 99 -48.34 14.47 5.10
CA GLY L 99 -49.21 14.79 6.26
C GLY L 99 -48.61 14.50 7.64
N ILE L 100 -47.71 15.38 8.05
CA ILE L 100 -46.97 15.26 9.28
C ILE L 100 -46.38 16.65 9.48
N ALA L 101 -46.11 17.35 8.35
CA ALA L 101 -45.76 18.77 8.34
C ALA L 101 -46.96 19.63 7.92
N SER L 102 -48.12 19.26 8.51
CA SER L 102 -49.40 19.91 8.36
C SER L 102 -50.35 19.05 9.18
N PHE L 103 -51.04 19.67 10.14
CA PHE L 103 -52.01 19.00 11.07
C PHE L 103 -53.07 19.98 11.62
N LYS L 104 -54.33 19.56 11.61
CA LYS L 104 -55.40 20.26 12.36
C LYS L 104 -56.74 19.51 12.41
N GLU L 105 -57.21 19.05 11.25
CA GLU L 105 -58.50 18.33 11.05
C GLU L 105 -59.76 19.16 10.60
N GLY L 106 -59.56 20.36 10.02
CA GLY L 106 -60.66 21.20 9.47
C GLY L 106 -60.34 22.55 8.80
N GLU L 107 -61.20 22.98 7.86
CA GLU L 107 -60.91 24.18 7.02
C GLU L 107 -62.02 25.24 6.98
N PRO L 108 -61.95 26.23 7.90
CA PRO L 108 -62.89 27.37 8.03
C PRO L 108 -63.37 28.10 6.74
N SER L 109 -62.56 28.90 6.02
CA SER L 109 -61.10 29.11 6.14
C SER L 109 -60.58 30.58 6.07
N ILE L 110 -60.89 31.43 5.05
CA ILE L 110 -61.53 31.22 3.71
C ILE L 110 -61.95 32.58 3.03
N ALA L 111 -61.81 33.69 3.75
CA ALA L 111 -62.55 34.93 3.42
C ALA L 111 -61.77 36.22 2.95
N PRO L 112 -60.96 36.88 3.82
CA PRO L 112 -60.69 36.83 5.27
C PRO L 112 -61.55 37.81 6.09
N ALA L 113 -61.46 37.70 7.43
CA ALA L 113 -62.39 38.37 8.36
C ALA L 113 -62.44 39.89 8.19
N LEU L 114 -61.94 40.66 9.16
CA LEU L 114 -61.52 42.03 8.84
C LEU L 114 -60.00 42.06 8.61
N THR L 115 -59.11 42.03 9.60
CA THR L 115 -59.24 42.21 11.07
C THR L 115 -57.78 42.23 11.57
N LEU L 116 -56.85 41.60 10.83
CA LEU L 116 -57.13 40.85 9.59
C LEU L 116 -57.15 39.33 9.85
N THR L 117 -57.35 38.55 8.78
CA THR L 117 -56.95 37.12 8.79
C THR L 117 -55.96 36.74 7.67
N GLY L 118 -55.45 35.51 7.76
CA GLY L 118 -54.13 35.21 7.26
C GLY L 118 -53.23 36.04 8.15
N ARG L 119 -53.64 36.16 9.42
CA ARG L 119 -53.10 37.12 10.40
C ARG L 119 -51.61 37.44 10.27
N LYS L 120 -51.26 38.70 10.56
CA LYS L 120 -49.97 39.34 10.19
C LYS L 120 -48.67 38.52 10.27
N LYS L 121 -48.80 37.22 10.51
CA LYS L 121 -47.67 36.33 10.63
C LYS L 121 -47.96 35.08 9.80
N GLN L 122 -47.76 35.13 8.49
CA GLN L 122 -47.82 33.88 7.75
C GLN L 122 -46.45 33.21 7.51
N PRO L 123 -45.51 33.84 6.77
CA PRO L 123 -44.44 32.99 6.16
C PRO L 123 -44.11 31.79 7.04
N ASP L 124 -44.88 30.72 6.80
CA ASP L 124 -44.98 29.53 7.65
C ASP L 124 -46.41 29.21 8.10
N GLN L 125 -46.51 28.68 9.33
CA GLN L 125 -47.48 27.63 9.58
C GLN L 125 -49.00 27.90 9.66
N LEU L 126 -49.58 28.20 8.51
CA LEU L 126 -51.03 28.35 8.41
C LEU L 126 -51.63 27.00 8.14
N GLN L 127 -51.03 26.31 7.16
CA GLN L 127 -51.60 25.08 6.59
C GLN L 127 -51.53 23.81 7.43
N SER L 128 -52.43 22.87 7.17
CA SER L 128 -52.85 21.90 8.18
C SER L 128 -53.10 20.47 7.67
N ALA L 129 -53.65 19.62 8.55
CA ALA L 129 -54.15 18.29 8.19
C ALA L 129 -55.67 18.36 8.19
N ASP L 130 -56.29 17.90 7.11
CA ASP L 130 -57.63 18.36 6.71
C ASP L 130 -57.57 19.88 6.55
N GLY L 131 -56.35 20.38 6.26
CA GLY L 131 -56.06 21.79 5.98
C GLY L 131 -55.16 21.93 4.75
N TRP L 132 -54.43 20.86 4.43
CA TRP L 132 -53.67 20.84 3.18
C TRP L 132 -54.26 19.79 2.26
N ALA L 133 -54.73 18.68 2.85
CA ALA L 133 -55.08 17.43 2.14
C ALA L 133 -56.45 17.43 1.42
N LYS L 134 -56.46 18.12 0.29
CA LYS L 134 -57.64 18.52 -0.48
C LYS L 134 -57.07 19.52 -1.48
N PHE L 135 -55.80 19.81 -1.26
CA PHE L 135 -54.90 20.18 -2.33
C PHE L 135 -54.59 18.86 -2.99
N THR L 136 -54.43 17.82 -2.15
CA THR L 136 -54.15 16.45 -2.58
C THR L 136 -55.31 15.82 -3.37
N GLY L 137 -56.48 16.40 -3.20
CA GLY L 137 -57.65 15.95 -3.92
C GLY L 137 -57.58 16.64 -5.24
N GLY L 138 -56.85 17.75 -5.29
CA GLY L 138 -56.64 18.49 -6.53
C GLY L 138 -55.66 17.85 -7.51
N PHE L 139 -54.37 18.02 -7.21
CA PHE L 139 -53.30 17.38 -7.96
C PHE L 139 -53.67 16.00 -8.51
N PHE L 140 -54.37 15.18 -7.73
CA PHE L 140 -54.72 13.83 -8.20
C PHE L 140 -55.88 13.82 -9.18
N PHE L 141 -56.96 14.49 -8.78
CA PHE L 141 -58.09 14.72 -9.65
C PHE L 141 -57.49 15.41 -10.87
N GLY L 142 -56.64 16.42 -10.58
CA GLY L 142 -55.95 17.20 -11.59
C GLY L 142 -54.88 16.43 -12.36
N GLY L 143 -54.17 15.56 -11.65
CA GLY L 143 -53.18 14.70 -12.29
C GLY L 143 -53.88 14.01 -13.43
N VAL L 144 -54.71 13.03 -13.12
CA VAL L 144 -55.61 12.45 -14.10
C VAL L 144 -56.44 13.61 -14.65
N SER L 145 -56.73 13.62 -15.95
CA SER L 145 -57.21 14.83 -16.62
C SER L 145 -56.01 15.70 -16.98
N GLY L 146 -55.17 15.99 -15.97
CA GLY L 146 -53.77 16.44 -16.19
C GLY L 146 -52.97 15.44 -17.05
N VAL L 147 -53.18 14.16 -16.78
CA VAL L 147 -52.89 13.14 -17.76
C VAL L 147 -54.04 13.14 -18.79
N THR L 148 -55.13 12.45 -18.48
CA THR L 148 -56.13 12.09 -19.51
C THR L 148 -56.52 13.12 -20.56
N TRP L 149 -56.43 14.41 -20.24
CA TRP L 149 -56.91 15.42 -21.16
C TRP L 149 -55.95 15.58 -22.37
N ALA L 150 -54.69 15.17 -22.16
CA ALA L 150 -53.69 15.10 -23.24
C ALA L 150 -53.91 13.91 -24.16
N CYS L 151 -54.55 12.83 -23.67
CA CYS L 151 -54.93 11.68 -24.55
C CYS L 151 -56.06 11.90 -25.57
N PHE L 152 -57.30 11.85 -25.09
CA PHE L 152 -58.47 11.92 -25.95
C PHE L 152 -58.24 12.89 -27.09
N LEU L 153 -57.63 14.03 -26.76
CA LEU L 153 -57.46 15.10 -27.73
C LEU L 153 -56.09 15.13 -28.43
N MET L 154 -56.11 15.35 -29.74
CA MET L 154 -54.91 15.60 -30.53
C MET L 154 -53.93 14.40 -30.58
N TYR L 155 -53.16 14.27 -31.68
CA TYR L 155 -51.74 13.77 -31.63
C TYR L 155 -50.78 13.80 -32.86
N VAL L 156 -51.19 14.46 -33.94
CA VAL L 156 -50.24 14.89 -34.96
C VAL L 156 -50.05 16.42 -34.87
N LEU L 157 -49.24 16.78 -33.87
CA LEU L 157 -49.03 18.15 -33.32
C LEU L 157 -49.70 19.34 -34.00
N ASP L 158 -49.33 20.55 -33.56
CA ASP L 158 -50.02 21.81 -33.87
C ASP L 158 -49.23 22.96 -33.22
N LEU L 159 -49.80 24.16 -33.20
CA LEU L 159 -49.03 25.36 -32.84
C LEU L 159 -49.09 25.86 -31.35
N PRO L 160 -49.72 25.07 -30.45
CA PRO L 160 -49.68 25.18 -28.96
C PRO L 160 -48.60 26.01 -28.27
N TYR L 161 -47.29 25.73 -28.48
CA TYR L 161 -46.21 26.63 -27.99
C TYR L 161 -45.35 27.47 -28.98
N TYR L 162 -45.80 28.70 -29.24
CA TYR L 162 -45.33 29.45 -30.38
C TYR L 162 -45.18 31.00 -30.30
N PHE L 163 -44.86 31.65 -29.16
CA PHE L 163 -44.18 31.15 -27.95
C PHE L 163 -44.69 29.86 -27.24
N LYS L 164 -45.86 29.77 -26.58
CA LYS L 164 -46.83 30.81 -26.16
C LYS L 164 -47.54 31.57 -27.28
N GLY M 1 68.40 -6.50 -22.79
CA GLY M 1 68.84 -7.87 -22.43
C GLY M 1 70.03 -8.27 -23.27
N VAL M 2 69.79 -8.36 -24.59
CA VAL M 2 70.82 -8.56 -25.62
C VAL M 2 71.97 -7.51 -25.59
N ILE M 3 73.26 -7.89 -25.48
CA ILE M 3 73.91 -9.17 -25.88
C ILE M 3 74.11 -9.00 -27.35
N GLU M 4 73.13 -9.56 -28.05
CA GLU M 4 72.79 -9.24 -29.43
C GLU M 4 72.81 -7.74 -29.67
N GLU M 5 72.09 -7.28 -30.71
CA GLU M 5 71.91 -5.86 -31.03
C GLU M 5 71.16 -5.20 -29.88
N TYR M 6 70.22 -4.33 -30.24
CA TYR M 6 69.24 -3.80 -29.31
C TYR M 6 68.08 -3.48 -30.22
N LEU M 7 67.45 -4.56 -30.72
CA LEU M 7 66.74 -4.55 -31.99
C LEU M 7 67.33 -3.49 -32.94
N GLU M 8 68.66 -3.48 -33.04
CA GLU M 8 69.38 -2.74 -34.10
C GLU M 8 69.19 -1.21 -34.15
N LYS M 9 70.29 -0.48 -33.95
CA LYS M 9 70.32 0.99 -33.85
C LYS M 9 69.75 1.71 -35.10
N SER M 10 70.37 1.52 -36.27
CA SER M 10 69.89 2.12 -37.54
C SER M 10 68.52 1.57 -38.00
N LYS M 11 67.77 1.03 -37.06
CA LYS M 11 66.38 0.61 -37.28
C LYS M 11 65.52 0.92 -36.04
N THR M 12 66.13 0.83 -34.85
CA THR M 12 65.54 1.34 -33.61
C THR M 12 65.79 2.83 -33.59
N ASN M 13 67.08 3.18 -33.56
CA ASN M 13 67.48 4.58 -33.54
C ASN M 13 67.14 5.25 -34.87
N LYS M 14 66.27 4.57 -35.64
CA LYS M 14 65.78 4.98 -36.96
C LYS M 14 65.28 6.41 -37.06
N GLU M 15 65.11 7.07 -35.93
CA GLU M 15 65.05 8.53 -35.95
C GLU M 15 66.46 9.16 -36.06
N LEU M 16 67.25 8.57 -36.96
CA LEU M 16 68.31 9.28 -37.64
C LEU M 16 67.65 10.00 -38.83
N ASN M 17 66.33 10.15 -38.71
CA ASN M 17 65.52 10.92 -39.62
C ASN M 17 64.86 12.07 -38.86
N ASP M 18 65.61 12.56 -37.87
CA ASP M 18 65.38 13.86 -37.24
C ASP M 18 66.58 14.76 -37.63
N LYS M 19 67.22 14.37 -38.75
CA LYS M 19 68.44 14.97 -39.29
C LYS M 19 68.54 14.58 -40.76
N LYS M 20 68.60 13.28 -41.02
CA LYS M 20 68.81 12.61 -42.31
C LYS M 20 68.97 13.49 -43.57
N ARG M 21 67.99 13.39 -44.47
CA ARG M 21 67.89 14.16 -45.69
C ARG M 21 66.56 14.89 -45.58
N LEU M 22 66.07 15.04 -44.33
CA LEU M 22 64.69 15.51 -44.08
C LEU M 22 64.44 16.96 -44.53
N ALA M 23 65.10 17.32 -45.63
CA ALA M 23 64.72 18.44 -46.49
C ALA M 23 63.39 18.10 -47.16
N THR M 24 62.77 17.00 -46.65
CA THR M 24 61.35 16.69 -46.84
C THR M 24 60.50 17.75 -46.12
N THR M 25 61.01 18.25 -44.99
CA THR M 25 60.50 19.51 -44.40
C THR M 25 61.41 20.66 -44.77
N GLY M 26 62.43 20.88 -43.93
CA GLY M 26 63.37 22.00 -44.05
C GLY M 26 63.32 22.69 -45.40
N ALA M 27 64.02 22.10 -46.38
CA ALA M 27 64.10 22.69 -47.72
C ALA M 27 62.78 22.59 -48.49
N ASN M 28 61.72 23.07 -47.85
CA ASN M 28 60.49 23.47 -48.54
C ASN M 28 60.27 24.96 -48.30
N PHE M 29 61.19 25.53 -47.53
CA PHE M 29 61.22 26.97 -47.29
C PHE M 29 62.28 27.61 -48.19
N ALA M 30 63.43 26.95 -48.29
CA ALA M 30 64.59 27.46 -49.05
C ALA M 30 64.55 27.10 -50.53
N ARG M 31 63.34 26.85 -51.04
CA ARG M 31 63.07 26.95 -52.47
C ARG M 31 62.07 28.09 -52.67
N ALA M 32 61.18 28.29 -51.68
CA ALA M 32 60.38 29.49 -51.60
C ALA M 32 61.21 30.66 -51.02
N TYR M 33 62.41 30.33 -50.52
CA TYR M 33 63.43 31.29 -50.05
C TYR M 33 63.70 32.41 -51.07
N THR M 34 63.62 32.06 -52.35
CA THR M 34 63.88 32.99 -53.44
C THR M 34 62.57 33.49 -54.07
N VAL M 35 61.44 33.04 -53.52
CA VAL M 35 60.14 33.08 -54.23
C VAL M 35 59.74 34.37 -54.92
N GLU M 36 59.95 34.40 -56.24
CA GLU M 36 59.32 35.36 -57.14
C GLU M 36 59.69 36.84 -56.88
N PHE M 37 58.95 37.83 -57.40
CA PHE M 37 57.68 37.68 -58.12
C PHE M 37 57.71 38.40 -59.47
N GLY M 38 57.53 37.65 -60.55
CA GLY M 38 57.70 38.19 -61.89
C GLY M 38 58.49 37.31 -62.87
N SER M 39 59.41 36.49 -62.40
CA SER M 39 59.98 36.55 -61.06
C SER M 39 61.48 36.86 -61.25
N CYS M 40 62.08 37.67 -60.38
CA CYS M 40 61.57 38.02 -59.07
C CYS M 40 61.21 39.50 -58.99
N LYS M 41 61.76 40.22 -57.99
CA LYS M 41 61.63 41.70 -57.80
C LYS M 41 60.72 42.46 -58.79
N PHE M 42 61.02 43.73 -59.09
CA PHE M 42 60.42 44.49 -60.21
C PHE M 42 59.05 43.84 -60.50
N PRO M 43 58.52 43.87 -61.74
CA PRO M 43 58.22 44.85 -62.80
C PRO M 43 56.83 45.55 -62.81
N GLU M 44 55.73 45.06 -62.21
CA GLU M 44 55.33 43.66 -61.91
C GLU M 44 55.91 42.86 -60.71
N ASN M 45 55.98 43.34 -59.45
CA ASN M 45 56.09 44.68 -58.83
C ASN M 45 55.25 44.86 -57.57
N PHE M 46 55.77 45.65 -56.64
CA PHE M 46 55.51 45.46 -55.21
C PHE M 46 54.28 46.12 -54.66
N THR M 47 53.18 46.08 -55.42
CA THR M 47 51.84 46.36 -54.89
C THR M 47 51.42 47.85 -54.81
N GLY M 48 50.19 48.17 -55.22
CA GLY M 48 49.20 47.18 -55.62
C GLY M 48 48.23 47.64 -56.69
N CYS M 49 48.32 47.08 -57.91
CA CYS M 49 49.17 45.94 -58.25
C CYS M 49 48.80 44.68 -57.48
N GLN M 50 48.86 44.76 -56.14
CA GLN M 50 48.57 43.63 -55.26
C GLN M 50 47.66 44.04 -54.08
N ASP M 51 47.27 43.03 -53.30
CA ASP M 51 46.46 43.20 -52.08
C ASP M 51 46.06 41.88 -51.41
N LEU M 52 45.41 40.96 -52.12
CA LEU M 52 45.59 40.69 -53.56
C LEU M 52 46.96 40.08 -53.84
N ALA M 53 46.93 38.75 -53.85
CA ALA M 53 47.55 37.96 -54.92
C ALA M 53 48.91 37.36 -54.67
N LYS M 54 49.51 36.92 -55.77
CA LYS M 54 50.71 36.05 -55.80
C LYS M 54 51.83 36.45 -54.83
N GLN M 55 51.83 35.80 -53.67
CA GLN M 55 51.02 34.60 -53.44
C GLN M 55 49.71 34.81 -52.68
N LYS M 56 49.85 35.34 -51.47
CA LYS M 56 49.06 34.87 -50.33
C LYS M 56 48.83 33.35 -50.42
N LYS M 57 47.69 32.88 -49.92
CA LYS M 57 47.51 31.44 -49.69
C LYS M 57 46.59 30.78 -50.71
N VAL M 58 45.31 31.12 -50.73
CA VAL M 58 44.45 30.94 -49.57
C VAL M 58 43.57 29.70 -49.73
N PRO M 59 42.26 29.92 -49.69
CA PRO M 59 41.50 30.25 -50.90
C PRO M 59 41.66 29.19 -51.99
N PHE M 60 41.63 29.61 -53.24
CA PHE M 60 40.64 30.57 -53.71
C PHE M 60 40.52 30.57 -55.23
N LEU M 61 41.36 29.76 -55.87
CA LEU M 61 41.39 29.69 -57.33
C LEU M 61 42.82 29.59 -57.86
N SER M 62 43.22 30.56 -58.65
CA SER M 62 42.39 31.73 -58.93
C SER M 62 42.56 32.18 -60.37
N ASP M 63 41.74 33.16 -60.78
CA ASP M 63 41.85 33.74 -62.13
C ASP M 63 42.63 35.09 -62.08
N ASP M 64 41.97 36.23 -62.27
CA ASP M 64 40.73 36.35 -63.04
C ASP M 64 40.86 37.52 -63.96
N LEU M 65 39.87 37.66 -64.84
CA LEU M 65 39.74 38.83 -65.72
C LEU M 65 40.37 38.61 -67.10
N ASP M 66 39.86 37.61 -67.83
CA ASP M 66 40.49 37.19 -69.05
C ASP M 66 41.95 36.95 -68.76
N LEU M 67 42.83 37.83 -69.25
CA LEU M 67 44.30 37.74 -69.05
C LEU M 67 45.27 38.53 -69.96
N GLU M 68 45.26 39.88 -69.95
CA GLU M 68 44.15 40.79 -70.26
C GLU M 68 44.75 41.61 -71.43
N CYS M 69 43.98 42.00 -72.45
CA CYS M 69 42.61 42.44 -72.26
C CYS M 69 41.64 42.09 -73.38
N GLU M 70 40.72 41.18 -73.04
CA GLU M 70 39.59 40.85 -73.89
C GLU M 70 38.29 41.03 -73.05
N GLY M 71 37.99 42.27 -72.63
CA GLY M 71 38.46 43.47 -73.32
C GLY M 71 39.43 44.38 -72.62
N LYS M 72 40.13 45.18 -73.43
CA LYS M 72 40.80 46.43 -73.02
C LYS M 72 42.14 46.63 -73.75
N ASP M 73 42.30 45.94 -74.87
CA ASP M 73 43.39 46.26 -75.80
C ASP M 73 43.11 47.59 -76.49
N LYS M 74 42.00 48.22 -76.11
CA LYS M 74 41.52 49.50 -76.66
C LYS M 74 40.51 49.34 -77.81
N TYR M 75 39.24 49.03 -77.52
CA TYR M 75 38.85 48.40 -76.27
C TYR M 75 39.36 46.97 -76.27
N LYS M 76 38.94 46.18 -77.26
CA LYS M 76 39.19 44.74 -77.27
C LYS M 76 38.93 44.17 -78.65
N CYS M 77 39.11 42.85 -78.77
CA CYS M 77 38.50 42.01 -79.81
C CYS M 77 39.48 41.01 -80.42
N GLY M 78 40.03 41.30 -81.60
CA GLY M 78 39.83 42.59 -82.28
C GLY M 78 40.96 42.96 -83.22
N SER M 79 40.63 43.85 -84.15
CA SER M 79 41.63 44.61 -84.90
C SER M 79 41.07 46.01 -85.25
N ASN M 80 40.43 46.66 -84.28
CA ASN M 80 40.22 46.10 -82.95
C ASN M 80 38.85 46.38 -82.34
N VAL M 81 37.82 46.12 -83.13
CA VAL M 81 36.47 45.98 -82.58
C VAL M 81 35.70 44.88 -83.32
N PHE M 82 35.32 45.17 -84.56
CA PHE M 82 34.97 46.52 -84.96
C PHE M 82 33.61 46.56 -85.64
N TRP M 83 32.64 47.21 -84.99
CA TRP M 83 32.82 47.64 -83.60
C TRP M 83 32.76 49.17 -83.49
N LYS M 84 33.56 49.84 -84.31
CA LYS M 84 33.78 51.27 -84.16
C LYS M 84 34.82 51.56 -83.09
N TRP M 85 35.69 52.54 -83.36
CA TRP M 85 36.76 52.88 -82.44
C TRP M 85 36.62 54.30 -81.92
N MET N 1 22.46 -22.12 36.36
CA MET N 1 22.14 -23.58 36.36
C MET N 1 22.68 -24.22 35.09
N PRO N 2 21.82 -24.34 34.02
CA PRO N 2 22.02 -25.18 32.84
C PRO N 2 23.44 -25.79 32.76
N GLY N 3 24.40 -24.98 32.32
CA GLY N 3 25.74 -25.48 31.99
C GLY N 3 26.22 -24.83 30.71
N GLU N 4 27.49 -24.46 30.64
CA GLU N 4 28.53 -24.92 31.58
C GLU N 4 28.64 -24.18 32.93
N PRO N 5 27.70 -24.46 33.85
CA PRO N 5 27.78 -24.26 35.30
C PRO N 5 27.06 -25.38 36.06
N ARG N 6 27.80 -26.14 36.87
CA ARG N 6 27.23 -27.30 37.58
C ARG N 6 28.14 -28.54 37.55
N PRO N 7 27.94 -29.46 38.50
CA PRO N 7 27.02 -29.38 39.65
C PRO N 7 27.40 -30.32 40.78
N ALA N 8 28.69 -30.35 41.09
CA ALA N 8 29.15 -30.74 42.42
C ALA N 8 29.24 -32.22 42.68
N TYR N 9 29.33 -32.99 41.61
CA TYR N 9 29.94 -34.32 41.68
C TYR N 9 31.43 -34.13 41.94
N LEU N 10 31.90 -32.90 41.77
CA LEU N 10 33.34 -32.58 41.85
C LEU N 10 33.82 -32.51 43.26
N ASP N 11 33.07 -33.12 44.17
CA ASP N 11 33.54 -33.50 45.49
C ASP N 11 32.72 -32.85 46.59
N GLY N 12 32.97 -31.55 46.76
CA GLY N 12 32.61 -30.82 47.97
C GLY N 12 33.84 -30.01 48.33
N SER N 13 34.88 -30.65 48.86
CA SER N 13 34.90 -32.08 49.16
C SER N 13 34.39 -32.32 50.61
N ALA N 14 33.08 -32.54 50.78
CA ALA N 14 32.26 -33.10 49.73
C ALA N 14 30.81 -33.19 50.11
N PRO N 15 30.49 -34.20 50.94
CA PRO N 15 29.20 -34.89 50.97
C PRO N 15 27.99 -33.97 50.96
N GLY N 16 27.87 -33.05 51.93
CA GLY N 16 28.87 -32.83 52.98
C GLY N 16 28.58 -31.57 53.74
N ASP N 17 28.21 -31.74 55.00
CA ASP N 17 27.50 -30.69 55.77
C ASP N 17 28.24 -29.37 55.95
N PHE N 18 29.54 -29.36 56.28
CA PHE N 18 30.24 -30.36 57.11
C PHE N 18 30.24 -31.82 56.63
N GLY N 19 31.10 -32.13 55.66
CA GLY N 19 31.99 -31.16 55.04
C GLY N 19 32.78 -31.69 53.87
N PHE N 20 33.61 -30.85 53.26
CA PHE N 20 33.71 -29.44 53.66
C PHE N 20 32.55 -28.66 53.06
N ASP N 21 32.25 -27.51 53.65
CA ASP N 21 30.98 -26.78 53.41
C ASP N 21 30.45 -26.96 52.00
N PRO N 22 29.22 -27.51 51.89
CA PRO N 22 28.59 -27.82 50.61
C PRO N 22 27.08 -27.54 50.61
N LEU N 23 26.35 -28.24 49.74
CA LEU N 23 24.91 -28.05 49.63
C LEU N 23 24.12 -29.38 49.67
N GLY N 24 24.02 -30.09 48.55
CA GLY N 24 24.59 -29.72 47.26
C GLY N 24 23.49 -29.74 46.21
N LEU N 25 22.56 -30.68 46.39
CA LEU N 25 21.40 -30.82 45.50
C LEU N 25 20.45 -29.64 45.70
N GLY N 26 20.71 -28.87 46.74
CA GLY N 26 19.89 -27.71 47.07
C GLY N 26 19.03 -27.93 48.30
N GLU N 27 19.49 -28.80 49.19
CA GLU N 27 18.73 -29.16 50.39
C GLU N 27 17.23 -29.49 50.10
N VAL N 28 17.05 -30.57 49.33
CA VAL N 28 15.85 -31.47 49.35
C VAL N 28 14.47 -31.05 48.75
N PRO N 29 14.48 -30.32 47.63
CA PRO N 29 13.28 -30.15 46.81
C PRO N 29 12.60 -31.50 46.46
N ALA N 30 11.65 -31.47 45.53
CA ALA N 30 10.85 -32.63 45.15
C ALA N 30 10.07 -32.30 43.89
N ASN N 31 10.30 -33.05 42.80
CA ASN N 31 9.69 -32.77 41.48
C ASN N 31 8.22 -33.08 41.52
N LEU N 32 7.79 -33.45 42.71
CA LEU N 32 6.40 -33.61 43.01
C LEU N 32 6.08 -32.79 44.27
N GLU N 33 7.10 -32.50 45.08
CA GLU N 33 6.97 -31.78 46.33
C GLU N 33 5.77 -32.29 47.15
N ARG N 34 5.41 -33.55 46.86
CA ARG N 34 4.23 -34.28 47.40
C ARG N 34 3.27 -34.64 46.27
N TYR N 35 3.26 -35.91 45.83
CA TYR N 35 4.36 -36.91 45.93
C TYR N 35 3.95 -38.40 46.02
N LYS N 36 3.93 -39.08 44.86
CA LYS N 36 4.03 -40.57 44.75
C LYS N 36 3.50 -41.20 43.43
N GLU N 37 2.46 -42.05 43.50
CA GLU N 37 1.87 -42.89 42.39
C GLU N 37 2.85 -43.51 41.35
N SER N 38 4.00 -42.86 41.22
CA SER N 38 4.84 -42.91 40.03
C SER N 38 6.31 -42.85 40.42
N GLU N 39 6.59 -42.20 41.56
CA GLU N 39 7.94 -42.05 42.15
C GLU N 39 8.78 -43.35 42.30
N LEU N 40 8.89 -43.78 43.56
CA LEU N 40 9.64 -44.94 44.02
C LEU N 40 9.18 -46.27 43.42
N ILE N 41 8.09 -46.23 42.67
CA ILE N 41 7.64 -47.39 41.92
C ILE N 41 8.65 -47.73 40.84
N HIS N 42 9.42 -46.73 40.41
CA HIS N 42 10.41 -46.87 39.32
C HIS N 42 11.57 -47.78 39.73
N CYS N 43 11.31 -48.62 40.73
CA CYS N 43 12.36 -49.21 41.54
C CYS N 43 12.17 -50.70 41.87
N ARG N 44 11.11 -51.03 42.58
CA ARG N 44 10.94 -52.39 43.08
C ARG N 44 10.36 -53.29 42.00
N TRP N 45 9.62 -52.70 41.08
CA TRP N 45 9.34 -53.25 39.72
C TRP N 45 10.30 -54.34 39.18
N ALA N 46 11.42 -53.83 38.68
CA ALA N 46 12.24 -54.48 37.66
C ALA N 46 13.35 -55.28 38.30
N MET N 47 13.53 -55.06 39.59
CA MET N 47 14.22 -56.02 40.39
C MET N 47 13.50 -57.32 40.07
N LEU N 48 12.18 -57.33 40.29
CA LEU N 48 11.41 -58.60 40.35
C LEU N 48 10.48 -59.01 39.18
N ALA N 49 10.57 -58.30 38.06
CA ALA N 49 10.22 -58.88 36.77
C ALA N 49 11.49 -59.57 36.24
N VAL N 50 12.64 -58.90 36.38
CA VAL N 50 13.91 -59.41 35.87
C VAL N 50 14.46 -60.71 36.52
N PRO N 51 13.99 -61.07 37.75
CA PRO N 51 14.30 -62.43 38.20
C PRO N 51 13.40 -63.46 37.51
N GLY N 52 12.10 -63.17 37.41
CA GLY N 52 11.20 -63.97 36.60
C GLY N 52 11.78 -64.30 35.24
N ILE N 53 12.67 -63.45 34.72
CA ILE N 53 13.25 -63.67 33.39
C ILE N 53 14.48 -64.59 33.33
N LEU N 54 15.16 -64.80 34.45
CA LEU N 54 16.34 -65.67 34.39
C LEU N 54 15.90 -66.97 33.70
N VAL N 55 14.65 -67.33 34.01
CA VAL N 55 13.97 -68.58 33.63
C VAL N 55 14.18 -69.16 32.21
N PRO N 56 14.14 -68.33 31.13
CA PRO N 56 14.58 -68.93 29.87
C PRO N 56 16.03 -69.37 29.94
N GLU N 57 16.21 -70.68 30.07
CA GLU N 57 17.51 -71.33 30.12
C GLU N 57 18.36 -70.96 28.91
N ALA N 58 19.68 -71.05 29.10
CA ALA N 58 20.61 -70.96 27.99
C ALA N 58 20.48 -72.26 27.20
N LEU N 59 20.06 -73.30 27.92
CA LEU N 59 19.95 -74.65 27.41
C LEU N 59 21.25 -75.09 26.74
N GLY N 60 21.87 -76.10 27.32
CA GLY N 60 22.97 -76.84 26.70
C GLY N 60 22.68 -78.32 26.90
N TYR N 61 21.60 -78.56 27.66
CA TYR N 61 21.17 -79.86 28.11
C TYR N 61 19.79 -80.17 27.57
N GLY N 62 18.98 -79.12 27.38
CA GLY N 62 17.56 -79.26 27.09
C GLY N 62 16.70 -78.92 28.31
N ASN N 63 15.54 -78.31 28.04
CA ASN N 63 14.56 -77.98 29.07
C ASN N 63 13.15 -78.02 28.50
N TRP N 64 12.39 -76.94 28.70
CA TRP N 64 11.11 -76.71 28.05
C TRP N 64 10.11 -77.86 28.27
N VAL N 65 9.12 -77.65 29.13
CA VAL N 65 9.06 -76.49 30.03
C VAL N 65 8.31 -76.85 31.30
N LYS N 66 7.59 -77.98 31.25
CA LYS N 66 6.58 -78.32 32.25
C LYS N 66 5.72 -79.47 31.73
N ALA N 67 4.47 -79.49 32.18
CA ALA N 67 3.47 -80.46 31.74
C ALA N 67 2.41 -79.80 30.83
N GLN N 68 1.78 -78.74 31.32
CA GLN N 68 0.69 -78.05 30.61
C GLN N 68 1.16 -76.88 29.78
N GLU N 69 2.14 -76.14 30.34
CA GLU N 69 2.92 -75.01 29.75
C GLU N 69 2.34 -74.12 28.65
N TRP N 70 1.01 -74.08 28.52
CA TRP N 70 0.27 -73.46 27.39
C TRP N 70 0.94 -73.54 25.98
N ALA N 71 0.19 -74.08 25.01
CA ALA N 71 0.69 -74.26 23.64
C ALA N 71 0.67 -72.94 22.87
N ALA N 72 1.57 -72.01 23.25
CA ALA N 72 1.53 -70.58 22.84
C ALA N 72 0.16 -70.01 23.21
N LEU N 73 -0.50 -70.76 24.10
CA LEU N 73 -1.83 -70.49 24.68
C LEU N 73 -3.09 -70.65 23.78
N PRO N 74 -2.94 -70.68 22.44
CA PRO N 74 -4.13 -70.30 21.70
C PRO N 74 -5.31 -71.28 21.81
N GLY N 75 -5.00 -72.58 21.83
CA GLY N 75 -6.04 -73.61 21.78
C GLY N 75 -5.60 -74.95 22.29
N GLY N 76 -5.08 -74.96 23.53
CA GLY N 76 -4.73 -76.21 24.22
C GLY N 76 -5.56 -76.38 25.48
N GLN N 77 -6.70 -75.69 25.52
CA GLN N 77 -7.55 -75.69 26.69
C GLN N 77 -9.03 -75.96 26.37
N ALA N 78 -9.80 -76.40 27.35
CA ALA N 78 -9.28 -76.67 28.70
C ALA N 78 -9.35 -78.16 29.17
N THR N 79 -9.61 -79.11 28.27
CA THR N 79 -10.35 -78.87 27.03
C THR N 79 -11.84 -78.72 27.39
N TYR N 80 -12.05 -78.26 28.62
CA TYR N 80 -13.17 -77.39 28.96
C TYR N 80 -14.17 -78.00 29.95
N LEU N 81 -15.41 -78.23 29.53
CA LEU N 81 -16.05 -77.44 28.47
C LEU N 81 -17.11 -76.73 29.26
N GLY N 82 -18.17 -77.47 29.53
CA GLY N 82 -18.90 -77.34 30.79
C GLY N 82 -19.81 -76.16 31.04
N ASN N 83 -20.25 -75.44 30.00
CA ASN N 83 -19.60 -75.39 28.68
C ASN N 83 -19.83 -74.09 27.96
N PRO N 84 -19.04 -73.86 26.91
CA PRO N 84 -17.70 -74.45 26.66
C PRO N 84 -16.55 -73.45 26.83
N VAL N 85 -16.92 -72.16 26.80
CA VAL N 85 -16.23 -71.10 27.55
C VAL N 85 -15.82 -69.90 26.65
N PRO N 86 -14.59 -69.91 26.11
CA PRO N 86 -14.19 -69.12 24.96
C PRO N 86 -13.86 -69.91 23.67
N TRP N 87 -12.58 -70.10 23.40
CA TRP N 87 -12.12 -70.96 22.33
C TRP N 87 -11.05 -71.97 22.83
N GLY N 88 -10.09 -71.51 23.65
CA GLY N 88 -10.18 -70.28 24.45
C GLY N 88 -9.73 -68.97 23.84
N THR N 89 -8.54 -68.55 24.27
CA THR N 89 -7.95 -67.28 23.83
C THR N 89 -8.96 -66.11 23.86
N LEU N 90 -8.50 -64.93 23.43
CA LEU N 90 -9.32 -63.72 23.36
C LEU N 90 -9.63 -63.13 24.75
N PRO N 91 -10.83 -62.55 24.94
CA PRO N 91 -10.94 -61.67 26.10
C PRO N 91 -11.12 -62.37 27.46
N THR N 92 -11.59 -63.63 27.46
CA THR N 92 -12.06 -64.26 28.69
C THR N 92 -10.99 -64.72 29.70
N ILE N 93 -10.08 -65.60 29.29
CA ILE N 93 -8.96 -65.90 30.18
C ILE N 93 -8.33 -64.57 30.48
N LEU N 94 -8.10 -63.80 29.43
CA LEU N 94 -7.50 -62.50 29.56
C LEU N 94 -8.36 -61.55 30.43
N ALA N 95 -9.52 -62.06 30.88
CA ALA N 95 -10.42 -61.36 31.82
C ALA N 95 -10.29 -61.81 33.29
N ILE N 96 -10.22 -63.12 33.54
CA ILE N 96 -10.02 -63.63 34.91
C ILE N 96 -8.80 -63.00 35.61
N GLU N 97 -7.60 -63.47 35.23
CA GLU N 97 -6.31 -63.02 35.81
C GLU N 97 -6.20 -61.52 36.10
N PHE N 98 -6.77 -60.71 35.21
CA PHE N 98 -6.94 -59.24 35.35
C PHE N 98 -7.49 -58.73 36.70
N LEU N 99 -8.82 -58.71 36.84
CA LEU N 99 -9.50 -58.12 38.01
C LEU N 99 -9.23 -58.91 39.29
N ALA N 100 -8.86 -60.18 39.12
CA ALA N 100 -8.20 -60.93 40.17
C ALA N 100 -6.97 -60.13 40.60
N ILE N 101 -6.03 -59.88 39.69
CA ILE N 101 -4.92 -58.99 40.00
C ILE N 101 -5.49 -57.63 40.36
N ALA N 102 -6.46 -57.16 39.58
CA ALA N 102 -6.93 -55.76 39.65
C ALA N 102 -7.48 -55.31 40.99
N PHE N 103 -7.67 -56.25 41.91
CA PHE N 103 -8.17 -55.90 43.22
C PHE N 103 -7.05 -56.01 44.25
N VAL N 104 -6.03 -56.82 43.97
CA VAL N 104 -5.05 -57.20 45.00
C VAL N 104 -4.21 -56.04 45.56
N GLU N 105 -3.74 -55.15 44.69
CA GLU N 105 -3.01 -53.97 45.18
C GLU N 105 -3.78 -52.64 45.07
N HIS N 106 -5.07 -52.71 45.43
CA HIS N 106 -6.06 -51.61 45.26
C HIS N 106 -7.12 -51.67 46.36
N GLN N 107 -7.09 -52.76 47.12
CA GLN N 107 -7.55 -52.73 48.50
C GLN N 107 -6.47 -51.96 49.27
N ARG N 108 -5.21 -52.08 48.81
CA ARG N 108 -4.07 -51.36 49.39
C ARG N 108 -4.38 -49.87 49.42
N SER N 109 -5.30 -49.48 48.54
CA SER N 109 -5.76 -48.11 48.40
C SER N 109 -5.70 -47.34 49.71
N MET N 110 -6.44 -47.83 50.70
CA MET N 110 -6.49 -47.16 51.99
C MET N 110 -5.12 -47.07 52.66
N GLU N 111 -4.53 -45.89 52.52
CA GLU N 111 -3.20 -45.60 53.03
C GLU N 111 -2.98 -44.11 53.27
N LYS N 112 -2.50 -43.78 54.47
CA LYS N 112 -2.14 -42.40 54.81
C LYS N 112 -0.97 -42.38 55.80
N ASP N 113 -1.16 -43.01 56.95
CA ASP N 113 -0.13 -43.05 57.98
C ASP N 113 0.50 -44.44 58.06
N PRO N 114 0.99 -44.81 59.26
CA PRO N 114 1.44 -46.17 59.60
C PRO N 114 2.01 -46.96 58.42
N GLU N 115 3.07 -46.44 57.79
CA GLU N 115 3.74 -45.23 58.23
C GLU N 115 4.16 -44.34 57.06
N LYS N 116 3.64 -43.11 57.04
CA LYS N 116 4.01 -42.12 56.04
C LYS N 116 5.43 -41.60 56.32
N LYS N 117 6.40 -42.20 55.64
CA LYS N 117 7.78 -41.70 55.58
C LYS N 117 8.35 -41.19 56.91
N LYS N 118 9.41 -40.41 56.82
CA LYS N 118 9.96 -39.70 58.00
C LYS N 118 9.05 -38.54 58.37
N TYR N 119 8.87 -37.62 57.41
CA TYR N 119 7.92 -36.51 57.50
C TYR N 119 7.83 -35.86 58.89
N PRO N 120 8.36 -34.62 59.02
CA PRO N 120 8.57 -33.85 60.26
C PRO N 120 9.58 -34.54 61.21
N GLY N 121 9.42 -35.85 61.41
CA GLY N 121 10.40 -36.65 62.15
C GLY N 121 10.02 -38.10 62.44
N GLY N 122 10.87 -38.78 63.20
CA GLY N 122 10.53 -40.01 63.89
C GLY N 122 10.67 -39.67 65.36
N ALA N 123 10.90 -38.37 65.61
CA ALA N 123 10.93 -37.76 66.95
C ALA N 123 10.69 -36.25 66.85
N LEU N 136 9.24 -53.89 53.50
CA LEU N 136 10.31 -52.90 53.36
C LEU N 136 11.38 -53.00 54.46
N GLU N 137 12.58 -53.46 54.08
CA GLU N 137 13.66 -53.65 55.04
C GLU N 137 14.05 -52.35 55.74
N GLU N 138 13.17 -51.90 56.64
CA GLU N 138 13.41 -50.75 57.54
C GLU N 138 14.09 -49.51 56.87
N LEU N 139 15.32 -49.22 57.33
CA LEU N 139 16.27 -48.41 56.56
C LEU N 139 16.97 -49.39 55.64
N LYS N 140 16.75 -49.23 54.34
CA LYS N 140 17.50 -50.03 53.37
C LYS N 140 17.95 -49.29 52.12
N VAL N 141 19.22 -48.90 52.06
CA VAL N 141 19.83 -48.51 50.79
C VAL N 141 19.83 -49.72 49.89
N LYS N 142 20.88 -50.53 49.97
CA LYS N 142 21.04 -51.72 49.12
C LYS N 142 19.74 -52.27 48.46
N GLU N 143 19.17 -53.33 49.06
CA GLU N 143 17.93 -54.01 48.63
C GLU N 143 16.93 -53.11 47.87
N ILE N 144 16.89 -51.82 48.22
CA ILE N 144 16.00 -50.88 47.56
C ILE N 144 16.75 -50.06 46.52
N LYS N 145 17.97 -49.67 46.84
CA LYS N 145 18.71 -48.70 46.03
C LYS N 145 19.10 -49.24 44.68
N ASN N 146 18.98 -50.55 44.54
CA ASN N 146 19.20 -51.22 43.29
C ASN N 146 18.08 -50.84 42.35
N GLY N 147 16.87 -50.73 42.92
CA GLY N 147 15.62 -50.40 42.23
C GLY N 147 15.79 -49.71 40.91
N ARG N 148 16.69 -48.72 40.91
CA ARG N 148 17.17 -48.05 39.72
C ARG N 148 17.78 -49.09 38.73
N LEU N 149 19.04 -49.43 38.95
CA LEU N 149 19.80 -50.22 38.01
C LEU N 149 19.07 -51.51 37.52
N ALA N 150 17.96 -51.85 38.16
CA ALA N 150 17.18 -53.05 37.81
C ALA N 150 16.06 -52.77 36.81
N LEU N 151 15.67 -51.50 36.73
CA LEU N 151 14.82 -50.98 35.65
C LEU N 151 15.62 -50.87 34.33
N LEU N 152 16.42 -49.82 34.19
CA LEU N 152 17.16 -49.59 32.95
C LEU N 152 18.12 -50.68 32.46
N ALA N 153 18.64 -51.50 33.38
CA ALA N 153 19.30 -52.73 32.96
C ALA N 153 18.35 -53.38 31.98
N PHE N 154 17.06 -53.39 32.32
CA PHE N 154 16.06 -54.10 31.49
C PHE N 154 15.78 -53.37 30.15
N VAL N 155 15.41 -52.09 30.22
CA VAL N 155 15.11 -51.34 29.01
C VAL N 155 16.38 -51.39 28.17
N GLY N 156 17.48 -50.98 28.77
CA GLY N 156 18.80 -51.06 28.16
C GLY N 156 18.90 -52.06 27.03
N PHE N 157 18.37 -53.27 27.23
CA PHE N 157 18.46 -54.28 26.18
C PHE N 157 17.14 -54.50 25.44
N CYS N 158 16.02 -54.31 26.14
CA CYS N 158 14.71 -54.38 25.47
C CYS N 158 14.55 -53.25 24.44
N VAL N 159 15.48 -52.29 24.50
CA VAL N 159 15.60 -51.30 23.44
C VAL N 159 16.01 -52.03 22.17
N GLN N 160 16.95 -52.98 22.30
CA GLN N 160 17.33 -53.80 21.17
C GLN N 160 16.29 -54.91 21.02
N GLN N 161 15.59 -55.21 22.10
CA GLN N 161 14.55 -56.24 22.05
C GLN N 161 13.36 -55.69 21.27
N SER N 162 13.30 -54.37 21.14
CA SER N 162 12.40 -53.76 20.18
C SER N 162 13.15 -53.13 19.02
N ALA N 163 14.47 -53.30 18.99
CA ALA N 163 15.25 -52.88 17.84
C ALA N 163 15.34 -54.03 16.86
N TYR N 164 16.47 -54.73 16.89
CA TYR N 164 16.69 -55.89 16.07
C TYR N 164 16.46 -57.13 16.93
N PRO N 165 15.21 -57.67 16.94
CA PRO N 165 15.02 -58.99 17.56
C PRO N 165 15.42 -60.10 16.57
N GLY N 166 16.73 -60.28 16.38
CA GLY N 166 17.29 -61.26 15.41
C GLY N 166 16.93 -62.72 15.67
N THR N 167 17.76 -63.44 16.42
CA THR N 167 17.50 -64.76 16.95
C THR N 167 18.45 -65.09 18.10
N GLY N 168 17.95 -65.24 19.31
CA GLY N 168 18.76 -65.60 20.49
C GLY N 168 19.74 -64.54 20.98
N PRO N 169 19.62 -64.12 22.26
CA PRO N 169 20.48 -63.06 22.79
C PRO N 169 21.89 -63.58 23.06
N LEU N 170 22.36 -64.43 22.15
CA LEU N 170 23.74 -64.89 22.16
C LEU N 170 24.53 -63.70 22.66
N GLU N 171 24.06 -62.53 22.20
CA GLU N 171 24.70 -61.23 22.36
C GLU N 171 26.03 -61.21 21.63
N ASN N 172 27.10 -60.88 22.33
CA ASN N 172 28.36 -60.65 21.68
C ASN N 172 29.17 -61.91 21.37
N LEU N 173 29.23 -62.20 20.07
CA LEU N 173 30.31 -62.95 19.46
C LEU N 173 31.06 -61.89 18.63
N ALA N 174 30.27 -61.12 17.88
CA ALA N 174 30.71 -59.95 17.13
C ALA N 174 31.20 -58.84 18.07
N THR N 175 30.47 -57.73 18.16
CA THR N 175 30.98 -56.58 18.92
C THR N 175 30.08 -56.18 20.09
N HIS N 176 29.74 -54.89 20.16
CA HIS N 176 28.87 -54.40 21.20
C HIS N 176 27.77 -53.52 20.64
N LEU N 177 27.46 -53.72 19.38
CA LEU N 177 26.18 -53.30 18.83
C LEU N 177 25.58 -52.09 19.59
N ALA N 178 26.11 -50.89 19.40
CA ALA N 178 27.23 -50.56 18.47
C ALA N 178 27.09 -51.17 17.06
N ASP N 179 26.49 -50.37 16.20
CA ASP N 179 26.04 -50.81 14.87
C ASP N 179 26.41 -49.80 13.80
N PRO N 180 26.34 -48.51 14.17
CA PRO N 180 25.93 -47.97 15.46
C PRO N 180 24.56 -47.32 15.54
N TRP N 181 23.82 -47.36 14.43
CA TRP N 181 22.69 -46.46 14.21
C TRP N 181 23.22 -45.13 13.70
N HIS N 182 23.63 -44.27 14.64
CA HIS N 182 24.50 -43.10 14.39
C HIS N 182 24.08 -41.87 15.19
N ASN N 183 22.93 -41.98 15.87
CA ASN N 183 22.16 -40.81 16.30
C ASN N 183 21.50 -40.20 15.07
N ASN N 184 20.88 -41.08 14.28
CA ASN N 184 20.64 -40.83 12.87
C ASN N 184 21.79 -41.38 12.02
N ILE N 185 21.50 -42.11 10.95
CA ILE N 185 20.15 -42.32 10.47
C ILE N 185 19.49 -40.97 10.07
N GLY N 186 20.29 -39.92 9.83
CA GLY N 186 21.77 -39.99 9.64
C GLY N 186 22.52 -38.90 10.42
N ASP N 187 23.70 -39.24 10.96
CA ASP N 187 24.40 -38.37 11.90
C ASP N 187 23.71 -38.31 13.26
N PRO O 1 20.81 26.57 24.94
CA PRO O 1 21.28 26.38 26.30
C PRO O 1 22.59 25.64 26.37
N GLU O 2 23.67 26.24 25.90
CA GLU O 2 24.87 26.47 26.70
C GLU O 2 24.84 27.76 27.44
N TRP O 3 25.88 28.56 27.23
CA TRP O 3 26.29 28.88 25.88
C TRP O 3 25.14 28.43 24.98
N LEU O 4 25.39 28.09 23.72
CA LEU O 4 24.36 28.30 22.70
C LEU O 4 23.15 28.96 23.35
N ASP O 5 23.19 30.28 23.46
CA ASP O 5 24.24 31.04 22.83
C ASP O 5 25.63 30.57 23.26
N GLY O 6 26.40 30.09 22.30
CA GLY O 6 27.84 30.32 22.26
C GLY O 6 28.65 29.09 21.94
N SER O 7 28.69 28.74 20.66
CA SER O 7 27.86 27.63 20.24
C SER O 7 27.49 27.62 18.79
N LEU O 8 28.40 28.09 17.95
CA LEU O 8 29.31 29.13 18.34
C LEU O 8 30.21 29.54 17.19
N PRO O 9 31.11 30.47 17.46
CA PRO O 9 32.16 30.18 18.41
C PRO O 9 31.69 30.19 19.82
N GLY O 10 30.38 30.22 20.06
CA GLY O 10 29.76 30.95 21.18
C GLY O 10 28.67 32.03 20.99
N ASP O 11 28.36 32.39 19.73
CA ASP O 11 27.32 33.35 19.39
C ASP O 11 26.64 32.84 18.13
N PHE O 12 25.88 33.68 17.45
CA PHE O 12 26.45 34.45 16.39
C PHE O 12 25.44 35.27 15.63
N GLY O 13 25.84 36.49 15.35
CA GLY O 13 26.83 36.63 14.32
C GLY O 13 27.95 37.62 14.48
N PHE O 14 29.10 37.32 13.85
CA PHE O 14 29.10 37.14 12.37
C PHE O 14 30.46 36.96 11.60
N ASP O 15 31.45 36.23 12.16
CA ASP O 15 32.89 36.37 11.76
C ASP O 15 34.01 35.30 12.08
N PRO O 16 35.24 35.81 12.15
CA PRO O 16 36.49 35.24 12.67
C PRO O 16 36.63 34.07 13.68
N LEU O 17 35.65 33.17 13.82
CA LEU O 17 35.94 31.93 14.58
C LEU O 17 36.12 30.76 13.65
N GLY O 18 37.30 30.69 13.06
CA GLY O 18 38.46 31.36 13.65
C GLY O 18 38.33 30.84 15.06
N LEU O 19 38.57 29.53 15.22
CA LEU O 19 39.41 28.72 14.24
C LEU O 19 39.39 29.02 12.68
N SER O 20 38.19 29.09 12.06
CA SER O 20 37.98 29.72 10.71
C SER O 20 38.19 28.83 9.44
N SER O 21 37.17 28.93 8.57
CA SER O 21 36.81 27.89 7.58
C SER O 21 36.47 26.54 8.27
N ASP O 22 35.74 25.64 7.60
CA ASP O 22 34.59 25.89 6.71
C ASP O 22 34.27 24.91 5.59
N PRO O 23 34.39 25.30 4.30
CA PRO O 23 35.20 25.97 3.30
C PRO O 23 36.73 25.94 3.33
N GLU O 24 37.24 24.82 3.82
CA GLU O 24 38.39 24.09 3.27
C GLU O 24 38.88 22.95 4.15
N SER O 25 39.88 23.19 5.00
CA SER O 25 40.43 22.15 5.89
C SER O 25 41.24 22.73 7.05
N LEU O 26 40.46 22.99 7.94
CA LEU O 26 40.70 21.69 8.57
C LEU O 26 41.48 21.84 9.87
N ARG O 27 40.98 21.27 10.97
CA ARG O 27 41.41 21.70 12.31
C ARG O 27 42.27 20.74 13.14
N TRP O 28 41.75 19.55 13.42
CA TRP O 28 42.34 18.62 14.40
C TRP O 28 43.76 18.17 14.06
N ASN O 29 43.87 16.94 13.57
CA ASN O 29 45.08 16.45 12.95
C ASN O 29 45.00 16.62 11.42
N VAL O 30 45.08 17.89 11.03
CA VAL O 30 45.33 18.27 9.66
C VAL O 30 46.84 18.22 9.49
N GLN O 31 47.38 17.16 10.08
CA GLN O 31 48.81 16.95 10.23
C GLN O 31 49.08 15.48 9.94
N ALA O 32 48.12 14.62 10.28
CA ALA O 32 48.03 13.29 9.71
C ALA O 32 48.15 13.51 8.22
N GLU O 33 47.40 14.51 7.75
CA GLU O 33 47.49 15.01 6.38
C GLU O 33 48.95 15.32 6.08
N LEU O 34 49.49 16.33 6.77
CA LEU O 34 50.90 16.67 6.69
C LEU O 34 51.76 15.40 6.63
N VAL O 35 51.74 14.63 7.72
CA VAL O 35 52.66 13.51 7.91
C VAL O 35 52.45 12.39 6.88
N HIS O 36 51.26 12.36 6.27
CA HIS O 36 50.94 11.36 5.23
C HIS O 36 51.41 11.85 3.86
N SER O 37 51.26 13.15 3.64
CA SER O 37 51.50 13.80 2.36
C SER O 37 52.97 13.94 1.96
N ARG O 38 53.83 14.19 2.94
CA ARG O 38 55.26 14.11 2.69
C ARG O 38 55.60 12.68 2.24
N TRP O 39 55.66 11.76 3.18
CA TRP O 39 56.04 10.41 2.87
C TRP O 39 55.42 9.86 1.59
N ALA O 40 54.09 9.73 1.56
CA ALA O 40 53.43 9.05 0.45
C ALA O 40 54.19 9.21 -0.88
N MET O 41 54.43 10.47 -1.28
CA MET O 41 55.13 10.63 -2.54
C MET O 41 56.61 11.07 -2.49
N LEU O 42 57.17 11.25 -1.28
CA LEU O 42 58.63 11.18 -1.11
C LEU O 42 58.99 9.78 -1.56
N GLY O 43 58.15 8.83 -1.16
CA GLY O 43 58.20 7.50 -1.73
C GLY O 43 58.28 7.65 -3.23
N ALA O 44 57.24 8.24 -3.81
CA ALA O 44 57.19 8.37 -5.26
C ALA O 44 58.35 9.20 -5.83
N ALA O 45 58.91 10.12 -5.03
CA ALA O 45 60.11 10.89 -5.41
C ALA O 45 61.27 10.01 -5.88
N GLY O 46 61.01 8.72 -6.00
CA GLY O 46 62.03 7.77 -6.44
C GLY O 46 61.58 6.64 -7.35
N ILE O 47 60.39 6.75 -7.95
CA ILE O 47 59.91 5.71 -8.91
C ILE O 47 60.10 6.13 -10.38
N PHE O 48 59.58 7.29 -10.72
CA PHE O 48 59.56 7.79 -12.09
C PHE O 48 60.85 8.47 -12.49
N ILE O 49 61.54 9.09 -11.52
CA ILE O 49 62.80 9.77 -11.77
C ILE O 49 63.89 8.76 -12.14
N PRO O 50 63.95 7.62 -11.43
CA PRO O 50 64.73 6.50 -11.97
C PRO O 50 64.28 6.24 -13.41
N GLU O 51 62.97 6.11 -13.61
CA GLU O 51 62.38 5.96 -14.93
C GLU O 51 62.81 7.11 -15.86
N PHE O 52 62.46 8.35 -15.53
CA PHE O 52 62.82 9.55 -16.34
C PHE O 52 64.32 9.59 -16.74
N LEU O 53 65.08 8.63 -16.21
CA LEU O 53 66.50 8.47 -16.51
C LEU O 53 66.74 7.38 -17.58
N THR O 54 66.36 6.15 -17.20
CA THR O 54 66.60 4.90 -17.96
C THR O 54 66.61 4.97 -19.49
N LYS O 55 65.67 5.72 -20.06
CA LYS O 55 65.68 6.00 -21.49
C LYS O 55 67.12 6.27 -21.82
N LEU O 56 67.70 7.29 -21.18
CA LEU O 56 69.13 7.47 -21.20
C LEU O 56 69.72 6.45 -20.23
N GLY O 57 70.25 5.39 -20.82
CA GLY O 57 71.12 4.44 -20.13
C GLY O 57 72.33 4.36 -21.02
N ILE O 58 73.37 5.11 -20.65
CA ILE O 58 74.56 5.26 -21.50
C ILE O 58 75.37 3.98 -21.63
N LEU O 59 75.45 3.49 -22.89
CA LEU O 59 76.19 2.28 -23.25
C LEU O 59 75.65 1.09 -22.45
N ASN O 60 74.72 0.35 -23.08
CA ASN O 60 74.25 -0.96 -22.61
C ASN O 60 72.87 -1.02 -21.95
N THR O 61 72.24 0.13 -21.70
CA THR O 61 70.97 0.17 -20.92
C THR O 61 71.20 -0.50 -19.50
N PRO O 62 70.24 -1.30 -18.93
CA PRO O 62 70.67 -2.40 -18.01
C PRO O 62 70.74 -3.79 -18.69
N SER O 63 70.66 -4.89 -17.91
CA SER O 63 70.66 -6.26 -18.49
C SER O 63 69.93 -7.38 -17.70
N TRP O 64 70.21 -7.49 -16.39
CA TRP O 64 69.78 -8.59 -15.51
C TRP O 64 68.61 -9.49 -15.95
N TYR O 65 68.92 -10.76 -16.17
CA TYR O 65 67.93 -11.80 -16.45
C TYR O 65 67.35 -12.40 -15.15
N THR O 66 68.09 -13.34 -14.56
CA THR O 66 67.69 -14.02 -13.33
C THR O 66 68.91 -14.49 -12.51
N ALA O 67 69.44 -15.67 -12.85
CA ALA O 67 70.40 -16.40 -12.00
C ALA O 67 69.76 -16.96 -10.74
N GLY O 68 68.48 -16.62 -10.52
CA GLY O 68 67.68 -17.17 -9.45
C GLY O 68 67.20 -18.58 -9.75
N GLU O 69 66.02 -18.68 -10.38
CA GLU O 69 65.33 -19.94 -10.66
C GLU O 69 64.38 -19.75 -11.84
N GLN O 70 64.35 -20.72 -12.77
CA GLN O 70 63.70 -20.57 -14.10
C GLN O 70 62.80 -21.74 -14.53
N GLU O 71 61.47 -21.54 -14.49
CA GLU O 71 60.47 -22.56 -14.95
C GLU O 71 59.04 -22.03 -15.11
N TYR O 72 58.18 -22.85 -15.74
CA TYR O 72 56.72 -22.69 -15.77
C TYR O 72 56.12 -21.45 -15.07
N PHE O 73 55.93 -20.36 -15.83
CA PHE O 73 55.48 -19.06 -15.31
C PHE O 73 56.23 -18.70 -14.04
N THR O 74 57.51 -18.37 -14.20
CA THR O 74 58.41 -18.17 -13.06
C THR O 74 58.63 -16.70 -12.72
N ASP O 75 58.49 -16.40 -11.42
CA ASP O 75 58.90 -15.11 -10.76
C ASP O 75 57.80 -14.15 -10.23
N THR O 76 57.51 -13.10 -10.98
CA THR O 76 57.14 -11.83 -10.37
C THR O 76 55.80 -11.23 -10.77
N THR O 77 54.73 -11.86 -10.29
CA THR O 77 53.49 -11.14 -10.02
C THR O 77 52.93 -11.67 -8.72
N THR O 78 53.68 -12.59 -8.11
CA THR O 78 53.16 -13.48 -7.06
C THR O 78 52.25 -12.81 -6.02
N LEU O 79 52.65 -11.65 -5.48
CA LEU O 79 54.04 -11.21 -5.34
C LEU O 79 54.08 -10.13 -4.25
N PHE O 80 53.55 -8.95 -4.58
CA PHE O 80 53.42 -7.86 -3.60
C PHE O 80 53.10 -8.42 -2.22
N ILE O 81 52.38 -9.55 -2.22
CA ILE O 81 52.09 -10.32 -1.02
C ILE O 81 53.26 -10.26 -0.03
N VAL O 82 54.41 -10.79 -0.43
CA VAL O 82 55.65 -10.73 0.37
C VAL O 82 56.27 -9.34 0.37
N GLU O 83 56.61 -8.86 -0.82
CA GLU O 83 57.28 -7.58 -0.97
C GLU O 83 56.60 -6.46 -0.17
N LEU O 84 55.31 -6.25 -0.41
CA LEU O 84 54.56 -5.18 0.29
C LEU O 84 53.65 -5.68 1.44
N VAL O 85 54.00 -6.82 2.01
CA VAL O 85 53.67 -7.00 3.40
C VAL O 85 54.86 -6.44 4.20
N PHE O 86 56.08 -6.77 3.78
CA PHE O 86 57.30 -6.38 4.52
C PHE O 86 57.26 -4.87 4.78
N ILE O 87 57.11 -4.11 3.69
CA ILE O 87 57.04 -2.65 3.70
C ILE O 87 55.62 -2.22 4.08
N GLY O 88 54.76 -3.23 4.23
CA GLY O 88 53.49 -3.11 4.95
C GLY O 88 53.71 -2.71 6.39
N TRP O 89 54.25 -3.62 7.20
CA TRP O 89 54.57 -3.29 8.59
C TRP O 89 55.55 -2.13 8.75
N ALA O 90 56.10 -1.66 7.64
CA ALA O 90 56.92 -0.46 7.68
C ALA O 90 56.04 0.79 7.84
N GLU O 91 55.08 0.95 6.93
CA GLU O 91 54.27 2.16 6.90
C GLU O 91 53.68 2.47 8.25
N GLY O 92 53.14 1.41 8.86
CA GLY O 92 52.08 1.53 9.86
C GLY O 92 52.51 2.21 11.12
N ARG O 93 53.43 1.55 11.80
CA ARG O 93 53.73 1.98 13.12
C ARG O 93 55.08 2.69 13.24
N ARG O 94 55.43 3.40 12.18
CA ARG O 94 56.33 4.51 12.34
C ARG O 94 55.46 5.72 12.67
N TRP O 95 54.41 5.93 11.85
CA TRP O 95 53.70 7.22 11.82
C TRP O 95 52.33 7.27 12.55
N ALA O 96 52.16 6.37 13.51
CA ALA O 96 51.16 6.56 14.56
C ALA O 96 51.87 7.55 15.45
N ASP O 97 52.15 8.71 14.86
CA ASP O 97 52.86 9.81 15.50
C ASP O 97 52.42 11.15 14.96
N ILE O 98 51.12 11.27 14.71
CA ILE O 98 50.46 12.56 14.60
C ILE O 98 50.43 13.18 16.01
N LEU O 99 50.30 12.31 17.01
CA LEU O 99 50.57 12.65 18.40
C LEU O 99 51.58 11.62 18.96
N ASN O 100 51.23 10.32 19.00
CA ASN O 100 49.85 9.81 18.97
C ASN O 100 49.78 8.52 19.76
N PRO O 101 48.62 8.27 20.41
CA PRO O 101 48.33 7.02 21.13
C PRO O 101 46.87 6.87 21.52
N GLY O 102 46.27 7.98 21.90
CA GLY O 102 44.91 7.98 22.44
C GLY O 102 44.51 9.30 23.05
N CYS O 103 45.35 10.32 22.85
CA CYS O 103 45.15 11.68 23.37
C CYS O 103 43.73 12.12 23.05
N VAL O 104 43.21 11.51 22.01
CA VAL O 104 41.84 11.61 21.61
C VAL O 104 40.87 11.12 22.70
N ASN O 105 41.18 9.97 23.30
CA ASN O 105 40.39 9.33 24.39
C ASN O 105 38.87 9.40 24.24
N LEU O 126 60.22 1.78 28.07
CA LEU O 126 59.70 2.32 29.32
C LEU O 126 60.15 3.77 29.50
N TRP O 127 61.30 3.98 30.17
CA TRP O 127 61.89 5.31 30.47
C TRP O 127 60.95 6.52 30.22
N PHE O 128 61.35 7.47 29.39
CA PHE O 128 60.51 8.63 29.01
C PHE O 128 61.17 9.60 28.03
N ASP O 129 62.23 10.27 28.50
CA ASP O 129 62.83 11.43 27.85
C ASP O 129 62.92 11.41 26.34
N PRO O 130 63.64 10.40 25.79
CA PRO O 130 64.47 10.68 24.60
C PRO O 130 63.67 10.93 23.32
N LEU O 131 64.05 11.96 22.57
CA LEU O 131 65.30 12.69 22.85
C LEU O 131 65.17 13.90 23.78
N GLY O 132 66.28 14.63 23.93
CA GLY O 132 66.25 15.91 24.62
C GLY O 132 65.70 17.02 23.74
N TRP O 133 64.53 17.53 24.12
CA TRP O 133 63.91 18.78 23.62
C TRP O 133 62.39 18.66 23.47
N GLY O 134 61.93 18.18 22.32
CA GLY O 134 60.49 18.02 22.05
C GLY O 134 60.21 17.48 20.65
N SER O 135 60.60 16.22 20.45
CA SER O 135 61.01 15.65 19.14
C SER O 135 62.35 16.30 18.78
N ALA O 136 63.33 16.09 19.67
CA ALA O 136 64.55 16.88 19.73
C ALA O 136 64.37 18.25 19.06
N SER O 137 63.33 18.96 19.49
CA SER O 137 62.94 20.22 18.91
C SER O 137 63.98 21.31 19.04
N PRO O 138 64.12 22.09 17.99
CA PRO O 138 63.84 21.68 16.62
C PRO O 138 64.98 20.90 15.93
N GLN O 139 65.95 21.54 15.27
CA GLN O 139 66.35 22.92 15.50
C GLN O 139 65.63 23.99 14.63
N LYS O 140 65.87 25.26 14.95
CA LYS O 140 65.21 26.39 14.32
C LYS O 140 65.95 26.94 13.11
N LEU O 141 66.77 26.08 12.50
CA LEU O 141 67.18 26.23 11.10
C LEU O 141 66.81 24.93 10.37
N LYS O 142 66.78 23.82 11.11
CA LYS O 142 66.43 22.48 10.59
C LYS O 142 64.92 22.26 10.37
N GLU O 143 64.10 22.97 11.16
CA GLU O 143 62.68 23.19 10.86
C GLU O 143 62.62 23.70 9.43
N LEU O 144 63.49 24.67 9.15
CA LEU O 144 63.72 25.19 7.80
C LEU O 144 64.45 24.17 6.93
N ARG O 145 65.21 23.25 7.53
CA ARG O 145 65.87 22.23 6.71
C ARG O 145 64.84 21.33 6.04
N THR O 146 63.89 20.86 6.84
CA THR O 146 62.75 20.09 6.35
C THR O 146 61.93 20.97 5.36
N LYS O 147 61.56 22.18 5.79
CA LYS O 147 61.02 23.26 4.92
C LYS O 147 60.25 22.86 3.65
N GLU O 148 60.58 23.53 2.55
CA GLU O 148 60.16 23.16 1.19
C GLU O 148 61.19 22.26 0.44
N ILE O 149 62.16 21.71 1.18
CA ILE O 149 62.94 20.59 0.68
C ILE O 149 61.97 19.41 0.81
N LYS O 150 61.13 19.47 1.83
CA LYS O 150 60.04 18.52 1.96
C LYS O 150 58.88 18.88 1.02
N ASN O 151 58.53 20.17 0.99
CA ASN O 151 57.39 20.62 0.22
C ASN O 151 57.60 20.82 -1.27
N GLY O 152 58.74 21.40 -1.64
CA GLY O 152 59.09 21.70 -3.06
C GLY O 152 59.23 20.45 -3.90
N ARG O 153 59.63 19.37 -3.23
CA ARG O 153 59.55 18.01 -3.74
C ARG O 153 58.11 17.58 -4.03
N LEU O 154 57.15 17.99 -3.18
CA LEU O 154 55.76 17.82 -3.57
C LEU O 154 55.16 18.98 -4.37
N ALA O 155 55.96 20.00 -4.60
CA ALA O 155 55.71 20.87 -5.73
C ALA O 155 56.05 20.08 -7.00
N MET O 156 57.15 19.33 -6.96
CA MET O 156 57.72 18.69 -8.16
C MET O 156 57.10 17.32 -8.46
N LEU O 157 56.40 16.74 -7.48
CA LEU O 157 55.53 15.61 -7.79
C LEU O 157 54.13 16.13 -8.19
N ALA O 158 54.02 17.45 -8.31
CA ALA O 158 52.95 18.04 -9.08
C ALA O 158 53.25 17.82 -10.57
N VAL O 159 54.54 17.69 -10.91
CA VAL O 159 54.94 17.23 -12.25
C VAL O 159 54.31 15.84 -12.46
N MET O 160 54.54 14.96 -11.49
CA MET O 160 53.77 13.73 -11.31
C MET O 160 52.28 14.02 -11.54
N GLY O 161 51.69 14.83 -10.67
CA GLY O 161 50.28 15.16 -10.78
C GLY O 161 49.82 15.24 -12.21
N ALA O 162 50.50 16.08 -13.00
CA ALA O 162 50.13 16.33 -14.39
C ALA O 162 50.53 15.17 -15.31
N TRP O 163 50.39 13.94 -14.82
CA TRP O 163 50.64 12.73 -15.62
C TRP O 163 52.16 12.69 -15.95
N PHE O 164 53.04 12.30 -15.01
CA PHE O 164 52.98 11.01 -14.26
C PHE O 164 52.65 9.89 -15.22
N GLN O 165 52.31 10.28 -16.45
CA GLN O 165 52.36 9.36 -17.56
C GLN O 165 53.27 9.98 -18.61
N HIS O 166 52.98 11.22 -19.00
CA HIS O 166 53.52 11.85 -20.20
C HIS O 166 53.37 10.92 -21.42
N ILE O 167 53.43 9.61 -21.17
CA ILE O 167 52.78 8.61 -22.00
C ILE O 167 51.26 8.81 -21.84
N TYR O 168 50.70 9.71 -22.66
CA TYR O 168 49.28 10.04 -22.61
C TYR O 168 48.42 9.17 -23.53
N THR O 169 48.75 7.87 -23.58
CA THR O 169 48.55 6.98 -24.75
C THR O 169 49.29 7.59 -25.96
N GLY O 170 50.44 8.18 -25.65
CA GLY O 170 50.98 9.29 -26.44
C GLY O 170 52.04 8.93 -27.44
N THR O 171 52.31 7.64 -27.57
CA THR O 171 53.04 7.04 -28.72
C THR O 171 54.50 6.69 -28.44
N GLY O 172 55.34 7.70 -28.27
CA GLY O 172 54.94 9.11 -28.38
C GLY O 172 55.95 9.96 -27.66
N PRO O 173 55.86 9.95 -26.32
CA PRO O 173 57.06 10.11 -25.51
C PRO O 173 58.02 8.95 -25.83
N ILE O 174 57.88 8.43 -27.06
CA ILE O 174 58.94 7.72 -27.79
C ILE O 174 58.88 8.14 -29.27
N ASP O 175 59.98 8.02 -30.00
CA ASP O 175 61.18 7.33 -29.53
C ASP O 175 61.99 8.10 -28.50
N ASN O 176 61.53 8.04 -27.24
CA ASN O 176 62.33 8.43 -26.10
C ASN O 176 63.46 9.45 -26.42
N LEU O 177 63.26 10.72 -26.08
CA LEU O 177 62.15 11.16 -25.22
C LEU O 177 62.51 10.96 -23.74
N PHE O 178 62.00 11.82 -22.85
CA PHE O 178 60.74 12.52 -23.04
C PHE O 178 60.86 14.03 -23.20
N ALA O 179 59.89 14.63 -23.92
CA ALA O 179 59.75 16.08 -24.15
C ALA O 179 59.12 16.29 -25.56
N HIS O 180 59.87 16.71 -26.59
CA HIS O 180 61.06 17.56 -26.50
C HIS O 180 60.88 18.74 -27.47
N LEU O 181 59.61 19.00 -27.80
CA LEU O 181 59.27 20.06 -28.73
C LEU O 181 59.56 21.43 -28.13
N ALA O 182 59.96 22.35 -29.00
CA ALA O 182 60.82 23.45 -28.59
C ALA O 182 60.66 24.73 -29.39
N ASP O 183 60.20 24.65 -30.65
CA ASP O 183 59.28 23.63 -31.13
C ASP O 183 59.28 23.61 -32.66
N PRO O 184 59.82 22.52 -33.23
CA PRO O 184 60.50 22.52 -34.54
C PRO O 184 59.67 22.98 -35.74
N GLY O 185 58.68 22.19 -36.14
CA GLY O 185 57.75 22.61 -37.19
C GLY O 185 58.07 22.10 -38.56
N HIS O 186 57.85 22.95 -39.57
CA HIS O 186 57.98 22.62 -41.00
C HIS O 186 56.87 21.69 -41.49
N TRP P 1 33.23 44.52 -7.41
CA TRP P 1 31.76 44.62 -7.12
C TRP P 1 31.01 45.23 -8.30
N LEU P 2 30.67 46.52 -8.21
CA LEU P 2 31.22 47.40 -7.16
C LEU P 2 30.15 48.19 -6.42
N ALA P 3 29.26 48.87 -7.14
CA ALA P 3 29.34 49.01 -8.59
C ALA P 3 30.02 50.33 -8.94
N TYR P 4 29.70 50.87 -10.11
CA TYR P 4 30.25 52.15 -10.57
C TYR P 4 31.78 52.12 -10.70
N GLY P 5 32.43 51.35 -9.83
CA GLY P 5 33.87 51.33 -9.74
C GLY P 5 34.52 50.75 -10.99
N GLU P 6 33.82 49.78 -11.60
CA GLU P 6 34.34 49.03 -12.76
C GLU P 6 34.00 49.64 -14.13
N ILE P 7 34.18 50.95 -14.28
CA ILE P 7 34.03 51.62 -15.59
C ILE P 7 35.33 52.26 -16.09
N ILE P 8 35.98 53.05 -15.24
CA ILE P 8 37.25 53.72 -15.58
C ILE P 8 38.29 52.77 -16.20
N ASN P 9 38.52 51.66 -15.50
CA ASN P 9 39.41 50.61 -15.98
C ASN P 9 38.89 50.00 -17.30
N GLY P 10 37.59 49.70 -17.34
CA GLY P 10 36.94 49.24 -18.57
C GLY P 10 37.25 50.23 -19.66
N ARG P 11 37.06 51.49 -19.32
CA ARG P 11 37.52 52.63 -20.09
C ARG P 11 38.92 52.41 -20.70
N PHE P 12 39.97 52.46 -19.85
CA PHE P 12 41.38 52.24 -20.26
C PHE P 12 41.60 50.90 -20.98
N ALA P 13 40.92 49.86 -20.47
CA ALA P 13 41.00 48.47 -20.95
C ALA P 13 40.65 48.29 -22.43
N MET P 14 39.34 48.30 -22.76
CA MET P 14 38.94 48.22 -24.15
C MET P 14 39.68 49.24 -24.99
N LEU P 15 40.01 50.37 -24.38
CA LEU P 15 40.61 51.46 -25.13
C LEU P 15 41.77 50.98 -26.00
N GLY P 16 42.68 50.21 -25.40
CA GLY P 16 43.81 49.62 -26.11
C GLY P 16 43.47 48.57 -27.16
N ALA P 17 42.54 47.68 -26.85
CA ALA P 17 42.02 46.70 -27.82
C ALA P 17 41.29 47.39 -28.97
N ALA P 18 40.50 48.42 -28.64
CA ALA P 18 39.87 49.35 -29.59
C ALA P 18 40.95 50.08 -30.38
N GLY P 19 42.03 50.39 -29.66
CA GLY P 19 43.23 50.97 -30.23
C GLY P 19 43.91 49.99 -31.16
N ALA P 20 43.85 48.70 -30.84
CA ALA P 20 44.38 47.68 -31.74
C ALA P 20 43.64 47.79 -33.07
N ILE P 21 42.32 47.66 -33.00
CA ILE P 21 41.45 47.59 -34.18
C ILE P 21 41.23 48.92 -34.94
N ALA P 22 42.06 49.94 -34.66
CA ALA P 22 42.06 51.19 -35.46
C ALA P 22 43.45 51.59 -36.08
N PRO P 23 44.46 51.95 -35.24
CA PRO P 23 45.85 52.13 -35.67
C PRO P 23 46.53 50.95 -36.40
N GLU P 24 45.79 49.86 -36.57
CA GLU P 24 46.33 48.70 -37.28
C GLU P 24 46.41 48.90 -38.79
N ILE P 25 46.50 47.79 -39.51
CA ILE P 25 46.72 47.87 -40.96
C ILE P 25 45.63 47.15 -41.82
N LEU P 26 45.62 45.81 -41.83
CA LEU P 26 46.25 44.98 -40.81
C LEU P 26 47.25 43.99 -41.39
N GLY P 27 47.06 42.70 -41.06
CA GLY P 27 47.88 41.60 -41.57
C GLY P 27 47.68 40.28 -40.84
N LYS P 28 46.61 39.57 -41.21
CA LYS P 28 46.17 38.35 -40.52
C LYS P 28 45.26 38.72 -39.33
N ALA P 29 44.05 38.15 -39.29
CA ALA P 29 43.59 37.12 -40.20
C ALA P 29 43.37 37.67 -41.63
N GLY P 30 43.81 36.98 -42.67
CA GLY P 30 43.90 35.51 -42.74
C GLY P 30 43.40 34.75 -41.53
N LEU P 31 42.19 34.17 -41.53
CA LEU P 31 41.20 34.19 -42.62
C LEU P 31 41.01 35.60 -43.16
N ILE P 32 40.83 35.75 -44.46
CA ILE P 32 40.43 34.65 -45.33
C ILE P 32 41.57 33.73 -45.78
N PRO P 33 42.78 34.30 -45.91
CA PRO P 33 43.79 33.71 -46.73
C PRO P 33 44.06 32.27 -46.39
N ALA P 34 44.56 32.12 -45.18
CA ALA P 34 45.84 31.44 -45.04
C ALA P 34 46.25 31.55 -43.61
N GLU P 35 45.55 32.43 -42.90
CA GLU P 35 45.51 32.43 -41.46
C GLU P 35 46.89 32.33 -40.79
N THR P 36 47.49 31.14 -40.86
CA THR P 36 48.70 30.80 -40.12
C THR P 36 49.85 30.42 -41.05
N THR P 51 56.97 38.34 -44.59
CA THR P 51 57.61 37.39 -43.68
C THR P 51 58.43 38.10 -42.60
N TYR P 52 58.84 37.35 -41.58
CA TYR P 52 59.81 37.84 -40.59
C TYR P 52 60.97 36.87 -40.49
N THR P 53 60.73 35.71 -39.88
CA THR P 53 61.56 34.54 -40.18
C THR P 53 60.71 33.65 -41.07
N TYR P 54 59.48 33.40 -40.62
CA TYR P 54 58.41 32.92 -41.50
C TYR P 54 57.14 33.81 -41.53
N TRP P 55 56.20 33.69 -40.56
CA TRP P 55 56.45 33.75 -39.10
C TRP P 55 57.78 33.34 -38.47
N ALA P 56 58.38 34.30 -37.78
CA ALA P 56 59.28 33.97 -36.69
C ALA P 56 58.41 33.42 -35.59
N ASP P 57 57.28 34.10 -35.38
CA ASP P 57 56.34 33.90 -34.27
C ASP P 57 56.29 32.48 -33.65
N ASN P 58 57.41 32.08 -33.03
CA ASN P 58 57.61 30.75 -32.45
C ASN P 58 57.55 29.53 -33.39
N TYR P 59 56.85 29.67 -34.52
CA TYR P 59 56.21 28.55 -35.22
C TYR P 59 54.97 28.07 -34.42
N THR P 60 53.79 28.63 -34.70
CA THR P 60 52.48 28.08 -34.26
C THR P 60 52.14 28.12 -32.76
N LEU P 61 50.86 28.44 -32.46
CA LEU P 61 50.24 28.39 -31.11
C LEU P 61 51.07 28.93 -29.94
N PHE P 62 50.89 30.21 -29.61
CA PHE P 62 51.58 30.83 -28.45
C PHE P 62 50.81 31.93 -27.68
N VAL P 63 49.48 31.95 -27.77
CA VAL P 63 48.67 32.83 -26.93
C VAL P 63 48.33 32.15 -25.60
N LEU P 64 49.37 31.96 -24.80
CA LEU P 64 49.29 31.38 -23.45
C LEU P 64 50.41 32.02 -22.60
N GLU P 65 51.22 32.86 -23.26
CA GLU P 65 51.98 33.92 -22.61
C GLU P 65 50.98 34.95 -22.05
N MET P 66 49.86 35.10 -22.77
CA MET P 66 48.70 35.87 -22.30
C MET P 66 48.28 35.41 -20.90
N ALA P 67 48.14 34.09 -20.71
CA ALA P 67 47.85 33.54 -19.40
C ALA P 67 48.67 34.34 -18.41
N LEU P 68 49.98 34.08 -18.40
CA LEU P 68 50.94 34.83 -17.58
C LEU P 68 50.77 36.35 -17.69
N MET P 69 50.56 36.84 -18.92
CA MET P 69 50.64 38.28 -19.23
C MET P 69 49.36 39.00 -18.84
N GLY P 70 48.23 38.53 -19.38
CA GLY P 70 46.91 39.00 -18.95
C GLY P 70 46.57 38.62 -17.51
N PHE P 71 47.43 37.80 -16.91
CA PHE P 71 47.40 37.50 -15.49
C PHE P 71 48.26 38.59 -14.80
N ALA P 72 49.35 38.95 -15.48
CA ALA P 72 50.43 39.79 -14.94
C ALA P 72 50.12 41.28 -14.85
N GLU P 73 49.02 41.70 -15.48
CA GLU P 73 48.65 43.12 -15.44
C GLU P 73 47.47 43.36 -14.48
N HIS P 74 46.39 42.59 -14.61
CA HIS P 74 45.15 42.77 -13.82
C HIS P 74 45.30 42.51 -12.31
N ARG P 75 45.89 41.37 -11.94
CA ARG P 75 46.26 41.11 -10.55
C ARG P 75 47.40 42.04 -10.11
N ARG P 76 48.28 42.38 -11.06
CA ARG P 76 49.39 43.30 -10.82
C ARG P 76 48.89 44.77 -10.77
N LEU P 77 47.73 45.02 -11.38
CA LEU P 77 47.07 46.30 -11.20
C LEU P 77 46.58 46.31 -9.76
N GLN P 78 45.64 45.42 -9.48
CA GLN P 78 44.89 45.39 -8.22
C GLN P 78 45.72 45.10 -6.99
N ASP P 79 46.74 44.28 -7.14
CA ASP P 79 47.73 44.09 -6.09
C ASP P 79 48.40 45.41 -5.72
N TRP P 80 48.01 46.47 -6.41
CA TRP P 80 47.51 47.68 -5.75
C TRP P 80 47.63 47.57 -4.24
N TYR P 81 46.49 47.61 -3.56
CA TYR P 81 45.43 48.55 -3.89
C TYR P 81 45.77 49.95 -3.40
N ASN P 82 47.03 50.35 -3.58
CA ASN P 82 47.70 51.23 -2.61
C ASN P 82 48.47 50.43 -1.54
N PRO P 83 47.91 49.25 -1.09
CA PRO P 83 48.49 48.29 -0.15
C PRO P 83 49.71 47.54 -0.69
N GLY P 84 49.45 46.74 -1.72
CA GLY P 84 50.29 46.86 -2.91
C GLY P 84 51.61 46.20 -2.80
N SER P 85 51.56 44.92 -3.11
CA SER P 85 52.25 43.96 -2.26
C SER P 85 53.26 42.97 -2.82
N MET P 86 53.26 42.70 -4.14
CA MET P 86 52.93 43.63 -5.22
C MET P 86 53.56 45.00 -5.06
N GLY P 87 54.87 45.01 -4.80
CA GLY P 87 55.61 46.27 -4.82
C GLY P 87 57.03 46.23 -4.29
N LYS P 88 57.20 45.91 -2.99
CA LYS P 88 56.30 45.04 -2.22
C LYS P 88 56.81 45.00 -0.78
N GLN P 89 57.84 44.16 -0.63
CA GLN P 89 58.97 44.49 0.22
C GLN P 89 60.03 45.08 -0.71
N TYR P 90 60.69 44.24 -1.51
CA TYR P 90 61.85 44.69 -2.30
C TYR P 90 61.80 44.35 -3.80
N PHE P 91 62.72 43.51 -4.30
CA PHE P 91 62.67 43.01 -5.71
C PHE P 91 63.95 42.50 -6.43
N LEU P 92 65.12 42.62 -5.82
CA LEU P 92 66.36 42.44 -6.60
C LEU P 92 67.05 41.06 -6.50
N GLY P 93 66.37 40.04 -7.02
CA GLY P 93 66.81 38.63 -6.97
C GLY P 93 68.30 38.40 -7.17
N LYS P 130 23.80 62.60 -12.65
CA LYS P 130 23.84 61.41 -13.50
C LYS P 130 25.29 61.00 -13.78
N GLU P 131 25.76 60.00 -13.02
CA GLU P 131 27.17 59.55 -13.05
C GLU P 131 27.39 58.14 -13.63
N VAL P 132 26.33 57.41 -13.90
CA VAL P 132 26.45 56.30 -14.83
C VAL P 132 25.98 56.81 -16.19
N LYS P 133 25.28 57.95 -16.17
CA LYS P 133 24.82 58.59 -17.41
C LYS P 133 26.00 59.05 -18.25
N ASN P 134 26.94 59.73 -17.61
CA ASN P 134 28.10 60.32 -18.31
C ASN P 134 29.05 59.24 -18.81
N GLY P 135 29.80 58.64 -17.90
CA GLY P 135 30.78 57.63 -18.28
C GLY P 135 30.17 56.46 -19.04
N ARG P 136 28.87 56.19 -18.80
CA ARG P 136 28.22 55.01 -19.38
C ARG P 136 27.48 55.24 -20.70
N LEU P 137 27.42 56.51 -21.14
CA LEU P 137 27.13 56.86 -22.54
C LEU P 137 28.47 56.83 -23.28
N ALA P 138 29.48 57.31 -22.57
CA ALA P 138 30.87 57.15 -22.99
C ALA P 138 31.20 55.66 -23.15
N MET P 139 30.53 54.80 -22.37
CA MET P 139 30.63 53.36 -22.56
C MET P 139 30.08 52.91 -23.94
N LEU P 140 29.08 53.61 -24.44
CA LEU P 140 28.48 53.30 -25.74
C LEU P 140 29.32 53.79 -26.94
N ALA P 141 29.60 55.10 -27.00
CA ALA P 141 30.31 55.67 -28.15
C ALA P 141 31.72 55.07 -28.38
N ILE P 142 32.27 54.42 -27.36
CA ILE P 142 33.49 53.62 -27.53
C ILE P 142 33.17 52.20 -28.01
N LEU P 143 32.05 51.63 -27.54
CA LEU P 143 31.51 50.38 -28.09
C LEU P 143 31.44 50.56 -29.60
N GLY P 144 30.50 51.43 -29.97
CA GLY P 144 30.24 51.78 -31.36
C GLY P 144 31.44 51.73 -32.28
N TYR P 145 32.43 52.60 -32.08
CA TYR P 145 33.45 52.71 -33.12
C TYR P 145 34.63 51.74 -33.05
N PHE P 146 34.30 50.62 -32.38
CA PHE P 146 34.75 49.28 -32.79
C PHE P 146 34.02 48.90 -34.11
N ILE P 147 32.69 49.01 -34.09
CA ILE P 147 31.84 48.55 -35.21
C ILE P 147 32.29 49.08 -36.56
N GLN P 148 32.17 50.38 -36.80
CA GLN P 148 32.48 50.90 -38.14
C GLN P 148 33.97 50.81 -38.49
N GLY P 149 34.84 50.92 -37.49
CA GLY P 149 36.27 50.64 -37.65
C GLY P 149 36.54 49.17 -37.95
N LEU P 150 35.53 48.31 -37.83
CA LEU P 150 35.63 46.90 -38.15
C LEU P 150 34.65 46.51 -39.26
N VAL P 151 33.49 47.15 -39.28
CA VAL P 151 32.38 46.72 -40.14
C VAL P 151 32.35 47.35 -41.54
N THR P 152 33.46 48.01 -41.89
CA THR P 152 34.15 47.64 -43.14
C THR P 152 35.59 48.09 -43.39
N GLY P 153 36.45 47.12 -43.05
CA GLY P 153 37.84 47.04 -43.46
C GLY P 153 38.76 48.14 -43.00
N VAL P 154 38.20 49.30 -42.65
CA VAL P 154 38.98 50.55 -42.67
C VAL P 154 40.08 50.35 -43.74
N GLY P 155 41.36 50.61 -43.42
CA GLY P 155 42.46 50.46 -44.39
C GLY P 155 41.90 50.36 -45.79
N PRO P 156 41.16 51.42 -46.22
CA PRO P 156 40.10 51.30 -47.23
C PRO P 156 40.54 50.70 -48.57
N TYR P 157 41.60 51.22 -49.18
CA TYR P 157 42.14 52.55 -48.86
C TYR P 157 41.61 53.46 -49.94
N GLN P 158 40.29 53.37 -50.15
CA GLN P 158 39.67 53.71 -51.43
C GLN P 158 39.32 55.17 -51.55
N ASN P 159 39.54 55.69 -52.76
CA ASN P 159 39.70 57.12 -52.96
C ASN P 159 38.91 57.63 -54.17
N LEU P 160 39.11 58.88 -54.64
CA LEU P 160 39.69 60.01 -53.86
C LEU P 160 41.05 60.50 -54.35
N LEU P 161 42.10 59.75 -54.03
CA LEU P 161 43.36 59.92 -54.73
C LEU P 161 44.17 58.64 -54.76
N ASP P 162 44.66 58.31 -53.57
CA ASP P 162 46.07 58.04 -53.41
C ASP P 162 46.45 58.70 -52.08
N HIS P 163 47.12 57.94 -51.23
CA HIS P 163 48.11 58.47 -50.29
C HIS P 163 49.20 57.42 -50.08
N LEU P 164 50.18 57.42 -50.97
CA LEU P 164 51.35 56.52 -50.87
C LEU P 164 50.97 55.07 -51.08
N ALA P 165 51.22 54.52 -52.26
CA ALA P 165 51.94 55.18 -53.37
C ALA P 165 53.45 55.24 -53.14
N PRO Q 1 41.31 -3.44 25.80
CA PRO Q 1 41.65 -4.76 25.26
C PRO Q 1 40.41 -5.58 24.89
N GLU Q 2 40.40 -6.83 25.34
CA GLU Q 2 39.20 -7.65 25.40
C GLU Q 2 39.04 -8.19 26.79
N ASN Q 3 37.79 -8.25 27.23
CA ASN Q 3 37.27 -9.16 28.28
C ASN Q 3 38.12 -9.64 29.49
N LEU Q 4 37.64 -10.74 30.08
CA LEU Q 4 38.06 -11.25 31.38
C LEU Q 4 38.37 -12.77 31.28
N ARG Q 5 39.11 -13.28 32.28
CA ARG Q 5 39.67 -14.66 32.29
C ARG Q 5 38.62 -15.78 32.14
N TRP Q 6 37.69 -15.51 31.23
CA TRP Q 6 36.55 -16.37 31.04
C TRP Q 6 37.00 -17.77 30.66
N PHE Q 7 37.63 -17.88 29.50
CA PHE Q 7 37.82 -19.21 28.95
C PHE Q 7 39.19 -19.88 28.97
N VAL Q 8 40.29 -19.14 28.97
CA VAL Q 8 41.61 -19.79 29.18
C VAL Q 8 41.57 -21.29 28.97
N GLN Q 9 41.22 -22.06 30.00
CA GLN Q 9 41.13 -23.52 29.86
C GLN Q 9 40.40 -23.94 28.57
N ALA Q 10 39.18 -23.46 28.33
CA ALA Q 10 38.43 -23.81 27.13
C ALA Q 10 39.33 -23.81 25.89
N GLU Q 11 39.98 -22.68 25.65
CA GLU Q 11 40.94 -22.59 24.58
C GLU Q 11 42.23 -23.41 24.93
N LEU Q 12 42.69 -23.35 26.18
CA LEU Q 12 43.76 -24.24 26.70
C LEU Q 12 43.43 -25.71 26.42
N VAL Q 13 42.35 -26.22 27.03
CA VAL Q 13 41.78 -27.51 26.62
C VAL Q 13 42.00 -27.69 25.13
N ASN Q 14 41.57 -26.68 24.35
CA ASN Q 14 41.65 -26.71 22.89
C ASN Q 14 43.09 -26.91 22.42
N GLY Q 15 43.99 -26.10 22.96
CA GLY Q 15 45.43 -26.19 22.67
C GLY Q 15 46.11 -27.46 23.18
N ARG Q 16 45.56 -28.03 24.25
CA ARG Q 16 45.99 -29.36 24.71
C ARG Q 16 45.66 -30.41 23.63
N TRP Q 17 44.36 -30.52 23.28
CA TRP Q 17 43.91 -31.40 22.20
C TRP Q 17 44.53 -31.01 20.85
N ALA Q 18 45.28 -29.90 20.84
CA ALA Q 18 45.77 -29.23 19.62
C ALA Q 18 47.10 -29.78 19.01
N MET Q 19 48.19 -29.52 19.73
CA MET Q 19 49.51 -30.05 19.36
C MET Q 19 49.42 -31.52 18.96
N LEU Q 20 48.86 -32.36 19.83
CA LEU Q 20 48.71 -33.78 19.54
C LEU Q 20 47.57 -34.06 18.55
N GLY Q 21 46.69 -33.07 18.40
CA GLY Q 21 45.82 -33.00 17.24
C GLY Q 21 46.73 -32.91 16.04
N VAL Q 22 47.45 -31.80 15.92
CA VAL Q 22 48.33 -31.62 14.75
C VAL Q 22 49.53 -32.57 14.81
N ALA Q 23 49.55 -33.42 15.83
CA ALA Q 23 50.43 -34.57 15.85
C ALA Q 23 49.73 -35.73 15.16
N GLY Q 24 48.39 -35.69 15.16
CA GLY Q 24 47.57 -36.76 14.61
C GLY Q 24 47.88 -36.97 13.15
N MET Q 25 47.38 -36.04 12.34
CA MET Q 25 47.65 -36.02 10.89
C MET Q 25 49.13 -35.73 10.65
N LEU Q 26 49.84 -35.40 11.73
CA LEU Q 26 51.30 -35.27 11.74
C LEU Q 26 52.01 -36.62 11.53
N LEU Q 27 51.24 -37.68 11.40
CA LEU Q 27 51.80 -38.89 10.81
C LEU Q 27 51.79 -38.78 9.28
N PRO Q 28 50.59 -38.65 8.67
CA PRO Q 28 50.63 -38.23 7.28
C PRO Q 28 51.73 -37.21 7.10
N GLU Q 29 52.07 -36.50 8.20
CA GLU Q 29 53.17 -35.49 8.26
C GLU Q 29 54.47 -35.99 7.65
N VAL Q 30 54.57 -37.32 7.58
CA VAL Q 30 55.62 -38.03 6.88
C VAL Q 30 56.90 -37.88 7.68
N PHE Q 31 57.22 -38.92 8.47
CA PHE Q 31 58.55 -39.01 9.08
C PHE Q 31 59.45 -38.50 7.97
N THR Q 32 59.79 -39.43 7.07
CA THR Q 32 60.09 -39.13 5.69
C THR Q 32 58.78 -39.24 4.87
N SER Q 33 58.10 -40.38 4.98
CA SER Q 33 57.18 -40.84 3.93
C SER Q 33 56.05 -41.75 4.37
N ILE Q 34 54.80 -41.28 4.19
CA ILE Q 34 53.54 -42.04 4.31
C ILE Q 34 52.43 -41.08 4.74
N GLY Q 35 51.56 -40.71 3.80
CA GLY Q 35 50.65 -39.59 4.01
C GLY Q 35 49.33 -39.71 3.28
N ILE Q 36 48.87 -38.58 2.72
CA ILE Q 36 47.53 -38.48 2.13
C ILE Q 36 46.42 -38.30 3.19
N ILE Q 37 45.23 -37.93 2.71
CA ILE Q 37 44.00 -38.02 3.51
C ILE Q 37 43.84 -39.45 4.03
N ASN Q 38 43.67 -39.57 5.35
CA ASN Q 38 43.96 -40.84 6.02
C ASN Q 38 42.83 -41.85 6.06
N VAL Q 39 43.17 -43.06 6.50
CA VAL Q 39 42.19 -44.11 6.75
C VAL Q 39 42.60 -44.92 7.99
N PRO Q 40 43.90 -45.26 8.11
CA PRO Q 40 44.38 -46.10 9.19
C PRO Q 40 44.69 -45.42 10.51
N LYS Q 41 45.60 -46.03 11.25
CA LYS Q 41 45.54 -46.00 12.70
C LYS Q 41 46.86 -46.51 13.26
N TRP Q 42 47.24 -45.99 14.43
CA TRP Q 42 48.63 -45.93 14.84
C TRP Q 42 49.45 -47.11 14.31
N TYR Q 43 49.89 -47.98 15.22
CA TYR Q 43 50.55 -49.24 14.86
C TYR Q 43 50.38 -50.17 16.06
N ALA Q 44 49.54 -51.22 15.96
CA ALA Q 44 49.40 -52.01 14.73
C ALA Q 44 48.17 -51.75 13.83
N ALA Q 45 47.04 -52.41 14.06
CA ALA Q 45 46.84 -53.33 15.17
C ALA Q 45 46.22 -54.67 14.74
N GLY Q 46 46.10 -55.59 15.71
CA GLY Q 46 45.70 -56.96 15.44
C GLY Q 46 45.26 -57.70 16.69
N LYS Q 47 44.21 -57.20 17.33
CA LYS Q 47 43.33 -58.05 18.10
C LYS Q 47 42.10 -58.41 17.23
N GLU Q 48 40.93 -58.14 17.78
CA GLU Q 48 39.72 -58.82 17.39
C GLU Q 48 38.57 -57.93 16.93
N GLU Q 49 38.61 -56.59 17.15
CA GLU Q 49 39.83 -55.77 17.10
C GLU Q 49 39.45 -54.33 17.41
N TYR Q 50 39.27 -53.50 16.36
CA TYR Q 50 38.89 -52.08 16.48
C TYR Q 50 38.32 -51.65 15.14
N PHE Q 51 37.01 -51.84 15.02
CA PHE Q 51 36.44 -52.37 13.79
C PHE Q 51 35.27 -51.61 13.18
N ALA Q 52 34.63 -52.26 12.20
CA ALA Q 52 33.76 -51.56 11.24
C ALA Q 52 32.71 -52.49 10.60
N SER Q 53 31.46 -52.02 10.48
CA SER Q 53 31.00 -50.79 11.13
C SER Q 53 29.97 -51.12 12.21
N SER Q 54 29.49 -52.37 12.19
CA SER Q 54 28.61 -52.89 13.22
C SER Q 54 29.41 -53.09 14.50
N SER Q 55 29.94 -52.00 15.03
CA SER Q 55 31.02 -52.05 16.02
C SER Q 55 31.44 -50.64 16.48
N THR Q 56 31.24 -49.70 15.56
CA THR Q 56 32.33 -48.78 15.20
C THR Q 56 33.28 -48.42 16.31
N LEU Q 57 34.56 -48.43 15.98
CA LEU Q 57 35.59 -47.80 16.77
C LEU Q 57 34.96 -46.59 17.50
N PHE Q 58 33.99 -45.94 16.84
CA PHE Q 58 33.29 -44.77 17.40
C PHE Q 58 32.73 -44.98 18.79
N VAL Q 59 31.48 -45.44 18.78
CA VAL Q 59 30.59 -45.43 19.95
C VAL Q 59 31.17 -46.22 21.12
N ILE Q 60 31.93 -47.27 20.81
CA ILE Q 60 32.57 -48.06 21.85
C ILE Q 60 33.52 -47.16 22.64
N GLU Q 61 34.60 -46.74 21.99
CA GLU Q 61 35.69 -46.01 22.63
C GLU Q 61 35.30 -44.59 23.01
N PHE Q 62 34.04 -44.22 22.75
CA PHE Q 62 33.64 -42.82 22.88
C PHE Q 62 32.25 -42.58 23.45
N ILE Q 63 31.61 -43.66 23.89
CA ILE Q 63 30.58 -43.52 24.91
C ILE Q 63 31.36 -43.23 26.18
N LEU Q 64 31.97 -44.27 26.74
CA LEU Q 64 32.78 -44.21 27.96
C LEU Q 64 33.61 -42.91 28.07
N SER Q 65 34.04 -42.37 26.93
CA SER Q 65 34.71 -41.06 26.87
C SER Q 65 34.02 -40.03 27.75
N HIS Q 66 32.69 -40.03 27.67
CA HIS Q 66 31.82 -39.04 28.30
C HIS Q 66 32.09 -38.84 29.80
N TYR Q 67 32.08 -39.91 30.58
CA TYR Q 67 32.39 -39.75 32.00
C TYR Q 67 33.84 -39.31 32.18
N VAL Q 68 34.69 -39.59 31.19
CA VAL Q 68 36.09 -39.15 31.27
C VAL Q 68 36.20 -37.64 30.98
N GLU Q 69 35.14 -37.07 30.42
CA GLU Q 69 35.17 -35.65 30.19
C GLU Q 69 34.22 -34.92 31.10
N ILE Q 70 33.13 -35.55 31.51
CA ILE Q 70 32.26 -34.86 32.45
C ILE Q 70 32.92 -34.62 33.80
N ARG Q 71 33.76 -35.55 34.25
CA ARG Q 71 34.52 -35.40 35.49
C ARG Q 71 35.23 -34.06 35.52
N ARG Q 72 35.92 -33.72 34.43
CA ARG Q 72 36.56 -32.39 34.28
C ARG Q 72 35.57 -31.22 34.37
N TRP Q 73 34.56 -31.22 33.49
CA TRP Q 73 33.46 -30.25 33.49
C TRP Q 73 33.00 -29.95 34.90
N GLN Q 74 32.38 -30.93 35.54
CA GLN Q 74 31.92 -30.73 36.92
C GLN Q 74 33.12 -30.41 37.81
N ASP Q 75 34.29 -30.92 37.43
CA ASP Q 75 35.53 -30.51 38.08
C ASP Q 75 35.80 -29.02 37.94
N ILE Q 76 35.80 -28.50 36.72
CA ILE Q 76 35.82 -27.05 36.54
C ILE Q 76 34.69 -26.49 37.47
N LYS Q 77 33.47 -26.28 36.96
CA LYS Q 77 32.31 -25.85 37.78
C LYS Q 77 32.48 -25.69 39.29
N ASN Q 78 32.41 -26.84 39.98
CA ASN Q 78 32.85 -27.00 41.34
C ASN Q 78 34.34 -27.35 41.33
N PRO Q 79 35.21 -26.34 41.38
CA PRO Q 79 36.62 -26.66 41.51
C PRO Q 79 36.93 -27.47 42.79
N GLY Q 80 37.72 -28.54 42.68
CA GLY Q 80 37.96 -29.21 41.41
C GLY Q 80 39.12 -28.77 40.57
N SER Q 81 40.25 -29.47 40.71
CA SER Q 81 41.23 -29.62 39.61
C SER Q 81 42.65 -29.71 40.11
N VAL Q 82 43.27 -30.88 39.90
CA VAL Q 82 44.67 -31.10 40.23
C VAL Q 82 45.13 -30.26 41.43
N ASN Q 83 46.41 -29.96 41.48
CA ASN Q 83 46.97 -29.19 42.56
C ASN Q 83 48.20 -28.35 42.19
N GLN Q 84 48.01 -27.30 41.38
CA GLN Q 84 46.87 -27.15 40.45
C GLN Q 84 47.39 -26.66 39.11
N ASP Q 85 47.47 -27.55 38.14
CA ASP Q 85 48.08 -27.21 36.85
C ASP Q 85 47.18 -26.36 35.94
N PRO Q 86 45.94 -26.84 35.74
CA PRO Q 86 45.04 -26.50 34.65
C PRO Q 86 43.83 -25.66 35.02
N ILE Q 87 43.28 -25.89 36.21
CA ILE Q 87 42.57 -24.84 36.97
C ILE Q 87 43.04 -24.87 38.44
N PHE Q 88 44.23 -24.31 38.71
CA PHE Q 88 44.92 -23.44 37.77
C PHE Q 88 46.42 -23.44 37.98
N LYS Q 89 46.84 -23.26 39.24
CA LYS Q 89 48.17 -22.74 39.51
C LYS Q 89 48.94 -23.57 40.51
N GLN Q 90 50.23 -23.79 40.21
CA GLN Q 90 51.20 -24.29 41.20
C GLN Q 90 52.62 -24.11 40.69
N TYR Q 91 52.76 -24.25 39.37
CA TYR Q 91 54.06 -24.39 38.70
C TYR Q 91 53.83 -24.47 37.21
N SER Q 92 54.32 -23.50 36.41
CA SER Q 92 55.46 -22.65 36.75
C SER Q 92 56.08 -22.08 35.47
N LEU Q 93 55.86 -20.79 35.17
CA LEU Q 93 54.73 -20.00 35.69
C LEU Q 93 54.06 -19.40 34.46
N PRO Q 94 52.91 -19.95 34.06
CA PRO Q 94 52.20 -19.61 32.80
C PRO Q 94 51.73 -18.17 32.69
N ALA Q 95 50.49 -18.00 32.23
CA ALA Q 95 49.98 -16.68 31.83
C ALA Q 95 48.81 -16.22 32.68
N GLY Q 96 48.65 -16.82 33.86
CA GLY Q 96 47.63 -16.42 34.82
C GLY Q 96 46.22 -16.08 34.32
N GLU Q 97 45.25 -16.93 34.70
CA GLU Q 97 43.84 -16.52 34.68
C GLU Q 97 43.60 -15.42 35.73
N VAL Q 98 44.27 -15.51 36.88
CA VAL Q 98 44.39 -14.41 37.89
C VAL Q 98 43.16 -14.09 38.83
N GLY Q 99 41.97 -13.92 38.27
CA GLY Q 99 40.80 -13.48 39.04
C GLY Q 99 40.07 -14.45 39.98
N TYR Q 100 39.16 -13.89 40.79
CA TYR Q 100 38.34 -14.63 41.73
C TYR Q 100 36.84 -14.26 41.54
N PRO Q 101 35.92 -15.21 41.85
CA PRO Q 101 34.53 -15.42 41.37
C PRO Q 101 33.46 -14.28 41.51
N GLY Q 102 33.60 -13.24 40.66
CA GLY Q 102 32.71 -12.06 40.67
C GLY Q 102 33.41 -10.76 40.29
N GLY Q 103 32.62 -9.73 39.97
CA GLY Q 103 33.12 -8.37 39.72
C GLY Q 103 32.24 -7.33 40.42
N ILE Q 104 32.20 -6.10 39.92
CA ILE Q 104 31.27 -5.07 40.46
C ILE Q 104 29.85 -5.28 39.88
N PHE Q 105 29.35 -6.51 40.09
CA PHE Q 105 28.65 -7.28 39.05
C PHE Q 105 29.71 -7.86 38.09
N ASN Q 106 30.54 -7.02 37.46
CA ASN Q 106 31.78 -7.50 36.79
C ASN Q 106 33.14 -6.73 36.96
N PRO Q 107 33.22 -5.44 36.55
CA PRO Q 107 34.54 -4.76 36.54
C PRO Q 107 34.99 -4.00 37.79
N LEU Q 108 35.71 -4.68 38.68
CA LEU Q 108 36.66 -4.03 39.57
C LEU Q 108 38.04 -3.93 38.91
N ASN Q 109 38.05 -3.80 37.59
CA ASN Q 109 39.29 -3.94 36.81
C ASN Q 109 39.02 -4.34 35.37
N PHE Q 110 40.04 -4.89 34.72
CA PHE Q 110 39.93 -6.19 34.07
C PHE Q 110 40.95 -6.33 32.95
N ALA Q 111 42.19 -6.61 33.32
CA ALA Q 111 43.08 -7.43 32.50
C ALA Q 111 44.58 -7.25 32.79
N PRO Q 112 44.96 -6.61 33.93
CA PRO Q 112 46.39 -6.18 34.06
C PRO Q 112 47.39 -7.35 34.02
N THR Q 113 47.02 -8.42 33.32
CA THR Q 113 47.75 -9.69 33.32
C THR Q 113 48.50 -10.01 31.99
N LEU Q 114 49.52 -9.19 31.70
CA LEU Q 114 50.57 -9.46 30.70
C LEU Q 114 51.95 -9.60 31.40
N GLU Q 115 53.03 -9.25 30.69
CA GLU Q 115 54.38 -9.05 31.30
C GLU Q 115 55.65 -9.48 30.49
N ALA Q 116 55.73 -10.76 30.15
CA ALA Q 116 57.05 -11.40 30.15
C ALA Q 116 57.78 -11.70 28.84
N LYS Q 117 57.97 -12.98 28.56
CA LYS Q 117 59.06 -13.45 27.70
C LYS Q 117 58.54 -13.94 26.34
N GLU Q 118 58.97 -15.16 25.95
CA GLU Q 118 58.35 -15.95 24.87
C GLU Q 118 57.47 -16.95 25.59
N LYS Q 119 58.12 -17.96 26.15
CA LYS Q 119 57.70 -18.77 27.34
C LYS Q 119 56.97 -20.10 27.13
N GLU Q 120 56.11 -20.43 28.11
CA GLU Q 120 55.39 -21.71 28.15
C GLU Q 120 54.29 -21.75 27.09
N ILE Q 121 53.09 -21.33 27.48
CA ILE Q 121 51.93 -21.09 26.61
C ILE Q 121 52.05 -21.42 25.12
N ALA Q 122 52.82 -20.59 24.42
CA ALA Q 122 52.78 -20.37 22.95
C ALA Q 122 52.26 -21.51 22.05
N ASN Q 123 53.01 -22.61 22.06
CA ASN Q 123 52.81 -23.73 21.14
C ASN Q 123 51.35 -24.20 21.02
N GLY Q 124 50.62 -24.06 22.14
CA GLY Q 124 49.17 -24.26 22.21
C GLY Q 124 48.40 -23.66 21.05
N ARG Q 125 48.75 -22.44 20.67
CA ARG Q 125 48.09 -21.83 19.52
C ARG Q 125 48.77 -22.13 18.20
N LEU Q 126 50.10 -22.30 18.24
CA LEU Q 126 50.91 -22.63 17.05
C LEU Q 126 50.20 -23.65 16.13
N ALA Q 127 49.64 -24.70 16.74
CA ALA Q 127 48.98 -25.78 16.01
C ALA Q 127 47.63 -25.43 15.33
N MET Q 128 47.07 -24.26 15.65
CA MET Q 128 45.83 -23.79 15.00
C MET Q 128 46.13 -22.88 13.82
N LEU Q 129 47.36 -22.36 13.76
CA LEU Q 129 47.89 -21.73 12.54
C LEU Q 129 48.41 -22.85 11.61
N ALA Q 130 49.11 -23.81 12.21
CA ALA Q 130 49.42 -25.07 11.54
C ALA Q 130 48.15 -25.51 10.85
N PHE Q 131 47.09 -25.67 11.65
CA PHE Q 131 45.81 -26.14 11.16
C PHE Q 131 45.32 -25.34 9.96
N LEU Q 132 45.31 -24.01 10.08
CA LEU Q 132 44.73 -23.13 9.03
C LEU Q 132 45.67 -22.96 7.84
N GLY Q 133 46.83 -23.58 7.97
CA GLY Q 133 47.58 -24.02 6.80
C GLY Q 133 47.10 -25.43 6.49
N PHE Q 134 47.26 -26.32 7.46
CA PHE Q 134 47.15 -27.75 7.21
C PHE Q 134 45.79 -28.27 6.76
N ILE Q 135 44.73 -27.63 7.23
CA ILE Q 135 43.41 -27.93 6.70
C ILE Q 135 43.30 -27.41 5.26
N ILE Q 136 43.65 -26.14 5.05
CA ILE Q 136 43.29 -25.45 3.80
C ILE Q 136 43.79 -26.18 2.55
N GLN Q 137 45.07 -26.54 2.54
CA GLN Q 137 45.62 -27.27 1.41
C GLN Q 137 44.78 -28.51 1.20
N HIS Q 138 44.78 -29.39 2.21
CA HIS Q 138 44.48 -30.82 2.06
C HIS Q 138 43.23 -31.21 1.25
N ASN Q 139 42.39 -30.21 0.97
CA ASN Q 139 41.35 -30.28 -0.07
C ASN Q 139 41.33 -28.94 -0.82
N VAL Q 140 42.27 -28.84 -1.76
CA VAL Q 140 42.70 -27.62 -2.45
C VAL Q 140 44.08 -27.96 -3.06
N THR Q 141 44.92 -28.64 -2.27
CA THR Q 141 46.18 -29.30 -2.67
C THR Q 141 46.59 -30.36 -1.60
N GLY Q 142 46.14 -31.60 -1.80
CA GLY Q 142 46.17 -32.64 -0.76
C GLY Q 142 47.47 -33.37 -0.44
N LYS Q 143 48.62 -32.76 -0.77
CA LYS Q 143 49.92 -33.22 -0.27
C LYS Q 143 50.81 -32.08 0.21
N GLY Q 144 51.67 -32.38 1.19
CA GLY Q 144 52.56 -31.39 1.84
C GLY Q 144 54.07 -31.51 1.56
N PRO Q 145 54.59 -30.70 0.61
CA PRO Q 145 56.03 -30.61 0.29
C PRO Q 145 56.84 -29.45 0.91
N PHE Q 146 58.18 -29.62 0.92
CA PHE Q 146 59.19 -28.55 1.09
C PHE Q 146 60.56 -28.86 0.39
N ASP Q 147 61.01 -27.95 -0.47
CA ASP Q 147 61.90 -28.27 -1.62
C ASP Q 147 62.82 -27.14 -2.22
N ASN Q 148 63.98 -26.92 -1.60
CA ASN Q 148 64.97 -25.90 -2.00
C ASN Q 148 65.88 -26.31 -3.16
N LEU Q 149 66.59 -25.31 -3.71
CA LEU Q 149 67.64 -25.46 -4.75
C LEU Q 149 67.09 -26.13 -6.00
N LEU Q 150 65.94 -26.77 -5.84
CA LEU Q 150 65.21 -27.35 -6.92
C LEU Q 150 64.38 -26.21 -7.49
N GLN Q 151 63.10 -26.15 -7.14
CA GLN Q 151 62.17 -25.22 -7.76
C GLN Q 151 61.19 -24.59 -6.76
N HIS Q 152 61.63 -24.45 -5.50
CA HIS Q 152 60.99 -23.55 -4.54
C HIS Q 152 61.01 -22.18 -5.18
N ILE Q 153 60.05 -21.31 -4.82
CA ILE Q 153 60.01 -19.94 -5.34
C ILE Q 153 60.22 -19.91 -6.85
N SER Q 154 59.40 -20.68 -7.59
CA SER Q 154 59.52 -20.80 -9.05
C SER Q 154 58.32 -21.63 -9.56
N ASP Q 155 58.19 -22.83 -9.00
CA ASP Q 155 56.89 -23.30 -8.54
C ASP Q 155 56.70 -24.81 -8.49
N PRO Q 156 56.03 -25.42 -9.52
CA PRO Q 156 55.92 -25.09 -10.93
C PRO Q 156 54.61 -24.52 -11.49
N TRP Q 157 53.51 -25.18 -11.23
CA TRP Q 157 52.40 -25.20 -12.15
C TRP Q 157 51.30 -24.17 -11.99
N HIS Q 158 50.07 -24.65 -12.17
CA HIS Q 158 48.86 -23.99 -11.68
C HIS Q 158 47.79 -24.97 -11.21
N ASN Q 159 46.87 -24.47 -10.37
CA ASN Q 159 45.73 -25.24 -9.87
C ASN Q 159 44.82 -24.43 -8.93
N THR Q 160 43.58 -24.25 -9.35
CA THR Q 160 42.69 -23.20 -8.85
C THR Q 160 41.48 -23.74 -8.09
N ILE Q 161 40.28 -23.40 -8.57
CA ILE Q 161 39.02 -23.99 -8.12
C ILE Q 161 38.41 -24.80 -9.26
N VAL Q 162 37.11 -24.58 -9.50
CA VAL Q 162 36.35 -25.30 -10.52
C VAL Q 162 37.25 -25.94 -11.56
N GLN Q 163 37.34 -27.27 -11.49
CA GLN Q 163 38.11 -28.05 -12.46
C GLN Q 163 37.29 -29.05 -13.28
N THR Q 164 36.88 -30.20 -12.74
CA THR Q 164 36.12 -30.31 -11.48
C THR Q 164 36.82 -30.86 -10.25
N LEU Q 165 36.05 -30.92 -9.15
CA LEU Q 165 36.32 -31.83 -8.04
C LEU Q 165 36.03 -33.26 -8.51
MG CLA R . 16.43 12.99 4.34
CHA CLA R . 15.58 9.66 3.77
CHB CLA R . 16.43 13.59 1.03
CHC CLA R . 17.31 16.42 4.98
CHD CLA R . 16.44 12.28 7.89
NA CLA R . 16.08 11.90 2.71
C1A CLA R . 15.78 10.66 2.69
C2A CLA R . 15.57 10.11 1.30
C3A CLA R . 15.83 11.32 0.44
C4A CLA R . 16.14 12.36 1.45
NB CLA R . 16.80 14.66 3.18
C1B CLA R . 16.76 14.75 1.86
C2B CLA R . 17.03 16.01 1.36
C3B CLA R . 17.29 16.75 2.49
C4B CLA R . 17.13 15.91 3.59
NC CLA R . 16.79 14.09 6.01
C1C CLA R . 17.12 15.41 6.07
C2C CLA R . 17.28 15.80 7.38
C3C CLA R . 17.05 14.70 8.16
C4C CLA R . 16.74 13.65 7.31
ND CLA R . 16.09 11.36 5.54
C1D CLA R . 16.12 11.22 6.88
C2D CLA R . 15.81 9.90 7.22
C3D CLA R . 15.57 9.16 6.07
C4D CLA R . 15.75 10.09 5.06
MG CLA S . 14.79 21.04 -0.44
CHA CLA S . 16.23 22.93 2.11
CHB CLA S . 15.57 23.40 -2.70
CHC CLA S . 13.27 19.03 -3.01
CHD CLA S . 13.96 18.52 2.03
NA CLA S . 15.70 22.81 -0.35
C1A CLA S . 16.18 23.37 0.70
C2A CLA S . 16.82 24.70 0.44
C3A CLA S . 16.62 24.88 -1.04
C4A CLA S . 15.92 23.61 -1.41
NB CLA S . 14.50 21.22 -2.46
C1B CLA S . 14.87 22.24 -3.24
C2B CLA S . 14.54 22.09 -4.58
C3B CLA S . 13.90 20.87 -4.61
C4B CLA S . 13.90 20.37 -3.31
NC CLA S . 13.84 19.21 -0.49
C1C CLA S . 13.32 18.59 -1.58
C2C CLA S . 12.77 17.38 -1.21
C3C CLA S . 12.95 17.24 0.14
C4C CLA S . 13.62 18.38 0.56
ND CLA S . 15.04 20.79 1.58
C1D CLA S . 14.68 19.79 2.41
C2D CLA S . 15.07 20.07 3.71
C3D CLA S . 15.71 21.30 3.73
C4D CLA S . 15.66 21.71 2.41
MG CLA T . 7.92 28.90 -6.98
CHA CLA T . 6.49 29.83 -9.90
CHB CLA T . 9.92 26.69 -8.56
CHC CLA T . 9.39 27.96 -3.85
CHD CLA T . 5.74 31.30 -5.25
NA CLA T . 8.18 28.33 -8.87
C1A CLA T . 7.56 28.79 -9.92
C2A CLA T . 8.03 28.16 -11.19
C3A CLA T . 9.07 27.17 -10.74
C4A CLA T . 9.07 27.40 -9.27
CMA CLA T . 8.70 25.72 -11.03
CAA CLA T . 8.78 29.19 -12.05
CBA CLA T . 9.92 28.54 -12.84
CGA CLA T . 11.17 29.39 -12.95
O1A CLA T . 11.69 29.93 -11.97
O2A CLA T . 11.80 29.56 -14.26
NB CLA T . 9.38 27.57 -6.37
C1B CLA T . 10.10 26.74 -7.11
C2B CLA T . 11.00 25.97 -6.42
C3B CLA T . 10.81 26.36 -5.10
C4B CLA T . 9.82 27.33 -5.12
CMB CLA T . 11.96 24.95 -6.98
CAB CLA T . 10.30 25.32 -4.42
CBB CLA T . 9.69 24.43 -3.72
NC CLA T . 7.64 29.48 -5.04
C1C CLA T . 8.31 28.98 -3.98
C2C CLA T . 7.90 29.56 -2.82
C3C CLA T . 6.92 30.47 -3.15
C4C CLA T . 6.75 30.42 -4.53
CMC CLA T . 8.51 29.20 -1.50
CAC CLA T . 6.19 31.32 -2.15
CBC CLA T . 5.04 30.53 -1.55
ND CLA T . 6.46 30.25 -7.43
C1D CLA T . 5.69 31.12 -6.73
C2D CLA T . 4.83 31.81 -7.66
C3D CLA T . 5.15 31.31 -8.92
C4D CLA T . 6.10 30.40 -8.75
CMD CLA T . 3.77 32.87 -7.56
CAD CLA T . 4.76 31.46 -10.25
OBD CLA T . 3.55 31.06 -10.28
CBD CLA T . 5.65 30.46 -10.97
CGD CLA T . 4.88 29.39 -11.73
O1D CLA T . 3.77 29.63 -12.21
O2D CLA T . 5.44 28.06 -11.93
CED CLA T . 4.91 26.93 -11.26
C1 CLA T . 12.28 28.41 -14.95
C2 CLA T . 13.26 27.65 -14.09
MG CLA U . 9.39 21.03 -11.29
CHA CLA U . 9.61 20.42 -7.89
CHB CLA U . 12.00 18.95 -11.84
CHC CLA U . 9.12 21.70 -14.79
CHD CLA U . 6.59 23.27 -10.67
NA CLA U . 10.60 19.90 -10.15
C1A CLA U . 10.54 19.78 -8.88
C2A CLA U . 11.59 18.82 -8.32
C3A CLA U . 12.35 18.36 -9.53
C4A CLA U . 11.62 19.11 -10.59
NB CLA U . 10.38 20.42 -12.96
C1B CLA U . 11.43 19.57 -13.04
C2B CLA U . 11.90 19.33 -14.30
C3B CLA U . 11.06 20.12 -15.08
C4B CLA U . 10.15 20.77 -14.24
NC CLA U . 8.15 22.20 -12.46
C1C CLA U . 8.19 22.34 -13.81
C2C CLA U . 7.21 23.22 -14.25
C3C CLA U . 6.54 23.63 -13.14
C4C CLA U . 7.13 23.00 -12.05
ND CLA U . 8.33 21.69 -9.67
C1D CLA U . 7.30 22.54 -9.57
C2D CLA U . 6.93 22.67 -8.22
C3D CLA U . 7.77 21.88 -7.43
C4D CLA U . 8.62 21.29 -8.35
MG CLA V . 24.42 10.52 -17.63
CHA CLA V . 27.57 10.74 -18.97
CHB CLA V . 24.65 7.18 -17.57
CHC CLA V . 21.12 10.36 -16.24
CHD CLA V . 24.20 14.14 -17.72
NA CLA V . 25.80 9.18 -18.15
C1A CLA V . 26.94 9.44 -18.64
C2A CLA V . 27.76 8.23 -18.93
C3A CLA V . 26.87 7.10 -18.50
C4A CLA V . 25.68 7.86 -18.03
NB CLA V . 23.16 9.03 -17.03
C1B CLA V . 23.39 7.72 -17.06
C2B CLA V . 22.36 6.94 -16.59
C3B CLA V . 21.41 7.87 -16.23
C4B CLA V . 21.92 9.13 -16.51
NC CLA V . 23.00 11.91 -17.11
C1C CLA V . 21.78 11.66 -16.57
C2C CLA V . 21.10 12.84 -16.35
C3C CLA V . 21.92 13.86 -16.75
C4C CLA V . 23.09 13.27 -17.21
ND CLA V . 25.60 12.08 -18.21
C1D CLA V . 25.41 13.40 -18.19
C2D CLA V . 26.55 14.03 -18.71
C3D CLA V . 27.50 13.08 -19.06
C4D CLA V . 26.88 11.90 -18.73
MG CLA W . 14.22 6.35 -18.97
CHA CLA W . 13.52 8.82 -21.24
CHB CLA W . 16.54 8.29 -17.49
CHC CLA W . 14.86 3.72 -16.68
CHD CLA W . 11.68 4.30 -20.59
NA CLA W . 14.93 8.21 -19.31
C1A CLA W . 14.56 9.06 -20.23
C2A CLA W . 15.29 10.37 -20.17
C3A CLA W . 16.22 10.18 -19.01
C4A CLA W . 15.89 8.78 -18.55
CMA CLA W . 17.71 10.32 -19.34
CAA CLA W . 14.40 11.52 -19.78
NB CLA W . 15.49 6.10 -17.40
C1B CLA W . 16.39 6.96 -16.88
C2B CLA W . 17.10 6.46 -15.78
C3B CLA W . 16.57 5.22 -15.70
C4B CLA W . 15.60 5.00 -16.63
CMB CLA W . 18.21 6.99 -14.87
CAB CLA W . 16.76 4.43 -14.65
CBB CLA W . 16.97 3.64 -13.72
NC CLA W . 13.45 4.46 -18.69
C1C CLA W . 13.83 3.57 -17.74
C2C CLA W . 13.12 2.39 -17.82
C3C CLA W . 12.25 2.54 -18.89
C4C CLA W . 12.48 3.83 -19.40
CMC CLA W . 13.30 1.21 -16.89
CAC CLA W . 11.28 1.51 -19.41
CBC CLA W . 9.87 1.80 -18.94
ND CLA W . 12.90 6.48 -20.50
C1D CLA W . 11.98 5.67 -21.06
C2D CLA W . 11.36 6.33 -22.16
C3D CLA W . 11.96 7.58 -22.24
C4D CLA W . 12.87 7.63 -21.24
CMD CLA W . 10.29 6.03 -23.18
CAD CLA W . 11.86 8.74 -23.01
OBD CLA W . 11.95 8.39 -24.25
CBD CLA W . 12.96 9.62 -22.37
CGD CLA W . 14.10 10.11 -23.26
O1D CLA W . 14.01 10.46 -24.44
O2D CLA W . 15.42 10.20 -22.64
CED CLA W . 16.59 10.38 -23.46
MG CLA X . 19.00 -1.91 -13.03
CHA CLA X . 20.30 0.83 -14.65
CHB CLA X . 21.68 -2.07 -11.04
CHC CLA X . 17.52 -4.75 -11.45
CHD CLA X . 16.14 -1.64 -15.23
NA CLA X . 20.70 -0.84 -12.85
C1A CLA X . 21.06 0.20 -13.55
C2A CLA X . 22.35 0.80 -13.18
C3A CLA X . 22.79 -0.13 -12.06
C4A CLA X . 21.66 -1.09 -11.95
CMA CLA X . 24.03 -0.92 -12.47
CAA CLA X . 21.95 2.25 -12.79
CBA CLA X . 23.07 3.24 -12.51
CGA CLA X . 24.03 3.43 -13.67
O1A CLA X . 24.92 2.60 -13.83
O2A CLA X . 23.87 4.56 -14.62
NB CLA X . 19.54 -3.17 -11.51
C1B CLA X . 20.66 -3.13 -10.78
C2B CLA X . 20.74 -4.13 -9.82
C3B CLA X . 19.61 -4.79 -10.03
C4B CLA X . 18.84 -4.22 -11.03
CMB CLA X . 21.76 -4.51 -8.79
CAB CLA X . 19.15 -5.60 -9.07
CBB CLA X . 18.81 -6.46 -8.21
NC CLA X . 17.25 -2.96 -13.28
C1C CLA X . 16.86 -4.03 -12.57
C2C CLA X . 15.63 -4.46 -13.01
C3C CLA X . 15.24 -3.63 -14.02
C4C CLA X . 16.25 -2.71 -14.17
CMC CLA X . 14.92 -5.65 -12.44
CAC CLA X . 13.97 -3.65 -14.85
CBC CLA X . 12.71 -3.60 -14.03
ND CLA X . 18.37 -0.72 -14.56
C1D CLA X . 17.28 -0.67 -15.35
C2D CLA X . 17.40 0.40 -16.26
C3D CLA X . 18.59 0.99 -15.98
C4D CLA X . 19.13 0.32 -15.00
CMD CLA X . 16.58 0.97 -17.38
CAD CLA X . 19.35 2.06 -16.45
OBD CLA X . 18.64 3.13 -16.32
CBD CLA X . 20.55 2.03 -15.51
CGD CLA X . 21.89 2.25 -16.21
O1D CLA X . 22.93 1.67 -15.93
O2D CLA X . 21.97 3.26 -17.24
CED CLA X . 21.22 4.48 -17.20
C1 CLA X . 24.49 5.85 -14.51
C2 CLA X . 24.97 6.35 -13.15
C3 CLA X . 26.04 5.91 -12.47
C4 CLA X . 26.93 4.81 -12.98
C5 CLA X . 26.45 6.53 -11.16
C6 CLA X . 27.64 7.43 -11.52
C7 CLA X . 27.54 8.93 -11.14
C8 CLA X . 26.24 9.66 -11.56
C9 CLA X . 25.29 9.87 -10.36
C10 CLA X . 26.57 10.97 -12.27
C11 CLA X . 25.40 11.96 -12.24
C12 CLA X . 25.77 13.27 -11.58
MG CLA Y . 10.44 49.55 -27.06
CHA CLA Y . 10.19 50.31 -23.76
CHB CLA Y . 8.29 52.02 -27.90
CHC CLA Y . 10.81 48.64 -30.47
CHD CLA Y . 12.79 46.89 -26.10
NA CLA Y . 9.40 50.94 -26.04
C1A CLA Y . 9.40 51.13 -24.76
C2A CLA Y . 8.51 52.27 -24.33
C3A CLA Y . 7.91 52.76 -25.64
C4A CLA Y . 8.57 51.85 -26.61
CMA CLA Y . 6.39 52.62 -25.69
CAA CLA Y . 9.40 53.38 -23.73
CBA CLA Y . 10.12 54.29 -24.73
CGA CLA Y . 11.28 53.62 -25.41
O1A CLA Y . 11.77 54.18 -26.38
O2A CLA Y . 11.82 52.33 -24.93
NB CLA Y . 9.67 50.23 -28.83
C1B CLA Y . 8.81 51.24 -29.03
C2B CLA Y . 8.47 51.45 -30.35
C3B CLA Y . 9.22 50.50 -31.02
C4B CLA Y . 9.91 49.76 -30.06
CMB CLA Y . 7.54 52.48 -30.95
CAB CLA Y . 10.19 51.14 -31.69
CBB CLA Y . 11.17 51.68 -32.29
NC CLA Y . 11.53 48.12 -28.04
C1C CLA Y . 11.54 47.92 -29.39
C2C CLA Y . 12.39 46.86 -29.70
C3C CLA Y . 12.91 46.41 -28.51
C4C CLA Y . 12.37 47.18 -27.50
CMC CLA Y . 12.69 46.32 -31.09
CAC CLA Y . 13.90 45.29 -28.31
CBC CLA Y . 15.27 45.75 -28.76
ND CLA Y . 11.30 48.77 -25.38
C1D CLA Y . 12.16 47.78 -25.10
C2D CLA Y . 12.38 47.72 -23.70
C3D CLA Y . 11.60 48.72 -23.16
C4D CLA Y . 10.98 49.31 -24.17
CMD CLA Y . 13.21 46.86 -22.77
CAD CLA Y . 11.32 49.24 -21.91
OBD CLA Y . 12.38 49.80 -21.48
CBD CLA Y . 10.34 50.34 -22.27
CGD CLA Y . 9.10 49.93 -21.56
O1D CLA Y . 8.56 48.88 -21.89
O2D CLA Y . 8.59 50.74 -20.44
CED CLA Y . 7.32 51.40 -20.55
C1 CLA Y . 13.07 51.72 -25.33
C2 CLA Y . 12.98 51.27 -26.77
C3 CLA Y . 14.00 51.20 -27.65
C4 CLA Y . 13.73 50.72 -29.05
C5 CLA Y . 15.42 51.57 -27.28
MG CLA Z . 20.65 29.23 -0.07
CHB CLA Z . 17.52 30.08 0.81
CHC CLA Z . 21.80 29.83 3.21
CHD CLA Z . 23.95 28.25 -1.17
NA CLA Z . 18.93 29.33 -0.98
C1A CLA Z . 18.85 29.02 -2.18
C2A CLA Z . 17.45 29.17 -2.67
C3A CLA Z . 16.68 29.67 -1.46
C4A CLA Z . 17.77 29.70 -0.45
NB CLA Z . 19.76 29.85 1.69
C1B CLA Z . 18.49 30.16 1.90
C2B CLA Z . 18.19 30.56 3.18
C3B CLA Z . 19.41 30.47 3.82
C4B CLA Z . 20.35 30.03 2.88
NC CLA Z . 22.47 29.08 0.81
C1C CLA Z . 22.71 29.35 2.10
C2C CLA Z . 24.04 29.13 2.35
C3C CLA Z . 24.62 28.71 1.16
C4C CLA Z . 23.62 28.69 0.23
ND CLA Z . 21.52 28.60 -1.77
C1D CLA Z . 22.76 28.25 -2.09
C2D CLA Z . 22.78 27.91 -3.42
C3D CLA Z . 21.49 28.05 -3.93
C4D CLA Z . 20.69 28.47 -2.89
MG CLA AA . 18.69 46.67 -23.13
CHA CLA AA . 21.23 45.15 -21.33
CHB CLA AA . 17.43 47.98 -20.30
CHC CLA AA . 16.10 48.21 -25.08
CHD CLA AA . 20.08 45.24 -26.14
NA CLA AA . 19.18 46.62 -21.20
C1A CLA AA . 20.18 46.00 -20.69
C2A CLA AA . 20.30 46.14 -19.20
C3A CLA AA . 19.12 47.02 -18.86
C4A CLA AA . 18.53 47.23 -20.21
NB CLA AA . 17.10 47.86 -22.73
C1B CLA AA . 16.70 48.32 -21.53
C2B CLA AA . 15.59 49.12 -21.54
C3B CLA AA . 15.27 49.14 -22.89
C4B CLA AA . 16.20 48.38 -23.59
NC CLA AA . 18.21 46.71 -25.12
C1C CLA AA . 17.17 47.36 -25.69
C2C CLA AA . 17.17 47.16 -27.06
C3C CLA AA . 18.24 46.36 -27.36
C4C CLA AA . 18.86 46.09 -26.15
ND CLA AA . 20.27 45.48 -23.63
C1D CLA AA . 20.69 45.01 -24.80
C2D CLA AA . 21.82 44.24 -24.59
C3D CLA AA . 22.15 44.21 -23.26
C4D CLA AA . 21.18 44.99 -22.70
MG CLA BA . 13.11 36.83 -14.75
CHA CLA BA . 11.57 36.79 -11.67
CHB CLA BA . 13.35 40.20 -14.64
CHC CLA BA . 14.72 36.79 -17.94
CHD CLA BA . 12.83 33.17 -14.82
NA CLA BA . 12.59 38.24 -13.46
C1A CLA BA . 12.02 38.05 -12.34
C2A CLA BA . 11.74 39.30 -11.57
C3A CLA BA . 12.28 40.38 -12.48
C4A CLA BA . 12.79 39.57 -13.62
NB CLA BA . 13.87 38.24 -16.01
C1B CLA BA . 13.90 39.57 -15.84
C2B CLA BA . 14.48 40.28 -16.87
C3B CLA BA . 14.84 39.29 -17.75
C4B CLA BA . 14.46 38.07 -17.21
NC CLA BA . 13.64 35.34 -16.07
C1C CLA BA . 14.27 35.52 -17.26
C2C CLA BA . 14.46 34.29 -17.88
C3C CLA BA . 13.96 33.32 -17.05
C4C CLA BA . 13.46 33.98 -15.94
ND CLA BA . 12.38 35.33 -13.53
C1D CLA BA . 12.32 33.99 -13.66
C2D CLA BA . 11.71 33.43 -12.55
C3D CLA BA . 11.36 34.44 -11.67
C4D CLA BA . 11.79 35.58 -12.30
MG CLA CA . 18.98 38.20 -42.17
CHA CLA CA . 21.91 39.03 -43.64
CHB CLA CA . 20.37 38.18 -39.13
CHC CLA CA . 15.78 37.32 -40.80
CHD CLA CA . 17.47 38.23 -45.54
NA CLA CA . 20.81 38.54 -41.47
C1A CLA CA . 21.87 38.87 -42.16
C2A CLA CA . 23.11 39.06 -41.32
C3A CLA CA . 22.59 38.78 -39.92
C4A CLA CA . 21.15 38.48 -40.17
CMA CLA CA . 23.30 37.57 -39.32
CAA CLA CA . 23.86 40.40 -41.41
CBA CLA CA . 23.09 41.73 -41.50
CGA CLA CA . 24.03 42.94 -41.29
O1A CLA CA . 25.25 42.87 -41.52
O2A CLA CA . 23.52 44.23 -40.84
NB CLA CA . 18.26 37.83 -40.31
C1B CLA CA . 18.93 37.86 -39.14
C2B CLA CA . 18.15 37.56 -38.01
C3B CLA CA . 16.93 37.31 -38.60
C4B CLA CA . 17.00 37.50 -39.97
CMB CLA CA . 18.58 37.48 -36.56
CAB CLA CA . 15.73 37.53 -38.02
CBB CLA CA . 14.44 37.25 -37.61
NC CLA CA . 17.11 37.85 -42.95
C1C CLA CA . 15.99 37.52 -42.26
C2C CLA CA . 14.91 37.37 -43.11
C3C CLA CA . 15.41 37.62 -44.37
C4C CLA CA . 16.74 37.92 -44.25
CMC CLA CA . 13.49 37.01 -42.71
CAC CLA CA . 14.69 37.64 -45.68
CBC CLA CA . 14.45 39.12 -45.90
ND CLA CA . 19.52 38.54 -44.11
C1D CLA CA . 18.90 38.52 -45.31
C2D CLA CA . 19.84 38.85 -46.32
C3D CLA CA . 21.03 39.05 -45.67
C4D CLA CA . 20.81 38.86 -44.38
CMD CLA CA . 19.75 39.00 -47.80
CAD CLA CA . 22.33 39.39 -45.99
OBD CLA CA . 22.27 40.62 -46.36
CBD CLA CA . 22.98 39.41 -44.63
CGD CLA CA . 24.19 38.55 -44.66
O1D CLA CA . 24.04 37.34 -44.76
O2D CLA CA . 25.56 39.12 -44.61
CED CLA CA . 25.89 40.39 -44.04
C1 CLA CA . 23.37 45.24 -41.84
C2 CLA CA . 22.19 46.17 -41.64
C3 CLA CA . 21.41 46.65 -42.62
C4 CLA CA . 20.30 47.58 -42.23
C5 CLA CA . 21.57 46.31 -44.07
MG CLA DA . 0.41 38.85 -42.82
CHA CLA DA . 3.60 39.48 -43.71
CHB CLA DA . 1.10 39.62 -39.62
CHC CLA DA . -2.95 38.13 -41.94
CHD CLA DA . -0.30 38.00 -46.31
NA CLA DA . 2.02 39.44 -41.82
C1A CLA DA . 3.19 39.65 -42.31
C2A CLA DA . 4.15 40.15 -41.28
C3A CLA DA . 3.40 40.12 -40.00
C4A CLA DA . 2.07 39.69 -40.50
CMA CLA DA . 4.07 39.11 -39.09
CAA CLA DA . 4.36 41.67 -41.55
CBA CLA DA . 3.17 42.64 -41.27
CGA CLA DA . 2.10 42.67 -42.36
O1A CLA DA . 2.30 43.29 -43.41
O2A CLA DA . 0.82 41.95 -42.19
NB CLA DA . -0.68 38.89 -41.10
C1B CLA DA . -0.27 39.22 -39.88
C2B CLA DA . -1.22 39.15 -38.90
C3B CLA DA . -2.33 38.75 -39.58
C4B CLA DA . -1.97 38.59 -40.93
CMB CLA DA . -1.12 39.45 -37.43
CAB CLA DA . -3.25 39.70 -39.37
CBB CLA DA . -4.15 40.53 -38.98
NC CLA DA . -1.23 38.21 -43.88
C1C CLA DA . -2.43 38.01 -43.33
C2C CLA DA . -3.34 37.59 -44.31
C3C CLA DA . -2.63 37.55 -45.49
C4C CLA DA . -1.33 37.94 -45.20
CMC CLA DA . -4.81 37.26 -44.07
CAC CLA DA . -3.24 37.15 -46.83
CBC CLA DA . -4.22 38.21 -47.31
ND CLA DA . 1.39 38.76 -44.59
C1D CLA DA . 1.05 38.44 -45.87
C2D CLA DA . 2.21 38.58 -46.68
C3D CLA DA . 3.23 39.00 -45.85
C4D CLA DA . 2.71 39.08 -44.63
CMD CLA DA . 2.47 38.37 -48.14
CAD CLA DA . 4.59 39.34 -45.91
OBD CLA DA . 5.24 38.30 -46.26
CBD CLA DA . 4.87 39.73 -44.46
CGD CLA DA . 6.20 39.39 -43.84
O1D CLA DA . 6.93 38.51 -44.26
O2D CLA DA . 6.69 40.19 -42.73
CED CLA DA . 8.09 40.41 -42.51
C1 CLA DA . -0.46 42.61 -42.16
C2 CLA DA . -1.18 42.53 -43.50
MG CLA EA . -1.56 29.05 -35.02
CHA CLA EA . -1.92 26.88 -32.38
CHB CLA EA . -4.25 30.82 -33.97
CHC CLA EA . -1.15 31.29 -37.79
CHD CLA EA . 1.31 27.14 -36.13
NA CLA EA . -2.84 28.92 -33.51
C1A CLA EA . -2.82 28.03 -32.60
C2A CLA EA . -3.91 28.20 -31.60
C3A CLA EA . -4.67 29.42 -32.06
C4A CLA EA . -3.87 29.76 -33.28
NB CLA EA . -2.54 30.73 -35.70
C1B CLA EA . -3.62 31.33 -35.19
C2B CLA EA . -4.07 32.44 -35.86
C3B CLA EA . -3.18 32.53 -36.91
C4B CLA EA . -2.26 31.47 -36.79
NC CLA EA . -0.24 29.19 -36.59
C1C CLA EA . -0.24 30.12 -37.56
C2C CLA EA . 0.79 29.90 -38.45
C3C CLA EA . 1.45 28.79 -37.99
C4C CLA EA . 0.80 28.36 -36.85
ND CLA EA . -0.54 27.39 -34.39
C1D CLA EA . 0.53 26.77 -34.90
C2D CLA EA . 0.85 25.66 -34.10
C3D CLA EA . -0.05 25.59 -33.05
C4D CLA EA . -0.88 26.66 -33.27
MG CLA FA . 6.54 28.72 -30.34
CHA CLA FA . 8.37 31.22 -28.77
CHB CLA FA . 9.37 26.93 -30.83
CHC CLA FA . 4.60 26.16 -31.94
CHD CLA FA . 3.53 30.65 -29.78
NA CLA FA . 8.48 28.98 -29.92
C1A CLA FA . 9.00 29.99 -29.32
C2A CLA FA . 10.48 29.91 -29.14
C3A CLA FA . 10.83 28.58 -29.78
C4A CLA FA . 9.47 28.11 -30.22
NB CLA FA . 6.95 26.90 -31.20
C1B CLA FA . 8.14 26.30 -31.32
C2B CLA FA . 8.10 25.08 -31.96
C3B CLA FA . 6.76 24.93 -32.24
C4B CLA FA . 6.09 26.05 -31.78
NC CLA FA . 4.54 28.48 -30.76
C1C CLA FA . 3.97 27.42 -31.39
C2C CLA FA . 2.59 27.60 -31.50
C3C CLA FA . 2.31 28.80 -30.92
C4C CLA FA . 3.53 29.32 -30.48
ND CLA FA . 6.06 30.50 -29.50
C1D CLA FA . 4.89 31.13 -29.34
C2D CLA FA . 5.08 32.35 -28.69
C3D CLA FA . 6.43 32.51 -28.41
C4D CLA FA . 7.01 31.36 -28.92
MG CLA GA . 20.56 46.03 -11.94
CHA CLA GA . 22.05 43.02 -11.19
CHB CLA GA . 23.51 47.31 -12.97
CHC CLA GA . 18.92 49.14 -12.72
CHD CLA GA . 17.39 44.63 -10.85
NA CLA GA . 22.41 45.35 -12.08
C1A CLA GA . 22.80 44.18 -11.75
C2A CLA GA . 24.26 43.95 -11.95
C3A CLA GA . 24.74 45.27 -12.50
C4A CLA GA . 23.47 46.05 -12.53
NB CLA GA . 21.14 47.86 -12.70
C1B CLA GA . 22.37 48.23 -13.07
C2B CLA GA . 22.46 49.53 -13.54
C3B CLA GA . 21.17 50.00 -13.45
C4B CLA GA . 20.40 48.96 -12.94
NC CLA GA . 18.62 46.72 -11.82
C1C CLA GA . 18.18 47.96 -12.16
C2C CLA GA . 16.82 48.05 -11.95
C3C CLA GA . 16.41 46.84 -11.44
C4C CLA GA . 17.53 46.04 -11.37
ND CLA GA . 19.87 44.24 -11.20
C1D CLA GA . 18.66 43.83 -10.82
C2D CLA GA . 18.71 42.52 -10.37
C3D CLA GA . 20.03 42.06 -10.47
C4D CLA GA . 20.69 43.16 -10.98
MG CLA HA . -2.70 39.81 -22.27
CHA CLA HA . -2.29 41.86 -19.65
CHB CLA HA . -3.06 37.16 -20.22
CHC CLA HA . -3.13 37.76 -25.14
CHD CLA HA . -2.30 42.78 -24.41
NA CLA HA . -2.68 39.53 -20.30
C1A CLA HA . -2.51 40.42 -19.39
C2A CLA HA . -2.59 39.91 -17.98
C3A CLA HA . -2.75 38.45 -18.18
C4A CLA HA . -2.84 38.35 -19.67
CMA CLA HA . -1.43 37.82 -17.76
CAA CLA HA . -3.85 40.44 -17.27
CBA CLA HA . -5.08 40.69 -18.17
CGA CLA HA . -6.24 39.73 -17.94
O1A CLA HA . -7.38 40.19 -17.85
O2A CLA HA . -6.04 38.28 -17.81
NB CLA HA . -3.03 37.83 -22.57
C1B CLA HA . -3.15 36.87 -21.64
C2B CLA HA . -3.38 35.60 -22.16
C3B CLA HA . -3.41 35.80 -23.53
C4B CLA HA . -3.18 37.18 -23.74
CMB CLA HA . -3.57 34.30 -21.39
CAB CLA HA . -4.66 35.47 -23.91
CBB CLA HA . -5.89 35.15 -24.08
NC CLA HA . -2.71 40.18 -24.30
C1C CLA HA . -2.89 39.25 -25.27
C2C CLA HA . -2.84 39.87 -26.53
C3C CLA HA . -2.62 41.21 -26.31
C4C CLA HA . -2.54 41.38 -24.93
CMC CLA HA . -3.01 39.18 -27.87
CAC CLA HA . -2.49 42.35 -27.31
CBC CLA HA . -3.54 43.41 -27.04
ND CLA HA . -2.37 41.82 -22.11
C1D CLA HA . -2.23 42.87 -22.94
C2D CLA HA . -2.03 44.05 -22.18
C3D CLA HA . -2.04 43.66 -20.86
C4D CLA HA . -2.24 42.35 -20.88
CMD CLA HA . -1.81 45.52 -22.46
CAD CLA HA . -1.92 44.22 -19.59
OBD CLA HA . -2.91 45.00 -19.34
CBD CLA HA . -2.05 42.98 -18.71
CGD CLA HA . -0.76 42.70 -18.00
O1D CLA HA . 0.20 42.28 -18.64
O2D CLA HA . -0.62 42.92 -16.56
CED CLA HA . -1.06 41.97 -15.58
C1 CLA HA . -7.03 37.33 -18.22
C2 CLA HA . -7.48 36.45 -17.05
C3 CLA HA . -8.28 35.35 -17.10
C4 CLA HA . -8.84 34.82 -18.39
C5 CLA HA . -8.63 34.58 -15.83
C6 CLA HA . -8.79 35.47 -14.58
C7 CLA HA . -10.20 35.48 -13.97
C8 CLA HA . -10.47 36.82 -13.26
C9 CLA HA . -11.69 37.54 -13.86
C10 CLA HA . -10.61 36.57 -11.76
MG CLA IA . -5.83 50.31 -25.61
CHA CLA IA . -3.44 51.64 -23.54
CHB CLA IA . -6.12 47.62 -23.60
CHC CLA IA . -8.32 48.97 -27.81
CHD CLA IA . -5.49 53.23 -27.74
NA CLA IA . -4.99 49.72 -23.93
C1A CLA IA . -4.10 50.35 -23.28
C2A CLA IA . -3.65 49.66 -22.03
C3A CLA IA . -4.47 48.39 -22.02
C4A CLA IA . -5.26 48.58 -23.28
NB CLA IA . -6.98 48.62 -25.65
C1B CLA IA . -6.99 47.62 -24.77
C2B CLA IA . -7.87 46.60 -25.06
C3B CLA IA . -8.45 47.02 -26.23
C4B CLA IA . -7.89 48.25 -26.57
NC CLA IA . -6.70 50.94 -27.36
C1C CLA IA . -7.65 50.29 -28.07
C2C CLA IA . -8.01 51.01 -29.21
C3C CLA IA . -7.25 52.15 -29.18
C4C CLA IA . -6.45 52.10 -28.04
ND CLA IA . -4.72 52.03 -25.63
C1D CLA IA . -4.69 53.06 -26.49
C2D CLA IA . -3.74 54.00 -26.05
C3D CLA IA . -3.16 53.55 -24.87
C4D CLA IA . -3.79 52.35 -24.65
MG CLA JA . -13.32 40.35 -13.08
CHA CLA JA . -10.95 41.46 -15.23
CHB CLA JA . -15.66 40.64 -15.46
CHC CLA JA . -15.70 39.20 -10.73
CHD CLA JA . -10.70 40.08 -10.54
NA CLA JA . -13.34 40.94 -15.01
C1A CLA JA . -12.34 41.34 -15.72
C2A CLA JA . -12.72 41.67 -17.15
C3A CLA JA . -14.20 41.44 -17.19
C4A CLA JA . -14.43 40.98 -15.80
CMA CLA JA . -14.98 42.71 -17.53
CAA CLA JA . -12.03 40.71 -18.14
CBA CLA JA . -12.81 39.44 -18.45
CGA CLA JA . -11.92 38.40 -19.06
O1A CLA JA . -11.21 38.69 -20.00
O2A CLA JA . -11.91 37.02 -18.50
NB CLA JA . -15.32 40.00 -13.13
C1B CLA JA . -16.15 40.16 -14.17
C2B CLA JA . -17.46 39.83 -13.95
C3B CLA JA . -17.39 39.48 -12.64
C4B CLA JA . -16.09 39.55 -12.13
CMB CLA JA . -18.64 39.91 -14.90
CAB CLA JA . -18.33 38.70 -12.09
CBB CLA JA . -19.31 38.16 -11.48
NC CLA JA . -13.24 39.78 -11.09
C1C CLA JA . -14.26 39.36 -10.35
C2C CLA JA . -13.84 39.05 -9.07
C3C CLA JA . -12.49 39.27 -9.01
C4C CLA JA . -12.15 39.74 -10.28
CMC CLA JA . -14.69 38.53 -7.94
CAC CLA JA . -11.57 39.12 -7.80
CBC CLA JA . -11.21 37.73 -7.33
ND CLA JA . -11.31 40.67 -12.92
C1D CLA JA . -10.40 40.55 -11.92
C2D CLA JA . -9.13 40.95 -12.41
C3D CLA JA . -9.33 41.31 -13.74
C4D CLA JA . -10.62 41.13 -13.98
CMD CLA JA . -7.76 41.03 -11.80
CAD CLA JA . -8.59 41.77 -14.83
OBD CLA JA . -8.03 42.92 -14.56
CBD CLA JA . -9.66 41.87 -15.88
CGD CLA JA . -9.79 43.17 -16.60
O1D CLA JA . -10.77 43.88 -16.38
O2D CLA JA . -8.80 43.60 -17.59
CED CLA JA . -8.16 44.87 -17.42
C1 CLA JA . -12.34 35.85 -19.22
C2 CLA JA . -13.76 35.46 -18.86
C3 CLA JA . -14.31 34.21 -18.82
C4 CLA JA . -13.54 32.96 -19.17
C5 CLA JA . -15.79 34.17 -18.39
C6 CLA JA . -16.23 33.17 -17.29
C7 CLA JA . -15.78 33.36 -15.82
C8 CLA JA . -15.69 32.02 -15.05
C9 CLA JA . -14.72 32.06 -13.90
C10 CLA JA . -17.04 31.57 -14.52
MG CLA KA . -0.16 37.54 -14.52
CHA CLA KA . 2.49 35.98 -15.87
CHB CLA KA . -2.22 35.25 -15.78
CHC CLA KA . -2.91 39.29 -13.05
CHD CLA KA . 2.16 40.03 -13.18
NA CLA KA . 0.06 35.90 -15.64
C1A CLA KA . 1.14 35.40 -16.09
C2A CLA KA . 0.96 34.13 -16.89
C3A CLA KA . -0.54 33.95 -16.86
C4A CLA KA . -0.94 35.11 -16.03
CMA CLA KA . -1.22 34.08 -18.22
CAA CLA KA . 1.69 32.98 -16.20
CBA CLA KA . 2.90 32.59 -17.06
CGA CLA KA . 3.76 31.50 -16.48
O1A CLA KA . 3.24 30.51 -16.00
O2A CLA KA . 5.22 31.58 -16.49
NB CLA KA . -2.18 37.27 -14.46
C1B CLA KA . -2.87 36.30 -15.02
C2B CLA KA . -4.21 36.36 -14.83
C3B CLA KA . -4.37 37.47 -14.04
C4B CLA KA . -3.10 38.03 -13.85
CMB CLA KA . -5.27 35.39 -15.33
CAB CLA KA . -5.28 38.31 -14.55
CBB CLA KA . -6.27 38.99 -14.92
NC CLA KA . -0.36 39.24 -13.38
C1C CLA KA . -1.51 39.78 -12.90
C2C CLA KA . -1.24 40.93 -12.18
C3C CLA KA . 0.13 41.12 -12.22
C4C CLA KA . 0.64 40.07 -12.97
CMC CLA KA . -2.24 41.81 -11.47
CAC CLA KA . 0.96 42.22 -11.59
CBC CLA KA . 2.10 41.58 -10.77
ND CLA KA . 1.83 37.93 -14.51
C1D CLA KA . 2.64 38.87 -13.99
C2D CLA KA . 3.99 38.59 -14.35
C3D CLA KA . 3.94 37.44 -15.09
C4D CLA KA . 2.66 37.09 -15.16
CMD CLA KA . 5.33 39.23 -14.11
CAD CLA KA . 4.81 36.59 -15.76
OBD CLA KA . 5.39 37.30 -16.69
CBD CLA KA . 3.83 35.60 -16.36
CGD CLA KA . 3.64 35.91 -17.84
O1D CLA KA . 4.19 35.25 -18.73
O2D CLA KA . 2.73 36.98 -18.25
CED CLA KA . 2.12 37.00 -19.52
C1 CLA KA . 6.00 31.45 -15.28
C2 CLA KA . 6.87 30.23 -15.26
C3 CLA KA . 7.96 30.08 -16.02
C4 CLA KA . 8.77 28.81 -15.95
C5 CLA KA . 8.38 31.16 -17.01
C6 CLA KA . 9.36 32.18 -16.43
C7 CLA KA . 8.67 33.51 -16.18
C8 CLA KA . 8.75 33.80 -14.68
C9 CLA KA . 9.24 35.23 -14.42
C10 CLA KA . 7.39 33.62 -14.02
MG CLA LA . -11.13 24.11 -18.33
CHA CLA LA . -8.79 21.92 -17.18
CHB CLA LA . -11.66 22.18 -21.04
CHC CLA LA . -13.54 26.41 -19.43
CHD CLA LA . -10.53 26.19 -15.34
NA CLA LA . -10.41 22.40 -18.99
C1A CLA LA . -9.52 21.70 -18.42
C2A CLA LA . -9.12 20.44 -19.15
C3A CLA LA . -10.01 20.52 -20.36
C4A CLA LA . -10.76 21.80 -20.13
NB CLA LA . -12.37 24.22 -19.97
C1B CLA LA . -12.49 23.39 -21.00
C2B CLA LA . -13.41 23.73 -21.95
C3B CLA LA . -13.91 24.92 -21.47
C4B CLA LA . -13.25 25.18 -20.25
NC CLA LA . -11.87 25.88 -17.56
C1C CLA LA . -12.81 26.63 -18.14
C2C CLA LA . -13.08 27.76 -17.36
C3C CLA LA . -12.26 27.70 -16.26
C4C CLA LA . -11.53 26.53 -16.40
ND CLA LA . -9.96 24.07 -16.69
C1D CLA LA . -9.82 24.90 -15.65
C2D CLA LA . -8.86 24.38 -14.79
C3D CLA LA . -8.38 23.20 -15.30
C4D CLA LA . -9.07 23.04 -16.45
MG CLA MA . 5.99 11.79 -17.77
CHA CLA MA . 9.19 11.94 -19.03
CHB CLA MA . 5.00 9.97 -20.41
CHC CLA MA . 2.72 11.64 -16.38
CHD CLA MA . 7.17 13.71 -14.92
NA CLA MA . 6.89 11.09 -19.42
C1A CLA MA . 8.12 11.22 -19.78
C2A CLA MA . 8.44 10.52 -21.04
C3A CLA MA . 7.12 9.97 -21.50
C4A CLA MA . 6.26 10.36 -20.36
CMA CLA MA . 6.56 10.71 -22.70
CAA CLA MA . 9.17 9.27 -20.52
CBA CLA MA . 8.47 8.46 -19.38
CGA CLA MA . 9.14 8.57 -18.00
O1A CLA MA . 9.89 9.52 -17.77
O2A CLA MA . 8.92 7.59 -16.91
NB CLA MA . 4.22 10.95 -18.32
C1B CLA MA . 3.97 10.25 -19.42
C2B CLA MA . 2.69 9.80 -19.54
C3B CLA MA . 2.07 10.28 -18.42
C4B CLA MA . 3.05 10.98 -17.68
CMB CLA MA . 2.13 9.00 -20.68
CAB CLA MA . 1.62 9.24 -17.71
CBB CLA MA . 1.15 8.29 -17.03
NC CLA MA . 5.13 12.50 -16.04
C1C CLA MA . 3.83 12.35 -15.66
C2C CLA MA . 3.61 12.97 -14.43
C3C CLA MA . 4.80 13.52 -14.05
C4C CLA MA . 5.73 13.23 -15.05
CMC CLA MA . 2.35 13.04 -13.61
CAC CLA MA . 5.02 14.27 -12.75
CBC CLA MA . 5.42 13.30 -11.65
ND CLA MA . 7.73 12.61 -17.12
C1D CLA MA . 8.09 13.32 -16.03
C2D CLA MA . 9.47 13.63 -16.14
C3D CLA MA . 9.91 13.08 -17.33
C4D CLA MA . 8.86 12.49 -17.86
CMD CLA MA . 10.49 14.36 -15.30
CAD CLA MA . 11.09 12.95 -18.07
OBD CLA MA . 11.79 11.99 -17.59
CBD CLA MA . 10.65 12.22 -19.28
CGD CLA MA . 11.05 13.31 -20.24
O1D CLA MA . 10.37 14.26 -20.54
O2D CLA MA . 12.31 13.34 -20.89
CED CLA MA . 12.21 13.39 -22.30
C1 CLA MA . 9.95 6.74 -16.34
C2 CLA MA . 11.10 7.39 -15.55
C3 CLA MA . 11.89 6.72 -14.66
C4 CLA MA . 12.99 7.47 -13.94
C5 CLA MA . 11.71 5.23 -14.34
C6 CLA MA . 13.03 4.57 -13.93
C7 CLA MA . 13.19 4.19 -12.44
C8 CLA MA . 14.64 4.41 -11.91
C9 CLA MA . 14.85 5.79 -11.25
C10 CLA MA . 15.12 3.31 -10.96
MG CLA NA . 6.42 20.18 -22.14
CHA CLA NA . 6.94 20.53 -25.53
CHB CLA NA . 8.85 17.89 -21.94
CHC CLA NA . 5.82 19.88 -18.60
CHD CLA NA . 3.80 22.66 -22.36
NA CLA NA . 7.67 19.35 -23.43
C1A CLA NA . 7.73 19.60 -24.68
C2A CLA NA . 8.78 18.81 -25.42
C3A CLA NA . 9.39 17.98 -24.32
C4A CLA NA . 8.59 18.43 -23.13
NB CLA NA . 7.21 19.07 -20.61
C1B CLA NA . 8.19 18.18 -20.67
C2B CLA NA . 8.52 17.59 -19.47
C3B CLA NA . 7.65 18.17 -18.57
C4B CLA NA . 6.87 19.07 -19.30
NC CLA NA . 5.13 21.05 -20.80
C1C CLA NA . 5.05 20.81 -19.49
C2C CLA NA . 4.07 21.58 -18.92
C3C CLA NA . 3.52 22.33 -19.92
C4C CLA NA . 4.19 21.99 -21.08
ND CLA NA . 5.56 21.34 -23.60
C1D CLA NA . 4.57 22.25 -23.57
C2D CLA NA . 4.35 22.77 -24.85
C3D CLA NA . 5.23 22.16 -25.73
C4D CLA NA . 5.96 21.30 -24.93
MG CLA OA . 3.04 23.69 -3.20
CHA CLA OA . 3.15 23.66 0.22
CHB CLA OA . 5.82 25.47 -3.34
CHC CLA OA . 2.82 23.58 -6.79
CHD CLA OA . 0.02 21.69 -2.95
NA CLA OA . 4.28 24.46 -1.83
C1A CLA OA . 4.20 24.37 -0.55
C2A CLA OA . 5.31 25.04 0.18
C3A CLA OA . 6.12 25.65 -0.91
C4A CLA OA . 5.38 25.17 -2.12
CMA CLA OA . 5.96 27.14 -0.76
CAA CLA OA . 6.16 23.95 0.86
CBA CLA OA . 6.29 22.64 0.06
CGA CLA OA . 7.41 21.80 0.65
O1A CLA OA . 8.47 21.69 0.11
O2A CLA OA . 7.21 21.13 1.90
NB CLA OA . 4.13 24.40 -4.75
C1B CLA OA . 5.24 25.10 -4.65
C2B CLA OA . 5.78 25.46 -5.86
C3B CLA OA . 4.93 24.94 -6.79
C4B CLA OA . 3.92 24.29 -6.07
CMB CLA OA . 7.00 26.28 -6.11
CAB CLA OA . 4.47 26.03 -7.44
CBB CLA OA . 4.16 27.23 -7.80
NC CLA OA . 1.74 22.84 -4.57
C1C CLA OA . 1.81 22.90 -5.92
C2C CLA OA . 0.75 22.21 -6.49
C3C CLA OA . 0.01 21.71 -5.46
C4C CLA OA . 0.63 22.10 -4.28
CMC CLA OA . 0.45 22.01 -7.96
CAC CLA OA . -1.23 20.84 -5.57
CBC CLA OA . -0.80 19.39 -5.53
ND CLA OA . 1.87 22.87 -1.74
C1D CLA OA . 0.75 22.15 -1.73
C2D CLA OA . 0.38 21.88 -0.40
C3D CLA OA . 1.33 22.48 0.40
C4D CLA OA . 2.18 23.04 -0.43
CMD CLA OA . -0.75 21.11 0.26
CAD CLA OA . 1.65 22.63 1.75
OBD CLA OA . 0.66 23.06 2.42
CBD CLA OA . 2.88 23.51 1.71
CGD CLA OA . 2.61 24.88 2.33
O1D CLA OA . 2.35 25.90 1.67
O2D CLA OA . 2.65 25.06 3.78
CED CLA OA . 1.48 25.35 4.56
C1 CLA OA . 8.01 20.00 2.22
C2 CLA OA . 7.23 18.74 1.93
C3 CLA OA . 7.74 17.72 1.22
C4 CLA OA . 9.13 17.74 0.65
C5 CLA OA . 6.86 16.52 1.02
C6 CLA OA . 6.45 16.44 -0.45
C7 CLA OA . 6.77 15.03 -0.96
C8 CLA OA . 8.08 15.01 -1.73
C9 CLA OA . 8.90 13.80 -1.28
C10 CLA OA . 7.83 15.06 -3.25
MG CLA PA . -23.31 34.86 -8.49
CHA CLA PA . -23.87 38.08 -7.64
CHB CLA PA . -26.61 34.18 -8.20
CHC CLA PA . -22.61 31.51 -9.39
CHD CLA PA . -19.73 35.71 -8.77
NA CLA PA . -24.96 35.90 -8.01
C1A CLA PA . -25.01 37.15 -7.71
C2A CLA PA . -26.38 37.69 -7.45
C3A CLA PA . -27.22 36.46 -7.56
C4A CLA PA . -26.22 35.42 -7.96
CMA CLA PA . -27.72 36.16 -6.16
CAA CLA PA . -26.57 38.64 -8.66
CBA CLA PA . -27.86 39.44 -8.84
CGA CLA PA . -28.54 38.85 -10.05
O1A CLA PA . -28.14 37.77 -10.46
O2A CLA PA . -29.62 39.51 -10.80
NB CLA PA . -24.45 33.19 -8.74
C1B CLA PA . -25.76 33.05 -8.58
C2B CLA PA . -26.24 31.79 -8.82
C3B CLA PA . -25.11 31.08 -9.17
C4B CLA PA . -24.02 31.96 -9.09
CMB CLA PA . -27.67 31.29 -8.75
CAB CLA PA . -25.31 30.89 -10.50
CBB CLA PA . -25.51 30.98 -11.77
NC CLA PA . -21.57 33.83 -8.98
C1C CLA PA . -21.50 32.52 -9.30
C2C CLA PA . -20.18 32.16 -9.56
C3C CLA PA . -19.41 33.29 -9.40
C4C CLA PA . -20.28 34.32 -9.03
CMC CLA PA . -19.65 30.80 -9.96
CAC CLA PA . -17.89 33.34 -9.57
CBC CLA PA . -17.41 34.22 -10.71
ND CLA PA . -22.09 36.47 -8.26
C1D CLA PA . -20.76 36.74 -8.39
C2D CLA PA . -20.54 38.11 -8.10
C3D CLA PA . -21.77 38.64 -7.80
C4D CLA PA . -22.65 37.66 -7.91
CMD CLA PA . -19.36 39.04 -8.04
CAD CLA PA . -22.32 39.86 -7.43
OBD CLA PA . -21.85 40.08 -6.26
CBD CLA PA . -23.80 39.53 -7.29
CGD CLA PA . -24.30 39.81 -5.89
O1D CLA PA . -24.94 39.02 -5.23
O2D CLA PA . -24.00 41.09 -5.26
CED CLA PA . -24.97 42.12 -5.11
C1 CLA PA . -29.23 39.91 -12.12
C2 CLA PA . -30.32 40.13 -13.14
C3 CLA PA . -30.29 41.19 -13.99
C4 CLA PA . -31.41 41.37 -15.00
C5 CLA PA . -29.17 42.24 -13.93
C6 CLA PA . -27.99 42.04 -14.88
C7 CLA PA . -27.57 40.59 -15.23
C8 CLA PA . -27.51 40.40 -16.74
C9 CLA PA . -26.76 39.13 -17.11
C10 CLA PA . -28.92 40.35 -17.35
MG CLA QA . -33.54 14.57 -16.62
CHA CLA QA . -32.54 15.72 -13.60
CHB CLA QA . -34.11 11.48 -15.36
CHC CLA QA . -34.56 13.46 -19.82
CHD CLA QA . -32.90 17.95 -17.97
NA CLA QA . -33.37 13.72 -14.82
C1A CLA QA . -32.96 14.31 -13.73
C2A CLA QA . -32.98 13.41 -12.55
C3A CLA QA . -33.42 12.10 -13.13
C4A CLA QA . -33.65 12.43 -14.56
CMA CLA QA . -32.32 11.04 -13.02
CAA CLA QA . -34.11 13.91 -11.67
CBA CLA QA . -33.72 14.05 -10.21
CGA CLA QA . -33.40 12.68 -9.68
O1A CLA QA . -34.02 11.69 -10.09
O2A CLA QA . -32.35 12.52 -8.69
NB CLA QA . -34.21 12.79 -17.39
C1B CLA QA . -34.38 11.63 -16.78
C2B CLA QA . -34.85 10.61 -17.61
C3B CLA QA . -34.96 11.20 -18.84
C4B CLA QA . -34.58 12.52 -18.66
CMB CLA QA . -35.18 9.17 -17.24
CAB CLA QA . -36.22 11.07 -19.30
NC CLA QA . -33.68 15.48 -18.46
C1C CLA QA . -34.12 14.86 -19.58
C2C CLA QA . -34.11 15.72 -20.65
C3C CLA QA . -33.66 16.95 -20.18
C4C CLA QA . -33.40 16.78 -18.81
CMC CLA QA . -34.53 15.31 -22.04
CAC CLA QA . -33.47 18.23 -20.96
CBC CLA QA . -32.75 17.99 -22.27
ND CLA QA . -32.89 16.39 -15.96
C1D CLA QA . -32.68 17.62 -16.52
C2D CLA QA . -32.20 18.51 -15.51
C3D CLA QA . -32.15 17.77 -14.34
C4D CLA QA . -32.55 16.54 -14.65
CMD CLA QA . -31.77 19.94 -15.43
CAD CLA QA . -31.78 17.94 -12.99
OBD CLA QA . -32.39 18.85 -12.30
CBD CLA QA . -32.08 16.58 -12.45
CGD CLA QA . -30.87 16.21 -11.67
O1D CLA QA . -29.93 15.60 -12.11
O2D CLA QA . -30.87 16.68 -10.30
CED CLA QA . -32.03 17.29 -9.72
MG CLA RA . -33.02 4.86 -18.19
CHA CLA RA . -32.56 1.78 -16.79
CHB CLA RA . -35.73 3.71 -19.83
CHC CLA RA . -33.44 8.07 -19.61
CHD CLA RA . -30.10 6.05 -16.37
NA CLA RA . -33.98 3.13 -18.33
C1A CLA RA . -33.67 2.06 -17.71
C2A CLA RA . -34.58 0.90 -18.01
C3A CLA RA . -35.58 1.49 -18.98
C4A CLA RA . -35.08 2.87 -19.07
NB CLA RA . -34.35 5.69 -19.48
C1B CLA RA . -35.40 5.12 -20.06
C2B CLA RA . -36.13 5.93 -20.89
C3B CLA RA . -35.46 7.10 -20.80
C4B CLA RA . -34.38 6.93 -19.93
NC CLA RA . -32.02 6.65 -18.03
C1C CLA RA . -32.32 7.79 -18.66
C2C CLA RA . -31.43 8.81 -18.33
C3C CLA RA . -30.53 8.26 -17.46
C4C CLA RA . -30.91 6.93 -17.29
ND CLA RA . -31.66 4.10 -16.90
C1D CLA RA . -30.61 4.65 -16.28
C2D CLA RA . -29.99 3.70 -15.47
C3D CLA RA . -30.69 2.48 -15.59
C4D CLA RA . -31.70 2.79 -16.48
MG CLA SA . -13.80 29.47 -35.49
CHA CLA SA . -14.78 27.96 -32.57
CHB CLA SA . -10.55 29.19 -34.59
CHC CLA SA . -12.87 31.06 -38.52
CHD CLA SA . -17.32 29.76 -36.40
NA CLA SA . -12.82 28.73 -33.92
C1A CLA SA . -13.35 28.18 -32.89
C2A CLA SA . -12.38 27.72 -31.85
C3A CLA SA . -11.04 28.08 -32.47
C4A CLA SA . -11.48 28.71 -33.76
NB CLA SA . -12.03 30.01 -36.36
C1B CLA SA . -10.79 29.84 -35.89
C2B CLA SA . -9.76 30.30 -36.71
C3B CLA SA . -10.48 30.79 -37.78
C4B CLA SA . -11.84 30.61 -37.53
NC CLA SA . -14.84 30.24 -37.10
C1C CLA SA . -14.31 30.82 -38.19
C2C CLA SA . -15.33 31.20 -39.05
C3C CLA SA . -16.53 30.86 -38.49
C4C CLA SA . -16.20 30.26 -37.28
ND CLA SA . -15.62 28.98 -34.67
C1D CLA SA . -16.87 29.13 -35.11
C2D CLA SA . -17.75 28.63 -34.16
C3D CLA SA . -17.04 28.13 -33.10
C4D CLA SA . -15.74 28.36 -33.45
MG CLA TA . -12.35 36.59 -42.50
CHA CLA TA . -9.51 38.22 -43.64
CHB CLA TA . -10.48 34.90 -40.21
CHC CLA TA . -15.30 34.95 -41.35
CHD CLA TA . -14.31 38.42 -44.94
NA CLA TA . -10.41 36.53 -41.99
C1A CLA TA . -9.48 37.22 -42.53
C2A CLA TA . -8.13 36.97 -41.93
C3A CLA TA . -8.39 35.94 -40.87
C4A CLA TA . -9.87 35.77 -41.03
NB CLA TA . -12.77 35.21 -41.05
C1B CLA TA . -11.92 34.61 -40.20
C2B CLA TA . -12.49 33.70 -39.34
C3B CLA TA . -13.82 33.76 -39.70
C4B CLA TA . -13.96 34.68 -40.73
NC CLA TA . -14.32 36.66 -43.02
C1C CLA TA . -15.32 35.95 -42.46
C2C CLA TA . -16.54 36.26 -43.06
C3C CLA TA . -16.27 37.19 -44.03
C4C CLA TA . -14.90 37.42 -43.99
ND CLA TA . -12.01 37.99 -43.96
C1D CLA TA . -12.83 38.61 -44.82
C2D CLA TA . -12.10 39.50 -45.63
C3D CLA TA . -10.75 39.45 -45.27
C4D CLA TA . -10.74 38.52 -44.24
MG CLA UA . -12.40 18.47 -27.22
CHA CLA UA . -13.64 19.76 -30.08
CHB CLA UA . -14.34 20.48 -25.36
CHC CLA UA . -10.97 17.02 -24.31
CHD CLA UA . -10.24 16.28 -29.30
NA CLA UA . -13.76 19.88 -27.62
C1A CLA UA . -14.16 20.29 -28.78
C2A CLA UA . -15.21 21.38 -28.73
C3A CLA UA . -15.39 21.60 -27.27
C4A CLA UA . -14.43 20.60 -26.69
CMA CLA UA . -15.00 23.03 -26.94
CAA CLA UA . -16.54 20.96 -29.41
CBA CLA UA . -17.86 21.29 -28.69
CGA CLA UA . -18.64 22.39 -29.40
O1A CLA UA . -19.80 22.28 -29.67
O2A CLA UA . -18.06 23.65 -29.79
NB CLA UA . -12.65 18.74 -25.22
C1B CLA UA . -13.48 19.58 -24.60
C2B CLA UA . -13.40 19.50 -23.23
C3B CLA UA . -12.44 18.55 -22.97
C4B CLA UA . -12.03 18.09 -24.22
CMB CLA UA . -14.18 20.29 -22.21
CAB CLA UA . -11.35 19.24 -22.63
CBB CLA UA . -10.24 19.85 -22.51
NC CLA UA . -10.97 17.02 -26.88
C1C CLA UA . -10.55 16.60 -25.67
C2C CLA UA . -9.59 15.61 -25.80
C3C CLA UA . -9.39 15.42 -27.14
C4C CLA UA . -10.25 16.30 -27.78
CMC CLA UA . -8.85 14.88 -24.69
CAC CLA UA . -8.41 14.43 -27.75
CBC CLA UA . -9.10 13.19 -28.23
ND CLA UA . -12.02 18.08 -29.19
C1D CLA UA . -11.20 17.26 -29.89
C2D CLA UA . -11.39 17.46 -31.27
C3D CLA UA . -12.34 18.45 -31.36
C4D CLA UA . -12.70 18.79 -30.13
CMD CLA UA . -10.83 16.85 -32.53
CAD CLA UA . -13.04 19.15 -32.35
OBD CLA UA . -12.18 19.75 -33.10
CBD CLA UA . -13.87 20.11 -31.52
CGD CLA UA . -13.09 21.44 -31.58
O1D CLA UA . -11.96 21.53 -31.11
O2D CLA UA . -13.60 22.66 -32.18
CED CLA UA . -12.80 23.32 -33.15
MG CLA VA . -24.70 20.01 -23.43
CHA CLA VA . -23.17 19.58 -26.42
CHB CLA VA . -21.79 20.67 -21.90
CHC CLA VA . -26.50 20.49 -20.38
CHD CLA VA . -27.88 19.35 -25.12
NA CLA VA . -22.79 20.11 -24.02
C1A CLA VA . -22.33 19.92 -25.23
C2A CLA VA . -20.84 20.10 -25.32
C3A CLA VA . -20.43 20.43 -23.90
C4A CLA VA . -21.75 20.41 -23.20
CMA CLA VA . -19.38 19.54 -23.25
CAA CLA VA . -20.60 21.36 -26.17
CBA CLA VA . -21.23 22.65 -25.63
CGA CLA VA . -22.63 22.93 -26.16
O1A CLA VA . -22.99 22.48 -27.23
O2A CLA VA . -23.57 23.76 -25.41
NB CLA VA . -24.19 20.50 -21.51
C1B CLA VA . -22.97 20.73 -21.02
C2B CLA VA . -22.95 21.02 -19.67
C3B CLA VA . -24.29 20.96 -19.32
C4B CLA VA . -25.02 20.63 -20.46
CMB CLA VA . -21.75 21.34 -18.79
CAB CLA VA . -24.56 19.85 -18.60
CBB CLA VA . -24.91 18.68 -18.24
NC CLA VA . -26.68 19.94 -22.88
C1C CLA VA . -27.21 20.15 -21.65
C2C CLA VA . -28.59 20.00 -21.67
C3C CLA VA . -28.91 19.70 -22.96
C4C CLA VA . -27.74 19.67 -23.67
CMC CLA VA . -29.58 20.16 -20.53
CAC CLA VA . -30.27 19.47 -23.55
CBC CLA VA . -30.80 20.81 -24.06
ND CLA VA . -25.36 19.58 -25.28
C1D CLA VA . -26.57 19.34 -25.84
C2D CLA VA . -26.44 19.08 -27.22
C3D CLA VA . -25.09 19.16 -27.46
C4D CLA VA . -24.49 19.46 -26.31
CMD CLA VA . -27.38 18.76 -28.35
CAD CLA VA . -24.25 19.05 -28.56
OBD CLA VA . -24.42 17.91 -29.15
CBD CLA VA . -22.92 19.37 -27.88
CGD CLA VA . -21.61 18.83 -28.33
O1D CLA VA . -20.68 19.57 -28.11
O2D CLA VA . -21.37 17.57 -29.03
CED CLA VA . -20.17 16.78 -28.81
C1 CLA VA . -24.82 23.22 -24.95
C2 CLA VA . -25.98 24.16 -25.18
C3 CLA VA . -26.71 24.77 -24.21
C4 CLA VA . -27.85 25.66 -24.63
C5 CLA VA . -26.43 24.56 -22.71
C6 CLA VA . -25.96 25.84 -22.01
C7 CLA VA . -26.95 26.35 -20.95
C8 CLA VA . -26.90 27.89 -20.71
C9 CLA VA . -28.30 28.51 -20.83
C10 CLA VA . -26.23 28.29 -19.38
MG CLA WA . -21.50 25.60 -16.51
CHA CLA WA . -19.29 24.70 -18.88
CHB CLA WA . -19.01 26.20 -14.32
CHC CLA WA . -23.92 26.51 -14.07
CHD CLA WA . -24.16 24.92 -18.91
NA CLA WA . -19.51 25.49 -16.57
C1A CLA WA . -18.78 25.13 -17.57
C2A CLA WA . -17.28 25.11 -17.27
C3A CLA WA . -17.24 25.57 -15.82
C4A CLA WA . -18.69 25.78 -15.54
CMA CLA WA . -16.77 24.41 -14.92
CAA CLA WA . -16.24 25.83 -18.11
CBA CLA WA . -16.65 26.25 -19.52
CGA CLA WA . -16.06 27.61 -19.80
O1A CLA WA . -15.42 28.21 -18.94
O2A CLA WA . -16.26 28.22 -21.12
NB CLA WA . -21.42 26.22 -14.57
C1B CLA WA . -20.35 26.42 -13.81
C2B CLA WA . -20.60 26.87 -12.54
C3B CLA WA . -21.99 26.95 -12.51
C4B CLA WA . -22.45 26.54 -13.76
CMB CLA WA . -19.57 27.17 -11.47
CAB CLA WA . -22.32 28.24 -12.51
CBB CLA WA . -22.62 29.45 -12.70
NC CLA WA . -23.56 25.69 -16.48
C1C CLA WA . -24.33 26.06 -15.45
C2C CLA WA . -25.68 26.01 -15.79
C3C CLA WA . -25.75 25.58 -17.10
C4C CLA WA . -24.41 25.39 -17.50
CMC CLA WA . -26.83 26.33 -14.89
CAC CLA WA . -26.97 25.31 -18.00
CBC CLA WA . -28.37 25.78 -17.61
ND CLA WA . -21.70 24.96 -18.44
C1D CLA WA . -22.72 24.73 -19.28
C2D CLA WA . -22.21 24.27 -20.54
C3D CLA WA . -20.84 24.25 -20.38
C4D CLA WA . -20.60 24.67 -19.15
CMD CLA WA . -22.78 23.87 -21.88
CAD CLA WA . -19.68 23.97 -21.13
OBD CLA WA . -19.59 22.78 -21.63
CBD CLA WA . -18.60 24.23 -20.10
CGD CLA WA . -17.94 22.97 -19.66
O1D CLA WA . -18.57 22.16 -18.98
O2D CLA WA . -16.55 22.68 -19.99
CED CLA WA . -16.06 21.35 -19.78
C1 CLA WA . -16.81 29.54 -21.24
C2 CLA WA . -15.76 30.47 -21.82
C3 CLA WA . -15.80 30.98 -23.06
C4 CLA WA . -14.64 31.86 -23.43
C5 CLA WA . -16.96 30.65 -24.02
C6 CLA WA . -17.22 31.54 -25.27
C7 CLA WA . -16.82 30.85 -26.58
C8 CLA WA . -15.59 31.50 -27.26
C9 CLA WA . -14.28 30.65 -27.17
C10 CLA WA . -15.90 31.91 -28.70
MG CLA XA . 6.73 5.32 0.70
CHA CLA XA . 6.44 8.67 1.08
CHB CLA XA . 7.43 5.62 -2.54
CHC CLA XA . 7.00 1.71 0.51
CHD CLA XA . 5.95 5.00 4.27
NA CLA XA . 6.92 6.87 -0.54
C1A CLA XA . 6.77 8.11 -0.26
C2A CLA XA . 6.99 9.03 -1.42
C3A CLA XA . 7.26 8.10 -2.55
C4A CLA XA . 7.20 6.75 -1.85
CMA CLA XA . 6.19 8.31 -3.62
CAA CLA XA . 8.27 9.82 -1.13
CBA CLA XA . 9.52 9.03 -1.47
CGA CLA XA . 10.30 8.53 -0.27
O1A CLA XA . 10.90 9.37 0.35
O2A CLA XA . 10.43 7.12 0.16
NB CLA XA . 7.13 3.95 -0.78
C1B CLA XA . 7.41 4.20 -2.07
C2B CLA XA . 7.63 3.05 -2.84
C3B CLA XA . 7.53 2.06 -1.91
C4B CLA XA . 7.20 2.60 -0.68
CMB CLA XA . 7.98 2.85 -4.30
CAB CLA XA . 7.01 0.86 -2.25
CBB CLA XA . 6.74 -0.39 -2.43
NC CLA XA . 6.52 3.73 2.05
C1C CLA XA . 6.68 2.41 1.78
C2C CLA XA . 6.47 1.65 2.92
C3C CLA XA . 6.18 2.52 3.95
C4C CLA XA . 6.22 3.80 3.39
CMC CLA XA . 6.55 0.13 3.05
CAC CLA XA . 5.89 2.15 5.39
CBC CLA XA . 4.82 1.08 5.47
ND CLA XA . 6.31 6.52 2.28
C1D CLA XA . 6.03 6.32 3.59
C2D CLA XA . 5.81 7.56 4.20
C3D CLA XA . 5.97 8.50 3.22
C4D CLA XA . 6.26 7.85 2.11
CMD CLA XA . 5.47 8.01 5.58
CAD CLA XA . 5.92 9.89 3.08
OBD CLA XA . 4.66 10.18 3.25
CBD CLA XA . 6.23 10.07 1.62
CGD CLA XA . 5.07 10.82 1.02
O1D CLA XA . 3.94 10.33 1.03
O2D CLA XA . 5.29 12.17 0.47
CED CLA XA . 4.21 13.06 0.19
C1 CLA XA . 9.72 6.51 1.24
C2 CLA XA . 10.67 5.58 2.01
C3 CLA XA . 10.25 4.67 2.93
C4 CLA XA . 8.83 4.54 3.28
C5 CLA XA . 11.22 3.76 3.69
C6 CLA XA . 11.23 2.29 3.29
C7 CLA XA . 12.61 1.91 2.75
C8 CLA XA . 12.69 1.41 1.27
C9 CLA XA . 12.40 -0.11 1.11
C10 CLA XA . 11.91 2.26 0.23
MG CLA YA . 2.48 50.80 -35.68
CHA CLA YA . -0.54 51.83 -34.41
CHB CLA YA . 2.62 48.28 -33.47
CHC CLA YA . 5.64 49.78 -37.09
CHD CLA YA . 2.30 53.55 -38.10
NA CLA YA . 1.31 50.14 -34.23
C1A CLA YA . 0.20 50.66 -33.87
C2A CLA YA . -0.48 49.95 -32.73
C3A CLA YA . 0.48 48.83 -32.42
C4A CLA YA . 1.56 49.08 -33.43
NB CLA YA . 3.83 49.30 -35.32
C1B CLA YA . 3.75 48.35 -34.39
C2B CLA YA . 4.82 47.48 -34.37
C3B CLA YA . 5.63 47.93 -35.38
C4B CLA YA . 5.00 49.05 -35.95
NC CLA YA . 3.68 51.50 -37.22
C1C CLA YA . 4.87 50.97 -37.61
C2C CLA YA . 5.38 51.70 -38.66
C3C CLA YA . 4.48 52.70 -38.93
C4C CLA YA . 3.45 52.56 -38.04
ND CLA YA . 1.20 52.33 -36.15
C1D CLA YA . 1.24 53.29 -37.08
C2D CLA YA . 0.11 54.10 -36.98
C3D CLA YA . -0.69 53.62 -35.94
C4D CLA YA . 0.01 52.54 -35.47
MG CLA ZA . 9.29 53.18 -42.36
CHA CLA ZA . 12.25 51.46 -41.84
CHB CLA ZA . 10.94 56.11 -42.30
CHC CLA ZA . 6.19 54.88 -42.91
CHD CLA ZA . 7.55 49.99 -42.42
NA CLA ZA . 11.19 53.72 -42.12
C1A CLA ZA . 12.18 52.93 -41.93
C2A CLA ZA . 13.50 53.64 -41.79
C3A CLA ZA . 13.11 55.09 -41.94
C4A CLA ZA . 11.64 54.98 -42.14
NB CLA ZA . 8.73 55.14 -42.56
C1B CLA ZA . 9.49 56.22 -42.51
C2B CLA ZA . 8.84 57.42 -42.68
C3B CLA ZA . 7.53 57.03 -42.84
C4B CLA ZA . 7.49 55.63 -42.77
NC CLA ZA . 7.33 52.58 -42.61
C1C CLA ZA . 6.27 53.38 -42.80
C2C CLA ZA . 5.11 52.62 -42.92
C3C CLA ZA . 5.47 51.31 -42.79
C4C CLA ZA . 6.84 51.31 -42.59
ND CLA ZA . 9.77 51.19 -42.17
C1D CLA ZA . 9.03 50.09 -42.21
C2D CLA ZA . 9.84 48.97 -42.03
C3D CLA ZA . 11.16 49.37 -41.87
C4D CLA ZA . 11.08 50.74 -41.96
MG CLA AB . 10.84 57.13 -32.17
CHA CLA AB . 9.97 58.58 -29.15
CHB CLA AB . 7.78 57.77 -33.41
CHC CLA AB . 11.83 55.62 -35.29
CHD CLA AB . 14.12 56.48 -30.81
NA CLA AB . 9.20 57.98 -31.48
C1A CLA AB . 9.04 58.48 -30.31
C2A CLA AB . 7.67 59.06 -30.06
C3A CLA AB . 6.97 58.82 -31.37
C4A CLA AB . 8.04 58.14 -32.16
NB CLA AB . 9.94 56.78 -33.97
C1B CLA AB . 8.69 57.09 -34.34
C2B CLA AB . 8.34 56.72 -35.62
C3B CLA AB . 9.51 56.13 -36.10
C4B CLA AB . 10.45 56.18 -35.08
NC CLA AB . 12.56 56.26 -32.88
C1C CLA AB . 12.74 55.73 -34.11
C2C CLA AB . 14.02 55.23 -34.23
C3C CLA AB . 14.65 55.47 -33.04
C4C CLA AB . 13.73 56.10 -32.22
ND CLA AB . 11.82 57.46 -30.40
C1D CLA AB . 13.07 57.16 -30.01
C2D CLA AB . 13.26 57.59 -28.69
C3D CLA AB . 12.09 58.18 -28.23
C4D CLA AB . 11.25 58.08 -29.30
MG CLA BB . 22.60 39.15 -23.61
CHA CLA BB . 25.32 38.08 -21.82
CHB CLA BB . 20.64 36.88 -22.05
CHC CLA BB . 19.79 40.32 -25.50
CHD CLA BB . 24.73 41.59 -25.28
NA CLA BB . 22.87 37.75 -22.22
C1A CLA BB . 23.97 37.48 -21.65
C2A CLA BB . 23.88 36.38 -20.65
C3A CLA BB . 22.43 35.99 -20.70
C4A CLA BB . 21.93 36.93 -21.73
NB CLA BB . 20.60 38.66 -23.71
C1B CLA BB . 19.95 37.72 -23.03
C2B CLA BB . 18.62 37.62 -23.31
C3B CLA BB . 18.43 38.59 -24.26
C4B CLA BB . 19.66 39.20 -24.50
NC CLA BB . 22.32 40.62 -25.05
C1C CLA BB . 21.16 40.92 -25.68
C2C CLA BB . 21.36 41.95 -26.59
C3C CLA BB . 22.68 42.29 -26.53
C4C CLA BB . 23.26 41.46 -25.57
ND CLA BB . 24.56 39.70 -23.56
C1D CLA BB . 25.24 40.63 -24.24
C2D CLA BB . 26.58 40.61 -23.84
C3D CLA BB . 26.74 39.63 -22.87
C4D CLA BB . 25.47 39.10 -22.74
MG CLA CB . 30.51 26.76 -36.49
CHA CLA CB . 32.34 27.36 -39.35
CHB CLA CB . 32.41 24.09 -35.77
CHC CLA CB . 28.55 26.23 -33.55
CHD CLA CB . 28.44 29.66 -37.31
NA CLA CB . 32.06 25.88 -37.35
C1A CLA CB . 32.64 26.24 -38.42
C2A CLA CB . 33.80 25.36 -38.82
C3A CLA CB . 33.83 24.32 -37.72
C4A CLA CB . 32.69 24.79 -36.87
NB CLA CB . 30.52 25.40 -34.97
C1B CLA CB . 31.34 24.37 -34.79
C2B CLA CB . 31.11 23.62 -33.66
C3B CLA CB . 30.03 24.25 -33.08
C4B CLA CB . 29.69 25.33 -33.90
NC CLA CB . 28.90 27.72 -35.64
C1C CLA CB . 28.28 27.35 -34.50
C2C CLA CB . 27.24 28.21 -34.23
C3C CLA CB . 27.21 29.13 -35.24
C4C CLA CB . 28.24 28.81 -36.10
ND CLA CB . 30.41 28.18 -37.98
C1D CLA CB . 29.59 29.23 -38.17
C2D CLA CB . 29.94 29.89 -39.34
C3D CLA CB . 31.02 29.25 -39.91
C4D CLA CB . 31.29 28.20 -39.05
MG CLA DB . 20.22 28.82 -31.62
CHA CLA DB . 18.19 30.92 -29.83
CHB CLA DB . 20.73 31.22 -33.94
CHC CLA DB . 22.33 26.58 -33.43
CHD CLA DB . 19.65 26.26 -29.09
NA CLA DB . 19.62 30.69 -31.88
C1A CLA DB . 18.84 31.32 -31.10
C2A CLA DB . 18.56 32.72 -31.55
C3A CLA DB . 19.33 32.85 -32.83
C4A CLA DB . 19.94 31.49 -32.90
NB CLA DB . 21.30 28.93 -33.36
C1B CLA DB . 21.41 29.96 -34.19
C2B CLA DB . 22.22 29.74 -35.29
C3B CLA DB . 22.64 28.44 -35.09
C4B CLA DB . 22.06 27.97 -33.91
NC CLA DB . 20.85 26.88 -31.34
C1C CLA DB . 21.66 26.19 -32.15
C2C CLA DB . 21.86 24.90 -31.64
C3C CLA DB . 21.14 24.83 -30.47
C4C CLA DB . 20.52 26.05 -30.31
ND CLA DB . 19.17 28.63 -29.88
C1D CLA DB . 19.04 27.61 -29.01
C2D CLA DB . 18.20 28.00 -27.97
C3D CLA DB . 17.79 29.31 -28.17
C4D CLA DB . 18.41 29.66 -29.35
MG CLA EB . -25.34 45.69 -19.64
CHA CLA EB . -21.99 46.32 -19.41
CHB CLA EB . -25.71 46.23 -16.30
CHC CLA EB . -28.84 44.99 -19.95
CHD CLA EB . -24.92 45.11 -23.20
NA CLA EB . -24.14 46.18 -18.12
C1A CLA EB . -22.88 46.38 -18.22
C2A CLA EB . -22.22 46.74 -16.92
C3A CLA EB . -23.37 46.71 -15.94
C4A CLA EB . -24.50 46.35 -16.84
NB CLA EB . -26.94 45.62 -18.35
C1B CLA EB . -26.95 45.88 -17.03
C2B CLA EB . -28.19 45.76 -16.43
C3B CLA EB . -29.02 45.42 -17.48
C4B CLA EB . -28.23 45.35 -18.63
NC CLA EB . -26.57 45.18 -21.20
C1C CLA EB . -27.90 44.95 -21.12
C2C CLA EB . -28.40 44.63 -22.38
C3C CLA EB . -27.34 44.68 -23.25
C4C CLA EB . -26.23 45.01 -22.50
ND CLA EB . -23.82 45.71 -20.99
C1D CLA EB . -23.77 45.47 -22.31
C2D CLA EB . -22.47 45.62 -22.77
C3D CLA EB . -21.66 45.96 -21.72
C4D CLA EB . -22.52 46.01 -20.64
MG CLA FB . -12.54 48.21 -20.27
CHA CLA FB . -11.05 51.28 -20.07
CHB CLA FB . -15.54 49.59 -19.54
CHC CLA FB . -14.06 44.96 -20.50
CHD CLA FB . -9.31 46.75 -21.05
NA CLA FB . -13.21 50.04 -19.88
C1A CLA FB . -12.51 51.09 -19.84
C2A CLA FB . -13.28 52.34 -19.53
C3A CLA FB . -14.69 51.84 -19.36
C4A CLA FB . -14.49 50.39 -19.61
NB CLA FB . -14.44 47.47 -20.05
C1B CLA FB . -15.55 48.15 -19.76
C2B CLA FB . -16.69 47.39 -19.68
C3B CLA FB . -16.23 46.12 -19.96
C4B CLA FB . -14.86 46.20 -20.18
NC CLA FB . -11.85 46.31 -20.67
C1C CLA FB . -12.60 45.18 -20.72
C2C CLA FB . -11.79 44.09 -21.02
C3C CLA FB . -10.51 44.57 -21.16
C4C CLA FB . -10.57 45.94 -20.95
ND CLA FB . -10.63 48.85 -20.51
C1D CLA FB . -9.49 48.20 -20.80
C2D CLA FB . -8.43 49.10 -20.85
C3D CLA FB . -8.91 50.38 -20.58
C4D CLA FB . -10.26 50.18 -20.37
MG CLA GB . -6.15 -3.63 -13.25
CHA CLA GB . -5.44 -0.28 -13.40
CHB CLA GB . -6.97 -3.39 -9.96
CHC CLA GB . -6.88 -7.11 -13.24
CHD CLA GB . -5.31 -3.86 -16.80
NA CLA GB . -6.22 -2.14 -11.91
C1A CLA GB . -5.91 -0.87 -12.11
C2A CLA GB . -6.05 -0.03 -10.88
C3A CLA GB . -6.50 -1.05 -9.83
C4A CLA GB . -6.58 -2.30 -10.61
CMA CLA GB . -5.41 -1.37 -8.83
CAA CLA GB . -7.06 1.12 -11.03
CBA CLA GB . -6.59 2.33 -10.21
CGA CLA GB . -7.56 3.51 -10.22
O1A CLA GB . -7.73 4.12 -9.18
O2A CLA GB . -8.23 3.99 -11.42
NB CLA GB . -6.81 -4.94 -11.83
C1B CLA GB . -7.10 -4.74 -10.53
C2B CLA GB . -7.50 -5.89 -9.84
C3B CLA GB . -7.40 -6.83 -10.85
C4B CLA GB . -7.02 -6.25 -12.04
CMB CLA GB . -7.88 -6.10 -8.41
CAB CLA GB . -8.10 -7.98 -10.91
CBB CLA GB . -8.64 -9.13 -10.95
NC CLA GB . -6.11 -5.14 -14.67
C1C CLA GB . -6.43 -6.42 -14.48
C2C CLA GB . -6.29 -7.19 -15.63
C3C CLA GB . -5.87 -6.32 -16.59
C4C CLA GB . -5.77 -5.06 -15.99
CMC CLA GB . -6.58 -8.67 -15.79
CAC CLA GB . -5.59 -6.68 -18.03
CBC CLA GB . -4.66 -7.89 -18.14
ND CLA GB . -5.53 -2.41 -14.76
C1D CLA GB . -5.24 -2.58 -16.06
C2D CLA GB . -4.87 -1.34 -16.59
C3D CLA GB . -4.93 -0.40 -15.57
C4D CLA GB . -5.34 -1.07 -14.49
CMD CLA GB . -4.48 -0.90 -17.96
CAD CLA GB . -4.70 0.99 -15.34
OBD CLA GB . -3.43 1.23 -15.30
CBD CLA GB . -5.14 1.10 -13.90
CGD CLA GB . -4.57 2.28 -13.13
O1D CLA GB . -3.91 2.15 -12.11
O2D CLA GB . -4.87 3.64 -13.65
CED CLA GB . -6.16 4.08 -14.16
C1 CLA GB . -9.52 3.53 -11.85
C2 CLA GB . -10.39 4.67 -12.36
C3 CLA GB . -11.11 4.58 -13.50
C4 CLA GB . -11.96 5.73 -13.92
C5 CLA GB . -11.14 3.37 -14.42
C6 CLA GB . -12.13 3.51 -15.58
C7 CLA GB . -12.44 2.16 -16.23
C8 CLA GB . -13.72 2.01 -17.11
C9 CLA GB . -15.10 2.39 -16.52
C10 CLA GB . -13.50 2.75 -18.44
MG CLA HB . -1.43 -4.18 4.39
CHA CLA HB . -0.17 -4.81 7.52
CHB CLA HB . 1.58 -4.75 3.00
CHC CLA HB . -2.82 -3.46 1.22
CHD CLA HB . -4.67 -3.49 5.93
NA CLA HB . 0.41 -4.70 5.10
C1A CLA HB . 0.76 -4.93 6.36
C2A CLA HB . 2.20 -5.33 6.54
C3A CLA HB . 2.68 -5.29 5.11
C4A CLA HB . 1.49 -4.88 4.32
CMA CLA HB . 3.89 -4.34 4.96
CAA CLA HB . 2.39 -6.77 6.98
CBA CLA HB . 3.86 -7.21 7.31
CGA CLA HB . 4.72 -7.45 6.08
O1A CLA HB . 4.27 -8.05 5.12
O2A CLA HB . 6.09 -6.93 6.01
NB CLA HB . -0.72 -4.16 2.50
C1B CLA HB . 0.52 -4.40 2.06
C2B CLA HB . 0.66 -4.29 0.69
C3B CLA HB . -0.60 -3.88 0.32
C4B CLA HB . -1.42 -3.84 1.41
CMB CLA HB . 1.88 -4.51 -0.17
CAB CLA HB . -1.27 -4.06 -0.83
CBB CLA HB . -2.19 -4.04 -1.75
NC CLA HB . -3.28 -3.62 3.71
C1C CLA HB . -3.64 -3.38 2.44
C2C CLA HB . -4.95 -3.02 2.29
C3C CLA HB . -5.45 -3.02 3.56
C4C CLA HB . -4.41 -3.40 4.41
CMC CLA HB . -5.64 -2.67 1.00
CAC CLA HB . -6.89 -2.72 3.94
CBC CLA HB . -7.25 -1.26 3.83
ND CLA HB . -2.26 -4.14 6.26
C1D CLA HB . -3.49 -3.89 6.76
C2D CLA HB . -3.45 -4.05 8.17
C3D CLA HB . -2.15 -4.40 8.48
C4D CLA HB . -1.48 -4.45 7.34
CMD CLA HB . -4.42 -3.91 9.30
CAD CLA HB . -1.38 -4.76 9.61
OBD CLA HB . -1.24 -3.88 10.54
CBD CLA HB . -0.05 -5.10 8.99
CGD CLA HB . 1.05 -4.65 9.83
O1D CLA HB . 1.56 -3.59 9.56
O2D CLA HB . 1.46 -5.48 10.96
CED CLA HB . 2.85 -5.66 11.26
C1 CLA HB . 6.36 -5.88 5.11
MG CLA IB . 35.05 18.13 -15.23
CHA CLA IB . 34.35 20.17 -12.55
CHB CLA IB . 35.87 20.81 -17.10
CHC CLA IB . 35.75 15.95 -18.00
CHD CLA IB . 34.14 15.27 -13.21
NA CLA IB . 35.11 20.09 -14.94
C1A CLA IB . 34.82 20.70 -13.86
C2A CLA IB . 34.97 22.19 -13.92
C3A CLA IB . 35.45 22.42 -15.34
C4A CLA IB . 35.49 21.02 -15.85
NB CLA IB . 35.68 18.38 -17.16
C1B CLA IB . 35.98 19.51 -17.78
C2B CLA IB . 36.39 19.38 -19.09
C3B CLA IB . 36.33 18.01 -19.28
C4B CLA IB . 35.90 17.43 -18.10
NC CLA IB . 34.96 16.10 -15.53
C1C CLA IB . 35.28 15.42 -16.67
C2C CLA IB . 35.11 14.06 -16.50
C3C CLA IB . 34.67 13.89 -15.21
C4C CLA IB . 34.59 15.15 -14.63
ND CLA IB . 34.40 17.79 -13.32
C1D CLA IB . 34.09 16.67 -12.68
C2D CLA IB . 33.70 16.97 -11.37
C3D CLA IB . 33.76 18.34 -11.18
C4D CLA IB . 34.20 18.81 -12.41
C1 PQN JB . -0.39 3.09 8.51
O1 PQN JB . -1.01 2.27 7.77
C2 PQN JB . 0.97 2.74 9.03
C2M PQN JB . 1.58 1.42 8.61
C3 PQN JB . 1.71 3.70 9.91
C4 PQN JB . 1.04 5.01 10.25
O4 PQN JB . 1.53 5.90 10.97
C5 PQN JB . -0.31 5.33 9.75
C6 PQN JB . -0.92 6.53 10.07
C7 PQN JB . -2.20 6.84 9.59
C8 PQN JB . -2.88 5.98 8.78
C9 PQN JB . -2.29 4.75 8.44
C10 PQN JB . -1.03 4.39 8.89
C11 PQN JB . 3.10 3.33 10.39
C12 PQN JB . 4.13 3.63 9.29
C13 PQN JB . 5.36 4.16 9.51
C14 PQN JB . 5.83 4.55 10.90
C15 PQN JB . 6.30 4.42 8.31
C16 PQN JB . 7.67 3.74 8.41
C17 PQN JB . 8.82 4.68 8.06
C18 PQN JB . 10.11 4.07 7.50
C19 PQN JB . 9.93 2.96 6.47
C20 PQN JB . 11.01 3.54 8.59
C21 PQN JB . 11.34 2.05 8.45
C22 PQN JB . 12.84 1.81 8.40
C23 PQN JB . 13.46 2.53 7.18
C24 PQN JB . 13.78 3.99 7.50
C25 PQN JB . 14.65 1.80 6.52
C26 PQN JB . 14.95 0.38 7.01
C27 PQN JB . 14.62 -0.68 5.97
C28 PQN JB . 15.63 -0.99 4.82
C29 PQN JB . 15.47 -0.17 3.54
C30 PQN JB . 17.13 -1.03 5.22
C1 BCR KB . 5.75 6.97 -13.88
C2 BCR KB . 4.37 7.32 -14.51
C3 BCR KB . 4.29 8.66 -15.26
C4 BCR KB . 4.82 9.75 -14.35
C5 BCR KB . 6.23 9.37 -13.92
C6 BCR KB . 6.43 8.19 -13.28
C7 BCR KB . 7.27 8.02 -12.06
C8 BCR KB . 7.63 6.77 -11.69
C9 BCR KB . 8.40 6.36 -10.48
C10 BCR KB . 8.03 5.29 -9.88
C11 BCR KB . 7.90 4.21 -9.23
C33 BCR KB . 7.36 10.30 -14.32
C31 BCR KB . 6.74 6.48 -14.93
C32 BCR KB . 5.61 5.87 -12.84
C34 BCR KB . 9.55 7.21 -9.97
C12 BCR KB . 8.36 3.06 -8.68
C13 BCR KB . 7.57 1.81 -8.46
C14 BCR KB . 8.11 0.77 -7.75
C15 BCR KB . 7.43 -0.53 -7.48
C16 BCR KB . 7.17 -1.00 -6.25
C17 BCR KB . 6.48 -2.29 -6.00
C18 BCR KB . 6.94 -3.29 -5.20
C19 BCR KB . 8.21 -3.19 -4.46
C20 BCR KB . 9.20 -4.07 -4.66
C21 BCR KB . 10.43 -3.92 -3.88
C22 BCR KB . 11.09 -4.97 -3.33
C23 BCR KB . 12.33 -4.70 -2.53
C24 BCR KB . 12.79 -5.55 -1.60
C25 BCR KB . 14.01 -5.34 -0.74
C26 BCR KB . 14.13 -6.12 0.37
C27 BCR KB . 15.52 -6.50 0.97
C28 BCR KB . 16.69 -5.57 0.52
C29 BCR KB . 16.31 -4.23 -0.17
C30 BCR KB . 15.06 -4.26 -1.11
C35 BCR KB . 6.20 1.70 -9.06
C36 BCR KB . 6.16 -4.57 -5.00
C37 BCR KB . 10.56 -6.38 -3.49
C38 BCR KB . 12.89 -6.66 1.01
C39 BCR KB . 15.47 -4.47 -2.57
C40 BCR KB . 14.45 -2.86 -1.12
MG CLA LB . 12.83 -4.64 14.76
CHA CLA LB . 10.70 -7.18 15.47
CHB CLA LB . 15.30 -6.19 16.46
CHC CLA LB . 15.03 -1.94 13.95
CHD CLA LB . 10.12 -3.03 12.89
NA CLA LB . 13.00 -6.35 15.78
C1A CLA LB . 12.09 -7.24 15.96
C2A CLA LB . 12.57 -8.41 16.72
C3A CLA LB . 13.95 -8.06 17.12
C4A CLA LB . 14.11 -6.78 16.40
CMA CLA LB . 13.91 -7.81 18.63
CAA CLA LB . 12.77 -9.51 15.63
CBA CLA LB . 13.80 -9.29 14.49
CGA CLA LB . 13.28 -8.48 13.31
O1A CLA LB . 12.25 -8.83 12.73
O2A CLA LB . 14.00 -7.28 12.83
NB CLA LB . 14.77 -4.18 15.16
C1B CLA LB . 15.65 -4.89 15.86
C2B CLA LB . 16.89 -4.32 15.98
C3B CLA LB . 16.77 -3.20 15.21
C4B CLA LB . 15.46 -3.11 14.77
CMB CLA LB . 18.13 -4.84 16.67
CAB CLA LB . 17.35 -3.78 14.12
CBB CLA LB . 17.65 -4.79 13.27
NC CLA LB . 12.63 -2.89 13.69
C1C CLA LB . 13.60 -1.98 13.49
C2C CLA LB . 13.14 -0.93 12.72
C3C CLA LB . 11.82 -1.20 12.43
C4C CLA LB . 11.52 -2.43 13.03
CMC CLA LB . 13.95 0.27 12.28
CAC CLA LB . 10.90 -0.33 11.59
CBC CLA LB . 11.21 -0.53 10.12
ND CLA LB . 10.90 -5.00 14.28
C1D CLA LB . 9.94 -4.35 13.58
C2D CLA LB . 8.75 -5.12 13.61
C3D CLA LB . 9.04 -6.25 14.35
C4D CLA LB . 10.31 -6.14 14.74
CMD CLA LB . 7.36 -4.96 13.04
CAD CLA LB . 8.41 -7.40 14.80
OBD CLA LB . 7.95 -8.07 13.82
CBD CLA LB . 9.53 -8.11 15.54
CGD CLA LB . 9.13 -8.58 16.92
O1D CLA LB . 9.91 -8.65 17.85
O2D CLA LB . 7.73 -8.99 17.12
CED CLA LB . 6.72 -8.01 16.93
C1 CLA LB . 13.39 -6.22 12.08
C2 CLA LB . 14.02 -5.96 10.71
C3 CLA LB . 14.86 -4.94 10.29
C4 CLA LB . 15.28 -5.01 8.85
C5 CLA LB . 15.36 -3.83 11.20
C6 CLA LB . 15.80 -2.56 10.48
C7 CLA LB . 17.31 -2.32 10.30
C8 CLA LB . 18.30 -3.41 10.76
C9 CLA LB . 18.60 -4.44 9.68
C10 CLA LB . 19.64 -2.89 11.35
C11 CLA LB . 20.41 -1.91 10.47
MG CLA MB . -10.71 -6.58 -11.25
CHA CLA MB . -11.80 -9.06 -9.17
CHB CLA MB . -10.72 -4.31 -8.79
CHC CLA MB . -9.54 -4.13 -13.59
CHD CLA MB . -10.70 -9.05 -13.97
NA CLA MB . -11.18 -6.64 -9.30
C1A CLA MB . -11.58 -7.67 -8.61
C2A CLA MB . -11.82 -7.32 -7.14
C3A CLA MB . -11.47 -5.85 -7.09
C4A CLA MB . -11.10 -5.56 -8.51
CMA CLA MB . -12.58 -4.94 -6.58
CAA CLA MB . -10.90 -8.03 -6.13
CBA CLA MB . -9.73 -7.13 -5.64
CGA CLA MB . -9.38 -7.03 -4.16
O1A CLA MB . -10.20 -7.14 -3.26
O2A CLA MB . -7.98 -6.77 -3.77
NB CLA MB . -10.24 -4.58 -11.13
C1B CLA MB . -10.29 -3.78 -10.09
C2B CLA MB . -9.90 -2.48 -10.34
C3B CLA MB . -9.60 -2.54 -11.66
C4B CLA MB . -9.80 -3.80 -12.15
CMB CLA MB . -9.84 -1.32 -9.38
CAB CLA MB . -9.19 -1.55 -12.47
CBB CLA MB . -8.83 -0.77 -13.42
NC CLA MB . -10.23 -6.58 -13.26
C1C CLA MB . -9.81 -5.52 -13.99
C2C CLA MB . -9.59 -5.85 -15.29
C3C CLA MB . -9.90 -7.19 -15.41
C4C CLA MB . -10.29 -7.61 -14.15
CMC CLA MB . -9.11 -4.89 -16.34
CAC CLA MB . -9.82 -8.08 -16.64
CBC CLA MB . -11.13 -8.09 -17.39
ND CLA MB . -11.14 -8.56 -11.52
C1D CLA MB . -11.12 -9.41 -12.59
C2D CLA MB . -11.53 -10.70 -12.17
C3D CLA MB . -11.80 -10.57 -10.83
C4D CLA MB . -11.57 -9.31 -10.47
CMD CLA MB . -11.72 -12.03 -12.87
CAD CLA MB . -12.25 -11.36 -9.80
OBD CLA MB . -11.47 -12.36 -9.64
CBD CLA MB . -12.26 -10.39 -8.62
CGD CLA MB . -13.70 -10.44 -8.13
O1D CLA MB . -14.62 -10.61 -8.93
O2D CLA MB . -14.03 -10.33 -6.71
CED CLA MB . -14.39 -9.07 -6.12
C1 CLA MB . -7.25 -7.77 -3.05
C2 CLA MB . -6.45 -8.62 -4.01
MG CLA NB . -2.01 -6.99 -2.45
CHA CLA NB . -2.21 -6.52 -5.85
CHB CLA NB . 1.13 -8.10 -2.68
CHC CLA NB . -1.95 -7.41 1.12
CHD CLA NB . -5.41 -5.71 -2.24
NA CLA NB . -0.74 -7.26 -3.96
C1A CLA NB . -0.94 -7.04 -5.24
C2A CLA NB . 0.25 -7.43 -6.09
C3A CLA NB . 1.25 -7.89 -5.05
C4A CLA NB . 0.50 -7.73 -3.79
CMA CLA NB . 1.44 -9.40 -5.17
CAA CLA NB . 0.80 -6.49 -7.14
CBA CLA NB . 2.25 -6.90 -7.44
CGA CLA NB . 2.55 -7.58 -8.78
O1A CLA NB . 1.70 -7.70 -9.66
O2A CLA NB . 3.91 -8.09 -8.96
NB CLA NB . -0.64 -7.64 -1.08
C1B CLA NB . 0.59 -8.06 -1.32
C2B CLA NB . 1.30 -8.45 -0.21
C3B CLA NB . 0.39 -8.27 0.78
C4B CLA NB . -0.77 -7.74 0.26
CMB CLA NB . 2.70 -8.99 -0.08
CAB CLA NB . 0.89 -7.86 1.94
CBB CLA NB . 1.41 -7.68 3.09
NC CLA NB . -3.36 -6.65 -0.92
C1C CLA NB . -3.16 -6.86 0.41
C2C CLA NB . -4.30 -6.52 1.12
C3C CLA NB . -5.22 -6.07 0.22
C4C CLA NB . -4.63 -6.15 -1.03
CMC CLA NB . -4.53 -6.60 2.62
CAC CLA NB . -6.63 -5.58 0.54
CBC CLA NB . -7.56 -6.77 0.61
ND CLA NB . -3.46 -6.29 -3.72
C1D CLA NB . -4.70 -5.82 -3.56
C2D CLA NB . -5.25 -5.47 -4.81
C3D CLA NB . -4.26 -5.75 -5.74
C4D CLA NB . -3.23 -6.22 -5.06
CMD CLA NB . -6.56 -4.88 -5.25
CAD CLA NB . -4.03 -5.64 -7.12
OBD CLA NB . -4.86 -6.30 -7.85
CBD CLA NB . -2.63 -6.19 -7.26
CGD CLA NB . -2.52 -7.32 -8.28
O1D CLA NB . -1.40 -7.80 -8.55
O2D CLA NB . -3.71 -7.85 -9.00
CED CLA NB . -4.07 -9.24 -8.98
C1 CLA NB . 5.09 -7.55 -8.31
C2 CLA NB . 6.07 -7.15 -9.42
C3 CLA NB . 7.19 -6.37 -9.46
C4 CLA NB . 7.84 -6.25 -10.79
C5 CLA NB . 7.83 -5.65 -8.30
C6 CLA NB . 9.34 -5.74 -8.47
C7 CLA NB . 9.99 -4.62 -9.31
C8 CLA NB . 11.20 -3.86 -8.74
C9 CLA NB . 10.87 -2.36 -8.70
C10 CLA NB . 11.68 -4.32 -7.37
MG CLA OB . -15.55 4.49 -10.46
CHA CLA OB . -15.25 1.13 -11.12
CHB CLA OB . -18.34 4.70 -12.37
CHC CLA OB . -15.75 8.00 -9.69
CHD CLA OB . -12.51 4.27 -8.36
NA CLA OB . -16.63 3.16 -11.56
C1A CLA OB . -16.42 1.86 -11.74
C2A CLA OB . -17.45 1.22 -12.66
C3A CLA OB . -18.35 2.38 -12.99
C4A CLA OB . -17.74 3.51 -12.26
CMA CLA OB . -18.42 2.68 -14.47
CAA CLA OB . -18.38 0.09 -12.20
CBA CLA OB . -19.28 -0.60 -13.27
CGA CLA OB . -20.78 -0.26 -13.31
O1A CLA OB . -21.24 0.83 -12.97
O2A CLA OB . -21.78 -1.18 -13.82
NB CLA OB . -16.82 6.00 -10.94
C1B CLA OB . -17.90 5.94 -11.72
C2B CLA OB . -18.56 7.15 -11.86
C3B CLA OB . -17.78 8.00 -11.14
C4B CLA OB . -16.76 7.30 -10.55
CMB CLA OB . -19.77 7.53 -12.65
CAB CLA OB . -18.41 9.03 -10.58
CBB CLA OB . -19.10 10.09 -10.34
NC CLA OB . -14.42 5.79 -9.30
C1C CLA OB . -14.66 7.13 -9.15
C2C CLA OB . -13.72 7.70 -8.33
C3C CLA OB . -12.83 6.72 -7.96
C4C CLA OB . -13.28 5.55 -8.58
CMC CLA OB . -13.67 9.16 -7.96
CAC CLA OB . -11.62 6.92 -7.07
CBC CLA OB . -10.41 7.58 -7.72
ND CLA OB . -14.22 3.07 -9.87
C1D CLA OB . -13.10 3.08 -9.07
C2D CLA OB . -12.60 1.76 -9.04
C3D CLA OB . -13.43 1.04 -9.82
C4D CLA OB . -14.37 1.80 -10.31
CMD CLA OB . -11.44 1.05 -8.39
CAD CLA OB . -13.49 -0.25 -10.21
OBD CLA OB . -12.40 -0.19 -10.89
CBD CLA OB . -14.72 -0.31 -11.11
CGD CLA OB . -14.40 -1.02 -12.44
O1D CLA OB . -13.63 -1.98 -12.55
O2D CLA OB . -15.01 -0.62 -13.69
CED CLA OB . -15.76 -1.57 -14.45
C1 CLA OB . -22.73 -1.92 -13.02
C2 CLA OB . -23.75 -1.07 -12.26
C3 CLA OB . -25.04 -0.87 -12.62
C4 CLA OB . -25.62 -1.46 -13.88
C5 CLA OB . -25.90 0.03 -11.72
C6 CLA OB . -27.41 -0.08 -11.93
C7 CLA OB . -28.10 -0.05 -10.57
C8 CLA OB . -29.63 -0.07 -10.65
C9 CLA OB . -30.20 -1.25 -9.89
MG CLA PB . -18.00 10.13 -5.39
CHA CLA PB . -19.46 13.23 -5.26
CHB CLA PB . -20.73 8.80 -6.81
CHC CLA PB . -16.37 6.91 -5.46
CHD CLA PB . -15.04 11.59 -3.84
NA CLA PB . -19.77 10.85 -5.94
C1A CLA PB . -20.22 12.07 -5.85
C2A CLA PB . -21.63 12.23 -6.41
C3A CLA PB . -21.95 10.82 -6.80
C4A CLA PB . -20.72 10.08 -6.51
CMA CLA PB . -22.94 10.24 -5.81
CAA CLA PB . -21.77 13.10 -7.65
CBA CLA PB . -23.20 13.02 -8.22
CGA CLA PB . -23.51 11.69 -8.89
O1A CLA PB . -22.98 11.38 -9.95
O2A CLA PB . -24.45 10.74 -8.27
NB CLA PB . -18.51 8.25 -6.02
C1B CLA PB . -19.65 7.85 -6.58
C2B CLA PB . -19.72 6.52 -6.90
C3B CLA PB . -18.50 6.06 -6.50
C4B CLA PB . -17.77 7.13 -5.97
CMB CLA PB . -20.82 5.71 -7.53
CAB CLA PB . -17.87 5.44 -7.50
CBB CLA PB . -17.25 4.69 -8.33
NC CLA PB . -16.16 9.42 -4.81
C1C CLA PB . -15.70 8.14 -4.90
C2C CLA PB . -14.42 8.05 -4.40
C3C CLA PB . -14.08 9.31 -3.97
C4C CLA PB . -15.14 10.14 -4.22
CMC CLA PB . -13.54 6.82 -4.34
CAC CLA PB . -12.77 9.70 -3.36
CBC CLA PB . -11.87 9.84 -4.57
ND CLA PB . -17.37 11.94 -4.72
C1D CLA PB . -16.24 12.39 -4.15
C2D CLA PB . -16.37 13.79 -3.89
C3D CLA PB . -17.65 14.14 -4.33
C4D CLA PB . -18.20 13.03 -4.81
CMD CLA PB . -15.46 14.81 -3.27
CAD CLA PB . -18.44 15.28 -4.42
OBD CLA PB . -18.65 15.74 -3.25
CBD CLA PB . -19.69 14.72 -5.08
CGD CLA PB . -20.98 15.31 -4.57
O1D CLA PB . -21.90 14.61 -4.15
O2D CLA PB . -21.10 16.76 -4.62
CED CLA PB . -21.51 17.55 -3.50
C1 CLA PB . -24.78 9.46 -8.87
C2 CLA PB . -24.64 8.30 -7.90
MG CLA QB . -34.54 -6.66 13.51
CHA CLA QB . -36.39 -5.50 16.18
CHB CLA QB . -35.05 -9.87 14.47
CHC CLA QB . -32.61 -7.81 10.72
CHD CLA QB . -33.98 -3.22 12.49
NA CLA QB . -35.49 -7.55 14.99
C1A CLA QB . -36.14 -6.96 15.92
C2A CLA QB . -36.78 -7.89 16.92
C3A CLA QB . -36.36 -9.26 16.39
C4A CLA QB . -35.57 -8.88 15.19
NB CLA QB . -33.97 -8.50 12.77
C1B CLA QB . -34.24 -9.71 13.26
C2B CLA QB . -33.71 -10.77 12.56
C3B CLA QB . -33.04 -10.15 11.52
C4B CLA QB . -33.21 -8.77 11.69
NC CLA QB . -33.54 -5.75 11.96
C1C CLA QB . -32.84 -6.35 10.98
C2C CLA QB . -32.30 -5.41 10.11
C3C CLA QB . -32.67 -4.18 10.60
C4C CLA QB . -33.43 -4.40 11.73
ND CLA QB . -35.07 -4.80 14.18
C1D CLA QB . -34.80 -3.58 13.71
C2D CLA QB . -35.40 -2.61 14.53
C3D CLA QB . -36.07 -3.25 15.58
C4D CLA QB . -35.84 -4.58 15.31
MG CLA RB . -27.17 -16.06 18.57
CHA CLA RB . -26.25 -19.17 17.78
CHB CLA RB . -29.09 -15.85 15.82
CHC CLA RB . -28.10 -12.75 19.51
CHD CLA RB . -25.07 -16.33 21.62
NA CLA RB . -27.61 -17.28 17.05
C1A CLA RB . -27.18 -18.47 16.85
C2A CLA RB . -27.71 -19.15 15.60
C3A CLA RB . -28.57 -18.08 15.02
C4A CLA RB . -28.41 -16.97 16.02
CMA CLA RB . -28.17 -17.73 13.60
CAA CLA RB . -28.79 -20.20 15.90
CBA CLA RB . -28.31 -21.62 16.21
CGA CLA RB . -29.46 -22.56 16.57
O1A CLA RB . -30.64 -22.28 16.38
O2A CLA RB . -29.15 -23.87 17.12
NB CLA RB . -28.36 -14.61 17.77
C1B CLA RB . -29.09 -14.64 16.65
C2B CLA RB . -29.81 -13.48 16.38
C3B CLA RB . -29.48 -12.69 17.43
C4B CLA RB . -28.61 -13.39 18.26
CMB CLA RB . -30.73 -13.12 15.25
CAB CLA RB . -28.78 -11.68 16.91
CBB CLA RB . -28.13 -10.64 16.61
NC CLA RB . -26.71 -14.84 20.16
C1C CLA RB . -27.17 -13.58 20.33
C2C CLA RB . -26.68 -13.03 21.50
C3C CLA RB . -25.87 -13.98 22.06
C4C CLA RB . -25.89 -15.10 21.24
CMC CLA RB . -26.97 -11.66 22.04
CAC CLA RB . -25.12 -13.74 23.34
CBC CLA RB . -24.00 -12.75 23.07
ND CLA RB . -25.97 -17.40 19.50
C1D CLA RB . -25.21 -17.46 20.63
C2D CLA RB . -24.57 -18.73 20.67
C3D CLA RB . -25.00 -19.38 19.56
C4D CLA RB . -25.81 -18.60 18.90
CMD CLA RB . -23.65 -19.56 21.54
CAD CLA RB . -24.80 -20.61 19.01
OBD CLA RB . -23.52 -20.64 18.86
CBD CLA RB . -25.60 -20.50 17.71
CGD CLA RB . -24.64 -20.37 16.51
O1D CLA RB . -23.56 -19.76 16.55
O2D CLA RB . -24.97 -20.94 15.20
CED CLA RB . -23.96 -21.18 14.21
C1 CLA RB . -27.82 -24.27 17.44
C2 CLA RB . -27.68 -24.27 18.95
C3 CLA RB . -26.50 -24.28 19.59
C4 CLA RB . -25.21 -24.30 18.77
C5 CLA RB . -26.53 -24.24 21.11
MG CLA SB . -27.92 -15.67 10.23
CHA CLA SB . -28.19 -12.36 11.11
CHB CLA SB . -25.18 -16.06 12.16
CHC CLA SB . -27.73 -19.08 9.17
CHD CLA SB . -30.91 -15.20 8.09
NA CLA SB . -26.87 -14.46 11.43
C1A CLA SB . -27.09 -13.19 11.68
C2A CLA SB . -26.09 -12.59 12.65
C3A CLA SB . -25.16 -13.76 12.93
C4A CLA SB . -25.77 -14.86 12.12
CMA CLA SB . -23.80 -13.38 12.36
CAA CLA SB . -26.66 -12.02 13.97
CBA CLA SB . -26.97 -10.53 13.94
CGA CLA SB . -25.90 -9.64 14.55
O1A CLA SB . -26.16 -8.49 14.86
O2A CLA SB . -24.54 -10.10 14.75
NB CLA SB . -26.67 -17.25 10.61
C1B CLA SB . -25.60 -17.27 11.41
C2B CLA SB . -24.95 -18.51 11.48
C3B CLA SB . -25.74 -19.28 10.69
C4B CLA SB . -26.76 -18.51 10.12
CMB CLA SB . -23.75 -18.91 12.28
CAB CLA SB . -25.26 -20.39 10.09
CBB CLA SB . -24.98 -21.49 9.51
NC CLA SB . -29.05 -16.86 8.94
C1C CLA SB . -28.80 -18.17 8.66
C2C CLA SB . -29.75 -18.66 7.76
C3C CLA SB . -30.61 -17.65 7.46
C4C CLA SB . -30.17 -16.52 8.20
CMC CLA SB . -29.82 -20.06 7.17
CAC CLA SB . -31.76 -17.82 6.49
ND CLA SB . -29.21 -14.18 9.72
C1D CLA SB . -30.30 -14.10 8.92
C2D CLA SB . -30.83 -12.78 8.97
C3D CLA SB . -29.98 -12.12 9.84
C4D CLA SB . -29.04 -12.95 10.26
CAD CLA SB . -29.90 -10.83 10.34
OBD CLA SB . -29.87 -10.00 9.36
CBD CLA SB . -28.66 -10.92 11.25
CGD CLA SB . -27.77 -9.66 11.13
O1D CLA SB . -26.54 -9.63 11.27
O2D CLA SB . -28.39 -8.36 10.91
CED CLA SB . -28.12 -7.51 9.77
C1 CLA SB . -23.53 -9.84 13.76
C2 CLA SB . -22.91 -8.46 13.87
C3 CLA SB . -23.43 -7.49 13.14
C4 CLA SB . -22.84 -6.10 13.22
C5 CLA SB . -24.62 -7.79 12.21
MG CLA TB . -30.95 -16.83 -7.03
CHA CLA TB . -30.53 -19.94 -5.84
CHB CLA TB . -33.71 -16.33 -5.13
CHC CLA TB . -31.23 -13.53 -8.42
CHD CLA TB . -27.90 -17.36 -9.09
NA CLA TB . -31.98 -17.92 -5.71
C1A CLA TB . -31.69 -19.13 -5.34
C2A CLA TB . -32.64 -19.66 -4.28
C3A CLA TB . -33.64 -18.53 -4.07
C4A CLA TB . -33.10 -17.50 -5.04
CMA CLA TB . -35.12 -18.88 -4.23
CAA CLA TB . -31.88 -19.83 -2.97
CBA CLA TB . -31.01 -18.60 -2.59
CGA CLA TB . -30.11 -18.01 -3.68
O1A CLA TB . -29.01 -18.42 -3.88
O2A CLA TB . -30.48 -16.93 -4.58
NB CLA TB . -32.25 -15.24 -6.78
C1B CLA TB . -33.32 -15.18 -5.99
C2B CLA TB . -34.00 -13.97 -6.04
C3B CLA TB . -33.28 -13.26 -6.99
C4B CLA TB . -32.21 -14.04 -7.40
CMB CLA TB . -35.25 -13.57 -5.29
CAB CLA TB . -33.11 -11.93 -6.79
CBB CLA TB . -33.13 -10.65 -6.62
NC CLA TB . -29.84 -15.72 -8.41
C1C CLA TB . -30.12 -14.46 -8.82
C2C CLA TB . -29.20 -14.04 -9.73
C3C CLA TB . -28.32 -15.05 -9.91
C4C CLA TB . -28.71 -16.09 -9.09
CMC CLA TB . -29.19 -12.68 -10.40
CAC CLA TB . -27.10 -15.02 -10.78
CBC CLA TB . -25.92 -14.81 -9.85
ND CLA TB . -29.56 -18.27 -7.39
C1D CLA TB . -28.45 -18.40 -8.18
C2D CLA TB . -27.90 -19.69 -7.98
C3D CLA TB . -28.70 -20.29 -7.07
C4D CLA TB . -29.66 -19.44 -6.73
CMD CLA TB . -26.73 -20.45 -8.52
CAD CLA TB . -28.77 -21.51 -6.42
OBD CLA TB . -29.10 -22.35 -7.34
CBD CLA TB . -29.99 -21.32 -5.54
CGD CLA TB . -30.93 -22.49 -5.66
O1D CLA TB . -30.65 -23.51 -5.03
O2D CLA TB . -32.11 -22.46 -6.51
CED CLA TB . -33.12 -23.47 -6.43
C1 CLA TB . -29.57 -15.92 -4.96
C2 CLA TB . -30.32 -14.62 -4.85
C3 CLA TB . -29.92 -13.41 -5.28
C4 CLA TB . -28.59 -13.14 -5.95
C5 CLA TB . -30.86 -12.26 -4.99
C6 CLA TB . -31.85 -12.63 -3.89
C7 CLA TB . -31.57 -11.87 -2.59
C8 CLA TB . -31.00 -12.76 -1.50
C9 CLA TB . -30.68 -11.88 -0.29
C10 CLA TB . -31.97 -13.87 -1.14
MG CLA UB . -32.44 -7.40 -13.79
CHA CLA UB . -33.63 -10.31 -12.38
CHB CLA UB . -34.94 -5.63 -12.35
CHC CLA UB . -31.16 -4.44 -15.29
CHD CLA UB . -29.76 -9.30 -15.34
NA CLA UB . -33.98 -7.83 -12.61
C1A CLA UB . -34.28 -8.99 -12.16
C2A CLA UB . -35.49 -9.03 -11.29
C3A CLA UB . -35.91 -7.57 -11.27
C4A CLA UB . -34.87 -6.95 -12.14
NB CLA UB . -32.98 -5.42 -13.79
C1B CLA UB . -34.01 -4.85 -13.16
C2B CLA UB . -34.10 -3.48 -13.36
C3B CLA UB . -33.03 -3.20 -14.18
C4B CLA UB . -32.38 -4.40 -14.42
NC CLA UB . -30.83 -6.95 -15.04
C1C CLA UB . -30.50 -5.75 -15.51
C2C CLA UB . -29.37 -5.81 -16.30
C3C CLA UB . -29.00 -7.12 -16.32
C4C CLA UB . -29.91 -7.80 -15.53
ND CLA UB . -31.84 -9.35 -13.84
C1D CLA UB . -30.81 -9.93 -14.46
C2D CLA UB . -30.85 -11.30 -14.17
C3D CLA UB . -31.91 -11.61 -13.35
C4D CLA UB . -32.49 -10.37 -13.17
MG CLA VB . -38.81 -1.52 -12.97
CHA CLA VB . -40.30 -0.57 -15.91
CHB CLA VB . -41.17 -3.92 -12.44
CHC CLA VB . -37.22 -2.38 -9.93
CHD CLA VB . -36.31 1.09 -13.53
NA CLA VB . -40.43 -2.15 -13.98
C1A CLA VB . -40.89 -1.70 -15.11
C2A CLA VB . -42.08 -2.47 -15.56
C3A CLA VB . -42.36 -3.44 -14.44
C4A CLA VB . -41.22 -3.16 -13.54
CMA CLA VB . -43.62 -3.14 -13.60
CAA CLA VB . -41.55 -3.46 -16.57
CBA CLA VB . -42.03 -3.37 -18.01
CGA CLA VB . -43.47 -2.99 -18.16
O1A CLA VB . -43.99 -3.17 -19.26
O2A CLA VB . -44.14 -2.40 -16.99
NB CLA VB . -39.20 -2.88 -11.50
C1B CLA VB . -40.17 -3.80 -11.40
C2B CLA VB . -40.13 -4.61 -10.28
C3B CLA VB . -39.00 -4.12 -9.64
C4B CLA VB . -38.46 -3.08 -10.40
CMB CLA VB . -41.05 -5.75 -9.86
CAB CLA VB . -39.04 -3.75 -8.34
CBB CLA VB . -38.72 -3.28 -7.18
NC CLA VB . -37.16 -0.83 -11.96
C1C CLA VB . -36.69 -1.29 -10.80
C2C CLA VB . -35.55 -0.59 -10.41
C3C CLA VB . -35.31 0.35 -11.38
C4C CLA VB . -36.31 0.17 -12.32
CMC CLA VB . -34.77 -0.86 -9.12
CAC CLA VB . -34.21 1.39 -11.53
CBC CLA VB . -33.60 1.97 -10.28
ND CLA VB . -38.38 -0.10 -14.35
C1D CLA VB . -37.43 0.84 -14.49
C2D CLA VB . -37.64 1.55 -15.67
C3D CLA VB . -38.76 1.01 -16.25
C4D CLA VB . -39.19 0.04 -15.44
CMD CLA VB . -36.97 2.71 -16.34
CAD CLA VB . -39.53 1.20 -17.38
OBD CLA VB . -40.16 2.26 -17.04
CBD CLA VB . -40.57 0.11 -17.26
CGD CLA VB . -41.90 0.61 -17.83
O1D CLA VB . -42.97 0.75 -17.26
O2D CLA VB . -41.92 0.98 -19.22
CED CLA VB . -41.93 2.36 -19.57
C1 CLA VB . -45.53 -2.17 -16.85
C2 CLA VB . -45.74 -1.73 -15.41
C3 CLA VB . -46.20 -0.52 -14.99
C4 CLA VB . -46.58 0.57 -15.97
C5 CLA VB . -46.34 -0.29 -13.49
C6 CLA VB . -47.66 0.41 -13.13
C7 CLA VB . -48.00 0.30 -11.64
C8 CLA VB . -48.57 1.58 -11.02
C9 CLA VB . -50.08 1.66 -11.26
C10 CLA VB . -48.17 1.67 -9.53
MG CLA WB . -40.20 -26.36 25.55
CHA CLA WB . -41.37 -26.32 28.73
CHB CLA WB . -37.04 -26.05 26.70
CHC CLA WB . -39.05 -26.39 22.17
CHD CLA WB . -43.67 -26.67 24.45
NA CLA WB . -39.35 -26.21 27.36
C1A CLA WB . -39.94 -26.21 28.49
C2A CLA WB . -39.02 -26.12 29.64
C3A CLA WB . -37.65 -25.98 29.04
C4A CLA WB . -38.02 -26.08 27.59
CMA CLA WB . -37.10 -24.60 29.35
CAA CLA WB . -39.20 -27.42 30.41
CBA CLA WB . -38.50 -28.66 29.87
CGA CLA WB . -38.02 -29.43 31.09
O1A CLA WB . -36.81 -29.56 31.29
O2A CLA WB . -39.01 -30.01 32.06
NB CLA WB . -38.36 -26.24 24.65
C1B CLA WB . -37.18 -26.11 25.25
C2B CLA WB . -36.10 -26.06 24.42
C3B CLA WB . -36.70 -26.12 23.20
C4B CLA WB . -38.09 -26.27 23.32
CMB CLA WB . -34.64 -25.93 24.76
CAB CLA WB . -35.94 -26.43 22.10
CBB CLA WB . -35.00 -26.70 21.25
NC CLA WB . -41.15 -26.50 23.72
C1C CLA WB . -40.52 -26.49 22.52
C2C CLA WB . -41.49 -26.62 21.53
C3C CLA WB . -42.72 -26.69 22.11
C4C CLA WB . -42.50 -26.61 23.49
CMC CLA WB . -41.28 -26.67 20.04
CAC CLA WB . -44.00 -26.83 21.29
CBC CLA WB . -45.04 -25.72 21.35
ND CLA WB . -42.07 -26.47 26.36
C1D CLA WB . -43.32 -26.59 25.90
C2D CLA WB . -44.24 -26.62 26.99
C3D CLA WB . -43.46 -26.50 28.13
C4D CLA WB . -42.21 -26.43 27.71
CMD CLA WB . -45.74 -26.72 27.20
CAD CLA WB . -43.63 -26.48 29.52
OBD CLA WB . -44.41 -25.52 29.84
CBD CLA WB . -42.19 -26.32 29.98
CGD CLA WB . -41.90 -25.07 30.78
O1D CLA WB . -42.27 -23.97 30.38
O2D CLA WB . -41.12 -25.18 32.02
CED CLA WB . -40.03 -24.27 32.31
C1 CLA WB . -40.41 -29.68 32.28
C2 CLA WB . -40.70 -29.51 33.78
C3 CLA WB . -41.80 -29.77 34.55
C4 CLA WB . -41.67 -29.44 36.02
C5 CLA WB . -43.14 -30.36 34.06
C6 CLA WB . -43.61 -31.56 34.90
C7 CLA WB . -45.13 -31.76 35.02
C8 CLA WB . -45.73 -32.97 34.24
C9 CLA WB . -46.23 -34.09 35.13
C10 CLA WB . -46.88 -32.53 33.32
MG CLA XB . -34.25 -33.64 30.98
CHA CLA XB . -33.57 -31.01 33.06
CHB CLA XB . -34.80 -35.65 33.58
CHC CLA XB . -34.92 -36.29 28.72
CHD CLA XB . -33.63 -31.38 28.16
NA CLA XB . -34.20 -33.42 32.97
C1A CLA XB . -33.93 -32.34 33.66
C2A CLA XB . -34.00 -32.56 35.16
C3A CLA XB . -34.36 -34.02 35.27
C4A CLA XB . -34.46 -34.39 33.85
CMA CLA XB . -33.28 -34.88 35.91
CAA CLA XB . -35.03 -31.68 35.88
CBA CLA XB . -36.52 -32.09 35.88
CGA CLA XB . -36.86 -33.28 35.00
O1A CLA XB . -37.24 -34.32 35.52
O2A CLA XB . -36.76 -33.26 33.54
NB CLA XB . -34.76 -35.60 31.16
C1B CLA XB . -34.95 -36.29 32.28
C2B CLA XB . -35.27 -37.61 32.12
C3B CLA XB . -35.33 -37.73 30.74
C4B CLA XB . -34.99 -36.50 30.19
CMB CLA XB . -35.55 -38.61 33.22
CAB CLA XB . -34.69 -38.77 30.18
CBB CLA XB . -34.19 -39.76 29.59
NC CLA XB . -34.27 -33.81 28.93
C1C CLA XB . -34.56 -34.92 28.23
C2C CLA XB . -34.48 -34.71 26.86
C3C CLA XB . -34.14 -33.38 26.69
C4C CLA XB . -34.01 -32.83 27.99
CMC CLA XB . -34.74 -35.75 25.78
CAC CLA XB . -33.90 -32.64 25.37
CBC CLA XB . -35.13 -32.29 24.58
ND CLA XB . -33.74 -31.69 30.65
C1D CLA XB . -33.52 -30.91 29.56
C2D CLA XB . -33.18 -29.61 29.99
C3D CLA XB . -33.21 -29.64 31.38
C4D CLA XB . -33.53 -30.87 31.72
CMD CLA XB . -32.83 -28.30 29.33
CAD CLA XB . -33.00 -28.78 32.45
OBD CLA XB . -34.00 -27.99 32.58
CBD CLA XB . -33.22 -29.65 33.62
CGD CLA XB . -31.86 -29.41 34.18
O1D CLA XB . -30.97 -30.25 34.12
O2D CLA XB . -31.58 -28.08 34.72
CED CLA XB . -30.39 -27.88 35.47
C1 CLA XB . -37.60 -32.45 32.74
C2 CLA XB . -39.08 -32.50 33.10
C3 CLA XB . -39.80 -33.47 33.69
C4 CLA XB . -41.27 -33.25 33.91
C5 CLA XB . -39.16 -34.75 34.16
C6 CLA XB . -40.13 -35.91 34.17
C7 CLA XB . -40.10 -36.55 32.79
C8 CLA XB . -38.73 -37.11 32.46
C9 CLA XB . -38.72 -38.65 32.42
C10 CLA XB . -38.33 -36.47 31.13
MG CLA YB . -31.37 -27.11 21.50
CHA CLA YB . -30.64 -24.68 19.18
CHB CLA YB . -32.40 -29.18 19.07
CHC CLA YB . -32.14 -29.61 24.00
CHD CLA YB . -30.28 -24.84 24.07
NA CLA YB . -31.51 -27.01 19.52
C1A CLA YB . -31.18 -26.01 18.80
C2A CLA YB . -31.39 -26.23 17.33
C3A CLA YB . -31.95 -27.63 17.27
C4A CLA YB . -31.96 -27.98 18.72
NB CLA YB . -32.12 -29.02 21.48
C1B CLA YB . -32.49 -29.74 20.42
C2B CLA YB . -32.96 -31.01 20.70
C3B CLA YB . -32.87 -31.07 22.06
C4B CLA YB . -32.36 -29.85 22.52
NC CLA YB . -31.23 -27.20 23.55
C1C CLA YB . -31.58 -28.26 24.34
C2C CLA YB . -31.35 -27.94 25.67
C3C CLA YB . -30.85 -26.67 25.68
C4C CLA YB . -30.79 -26.23 24.37
ND CLA YB . -30.63 -25.21 21.61
C1D CLA YB . -30.25 -24.45 22.65
C2D CLA YB . -29.80 -23.20 22.20
C3D CLA YB . -29.91 -23.17 20.84
C4D CLA YB . -30.41 -24.40 20.51
MG CLA ZB . -36.54 -40.15 7.08
CHA CLA ZB . -38.84 -40.43 4.49
CHB CLA ZB . -35.86 -37.00 6.21
CHC CLA ZB . -34.17 -39.94 9.78
CHD CLA ZB . -37.28 -43.55 8.00
NA CLA ZB . -37.19 -38.93 5.66
C1A CLA ZB . -38.07 -39.21 4.75
C2A CLA ZB . -38.35 -38.06 3.82
C3A CLA ZB . -37.43 -36.97 4.33
C4A CLA ZB . -36.77 -37.67 5.49
NB CLA ZB . -35.27 -38.72 7.83
C1B CLA ZB . -35.10 -37.48 7.38
C2B CLA ZB . -34.18 -36.72 8.07
C3B CLA ZB . -33.75 -37.59 9.04
C4B CLA ZB . -34.42 -38.79 8.86
NC CLA ZB . -35.89 -41.43 8.54
C1C CLA ZB . -34.96 -41.17 9.49
C2C CLA ZB . -34.79 -42.28 10.29
C3C CLA ZB . -35.61 -43.25 9.81
C4C CLA ZB . -36.28 -42.71 8.73
ND CLA ZB . -37.77 -41.63 6.41
C1D CLA ZB . -37.95 -42.89 6.85
C2D CLA ZB . -38.92 -43.51 6.05
C3D CLA ZB . -39.35 -42.64 5.06
C4D CLA ZB . -38.62 -41.50 5.32
MG CLA AC . -33.71 -51.02 13.25
CHA CLA AC . -36.56 -51.83 11.66
CHB CLA AC . -35.36 -49.31 15.60
CHC CLA AC . -30.55 -50.25 14.80
CHD CLA AC . -31.94 -52.88 10.63
NA CLA AC . -35.64 -50.62 13.59
C1A CLA AC . -36.65 -51.01 12.90
C2A CLA AC . -37.98 -50.50 13.43
C3A CLA AC . -37.55 -49.73 14.66
C4A CLA AC . -36.07 -49.90 14.64
CMA CLA AC . -37.91 -48.26 14.45
CAA CLA AC . -39.02 -51.56 13.76
CBA CLA AC . -40.03 -51.10 14.82
CGA CLA AC . -39.52 -51.30 16.25
O1A CLA AC . -40.23 -50.88 17.17
O2A CLA AC . -38.23 -51.95 16.56
NB CLA AC . -33.11 -49.97 14.92
C1B CLA AC . -33.90 -49.32 15.78
C2B CLA AC . -33.22 -48.70 16.82
C3B CLA AC . -31.90 -48.98 16.53
C4B CLA AC . -31.86 -49.77 15.37
CMB CLA AC . -33.79 -47.89 17.97
CAB CLA AC . -31.19 -49.44 17.62
CBB CLA AC . -30.41 -49.32 18.81
NC CLA AC . -31.73 -51.45 12.83
C1C CLA AC . -30.64 -51.06 13.54
C2C CLA AC . -29.49 -51.56 12.94
C3C CLA AC . -29.90 -52.26 11.84
C4C CLA AC . -31.26 -52.17 11.78
CMC CLA AC . -28.07 -51.36 13.40
CAC CLA AC . -29.06 -52.98 10.81
CBC CLA AC . -29.38 -52.37 9.47
ND CLA AC . -34.10 -52.09 11.57
C1D CLA AC . -33.41 -52.76 10.64
C2D CLA AC . -34.28 -53.33 9.67
C3D CLA AC . -35.53 -52.96 10.07
C4D CLA AC . -35.39 -52.25 11.19
CMD CLA AC . -34.15 -54.17 8.42
CAD CLA AC . -36.85 -53.15 9.66
OBD CLA AC . -36.98 -52.72 8.45
CBD CLA AC . -37.56 -52.31 10.67
CGD CLA AC . -37.74 -51.00 9.94
O1D CLA AC . -38.42 -50.88 8.92
O2D CLA AC . -37.03 -49.82 10.42
CED CLA AC . -35.81 -49.38 9.84
C1 CLA AC . -37.92 -53.36 16.51
C2 CLA AC . -38.65 -54.01 15.36
C3 CLA AC . -38.44 -55.22 14.82
C4 CLA AC . -37.37 -56.13 15.35
C5 CLA AC . -39.30 -55.70 13.66
C6 CLA AC . -40.77 -55.21 13.65
C7 CLA AC . -41.69 -55.87 14.69
C8 CLA AC . -42.30 -57.24 14.30
C9 CLA AC . -43.37 -57.67 15.30
C10 CLA AC . -42.88 -57.22 12.89
C11 CLA AC . -42.22 -58.27 11.97
C12 CLA AC . -42.66 -59.70 12.27
C13 CLA AC . -41.77 -60.77 11.63
C14 CLA AC . -42.05 -62.11 12.29
C15 CLA AC . -40.28 -60.46 11.73
MG CLA BC . -18.31 -51.22 13.72
CHA CLA BC . -16.03 -53.09 11.97
CHB CLA BC . -20.83 -53.16 12.59
CHC CLA BC . -20.63 -49.21 15.59
CHD CLA BC . -15.57 -49.16 14.93
NA CLA BC . -18.45 -52.79 12.53
C1A CLA BC . -17.48 -53.37 11.95
C2A CLA BC . -17.89 -54.54 11.11
C3A CLA BC . -19.38 -54.59 11.28
C4A CLA BC . -19.58 -53.44 12.20
NB CLA BC . -20.34 -51.22 14.02
C1B CLA BC . -21.23 -52.06 13.49
C2B CLA BC . -22.54 -51.81 13.86
C3B CLA BC . -22.43 -50.72 14.68
C4B CLA BC . -21.08 -50.38 14.76
NC CLA BC . -18.14 -49.58 14.96
C1C CLA BC . -19.16 -48.93 15.61
C2C CLA BC . -18.67 -47.88 16.36
C3C CLA BC . -17.30 -47.86 16.19
C4C CLA BC . -17.00 -48.91 15.32
ND CLA BC . -16.28 -51.13 13.50
C1D CLA BC . -15.36 -50.31 14.02
C2D CLA BC . -14.10 -50.68 13.56
C3D CLA BC . -14.23 -51.78 12.73
C4D CLA BC . -15.57 -52.03 12.73
MG CLA CC . -15.88 -41.02 11.04
CHA CLA CC . -14.59 -38.90 8.78
CHB CLA CC . -16.60 -43.26 8.60
CHC CLA CC . -17.22 -43.20 13.51
CHD CLA CC . -15.06 -38.57 13.60
NA CLA CC . -15.67 -41.11 9.04
C1A CLA CC . -15.14 -40.20 8.31
C2A CLA CC . -15.07 -40.57 6.87
C3A CLA CC . -15.74 -41.91 6.81
C4A CLA CC . -16.03 -42.12 8.25
CMA CLA CC . -17.03 -41.87 5.99
CAA CLA CC . -13.59 -40.90 6.54
CBA CLA CC . -12.45 -40.68 7.58
CGA CLA CC . -12.34 -41.37 8.94
O1A CLA CC . -12.99 -42.37 9.23
O2A CLA CC . -11.42 -40.88 9.99
NB CLA CC . -16.75 -42.88 11.01
C1B CLA CC . -16.97 -43.66 9.96
C2B CLA CC . -17.56 -44.86 10.25
C3B CLA CC . -17.72 -44.82 11.62
C4B CLA CC . -17.21 -43.59 12.05
CMB CLA CC . -17.96 -45.95 9.30
CAB CLA CC . -16.99 -45.82 12.11
CBB CLA CC . -16.30 -46.79 12.51
NC CLA CC . -16.09 -40.92 13.08
C1C CLA CC . -16.64 -41.86 13.87
C2C CLA CC . -16.60 -41.44 15.20
C3C CLA CC . -16.02 -40.19 15.20
C4C CLA CC . -15.71 -39.90 13.90
CMC CLA CC . -17.08 -42.19 16.42
CAC CLA CC . -15.76 -39.32 16.42
CBC CLA CC . -16.83 -38.25 16.52
ND CLA CC . -15.03 -39.19 11.19
C1D CLA CC . -14.76 -38.32 12.17
C2D CLA CC . -14.13 -37.16 11.63
C3D CLA CC . -14.06 -37.38 10.27
C4D CLA CC . -14.60 -38.57 10.07
CMD CLA CC . -13.58 -35.87 12.18
CAD CLA CC . -13.59 -36.75 9.10
OBD CLA CC . -13.99 -35.56 8.86
CBD CLA CC . -13.96 -37.77 8.04
CGD CLA CC . -14.95 -37.24 7.05
O1D CLA CC . -16.15 -37.46 7.19
O2D CLA CC . -14.46 -36.49 5.90
CED CLA CC . -15.08 -36.70 4.63
C1 CLA CC . -11.45 -39.57 10.57
C2 CLA CC . -11.79 -39.55 12.06
C3 CLA CC . -11.69 -38.44 12.81
C4 CLA CC . -12.03 -38.41 14.29
MG CLA DC . -23.63 -35.96 8.86
CHA CLA DC . -24.78 -36.16 5.63
CHB CLA DC . -20.47 -36.58 7.91
CHC CLA DC . -22.59 -35.70 12.29
CHD CLA DC . -27.02 -35.30 9.87
NA CLA DC . -22.75 -36.31 7.08
C1A CLA DC . -23.34 -36.36 5.93
C2A CLA DC . -22.41 -36.61 4.80
C3A CLA DC . -21.10 -36.79 5.48
C4A CLA DC . -21.44 -36.55 6.94
CMA CLA DC . -20.70 -38.21 5.09
CAA CLA DC . -22.25 -35.29 4.01
CBA CLA DC . -22.04 -34.03 4.91
CGA CLA DC . -20.59 -33.63 5.12
O1A CLA DC . -19.97 -33.03 4.27
O2A CLA DC . -19.91 -33.93 6.36
NB CLA DC . -21.84 -36.10 9.85
C1B CLA DC . -20.62 -36.37 9.36
C2B CLA DC . -19.63 -36.40 10.37
C3B CLA DC . -20.32 -36.17 11.52
C4B CLA DC . -21.63 -35.98 11.18
CMB CLA DC . -18.14 -36.66 10.32
CAB CLA DC . -19.99 -35.08 12.22
CBB CLA DC . -19.81 -34.13 13.05
NC CLA DC . -24.55 -35.60 10.63
C1C CLA DC . -23.98 -35.55 11.85
C2C CLA DC . -24.87 -35.29 12.83
C3C CLA DC . -26.10 -35.17 12.20
C4C CLA DC . -25.86 -35.37 10.84
CMC CLA DC . -24.46 -35.16 14.26
CAC CLA DC . -27.46 -34.87 12.76
CBC CLA DC . -27.38 -34.47 14.21
ND CLA DC . -25.48 -35.76 8.01
C1D CLA DC . -26.72 -35.52 8.44
C2D CLA DC . -27.63 -35.52 7.35
C3D CLA DC . -26.88 -35.76 6.20
C4D CLA DC . -25.63 -35.91 6.64
CMD CLA DC . -29.09 -35.28 7.21
CAD CLA DC . -26.96 -35.94 4.80
OBD CLA DC . -27.51 -35.02 4.09
CBD CLA DC . -25.55 -36.21 4.35
CGD CLA DC . -25.58 -37.59 3.75
O1D CLA DC . -25.28 -38.56 4.45
O2D CLA DC . -25.94 -37.82 2.33
CED CLA DC . -27.02 -38.68 1.94
C1 CLA DC . -18.82 -33.09 6.76
C2 CLA DC . -18.83 -32.93 8.27
C3 CLA DC . -17.90 -32.27 9.03
C4 CLA DC . -16.71 -31.61 8.38
C5 CLA DC . -18.06 -32.19 10.55
C6 CLA DC . -19.51 -32.07 11.01
C7 CLA DC . -20.41 -31.24 10.09
MG CLA EC . -15.43 -33.05 24.67
CHA CLA EC . -14.29 -31.51 27.45
CHB CLA EC . -16.10 -30.11 23.22
CHC CLA EC . -16.60 -34.79 21.81
CHD CLA EC . -14.67 -36.24 26.34
NA CLA EC . -15.24 -31.14 25.20
C1A CLA EC . -14.77 -30.70 26.32
C2A CLA EC . -14.76 -29.20 26.40
C3A CLA EC . -15.34 -28.79 25.08
C4A CLA EC . -15.58 -30.10 24.44
CMA CLA EC . -16.68 -28.11 25.34
CAA CLA EC . -13.31 -28.69 26.61
CBA CLA EC . -12.38 -28.64 25.40
CGA CLA EC . -11.26 -29.63 25.61
O1A CLA EC . -11.01 -30.01 26.76
O2A CLA EC . -10.46 -30.15 24.49
NB CLA EC . -16.21 -32.50 22.85
C1B CLA EC . -16.43 -31.27 22.40
C2B CLA EC . -16.96 -31.18 21.12
C3B CLA EC . -17.09 -32.50 20.74
C4B CLA EC . -16.63 -33.29 21.83
CMB CLA EC . -17.33 -29.96 20.32
CAB CLA EC . -18.37 -32.64 20.37
CBB CLA EC . -19.60 -32.42 19.96
NC CLA EC . -15.59 -35.04 24.19
C1C CLA EC . -16.07 -35.51 23.03
C2C CLA EC . -16.05 -36.89 23.05
C3C CLA EC . -15.52 -37.31 24.26
C4C CLA EC . -15.26 -36.13 24.96
CMC CLA EC . -16.49 -37.77 21.92
CAC CLA EC . -15.32 -38.75 24.73
CBC CLA EC . -13.87 -39.18 24.85
ND CLA EC . -14.67 -33.73 26.43
C1D CLA EC . -14.42 -34.94 26.99
C2D CLA EC . -13.87 -34.76 28.28
C3D CLA EC . -13.82 -33.39 28.47
C4D CLA EC . -14.29 -32.83 27.37
CMD CLA EC . -13.40 -35.70 29.36
CAD CLA EC . -13.41 -32.48 29.45
OBD CLA EC . -12.14 -32.61 29.62
CBD CLA EC . -13.73 -31.14 28.80
CGD CLA EC . -14.73 -30.33 29.61
O1D CLA EC . -14.70 -30.32 30.85
O2D CLA EC . -15.75 -29.51 28.95
CED CLA EC . -16.97 -29.11 29.56
C1 CLA EC . -10.69 -29.88 23.10
C2 CLA EC . -9.54 -29.10 22.47
C3 CLA EC . -8.78 -29.50 21.41
C4 CLA EC . -7.69 -28.59 20.92
C5 CLA EC . -9.01 -30.80 20.67
C6 CLA EC . -7.73 -31.58 20.42
C7 CLA EC . -7.84 -32.38 19.11
C8 CLA EC . -7.96 -33.91 19.23
C9 CLA EC . -6.75 -34.53 19.93
C10 CLA EC . -9.27 -34.39 19.86
C11 CLA EC . -10.49 -34.17 18.98
MG CLA FC . -30.48 -42.07 29.01
CHA CLA FC . -30.24 -39.98 31.60
CHB CLA FC . -29.25 -44.59 30.90
CHC CLA FC . -30.77 -44.27 26.20
CHD CLA FC . -31.82 -39.31 27.01
NA CLA FC . -29.85 -42.29 30.90
C1A CLA FC . -29.82 -41.38 31.80
C2A CLA FC . -29.34 -41.86 33.14
C3A CLA FC . -28.98 -43.29 32.88
C4A CLA FC . -29.39 -43.42 31.45
CMA CLA FC . -27.50 -43.55 33.09
CAA CLA FC . -30.52 -41.93 34.12
CBA CLA FC . -31.96 -41.91 33.52
CGA CLA FC . -32.47 -43.20 32.89
O1A CLA FC . -31.74 -44.10 32.49
O2A CLA FC . -33.92 -43.38 32.74
NB CLA FC . -30.08 -44.04 28.66
C1B CLA FC . -29.59 -44.92 29.52
C2B CLA FC . -29.42 -46.17 29.02
C3B CLA FC . -29.83 -46.04 27.72
C4B CLA FC . -30.25 -44.72 27.52
CMB CLA FC . -28.90 -47.38 29.72
CAB CLA FC . -30.75 -46.97 27.51
CBB CLA FC . -31.35 -48.06 27.26
NC CLA FC . -31.14 -41.84 27.06
C1C CLA FC . -31.18 -42.83 26.12
C2C CLA FC . -31.67 -42.34 24.92
C3C CLA FC . -31.95 -41.01 25.14
C4C CLA FC . -31.62 -40.71 26.47
CMC CLA FC . -31.87 -43.11 23.64
CAC CLA FC . -32.53 -40.05 24.11
CBC CLA FC . -33.98 -40.46 23.85
ND CLA FC . -30.93 -40.12 29.22
C1D CLA FC . -31.42 -39.12 28.45
C2D CLA FC . -31.49 -37.95 29.25
C3D CLA FC . -31.02 -38.28 30.49
C4D CLA FC . -30.71 -39.56 30.44
CMD CLA FC . -31.89 -36.51 29.10
CAD CLA FC . -30.81 -37.68 31.72
OBD CLA FC . -31.98 -37.44 32.15
CBD CLA FC . -30.26 -38.83 32.53
CGD CLA FC . -28.88 -38.64 33.08
O1D CLA FC . -27.92 -39.21 32.57
O2D CLA FC . -28.66 -37.83 34.25
CED CLA FC . -27.45 -38.03 34.98
C1 CLA FC . -34.49 -44.60 32.23
C2 CLA FC . -33.97 -45.87 32.91
C3 CLA FC . -34.75 -46.83 33.45
C4 CLA FC . -36.25 -46.76 33.46
C5 CLA FC . -34.06 -48.01 34.09
MG CLA GC . -14.99 -39.89 33.84
CHA CLA GC . -15.14 -40.50 37.05
CHB CLA GC . -11.59 -39.52 34.05
CHC CLA GC . -14.95 -39.27 30.43
CHD CLA GC . -18.65 -40.35 33.77
NA CLA GC . -13.60 -39.97 35.25
C1A CLA GC . -13.83 -40.23 36.47
C2A CLA GC . -12.64 -40.26 37.37
C3A CLA GC . -11.53 -39.93 36.42
C4A CLA GC . -12.27 -39.79 35.14
CMA CLA GC . -10.99 -38.59 36.85
CAA CLA GC . -12.69 -41.71 37.89
CBA CLA GC . -11.36 -42.35 38.18
CGA CLA GC . -10.86 -43.06 36.95
O1A CLA GC . -11.65 -43.46 36.11
O2A CLA GC . -9.41 -43.22 36.77
NB CLA GC . -13.52 -39.48 32.52
C1B CLA GC . -12.22 -39.36 32.74
C2B CLA GC . -11.48 -39.05 31.62
C3B CLA GC . -12.43 -39.04 30.62
C4B CLA GC . -13.68 -39.27 31.22
CMB CLA GC . -9.99 -38.87 31.54
CAB CLA GC . -12.22 -40.24 30.06
CBB CLA GC . -12.02 -41.40 29.64
NC CLA GC . -16.46 -39.84 32.44
C1C CLA GC . -16.24 -39.58 31.15
C2C CLA GC . -17.43 -39.61 30.48
C3C CLA GC . -18.41 -39.91 31.38
C4C CLA GC . -17.80 -40.05 32.57
CMC CLA GC . -17.53 -39.38 29.02
CAC CLA GC . -19.86 -40.15 31.08
CBC CLA GC . -20.70 -39.09 31.64
ND CLA GC . -16.51 -40.32 35.09
C1D CLA GC . -17.84 -40.45 35.01
C2D CLA GC . -18.36 -40.74 36.28
C3D CLA GC . -17.27 -40.76 37.11
C4D CLA GC . -16.24 -40.50 36.37
CMD CLA GC . -19.75 -40.98 36.77
CAD CLA GC . -16.95 -40.98 38.44
OBD CLA GC . -17.61 -40.15 39.19
CBD CLA GC . -15.45 -40.78 38.45
CGD CLA GC . -14.88 -39.57 39.13
O1D CLA GC . -13.71 -39.58 39.48
O2D CLA GC . -15.66 -38.34 39.40
CED CLA GC . -16.77 -37.79 38.64
C1 CLA GC . -8.57 -43.73 37.82
C2 CLA GC . -7.44 -42.72 38.20
C3 CLA GC . -6.21 -43.23 38.57
C4 CLA GC . -5.06 -42.33 38.99
C5 CLA GC . -5.90 -44.72 38.63
C6 CLA GC . -5.42 -44.81 40.13
MG CLA HC . -7.08 -35.17 34.43
CHA CLA HC . -9.53 -35.28 36.86
CHB CLA HC . -4.69 -34.95 36.77
CHC CLA HC . -4.55 -35.07 31.80
CHD CLA HC . -9.70 -35.43 31.92
NA CLA HC . -7.07 -35.12 36.44
C1A CLA HC . -8.10 -35.17 37.26
C2A CLA HC . -7.70 -35.13 38.71
C3A CLA HC . -6.21 -34.97 38.68
C4A CLA HC . -5.96 -35.01 37.19
CMA CLA HC . -5.82 -33.67 39.35
CAA CLA HC . -7.89 -36.52 39.32
CBA CLA HC . -6.66 -37.44 39.11
CGA CLA HC . -6.65 -38.13 37.75
O1A CLA HC . -7.57 -38.83 37.37
O2A CLA HC . -5.52 -37.96 36.84
NB CLA HC . -5.03 -35.04 34.34
C1B CLA HC . -4.19 -34.95 35.39
C2B CLA HC . -2.87 -34.87 35.05
C3B CLA HC . -2.88 -34.88 33.67
C4B CLA HC . -4.22 -35.01 33.26
CMB CLA HC . -1.68 -34.76 35.97
CAB CLA HC . -2.65 -33.59 33.38
CBB CLA HC . -2.50 -32.37 33.17
NC CLA HC . -7.10 -35.23 32.35
C1C CLA HC . -6.03 -35.18 31.49
C2C CLA HC . -6.47 -35.24 30.16
C3C CLA HC . -7.84 -35.33 30.20
C4C CLA HC . -8.21 -35.34 31.55
CMC CLA HC . -5.60 -35.22 28.91
CAC CLA HC . -8.81 -35.47 29.04
CBC CLA HC . -8.65 -34.43 27.96
ND CLA HC . -9.11 -35.32 34.39
C1D CLA HC . -10.02 -35.41 33.39
C2D CLA HC . -11.32 -35.50 33.97
C3D CLA HC . -11.14 -35.44 35.34
C4D CLA HC . -9.82 -35.34 35.55
CMD CLA HC . -12.74 -35.61 33.45
CAD CLA HC . -11.92 -35.48 36.51
OBD CLA HC . -12.90 -34.65 36.56
CBD CLA HC . -10.86 -35.38 37.61
CGD CLA HC . -11.22 -34.36 38.69
O1D CLA HC . -12.40 -34.15 39.02
O2D CLA HC . -10.18 -33.62 39.37
CED CLA HC . -10.41 -33.22 40.72
C1 CLA HC . -5.61 -38.49 35.50
C2 CLA HC . -4.43 -39.31 34.94
C3 CLA HC . -4.22 -39.14 33.63
C4 CLA HC . -5.11 -38.20 32.87
C5 CLA HC . -3.11 -39.88 32.91
C6 CLA HC . -3.09 -39.52 31.39
MG CLA IC . -6.81 -24.21 29.33
CHA CLA IC . -9.44 -26.33 29.58
CHB CLA IC . -4.62 -26.71 29.95
CHC CLA IC . -4.17 -21.82 29.05
CHD CLA IC . -9.25 -21.52 28.65
NA CLA IC . -6.96 -26.19 29.71
C1A CLA IC . -8.07 -26.89 29.77
C2A CLA IC . -7.86 -28.35 30.00
C3A CLA IC . -6.37 -28.44 30.17
C4A CLA IC . -5.93 -27.02 29.93
CMA CLA IC . -6.06 -28.93 31.57
CAA CLA IC . -8.04 -28.95 28.59
CBA CLA IC . -8.37 -30.43 28.45
CGA CLA IC . -7.68 -30.98 27.21
O1A CLA IC . -6.50 -31.30 27.28
O2A CLA IC . -8.32 -31.15 25.88
NB CLA IC . -4.77 -24.30 29.49
C1B CLA IC . -4.00 -25.38 29.74
C2B CLA IC . -2.63 -25.10 29.76
C3B CLA IC . -2.63 -23.75 29.53
C4B CLA IC . -3.92 -23.28 29.33
CMB CLA IC . -1.45 -26.02 30.03
CAB CLA IC . -1.59 -23.10 29.01
CBB CLA IC . -0.58 -22.44 28.67
NC CLA IC . -6.71 -22.18 28.95
C1C CLA IC . -5.59 -21.42 28.88
C2C CLA IC . -5.92 -20.08 28.61
C3C CLA IC . -7.28 -20.03 28.51
C4C CLA IC . -7.76 -21.31 28.72
CMC CLA IC . -4.98 -18.92 28.45
CAC CLA IC . -8.11 -18.79 28.24
CBC CLA IC . -9.28 -19.07 27.32
ND CLA IC . -8.82 -23.96 29.14
C1D CLA IC . -9.65 -22.92 28.89
C2D CLA IC . -10.97 -23.38 28.89
C3D CLA IC . -10.91 -24.72 29.17
C4D CLA IC . -9.63 -25.03 29.31
CMD CLA IC . -12.31 -22.74 28.68
CAD CLA IC . -11.78 -25.78 29.32
OBD CLA IC . -12.26 -25.94 28.16
CBD CLA IC . -10.83 -26.92 29.54
CGD CLA IC . -11.32 -27.86 30.58
O1D CLA IC . -11.83 -27.42 31.59
O2D CLA IC . -11.24 -29.31 30.35
CED CLA IC . -10.85 -30.19 31.42
C1 CLA IC . -9.48 -31.95 25.64
C2 CLA IC . -9.21 -33.07 24.69
C3 CLA IC . -10.17 -34.00 24.46
C4 CLA IC . -11.51 -33.88 25.13
C5 CLA IC . -9.93 -35.17 23.51
C6 CLA IC . -9.72 -36.46 24.35
C7 CLA IC . -9.66 -37.75 23.52
C8 CLA IC . -8.52 -38.74 23.85
C9 CLA IC . -7.94 -39.36 22.56
C10 CLA IC . -7.37 -38.13 24.67
C11 CLA IC . -7.30 -38.71 26.07
C12 CLA IC . -6.74 -40.13 26.11
C13 CLA IC . -7.39 -40.93 27.24
C14 CLA IC . -6.51 -42.08 27.75
C15 CLA IC . -8.82 -41.36 26.89
MG CLA JC . -18.61 -24.82 26.00
CHA CLA JC . -21.02 -25.26 23.76
CHB CLA JC . -16.20 -25.08 23.64
CHC CLA JC . -16.17 -24.28 28.50
CHD CLA JC . -21.24 -24.52 28.62
NA CLA JC . -18.60 -25.12 24.01
C1A CLA JC . -19.64 -25.28 23.27
C2A CLA JC . -19.32 -25.55 21.82
C3A CLA JC . -17.79 -25.42 21.78
C4A CLA JC . -17.48 -25.20 23.24
CMA CLA JC . -17.05 -26.62 21.18
CAA CLA JC . -20.14 -24.79 20.80
CBA CLA JC . -20.72 -25.80 19.81
CGA CLA JC . -22.06 -25.43 19.22
O1A CLA JC . -23.04 -25.34 19.93
O2A CLA JC . -22.27 -25.19 17.78
NB CLA JC . -16.58 -24.71 26.01
C1B CLA JC . -15.71 -24.83 25.00
C2B CLA JC . -14.40 -24.71 25.41
C3B CLA JC . -14.49 -24.50 26.77
C4B CLA JC . -15.82 -24.48 27.08
CMB CLA JC . -13.14 -24.78 24.57
CAB CLA JC . -14.35 -25.61 27.51
CBB CLA JC . -14.53 -26.59 28.36
NC CLA JC . -18.68 -24.48 28.05
C1C CLA JC . -17.60 -24.30 28.84
C2C CLA JC . -17.94 -24.10 30.15
C3C CLA JC . -19.34 -24.17 30.19
C4C CLA JC . -19.77 -24.40 28.89
CMC CLA JC . -16.91 -23.88 31.24
CAC CLA JC . -20.28 -24.01 31.38
CBC CLA JC . -19.72 -24.62 32.65
ND CLA JC . -20.63 -24.88 26.18
C1D CLA JC . -21.55 -24.77 27.18
C2D CLA JC . -22.83 -24.92 26.59
C3D CLA JC . -22.64 -25.12 25.23
C4D CLA JC . -21.33 -25.09 25.04
CMD CLA JC . -24.23 -24.89 27.10
CAD CLA JC . -23.36 -25.31 24.05
OBD CLA JC . -24.30 -26.19 24.11
CBD CLA JC . -22.26 -25.51 23.05
CGD CLA JC . -22.03 -27.00 22.99
O1D CLA JC . -21.56 -27.53 22.00
O2D CLA JC . -22.27 -27.88 24.14
CED CLA JC . -23.37 -28.78 24.11
C1 CLA JC . -21.41 -25.68 16.70
C2 CLA JC . -21.52 -27.17 16.40
C3 CLA JC . -20.94 -28.14 17.16
MG CLA KC . -6.91 -20.39 11.25
CHA CLA KC . -7.15 -22.81 8.86
CHB CLA KC . -5.57 -22.56 13.44
CHC CLA KC . -6.70 -17.73 13.66
CHD CLA KC . -8.36 -18.07 8.82
NA CLA KC . -6.43 -22.35 11.19
C1A CLA KC . -6.57 -23.18 10.19
C2A CLA KC . -6.11 -24.59 10.47
C3A CLA KC . -5.65 -24.46 11.91
C4A CLA KC . -5.89 -23.02 12.22
CMA CLA KC . -6.49 -25.30 12.84
CAA CLA KC . -5.07 -25.10 9.46
CBA CLA KC . -4.23 -26.33 9.82
CGA CLA KC . -2.76 -25.98 10.05
O1A CLA KC . -2.37 -25.34 11.03
O2A CLA KC . -1.72 -26.36 9.09
NB CLA KC . -6.24 -20.23 13.19
C1B CLA KC . -5.72 -21.19 13.96
C2B CLA KC . -5.36 -20.76 15.24
C3B CLA KC . -5.72 -19.43 15.24
C4B CLA KC . -6.24 -19.12 13.97
CMB CLA KC . -4.77 -21.57 16.37
CAB CLA KC . -4.74 -18.57 15.59
CBB CLA KC . -4.02 -17.62 16.03
NC CLA KC . -7.40 -18.38 11.25
C1C CLA KC . -7.25 -17.50 12.28
C2C CLA KC . -7.70 -16.23 11.91
C3C CLA KC . -8.14 -16.33 10.61
C4C CLA KC . -7.96 -17.66 10.21
CMC CLA KC . -7.71 -14.97 12.74
CAC CLA KC . -8.72 -15.21 9.78
CBC CLA KC . -7.83 -14.94 8.58
ND CLA KC . -7.59 -20.40 9.33
C1D CLA KC . -8.11 -19.50 8.48
C2D CLA KC . -8.40 -20.12 7.23
C3D CLA KC . -8.02 -21.44 7.38
C4D CLA KC . -7.55 -21.56 8.61
CMD CLA KC . -8.97 -19.67 5.91
CAD CLA KC . -7.97 -22.61 6.62
OBD CLA KC . -9.09 -22.94 6.06
CBD CLA KC . -7.42 -23.60 7.62
CGD CLA KC . -8.51 -24.58 7.95
O1D CLA KC . -9.48 -24.23 8.59
O2D CLA KC . -8.46 -25.98 7.52
CED CLA KC . -9.00 -26.42 6.28
C1 CLA KC . -0.34 -26.50 9.48
C2 CLA KC . -0.23 -26.85 10.94
C3 CLA KC . 0.67 -27.69 11.47
C4 CLA KC . 0.59 -27.90 12.96
C5 CLA KC . 1.71 -28.44 10.64
C6 CLA KC . 3.12 -27.84 10.82
C7 CLA KC . 3.89 -28.52 11.95
C8 CLA KC . 4.96 -27.61 12.60
C9 CLA KC . 4.31 -26.54 13.50
C10 CLA KC . 6.00 -28.49 13.31
C11 CLA KC . 6.52 -28.02 14.68
C12 CLA KC . 5.79 -28.58 15.91
C13 CLA KC . 5.54 -30.11 16.08
C14 CLA KC . 6.67 -31.03 15.60
C15 CLA KC . 4.20 -30.50 15.46
C16 CLA KC . 3.08 -30.76 16.47
C17 CLA KC . 1.76 -30.18 15.94
C18 CLA KC . 0.88 -31.21 15.18
C19 CLA KC . -0.56 -30.73 15.02
C20 CLA KC . 1.48 -31.63 13.83
MG CLA LC . -9.18 -34.37 6.82
CHA CLA LC . -8.17 -31.83 8.86
CHB CLA LC . -10.02 -36.25 9.46
CHC CLA LC . -10.25 -37.03 4.58
CHD CLA LC . -8.29 -32.33 3.95
NA CLA LC . -9.13 -34.12 8.78
C1A CLA LC . -8.72 -33.10 9.40
C2A CLA LC . -8.79 -33.21 10.90
C3A CLA LC . -9.36 -34.58 11.12
C4A CLA LC . -9.52 -35.03 9.70
NB CLA LC . -9.98 -36.27 7.03
C1B CLA LC . -10.27 -36.90 8.16
C2B CLA LC . -10.79 -38.16 7.99
C3B CLA LC . -10.84 -38.33 6.64
C4B CLA LC . -10.34 -37.16 6.07
NC CLA LC . -9.24 -34.62 4.79
C1C CLA LC . -9.68 -35.71 4.12
C2C CLA LC . -9.58 -35.49 2.76
C3C CLA LC . -9.05 -34.24 2.59
C4C CLA LC . -8.86 -33.72 3.85
ND CLA LC . -8.41 -32.51 6.49
C1D CLA LC . -8.11 -31.84 5.36
C2D CLA LC . -7.59 -30.58 5.67
C3D CLA LC . -7.56 -30.45 7.05
C4D CLA LC . -8.08 -31.65 7.50
MG CLA MC . -23.70 -17.85 -0.80
CHA CLA MC . -26.72 -19.24 -1.25
CHB CLA MC . -22.48 -19.46 -3.53
CHC CLA MC . -20.53 -16.31 -0.23
CHD CLA MC . -25.06 -16.13 2.13
NA CLA MC . -24.45 -19.13 -2.15
C1A CLA MC . -25.66 -19.58 -2.20
C2A CLA MC . -25.88 -20.53 -3.36
C3A CLA MC . -24.54 -20.61 -4.02
C4A CLA MC . -23.75 -19.66 -3.18
CMA CLA MC . -23.99 -22.04 -3.97
CAA CLA MC . -26.83 -20.05 -4.45
CBA CLA MC . -26.34 -18.82 -5.24
CGA CLA MC . -25.03 -19.09 -5.95
O1A CLA MC . -24.86 -20.10 -6.63
O2A CLA MC . -23.93 -18.15 -5.80
NB CLA MC . -21.87 -17.89 -1.74
C1B CLA MC . -21.53 -18.59 -2.84
C2B CLA MC . -20.22 -18.44 -3.23
C3B CLA MC . -19.71 -17.57 -2.31
C4B CLA MC . -20.74 -17.23 -1.40
CMB CLA MC . -19.51 -19.07 -4.41
CAB CLA MC . -19.18 -16.55 -3.05
CBB CLA MC . -18.30 -15.74 -3.77
NC CLA MC . -22.97 -16.54 0.61
C1C CLA MC . -21.70 -16.05 0.67
C2C CLA MC . -21.59 -15.20 1.75
C3C CLA MC . -22.80 -15.16 2.37
C4C CLA MC . -23.63 -15.99 1.65
CMC CLA MC . -20.38 -14.43 2.21
CAC CLA MC . -23.15 -14.36 3.60
CBC CLA MC . -23.40 -15.27 4.80
ND CLA MC . -25.44 -17.70 0.20
C1D CLA MC . -25.88 -17.04 1.29
C2D CLA MC . -27.25 -17.34 1.53
C3D CLA MC . -27.60 -18.23 0.52
C4D CLA MC . -26.51 -18.40 -0.23
CMD CLA MC . -28.26 -16.92 2.56
CAD CLA MC . -28.71 -18.94 0.04
OBD CLA MC . -29.50 -19.53 0.85
CBD CLA MC . -28.12 -19.72 -1.11
CGD CLA MC . -27.94 -21.13 -0.57
O1D CLA MC . -26.84 -21.48 -0.15
O2D CLA MC . -29.01 -22.10 -0.49
CED CLA MC . -29.01 -23.13 0.52
C1 CLA MC . -23.88 -16.96 -6.59
C2 CLA MC . -22.93 -15.99 -5.93
C3 CLA MC . -23.33 -14.78 -5.49
C4 CLA MC . -22.36 -13.85 -4.83
C5 CLA MC . -24.77 -14.33 -5.70
C6 CLA MC . -25.63 -14.45 -4.44
MG CLA NC . -23.29 -24.79 4.96
CHA CLA NC . -23.94 -27.60 3.25
CHB CLA NC . -25.42 -23.00 3.02
CHC CLA NC . -22.49 -21.89 6.85
CHD CLA NC . -20.99 -26.79 7.03
NA CLA NC . -24.47 -25.18 3.42
C1A CLA NC . -24.62 -26.33 2.86
C2A CLA NC . -25.60 -26.35 1.76
C3A CLA NC . -26.02 -24.91 1.67
C4A CLA NC . -25.26 -24.30 2.78
CMA CLA NC . -25.53 -24.27 0.37
CAA CLA NC . -26.63 -27.18 2.51
CBA CLA NC . -27.87 -27.58 1.76
CGA CLA NC . -28.98 -26.92 2.51
O1A CLA NC . -29.77 -26.24 1.93
O2A CLA NC . -29.11 -27.12 3.93
NB CLA NC . -23.88 -22.82 4.91
C1B CLA NC . -24.75 -22.23 4.07
C2B CLA NC . -24.94 -20.87 4.29
C3B CLA NC . -24.13 -20.66 5.38
C4B CLA NC . -23.47 -21.84 5.73
CMB CLA NC . -25.86 -19.89 3.55
CAB CLA NC . -23.49 -19.49 5.46
CBB CLA NC . -23.00 -18.34 5.55
NC CLA NC . -22.05 -24.42 6.55
C1C CLA NC . -21.89 -23.23 7.14
C2C CLA NC . -21.00 -23.33 8.18
C3C CLA NC . -20.59 -24.65 8.21
C4C CLA NC . -21.26 -25.30 7.20
CMC CLA NC . -20.59 -22.19 9.04
CAC CLA NC . -19.65 -25.33 9.18
CBC CLA NC . -20.56 -25.87 10.28
ND CLA NC . -22.62 -26.70 5.12
C1D CLA NC . -21.76 -27.39 5.90
C2D CLA NC . -21.74 -28.76 5.48
C3D CLA NC . -22.59 -28.83 4.43
C4D CLA NC . -23.10 -27.62 4.25
CMD CLA NC . -21.05 -30.02 5.89
CAD CLA NC . -23.07 -29.79 3.56
OBD CLA NC . -22.03 -30.19 2.91
CBD CLA NC . -23.99 -28.97 2.68
CGD CLA NC . -23.47 -28.88 1.27
O1D CLA NC . -22.79 -27.92 0.91
O2D CLA NC . -23.74 -29.92 0.28
CED CLA NC . -24.87 -29.80 -0.60
MG CLA OC . -21.74 -10.14 15.84
CHA CLA OC . -21.82 -6.91 17.09
CHB CLA OC . -24.39 -10.95 17.74
CHC CLA OC . -21.62 -13.46 14.49
CHD CLA OC . -18.90 -9.21 13.78
NA CLA OC . -22.90 -9.19 17.15
C1A CLA OC . -22.78 -7.96 17.50
C2A CLA OC . -23.78 -7.50 18.52
C3A CLA OC . -24.59 -8.76 18.72
C4A CLA OC . -23.92 -9.73 17.81
NB CLA OC . -22.82 -11.87 16.09
C1B CLA OC . -23.87 -12.05 16.89
C2B CLA OC . -24.39 -13.34 16.85
C3B CLA OC . -23.59 -13.99 15.94
C4B CLA OC . -22.65 -13.06 15.49
NC CLA OC . -20.55 -11.11 14.47
C1C CLA OC . -20.66 -12.39 14.07
C2C CLA OC . -19.68 -12.70 13.13
C3C CLA OC . -18.96 -11.56 12.95
C4C CLA OC . -19.50 -10.59 13.78
ND CLA OC . -20.62 -8.45 15.51
C1D CLA OC . -19.57 -8.23 14.72
C2D CLA OC . -19.16 -6.90 14.85
C3D CLA OC . -19.98 -6.26 15.77
C4D CLA OC . -20.86 -7.25 16.15
MG CLA PC . 3.03 -17.16 26.64
CHA CLA PC . 2.81 -17.70 29.97
CHB CLA PC . 6.11 -15.97 26.95
CHC CLA PC . 3.11 -16.64 23.06
CHD CLA PC . -0.36 -18.49 26.32
NA CLA PC . 4.28 -16.87 28.19
C1A CLA PC . 4.06 -17.14 29.43
C2A CLA PC . 5.18 -16.80 30.36
C3A CLA PC . 6.23 -16.25 29.41
C4A CLA PC . 5.51 -16.36 28.09
CMA CLA PC . 6.63 -14.83 29.84
CAA CLA PC . 5.59 -17.96 31.28
CBA CLA PC . 6.86 -18.70 30.90
CGA CLA PC . 6.61 -19.43 29.61
O1A CLA PC . 5.62 -20.17 29.51
O2A CLA PC . 7.52 -19.23 28.50
NB CLA PC . 4.37 -16.43 25.30
C1B CLA PC . 5.60 -16.00 25.56
C2B CLA PC . 6.26 -15.58 24.43
C3B CLA PC . 5.38 -15.79 23.42
C4B CLA PC . 4.23 -16.32 23.97
CMB CLA PC . 7.61 -14.96 24.19
CAB CLA PC . 5.92 -16.57 22.45
CBB CLA PC . 6.42 -17.10 21.37
NC CLA PC . 1.71 -17.48 25.08
C1C CLA PC . 1.94 -17.21 23.75
C2C CLA PC . 0.84 -17.55 22.98
C3C CLA PC . -0.10 -18.05 23.86
C4C CLA PC . 0.45 -18.00 25.13
CMC CLA PC . 0.73 -17.38 21.47
CAC CLA PC . -1.49 -18.54 23.49
CBC CLA PC . -2.28 -17.36 22.93
ND CLA PC . 1.58 -17.91 27.83
C1D CLA PC . 0.33 -18.38 27.63
C2D CLA PC . -0.20 -18.76 28.89
C3D CLA PC . 0.79 -18.49 29.83
C4D CLA PC . 1.80 -17.99 29.15
CMD CLA PC . -1.50 -19.33 29.35
CAD CLA PC . 1.01 -18.58 31.20
OBD CLA PC . 0.27 -17.65 31.69
CBD CLA PC . 2.40 -18.05 31.37
CGD CLA PC . 2.47 -16.81 32.27
O1D CLA PC . 1.58 -15.94 32.25
O2D CLA PC . 3.65 -16.63 33.14
CED CLA PC . 3.59 -16.54 34.56
C1 CLA PC . 8.94 -19.29 28.70
C2 CLA PC . 9.37 -20.73 28.72
C3 CLA PC . 10.39 -21.21 29.48
C4 CLA PC . 11.20 -20.32 30.37
C5 CLA PC . 10.70 -22.69 29.41
MG CLA QC . 10.68 -15.75 21.50
CHA CLA QC . 10.41 -14.95 24.82
CHB CLA QC . 12.17 -12.77 20.85
CHC CLA QC . 10.95 -16.67 18.10
CHD CLA QC . 9.11 -18.98 22.26
NA CLA QC . 11.19 -14.15 22.60
C1A CLA QC . 11.04 -13.98 23.85
C2A CLA QC . 11.61 -12.70 24.31
C3A CLA QC . 12.06 -12.02 23.06
C4A CLA QC . 11.79 -13.06 22.09
CMA CLA QC . 11.06 -10.94 22.70
CAA CLA QC . 12.94 -13.03 25.02
CBA CLA QC . 13.91 -14.03 24.35
CGA CLA QC . 15.08 -14.51 25.24
O1A CLA QC . 16.24 -14.19 24.97
O2A CLA QC . 14.90 -15.36 26.45
NB CLA QC . 11.44 -14.86 19.81
C1B CLA QC . 12.01 -13.65 19.69
C2B CLA QC . 12.44 -13.30 18.45
C3B CLA QC . 12.04 -14.40 17.70
C4B CLA QC . 11.46 -15.35 18.58
CMB CLA QC . 13.08 -12.00 18.03
CAB CLA QC . 12.83 -14.86 16.71
CBB CLA QC . 13.40 -15.46 15.71
NC CLA QC . 10.16 -17.42 20.43
C1C CLA QC . 10.34 -17.59 19.11
C2C CLA QC . 9.86 -18.83 18.71
C3C CLA QC . 9.37 -19.42 19.82
C4C CLA QC . 9.56 -18.57 20.88
CMC CLA QC . 9.89 -19.43 17.32
CAC CLA QC . 8.77 -20.79 19.87
CBC CLA QC . 9.92 -21.75 20.09
ND CLA QC . 9.95 -16.73 23.11
C1D CLA QC . 9.37 -17.94 23.31
C2D CLA QC . 9.06 -18.08 24.68
C3D CLA QC . 9.46 -16.91 25.29
C4D CLA QC . 9.99 -16.13 24.35
CMD CLA QC . 8.42 -19.17 25.48
CAD CLA QC . 9.47 -16.35 26.57
OBD CLA QC . 8.26 -16.14 26.89
CBD CLA QC . 10.14 -15.01 26.33
CGD CLA QC . 9.51 -13.95 27.23
O1D CLA QC . 9.59 -14.15 28.44
O2D CLA QC . 8.82 -12.75 26.85
CED CLA QC . 8.51 -11.80 27.88
C1 CLA QC . 13.64 -15.78 26.95
C2 CLA QC . 13.71 -16.33 28.34
C3 CLA QC . 14.59 -16.04 29.34
C4 CLA QC . 15.71 -15.03 29.23
C5 CLA QC . 14.42 -16.76 30.67
C6 CLA QC . 15.37 -17.96 30.84
C7 CLA QC . 14.80 -19.24 30.23
C8 CLA QC . 15.28 -20.50 30.95
C9 CLA QC . 14.11 -21.17 31.67
C10 CLA QC . 15.90 -21.46 29.94
MG CLA RC . 16.92 -13.46 5.08
CHA CLA RC . 14.98 -12.58 7.62
CHB CLA RC . 17.57 -10.20 4.32
CHC CLA RC . 18.97 -14.58 2.46
CHD CLA RC . 16.20 -16.99 6.00
NA CLA RC . 16.37 -11.69 5.83
C1A CLA RC . 15.60 -11.50 6.82
C2A CLA RC . 15.37 -10.06 7.13
C3A CLA RC . 16.17 -9.35 6.09
C4A CLA RC . 16.76 -10.48 5.36
CMA CLA RC . 15.23 -8.66 5.12
CAA CLA RC . 15.92 -9.80 8.51
CBA CLA RC . 15.26 -8.67 9.30
CGA CLA RC . 16.25 -8.55 10.42
O1A CLA RC . 15.94 -8.14 11.52
O2A CLA RC . 17.62 -8.97 10.19
NB CLA RC . 18.04 -12.51 3.65
C1B CLA RC . 18.22 -11.19 3.45
C2B CLA RC . 19.06 -10.88 2.38
C3B CLA RC . 19.42 -12.12 1.92
C4B CLA RC . 18.78 -13.10 2.70
CMB CLA RC . 19.49 -9.53 1.83
CAB CLA RC . 19.09 -12.26 0.63
NC CLA RC . 17.46 -15.34 4.39
C1C CLA RC . 18.27 -15.57 3.36
C2C CLA RC . 18.41 -16.94 3.17
C3C CLA RC . 17.66 -17.57 4.14
C4C CLA RC . 17.10 -16.57 4.87
CMC CLA RC . 19.24 -17.62 2.12
CAC CLA RC . 17.48 -19.06 4.35
CBC CLA RC . 16.10 -19.56 3.94
ND CLA RC . 15.88 -14.54 6.44
C1D CLA RC . 15.66 -15.84 6.72
C2D CLA RC . 14.81 -15.95 7.83
C3D CLA RC . 14.54 -14.67 8.19
C4D CLA RC . 15.18 -13.86 7.35
CMD CLA RC . 14.24 -17.13 8.60
CAD CLA RC . 13.79 -14.03 9.15
OBD CLA RC . 12.61 -14.17 8.65
CBD CLA RC . 14.10 -12.60 8.84
CGD CLA RC . 12.91 -11.73 8.90
O1D CLA RC . 12.09 -11.75 7.99
O2D CLA RC . 12.79 -10.93 10.11
CED CLA RC . 13.84 -11.07 11.08
C1 CLA RC . 18.64 -8.03 9.90
C2 CLA RC . 19.16 -7.55 11.23
C3 CLA RC . 19.28 -8.30 12.34
C4 CLA RC . 19.83 -7.56 13.52
C5 CLA RC . 18.92 -9.77 12.46
MG CLA SC . 17.72 -11.96 -5.63
CHA CLA SC . 20.32 -12.73 -7.75
CHB CLA SC . 19.01 -13.96 -3.25
CHC CLA SC . 14.94 -11.10 -3.48
CHD CLA SC . 16.35 -9.81 -8.21
NA CLA SC . 19.33 -13.12 -5.49
C1A CLA SC . 20.22 -13.29 -6.39
C2A CLA SC . 21.33 -14.22 -5.99
C3A CLA SC . 20.94 -14.64 -4.59
C4A CLA SC . 19.66 -13.85 -4.42
NB CLA SC . 17.13 -12.46 -3.73
C1B CLA SC . 17.75 -13.28 -2.88
C2B CLA SC . 17.13 -13.44 -1.66
C3B CLA SC . 16.01 -12.63 -1.78
C4B CLA SC . 16.03 -12.05 -3.04
NC CLA SC . 16.05 -10.75 -5.80
C1C CLA SC . 15.09 -10.54 -4.86
C2C CLA SC . 14.13 -9.67 -5.34
C3C CLA SC . 14.51 -9.33 -6.61
C4C CLA SC . 15.68 -10.00 -6.86
ND CLA SC . 18.21 -11.39 -7.53
C1D CLA SC . 17.61 -10.58 -8.40
C2D CLA SC . 18.36 -10.52 -9.59
C3D CLA SC . 19.48 -11.34 -9.47
C4D CLA SC . 19.35 -11.86 -8.19
MG CLA TC . -2.61 -38.25 8.68
CHA CLA TC . -4.19 -41.21 8.35
CHB CLA TC . -5.44 -36.61 7.89
CHC CLA TC . -0.87 -35.15 9.05
CHD CLA TC . 0.43 -40.07 9.52
NA CLA TC . -4.48 -38.79 8.20
C1A CLA TC . -4.97 -39.97 8.12
C2A CLA TC . -6.43 -40.04 7.76
C3A CLA TC . -6.76 -38.59 7.58
C4A CLA TC . -5.48 -37.93 7.92
CMA CLA TC . -6.98 -38.33 6.10
CAA CLA TC . -7.23 -40.74 8.88
CBA CLA TC . -8.25 -39.90 9.66
CGA CLA TC . -7.88 -39.72 11.13
O1A CLA TC . -8.74 -39.73 12.01
O2A CLA TC . -6.48 -39.56 11.51
NB CLA TC . -3.10 -36.26 8.50
C1B CLA TC . -4.28 -35.75 8.17
C2B CLA TC . -4.29 -34.39 8.12
C3B CLA TC . -3.02 -34.03 8.47
C4B CLA TC . -2.31 -35.20 8.67
CMB CLA TC . -5.43 -33.46 7.80
CAB CLA TC . -3.14 -33.52 9.70
CBB CLA TC . -3.24 -33.06 10.87
NC CLA TC . -0.67 -37.72 9.17
C1C CLA TC . -0.18 -36.46 9.26
C2C CLA TC . 1.16 -36.48 9.61
C3C CLA TC . 1.51 -37.78 9.74
C4C CLA TC . 0.38 -38.54 9.46
CMC CLA TC . 2.07 -35.30 9.83
CAC CLA TC . 2.89 -38.29 10.12
CBC CLA TC . 3.52 -39.12 9.02
ND CLA TC . -2.00 -40.17 8.89
C1D CLA TC . -0.85 -40.80 9.22
C2D CLA TC . -1.07 -42.22 9.20
C3D CLA TC . -2.40 -42.37 8.85
C4D CLA TC . -2.91 -41.16 8.69
CMD CLA TC . -0.26 -43.44 9.48
CAD CLA TC . -3.34 -43.40 8.66
OBD CLA TC . -3.64 -43.82 9.85
CBD CLA TC . -4.58 -42.65 8.27
CGD CLA TC . -5.06 -43.03 6.89
O1D CLA TC . -4.32 -43.39 6.01
O2D CLA TC . -6.46 -42.97 6.55
CED CLA TC . -7.29 -44.11 6.81
C1 CLA TC . -5.73 -38.36 11.28
MG CLA UC . -2.08 -46.18 12.98
CHA CLA UC . 1.10 -45.06 12.86
CHB CLA UC . -1.01 -49.36 12.98
CHC CLA UC . -5.50 -47.27 13.11
CHD CLA UC . -3.20 -42.68 12.99
NA CLA UC . -0.28 -47.08 12.93
C1A CLA UC . 0.89 -46.53 12.89
C2A CLA UC . 2.05 -47.51 12.85
C3A CLA UC . 1.35 -48.83 12.90
C4A CLA UC . -0.09 -48.41 12.94
CMA CLA UC . 1.67 -49.80 11.76
CAA CLA UC . 3.09 -47.40 13.97
CBA CLA UC . 4.46 -47.09 13.38
CGA CLA UC . 5.65 -47.45 14.24
O1A CLA UC . 6.52 -46.63 14.45
O2A CLA UC . 5.81 -48.79 14.80
NB CLA UC . -3.04 -47.98 13.04
C1B CLA UC . -2.46 -49.17 13.03
C2B CLA UC . -3.35 -50.20 13.07
C3B CLA UC . -4.60 -49.61 13.10
C4B CLA UC . -4.36 -48.24 13.09
CMB CLA UC . -2.95 -51.65 13.07
CAB CLA UC . -5.15 -49.88 11.91
CBB CLA UC . -5.61 -50.10 10.76
NC CLA UC . -3.91 -45.21 13.04
C1C CLA UC . -5.13 -45.81 13.09
C2C CLA UC . -6.14 -44.85 13.12
C3C CLA UC . -5.52 -43.63 13.09
C4C CLA UC . -4.15 -43.86 13.04
CMC CLA UC . -7.64 -45.10 13.18
CAC CLA UC . -6.21 -42.29 13.11
CBC CLA UC . -6.48 -41.87 14.54
ND CLA UC . -1.28 -44.31 12.95
C1D CLA UC . -1.76 -43.04 12.94
C2D CLA UC . -0.67 -42.15 12.90
C3D CLA UC . 0.48 -42.94 12.86
C4D CLA UC . 0.07 -44.20 12.90
CMD CLA UC . -0.53 -40.64 12.87
CAD CLA UC . 1.87 -42.79 12.82
OBD CLA UC . 2.24 -42.30 13.96
CBD CLA UC . 2.34 -44.21 12.80
CGD CLA UC . 3.05 -44.46 11.50
O1D CLA UC . 2.39 -44.64 10.50
O2D CLA UC . 4.50 -44.48 11.37
CED CLA UC . 5.37 -43.65 12.14
C1 CLA UC . 5.78 -49.03 16.21
C2 CLA UC . 4.93 -50.23 16.54
C3 CLA UC . 4.29 -50.42 17.72
C4 CLA UC . 3.47 -51.66 17.91
C5 CLA UC . 4.37 -49.41 18.84
C6 CLA UC . 5.44 -49.78 19.86
C7 CLA UC . 4.81 -50.32 21.13
C8 CLA UC . 5.38 -51.70 21.48
C9 CLA UC . 6.72 -51.58 22.19
C10 CLA UC . 4.37 -52.48 22.32
MG CLA VC . -2.80 -27.96 2.79
CHA CLA VC . -1.16 -30.78 3.24
CHB CLA VC . -1.85 -26.86 5.86
CHC CLA VC . -4.61 -24.97 2.16
CHD CLA VC . -3.81 -29.24 -0.51
NA CLA VC . -1.70 -28.67 4.31
C1A CLA VC . -1.12 -29.80 4.33
C2A CLA VC . -0.35 -30.13 5.56
C3A CLA VC . -0.58 -28.89 6.39
C4A CLA VC . -1.44 -28.07 5.48
CMA CLA VC . -1.31 -29.31 7.67
CAA CLA VC . 1.11 -30.31 5.17
CBA CLA VC . 1.82 -31.37 5.98
CGA CLA VC . 3.13 -30.78 6.47
O1A CLA VC . 3.51 -29.72 6.00
O2A CLA VC . 3.92 -31.41 7.51
NB CLA VC . -3.13 -26.25 3.86
C1B CLA VC . -2.69 -25.93 5.08
C2B CLA VC . -3.12 -24.66 5.49
C3B CLA VC . -3.89 -24.20 4.45
C4B CLA VC . -3.86 -25.19 3.45
CMB CLA VC . -2.83 -23.96 6.77
CAB CLA VC . -5.19 -24.35 4.78
CBB CLA VC . -6.42 -24.73 4.83
NC CLA VC . -3.94 -27.26 1.21
C1C CLA VC . -4.57 -26.07 1.15
C2C CLA VC . -5.24 -25.92 -0.06
C3C CLA VC . -5.02 -27.08 -0.77
C4C CLA VC . -4.21 -27.89 0.03
CMC CLA VC . -6.06 -24.73 -0.50
CAC CLA VC . -5.55 -27.44 -2.15
CBC CLA VC . -7.05 -27.73 -2.06
ND CLA VC . -2.56 -29.61 1.63
C1D CLA VC . -2.95 -30.04 0.42
C2D CLA VC . -2.42 -31.33 0.18
C3D CLA VC . -1.70 -31.64 1.31
C4D CLA VC . -1.81 -30.61 2.12
CMD CLA VC . -2.48 -32.33 -0.92
CAD CLA VC . -0.93 -32.67 1.83
OBD CLA VC . 0.14 -32.89 1.16
CBD CLA VC . -0.62 -32.13 3.21
CGD CLA VC . -1.78 -32.63 4.08
O1D CLA VC . -2.85 -32.01 4.07
O2D CLA VC . -1.80 -33.80 4.95
CED CLA VC . -3.02 -34.55 4.98
C1 CLA VC . 5.33 -31.53 7.34
C2 CLA VC . 6.12 -31.05 8.55
C3 CLA VC . 6.18 -31.66 9.76
C4 CLA VC . 5.40 -32.91 10.07
C5 CLA VC . 7.06 -31.03 10.82
MG CLA WC . 7.08 -23.52 5.84
CHA CLA WC . 5.36 -26.06 4.39
CHB CLA WC . 4.30 -22.44 7.36
CHC CLA WC . 8.94 -20.94 7.33
CHD CLA WC . 10.12 -24.76 4.20
NA CLA WC . 5.17 -24.12 5.89
C1A CLA WC . 4.64 -25.13 5.27
C2A CLA WC . 3.16 -25.28 5.54
C3A CLA WC . 2.82 -24.14 6.46
C4A CLA WC . 4.18 -23.52 6.60
CMA CLA WC . 1.83 -23.25 5.75
CAA CLA WC . 2.76 -26.60 6.18
CBA CLA WC . 3.59 -26.94 7.40
CGA CLA WC . 5.06 -26.91 7.10
O1A CLA WC . 5.55 -27.69 6.26
O2A CLA WC . 5.89 -25.90 7.77
NB CLA WC . 6.66 -22.00 7.11
C1B CLA WC . 5.50 -21.68 7.64
C2B CLA WC . 5.52 -20.59 8.46
C3B CLA WC . 6.82 -20.19 8.41
C4B CLA WC . 7.48 -21.09 7.58
CMB CLA WC . 4.37 -19.97 9.21
CAB CLA WC . 7.43 -20.25 9.60
CBB CLA WC . 8.23 -20.08 10.60
NC CLA WC . 9.08 -22.97 5.79
C1C CLA WC . 9.59 -21.93 6.43
C2C CLA WC . 10.94 -21.79 6.23
C3C CLA WC . 11.32 -22.80 5.39
C4C CLA WC . 10.13 -23.54 5.12
CMC CLA WC . 11.83 -20.74 6.83
CAC CLA WC . 12.80 -22.93 4.99
CBC CLA WC . 13.17 -23.91 3.89
ND CLA WC . 7.61 -25.04 4.59
C1D CLA WC . 8.78 -25.44 4.02
C2D CLA WC . 8.51 -26.58 3.23
C3D CLA WC . 7.14 -26.86 3.36
C4D CLA WC . 6.66 -25.92 4.17
CMD CLA WC . 9.38 -27.46 2.39
CAD CLA WC . 6.17 -27.79 2.91
OBD CLA WC . 5.93 -27.70 1.64
CBD CLA WC . 4.94 -27.31 3.62
CGD CLA WC . 3.65 -27.30 2.82
O1D CLA WC . 2.58 -27.10 3.33
O2D CLA WC . 3.59 -27.58 1.42
CED CLA WC . 2.31 -27.40 0.83
C1 CLA WC . 6.99 -26.24 8.63
C2 CLA WC . 7.64 -24.92 8.98
C3 CLA WC . 8.75 -24.79 9.73
C4 CLA WC . 9.50 -25.95 10.32
C5 CLA WC . 9.31 -23.44 10.03
C6 CLA WC . 10.20 -23.66 11.24
C7 CLA WC . 10.28 -22.42 12.10
C8 CLA WC . 11.61 -21.78 11.78
C9 CLA WC . 11.49 -21.08 10.42
C10 CLA WC . 12.03 -20.91 12.96
MG CLA XC . 2.11 -20.04 14.10
CHA CLA XC . 0.57 -22.11 11.88
CHB CLA XC . -0.89 -18.89 15.18
CHC CLA XC . 3.83 -17.89 16.38
CHD CLA XC . 5.31 -21.34 12.87
NA CLA XC . 0.18 -20.41 13.64
C1A CLA XC . -0.26 -21.25 12.76
C2A CLA XC . -1.76 -21.31 12.70
C3A CLA XC . -2.20 -20.26 13.67
C4A CLA XC . -0.89 -19.81 14.22
CMA CLA XC . -2.82 -19.16 12.82
CAA CLA XC . -2.28 -22.66 13.21
CBA CLA XC . -1.69 -23.09 14.56
CGA CLA XC . -1.93 -24.56 14.81
O1A CLA XC . -3.00 -25.07 14.53
O2A CLA XC . -0.84 -25.36 15.38
NB CLA XC . 1.53 -18.67 15.51
C1B CLA XC . 0.29 -18.32 15.82
C2B CLA XC . 0.17 -17.38 16.79
C3B CLA XC . 1.48 -17.17 17.12
C4B CLA XC . 2.33 -17.93 16.31
CMB CLA XC . -1.06 -16.76 17.41
CAB CLA XC . 1.70 -15.90 17.53
CBB CLA XC . 1.72 -14.84 18.30
NC CLA XC . 4.10 -19.69 14.53
C1C CLA XC . 4.58 -18.82 15.45
C2C CLA XC . 5.97 -18.87 15.46
C3C CLA XC . 6.35 -19.80 14.51
C4C CLA XC . 5.19 -20.28 13.95
CMC CLA XC . 6.88 -18.06 16.33
CAC CLA XC . 7.77 -20.21 14.15
CBC CLA XC . 8.00 -21.59 14.74
ND CLA XC . 2.78 -21.38 12.74
C1D CLA XC . 4.00 -21.82 12.33
C2D CLA XC . 3.82 -22.79 11.32
C3D CLA XC . 2.47 -22.90 11.16
C4D CLA XC . 1.89 -22.06 11.99
CMD CLA XC . 4.70 -23.66 10.48
CAD CLA XC . 1.63 -23.62 10.35
OBD CLA XC . 1.85 -23.07 9.21
CBD CLA XC . 0.27 -23.15 10.81
CGD CLA XC . -0.67 -22.87 9.64
O1D CLA XC . -0.30 -22.32 8.62
O2D CLA XC . -2.06 -23.28 9.68
CED CLA XC . -3.10 -22.31 9.68
C1 CLA XC . -0.97 -26.01 16.64
MG CLA YC . -33.29 17.30 -2.11
CHA CLA YC . -30.95 19.08 -3.72
CHB CLA YC . -35.74 19.34 -3.26
CHC CLA YC . -35.69 15.32 -0.35
CHD CLA YC . -30.58 15.07 -0.88
NA CLA YC . -33.37 18.92 -3.28
C1A CLA YC . -32.36 19.52 -3.84
C2A CLA YC . -32.73 20.72 -4.68
C3A CLA YC . -34.24 20.77 -4.52
C4A CLA YC . -34.48 19.60 -3.62
CMA CLA YC . -34.75 22.10 -3.97
CAA CLA YC . -32.36 20.51 -6.15
CBA CLA YC . -32.99 19.24 -6.75
CGA CLA YC . -32.31 17.98 -6.22
O1A CLA YC . -31.15 17.78 -6.53
O2A CLA YC . -32.99 17.02 -5.33
NB CLA YC . -35.32 17.38 -1.88
C1B CLA YC . -36.19 18.25 -2.41
C2B CLA YC . -37.51 18.03 -2.06
C3B CLA YC . -37.40 16.90 -1.30
C4B CLA YC . -36.07 16.52 -1.16
CMB CLA YC . -38.74 18.79 -2.47
CAB CLA YC . -38.37 16.41 -0.53
CBB CLA YC . -39.25 15.91 0.23
NC CLA YC . -33.17 15.61 -0.90
C1C CLA YC . -34.23 14.99 -0.31
C2C CLA YC . -33.81 13.91 0.42
C3C CLA YC . -32.45 13.83 0.28
C4C CLA YC . -32.05 14.88 -0.54
CMC CLA YC . -34.72 12.97 1.18
CAC CLA YC . -31.54 12.77 0.89
CBC CLA YC . -32.00 11.36 0.58
ND CLA YC . -31.27 17.10 -2.26
C1D CLA YC . -30.32 16.25 -1.77
C2D CLA YC . -29.05 16.70 -2.27
C3D CLA YC . -29.30 17.82 -3.04
C4D CLA YC . -30.61 18.03 -3.01
CMD CLA YC . -27.62 16.25 -2.14
CAD CLA YC . -28.60 18.74 -3.79
OBD CLA YC . -27.95 19.40 -2.93
CBD CLA YC . -29.69 19.63 -4.32
CGD CLA YC . -29.54 21.08 -4.02
O1D CLA YC . -29.46 21.44 -2.86
O2D CLA YC . -29.50 22.03 -5.11
CED CLA YC . -28.53 23.09 -5.10
C1 CLA YC . -33.86 15.97 -5.79
C2 CLA YC . -34.51 16.38 -7.10
C3 CLA YC . -35.74 16.87 -7.11
C4 CLA YC . -36.35 17.30 -8.42
C5 CLA YC . -36.48 16.97 -5.79
C6 CLA YC . -37.99 16.88 -5.99
MG CLA ZC . -34.24 13.67 3.83
CHA CLA ZC . -37.59 13.76 3.85
CHB CLA ZC . -34.25 10.43 4.82
CHC CLA ZC . -30.63 13.64 3.70
CHD CLA ZC . -34.26 17.13 2.71
NA CLA ZC . -35.63 12.33 4.25
C1A CLA ZC . -36.89 12.53 4.22
C2A CLA ZC . -37.68 11.32 4.57
C3A CLA ZC . -36.67 10.29 4.94
C4A CLA ZC . -35.41 11.05 4.65
CMA CLA ZC . -36.71 10.00 6.42
CAA CLA ZC . -38.19 11.10 3.12
CBA CLA ZC . -37.85 9.79 2.44
CGA CLA ZC . -38.85 9.56 1.35
O1A CLA ZC . -39.34 8.45 1.19
O2A CLA ZC . -39.26 10.68 0.49
NB CLA ZC . -32.78 12.28 4.20
C1B CLA ZC . -32.94 11.02 4.59
C2B CLA ZC . -31.78 10.32 4.80
C3B CLA ZC . -30.80 11.25 4.44
C4B CLA ZC . -31.44 12.43 4.11
CMB CLA ZC . -31.70 8.88 5.23
CAB CLA ZC . -29.77 11.43 5.26
CBB CLA ZC . -28.67 11.51 5.87
NC CLA ZC . -32.79 15.04 3.32
C1C CLA ZC . -31.45 14.84 3.34
C2C CLA ZC . -30.78 15.99 2.95
C3C CLA ZC . -31.75 16.92 2.69
C4C CLA ZC . -33.00 16.32 2.92
CMC CLA ZC . -29.29 16.21 2.80
CAC CLA ZC . -31.47 18.35 2.20
CBC CLA ZC . -31.99 19.39 3.17
ND CLA ZC . -35.58 15.12 3.40
C1D CLA ZC . -35.54 16.41 2.97
C2D CLA ZC . -36.88 16.92 2.83
C3D CLA ZC . -37.69 15.87 3.18
C4D CLA ZC . -36.89 14.84 3.50
CMD CLA ZC . -37.52 18.20 2.42
CAD CLA ZC . -39.04 15.55 3.30
OBD CLA ZC . -39.55 16.29 4.24
CBD CLA ZC . -39.06 14.11 3.80
CGD CLA ZC . -39.80 14.03 5.16
O1D CLA ZC . -39.23 14.06 6.26
O2D CLA ZC . -41.27 13.94 5.24
CED CLA ZC . -42.12 15.02 4.80
C1 CLA ZC . -38.28 11.49 -0.20
C2 CLA ZC . -38.42 11.34 -1.70
C3 CLA ZC . -37.56 11.83 -2.63
C4 CLA ZC . -36.32 12.62 -2.26
C5 CLA ZC . -37.88 11.55 -4.08
C6 CLA ZC . -37.27 10.23 -4.56
C7 CLA ZC . -35.99 10.47 -5.37
C8 CLA ZC . -36.07 9.69 -6.66
C9 CLA ZC . -36.97 10.41 -7.66
MG CLA AD . -25.71 2.27 -1.68
CHA CLA AD . -26.80 1.47 1.38
CHB CLA AD . -26.62 -0.76 -2.90
CHC CLA AD . -24.53 3.25 -4.90
CHD CLA AD . -24.72 5.58 -0.34
NA CLA AD . -26.57 0.62 -0.93
C1A CLA AD . -26.94 0.45 0.30
C2A CLA AD . -27.59 -0.89 0.55
C3A CLA AD . -27.45 -1.59 -0.76
C4A CLA AD . -26.84 -0.51 -1.61
CMA CLA AD . -26.48 -2.73 -0.55
CAA CLA AD . -29.11 -0.70 0.73
CBA CLA AD . -29.84 0.12 -0.38
CGA CLA AD . -31.35 0.24 -0.21
O1A CLA AD . -32.03 -0.79 -0.13
O2A CLA AD . -32.01 1.56 -0.18
NB CLA AD . -25.62 1.38 -3.52
C1B CLA AD . -26.02 0.16 -3.88
C2B CLA AD . -25.79 -0.12 -5.21
C3B CLA AD . -25.22 1.02 -5.72
C4B CLA AD . -25.12 1.91 -4.66
CMB CLA AD . -26.11 -1.37 -6.00
CAB CLA AD . -23.98 0.77 -6.12
CBB CLA AD . -22.79 0.62 -6.47
NC CLA AD . -24.85 3.98 -2.44
C1C CLA AD . -24.46 4.16 -3.71
C2C CLA AD . -23.91 5.40 -3.91
C3C CLA AD . -23.96 6.05 -2.69
C4C CLA AD . -24.53 5.17 -1.79
CMC CLA AD . -23.40 5.90 -5.23
CAC CLA AD . -23.47 7.46 -2.43
CBC CLA AD . -24.47 8.45 -2.96
ND CLA AD . -25.74 3.29 0.08
C1D CLA AD . -25.35 4.52 0.51
C2D CLA AD . -25.64 4.62 1.91
C3D CLA AD . -26.22 3.40 2.26
C4D CLA AD . -26.26 2.66 1.16
CMD CLA AD . -25.46 5.69 2.96
CAD CLA AD . -26.77 2.77 3.38
OBD CLA AD . -25.91 2.74 4.34
CBD CLA AD . -27.13 1.41 2.83
CGD CLA AD . -26.11 0.40 3.31
O1D CLA AD . -24.92 0.60 3.15
O2D CLA AD . -26.53 -0.85 3.89
CED CLA AD . -25.85 -1.34 5.03
C1 CLA AD . -33.35 1.81 0.30
C2 CLA AD . -34.00 2.91 -0.51
C3 CLA AD . -35.34 3.15 -0.60
C4 CLA AD . -36.32 2.28 0.15
C5 CLA AD . -35.85 4.31 -1.47
C6 CLA AD . -37.30 4.15 -1.95
C7 CLA AD . -37.58 4.99 -3.21
C8 CLA AD . -39.05 4.93 -3.67
C9 CLA AD . -39.96 6.05 -3.14
C10 CLA AD . -39.08 4.97 -5.19
MG CLA BD . -29.76 -26.63 12.99
CHA CLA BD . -30.30 -29.43 14.92
CHB CLA BD . -32.85 -26.88 11.75
CHC CLA BD . -29.14 -23.70 11.01
CHD CLA BD . -26.42 -26.40 14.36
NA CLA BD . -31.29 -27.87 13.24
C1A CLA BD . -31.33 -28.89 14.01
C2A CLA BD . -32.62 -29.64 13.99
C3A CLA BD . -33.45 -28.86 13.01
C4A CLA BD . -32.48 -27.80 12.63
NB CLA BD . -30.83 -25.55 11.66
C1B CLA BD . -32.07 -25.77 11.25
C2B CLA BD . -32.55 -24.87 10.33
C3B CLA BD . -31.48 -24.02 10.16
C4B CLA BD . -30.45 -24.45 10.97
NC CLA BD . -28.16 -25.36 12.74
C1C CLA BD . -28.11 -24.28 11.92
C2C CLA BD . -26.87 -23.67 12.02
C3C CLA BD . -26.14 -24.38 12.92
C4C CLA BD . -26.95 -25.41 13.35
ND CLA BD . -28.62 -27.67 14.32
C1D CLA BD . -27.38 -27.48 14.75
C2D CLA BD . -27.06 -28.47 15.67
C3D CLA BD . -28.14 -29.32 15.82
C4D CLA BD . -29.09 -28.79 14.98
MG CLA CD . -6.88 -21.63 22.43
CHA CLA CD . -4.79 -22.38 24.94
CHB CLA CD . -7.62 -24.89 21.95
CHC CLA CD . -9.05 -20.68 19.80
CHD CLA CD . -6.05 -18.07 23.01
NA CLA CD . -6.32 -23.35 23.28
C1A CLA CD . -5.50 -23.49 24.26
C2A CLA CD . -5.27 -24.93 24.67
C3A CLA CD . -6.16 -25.69 23.72
C4A CLA CD . -6.75 -24.58 22.91
CMA CLA CD . -5.37 -26.68 22.87
CAA CLA CD . -5.67 -25.25 26.09
CBA CLA CD . -4.42 -25.55 26.91
CGA CLA CD . -3.58 -26.71 26.44
O1A CLA CD . -3.92 -27.86 26.70
O2A CLA CD . -2.34 -26.47 25.71
NB CLA CD . -8.09 -22.65 21.13
C1B CLA CD . -8.29 -23.97 21.05
C2B CLA CD . -9.17 -24.35 20.07
C3B CLA CD . -9.54 -23.16 19.48
C4B CLA CD . -8.88 -22.13 20.16
CMB CLA CD . -9.62 -25.73 19.70
CAB CLA CD . -10.86 -23.02 19.59
CBB CLA CD . -12.09 -22.91 19.68
NC CLA CD . -7.42 -19.81 21.60
C1C CLA CD . -8.28 -19.65 20.58
C2C CLA CD . -8.41 -18.30 20.27
C3C CLA CD . -7.60 -17.59 21.15
C4C CLA CD . -7.00 -18.55 21.95
CMC CLA CD . -9.30 -17.76 19.19
CAC CLA CD . -7.39 -16.09 21.23
CBC CLA CD . -5.94 -15.68 21.12
ND CLA CD . -5.73 -20.49 23.65
C1D CLA CD . -5.47 -19.18 23.81
C2D CLA CD . -4.56 -19.01 24.86
C3D CLA CD . -4.28 -20.27 25.32
C4D CLA CD . -4.99 -21.11 24.59
CMD CLA CD . -3.92 -17.82 25.51
CAD CLA CD . -3.50 -20.88 26.28
OBD CLA CD . -2.29 -20.71 25.90
CBD CLA CD . -3.83 -22.34 26.06
CGD CLA CD . -2.57 -23.05 25.69
O1D CLA CD . -2.16 -23.93 26.43
O2D CLA CD . -1.82 -22.71 24.48
CED CLA CD . -0.44 -23.07 24.31
C1 CLA CD . -2.12 -27.03 24.41
C2 CLA CD . -1.89 -25.95 23.38
MG CLA DD . 5.44 -29.14 34.00
CHA CLA DD . 4.20 -29.10 37.23
CHB CLA DD . 8.45 -28.16 35.12
CHC CLA DD . 6.65 -29.22 30.60
CHD CLA DD . 2.17 -30.21 32.85
NA CLA DD . 6.20 -28.71 35.78
C1A CLA DD . 5.59 -28.75 36.89
C2A CLA DD . 6.42 -28.37 38.08
C3A CLA DD . 7.76 -28.08 37.45
C4A CLA DD . 7.48 -28.33 36.00
NB CLA DD . 7.23 -28.75 33.08
C1B CLA DD . 8.37 -28.36 33.66
C2B CLA DD . 9.44 -28.17 32.79
C3B CLA DD . 8.89 -28.47 31.56
C4B CLA DD . 7.55 -28.82 31.76
NC CLA DD . 4.60 -29.60 32.16
C1C CLA DD . 5.23 -29.58 30.95
C2C CLA DD . 4.34 -29.95 29.94
C3C CLA DD . 3.15 -30.21 30.54
C4C CLA DD . 3.32 -29.99 31.91
ND CLA DD . 3.62 -29.56 34.84
C1D CLA DD . 2.45 -29.95 34.30
C2D CLA DD . 1.49 -30.10 35.32
C3D CLA DD . 2.06 -29.80 36.53
C4D CLA DD . 3.36 -29.46 36.21
FE1 SF4 ED . -11.44 11.03 14.75
FE2 SF4 ED . -9.70 11.01 12.81
FE3 SF4 ED . -10.36 13.42 14.07
FE4 SF4 ED . -12.09 12.36 12.49
S1 SF4 ED . -10.00 13.03 11.83
S2 SF4 ED . -12.54 13.04 14.63
S3 SF4 ED . -11.81 10.10 12.67
S4 SF4 ED . -9.22 11.65 14.97
C1 PQN FD . -19.59 9.69 2.53
O1 PQN FD . -18.84 9.10 1.75
C2 PQN FD . -20.91 10.24 2.09
C2M PQN FD . -21.40 10.10 0.64
C3 PQN FD . -21.73 10.95 3.13
C4 PQN FD . -21.27 11.10 4.53
O4 PQN FD . -22.01 11.70 5.34
C5 PQN FD . -19.95 10.52 4.93
C6 PQN FD . -19.45 10.64 6.23
C7 PQN FD . -18.21 10.11 6.54
C8 PQN FD . -17.44 9.47 5.58
C9 PQN FD . -17.89 9.34 4.28
C10 PQN FD . -19.12 9.84 3.92
C11 PQN FD . -23.07 11.54 2.83
C12 PQN FD . -24.18 10.53 2.95
C13 PQN FD . -25.33 10.80 2.36
C14 PQN FD . -25.54 12.06 1.57
C15 PQN FD . -26.43 9.82 2.49
C16 PQN FD . -27.72 10.28 1.82
C17 PQN FD . -28.63 9.05 1.80
C18 PQN FD . -28.38 8.34 0.51
C19 PQN FD . -28.83 9.39 -0.51
C20 PQN FD . -29.17 7.04 0.54
C21 PQN FD . -28.93 5.99 -0.56
C22 PQN FD . -28.94 4.55 -0.04
C23 PQN FD . -29.72 4.28 1.26
C24 PQN FD . -31.20 4.67 1.16
C25 PQN FD . -29.62 2.79 1.62
C26 PQN FD . -30.13 2.35 3.00
C27 PQN FD . -31.63 2.00 3.03
C28 PQN FD . -32.13 0.85 3.93
C29 PQN FD . -31.36 0.61 5.25
C30 PQN FD . -33.58 1.16 4.24
C1 BCR GD . -30.17 -8.16 -9.53
C2 BCR GD . -30.28 -8.42 -11.04
C3 BCR GD . -29.17 -9.25 -11.69
C4 BCR GD . -27.84 -9.26 -10.91
C5 BCR GD . -27.76 -8.06 -9.98
C6 BCR GD . -28.76 -7.80 -9.09
C7 BCR GD . -28.48 -7.14 -7.76
C8 BCR GD . -29.13 -7.29 -6.57
C9 BCR GD . -28.73 -6.56 -5.30
C10 BCR GD . -28.91 -5.29 -5.20
C11 BCR GD . -29.45 -4.16 -5.12
C33 BCR GD . -26.56 -7.14 -10.10
C31 BCR GD . -30.54 -9.44 -8.79
C32 BCR GD . -31.08 -7.00 -9.20
C34 BCR GD . -28.16 -7.29 -4.10
C12 BCR GD . -30.40 -3.30 -5.16
C13 BCR GD . -30.25 -1.86 -5.44
C14 BCR GD . -29.14 -1.30 -4.95
C15 BCR GD . -28.69 0.09 -5.02
C16 BCR GD . -29.18 1.11 -5.69
C17 BCR GD . -28.42 2.34 -5.51
C18 BCR GD . -29.00 3.54 -5.59
C19 BCR GD . -28.25 4.81 -5.41
C20 BCR GD . -27.05 5.20 -5.84
C21 BCR GD . -26.89 6.59 -5.39
C22 BCR GD . -27.44 7.57 -6.12
C23 BCR GD . -27.41 8.99 -5.74
C24 BCR GD . -27.42 9.44 -4.48
C25 BCR GD . -27.47 10.91 -4.23
C26 BCR GD . -28.66 11.36 -3.76
C27 BCR GD . -28.75 12.72 -3.17
C28 BCR GD . -28.16 13.67 -4.21
C29 BCR GD . -26.67 13.38 -4.37
C30 BCR GD . -26.31 11.89 -4.50
C35 BCR GD . -31.31 -1.08 -6.18
C36 BCR GD . -30.48 3.69 -5.84
C37 BCR GD . -28.20 7.24 -7.38
C38 BCR GD . -29.92 10.55 -3.81
C39 BCR GD . -25.18 11.65 -3.51
C40 BCR GD . -25.81 11.80 -5.94
FE1 SF4 HD . -16.70 20.10 26.13
FE2 SF4 HD . -14.35 19.51 24.95
FE3 SF4 HD . -14.91 21.96 25.77
FE4 SF4 HD . -16.36 20.88 23.72
S1 SF4 HD . -14.08 21.43 23.73
S2 SF4 HD . -17.19 22.20 25.43
S3 SF4 HD . -16.40 18.71 24.31
S4 SF4 HD . -14.63 20.13 27.14
FE1 SF4 ID . -8.76 21.59 33.70
FE2 SF4 ID . -6.89 19.59 33.44
FE3 SF4 ID . -6.13 22.07 34.16
FE4 SF4 ID . -6.95 21.79 31.62
S1 SF4 ID . -5.16 20.70 32.54
S2 SF4 ID . -7.54 23.45 33.01
S3 SF4 ID . -8.60 20.16 31.97
S4 SF4 ID . -7.45 20.67 35.37
MG CLA JD . 14.58 3.98 13.63
CHA CLA JD . 17.90 3.38 13.70
CHB CLA JD . 15.04 6.85 11.91
CHC CLA JD . 11.00 4.44 13.59
CHD CLA JD . 14.12 0.86 15.47
NA CLA JD . 16.19 4.97 12.92
C1A CLA JD . 17.44 4.61 13.02
C2A CLA JD . 18.42 5.60 12.40
C3A CLA JD . 17.51 6.64 11.80
C4A CLA JD . 16.14 6.15 12.24
CMA CLA JD . 17.93 8.04 12.22
CAA CLA JD . 19.53 5.09 11.45
CBA CLA JD . 19.10 4.68 10.03
CGA CLA JD . 19.72 3.37 9.59
O1A CLA JD . 19.09 2.58 8.89
NB CLA JD . 13.31 5.40 12.88
C1B CLA JD . 13.63 6.52 12.21
C2B CLA JD . 12.52 7.28 11.83
C3B CLA JD . 11.47 6.56 12.37
C4B CLA JD . 11.95 5.41 12.97
CMB CLA JD . 12.46 8.60 11.10
CAB CLA JD . 10.34 6.36 11.67
CBB CLA JD . 9.25 6.10 11.12
NC CLA JD . 12.96 2.92 14.35
C1C CLA JD . 11.65 3.25 14.24
C2C CLA JD . 10.81 2.29 14.85
C3C CLA JD . 11.68 1.33 15.35
C4C CLA JD . 12.98 1.73 15.04
CMC CLA JD . 9.29 2.31 14.92
CAC CLA JD . 11.31 0.09 16.13
CBC CLA JD . 10.28 -0.74 15.40
ND CLA JD . 15.72 2.50 14.39
C1D CLA JD . 15.48 1.35 15.06
C2D CLA JD . 16.71 0.72 15.33
C3D CLA JD . 17.68 1.53 14.80
C4D CLA JD . 17.06 2.55 14.25
CMD CLA JD . 17.18 -0.53 16.02
CAD CLA JD . 19.07 1.54 14.66
OBD CLA JD . 19.82 1.31 15.70
CBD CLA JD . 19.27 2.86 13.97
CGD CLA JD . 19.85 3.73 15.08
O1D CLA JD . 20.57 4.71 14.84
O2D CLA JD . 19.54 3.42 16.50
CED CLA JD . 18.24 3.42 17.11
MG CLA KD . 25.83 -5.23 6.67
CHA CLA KD . 28.94 -6.18 7.86
CHB CLA KD . 26.11 -7.42 4.12
CHC CLA KD . 22.64 -4.18 5.47
CHD CLA KD . 25.61 -2.87 9.41
NA CLA KD . 27.19 -6.54 6.07
C1A CLA KD . 28.31 -6.77 6.65
C2A CLA KD . 29.15 -7.82 5.97
C3A CLA KD . 28.28 -8.21 4.81
C4A CLA KD . 27.09 -7.33 5.00
NB CLA KD . 24.63 -5.75 5.10
C1B CLA KD . 24.86 -6.66 4.14
C2B CLA KD . 23.88 -6.79 3.19
C3B CLA KD . 22.93 -5.88 3.62
C4B CLA KD . 23.43 -5.25 4.77
NC CLA KD . 24.45 -3.85 7.29
C1C CLA KD . 23.26 -3.58 6.69
C2C CLA KD . 22.59 -2.59 7.39
C3C CLA KD . 23.38 -2.23 8.45
C4C CLA KD . 24.53 -3.02 8.37
ND CLA KD . 26.99 -4.66 8.26
C1D CLA KD . 26.79 -3.76 9.22
C2D CLA KD . 27.91 -3.75 10.08
C3D CLA KD . 28.85 -4.69 9.65
C4D CLA KD . 28.25 -5.21 8.53
MG CLA LD . 17.79 -33.86 8.98
CHA CLA LD . 14.49 -33.77 8.27
CHB CLA LD . 17.51 -31.23 11.03
CHC CLA LD . 21.33 -34.06 9.65
CHD CLA LD . 18.06 -36.77 6.74
NA CLA LD . 16.28 -32.69 9.57
C1A CLA LD . 15.03 -32.75 9.22
C2A CLA LD . 14.17 -31.66 9.84
C3A CLA LD . 15.15 -30.93 10.69
C4A CLA LD . 16.41 -31.66 10.41
CMA CLA LD . 15.21 -29.54 10.13
CAA CLA LD . 12.90 -31.94 10.64
CBA CLA LD . 12.05 -30.65 10.79
CGA CLA LD . 12.13 -30.08 12.20
O1A CLA LD . 11.92 -30.76 13.20
O2A CLA LD . 12.48 -28.69 12.42
NB CLA LD . 19.13 -32.82 10.14
C1B CLA LD . 18.88 -31.76 10.91
C2B CLA LD . 19.97 -31.26 11.58
C3B CLA LD . 21.02 -32.07 11.16
C4B CLA LD . 20.47 -33.02 10.29
CMB CLA LD . 20.04 -30.09 12.52
CAB CLA LD . 21.62 -32.66 12.21
CBB CLA LD . 22.35 -33.25 13.10
NC CLA LD . 19.33 -35.11 8.35
C1C CLA LD . 20.64 -35.03 8.73
C2C CLA LD . 21.37 -36.04 8.10
C3C CLA LD . 20.50 -36.75 7.32
C4C CLA LD . 19.24 -36.18 7.49
CMC CLA LD . 22.85 -36.29 8.23
CAC CLA LD . 20.85 -37.95 6.47
CBC CLA LD . 20.85 -37.59 5.00
ND CLA LD . 16.60 -35.00 7.79
C1D CLA LD . 16.76 -36.07 6.98
C2D CLA LD . 15.52 -36.42 6.41
C3D CLA LD . 14.61 -35.52 6.90
C4D CLA LD . 15.28 -34.70 7.71
CMD CLA LD . 15.04 -37.48 5.44
CAD CLA LD . 13.24 -35.26 6.79
OBD CLA LD . 12.96 -34.87 5.60
CBD CLA LD . 13.12 -34.11 7.77
CGD CLA LD . 12.15 -33.05 7.38
O1D CLA LD . 12.44 -31.88 7.54
O2D CLA LD . 10.86 -33.47 6.88
CED CLA LD . 10.07 -34.43 7.58
C1 CLA LD . 11.59 -27.56 12.40
C2 CLA LD . 12.47 -26.37 12.03
C3 CLA LD . 12.85 -25.29 12.77
C4 CLA LD . 12.36 -25.04 14.18
C5 CLA LD . 13.77 -24.26 12.16
C6 CLA LD . 14.42 -24.67 10.83
C7 CLA LD . 15.29 -25.92 10.95
C8 CLA LD . 15.85 -26.43 9.63
C9 CLA LD . 16.80 -27.56 9.95
C10 CLA LD . 14.77 -26.87 8.65
MG CLA MD . 17.08 -26.08 18.14
CHA CLA MD . 15.81 -23.07 19.23
CHB CLA MD . 15.86 -25.51 15.03
CHC CLA MD . 18.43 -29.23 17.08
CHD CLA MD . 18.36 -26.66 21.49
NA CLA MD . 16.05 -24.63 17.27
C1A CLA MD . 15.65 -23.56 17.84
C2A CLA MD . 14.90 -22.62 16.94
C3A CLA MD . 14.91 -23.36 15.62
C4A CLA MD . 15.67 -24.59 15.98
NB CLA MD . 17.11 -27.13 16.38
C1B CLA MD . 16.57 -26.78 15.20
C2B CLA MD . 16.75 -27.70 14.18
C3B CLA MD . 17.47 -28.70 14.80
C4B CLA MD . 17.66 -28.34 16.14
NC CLA MD . 18.15 -27.59 19.06
C1C CLA MD . 18.58 -28.74 18.49
C2C CLA MD . 19.26 -29.50 19.42
C3C CLA MD . 19.25 -28.81 20.60
C4C CLA MD . 18.55 -27.64 20.35
ND CLA MD . 17.08 -25.10 19.93
C1D CLA MD . 17.61 -25.42 21.13
C2D CLA MD . 17.34 -24.40 22.06
C3D CLA MD . 16.62 -23.40 21.41
C4D CLA MD . 16.49 -23.87 20.12
MG CLA ND . 28.93 -30.79 7.84
CHA CLA ND . 27.59 -30.89 4.67
CHB CLA ND . 32.01 -31.53 6.61
CHC CLA ND . 30.26 -30.68 11.18
CHD CLA ND . 25.63 -30.02 9.12
NA CLA ND . 29.69 -31.14 6.02
C1A CLA ND . 29.03 -31.14 4.94
C2A CLA ND . 29.88 -31.44 3.73
C3A CLA ND . 31.27 -31.64 4.30
C4A CLA ND . 30.98 -31.42 5.75
NB CLA ND . 30.78 -31.06 8.67
C1B CLA ND . 31.93 -31.35 8.05
C2B CLA ND . 33.03 -31.46 8.89
C3B CLA ND . 32.49 -31.23 10.13
C4B CLA ND . 31.12 -30.98 9.98
NC CLA ND . 28.15 -30.43 9.70
C1C CLA ND . 28.81 -30.44 10.87
C2C CLA ND . 27.95 -30.16 11.92
C3C CLA ND . 26.72 -29.98 11.37
C4C CLA ND . 26.84 -30.15 10.00
ND CLA ND . 27.04 -30.51 7.08
C1D CLA ND . 25.87 -30.23 7.66
C2D CLA ND . 24.85 -30.14 6.70
C3D CLA ND . 25.41 -30.39 5.45
C4D CLA ND . 26.74 -30.62 5.73
MG CLA OD . 36.79 -21.78 9.66
CHA CLA OD . 37.50 -18.45 10.25
CHB CLA OD . 37.28 -22.50 12.89
CHC CLA OD . 36.04 -25.24 8.99
CHD CLA OD . 36.25 -20.98 6.18
NA CLA OD . 37.29 -20.73 11.26
C1A CLA OD . 37.51 -19.48 11.31
C2A CLA OD . 37.88 -18.98 12.67
C3A CLA OD . 37.82 -20.22 13.52
C4A CLA OD . 37.44 -21.24 12.50
NB CLA OD . 36.69 -23.51 10.77
C1B CLA OD . 36.92 -23.65 12.07
C2B CLA OD . 36.78 -24.92 12.57
C3B CLA OD . 36.44 -25.65 11.46
C4B CLA OD . 36.39 -24.76 10.37
NC CLA OD . 36.27 -22.85 7.98
C1C CLA OD . 36.02 -24.19 7.91
C2C CLA OD . 35.70 -24.55 6.61
C3C CLA OD . 35.76 -23.41 5.86
C4C CLA OD . 36.11 -22.38 6.72
ND CLA OD . 36.87 -20.11 8.49
C1D CLA OD . 36.64 -19.94 7.18
C2D CLA OD . 36.82 -18.59 6.85
C3D CLA OD . 37.17 -17.87 7.99
C4D CLA OD . 37.19 -18.85 8.97
MG CLA PD . 39.66 -9.26 7.70
CHA CLA PD . 41.11 -6.16 7.37
CHB CLA PD . 40.66 -9.45 10.91
CHC CLA PD . 38.12 -12.51 7.97
CHD CLA PD . 38.58 -9.06 4.25
NA CLA PD . 40.67 -8.08 8.93
C1A CLA PD . 41.15 -6.94 8.64
C2A CLA PD . 41.88 -6.28 9.77
C3A CLA PD . 41.75 -7.27 10.89
C4A CLA PD . 40.97 -8.35 10.20
NB CLA PD . 39.45 -10.66 9.18
C1B CLA PD . 39.92 -10.60 10.44
C2B CLA PD . 39.64 -11.69 11.22
C3B CLA PD . 38.95 -12.50 10.34
C4B CLA PD . 38.83 -11.86 9.12
NC CLA PD . 38.60 -10.49 6.42
C1C CLA PD . 38.08 -11.71 6.71
C2C CLA PD . 37.44 -12.23 5.59
C3C CLA PD . 37.57 -11.31 4.60
C4C CLA PD . 38.28 -10.23 5.13
ND CLA PD . 39.81 -7.92 6.17
C1D CLA PD . 39.36 -7.96 4.90
C2D CLA PD . 39.73 -6.78 4.24
C3D CLA PD . 40.44 -5.97 5.12
C4D CLA PD . 40.46 -6.70 6.30
C1 BCR QD . 19.94 -11.15 18.67
C2 BCR QD . 21.26 -11.29 17.90
C3 BCR QD . 21.70 -12.72 17.65
C4 BCR QD . 21.59 -13.62 18.89
C5 BCR QD . 20.29 -13.39 19.66
C6 BCR QD . 19.42 -12.50 19.21
C7 BCR QD . 18.00 -12.88 19.33
C8 BCR QD . 17.70 -14.18 19.10
C9 BCR QD . 16.34 -14.76 19.20
C10 BCR QD . 16.24 -16.01 19.36
C11 BCR QD . 15.86 -17.19 19.44
C33 BCR QD . 19.97 -14.15 20.91
C31 BCR QD . 18.85 -10.47 17.80
C32 BCR QD . 20.28 -10.31 19.91
C34 BCR QD . 15.08 -13.95 19.15
C12 BCR QD . 15.12 -18.20 19.79
C13 BCR QD . 14.79 -18.14 21.22
C14 BCR QD . 14.21 -19.15 21.90
C15 BCR QD . 13.79 -20.46 21.45
C16 BCR QD . 12.90 -21.10 22.21
C17 BCR QD . 12.51 -22.42 21.76
C18 BCR QD . 12.22 -23.51 22.50
C19 BCR QD . 11.96 -24.64 21.61
C20 BCR QD . 10.88 -24.99 20.92
C21 BCR QD . 11.29 -26.12 20.08
C22 BCR QD . 11.31 -26.26 18.71
C23 BCR QD . 11.89 -27.54 18.38
C24 BCR QD . 13.21 -27.68 18.55
C25 BCR QD . 13.70 -29.02 18.23
C26 BCR QD . 14.07 -29.86 19.23
C27 BCR QD . 13.38 -31.20 19.34
C28 BCR QD . 13.07 -31.82 17.97
C29 BCR QD . 12.82 -30.84 16.81
C30 BCR QD . 13.71 -29.56 16.80
C35 BCR QD . 15.11 -16.88 21.97
C36 BCR QD . 12.25 -23.58 24.00
C37 BCR QD . 10.77 -25.33 17.66
C38 BCR QD . 15.14 -29.54 20.25
C39 BCR QD . 13.22 -28.58 15.75
C40 BCR QD . 15.13 -29.90 16.37
MG CLA RD . -4.44 -56.89 15.28
CHA CLA RD . -5.75 -59.92 14.71
CHB CLA RD . -7.03 -55.41 13.74
CHC CLA RD . -2.94 -53.72 15.98
CHD CLA RD . -1.65 -58.60 16.99
NA CLA RD . -6.12 -57.52 14.37
C1A CLA RD . -6.49 -58.74 14.22
C2A CLA RD . -7.80 -58.90 13.49
C3A CLA RD . -8.20 -57.48 13.18
C4A CLA RD . -7.04 -56.74 13.79
CMA CLA RD . -8.40 -57.23 11.69
CAA CLA RD . -8.79 -59.64 14.42
CBA CLA RD . -10.03 -58.91 14.95
CGA CLA RD . -9.74 -57.98 16.12
O1A CLA RD . -10.49 -57.03 16.29
O2A CLA RD . -8.61 -58.18 17.01
NB CLA RD . -4.94 -54.94 14.90
C1B CLA RD . -6.01 -54.50 14.26
C2B CLA RD . -6.10 -53.14 14.13
C3B CLA RD . -4.95 -52.70 14.76
C4B CLA RD . -4.26 -53.82 15.24
CMB CLA RD . -7.21 -52.38 13.46
CAB CLA RD . -5.29 -51.83 15.72
CBB CLA RD . -5.76 -50.90 16.48
NC CLA RD . -2.71 -56.30 16.25
C1C CLA RD . -2.29 -55.01 16.43
C2C CLA RD . -1.08 -55.03 17.13
C3C CLA RD . -0.76 -56.34 17.39
C4C CLA RD . -1.77 -57.10 16.84
CMC CLA RD . -0.27 -53.82 17.55
CAC CLA RD . 0.44 -56.90 18.13
CBC CLA RD . 0.05 -57.70 19.37
ND CLA RD . -3.83 -58.77 15.76
C1D CLA RD . -2.78 -59.34 16.39
C2D CLA RD . -2.91 -60.75 16.39
C3D CLA RD . -4.10 -60.99 15.73
C4D CLA RD . -4.60 -59.81 15.37
CMD CLA RD . -2.10 -61.89 16.92
CAD CLA RD . -4.90 -62.06 15.34
OBD CLA RD . -5.43 -62.55 16.40
CBD CLA RD . -6.01 -61.37 14.60
CGD CLA RD . -5.78 -61.59 13.13
O1D CLA RD . -4.65 -61.89 12.73
O2D CLA RD . -6.86 -61.40 12.17
CED CLA RD . -7.98 -62.28 12.09
C1 CLA RD . -7.72 -57.08 17.21
C2 CLA RD . -6.40 -57.46 17.86
C3 CLA RD . -5.53 -56.52 18.31
C4 CLA RD . -5.83 -55.05 18.22
C5 CLA RD . -4.21 -56.90 18.95
C6 CLA RD . -4.25 -58.29 19.58
MG CLA SD . -26.59 -55.15 47.57
CHA CLA SD . -28.40 -54.39 50.38
CHB CLA SD . -29.10 -57.04 46.38
CHC CLA SD . -24.62 -55.89 44.67
CHD CLA SD . -23.88 -53.08 48.88
NA CLA SD . -28.39 -55.65 48.21
C1A CLA SD . -28.92 -55.26 49.30
C2A CLA SD . -30.30 -55.81 49.53
C3A CLA SD . -30.55 -56.63 48.30
C4A CLA SD . -29.25 -56.44 47.57
NB CLA SD . -26.84 -56.26 45.87
C1B CLA SD . -27.92 -56.98 45.51
C2B CLA SD . -27.80 -57.63 44.30
C3B CLA SD . -26.54 -57.28 43.86
C4B CLA SD . -25.99 -56.44 44.83
NC CLA SD . -24.73 -54.62 46.93
C1C CLA SD . -24.14 -55.00 45.78
C2C CLA SD . -22.89 -54.45 45.69
C3C CLA SD . -22.69 -53.71 46.82
C4C CLA SD . -23.83 -53.82 47.57
ND CLA SD . -26.21 -54.01 49.23
C1D CLA SD . -25.16 -53.27 49.61
C2D CLA SD . -25.40 -52.68 50.84
C3D CLA SD . -26.67 -53.05 51.27
C4D CLA SD . -27.14 -53.86 50.25
MG CLA TD . -52.76 28.95 -15.21
CHA CLA TD . -55.96 27.87 -15.39
CHB CLA TD . -51.57 25.93 -16.12
CHC CLA TD . -49.44 30.24 -14.99
CHD CLA TD . -54.08 32.24 -14.22
NA CLA TD . -53.57 27.18 -15.68
C1A CLA TD . -54.84 26.91 -15.72
C2A CLA TD . -55.12 25.47 -16.08
C3A CLA TD . -53.74 24.89 -16.32
C4A CLA TD . -52.88 26.08 -16.02
CMA CLA TD . -53.54 23.80 -15.29
CAA CLA TD . -56.22 25.21 -17.11
CBA CLA TD . -55.75 24.48 -18.36
CGA CLA TD . -55.08 25.49 -19.24
O1A CLA TD . -53.87 25.37 -19.43
O2A CLA TD . -55.81 26.60 -19.87
NB CLA TD . -50.88 28.17 -15.51
C1B CLA TD . -50.54 26.94 -15.87
C2B CLA TD . -49.18 26.72 -15.98
C3B CLA TD . -48.68 27.96 -15.70
C4B CLA TD . -49.71 28.82 -15.38
CMB CLA TD . -48.45 25.47 -16.38
CAB CLA TD . -47.52 28.09 -15.04
CBB CLA TD . -46.33 28.46 -14.57
NC CLA TD . -51.95 30.80 -14.72
C1C CLA TD . -50.64 31.10 -14.69
C2C CLA TD . -50.44 32.42 -14.33
C3C CLA TD . -51.69 32.95 -14.12
C4C CLA TD . -52.60 31.94 -14.37
CMC CLA TD . -49.11 33.14 -14.19
CAC CLA TD . -52.00 34.37 -13.73
CBC CLA TD . -52.32 35.12 -15.00
ND CLA TD . -54.55 29.86 -14.88
C1D CLA TD . -54.97 31.09 -14.50
C2D CLA TD . -56.39 31.10 -14.45
C3D CLA TD . -56.79 29.83 -14.79
C4D CLA TD . -55.69 29.13 -15.04
CMD CLA TD . -57.43 32.14 -14.12
CAD CLA TD . -57.97 29.10 -14.96
OBD CLA TD . -58.49 28.99 -13.78
CBD CLA TD . -57.44 27.75 -15.34
CGD CLA TD . -57.87 26.81 -14.26
O1D CLA TD . -57.06 26.50 -13.37
O2D CLA TD . -59.25 26.31 -14.29
CED CLA TD . -59.62 25.04 -13.70
C1 CLA TD . -55.19 27.77 -20.45
C2 CLA TD . -55.72 29.02 -19.78
C3 CLA TD . -55.13 29.60 -18.70
C4 CLA TD . -53.86 29.02 -18.11
C5 CLA TD . -55.73 30.85 -18.08
C6 CLA TD . -54.55 31.68 -17.61
C7 CLA TD . -54.86 33.16 -17.42
C8 CLA TD . -55.08 33.85 -18.75
C9 CLA TD . -56.31 34.76 -18.63
C10 CLA TD . -53.79 34.56 -19.11
MG CLA UD . -62.16 28.47 -16.75
CHA CLA UD . -62.92 31.82 -16.84
CHB CLA UD . -65.02 27.83 -15.11
CHC CLA UD . -61.30 24.98 -16.67
CHD CLA UD . -59.07 29.20 -18.50
NA CLA UD . -63.69 29.55 -16.09
C1A CLA UD . -63.81 30.82 -16.23
C2A CLA UD . -65.08 31.35 -15.63
C3A CLA UD . -65.76 30.12 -15.09
C4A CLA UD . -64.76 29.08 -15.45
NB CLA UD . -63.03 26.76 -16.02
C1B CLA UD . -64.19 26.65 -15.39
C2B CLA UD . -64.54 25.36 -15.01
C3B CLA UD . -63.47 24.63 -15.47
C4B CLA UD . -62.57 25.50 -16.08
NC CLA UD . -60.57 27.37 -17.42
C1C CLA UD . -60.41 26.03 -17.30
C2C CLA UD . -59.21 25.64 -17.88
C3C CLA UD . -58.62 26.78 -18.36
C4C CLA UD . -59.47 27.82 -18.07
ND CLA UD . -61.20 30.12 -17.50
C1D CLA UD . -60.04 30.27 -18.13
C2D CLA UD . -59.83 31.61 -18.45
C3D CLA UD . -60.92 32.35 -17.98
C4D CLA UD . -61.73 31.40 -17.40
MG CLA VD . -41.33 -18.28 -3.68
CHA CLA VD . -41.77 -16.81 -6.69
CHB CLA VD . -38.26 -16.86 -3.36
CHC CLA VD . -40.97 -19.84 -0.52
CHD CLA VD . -44.67 -19.77 -4.06
NA CLA VD . -40.19 -17.06 -4.81
C1A CLA VD . -40.50 -16.58 -5.96
C2A CLA VD . -39.45 -15.66 -6.52
C3A CLA VD . -38.34 -15.70 -5.50
C4A CLA VD . -38.95 -16.60 -4.48
CMA CLA VD . -37.07 -16.27 -6.10
CAA CLA VD . -40.09 -14.26 -6.39
CBA CLA VD . -41.39 -14.26 -5.59
CGA CLA VD . -41.59 -13.03 -4.73
O1A CLA VD . -41.57 -11.96 -5.29
O2A CLA VD . -41.80 -13.06 -3.26
NB CLA VD . -39.87 -18.32 -2.25
C1B CLA VD . -38.68 -17.71 -2.24
C2B CLA VD . -37.93 -17.95 -1.13
C3B CLA VD . -38.73 -18.75 -0.37
C4B CLA VD . -39.89 -18.98 -1.08
CMB CLA VD . -36.56 -17.44 -0.75
CAB CLA VD . -39.10 -17.90 0.61
CBB CLA VD . -39.54 -16.99 1.41
NC CLA VD . -42.53 -19.51 -2.55
C1C CLA VD . -42.21 -20.02 -1.35
C2C CLA VD . -43.25 -20.80 -0.86
C3C CLA VD . -44.25 -20.80 -1.82
C4C CLA VD . -43.77 -19.99 -2.86
CMC CLA VD . -43.24 -21.53 0.48
CAC CLA VD . -45.61 -21.51 -1.80
CBC CLA VD . -46.34 -21.49 -0.48
ND CLA VD . -42.86 -18.30 -5.03
C1D CLA VD . -44.08 -18.87 -5.11
C2D CLA VD . -44.70 -18.51 -6.34
C3D CLA VD . -43.79 -17.68 -6.99
C4D CLA VD . -42.73 -17.59 -6.18
CMD CLA VD . -46.04 -18.80 -6.98
CAD CLA VD . -43.66 -16.95 -8.18
OBD CLA VD . -43.70 -17.76 -9.18
CBD CLA VD . -42.27 -16.33 -8.03
CGD CLA VD . -41.25 -16.65 -9.11
O1D CLA VD . -40.18 -17.23 -8.86
O2D CLA VD . -41.51 -16.24 -10.50
CED CLA VD . -41.62 -17.21 -11.54
C1 CLA VD . -41.97 -14.29 -2.55
C2 CLA VD . -42.95 -14.15 -1.40
C3 CLA VD . -43.66 -15.13 -0.75
C4 CLA VD . -43.57 -16.59 -1.07
C5 CLA VD . -44.59 -14.74 0.39
C6 CLA VD . -45.75 -13.84 -0.04
C7 CLA VD . -46.21 -12.90 1.08
C8 CLA VD . -45.21 -11.75 1.29
C9 CLA VD . -45.61 -10.52 0.47
C10 CLA VD . -45.06 -11.40 2.77
C1 BCR WD . -39.66 -11.41 1.18
C2 BCR WD . -39.57 -12.90 1.52
C3 BCR WD . -39.81 -13.77 0.28
C4 BCR WD . -38.89 -13.36 -0.88
C5 BCR WD . -38.03 -12.19 -0.44
C6 BCR WD . -38.60 -11.17 0.17
C7 BCR WD . -38.30 -9.75 -0.07
C8 BCR WD . -37.20 -9.00 -0.13
C9 BCR WD . -37.80 -7.66 -0.32
C10 BCR WD . -37.18 -6.63 -0.68
C11 BCR WD . -36.92 -5.66 -1.40
C33 BCR WD . -36.56 -12.23 -0.67
C31 BCR WD . -39.35 -10.56 2.41
C32 BCR WD . -41.01 -10.95 0.63
C34 BCR WD . -39.28 -7.62 -0.10
C12 BCR WD . -37.01 -4.81 -2.37
C13 BCR WD . -36.43 -3.48 -2.09
C14 BCR WD . -36.22 -2.70 -3.14
C15 BCR WD . -35.67 -1.34 -3.22
C16 BCR WD . -36.34 -0.71 -4.16
C17 BCR WD . -36.17 0.56 -4.81
C18 BCR WD . -37.14 1.33 -5.33
C19 BCR WD . -36.65 2.48 -6.13
C20 BCR WD . -36.27 2.15 -7.39
C21 BCR WD . -35.74 3.00 -8.47
C22 BCR WD . -36.21 4.18 -8.92
C23 BCR WD . -35.58 4.92 -10.07
C24 BCR WD . -34.35 5.45 -10.22
C25 BCR WD . -34.06 6.14 -11.52
C26 BCR WD . -35.02 6.74 -12.21
C27 BCR WD . -35.34 6.14 -13.57
C28 BCR WD . -34.08 6.24 -14.45
C29 BCR WD . -32.89 6.80 -13.65
C30 BCR WD . -32.72 6.22 -12.23
C35 BCR WD . -36.10 -3.01 -0.67
C36 BCR WD . -38.61 1.05 -5.17
C37 BCR WD . -37.42 4.79 -8.27
C38 BCR WD . -35.64 8.00 -11.69
C39 BCR WD . -31.78 7.23 -11.55
C40 BCR WD . -32.16 4.78 -12.23
MG CLA XD . 40.53 -12.48 -1.97
CHA CLA XD . 38.09 -12.88 0.45
CHB CLA XD . 42.88 -12.08 0.45
CHC CLA XD . 43.02 -12.06 -4.52
CHD CLA XD . 37.99 -12.91 -4.53
NA CLA XD . 40.54 -12.47 0.03
C1A CLA XD . 39.51 -12.64 0.78
C2A CLA XD . 39.83 -12.59 2.25
C3A CLA XD . 41.32 -12.33 2.29
C4A CLA XD . 41.61 -12.28 0.82
NB CLA XD . 42.55 -12.14 -1.98
C1B CLA XD . 43.37 -11.99 -0.93
C2B CLA XD . 44.70 -11.78 -1.24
C3B CLA XD . 44.68 -11.79 -2.62
C4B CLA XD . 43.36 -12.01 -3.05
NC CLA XD . 40.52 -12.49 -4.04
C1C CLA XD . 41.58 -12.31 -4.86
C2C CLA XD . 41.19 -12.38 -6.20
C3C CLA XD . 39.83 -12.61 -6.20
C4C CLA XD . 39.45 -12.67 -4.86
ND CLA XD . 38.53 -12.82 -2.03
C1D CLA XD . 37.69 -12.96 -3.06
C2D CLA XD . 36.40 -13.17 -2.56
C3D CLA XD . 36.41 -13.17 -1.17
C4D CLA XD . 37.75 -12.95 -0.88
MG CLA YD . 30.65 11.34 -4.69
CHA CLA YD . 31.50 8.05 -4.10
CHB CLA YD . 32.85 12.38 -2.36
CHC CLA YD . 29.73 14.75 -5.36
CHD CLA YD . 28.28 10.21 -7.19
NA CLA YD . 31.92 10.45 -3.47
C1A CLA YD . 32.11 9.19 -3.38
C2A CLA YD . 33.14 8.81 -2.37
C3A CLA YD . 33.59 10.14 -1.80
C4A CLA YD . 32.74 11.07 -2.60
NB CLA YD . 31.21 13.18 -3.97
C1B CLA YD . 32.12 13.45 -3.03
C2B CLA YD . 32.29 14.79 -2.74
C3B CLA YD . 31.41 15.39 -3.61
C4B CLA YD . 30.76 14.39 -4.34
NC CLA YD . 29.32 12.27 -5.98
C1C CLA YD . 29.10 13.61 -6.09
C2C CLA YD . 28.14 13.86 -7.05
C3C CLA YD . 27.75 12.64 -7.54
C4C CLA YD . 28.49 11.67 -6.87
ND CLA YD . 30.04 9.55 -5.46
C1D CLA YD . 29.14 9.25 -6.41
C2D CLA YD . 29.08 7.86 -6.57
C3D CLA YD . 29.99 7.26 -5.70
C4D CLA YD . 30.54 8.33 -5.05
MG CLA ZD . 34.97 -3.62 -13.21
CHA CLA ZD . 36.41 -5.21 -10.61
CHB CLA ZD . 34.29 -0.93 -11.26
CHC CLA ZD . 33.48 -2.06 -16.02
CHD CLA ZD . 35.73 -6.59 -15.26
NA CLA ZD . 35.28 -3.13 -11.27
C1A CLA ZD . 35.86 -3.86 -10.37
C2A CLA ZD . 35.95 -3.21 -9.01
C3A CLA ZD . 35.29 -1.88 -9.22
C4A CLA ZD . 34.92 -1.97 -10.69
CMA CLA ZD . 34.10 -1.70 -8.28
CAA CLA ZD . 37.43 -3.06 -8.61
CBA CLA ZD . 38.00 -1.66 -8.69
CGA CLA ZD . 37.96 -1.09 -7.31
O1A CLA ZD . 38.51 -1.64 -6.36
O2A CLA ZD . 37.24 0.16 -7.07
NB CLA ZD . 34.05 -1.83 -13.54
C1B CLA ZD . 33.85 -0.83 -12.66
C2B CLA ZD . 33.21 0.27 -13.18
C3B CLA ZD . 32.99 -0.10 -14.51
C4B CLA ZD . 33.54 -1.37 -14.68
CMB CLA ZD . 32.83 1.55 -12.47
CAB CLA ZD . 33.65 0.77 -15.30
CBB CLA ZD . 34.30 1.55 -16.03
NC CLA ZD . 34.68 -4.19 -15.19
C1C CLA ZD . 34.07 -3.44 -16.14
C2C CLA ZD . 34.04 -4.11 -17.35
C3C CLA ZD . 34.63 -5.34 -17.17
C4C CLA ZD . 35.02 -5.36 -15.82
CMC CLA ZD . 33.45 -3.60 -18.64
CAC CLA ZD . 34.78 -6.41 -18.25
CBC CLA ZD . 36.18 -6.80 -18.69
ND CLA ZD . 35.85 -5.45 -13.01
C1D CLA ZD . 36.10 -6.50 -13.81
C2D CLA ZD . 36.75 -7.51 -13.06
C3D CLA ZD . 36.87 -7.00 -11.78
C4D CLA ZD . 36.34 -5.79 -11.80
CMD CLA ZD . 37.28 -8.89 -13.41
CAD CLA ZD . 37.40 -7.35 -10.54
OBD CLA ZD . 38.67 -7.29 -10.70
CBD CLA ZD . 37.06 -6.15 -9.68
CGD CLA ZD . 36.01 -6.50 -8.66
O1D CLA ZD . 34.95 -5.89 -8.66
O2D CLA ZD . 36.20 -7.52 -7.62
CED CLA ZD . 35.28 -7.61 -6.51
C1 CLA ZD . 37.85 1.27 -6.41
C2 CLA ZD . 39.10 1.66 -7.16
C3 CLA ZD . 39.15 2.63 -8.09
C4 CLA ZD . 37.98 3.49 -8.49
C5 CLA ZD . 40.49 2.84 -8.73
C6 CLA ZD . 40.65 2.33 -10.17
C7 CLA ZD . 42.00 1.64 -10.32
C8 CLA ZD . 41.86 0.24 -9.75
C9 CLA ZD . 40.70 -0.41 -10.47
C10 CLA ZD . 43.14 -0.58 -9.84
C11 CLA ZD . 43.13 -1.76 -8.85
C12 CLA ZD . 42.85 -3.13 -9.54
C13 CLA ZD . 41.37 -3.49 -9.70
C14 CLA ZD . 40.92 -4.61 -8.76
C15 CLA ZD . 41.11 -3.85 -11.14
C16 CLA ZD . 39.63 -3.65 -11.48
MG CLA AE . -7.10 44.65 -41.10
CHA CLA AE . -9.58 46.44 -39.53
CHB CLA AE . -5.23 44.67 -38.29
CHC CLA AE . -4.56 42.76 -42.80
CHD CLA AE . -9.13 44.61 -44.08
NA CLA AE . -7.32 45.39 -39.27
C1A CLA AE . -8.32 46.05 -38.84
C2A CLA AE . -8.20 46.49 -37.42
C3A CLA AE . -6.87 45.95 -37.01
C4A CLA AE . -6.42 45.29 -38.26
NB CLA AE . -5.25 43.87 -40.60
C1B CLA AE . -4.63 43.97 -39.43
C2B CLA AE . -3.39 43.36 -39.38
C3B CLA AE . -3.26 42.86 -40.65
C4B CLA AE . -4.40 43.18 -41.37
NC CLA AE . -6.89 43.87 -43.00
C1C CLA AE . -5.84 43.17 -43.48
C2C CLA AE . -6.06 42.81 -44.81
C3C CLA AE . -7.29 43.31 -45.16
C4C CLA AE . -7.78 43.94 -44.03
ND CLA AE . -8.92 45.36 -41.67
C1D CLA AE . -9.58 45.28 -42.83
C2D CLA AE . -10.81 45.94 -42.72
C3D CLA AE . -10.94 46.45 -41.44
C4D CLA AE . -9.75 46.07 -40.84
MG CLA BE . -14.98 41.57 -36.66
CHA CLA BE . -13.77 39.04 -34.65
CHB CLA BE . -15.36 39.39 -39.22
CHC CLA BE . -16.23 44.22 -38.69
CHD CLA BE . -14.55 43.88 -33.88
NA CLA BE . -14.66 39.63 -36.92
C1A CLA BE . -14.19 38.82 -36.05
C2A CLA BE . -14.04 37.42 -36.52
C3A CLA BE . -14.54 37.50 -37.95
C4A CLA BE . -14.88 38.95 -38.06
NB CLA BE . -15.66 41.72 -38.59
C1B CLA BE . -15.76 40.76 -39.52
C2B CLA BE . -16.25 41.17 -40.74
C3B CLA BE . -16.48 42.52 -40.53
C4B CLA BE . -16.11 42.83 -39.23
NC CLA BE . -15.31 43.57 -36.35
C1C CLA BE . -15.80 44.44 -37.27
C2C CLA BE . -15.88 45.71 -36.71
C3C CLA BE . -15.43 45.62 -35.42
C4C CLA BE . -15.08 44.29 -35.22
ND CLA BE . -14.31 41.49 -34.72
C1D CLA BE . -14.20 42.43 -33.77
C2D CLA BE . -13.69 41.85 -32.59
C3D CLA BE . -13.47 40.50 -32.81
C4D CLA BE . -13.86 40.32 -34.11
MG CLA CE . -18.11 47.58 -28.87
CHA CLA CE . -15.46 45.54 -27.94
CHB CLA CE . -18.83 45.51 -31.41
CHC CLA CE . -20.85 49.73 -29.79
CHD CLA CE . -17.31 49.80 -26.13
NA CLA CE . -17.34 45.87 -29.58
C1A CLA CE . -16.34 45.23 -29.09
C2A CLA CE . -16.02 43.98 -29.84
C3A CLA CE . -17.06 43.95 -30.94
C4A CLA CE . -17.80 45.19 -30.64
NB CLA CE . -19.53 47.59 -30.32
C1B CLA CE . -19.70 46.68 -31.27
C2B CLA CE . -20.75 46.94 -32.13
C3B CLA CE . -21.28 48.11 -31.63
C4B CLA CE . -20.51 48.49 -30.54
NC CLA CE . -18.90 49.34 -28.14
C1C CLA CE . -19.96 50.03 -28.63
C2C CLA CE . -20.20 51.17 -27.88
C3C CLA CE . -19.25 51.19 -26.89
C4C CLA CE . -18.46 50.05 -27.06
ND CLA CE . -16.72 47.66 -27.38
C1D CLA CE . -16.53 48.56 -26.41
C2D CLA CE . -15.43 48.17 -25.63
C3D CLA CE . -14.91 46.99 -26.13
C4D CLA CE . -15.72 46.70 -27.21
MG CLA DE . -33.59 31.51 -28.02
CHA CLA DE . -35.02 34.51 -29.00
CHB CLA DE . -32.77 32.84 -25.03
CHC CLA DE . -32.14 28.34 -27.05
CHD CLA DE . -34.50 30.12 -31.23
NA CLA DE . -33.83 33.29 -27.15
C1A CLA DE . -34.39 34.31 -27.67
C2A CLA DE . -34.41 35.52 -26.79
C3A CLA DE . -33.71 35.02 -25.54
C4A CLA DE . -33.41 33.61 -25.91
NB CLA DE . -32.65 30.77 -26.35
C1B CLA DE . -32.38 31.43 -25.22
C2B CLA DE . -31.72 30.67 -24.26
C3B CLA DE . -31.58 29.44 -24.87
C4B CLA DE . -32.15 29.53 -26.13
NC CLA DE . -33.37 29.67 -28.92
C1C CLA DE . -32.79 28.57 -28.40
C2C CLA DE . -32.83 27.52 -29.31
C3C CLA DE . -33.46 27.99 -30.43
C4C CLA DE . -33.78 29.32 -30.16
ND CLA DE . -34.53 32.16 -29.71
C1D CLA DE . -34.82 31.54 -30.86
C2D CLA DE . -35.48 32.41 -31.73
C3D CLA DE . -35.63 33.64 -31.10
C4D CLA DE . -35.03 33.44 -29.87
MG CLA EE . -30.98 29.95 -9.70
CHA CLA EE . -31.25 32.61 -7.66
CHB CLA EE . -32.57 27.99 -7.45
CHC CLA EE . -30.66 27.21 -11.96
CHD CLA EE . -29.29 32.16 -12.10
NA CLA EE . -31.76 30.22 -7.88
C1A CLA EE . -31.79 31.32 -7.21
C2A CLA EE . -32.48 31.23 -5.89
C3A CLA EE . -32.82 29.78 -5.81
C4A CLA EE . -32.36 29.28 -7.13
CMA CLA EE . -31.88 29.23 -4.75
CAA CLA EE . -33.76 32.09 -5.92
CBA CLA EE . -34.78 31.72 -7.01
CGA CLA EE . -35.95 32.68 -7.05
O1A CLA EE . -36.46 33.03 -5.98
O2A CLA EE . -36.52 33.22 -8.31
NB CLA EE . -31.53 27.97 -9.67
C1B CLA EE . -32.15 27.32 -8.69
C2B CLA EE . -32.38 25.98 -8.98
C3B CLA EE . -31.81 25.81 -10.21
C4B CLA EE . -31.33 27.05 -10.62
CMB CLA EE . -33.05 24.91 -8.13
CAB CLA EE . -30.67 25.13 -9.91
CBB CLA EE . -29.38 24.95 -9.38
NC CLA EE . -30.16 29.73 -11.58
C1C CLA EE . -30.13 28.58 -12.29
C2C CLA EE . -29.51 28.80 -13.52
C3C CLA EE . -29.15 30.13 -13.54
C4C CLA EE . -29.56 30.69 -12.34
CMC CLA EE . -29.30 27.76 -14.59
CAC CLA EE . -28.43 30.84 -14.68
CBC CLA EE . -26.93 30.66 -14.56
ND CLA EE . -30.40 31.89 -9.86
C1D CLA EE . -29.78 32.65 -10.79
C2D CLA EE . -29.66 33.97 -10.28
C3D CLA EE . -30.25 33.96 -9.04
C4D CLA EE . -30.67 32.73 -8.83
CMD CLA EE . -29.10 35.25 -10.81
CAD CLA EE . -30.54 34.83 -7.99
OBD CLA EE . -29.44 35.31 -7.53
CBD CLA EE . -31.19 33.92 -6.97
CGD CLA EE . -30.30 33.70 -5.77
O1D CLA EE . -29.32 32.95 -5.85
O2D CLA EE . -30.49 34.34 -4.49
CED CLA EE . -29.47 34.19 -3.52
C1 CLA EE . -36.38 32.55 -9.57
C2 CLA EE . -37.56 32.62 -10.52
C3 CLA EE . -38.41 33.66 -10.74
C4 CLA EE . -39.51 33.49 -11.75
C5 CLA EE . -38.29 34.98 -10.02
MG CLA FE . -43.62 22.08 -11.03
CHA CLA FE . -45.63 24.73 -11.25
CHB CLA FE . -43.00 22.17 -14.39
CHC CLA FE . -41.48 19.25 -10.65
CHD CLA FE . -44.34 22.04 -7.39
NA CLA FE . -44.18 23.22 -12.58
C1A CLA FE . -44.98 24.22 -12.50
C2A CLA FE . -45.21 24.91 -13.80
C3A CLA FE . -44.43 24.10 -14.79
C4A CLA FE . -43.82 23.09 -13.87
CMA CLA FE . -45.39 23.54 -15.83
CAA CLA FE . -44.55 26.27 -13.66
CBA CLA FE . -43.24 26.21 -12.87
CGA CLA FE . -42.97 27.54 -12.24
O1A CLA FE . -43.52 28.57 -12.67
O2A CLA FE . -42.05 27.64 -11.09
NB CLA FE . -42.49 20.96 -12.31
C1B CLA FE . -42.33 21.11 -13.63
C2B CLA FE . -41.50 20.19 -14.20
C3B CLA FE . -41.12 19.38 -13.14
C4B CLA FE . -41.72 19.90 -11.99
CMB CLA FE . -41.11 20.08 -15.65
CAB CLA FE . -41.87 18.29 -13.29
CBB CLA FE . -42.72 17.35 -13.37
NC CLA FE . -43.04 20.92 -9.41
C1C CLA FE . -42.20 19.86 -9.46
C2C CLA FE . -42.03 19.32 -8.19
C3C CLA FE . -42.80 20.07 -7.32
C4C CLA FE . -43.42 21.06 -8.08
CMC CLA FE . -41.18 18.14 -7.78
CAC CLA FE . -42.94 19.86 -5.83
CBC CLA FE . -42.41 21.03 -5.02
ND CLA FE . -44.71 23.13 -9.64
C1D CLA FE . -44.93 23.06 -8.30
C2D CLA FE . -45.82 24.11 -7.93
C3D CLA FE . -46.11 24.78 -9.10
C4D CLA FE . -45.44 24.17 -10.06
CMD CLA FE . -46.44 24.56 -6.63
CAD CLA FE . -46.85 25.88 -9.56
OBD CLA FE . -48.11 25.76 -9.26
CBD CLA FE . -46.58 25.85 -11.05
CGD CLA FE . -47.76 25.45 -11.89
O1D CLA FE . -47.70 25.48 -13.12
O2D CLA FE . -49.02 25.02 -11.31
CED CLA FE . -50.05 24.65 -12.22
C1 CLA FE . -40.74 27.08 -11.16
C2 CLA FE . -39.87 28.10 -11.85
C3 CLA FE . -38.53 28.08 -11.86
C4 CLA FE . -37.86 29.19 -12.60
C5 CLA FE . -37.68 27.01 -11.19
C6 CLA FE . -36.39 27.59 -10.59
MG CLA GE . -43.30 18.45 -23.21
CHA CLA GE . -45.95 19.75 -24.76
CHB CLA GE . -43.38 15.77 -25.11
CHC CLA GE . -40.44 17.21 -21.44
CHD CLA GE . -43.28 21.48 -21.16
NA CLA GE . -44.44 17.84 -24.66
C1A CLA GE . -45.44 18.46 -25.14
C2A CLA GE . -46.16 17.77 -26.21
C3A CLA GE . -45.31 16.54 -26.41
C4A CLA GE . -44.30 16.70 -25.32
CMA CLA GE . -46.20 15.35 -26.13
CAA CLA GE . -46.57 18.77 -27.29
CBA CLA GE . -48.01 18.62 -27.83
CGA CLA GE . -49.13 19.32 -27.08
O1A CLA GE . -49.85 18.66 -26.30
O2A CLA GE . -49.51 20.73 -27.31
NB CLA GE . -42.16 16.79 -23.30
C1B CLA GE . -42.32 15.80 -24.12
C2B CLA GE . -41.37 14.81 -23.95
C3B CLA GE . -40.57 15.22 -22.92
C4B CLA GE . -41.08 16.46 -22.55
CMB CLA GE . -41.20 13.51 -24.66
CAB CLA GE . -40.84 14.20 -22.05
NC CLA GE . -42.15 19.16 -21.71
C1C CLA GE . -41.09 18.53 -21.15
C2C CLA GE . -40.58 19.32 -20.15
C3C CLA GE . -41.37 20.46 -20.12
C4C CLA GE . -42.33 20.34 -21.07
CMC CLA GE . -39.38 18.99 -19.28
CAC CLA GE . -41.28 21.67 -19.26
CBC CLA GE . -41.62 22.85 -20.17
ND CLA GE . -44.33 20.15 -22.99
C1D CLA GE . -44.27 21.24 -22.23
C2D CLA GE . -45.31 22.11 -22.59
C3D CLA GE . -45.98 21.51 -23.59
C4D CLA GE . -45.36 20.38 -23.80
CMD CLA GE . -45.82 23.46 -22.21
CAD CLA GE . -47.05 21.78 -24.39
OBD CLA GE . -46.67 22.71 -25.14
CBD CLA GE . -47.06 20.57 -25.25
CGD CLA GE . -48.34 19.97 -24.88
O1D CLA GE . -48.32 18.82 -24.50
O2D CLA GE . -49.59 20.74 -24.98
CED CLA GE . -50.88 20.18 -24.68
C1 CLA GE . -50.85 21.08 -26.92
C2 CLA GE . -51.62 21.74 -28.03
MG CLA HE . -33.51 32.11 -17.23
CHA CLA HE . -36.09 34.23 -17.44
CHB CLA HE . -35.30 30.05 -15.22
CHC CLA HE . -30.71 29.95 -17.09
CHD CLA HE . -31.63 34.40 -19.42
NA CLA HE . -35.37 32.12 -16.45
C1A CLA HE . -36.26 33.01 -16.62
C2A CLA HE . -37.57 32.76 -15.92
C3A CLA HE . -37.31 31.46 -15.24
C4A CLA HE . -35.89 31.17 -15.65
CMA CLA HE . -37.52 31.70 -13.75
CAA CLA HE . -38.77 32.61 -16.88
CBA CLA HE . -40.13 32.95 -16.24
CGA CLA HE . -40.71 31.76 -15.50
O1A CLA HE . -41.07 31.87 -14.34
O2A CLA HE . -40.83 30.46 -16.17
NB CLA HE . -33.12 30.33 -16.30
C1B CLA HE . -33.93 29.61 -15.52
C2B CLA HE . -33.35 28.45 -15.05
C3B CLA HE . -32.09 28.45 -15.62
C4B CLA HE . -31.98 29.63 -16.35
CMB CLA HE . -33.95 27.38 -14.16
CAB CLA HE . -32.11 27.50 -16.57
CBB CLA HE . -32.16 26.64 -17.50
NC CLA HE . -31.62 32.16 -18.06
C1C CLA HE . -30.67 31.22 -17.88
C2C CLA HE . -29.51 31.56 -18.56
C3C CLA HE . -29.76 32.76 -19.19
C4C CLA HE . -31.06 33.11 -18.87
CMC CLA HE . -28.23 30.76 -18.61
CAC CLA HE . -28.78 33.53 -20.07
CBC CLA HE . -27.89 34.38 -19.18
ND CLA HE . -33.77 33.88 -18.21
C1D CLA HE . -33.03 34.68 -19.00
C2D CLA HE . -33.81 35.81 -19.37
C3D CLA HE . -35.03 35.63 -18.75
C4D CLA HE . -34.96 34.49 -18.09
CMD CLA HE . -33.60 37.04 -20.22
CAD CLA HE . -36.27 36.28 -18.62
OBD CLA HE . -36.04 37.37 -17.99
CBD CLA HE . -37.03 35.34 -17.69
CGD CLA HE . -37.26 35.95 -16.34
O1D CLA HE . -36.35 36.01 -15.51
O2D CLA HE . -38.57 36.43 -15.93
CED CLA HE . -38.68 37.73 -15.33
C1 CLA HE . -41.58 30.22 -17.37
C2 CLA HE . -41.88 28.74 -17.50
C3 CLA HE . -43.00 28.23 -18.07
C4 CLA HE . -43.19 26.73 -18.13
C5 CLA HE . -44.06 29.14 -18.65
C6 CLA HE . -45.43 28.70 -18.12
C7 CLA HE . -46.46 29.82 -18.02
C8 CLA HE . -46.88 30.44 -19.35
C9 CLA HE . -48.03 29.75 -20.09
C10 CLA HE . -47.23 31.89 -19.05
C1 BCR IE . -40.06 1.67 -10.23
C2 BCR IE . -41.19 1.52 -9.20
C3 BCR IE . -42.59 1.98 -9.62
C4 BCR IE . -42.64 2.68 -10.96
C5 BCR IE . -41.39 3.50 -11.26
C6 BCR IE . -40.15 3.03 -10.91
C7 BCR IE . -38.92 3.85 -11.19
C8 BCR IE . -39.19 5.15 -11.14
C9 BCR IE . -38.44 6.42 -11.37
C10 BCR IE . -38.59 6.98 -12.49
C11 BCR IE . -39.00 7.58 -13.43
C33 BCR IE . -41.62 4.82 -11.94
C31 BCR IE . -40.20 0.63 -11.34
C32 BCR IE . -38.73 1.51 -9.51
C34 BCR IE . -37.70 7.14 -10.27
C12 BCR IE . -39.49 8.36 -14.26
C13 BCR IE . -39.03 9.75 -14.31
C14 BCR IE . -38.92 10.50 -13.18
C15 BCR IE . -38.48 11.90 -13.26
C16 BCR IE . -37.40 12.47 -12.70
C17 BCR IE . -37.19 13.90 -12.96
C18 BCR IE . -37.24 14.89 -12.05
C19 BCR IE . -37.01 16.27 -12.52
C20 BCR IE . -37.05 17.39 -11.81
C21 BCR IE . -36.78 18.60 -12.59
C22 BCR IE . -36.99 19.92 -12.33
C23 BCR IE . -37.58 20.50 -11.09
C24 BCR IE . -38.21 21.68 -11.24
C25 BCR IE . -38.90 22.51 -10.22
C26 BCR IE . -40.18 22.95 -10.40
C27 BCR IE . -41.14 23.07 -9.28
C28 BCR IE . -40.50 22.47 -8.03
C29 BCR IE . -39.09 22.92 -7.72
C30 BCR IE . -38.18 22.96 -8.96
C35 BCR IE . -38.71 10.25 -15.69
C36 BCR IE . -37.51 14.59 -10.59
C37 BCR IE . -36.59 20.86 -13.43
C38 BCR IE . -40.69 23.43 -11.74
C39 BCR IE . -36.91 22.17 -8.63
C40 BCR IE . -37.76 24.41 -9.25
MG CLA JE . 16.60 -41.01 42.26
CHA CLA JE . 19.32 -40.41 40.24
CHB CLA JE . 15.49 -37.86 41.75
CHC CLA JE . 13.79 -41.72 44.36
CHD CLA JE . 17.82 -44.39 42.79
NA CLA JE . 17.23 -39.43 41.22
C1A CLA JE . 18.30 -39.39 40.51
C2A CLA JE . 18.54 -38.06 39.84
C3A CLA JE . 17.35 -37.25 40.30
C4A CLA JE . 16.63 -38.25 41.15
NB CLA JE . 14.98 -39.96 42.91
C1B CLA JE . 14.65 -38.70 42.63
C2B CLA JE . 13.49 -38.25 43.21
C3B CLA JE . 13.05 -39.34 43.93
C4B CLA JE . 13.99 -40.37 43.72
NC CLA JE . 15.96 -42.66 43.31
C1C CLA JE . 14.85 -42.75 44.08
C2C CLA JE . 14.74 -44.01 44.64
C3C CLA JE . 15.83 -44.72 44.21
C4C CLA JE . 16.56 -43.87 43.40
ND CLA JE . 18.19 -42.14 41.66
C1D CLA JE . 18.53 -43.39 41.92
C2D CLA JE . 19.73 -43.70 41.26
C3D CLA JE . 20.15 -42.58 40.54
C4D CLA JE . 19.17 -41.65 40.82
MG CLA KE . 3.36 -47.13 34.78
CHA CLA KE . 6.10 -45.24 33.78
CHB CLA KE . 2.31 -44.61 36.73
CHC CLA KE . 0.55 -49.15 35.76
CHD CLA KE . 4.54 -49.81 32.66
NA CLA KE . 4.03 -45.30 35.20
C1A CLA KE . 5.07 -44.75 34.73
C2A CLA KE . 5.32 -43.37 35.24
C3A CLA KE . 4.13 -43.14 36.16
C4A CLA KE . 3.42 -44.44 36.03
NB CLA KE . 1.75 -46.88 36.02
C1B CLA KE . 1.44 -45.81 36.75
C2B CLA KE . 0.28 -45.91 37.50
C3B CLA KE . -0.15 -47.19 37.19
C4B CLA KE . 0.75 -47.75 36.29
NC CLA KE . 2.70 -49.03 34.32
C1C CLA KE . 1.59 -49.65 34.80
C2C CLA KE . 1.46 -50.92 34.26
C3C CLA KE . 2.55 -51.10 33.42
C4C CLA KE . 3.28 -49.92 33.48
ND CLA KE . 4.94 -47.44 33.52
C1D CLA KE . 5.28 -48.50 32.77
C2D CLA KE . 6.47 -48.22 32.08
C3D CLA KE . 6.90 -46.95 32.40
C4D CLA KE . 5.94 -46.50 33.28
MG CLA LE . 8.70 -66.98 32.96
CHA CLA LE . 10.57 -65.21 30.68
CHB CLA LE . 8.31 -64.22 34.86
CHC CLA LE . 6.78 -68.90 35.28
CHD CLA LE . 9.13 -69.94 30.89
NA CLA LE . 9.29 -65.09 32.84
C1A CLA LE . 9.99 -64.60 31.91
C2A CLA LE . 10.28 -63.13 32.11
C3A CLA LE . 9.59 -62.78 33.40
C4A CLA LE . 9.02 -64.12 33.74
NB CLA LE . 7.74 -66.59 34.73
C1B CLA LE . 7.67 -65.44 35.39
C2B CLA LE . 6.95 -65.47 36.56
C3B CLA LE . 6.56 -66.79 36.63
C4B CLA LE . 7.04 -67.43 35.50
NC CLA LE . 8.10 -68.95 33.06
C1C CLA LE . 7.36 -69.50 34.03
C2C CLA LE . 7.15 -70.84 33.77
C3C CLA LE . 7.77 -71.11 32.60
C4C CLA LE . 8.36 -69.93 32.18
ND CLA LE . 9.63 -67.48 31.20
C1D CLA LE . 9.73 -68.62 30.52
C2D CLA LE . 10.47 -68.45 29.36
C3D CLA LE . 10.87 -67.12 29.30
C4D CLA LE . 10.34 -66.56 30.44
MG CLA ME . 2.86 -68.90 36.21
CHA CLA ME . 1.49 -68.74 33.06
CHB CLA ME . 3.23 -65.54 36.26
CHC CLA ME . 4.28 -69.13 39.51
CHD CLA ME . 2.44 -72.51 36.14
NA CLA ME . 2.47 -67.43 34.95
C1A CLA ME . 1.94 -67.55 33.80
C2A CLA ME . 1.77 -66.24 33.08
C3A CLA ME . 2.31 -65.22 34.04
C4A CLA ME . 2.70 -66.11 35.17
NB CLA ME . 3.60 -67.56 37.59
C1B CLA ME . 3.68 -66.23 37.48
C2B CLA ME . 4.23 -65.59 38.56
C3B CLA ME . 4.50 -66.62 39.43
C4B CLA ME . 4.10 -67.81 38.81
NC CLA ME . 3.26 -70.45 37.51
C1C CLA ME . 3.82 -70.35 38.75
C2C CLA ME . 3.93 -71.59 39.33
C3C CLA ME . 3.44 -72.50 38.43
C4C CLA ME . 3.04 -71.77 37.31
ND CLA ME . 2.14 -70.30 34.91
C1D CLA ME . 2.03 -71.64 35.00
C2D CLA ME . 1.46 -72.14 33.83
C3D CLA ME . 1.19 -71.09 32.97
C4D CLA ME . 1.62 -69.98 33.67
MG CLA NE . 3.57 -59.43 24.79
CHA CLA NE . 6.51 -59.52 23.02
CHB CLA NE . 2.73 -56.50 23.31
CHC CLA NE . 0.49 -59.39 26.64
CHD CLA NE . 4.48 -62.56 26.34
NA CLA NE . 4.41 -58.23 23.43
C1A CLA NE . 5.53 -58.42 22.87
C2A CLA NE . 5.91 -57.33 21.91
C3A CLA NE . 4.74 -56.38 21.98
C4A CLA NE . 3.89 -57.08 22.98
NB CLA NE . 1.95 -58.17 24.92
C1B CLA NE . 1.75 -57.01 24.27
C2B CLA NE . 0.57 -56.37 24.55
C3B CLA NE . -0.01 -57.22 25.47
C4B CLA NE . 0.85 -58.29 25.68
NC CLA NE . 2.70 -60.68 26.17
C1C CLA NE . 1.50 -60.50 26.78
C2C CLA NE . 1.24 -61.55 27.65
C3C CLA NE . 2.31 -62.39 27.57
C4C CLA NE . 3.19 -61.84 26.65
ND CLA NE . 5.13 -60.75 24.70
C1D CLA NE . 5.36 -61.89 25.33
C2D CLA NE . 6.59 -62.43 24.94
C3D CLA NE . 7.17 -61.58 24.01
C4D CLA NE . 6.24 -60.56 23.89
MG CLA OE . 0.31 -56.66 49.20
CHA CLA OE . 2.69 -56.13 46.76
CHB CLA OE . 1.73 -54.31 51.15
CHC CLA OE . -2.20 -57.28 51.68
CHD CLA OE . -1.21 -59.21 47.05
NA CLA OE . 1.87 -55.45 49.04
C1A CLA OE . 2.67 -55.38 48.05
C2A CLA OE . 3.77 -54.36 48.23
C3A CLA OE . 3.49 -53.79 49.59
C4A CLA OE . 2.27 -54.56 49.97
NB CLA OE . -0.12 -55.91 51.06
C1B CLA OE . 0.53 -54.97 51.73
C2B CLA OE . 0.02 -54.66 52.97
C3B CLA OE . -1.06 -55.51 53.06
C4B CLA OE . -1.13 -56.25 51.88
NC CLA OE . -1.31 -57.93 49.33
C1C CLA OE . -2.17 -58.02 50.38
C2C CLA OE . -3.13 -58.98 50.11
C3C CLA OE . -2.86 -59.49 48.88
C4C CLA OE . -1.74 -58.84 48.42
ND CLA OE . 0.66 -57.48 47.34
C1D CLA OE . 0.01 -58.43 46.64
C2D CLA OE . 0.64 -58.63 45.42
C3D CLA OE . 1.74 -57.77 45.33
C4D CLA OE . 1.71 -57.08 46.53
MG CLA PE . -2.67 -50.81 39.32
CHA CLA PE . -1.11 -47.89 40.33
CHB CLA PE . -5.69 -49.36 39.64
CHC CLA PE . -4.22 -53.89 38.27
CHD CLA PE . 0.59 -52.33 38.98
NA CLA PE . -3.31 -49.01 39.87
C1A CLA PE . -2.57 -48.03 40.22
C2A CLA PE . -3.33 -46.81 40.58
C3A CLA PE . -4.76 -47.25 40.38
C4A CLA PE . -4.59 -48.65 39.92
NB CLA PE . -4.59 -51.46 39.01
C1B CLA PE . -5.72 -50.77 39.19
C2B CLA PE . -6.89 -51.46 38.92
C3B CLA PE . -6.41 -52.70 38.53
C4B CLA PE . -5.03 -52.68 38.61
NC CLA PE . -1.97 -52.66 38.75
C1C CLA PE . -2.72 -53.72 38.38
C2C CLA PE . -1.90 -54.79 38.08
C3C CLA PE . -0.61 -54.38 38.26
C4C CLA PE . -0.68 -53.06 38.68
ND CLA PE . -0.72 -50.25 39.60
C1D CLA PE . 0.43 -50.91 39.43
C2D CLA PE . 1.52 -50.08 39.74
C3D CLA PE . 1.04 -48.83 40.12
C4D CLA PE . -0.34 -48.98 40.03
MG CLA QE . 12.72 -57.44 60.53
CHA CLA QE . 16.04 -57.15 61.33
CHB CLA QE . 11.85 -55.93 63.40
CHC CLA QE . 9.26 -57.80 59.61
CHD CLA QE . 13.69 -59.07 57.44
NA CLA QE . 13.69 -56.69 62.08
C1A CLA QE . 14.96 -56.65 62.21
C2A CLA QE . 15.43 -56.00 63.49
C3A CLA QE . 14.14 -55.62 64.16
C4A CLA QE . 13.14 -56.11 63.14
NB CLA QE . 10.94 -56.94 61.38
C1B CLA QE . 10.74 -56.33 62.56
C2B CLA QE . 9.42 -56.12 62.90
C3B CLA QE . 8.74 -56.65 61.81
C4B CLA QE . 9.69 -57.14 60.90
NC CLA QE . 11.71 -58.24 58.91
C1C CLA QE . 10.37 -58.30 58.73
C2C CLA QE . 10.06 -58.90 57.52
C3C CLA QE . 11.25 -59.25 56.94
C4C CLA QE . 12.25 -58.83 57.81
ND CLA QE . 14.46 -57.98 59.60
C1D CLA QE . 14.71 -58.59 58.44
C2D CLA QE . 16.09 -58.72 58.26
C3D CLA QE . 16.74 -58.19 59.35
C4D CLA QE . 15.71 -57.75 60.14
MG CLA RE . 28.18 -51.85 44.73
CHA CLA RE . 25.84 -52.02 47.23
CHB CLA RE . 30.58 -51.06 46.94
CHC CLA RE . 30.60 -51.70 42.05
CHD CLA RE . 25.58 -52.72 42.34
NA CLA RE . 28.25 -51.59 46.69
C1A CLA RE . 27.26 -51.69 47.48
C2A CLA RE . 27.63 -51.43 48.92
C3A CLA RE . 29.10 -51.12 48.86
C4A CLA RE . 29.35 -51.26 47.39
NB CLA RE . 30.19 -51.46 44.57
C1B CLA RE . 31.03 -51.15 45.55
C2B CLA RE . 32.33 -50.93 45.16
C3B CLA RE . 32.28 -51.12 43.80
C4B CLA RE . 30.96 -51.43 43.47
NC CLA RE . 28.11 -52.14 42.67
C1C CLA RE . 29.15 -52.03 41.81
C2C CLA RE . 28.72 -52.30 40.52
C3C CLA RE . 27.38 -52.57 40.60
C4C CLA RE . 27.02 -52.47 41.93
ND CLA RE . 26.17 -52.27 44.78
C1D CLA RE . 25.30 -52.59 43.81
C2D CLA RE . 24.02 -52.78 44.37
C3D CLA RE . 24.10 -52.58 45.73
C4D CLA RE . 25.43 -52.28 45.94
MG CLA SE . 23.99 -58.38 43.93
CHA CLA SE . 25.33 -57.93 47.04
CHB CLA SE . 20.89 -57.84 45.14
CHC CLA SE . 22.64 -58.86 40.63
CHD CLA SE . 27.34 -58.97 42.64
NA CLA SE . 23.21 -57.97 45.70
C1A CLA SE . 23.87 -57.83 46.79
C2A CLA SE . 23.02 -57.52 47.99
C3A CLA SE . 21.62 -57.49 47.41
C4A CLA SE . 21.91 -57.79 45.98
NB CLA SE . 22.12 -58.35 43.09
C1B CLA SE . 20.96 -58.12 43.70
C2B CLA SE . 19.85 -58.16 42.88
C3B CLA SE . 20.40 -58.45 41.65
C4B CLA SE . 21.77 -58.56 41.81
NC CLA SE . 24.78 -58.82 42.09
C1C CLA SE . 24.10 -58.97 40.92
C2C CLA SE . 24.98 -59.25 39.89
C3C CLA SE . 26.24 -59.29 40.44
C4C CLA SE . 26.10 -59.01 41.79
ND CLA SE . 25.88 -58.44 44.66
C1D CLA SE . 27.06 -58.68 44.09
C2D CLA SE . 28.09 -58.60 45.04
C3D CLA SE . 27.53 -58.31 46.27
C4D CLA SE . 26.17 -58.22 46.00
MG CLA TE . 23.50 -50.40 25.44
CHA CLA TE . 24.77 -51.15 22.36
CHB CLA TE . 25.82 -52.34 26.91
CHC CLA TE . 22.11 -49.57 28.64
CHD CLA TE . 21.00 -48.32 23.82
NA CLA TE . 25.00 -51.52 24.81
C1A CLA TE . 25.34 -51.70 23.61
C2A CLA TE . 26.51 -52.60 23.44
C3A CLA TE . 26.88 -53.01 24.84
C4A CLA TE . 25.84 -52.25 25.59
NB CLA TE . 23.92 -50.88 27.38
C1B CLA TE . 24.88 -51.68 27.83
C2B CLA TE . 24.95 -51.83 29.19
C3B CLA TE . 23.89 -51.04 29.62
C4B CLA TE . 23.29 -50.48 28.50
NC CLA TE . 21.93 -49.23 26.09
C1C CLA TE . 21.54 -49.03 27.36
C2C CLA TE . 20.45 -48.18 27.42
C3C CLA TE . 20.16 -47.84 26.12
C4C CLA TE . 21.08 -48.50 25.31
ND CLA TE . 22.99 -49.86 23.53
C1D CLA TE . 22.04 -49.07 23.05
C2D CLA TE . 22.12 -49.02 21.65
C3D CLA TE . 23.18 -49.82 21.23
C4D CLA TE . 23.69 -50.31 22.42
MG CLA UE . 32.64 -55.04 26.69
CHA CLA UE . 32.56 -51.89 25.37
CHB CLA UE . 35.84 -55.43 25.68
CHC CLA UE . 32.64 -58.33 28.10
CHD CLA UE . 29.17 -54.59 27.77
NA CLA UE . 33.96 -53.93 25.72
C1A CLA UE . 33.76 -52.75 25.29
C2A CLA UE . 34.96 -52.15 24.59
C3A CLA UE . 35.99 -53.24 24.67
C4A CLA UE . 35.23 -54.29 25.41
NB CLA UE . 34.00 -56.57 26.83
C1B CLA UE . 35.26 -56.58 26.38
C2B CLA UE . 35.94 -57.75 26.62
C3B CLA UE . 35.01 -58.52 27.30
C4B CLA UE . 33.84 -57.77 27.41
NC CLA UE . 31.25 -56.19 27.69
C1C CLA UE . 31.43 -57.44 28.16
C2C CLA UE . 30.29 -57.90 28.78
C3C CLA UE . 29.36 -56.90 28.69
C4C CLA UE . 29.96 -55.85 28.02
ND CLA UE . 31.21 -53.59 26.58
C1D CLA UE . 29.93 -53.53 27.04
C2D CLA UE . 29.39 -52.29 26.70
C3D CLA UE . 30.33 -51.54 26.03
C4D CLA UE . 31.43 -52.36 25.99
MG CLA VE . 8.07 -64.58 50.75
CHA CLA VE . 10.34 -65.16 53.27
CHB CLA VE . 8.55 -61.26 51.02
CHC CLA VE . 5.65 -64.03 48.11
CHD CLA VE . 7.57 -68.15 50.50
NA CLA VE . 9.20 -63.41 51.89
C1A CLA VE . 10.01 -63.80 52.80
C2A CLA VE . 10.74 -62.71 53.51
C3A CLA VE . 10.20 -61.47 52.82
C4A CLA VE . 9.24 -62.07 51.83
NB CLA VE . 7.29 -62.94 49.79
C1B CLA VE . 7.58 -61.66 50.00
C2B CLA VE . 6.90 -60.76 49.19
C3B CLA VE . 6.11 -61.57 48.41
C4B CLA VE . 6.37 -62.89 48.79
NC CLA VE . 6.89 -65.78 49.59
C1C CLA VE . 6.02 -65.40 48.61
C2C CLA VE . 5.41 -66.51 48.05
C3C CLA VE . 5.93 -67.63 48.69
C4C CLA VE . 6.84 -67.15 49.63
ND CLA VE . 8.78 -66.27 51.66
C1D CLA VE . 8.52 -67.56 51.49
C2D CLA VE . 9.27 -68.34 52.36
C3D CLA VE . 10.06 -67.50 53.15
C4D CLA VE . 9.71 -66.24 52.68
MG CLA WE . 51.48 20.97 -0.99
CHA CLA WE . 50.05 18.65 1.10
CHB CLA WE . 50.91 19.00 -3.62
CHC CLA WE . 53.00 23.45 -3.11
CHD CLA WE . 52.07 23.09 1.89
NA CLA WE . 50.65 19.20 -1.25
C1A CLA WE . 50.16 18.45 -0.35
C2A CLA WE . 49.61 17.16 -0.84
C3A CLA WE . 49.86 17.24 -2.32
C4A CLA WE . 50.52 18.57 -2.43
NB CLA WE . 51.87 21.15 -2.99
C1B CLA WE . 51.57 20.26 -3.95
C2B CLA WE . 51.94 20.64 -5.22
C3B CLA WE . 52.52 21.88 -5.02
C4B CLA WE . 52.46 22.16 -3.66
NC CLA WE . 52.33 22.84 -0.69
C1C CLA WE . 52.86 23.65 -1.63
C2C CLA WE . 53.34 24.81 -1.06
C3C CLA WE . 53.09 24.71 0.28
C4C CLA WE . 52.47 23.49 0.49
ND CLA WE . 51.14 20.90 1.02
C1D CLA WE . 51.41 21.76 2.00
C2D CLA WE . 50.96 21.22 3.21
C3D CLA WE . 50.39 19.97 2.99
C4D CLA WE . 50.53 19.81 1.64
MG CLA XE . 43.90 8.83 -8.64
CHA CLA XE . 42.99 5.57 -7.94
CHB CLA XE . 41.78 8.89 -11.30
CHC CLA XE . 44.87 12.26 -9.30
CHD CLA XE . 46.14 8.74 -5.80
NA CLA XE . 42.64 7.55 -9.49
C1A CLA XE . 42.42 6.34 -9.08
C2A CLA XE . 41.42 5.61 -9.95
C3A CLA XE . 41.02 6.60 -10.99
C4A CLA XE . 41.86 7.78 -10.58
NB CLA XE . 43.39 10.25 -10.05
C1B CLA XE . 42.52 10.14 -11.07
C2B CLA XE . 42.39 11.26 -11.86
C3B CLA XE . 43.25 12.16 -11.26
C4B CLA XE . 43.85 11.53 -10.17
NC CLA XE . 45.19 10.18 -7.76
C1C CLA XE . 45.43 11.45 -8.15
C2C CLA XE . 46.38 12.04 -7.32
C3C CLA XE . 46.72 11.10 -6.38
C4C CLA XE . 45.98 9.96 -6.67
ND CLA XE . 44.45 7.48 -7.20
C1D CLA XE . 45.31 7.56 -6.17
C2D CLA XE . 45.33 6.34 -5.47
C3D CLA XE . 44.44 5.45 -6.08
C4D CLA XE . 43.93 6.18 -7.13
MG CLA YE . 63.81 0.72 -9.06
CHA CLA YE . 64.71 -0.90 -12.01
CHB CLA YE . 60.79 1.43 -10.34
CHC CLA YE . 62.92 2.38 -5.97
CHD CLA YE . 67.06 -0.05 -7.71
NA CLA YE . 62.90 0.37 -10.79
C1A CLA YE . 63.38 -0.26 -11.80
C2A CLA YE . 62.46 -0.37 -12.97
C3A CLA YE . 61.22 0.35 -12.48
C4A CLA YE . 61.64 0.75 -11.10
NB CLA YE . 62.15 1.71 -8.33
C1B CLA YE . 61.00 1.92 -8.97
C2B CLA YE . 60.07 2.61 -8.23
C3B CLA YE . 60.71 2.85 -7.03
C4B CLA YE . 61.97 2.28 -7.13
NC CLA YE . 64.76 1.08 -7.26
C1C CLA YE . 64.25 1.73 -6.19
C2C CLA YE . 65.19 1.78 -5.17
C3C CLA YE . 66.30 1.13 -5.63
C4C CLA YE . 66.01 0.70 -6.92
ND CLA YE . 65.49 -0.25 -9.70
C1D CLA YE . 66.65 -0.47 -9.09
C2D CLA YE . 67.50 -1.20 -9.96
C3D CLA YE . 66.84 -1.42 -11.17
C4D CLA YE . 65.61 -0.84 -10.97
MG CLA ZE . 53.36 -4.46 -16.50
CHA CLA ZE . 50.94 -6.90 -16.27
CHB CLA ZE . 55.33 -6.14 -14.36
CHC CLA ZE . 55.85 -1.87 -16.80
CHD CLA ZE . 51.21 -2.66 -18.82
NA CLA ZE . 53.21 -6.16 -15.50
C1A CLA ZE . 52.23 -6.95 -15.53
C2A CLA ZE . 52.40 -8.17 -14.66
C3A CLA ZE . 53.76 -7.96 -14.06
C4A CLA ZE . 54.14 -6.66 -14.68
NB CLA ZE . 55.22 -4.11 -15.72
C1B CLA ZE . 55.89 -4.88 -14.87
C2B CLA ZE . 57.13 -4.40 -14.50
C3B CLA ZE . 57.22 -3.22 -15.21
C4B CLA ZE . 56.05 -3.06 -15.93
NC CLA ZE . 53.50 -2.70 -17.55
C1C CLA ZE . 54.54 -1.83 -17.54
C2C CLA ZE . 54.28 -0.75 -18.37
C3C CLA ZE . 53.03 -0.96 -18.91
C4C CLA ZE . 52.57 -2.17 -18.39
ND CLA ZE . 51.51 -4.72 -17.35
C1D CLA ZE . 50.80 -3.96 -18.20
C2D CLA ZE . 49.58 -4.60 -18.47
C3D CLA ZE . 49.50 -5.78 -17.76
C4D CLA ZE . 50.70 -5.81 -17.08
MG CLA AF . 60.11 -4.26 -5.56
CHA CLA AF . 62.09 -7.04 -5.11
CHB CLA AF . 59.98 -3.75 -2.25
CHC CLA AF . 58.03 -1.35 -6.11
CHD CLA AF . 60.26 -4.82 -9.13
NA CLA AF . 60.85 -5.17 -3.97
C1A CLA AF . 61.59 -6.22 -3.97
C2A CLA AF . 62.00 -6.69 -2.62
C3A CLA AF . 61.36 -5.67 -1.71
C4A CLA AF . 60.67 -4.79 -2.70
NB CLA AF . 59.20 -2.85 -4.38
C1B CLA AF . 59.25 -2.77 -3.06
C2B CLA AF . 58.54 -1.71 -2.52
C3B CLA AF . 58.02 -1.08 -3.62
C4B CLA AF . 58.44 -1.79 -4.74
NC CLA AF . 59.33 -3.31 -7.22
C1C CLA AF . 58.55 -2.20 -7.24
C2C CLA AF . 58.22 -1.86 -8.54
C3C CLA AF . 58.82 -2.79 -9.34
C4C CLA AF . 59.50 -3.68 -8.52
ND CLA AF . 60.96 -5.61 -6.82
C1D CLA AF . 60.95 -5.72 -8.16
C2D CLA AF . 61.71 -6.83 -8.55
C3D CLA AF . 62.22 -7.45 -7.42
C4D CLA AF . 61.74 -6.67 -6.39
MG CLA BF . 65.40 10.79 13.06
CHA CLA BF . 64.77 8.11 15.10
CHB CLA BF . 68.62 10.84 14.05
CHC CLA BF . 66.00 13.60 10.88
CHD CLA BF . 61.91 10.71 12.01
NA CLA BF . 66.51 9.72 14.31
C1A CLA BF . 66.11 8.73 15.00
C2A CLA BF . 67.18 8.13 15.87
C3A CLA BF . 68.39 8.94 15.56
C4A CLA BF . 67.81 9.91 14.56
NB CLA BF . 67.02 11.97 12.58
C1B CLA BF . 68.25 11.87 13.06
C2B CLA BF . 69.15 12.80 12.56
C3B CLA BF . 68.37 13.54 11.68
C4B CLA BF . 67.08 13.01 11.72
NC CLA BF . 64.24 11.90 11.76
C1C CLA BF . 64.65 12.94 11.00
C2C CLA BF . 63.59 13.43 10.24
C3C CLA BF . 62.49 12.65 10.56
C4C CLA BF . 62.90 11.71 11.49
ND CLA BF . 63.73 9.67 13.46
C1D CLA BF . 62.47 9.74 13.00
C2D CLA BF . 61.71 8.74 13.60
C3D CLA BF . 62.51 8.01 14.47
C4D CLA BF . 63.73 8.62 14.35
MG CLA CF . 61.82 1.59 7.02
CHA CLA CF . 64.15 1.67 4.47
CHB CLA CF . 62.08 -1.75 7.22
CHC CLA CF . 59.37 1.59 9.67
CHD CLA CF . 61.54 5.21 6.79
NA CLA CF . 62.88 0.21 6.07
C1A CLA CF . 63.72 0.42 5.13
C2A CLA CF . 64.36 -0.84 4.62
C3A CLA CF . 63.75 -1.93 5.45
C4A CLA CF . 62.84 -1.11 6.31
NB CLA CF . 60.92 0.17 8.19
C1B CLA CF . 61.13 -1.15 8.17
C2B CLA CF . 60.40 -1.88 9.07
C3B CLA CF . 59.67 -0.91 9.72
C4B CLA CF . 60.01 0.33 9.17
NC CLA CF . 60.73 3.05 8.00
C1C CLA CF . 59.82 2.85 8.99
C2C CLA CF . 59.30 4.08 9.38
C3C CLA CF . 59.87 5.05 8.62
C4C CLA CF . 60.75 4.39 7.76
ND CLA CF . 62.64 3.09 5.90
C1D CLA CF . 62.46 4.42 5.90
C2D CLA CF . 63.27 5.00 4.93
C3D CLA CF . 64.01 4.01 4.28
C4D CLA CF . 63.59 2.86 4.90
MG CLA DF . 47.82 0.30 4.69
CHA CLA DF . 47.09 3.63 5.11
CHB CLA DF . 44.75 -0.57 5.67
CHC CLA DF . 48.67 -3.18 4.20
CHD CLA DF . 51.13 1.24 3.60
NA CLA DF . 46.21 1.28 5.27
C1A CLA DF . 46.11 2.54 5.38
C2A CLA DF . 44.76 3.00 5.85
C3A CLA DF . 44.00 1.71 6.05
C4A CLA DF . 45.05 0.73 5.64
NB CLA DF . 46.85 -1.50 4.91
C1B CLA DF . 45.60 -1.70 5.31
C2B CLA DF . 45.19 -3.02 5.38
C3B CLA DF . 46.33 -3.70 4.97
C4B CLA DF . 47.31 -2.75 4.68
NC CLA DF . 49.50 -0.73 4.06
C1C CLA DF . 49.64 -2.06 3.94
C2C CLA DF . 50.91 -2.37 3.49
C3C CLA DF . 51.57 -1.19 3.33
C4C CLA DF . 50.68 -0.19 3.68
ND CLA DF . 48.87 2.04 4.42
C1D CLA DF . 50.12 2.26 4.00
C2D CLA DF . 50.38 3.64 4.00
C3D CLA DF . 49.24 4.31 4.42
C4D CLA DF . 48.34 3.29 4.67
MG CLA EF . 71.42 8.44 7.80
CHA CLA EF . 69.88 9.43 10.71
CHB CLA EF . 68.50 8.77 6.11
CHC CLA EF . 73.06 7.39 4.80
CHD CLA EF . 74.53 8.08 9.64
NA CLA EF . 69.55 8.98 8.27
C1A CLA EF . 69.15 9.33 9.43
C2A CLA EF . 67.70 9.69 9.46
C3A CLA EF . 67.23 9.49 8.04
C4A CLA EF . 68.51 9.04 7.42
NB CLA EF . 70.85 8.15 5.85
C1B CLA EF . 69.65 8.32 5.31
C2B CLA EF . 69.56 8.05 3.96
C3B CLA EF . 70.84 7.67 3.65
C4B CLA EF . 71.61 7.74 4.82
NC CLA EF . 73.34 7.87 7.32
C1C CLA EF . 73.79 7.50 6.10
C2C CLA EF . 75.14 7.18 6.16
C3C CLA EF . 75.53 7.37 7.46
C4C CLA EF . 74.41 7.79 8.16
ND CLA EF . 72.06 8.69 9.73
C1D CLA EF . 73.25 8.53 10.31
C2D CLA EF . 73.18 8.84 11.67
C3D CLA EF . 71.88 9.22 11.97
C4D CLA EF . 71.22 9.11 10.75
MG CLA FF . 62.64 28.04 -7.17
CHA CLA FF . 63.10 30.27 -9.76
CHB CLA FF . 65.96 27.85 -6.67
CHC CLA FF . 62.08 25.74 -4.49
CHD CLA FF . 59.08 28.28 -7.73
NA CLA FF . 64.24 28.87 -8.02
C1A CLA FF . 64.23 29.68 -8.98
C2A CLA FF . 65.60 30.12 -9.41
C3A CLA FF . 66.52 29.39 -8.47
C4A CLA FF . 65.51 28.64 -7.65
NB CLA FF . 63.83 27.00 -5.86
C1B CLA FF . 65.16 27.02 -5.78
C2B CLA FF . 65.70 26.23 -4.80
C3B CLA FF . 64.58 25.67 -4.21
C4B CLA FF . 63.46 26.16 -4.89
NC CLA FF . 60.98 27.21 -6.32
C1C CLA FF . 60.96 26.33 -5.29
C2C CLA FF . 59.65 26.00 -4.99
C3C CLA FF . 58.84 26.68 -5.86
C4C CLA FF . 59.69 27.42 -6.67
ND CLA FF . 61.37 29.04 -8.44
C1D CLA FF . 60.05 29.04 -8.55
C2D CLA FF . 59.66 29.90 -9.59
C3D CLA FF . 60.79 30.46 -10.17
C4D CLA FF . 61.82 29.90 -9.43
MG CLA GF . 65.45 20.25 -7.44
CHA CLA GF . 66.98 17.55 -8.92
CHB CLA GF . 64.36 21.33 -10.45
CHC CLA GF . 63.91 23.03 -5.84
CHD CLA GF . 66.65 19.08 -4.21
NA CLA GF . 65.61 19.61 -9.31
C1A CLA GF . 66.22 18.57 -9.69
C2A CLA GF . 66.18 18.33 -11.17
C3A CLA GF . 65.36 19.49 -11.67
C4A CLA GF . 65.08 20.21 -10.40
NB CLA GF . 64.36 21.86 -8.07
C1B CLA GF . 63.98 22.18 -9.30
C2B CLA GF . 63.23 23.33 -9.42
C3B CLA GF . 63.14 23.75 -8.12
C4B CLA GF . 63.83 22.85 -7.33
NC CLA GF . 65.31 20.91 -5.50
C1C CLA GF . 64.67 22.00 -5.07
C2C CLA GF . 64.77 22.13 -3.70
C3C CLA GF . 65.51 21.07 -3.27
C4C CLA GF . 65.84 20.33 -4.39
ND CLA GF . 66.55 18.68 -6.73
C1D CLA GF . 66.94 18.35 -5.50
C2D CLA GF . 67.69 17.16 -5.54
C3D CLA GF . 67.77 16.73 -6.85
C4D CLA GF . 67.07 17.70 -7.55
MG CLA HF . 53.81 19.15 -20.96
CHA CLA HF . 54.14 19.55 -24.36
CHB CLA HF . 55.54 21.99 -20.40
CHC CLA HF . 53.43 18.66 -17.43
CHD CLA HF . 51.94 16.10 -21.59
NA CLA HF . 54.68 20.51 -22.11
C1A CLA HF . 54.70 20.51 -23.38
C2A CLA HF . 55.43 21.66 -23.98
C3A CLA HF . 55.87 22.44 -22.76
C4A CLA HF . 55.33 21.60 -21.66
NB CLA HF . 54.39 20.16 -19.28
C1B CLA HF . 55.09 21.30 -19.19
C2B CLA HF . 55.33 21.75 -17.92
C3B CLA HF . 54.72 20.79 -17.13
C4B CLA HF . 54.16 19.83 -17.98
NC CLA HF . 52.92 17.73 -19.79
C1C CLA HF . 52.87 17.71 -18.45
C2C CLA HF . 52.18 16.60 -18.01
C3C CLA HF . 51.78 15.92 -19.13
C4C CLA HF . 52.24 16.63 -20.21
ND CLA HF . 53.18 18.07 -22.58
C1D CLA HF . 52.48 16.94 -22.70
C2D CLA HF . 52.33 16.61 -24.05
C3D CLA HF . 52.94 17.58 -24.84
C4D CLA HF . 53.45 18.45 -23.89
MG CLA IF . 59.57 25.13 -21.52
CHA CLA IF . 62.52 24.57 -19.82
CHB CLA IF . 57.91 25.44 -18.64
CHC CLA IF . 56.54 25.70 -23.36
CHD CLA IF . 61.40 24.78 -24.62
NA CLA IF . 60.07 25.04 -19.61
C1A CLA IF . 61.24 24.82 -19.13
C2A CLA IF . 61.30 24.81 -17.64
C3A CLA IF . 59.87 25.08 -17.24
C4A CLA IF . 59.22 25.20 -18.58
NB CLA IF . 57.62 25.49 -21.05
C1B CLA IF . 57.09 25.58 -19.84
C2B CLA IF . 55.73 25.84 -19.81
C3B CLA IF . 55.40 25.90 -21.15
C4B CLA IF . 56.57 25.69 -21.87
NC CLA IF . 59.07 25.21 -23.51
C1C CLA IF . 57.85 25.44 -24.03
C2C CLA IF . 57.90 25.42 -25.41
C3C CLA IF . 59.20 25.18 -25.75
C4C CLA IF . 59.91 25.05 -24.56
ND CLA IF . 61.50 24.77 -22.09
C1D CLA IF . 62.06 24.66 -23.29
C2D CLA IF . 63.42 24.40 -23.14
C3D CLA IF . 63.74 24.33 -21.80
C4D CLA IF . 62.53 24.56 -21.19
MG CLA JF . 53.34 30.43 -6.74
CHA CLA JF . 52.22 28.27 -4.33
CHB CLA JF . 50.18 30.96 -7.79
CHC CLA JF . 54.58 32.66 -9.25
CHD CLA JF . 56.75 29.82 -5.60
NA CLA JF . 51.55 29.78 -6.21
C1A CLA JF . 51.31 28.96 -5.26
C2A CLA JF . 49.86 28.65 -5.09
C3A CLA JF . 49.18 29.48 -6.15
C4A CLA JF . 50.37 30.12 -6.78
NB CLA JF . 52.49 31.57 -8.22
C1B CLA JF . 51.21 31.70 -8.52
C2B CLA JF . 50.94 32.54 -9.57
C3B CLA JF . 52.19 32.99 -9.94
C4B CLA JF . 53.12 32.39 -9.10
NC CLA JF . 55.21 31.08 -7.29
C1C CLA JF . 55.47 31.95 -8.29
C2C CLA JF . 56.84 32.16 -8.37
C3C CLA JF . 57.42 31.40 -7.39
C4C CLA JF . 56.40 30.74 -6.74
ND CLA JF . 54.27 29.31 -5.31
C1D CLA JF . 55.56 29.17 -4.98
C2D CLA JF . 55.68 28.27 -3.91
C3D CLA JF . 54.41 27.84 -3.55
C4D CLA JF . 53.57 28.49 -4.43
MG CLA KF . 21.40 64.48 -23.65
CHA CLA KF . 20.01 61.86 -21.89
CHB CLA KF . 19.70 66.71 -21.78
CHC CLA KF . 22.88 67.14 -25.54
CHD CLA KF . 23.22 62.04 -25.67
NA CLA KF . 20.12 64.36 -22.14
C1A CLA KF . 19.70 63.29 -21.59
C2A CLA KF . 18.73 63.51 -20.47
C3A CLA KF . 18.62 65.01 -20.42
C4A CLA KF . 19.54 65.41 -21.52
NB CLA KF . 21.28 66.52 -23.63
C1B CLA KF . 20.56 67.29 -22.82
C2B CLA KF . 20.69 68.66 -23.03
C3B CLA KF . 21.57 68.71 -24.07
C4B CLA KF . 21.92 67.41 -24.42
NC CLA KF . 22.72 64.56 -25.23
C1C CLA KF . 23.19 65.69 -25.82
C2C CLA KF . 24.07 65.36 -26.84
C3C CLA KF . 24.15 64.00 -26.87
C4C CLA KF . 23.33 63.52 -25.87
ND CLA KF . 21.58 62.43 -23.76
C1D CLA KF . 22.29 61.63 -24.56
C2D CLA KF . 22.06 60.29 -24.22
C3D CLA KF . 21.16 60.24 -23.17
C4D CLA KF . 20.89 61.57 -22.91
MG CLA LF . 19.64 57.31 -15.34
CHA CLA LF . 18.43 57.01 -12.14
CHB CLA LF . 17.01 59.20 -16.22
CHC CLA LF . 20.99 57.58 -18.68
CHD CLA LF . 22.47 55.26 -14.37
NA CLA LF . 18.03 57.99 -14.41
C1A CLA LF . 17.74 57.78 -13.20
C2A CLA LF . 16.45 58.43 -12.77
C3A CLA LF . 15.98 59.12 -14.03
C4A CLA LF . 17.08 58.75 -14.97
NB CLA LF . 19.06 58.23 -17.09
C1B CLA LF . 17.98 58.97 -17.30
C2B CLA LF . 17.84 59.48 -18.59
C3B CLA LF . 18.96 58.99 -19.22
C4B CLA LF . 19.70 58.24 -18.29
NC CLA LF . 21.33 56.60 -16.30
C1C CLA LF . 21.67 56.81 -17.59
C2C CLA LF . 22.86 56.16 -17.86
C3C CLA LF . 23.26 55.55 -16.71
C4C CLA LF . 22.30 55.82 -15.76
ND CLA LF . 20.30 56.35 -13.65
C1D CLA LF . 21.40 55.60 -13.40
C2D CLA LF . 21.39 55.17 -12.07
C3D CLA LF . 20.25 55.65 -11.45
C4D CLA LF . 19.63 56.37 -12.44
MG CLA MF . 34.01 44.47 -27.80
CHA CLA MF . 35.18 41.88 -29.73
CHB CLA MF . 31.25 44.71 -29.71
CHC CLA MF . 32.85 47.15 -25.73
CHD CLA MF . 37.01 44.18 -25.74
NA CLA MF . 33.32 43.52 -29.39
C1A CLA MF . 33.89 42.57 -30.01
C2A CLA MF . 33.13 42.04 -31.19
C3A CLA MF . 31.89 42.90 -31.20
C4A CLA MF . 32.16 43.79 -30.02
NB CLA MF . 32.36 45.67 -27.77
C1B CLA MF . 31.33 45.66 -28.61
C2B CLA MF . 30.34 46.59 -28.35
C3B CLA MF . 30.84 47.23 -27.23
C4B CLA MF . 32.07 46.66 -26.90
NC CLA MF . 34.74 45.43 -26.14
C1C CLA MF . 34.14 46.45 -25.48
C2C CLA MF . 34.92 46.85 -24.41
C3C CLA MF . 36.04 46.05 -24.41
C4C CLA MF . 35.91 45.18 -25.48
ND CLA MF . 35.70 43.31 -27.74
C1D CLA MF . 36.76 43.30 -26.92
C2D CLA MF . 37.64 42.30 -27.32
C3D CLA MF . 37.13 41.65 -28.44
C4D CLA MF . 35.94 42.30 -28.66
MG CLA NF . 35.26 41.74 -18.02
CHA CLA NF . 37.82 39.67 -18.95
CHB CLA NF . 36.93 44.43 -19.24
CHC CLA NF . 32.53 43.86 -17.01
CHD CLA NF . 33.47 38.85 -16.71
NA CLA NF . 37.01 42.04 -18.92
C1A CLA NF . 37.87 41.14 -19.19
C2A CLA NF . 39.11 41.65 -19.86
C3A CLA NF . 38.86 43.14 -19.97
C4A CLA NF . 37.50 43.23 -19.33
NB CLA NF . 34.85 43.76 -18.12
C1B CLA NF . 35.62 44.72 -18.63
C2B CLA NF . 35.07 45.99 -18.57
C3B CLA NF . 33.86 45.77 -17.94
C4B CLA NF . 33.74 44.41 -17.68
NC CLA NF . 33.44 41.42 -17.08
C1C CLA NF . 32.51 42.37 -16.78
C2C CLA NF . 31.43 41.79 -16.17
C3C CLA NF . 31.69 40.45 -16.09
C4C CLA NF . 32.93 40.24 -16.66
ND CLA NF . 35.57 39.73 -17.86
C1D CLA NF . 34.81 38.74 -17.35
C2D CLA NF . 35.49 37.53 -17.50
C3D CLA NF . 36.71 37.75 -18.12
C4D CLA NF . 36.72 39.12 -18.32
MG CLA OF . 49.16 44.48 -35.01
CHA CLA OF . 47.59 42.17 -37.04
CHB CLA OF . 46.47 44.61 -33.02
CHC CLA OF . 50.86 46.89 -32.95
CHD CLA OF . 52.04 44.34 -37.19
NA CLA OF . 47.38 43.59 -34.99
C1A CLA OF . 46.96 42.74 -35.84
C2A CLA OF . 45.57 42.24 -35.57
C3A CLA OF . 45.20 42.98 -34.31
C4A CLA OF . 46.43 43.79 -34.07
NB CLA OF . 48.70 45.52 -33.31
C1B CLA OF . 47.58 45.47 -32.60
C2B CLA OF . 47.56 46.29 -31.49
C3B CLA OF . 48.80 46.91 -31.53
C4B CLA OF . 49.47 46.42 -32.64
NC CLA OF . 51.00 45.40 -35.06
C1C CLA OF . 51.49 46.31 -34.18
C2C CLA OF . 52.77 46.70 -34.53
C3C CLA OF . 53.08 46.01 -35.68
C4C CLA OF . 51.99 45.22 -35.98
ND CLA OF . 49.69 43.49 -36.71
C1D CLA OF . 50.80 43.52 -37.44
C2D CLA OF . 50.68 42.65 -38.53
C3D CLA OF . 49.43 42.05 -38.47
C4D CLA OF . 48.86 42.59 -37.36
MG CLA PF . 52.17 39.14 -28.32
CHA CLA PF . 53.76 36.81 -30.27
CHB CLA PF . 49.28 38.61 -29.94
CHC CLA PF . 50.57 41.60 -26.24
CHD CLA PF . 55.29 39.71 -26.58
NA CLA PF . 51.59 37.97 -29.80
C1A CLA PF . 52.33 37.14 -30.44
C2A CLA PF . 51.60 36.38 -31.51
C3A CLA PF . 50.19 36.92 -31.44
C4A CLA PF . 50.35 37.91 -30.32
NB CLA PF . 50.28 39.91 -28.16
C1B CLA PF . 49.21 39.61 -28.88
C2B CLA PF . 48.06 40.30 -28.57
C3B CLA PF . 48.48 41.10 -27.54
C4B CLA PF . 49.83 40.86 -27.32
NC CLA PF . 52.78 40.37 -26.78
C1C CLA PF . 52.02 41.27 -26.09
C2C CLA PF . 52.78 41.91 -25.13
C3C CLA PF . 54.04 41.39 -25.23
C4C CLA PF . 54.03 40.45 -26.24
ND CLA PF . 54.08 38.43 -28.40
C1D CLA PF . 55.17 38.72 -27.69
C2D CLA PF . 56.24 37.95 -28.15
C3D CLA PF . 55.80 37.13 -29.18
C4D CLA PF . 54.48 37.46 -29.31
MG CLA QF . 42.54 34.53 -28.48
CHA CLA QF . 44.12 34.62 -25.41
CHB CLA QF . 42.40 31.16 -28.35
CHC CLA QF . 40.89 34.52 -31.67
CHD CLA QF . 42.68 38.15 -28.57
NA CLA QF . 43.13 33.13 -27.17
C1A CLA QF . 43.71 33.35 -26.06
C2A CLA QF . 44.03 32.10 -25.30
C3A CLA QF . 43.51 31.01 -26.19
C4A CLA QF . 42.97 31.80 -27.33
NB CLA QF . 41.80 33.09 -29.73
C1B CLA QF . 41.82 31.77 -29.55
C2B CLA QF . 41.25 31.04 -30.58
C3B CLA QF . 40.86 32.01 -31.47
C4B CLA QF . 41.20 33.25 -30.93
NC CLA QF . 41.94 35.98 -29.81
C1C CLA QF . 41.31 35.79 -30.99
C2C CLA QF . 41.07 36.99 -31.61
C3C CLA QF . 41.55 37.96 -30.78
C4C CLA QF . 42.08 37.32 -29.67
ND CLA QF . 43.23 36.04 -27.27
C1D CLA QF . 43.23 37.36 -27.43
C2D CLA QF . 43.83 37.96 -26.32
C3D CLA QF . 44.23 36.97 -25.42
C4D CLA QF . 43.85 35.81 -26.05
MG CLA RF . 45.72 54.57 -20.03
CHA CLA RF . 43.92 57.48 -20.45
CHB CLA RF . 45.04 53.63 -23.20
CHC CLA RF . 47.62 51.57 -19.51
CHD CLA RF . 46.44 55.61 -16.63
NA CLA RF . 44.71 55.36 -21.54
C1A CLA RF . 44.09 56.46 -21.52
C2A CLA RF . 43.41 56.80 -22.81
C3A CLA RF . 43.74 55.62 -23.68
C4A CLA RF . 44.56 54.80 -22.76
NB CLA RF . 46.20 52.95 -21.17
C1B CLA RF . 45.85 52.69 -22.44
C2B CLA RF . 46.32 51.51 -22.95
C3B CLA RF . 47.02 50.98 -21.89
C4B CLA RF . 46.95 51.87 -20.83
NC CLA RF . 46.78 53.78 -18.44
C1C CLA RF . 47.44 52.60 -18.43
C2C CLA RF . 48.04 52.39 -17.19
C3C CLA RF . 47.72 53.48 -16.41
C4C CLA RF . 46.94 54.32 -17.20
ND CLA RF . 45.29 56.17 -18.82
C1D CLA RF . 45.61 56.45 -17.55
C2D CLA RF . 45.06 57.68 -17.19
C3D CLA RF . 44.36 58.21 -18.27
C4D CLA RF . 44.52 57.25 -19.23
MG CLA SF . 40.27 33.42 -14.78
CHA CLA SF . 38.30 34.35 -12.12
CHB CLA SF . 39.31 36.18 -16.48
CHC CLA SF . 42.35 32.40 -17.53
CHD CLA SF . 41.28 30.46 -12.93
NA CLA SF . 39.07 34.97 -14.42
C1A CLA SF . 38.39 35.16 -13.35
C2A CLA SF . 37.57 36.41 -13.36
C3A CLA SF . 37.88 37.01 -14.73
C4A CLA SF . 38.82 36.00 -15.26
NB CLA SF . 40.71 34.18 -16.64
C1B CLA SF . 40.26 35.30 -17.20
C2B CLA SF . 40.74 35.56 -18.46
C3B CLA SF . 41.57 34.49 -18.69
C4B CLA SF . 41.54 33.66 -17.57
NC CLA SF . 41.51 31.81 -15.15
C1C CLA SF . 42.24 31.60 -16.27
C2C CLA SF . 42.96 30.42 -16.16
C3C CLA SF . 42.67 29.89 -14.92
C4C CLA SF . 41.78 30.77 -14.32
ND CLA SF . 39.89 32.59 -12.96
C1D CLA SF . 40.32 31.48 -12.37
C2D CLA SF . 39.75 31.36 -11.10
C3D CLA SF . 38.92 32.45 -10.87
C4D CLA SF . 39.03 33.18 -12.04
MG CLA TF . 39.80 61.04 -24.48
CHA CLA TF . 38.76 60.43 -21.25
CHB CLA TF . 36.63 61.73 -25.41
CHC CLA TF . 40.96 61.63 -27.83
CHD CLA TF . 43.21 60.25 -23.45
NA CLA TF . 38.03 61.09 -23.57
C1A CLA TF . 37.82 60.83 -22.34
C2A CLA TF . 36.38 60.96 -21.92
C3A CLA TF . 35.69 61.36 -23.21
C4A CLA TF . 36.85 61.40 -24.14
NB CLA TF . 38.93 61.58 -26.25
C1B CLA TF . 37.64 61.83 -26.48
C2B CLA TF . 37.35 62.18 -27.78
C3B CLA TF . 38.57 62.14 -28.39
C4B CLA TF . 39.52 61.77 -27.45
NC CLA TF . 41.64 60.96 -25.41
C1C CLA TF . 41.88 61.22 -26.72
C2C CLA TF . 43.23 61.08 -26.99
C3C CLA TF . 43.83 60.70 -25.82
C4C CLA TF . 42.83 60.64 -24.86
ND CLA TF . 40.76 60.47 -22.76
C1D CLA TF . 42.05 60.22 -22.50
C2D CLA TF . 42.19 59.87 -21.15
C3D CLA TF . 40.95 59.92 -20.54
C4D CLA TF . 40.10 60.29 -21.56
MG CLA UF . 37.12 68.38 -31.57
CHA CLA UF . 39.65 70.70 -31.93
CHB CLA UF . 34.96 70.43 -33.11
CHC CLA UF . 34.55 65.91 -31.15
CHD CLA UF . 39.48 66.20 -29.93
NA CLA UF . 37.23 70.19 -32.37
C1A CLA UF . 38.27 70.92 -32.41
C2A CLA UF . 38.04 72.25 -33.08
C3A CLA UF . 36.58 72.19 -33.47
C4A CLA UF . 36.21 70.84 -32.94
NB CLA UF . 35.14 68.23 -32.05
C1B CLA UF . 34.40 69.15 -32.67
C2B CLA UF . 33.08 68.78 -32.87
C3B CLA UF . 33.03 67.53 -32.31
C4B CLA UF . 34.29 67.22 -31.82
NC CLA UF . 37.03 66.51 -30.74
C1C CLA UF . 35.94 65.70 -30.67
C2C CLA UF . 36.25 64.52 -30.05
C3C CLA UF . 37.57 64.60 -29.73
C4C CLA UF . 38.03 65.83 -30.15
ND CLA UF . 39.10 68.43 -31.05
C1D CLA UF . 39.87 67.54 -30.44
C2D CLA UF . 41.17 68.05 -30.31
C3D CLA UF . 41.22 69.32 -30.87
C4D CLA UF . 39.93 69.52 -31.31
MG CLA VF . 49.64 63.95 -31.30
CHA CLA VF . 50.72 61.19 -29.55
CHB CLA VF . 50.82 62.63 -34.17
CHC CLA VF . 48.49 66.86 -33.07
CHD CLA VF . 48.36 65.34 -28.20
NA CLA VF . 50.57 62.28 -31.80
C1A CLA VF . 50.91 61.33 -31.01
C2A CLA VF . 51.61 60.18 -31.68
C3A CLA VF . 51.65 60.61 -33.13
C4A CLA VF . 50.97 61.93 -33.05
NB CLA VF . 49.66 64.58 -33.24
C1B CLA VF . 50.18 63.95 -34.30
C2B CLA VF . 50.06 64.61 -35.50
C3B CLA VF . 49.42 65.77 -35.14
C4B CLA VF . 49.19 65.72 -33.76
NC CLA VF . 48.65 65.69 -30.77
C1C CLA VF . 48.29 66.70 -31.59
C2C CLA VF . 47.66 67.70 -30.87
C3C CLA VF . 47.63 67.30 -29.57
C4C CLA VF . 48.24 66.06 -29.53
ND CLA VF . 49.56 63.41 -29.33
C1D CLA VF . 49.05 64.02 -28.26
C2D CLA VF . 49.25 63.21 -27.14
C3D CLA VF . 49.91 62.05 -27.51
C4D CLA VF . 50.08 62.21 -28.87
MG CLA WF . 31.49 56.19 -41.69
CHA CLA WF . 30.59 55.74 -38.41
CHB CLA WF . 28.25 56.12 -42.61
CHC CLA WF . 32.49 56.66 -45.10
CHD CLA WF . 34.98 56.25 -40.67
NA CLA WF . 29.75 55.99 -40.75
C1A CLA WF . 29.59 55.83 -39.50
C2A CLA WF . 28.15 55.70 -39.07
C3A CLA WF . 27.40 55.81 -40.37
C4A CLA WF . 28.53 55.99 -41.33
NB CLA WF . 30.52 56.36 -43.48
C1B CLA WF . 29.21 56.31 -43.71
C2B CLA WF . 28.84 56.45 -45.02
C3B CLA WF . 30.05 56.61 -45.67
C4B CLA WF . 31.04 56.54 -44.71
NC CLA WF . 33.30 56.40 -42.65
C1C CLA WF . 33.49 56.58 -43.98
C2C CLA WF . 34.84 56.69 -44.26
C3C CLA WF . 35.51 56.58 -43.08
C4C CLA WF . 34.54 56.41 -42.10
ND CLA WF . 32.55 56.04 -39.95
C1D CLA WF . 33.86 56.08 -39.69
C2D CLA WF . 34.08 55.92 -38.32
C3D CLA WF . 32.85 55.77 -37.68
C4D CLA WF . 31.94 55.86 -38.72
MG CLA XF . 44.08 69.38 -46.57
CHA CLA XF . 43.02 70.78 -49.55
CHB CLA XF . 41.44 67.30 -46.56
CHC CLA XF . 45.24 67.95 -43.46
CHD CLA XF . 46.92 71.62 -46.61
NA CLA XF . 42.54 69.07 -47.76
C1A CLA XF . 42.29 69.70 -48.85
C2A CLA XF . 41.04 69.24 -49.54
C3A CLA XF . 40.52 68.15 -48.62
C4A CLA XF . 41.56 68.17 -47.55
NB CLA XF . 43.43 67.91 -45.30
C1B CLA XF . 42.34 67.15 -45.42
C2B CLA XF . 42.15 66.25 -44.40
C3B CLA XF . 43.23 66.47 -43.57
C4B CLA XF . 43.99 67.48 -44.14
NC CLA XF . 45.68 69.70 -45.33
C1C CLA XF . 45.97 69.06 -44.18
C2C CLA XF . 47.13 69.55 -43.62
C3C CLA XF . 47.58 70.53 -44.46
C4C CLA XF . 46.68 70.61 -45.51
ND CLA XF . 44.81 70.86 -47.79
C1D CLA XF . 45.89 71.64 -47.69
C2D CLA XF . 45.94 72.50 -48.79
C3D CLA XF . 44.85 72.27 -49.61
C4D CLA XF . 44.18 71.26 -48.96
MG CLA YF . 24.30 -35.77 28.38
CHA CLA YF . 26.13 -33.02 27.62
CHB CLA YF . 24.38 -35.02 31.65
CHC CLA YF . 22.38 -38.70 29.04
CHD CLA YF . 24.26 -36.55 24.78
NA CLA YF . 25.10 -34.28 29.48
C1A CLA YF . 25.79 -33.26 29.05
C2A CLA YF . 26.26 -32.34 30.17
C3A CLA YF . 25.67 -32.99 31.39
C4A CLA YF . 25.00 -34.19 30.82
CMA CLA YF . 26.70 -33.42 32.42
CAA CLA YF . 25.88 -30.85 30.10
CBA CLA YF . 27.03 -29.87 29.81
CGA CLA YF . 26.95 -29.16 28.46
O1A CLA YF . 27.95 -29.05 27.76
O2A CLA YF . 25.72 -28.58 27.95
NB CLA YF . 23.55 -36.65 30.06
C1B CLA YF . 23.64 -36.24 31.32
C2B CLA YF . 23.02 -37.05 32.26
C3B CLA YF . 22.50 -38.07 31.49
C4B CLA YF . 22.82 -37.78 30.15
CMB CLA YF . 22.92 -36.91 33.76
CAB CLA YF . 23.23 -39.14 31.90
CBB CLA YF . 24.02 -39.98 32.48
NC CLA YF . 23.50 -37.26 27.20
C1C CLA YF . 22.79 -38.33 27.65
C2C CLA YF . 22.41 -39.14 26.59
C3C CLA YF . 22.92 -38.56 25.44
C4C CLA YF . 23.60 -37.41 25.84
CMC CLA YF . 21.61 -40.41 26.70
CAC CLA YF . 22.78 -39.09 24.01
CBC CLA YF . 21.80 -38.33 23.12
ND CLA YF . 25.01 -34.99 26.63
C1D CLA YF . 24.94 -35.34 25.32
C2D CLA YF . 25.66 -34.37 24.54
C3D CLA YF . 26.12 -33.44 25.45
C4D CLA YF . 25.72 -33.84 26.65
CMD CLA YF . 25.95 -34.17 23.06
CAD CLA YF . 26.86 -32.26 25.45
OBD CLA YF . 26.17 -31.32 24.88
CBD CLA YF . 26.91 -31.96 26.92
CGD CLA YF . 28.35 -32.10 27.34
O1D CLA YF . 28.73 -31.69 28.43
O2D CLA YF . 29.33 -32.76 26.48
CED CLA YF . 29.57 -34.17 26.62
C1 CLA YF . 24.62 -29.41 27.51
C2 CLA YF . 23.83 -29.88 28.72
C3 CLA YF . 22.85 -30.79 28.77
C4 CLA YF . 22.24 -31.10 30.11
C5 CLA YF . 22.32 -31.49 27.54
C6 CLA YF . 20.93 -30.96 27.16
C7 CLA YF . 20.39 -31.72 25.95
C8 CLA YF . 19.23 -31.00 25.29
C9 CLA YF . 19.08 -31.36 23.82
C10 CLA YF . 17.93 -31.36 26.03
MG CLA ZF . 26.90 -40.86 38.97
CHA CLA ZF . 30.07 -39.59 38.47
CHB CLA ZF . 26.03 -39.90 35.86
CHC CLA ZF . 23.66 -42.20 39.56
CHD CLA ZF . 27.89 -41.88 42.31
NA CLA ZF . 27.82 -39.94 37.46
C1A CLA ZF . 29.04 -39.52 37.44
C2A CLA ZF . 29.47 -38.86 36.16
C3A CLA ZF . 28.21 -38.93 35.32
C4A CLA ZF . 27.27 -39.64 36.26
NB CLA ZF . 25.19 -41.00 37.87
C1B CLA ZF . 24.98 -40.57 36.64
C2B CLA ZF . 23.70 -40.81 36.18
C3B CLA ZF . 23.08 -41.45 37.23
C4B CLA ZF . 24.02 -41.54 38.25
NC CLA ZF . 26.00 -41.81 40.56
C1C CLA ZF . 24.73 -42.27 40.62
C2C CLA ZF . 24.44 -42.87 41.83
C3C CLA ZF . 25.59 -42.77 42.56
C4C CLA ZF . 26.52 -42.13 41.76
ND CLA ZF . 28.58 -40.76 40.11
C1D CLA ZF . 28.81 -41.18 41.35
C2D CLA ZF . 30.14 -40.88 41.68
C3D CLA ZF . 30.74 -40.24 40.61
C4D CLA ZF . 29.75 -40.18 39.66
MG CLA AG . 46.28 -7.27 21.16
CHA CLA AG . 48.29 -6.09 18.64
CHB CLA AG . 43.69 -7.57 19.01
CHC CLA AG . 44.23 -8.51 23.83
CHD CLA AG . 49.08 -6.94 23.45
NA CLA AG . 46.00 -6.92 19.23
C1A CLA AG . 46.87 -6.47 18.43
C2A CLA AG . 46.37 -6.31 17.01
C3A CLA AG . 44.94 -6.76 17.10
C4A CLA AG . 44.85 -7.11 18.55
NB CLA AG . 44.33 -7.90 21.34
C1B CLA AG . 43.39 -7.97 20.39
C2B CLA AG . 42.17 -8.44 20.81
C3B CLA AG . 42.38 -8.68 22.14
C4B CLA AG . 43.70 -8.35 22.44
NC CLA AG . 46.58 -7.64 23.16
C1C CLA AG . 45.67 -8.12 24.04
C2C CLA AG . 46.22 -8.23 25.29
C3C CLA AG . 47.52 -7.82 25.19
C4C CLA AG . 47.72 -7.46 23.86
ND CLA AG . 48.23 -6.66 21.07
C1D CLA AG . 49.19 -6.58 22.00
C2D CLA AG . 50.38 -6.09 21.43
C3D CLA AG . 50.15 -5.85 20.08
C4D CLA AG . 48.84 -6.21 19.90
MG CLA BG . 46.91 -16.62 21.26
CHA CLA BG . 50.00 -17.31 22.54
CHB CLA BG . 47.98 -17.38 18.12
CHC CLA BG . 43.65 -15.90 20.01
CHD CLA BG . 45.78 -15.81 24.63
NA CLA BG . 48.62 -17.23 20.45
C1A CLA BG . 49.69 -17.44 21.09
C2A CLA BG . 50.84 -17.88 20.22
C3A CLA BG . 50.24 -17.91 18.83
C4A CLA BG . 48.83 -17.48 19.13
NB CLA BG . 46.03 -16.65 19.41
C1B CLA BG . 46.57 -16.97 18.24
C2B CLA BG . 45.72 -16.88 17.16
C3B CLA BG . 44.54 -16.47 17.74
C4B CLA BG . 44.76 -16.34 19.10
NC CLA BG . 45.14 -16.00 22.11
C1C CLA BG . 43.99 -15.78 21.46
C2C CLA BG . 43.01 -15.38 22.35
C3C CLA BG . 43.58 -15.35 23.59
C4C CLA BG . 44.89 -15.75 23.41
ND CLA BG . 47.70 -16.57 23.15
C1D CLA BG . 47.17 -16.26 24.34
C2D CLA BG . 48.15 -16.38 25.34
C3D CLA BG . 49.33 -16.79 24.75
C4D CLA BG . 49.01 -16.91 23.41
MG CLA CG . 37.62 -25.42 17.68
CHA CLA CG . 35.87 -25.16 20.64
CHB CLA CG . 38.13 -22.10 17.64
CHC CLA CG . 39.43 -25.76 14.61
CHD CLA CG . 37.06 -29.02 17.76
NA CLA CG . 37.12 -23.91 18.87
C1A CLA CG . 36.46 -23.98 19.96
C2A CLA CG . 36.22 -22.68 20.67
C3A CLA CG . 36.91 -21.72 19.74
C4A CLA CG . 37.44 -22.63 18.66
NB CLA CG . 38.58 -24.13 16.39
C1B CLA CG . 38.71 -22.81 16.50
C2B CLA CG . 39.41 -22.19 15.48
C3B CLA CG . 39.75 -23.26 14.66
C4B CLA CG . 39.23 -24.42 15.24
NC CLA CG . 38.12 -27.00 16.48
C1C CLA CG . 38.82 -26.94 15.32
C2C CLA CG . 38.96 -28.20 14.77
C3C CLA CG . 38.34 -29.07 15.62
C4C CLA CG . 37.81 -28.31 16.67
ND CLA CG . 36.69 -26.77 18.90
C1D CLA CG . 36.54 -28.09 18.83
C2D CLA CG . 35.82 -28.53 19.93
C3D CLA CG . 35.48 -27.46 20.75
C4D CLA CG . 36.04 -26.40 20.07
MG CLA DG . 48.30 -40.60 16.62
CHA CLA DG . 49.29 -41.90 13.59
CHB CLA DG . 45.23 -40.01 15.40
CHC CLA DG . 47.31 -39.28 19.83
CHD CLA DG . 51.61 -41.28 17.90
NA CLA DG . 47.40 -40.88 14.88
C1A CLA DG . 47.93 -41.38 13.85
C2A CLA DG . 47.02 -41.46 12.66
C3A CLA DG . 45.74 -40.87 13.19
C4A CLA DG . 46.14 -40.56 14.59
NB CLA DG . 46.58 -39.81 17.42
C1B CLA DG . 45.41 -39.62 16.81
C2B CLA DG . 44.41 -39.06 17.58
C3B CLA DG . 45.04 -38.87 18.79
C4B CLA DG . 46.35 -39.34 18.67
NC CLA DG . 49.24 -40.35 18.43
C1C CLA DG . 48.69 -39.82 19.56
C2C CLA DG . 49.64 -39.80 20.57
C3C CLA DG . 50.80 -40.34 20.06
C4C CLA DG . 50.52 -40.66 18.75
ND CLA DG . 50.04 -41.40 15.91
C1D CLA DG . 51.23 -41.60 16.49
C2D CLA DG . 52.11 -42.19 15.57
C3D CLA DG . 51.47 -42.36 14.36
C4D CLA DG . 50.21 -41.87 14.62
MG CLA EG . 40.85 -41.59 17.91
CHA CLA EG . 41.86 -44.74 18.81
CHB CLA EG . 40.74 -40.64 21.14
CHC CLA EG . 39.79 -38.30 16.88
CHD CLA EG . 40.96 -42.63 14.43
NA CLA EG . 41.21 -42.47 19.66
C1A CLA EG . 41.59 -43.67 19.81
C2A CLA EG . 41.79 -44.07 21.24
C3A CLA EG . 41.45 -42.80 21.99
C4A CLA EG . 41.10 -41.88 20.86
NB CLA EG . 40.37 -39.83 18.87
C1B CLA EG . 40.37 -39.60 20.18
C2B CLA EG . 39.99 -38.32 20.54
C3B CLA EG . 39.75 -37.72 19.32
C4B CLA EG . 39.98 -38.66 18.33
NC CLA EG . 40.47 -40.69 16.10
C1C CLA EG . 40.06 -39.41 15.91
C2C CLA EG . 39.91 -39.17 14.55
C3C CLA EG . 40.22 -40.33 13.90
C4C CLA EG . 40.56 -41.25 14.86
ND CLA EG . 41.30 -43.28 16.86
C1D CLA EG . 41.30 -43.55 15.56
C2D CLA EG . 41.70 -44.87 15.35
C3D CLA EG . 41.94 -45.47 16.58
C4D CLA EG . 41.69 -44.45 17.48
MG CLA FG . 37.82 -37.84 11.07
CHA CLA FG . 39.44 -35.03 9.96
CHB CLA FG . 37.66 -39.03 7.92
CHC CLA FG . 36.17 -40.75 12.30
CHD CLA FG . 38.02 -36.52 14.46
NA CLA FG . 38.40 -37.20 9.29
C1A CLA FG . 39.00 -36.10 9.05
C2A CLA FG . 39.32 -35.88 7.60
C3A CLA FG . 38.78 -37.12 6.93
C4A CLA FG . 38.24 -37.85 8.12
NB CLA FG . 37.07 -39.55 10.22
C1B CLA FG . 37.07 -39.91 8.93
C2B CLA FG . 36.49 -41.12 8.65
C3B CLA FG . 36.09 -41.55 9.91
C4B CLA FG . 36.46 -40.58 10.83
NC CLA FG . 37.23 -38.49 12.94
C1C CLA FG . 36.60 -39.65 13.21
C2C CLA FG . 36.35 -39.74 14.56
C3C CLA FG . 36.85 -38.61 15.15
C4C CLA FG . 37.38 -37.84 14.13
ND CLA FG . 38.56 -36.17 12.00
C1D CLA FG . 38.57 -35.78 13.28
C2D CLA FG . 39.19 -34.53 13.40
C3D CLA FG . 39.58 -34.12 12.13
C4D CLA FG . 39.18 -35.14 11.31
MG CLA GG . 41.82 -32.52 32.65
CHA CLA GG . 42.99 -29.51 31.46
CHB CLA GG . 43.17 -34.13 30.04
CHC CLA GG . 40.56 -35.63 33.96
CHD CLA GG . 40.37 -30.78 35.45
NA CLA GG . 42.86 -31.98 31.05
C1A CLA GG . 43.22 -30.79 30.76
C2A CLA GG . 44.00 -30.70 29.49
C3A CLA GG . 44.08 -32.14 29.00
C4A CLA GG . 43.32 -32.81 30.10
NB CLA GG . 41.87 -34.48 32.08
C1B CLA GG . 42.45 -34.98 30.99
C2B CLA GG . 42.35 -36.35 30.85
C3B CLA GG . 41.62 -36.70 31.97
C4B CLA GG . 41.34 -35.55 32.69
NC CLA GG . 40.73 -33.08 34.31
C1C CLA GG . 40.34 -34.32 34.65
C2C CLA GG . 39.62 -34.30 35.84
C3C CLA GG . 39.57 -33.00 36.23
C4C CLA GG . 40.25 -32.27 35.28
ND CLA GG . 41.70 -30.59 33.31
C1D CLA GG . 41.12 -30.05 34.39
C2D CLA GG . 41.31 -28.68 34.41
C3D CLA GG . 42.05 -28.32 33.29
C4D CLA GG . 42.27 -29.52 32.64
MG CLA HG . 34.56 -30.11 25.33
CHA CLA HG . 33.48 -27.65 27.45
CHB CLA HG . 32.35 -32.31 26.65
CHC CLA HG . 35.74 -32.62 23.10
CHD CLA HG . 36.93 -27.71 23.95
NA CLA HG . 33.19 -30.04 26.74
C1A CLA HG . 32.92 -29.02 27.45
C2A CLA HG . 31.83 -29.26 28.45
C3A CLA HG . 31.46 -30.70 28.22
C4A CLA HG . 32.39 -31.07 27.12
NB CLA HG . 34.09 -32.09 24.98
C1B CLA HG . 33.17 -32.85 25.58
C2B CLA HG . 33.08 -34.15 25.12
C3B CLA HG . 34.05 -34.19 24.14
C4B CLA HG . 34.64 -32.92 24.07
NC CLA HG . 36.00 -30.15 23.86
C1C CLA HG . 36.30 -31.22 23.10
C2C CLA HG . 37.32 -30.86 22.23
C3C CLA HG . 37.64 -29.56 22.45
C4C CLA HG . 36.81 -29.14 23.47
ND CLA HG . 35.08 -28.14 25.64
C1D CLA HG . 35.99 -27.34 25.06
C2D CLA HG . 35.96 -26.07 25.62
C3D CLA HG . 34.99 -26.07 26.60
C4D CLA HG . 34.48 -27.34 26.58
MG CLA IG . 51.27 -30.55 29.59
CHA CLA IG . 50.60 -30.88 32.96
CHB CLA IG . 53.85 -28.54 30.27
CHC CLA IG . 51.91 -30.26 26.05
CHD CLA IG . 48.48 -32.75 28.89
NA CLA IG . 52.09 -29.83 31.25
C1A CLA IG . 51.72 -30.05 32.44
C2A CLA IG . 52.53 -29.37 33.48
C3A CLA IG . 53.55 -28.62 32.68
C4A CLA IG . 53.15 -29.01 31.29
NB CLA IG . 52.64 -29.57 28.41
C1B CLA IG . 53.63 -28.78 28.83
C2B CLA IG . 54.41 -28.23 27.83
C3B CLA IG . 53.83 -28.74 26.69
C4B CLA IG . 52.76 -29.56 27.08
NC CLA IG . 50.41 -31.33 27.88
C1C CLA IG . 50.80 -31.10 26.59
C2C CLA IG . 49.97 -31.79 25.72
C3C CLA IG . 49.05 -32.45 26.48
C4C CLA IG . 49.34 -32.16 27.80
ND CLA IG . 49.87 -31.57 30.67
C1D CLA IG . 48.87 -32.37 30.30
C2D CLA IG . 48.19 -32.82 31.43
C3D CLA IG . 48.79 -32.31 32.57
C4D CLA IG . 49.81 -31.54 32.06
MG CLA JG . 58.74 -14.40 18.40
CHA CLA JG . 56.91 -17.23 17.81
CHB CLA JG . 61.33 -15.65 16.63
CHC CLA JG . 60.61 -11.41 19.05
CHD CLA JG . 55.93 -13.08 20.31
NA CLA JG . 59.09 -16.08 17.41
C1A CLA JG . 58.28 -17.05 17.29
C2A CLA JG . 58.82 -18.18 16.48
C3A CLA JG . 60.21 -17.72 16.09
C4A CLA JG . 60.23 -16.39 16.76
NB CLA JG . 60.62 -13.71 17.91
C1B CLA JG . 61.56 -14.32 17.19
C2B CLA JG . 62.72 -13.61 17.02
C3B CLA JG . 62.48 -12.45 17.71
C4B CLA JG . 61.18 -12.54 18.24
NC CLA JG . 58.36 -12.67 19.43
C1C CLA JG . 59.21 -11.62 19.57
C2C CLA JG . 58.60 -10.63 20.33
C3C CLA JG . 57.36 -11.07 20.67
C4C CLA JG . 57.22 -12.33 20.10
ND CLA JG . 56.86 -15.00 18.94
C1D CLA JG . 55.90 -14.42 19.66
C2D CLA JG . 54.79 -15.27 19.73
C3D CLA JG . 55.05 -16.43 19.03
C4D CLA JG . 56.34 -16.23 18.57
MG CLA KG . 59.01 -25.81 20.75
CHA CLA KG . 59.23 -22.75 19.21
CHB CLA KG . 60.53 -24.56 23.50
CHC CLA KG . 58.76 -29.03 22.30
CHD CLA KG . 57.39 -27.11 17.77
NA CLA KG . 59.74 -24.04 21.30
C1A CLA KG . 59.74 -22.97 20.58
C2A CLA KG . 60.36 -21.78 21.25
C3A CLA KG . 60.78 -22.33 22.60
C4A CLA KG . 60.32 -23.75 22.49
NB CLA KG . 59.55 -26.60 22.55
C1B CLA KG . 60.16 -25.98 23.58
C2B CLA KG . 60.39 -26.79 24.68
C3B CLA KG . 59.88 -28.01 24.30
C4B CLA KG . 59.38 -27.86 23.00
NC CLA KG . 58.25 -27.63 20.18
C1C CLA KG . 58.25 -28.77 20.91
C2C CLA KG . 57.65 -29.79 20.19
C3C CLA KG . 57.29 -29.28 18.98
C4C CLA KG . 57.67 -27.94 18.98
ND CLA KG . 58.45 -25.11 18.92
C1D CLA KG . 57.84 -25.69 17.89
C2D CLA KG . 57.67 -24.76 16.86
C3D CLA KG . 58.19 -23.54 17.25
C4D CLA KG . 58.65 -23.80 18.52
MG CLA LG . 49.85 -20.96 4.68
CHA CLA LG . 49.04 -20.88 1.33
CHB CLA LG . 51.38 -23.93 4.27
CHC CLA LG . 50.67 -20.98 8.19
CHD CLA LG . 48.19 -17.75 5.09
NA CLA LG . 50.17 -22.19 3.15
C1A CLA LG . 49.79 -22.00 1.94
C2A CLA LG . 50.18 -23.10 0.99
C3A CLA LG . 50.92 -24.07 1.88
C4A CLA LG . 50.83 -23.36 3.20
NB CLA LG . 50.84 -22.23 5.94
C1B CLA LG . 51.41 -23.40 5.64
C2B CLA LG . 52.01 -24.04 6.70
C3B CLA LG . 51.78 -23.19 7.76
C4B CLA LG . 51.07 -22.09 7.26
NC CLA LG . 49.51 -19.67 6.27
C1C CLA LG . 49.90 -19.86 7.56
C2C CLA LG . 49.50 -18.79 8.34
C3C CLA LG . 48.83 -17.91 7.51
C4C CLA LG . 48.85 -18.48 6.24
ND CLA LG . 48.85 -19.63 3.50
C1D CLA LG . 48.28 -18.46 3.77
C2D CLA LG . 47.72 -17.94 2.60
C3D CLA LG . 47.95 -18.80 1.55
C4D CLA LG . 48.65 -19.83 2.14
MG CLA MG . 57.83 -19.30 2.42
CHA CLA MG . 57.05 -16.00 3.02
CHB CLA MG . 60.42 -18.39 0.47
CHC CLA MG . 58.56 -22.76 1.83
CHD CLA MG . 55.00 -20.25 4.50
NA CLA MG . 58.61 -17.57 1.84
C1A CLA MG . 58.19 -16.42 2.16
C2A CLA MG . 58.99 -15.29 1.57
C3A CLA MG . 60.05 -16.01 0.77
C4A CLA MG . 59.68 -17.43 1.04
NB CLA MG . 59.23 -20.33 1.35
C1B CLA MG . 60.22 -19.83 0.61
C2B CLA MG . 61.02 -20.78 0.00
C3B CLA MG . 60.46 -21.97 0.41
C4B CLA MG . 59.37 -21.66 1.23
NC CLA MG . 56.98 -21.09 3.02
C1C CLA MG . 57.40 -22.33 2.69
C2C CLA MG . 56.59 -23.29 3.29
C3C CLA MG . 55.64 -22.62 4.00
C4C CLA MG . 55.90 -21.26 3.83
ND CLA MG . 56.37 -18.35 3.50
C1D CLA MG . 55.37 -18.82 4.25
C2D CLA MG . 54.65 -17.75 4.78
C3D CLA MG . 55.23 -16.56 4.37
C4D CLA MG . 56.27 -16.98 3.58
#